data_5M59
#
_entry.id   5M59
#
_cell.length_a   92.540
_cell.length_b   269.589
_cell.length_c   231.689
_cell.angle_alpha   90.00
_cell.angle_beta   90.10
_cell.angle_gamma   90.00
#
_symmetry.space_group_name_H-M   'P 1 21 1'
#
loop_
_entity.id
_entity.type
_entity.pdbx_description
1 polymer 'Putative pre-mRNA splicing factor'
2 polymer 'Pre-mRNA splicing helicase-like protein'
3 non-polymer 'ACETATE ION'
4 water water
#
loop_
_entity_poly.entity_id
_entity_poly.type
_entity_poly.pdbx_seq_one_letter_code
_entity_poly.pdbx_strand_id
1 'polypeptide(L)'
;GAMQQTFASKTEWRTRAIATSNLRTRANNMYVAPVDNDVDDITYVMPKNILKKFITIADLRVQVAGFLYGCSPADNDQVK
EIRCIVMVPQIGGNRSVQLPQHLPQHEMLKGLEPLGLIHTMAGNELPYMSPADVTTHAKLVDAHPSWKNQNTLTVTVAFT
PGSVSLSAWALTPLGYKWGVENKDPNVDNPQGFTTTMGERRQLLLSDKFKGFFLVPDTGKWNYSFMGSSFSGIEKKPYHV
KLDTPLPFYSEQHRPIHFTSFNELEDIWVDRADNFA
;
B,D,F,H
2 'polypeptide(L)'
;GAEFMDIDKDAFAAKEQALKQERPEGLVGGLQPKKLVNLENLVFDQGNHLMTNPRVRMPEGTTKRVFKGYEEIHVPPPKK
RSDPTDQNIPVTELPEWARIPFNTTKTLNKIQSKCFPTAFLDDGNMLVCAPTGSGKTNVAMLTMLREIGKNRNEKGEIDL
DAFKIVYIAPLKALVQEQVGNFGKRLEPYGIKVSELTGDRQLTKQQISETQVIVTTPEKWDVITRKATDISYTNLVRLII
IDEIHLLHDDRGPVLESIVSRTIRRTEQTGEPVRIIGLSATLPNYRDVASFLRVDFEKGLFYFDGSYRPCPLRQEFIGVT
DKKAIKQLKTMNDITYQKVLEHVGQNRNQMLIFVHSRKETAKTAKYIRDKALEMDTINQILKHDAGTREVLQEAASSVNN
TDLKDLLPYGFGIHHAGMSRADRTDVEDLFASGHIQVLVCTATLAWGVNLPAHTVIIKGTQVYSPEKGSWVELSPQDVLQ
MLGRAGRPQYDTYGEGIIITTQGEIPYYLSLLNQQLPIESQLVSKLVDSLNAEIVLGNVRNRDEGVEWLGYTYLFVRMLR
SPGLYSVGAEYEDDVALEQKRVDLIHSAAMVLKKSNLIKYDEKTGKMQATELGRIASHYYISHESMDTYNKLIHPAMNDV
ELFRVFAQSGEFKYIPVRQEEKLELAKLLARVPIPVKESIEEPTAKINVLLQAYISRLKLEGLALMADMVYVTQSAGRIL
RAIFEICLKKGWASVAKLALNMCKMAEKRMWPTMSPLRQYPTCPAEIIKKAERMDVPWSSYFDLDPPRMGELLGMPKAGK
TVCALVSKFPRVEIQGNVQPMTRSMLRIELTITPNFQWDVELHGVTESFWILVEDCDGEEILFHDVFILRKDLAEAEENE
HTVEFTVPISEPMPPNYFISVISDRWMHSETRMPVSFQKLILPERFPPHTELLDLQPLPVSALKAKDYAALYPNWQQFNK
IQTQTFNSLYNTDNNVLVAAPTGSGKTVCAEFALLRHWAKKDAGRAVYIAPFQELVDLRFQDWQKRLSHLRGGKEIVKLT
GETTTDLKLLEQGDLILATPLQWDVLSRQWKRRKNVQTVELFIADDLHMLGGQMGYIYEIVVSRMHFIRTQTELPMRIVG
LSVSLANARDIGEWIDAKKHDIYNFSPHVRPVPLELHIQSYTIPHFPSLMLAMAKPTYLAITQLSPDQPAIVFVPSRKQT
RATARDLLTACLADDDEDRFLHVEVDQIRKLLDHVQEEALAEALSHGVGYYHEALSQSDKRIVKHLYNNGAIQVLIASRD
VCWELDFTAHLVVVMGTQFFEGKEHRYIDYPLSEVLQMFGKALQPSKDGRSRGVLMLPAVKREYYKKFLNEALPVESHLH
NFLPDAFVTEISTKMIESGEDAINWATFTYFYRRLLANPSYYGLQDPTHDGLSQYLSDLVETTLKQLSDARIIEMDEDEG
TVAPLNAAMIAAYYNISYMTMEMFLLSLSHKSKLRTILEIVTAATEFESIQTRRHEEGILKRIYDHVPVKMNNPVWDSAH
FKAFVLVQAHFSRMNLPIDLAKDQEVILQKILSLLSAIVDILSSEGHLNALNAMEMSQMVVQAMWDRDSPLKQIPNFTPE
VVKVANKYGINDIFDFMEQMNPEENPNYASLVKDLGLTQAQLAQAANFTNNKYPDITLEFEVDDPDNIRAGEPAYLKIHI
ERELEEDEEFDPTVHAPFYPGKKSENWWLVVGEESTKTLLAIKRVTVGKELNVKLEFVVPSPGKHDLKLFLMSDSYVGVD
QDPSFSVNVAEG
;
A,C,E,G
#
loop_
_chem_comp.id
_chem_comp.type
_chem_comp.name
_chem_comp.formula
ACT non-polymer 'ACETATE ION' 'C2 H3 O2 -1'
#
# COMPACT_ATOMS: atom_id res chain seq x y z
N THR A 11 -40.35 39.92 85.99
CA THR A 11 -40.36 39.34 87.32
C THR A 11 -39.38 38.17 87.44
N GLU A 12 -39.87 36.96 87.21
CA GLU A 12 -39.02 35.77 87.35
C GLU A 12 -38.22 35.48 86.09
N TRP A 13 -38.90 35.49 84.94
CA TRP A 13 -38.25 35.13 83.68
C TRP A 13 -37.21 36.16 83.27
N ARG A 14 -37.42 37.40 83.69
CA ARG A 14 -36.49 38.48 83.38
C ARG A 14 -35.16 38.27 84.10
N THR A 15 -35.23 38.04 85.41
CA THR A 15 -34.03 37.80 86.20
C THR A 15 -33.36 36.50 85.77
N ARG A 16 -34.16 35.54 85.33
CA ARG A 16 -33.62 34.27 84.86
C ARG A 16 -32.95 34.43 83.50
N ALA A 17 -33.34 35.46 82.76
CA ALA A 17 -32.72 35.75 81.48
C ALA A 17 -31.29 36.25 81.68
N ILE A 18 -31.11 37.12 82.67
CA ILE A 18 -29.78 37.61 83.02
C ILE A 18 -28.92 36.47 83.55
N ALA A 19 -29.55 35.57 84.29
CA ALA A 19 -28.87 34.39 84.83
C ALA A 19 -28.41 33.49 83.70
N THR A 20 -29.11 33.55 82.57
CA THR A 20 -28.76 32.78 81.40
C THR A 20 -27.39 33.22 80.89
N SER A 21 -27.08 34.50 81.09
CA SER A 21 -25.79 35.03 80.72
C SER A 21 -24.70 34.46 81.61
N ASN A 22 -25.07 34.08 82.82
CA ASN A 22 -24.15 33.43 83.74
C ASN A 22 -23.95 31.96 83.40
N LEU A 23 -24.97 31.35 82.80
CA LEU A 23 -24.85 30.00 82.30
C LEU A 23 -23.77 29.94 81.23
N ARG A 24 -23.70 31.01 80.45
CA ARG A 24 -22.70 31.14 79.39
C ARG A 24 -21.29 31.04 79.94
N THR A 25 -21.04 31.73 81.06
CA THR A 25 -19.73 31.74 81.67
C THR A 25 -19.51 30.49 82.53
N ARG A 26 -20.60 29.77 82.80
CA ARG A 26 -20.54 28.59 83.65
C ARG A 26 -20.15 27.34 82.87
N ALA A 27 -20.39 27.36 81.56
CA ALA A 27 -20.15 26.21 80.71
C ALA A 27 -18.67 25.92 80.53
N ASN A 28 -17.82 26.85 80.99
CA ASN A 28 -16.38 26.71 80.83
C ASN A 28 -15.76 25.81 81.89
N ASN A 29 -16.57 25.38 82.86
CA ASN A 29 -16.06 24.53 83.94
C ASN A 29 -17.10 23.51 84.38
N MET A 30 -16.93 22.27 83.95
CA MET A 30 -17.88 21.21 84.26
C MET A 30 -17.20 20.00 84.90
N TYR A 31 -17.94 19.29 85.75
CA TYR A 31 -17.41 18.13 86.45
C TYR A 31 -18.19 16.87 86.10
N VAL A 32 -17.48 15.77 85.90
CA VAL A 32 -18.13 14.52 85.53
C VAL A 32 -18.08 13.50 86.67
N ALA A 33 -19.26 13.03 87.08
CA ALA A 33 -19.36 12.03 88.13
C ALA A 33 -18.76 10.71 87.65
N PRO A 34 -17.72 10.24 88.35
CA PRO A 34 -16.99 9.03 87.95
C PRO A 34 -17.70 7.74 88.34
N VAL A 35 -17.98 6.91 87.34
CA VAL A 35 -18.54 5.58 87.59
C VAL A 35 -17.52 4.74 88.35
N ASP A 36 -18.01 3.83 89.19
CA ASP A 36 -17.13 3.06 90.06
C ASP A 36 -17.06 1.58 89.71
N ASN A 37 -16.16 1.25 88.79
CA ASN A 37 -15.83 -0.15 88.49
C ASN A 37 -17.00 -0.98 87.97
N ASP A 38 -17.87 -0.36 87.18
CA ASP A 38 -18.98 -1.09 86.56
C ASP A 38 -18.49 -1.86 85.35
N VAL A 39 -18.47 -3.19 85.46
CA VAL A 39 -17.89 -4.05 84.43
C VAL A 39 -18.75 -4.11 83.17
N ASP A 40 -20.02 -3.72 83.30
CA ASP A 40 -20.89 -3.59 82.13
C ASP A 40 -20.20 -2.68 81.12
N ASP A 41 -19.72 -1.55 81.64
CA ASP A 41 -18.75 -0.68 80.97
C ASP A 41 -18.98 -0.47 79.46
N ILE A 42 -20.06 0.22 79.14
CA ILE A 42 -20.25 0.73 77.78
C ILE A 42 -19.98 2.23 77.80
N THR A 43 -18.72 2.59 77.65
CA THR A 43 -18.30 3.99 77.78
C THR A 43 -18.94 4.88 76.72
N TYR A 44 -19.76 5.83 77.17
CA TYR A 44 -20.39 6.79 76.27
C TYR A 44 -19.65 8.12 76.31
N VAL A 45 -18.89 8.41 75.27
CA VAL A 45 -18.15 9.66 75.19
C VAL A 45 -18.91 10.71 74.39
N MET A 46 -19.08 11.88 74.97
CA MET A 46 -19.80 12.97 74.30
C MET A 46 -18.87 14.11 73.91
N PRO A 47 -19.15 14.74 72.76
CA PRO A 47 -18.37 15.88 72.27
C PRO A 47 -18.57 17.11 73.13
N LYS A 48 -17.46 17.69 73.61
CA LYS A 48 -17.51 18.88 74.45
C LYS A 48 -18.13 20.05 73.70
N ASN A 49 -18.11 19.97 72.38
CA ASN A 49 -18.61 21.04 71.52
C ASN A 49 -20.10 21.31 71.69
N ILE A 50 -20.92 20.27 71.53
CA ILE A 50 -22.37 20.43 71.58
C ILE A 50 -22.90 20.56 73.00
N LEU A 51 -22.17 19.99 73.96
CA LEU A 51 -22.59 20.04 75.35
C LEU A 51 -22.59 21.47 75.88
N LYS A 52 -21.59 22.25 75.49
CA LYS A 52 -21.51 23.65 75.87
C LYS A 52 -22.72 24.41 75.34
N LYS A 53 -23.06 24.15 74.08
CA LYS A 53 -24.19 24.80 73.44
C LYS A 53 -25.48 24.45 74.16
N PHE A 54 -25.57 23.21 74.63
CA PHE A 54 -26.76 22.73 75.33
C PHE A 54 -26.93 23.45 76.65
N ILE A 55 -25.83 23.69 77.34
CA ILE A 55 -25.86 24.34 78.64
C ILE A 55 -26.22 25.82 78.51
N THR A 56 -25.62 26.49 77.54
CA THR A 56 -25.85 27.92 77.34
C THR A 56 -27.30 28.20 76.94
N ILE A 57 -27.95 27.20 76.35
CA ILE A 57 -29.32 27.34 75.89
C ILE A 57 -30.33 27.19 77.03
N ALA A 58 -30.00 26.34 77.99
CA ALA A 58 -30.93 25.95 79.05
C ALA A 58 -31.40 27.11 79.92
N ASP A 59 -32.36 26.82 80.79
CA ASP A 59 -32.89 27.79 81.73
C ASP A 59 -32.36 27.50 83.14
N LEU A 60 -32.53 28.45 84.05
CA LEU A 60 -32.01 28.30 85.41
C LEU A 60 -32.88 27.39 86.27
N ARG A 61 -34.19 27.44 86.08
CA ARG A 61 -35.10 26.64 86.89
C ARG A 61 -35.79 25.55 86.06
N VAL A 62 -36.44 25.96 84.97
CA VAL A 62 -37.15 25.03 84.11
C VAL A 62 -36.20 24.05 83.44
N GLN A 63 -36.60 22.79 83.34
CA GLN A 63 -35.80 21.77 82.69
C GLN A 63 -35.94 21.80 81.18
N VAL A 64 -34.85 21.49 80.48
CA VAL A 64 -34.88 21.40 79.02
C VAL A 64 -34.25 20.08 78.59
N ALA A 65 -34.88 19.41 77.63
CA ALA A 65 -34.43 18.08 77.21
C ALA A 65 -34.13 18.01 75.72
N GLY A 66 -33.24 17.10 75.35
CA GLY A 66 -32.90 16.86 73.96
C GLY A 66 -32.53 15.41 73.74
N PHE A 67 -33.12 14.80 72.71
CA PHE A 67 -32.89 13.38 72.44
C PHE A 67 -31.45 13.10 72.00
N LEU A 68 -30.96 11.92 72.34
CA LEU A 68 -29.59 11.54 72.06
C LEU A 68 -29.48 10.56 70.89
N TYR A 69 -28.63 10.91 69.93
CA TYR A 69 -28.35 10.03 68.80
C TYR A 69 -26.84 9.89 68.61
N GLY A 70 -26.36 8.65 68.61
CA GLY A 70 -24.94 8.41 68.45
C GLY A 70 -24.64 7.01 67.93
N CYS A 71 -23.36 6.76 67.65
CA CYS A 71 -22.92 5.47 67.13
C CYS A 71 -21.57 5.10 67.71
N SER A 72 -21.05 3.94 67.30
CA SER A 72 -19.74 3.49 67.73
C SER A 72 -18.74 3.61 66.60
N PRO A 73 -17.55 4.17 66.91
CA PRO A 73 -16.48 4.37 65.93
C PRO A 73 -16.07 3.09 65.21
N ALA A 74 -15.42 3.22 64.05
CA ALA A 74 -15.00 2.07 63.28
C ALA A 74 -13.94 1.26 64.02
N ASP A 75 -13.17 1.95 64.86
CA ASP A 75 -12.10 1.32 65.62
C ASP A 75 -12.66 0.43 66.73
N ASN A 76 -13.69 0.93 67.41
CA ASN A 76 -14.25 0.22 68.55
C ASN A 76 -15.77 0.09 68.47
N ASP A 77 -16.26 -1.15 68.52
CA ASP A 77 -17.71 -1.40 68.44
C ASP A 77 -18.33 -1.52 69.82
N GLN A 78 -17.48 -1.57 70.85
CA GLN A 78 -17.96 -1.71 72.22
C GLN A 78 -17.96 -0.38 72.95
N VAL A 79 -17.87 0.71 72.19
CA VAL A 79 -17.92 2.05 72.76
C VAL A 79 -18.77 2.99 71.90
N LYS A 80 -19.90 3.41 72.46
CA LYS A 80 -20.81 4.31 71.76
C LYS A 80 -20.47 5.77 72.04
N GLU A 81 -20.21 6.52 70.98
CA GLU A 81 -19.94 7.95 71.12
C GLU A 81 -21.11 8.78 70.61
N ILE A 82 -21.63 9.64 71.47
CA ILE A 82 -22.74 10.52 71.10
C ILE A 82 -22.29 11.49 70.02
N ARG A 83 -23.08 11.58 68.94
CA ARG A 83 -22.68 12.38 67.80
C ARG A 83 -23.76 13.39 67.39
N CYS A 84 -24.87 13.40 68.11
CA CYS A 84 -25.96 14.31 67.79
C CYS A 84 -26.90 14.56 68.96
N ILE A 85 -27.44 15.77 69.02
CA ILE A 85 -28.46 16.14 70.02
C ILE A 85 -29.69 16.71 69.31
N VAL A 86 -30.87 16.22 69.68
CA VAL A 86 -32.09 16.63 69.02
C VAL A 86 -33.00 17.47 69.92
N MET A 87 -33.20 18.72 69.54
CA MET A 87 -34.10 19.61 70.25
C MET A 87 -35.52 19.47 69.70
N VAL A 88 -36.41 18.91 70.52
CA VAL A 88 -37.79 18.69 70.10
C VAL A 88 -38.75 19.61 70.83
N PRO A 89 -39.92 19.87 70.23
CA PRO A 89 -40.97 20.70 70.82
C PRO A 89 -41.35 20.22 72.22
N GLN A 90 -41.08 21.04 73.23
CA GLN A 90 -41.29 20.64 74.61
C GLN A 90 -41.66 21.81 75.50
N ILE A 91 -42.20 21.52 76.67
CA ILE A 91 -42.47 22.53 77.69
C ILE A 91 -41.92 22.05 79.03
N GLY A 92 -40.74 22.52 79.38
CA GLY A 92 -40.05 22.05 80.57
C GLY A 92 -40.73 22.38 81.87
N GLY A 93 -40.33 21.68 82.93
CA GLY A 93 -40.82 21.95 84.27
C GLY A 93 -39.66 21.95 85.25
N ASN A 94 -39.90 22.46 86.44
CA ASN A 94 -38.84 22.58 87.45
C ASN A 94 -38.32 21.23 87.92
N ARG A 95 -39.04 20.17 87.60
CA ARG A 95 -38.61 18.82 87.97
C ARG A 95 -38.98 17.79 86.91
N SER A 96 -39.91 18.17 86.03
CA SER A 96 -40.34 17.28 84.95
C SER A 96 -40.21 17.98 83.60
N VAL A 97 -40.39 17.20 82.53
CA VAL A 97 -40.31 17.77 81.18
C VAL A 97 -41.32 17.10 80.24
N GLN A 98 -42.31 17.88 79.81
CA GLN A 98 -43.32 17.37 78.90
C GLN A 98 -42.72 17.17 77.51
N LEU A 99 -42.82 15.95 77.00
CA LEU A 99 -42.17 15.59 75.73
C LEU A 99 -43.17 15.31 74.62
N PRO A 100 -42.69 15.32 73.37
CA PRO A 100 -43.52 15.04 72.19
C PRO A 100 -43.92 13.57 72.11
N GLN A 101 -44.79 13.24 71.16
CA GLN A 101 -45.30 11.90 71.02
C GLN A 101 -44.49 11.08 70.01
N HIS A 102 -43.77 11.77 69.13
CA HIS A 102 -43.05 11.11 68.06
C HIS A 102 -41.54 11.32 68.13
N LEU A 103 -40.81 10.47 67.40
CA LEU A 103 -39.37 10.61 67.27
C LEU A 103 -39.03 11.42 66.03
N PRO A 104 -37.87 12.09 66.02
CA PRO A 104 -37.45 12.91 64.87
C PRO A 104 -36.80 12.09 63.77
N GLN A 105 -37.35 12.16 62.56
CA GLN A 105 -36.73 11.51 61.41
C GLN A 105 -36.01 12.54 60.54
N HIS A 106 -34.76 12.24 60.20
CA HIS A 106 -33.96 13.13 59.36
C HIS A 106 -32.84 12.37 58.66
N GLU A 107 -32.47 12.85 57.48
CA GLU A 107 -31.44 12.20 56.67
C GLU A 107 -30.08 12.22 57.38
N MET A 108 -29.89 13.21 58.25
CA MET A 108 -28.63 13.35 58.97
C MET A 108 -28.46 12.22 59.98
N LEU A 109 -29.58 11.62 60.37
CA LEU A 109 -29.56 10.56 61.38
C LEU A 109 -29.49 9.18 60.74
N LYS A 110 -28.57 9.01 59.79
CA LYS A 110 -28.36 7.70 59.17
C LYS A 110 -27.16 7.00 59.80
N GLY A 111 -27.29 5.70 60.02
CA GLY A 111 -26.24 4.93 60.64
C GLY A 111 -26.15 5.18 62.14
N LEU A 112 -26.94 6.16 62.61
CA LEU A 112 -26.97 6.50 64.02
C LEU A 112 -28.18 5.87 64.70
N GLU A 113 -28.00 5.48 65.96
CA GLU A 113 -29.08 4.88 66.74
C GLU A 113 -29.40 5.74 67.95
N PRO A 114 -30.63 5.62 68.47
CA PRO A 114 -31.07 6.34 69.67
C PRO A 114 -30.23 5.97 70.89
N LEU A 115 -29.79 6.98 71.64
CA LEU A 115 -28.97 6.75 72.83
C LEU A 115 -29.63 7.31 74.09
N GLY A 116 -30.87 7.76 73.97
CA GLY A 116 -31.60 8.29 75.09
C GLY A 116 -31.85 9.78 74.97
N LEU A 117 -31.89 10.47 76.11
CA LEU A 117 -32.14 11.90 76.12
C LEU A 117 -31.23 12.63 77.10
N ILE A 118 -31.03 13.92 76.85
CA ILE A 118 -30.28 14.79 77.75
C ILE A 118 -31.22 15.83 78.34
N HIS A 119 -31.10 16.10 79.63
CA HIS A 119 -31.91 17.14 80.24
C HIS A 119 -31.17 17.84 81.38
N THR A 120 -31.38 19.15 81.49
CA THR A 120 -30.77 19.94 82.54
C THR A 120 -31.49 19.73 83.86
N MET A 121 -30.75 19.79 84.97
CA MET A 121 -31.35 19.63 86.28
C MET A 121 -31.53 21.00 86.94
N ALA A 122 -32.68 21.18 87.58
CA ALA A 122 -33.03 22.46 88.20
C ALA A 122 -32.00 22.89 89.24
N GLY A 123 -31.80 22.06 90.26
CA GLY A 123 -30.84 22.37 91.30
C GLY A 123 -31.03 21.57 92.58
N ASN A 124 -31.25 20.28 92.44
CA ASN A 124 -31.34 19.38 93.59
C ASN A 124 -30.65 18.05 93.29
N GLU A 125 -29.39 18.15 92.85
CA GLU A 125 -28.58 17.01 92.42
C GLU A 125 -28.74 15.77 93.29
N LEU A 126 -29.08 14.66 92.66
CA LEU A 126 -29.34 13.41 93.37
C LEU A 126 -28.37 12.32 92.94
N PRO A 127 -27.81 11.59 93.92
CA PRO A 127 -26.81 10.53 93.72
C PRO A 127 -27.36 9.33 92.95
N TYR A 128 -28.68 9.16 92.96
CA TYR A 128 -29.30 8.04 92.26
C TYR A 128 -30.28 8.55 91.20
N MET A 129 -30.68 7.66 90.30
CA MET A 129 -31.61 8.04 89.24
C MET A 129 -32.96 8.41 89.82
N SER A 130 -33.37 9.65 89.58
CA SER A 130 -34.62 10.17 90.15
C SER A 130 -35.84 9.43 89.64
N PRO A 131 -36.92 9.42 90.44
CA PRO A 131 -38.18 8.77 90.10
C PRO A 131 -38.79 9.31 88.81
N ALA A 132 -38.66 10.61 88.59
CA ALA A 132 -39.19 11.24 87.39
C ALA A 132 -38.43 10.80 86.14
N ASP A 133 -37.11 10.70 86.27
CA ASP A 133 -36.27 10.28 85.15
C ASP A 133 -36.54 8.83 84.77
N VAL A 134 -36.73 7.98 85.77
CA VAL A 134 -36.98 6.56 85.53
C VAL A 134 -38.29 6.34 84.80
N THR A 135 -39.34 7.04 85.22
CA THR A 135 -40.65 6.89 84.60
C THR A 135 -40.65 7.40 83.18
N THR A 136 -40.05 8.57 82.96
CA THR A 136 -39.99 9.17 81.64
C THR A 136 -39.16 8.32 80.69
N HIS A 137 -38.03 7.80 81.18
CA HIS A 137 -37.17 6.96 80.37
C HIS A 137 -37.88 5.66 80.01
N ALA A 138 -38.49 5.04 81.01
CA ALA A 138 -39.20 3.77 80.82
C ALA A 138 -40.31 3.90 79.79
N LYS A 139 -41.09 4.98 79.90
CA LYS A 139 -42.18 5.22 78.98
C LYS A 139 -41.67 5.47 77.57
N LEU A 140 -40.57 6.20 77.46
CA LEU A 140 -39.98 6.52 76.16
C LEU A 140 -39.48 5.26 75.45
N VAL A 141 -38.89 4.36 76.20
CA VAL A 141 -38.38 3.11 75.63
C VAL A 141 -39.52 2.19 75.23
N ASP A 142 -40.55 2.12 76.08
CA ASP A 142 -41.69 1.27 75.81
C ASP A 142 -42.55 1.80 74.67
N ALA A 143 -42.51 3.12 74.48
CA ALA A 143 -43.36 3.76 73.47
C ALA A 143 -42.67 3.84 72.11
N HIS A 144 -41.38 3.52 72.07
CA HIS A 144 -40.64 3.58 70.82
C HIS A 144 -39.77 2.35 70.61
N PRO A 145 -40.19 1.47 69.69
CA PRO A 145 -39.39 0.31 69.32
C PRO A 145 -38.07 0.74 68.66
N SER A 146 -38.04 1.97 68.16
CA SER A 146 -36.86 2.50 67.50
C SER A 146 -35.66 2.53 68.45
N TRP A 147 -35.92 2.85 69.71
CA TRP A 147 -34.87 2.84 70.71
C TRP A 147 -34.36 1.42 70.90
N LYS A 148 -33.07 1.29 71.21
CA LYS A 148 -32.38 0.00 71.21
C LYS A 148 -32.97 -1.02 72.19
N ASN A 149 -33.57 -0.54 73.27
CA ASN A 149 -34.07 -1.39 74.33
C ASN A 149 -32.93 -2.10 75.08
N GLN A 150 -31.70 -1.74 74.73
CA GLN A 150 -30.52 -2.30 75.38
C GLN A 150 -29.44 -1.22 75.52
N ASN A 151 -29.35 -0.35 74.51
CA ASN A 151 -28.43 0.77 74.56
C ASN A 151 -29.19 2.10 74.59
N THR A 152 -29.47 2.58 75.80
CA THR A 152 -30.19 3.84 75.98
C THR A 152 -30.11 4.29 77.43
N LEU A 153 -29.83 5.58 77.62
CA LEU A 153 -29.65 6.12 78.96
C LEU A 153 -30.21 7.54 79.09
N THR A 154 -30.24 8.05 80.30
CA THR A 154 -30.71 9.40 80.58
C THR A 154 -29.58 10.27 81.16
N VAL A 155 -29.10 11.21 80.36
CA VAL A 155 -28.02 12.10 80.79
C VAL A 155 -28.55 13.27 81.59
N THR A 156 -28.13 13.38 82.84
CA THR A 156 -28.56 14.46 83.71
C THR A 156 -27.52 15.58 83.75
N VAL A 157 -27.97 16.81 83.52
CA VAL A 157 -27.08 17.97 83.58
C VAL A 157 -27.43 18.84 84.78
N ALA A 158 -26.89 18.50 85.93
CA ALA A 158 -27.18 19.21 87.17
C ALA A 158 -26.51 20.59 87.19
N PHE A 159 -27.29 21.61 87.54
CA PHE A 159 -26.80 22.97 87.60
C PHE A 159 -26.33 23.35 89.00
N THR A 160 -25.08 23.79 89.10
CA THR A 160 -24.54 24.32 90.34
C THR A 160 -23.88 25.67 90.09
N PRO A 161 -23.77 26.49 91.14
CA PRO A 161 -23.16 27.81 91.02
C PRO A 161 -21.69 27.75 90.59
N GLY A 162 -21.42 28.01 89.32
CA GLY A 162 -20.06 28.08 88.83
C GLY A 162 -19.61 26.86 88.05
N SER A 163 -20.40 25.80 88.09
CA SER A 163 -20.05 24.56 87.41
C SER A 163 -21.25 23.63 87.27
N VAL A 164 -21.16 22.70 86.33
CA VAL A 164 -22.23 21.74 86.11
C VAL A 164 -21.76 20.31 86.36
N SER A 165 -22.62 19.52 86.99
CA SER A 165 -22.31 18.11 87.26
C SER A 165 -23.26 17.21 86.47
N LEU A 166 -22.71 16.38 85.61
CA LEU A 166 -23.51 15.50 84.76
C LEU A 166 -23.23 14.04 85.02
N SER A 167 -24.29 13.23 85.00
CA SER A 167 -24.18 11.80 85.23
C SER A 167 -25.07 11.02 84.28
N ALA A 168 -24.53 9.96 83.69
CA ALA A 168 -25.30 9.12 82.79
C ALA A 168 -25.98 7.99 83.57
N TRP A 169 -27.26 7.78 83.31
CA TRP A 169 -28.03 6.76 84.02
C TRP A 169 -28.62 5.71 83.09
N ALA A 170 -28.23 4.46 83.30
CA ALA A 170 -28.77 3.35 82.55
C ALA A 170 -29.96 2.75 83.27
N LEU A 171 -31.04 2.49 82.54
CA LEU A 171 -32.26 1.98 83.13
C LEU A 171 -32.20 0.46 83.28
N THR A 172 -32.38 -0.01 84.51
CA THR A 172 -32.36 -1.44 84.79
C THR A 172 -33.74 -2.05 84.55
N PRO A 173 -33.77 -3.30 84.09
CA PRO A 173 -35.02 -4.02 83.80
C PRO A 173 -35.96 -4.04 85.00
N LEU A 174 -35.40 -3.97 86.20
CA LEU A 174 -36.20 -3.87 87.42
C LEU A 174 -36.88 -2.52 87.48
N GLY A 175 -36.16 -1.47 87.07
CA GLY A 175 -36.70 -0.13 87.04
C GLY A 175 -37.54 0.11 85.79
N TYR A 176 -37.31 -0.72 84.78
CA TYR A 176 -38.06 -0.62 83.53
C TYR A 176 -39.54 -0.93 83.74
N LYS A 177 -39.81 -2.00 84.47
CA LYS A 177 -41.18 -2.45 84.69
C LYS A 177 -41.96 -1.48 85.56
N TRP A 178 -41.27 -0.87 86.53
CA TRP A 178 -41.90 0.10 87.41
C TRP A 178 -42.17 1.41 86.66
N GLY A 179 -41.26 1.75 85.76
CA GLY A 179 -41.37 2.97 84.98
C GLY A 179 -42.62 2.97 84.12
N VAL A 180 -42.86 1.87 83.42
CA VAL A 180 -44.02 1.74 82.55
C VAL A 180 -45.30 1.60 83.38
N GLU A 181 -45.21 0.85 84.47
CA GLU A 181 -46.35 0.61 85.33
C GLU A 181 -46.84 1.89 86.00
N ASN A 182 -45.91 2.73 86.42
CA ASN A 182 -46.22 3.95 87.13
C ASN A 182 -47.12 4.88 86.32
N LYS A 183 -48.40 4.94 86.69
CA LYS A 183 -49.37 5.72 85.95
C LYS A 183 -50.14 6.65 86.88
N ASP A 184 -49.69 7.91 86.95
CA ASP A 184 -50.33 8.97 87.72
C ASP A 184 -50.08 8.98 89.24
N PRO A 185 -49.14 8.16 89.76
CA PRO A 185 -48.89 8.35 91.19
C PRO A 185 -47.80 9.39 91.41
N ASN A 186 -47.98 10.58 90.83
CA ASN A 186 -46.94 11.59 90.80
C ASN A 186 -46.59 12.17 92.17
N VAL A 187 -45.29 12.33 92.39
CA VAL A 187 -44.76 12.91 93.61
C VAL A 187 -43.24 12.81 93.56
N ASP A 188 -42.57 13.07 94.69
CA ASP A 188 -41.12 12.94 94.75
C ASP A 188 -40.72 11.49 94.96
N ASN A 189 -41.56 10.75 95.68
CA ASN A 189 -41.28 9.35 95.97
C ASN A 189 -42.49 8.45 95.75
N PRO A 190 -42.85 8.23 94.47
CA PRO A 190 -43.97 7.37 94.10
C PRO A 190 -43.82 5.96 94.69
N GLN A 191 -44.94 5.31 94.98
CA GLN A 191 -44.91 3.97 95.58
C GLN A 191 -44.17 2.98 94.69
N GLY A 192 -43.41 2.09 95.32
CA GLY A 192 -42.68 1.07 94.60
C GLY A 192 -41.31 1.54 94.14
N PHE A 193 -41.05 2.83 94.31
CA PHE A 193 -39.79 3.40 93.87
C PHE A 193 -38.63 2.90 94.73
N THR A 194 -37.48 2.68 94.09
CA THR A 194 -36.28 2.24 94.79
C THR A 194 -35.05 2.88 94.15
N THR A 195 -34.02 3.10 94.95
CA THR A 195 -32.79 3.73 94.48
C THR A 195 -31.97 2.79 93.62
N THR A 196 -32.39 1.53 93.57
CA THR A 196 -31.64 0.49 92.86
C THR A 196 -31.97 0.44 91.37
N MET A 197 -33.01 1.17 90.97
CA MET A 197 -33.50 1.10 89.60
C MET A 197 -32.50 1.58 88.56
N GLY A 198 -31.58 2.46 88.97
CA GLY A 198 -30.64 3.03 88.03
C GLY A 198 -29.18 2.74 88.35
N GLU A 199 -28.49 2.12 87.41
CA GLU A 199 -27.05 1.91 87.53
C GLU A 199 -26.33 2.93 86.65
N ARG A 200 -25.31 3.56 87.21
CA ARG A 200 -24.59 4.61 86.50
C ARG A 200 -23.61 4.05 85.48
N ARG A 201 -23.55 4.68 84.32
CA ARG A 201 -22.59 4.31 83.29
C ARG A 201 -21.59 5.44 83.07
N GLN A 202 -20.39 5.08 82.62
CA GLN A 202 -19.32 6.06 82.45
C GLN A 202 -19.59 7.01 81.28
N LEU A 203 -19.61 8.30 81.59
CA LEU A 203 -19.79 9.33 80.56
C LEU A 203 -18.51 10.14 80.44
N LEU A 204 -17.95 10.17 79.24
CA LEU A 204 -16.69 10.86 79.00
C LEU A 204 -16.85 12.00 77.99
N LEU A 205 -16.01 13.01 78.10
CA LEU A 205 -16.03 14.14 77.19
C LEU A 205 -14.77 14.17 76.33
N SER A 206 -14.88 14.65 75.11
CA SER A 206 -13.75 14.65 74.18
C SER A 206 -13.61 15.97 73.42
N ASP A 207 -12.37 16.34 73.14
CA ASP A 207 -12.07 17.51 72.33
C ASP A 207 -11.55 17.08 70.96
N LYS A 208 -11.91 15.88 70.55
CA LYS A 208 -11.36 15.28 69.34
C LYS A 208 -12.35 15.27 68.19
N PHE A 209 -13.64 15.25 68.52
CA PHE A 209 -14.67 15.26 67.48
C PHE A 209 -15.84 16.17 67.86
N LYS A 210 -16.46 16.78 66.86
CA LYS A 210 -17.56 17.70 67.08
C LYS A 210 -18.89 17.09 66.65
N GLY A 211 -19.93 17.34 67.43
CA GLY A 211 -21.27 16.88 67.10
C GLY A 211 -22.09 18.00 66.49
N PHE A 212 -23.36 17.74 66.26
CA PHE A 212 -24.25 18.75 65.68
C PHE A 212 -25.61 18.73 66.35
N PHE A 213 -26.44 19.72 66.03
CA PHE A 213 -27.79 19.83 66.59
C PHE A 213 -28.85 19.64 65.52
N LEU A 214 -30.01 19.12 65.95
CA LEU A 214 -31.17 19.00 65.07
C LEU A 214 -32.38 19.67 65.72
N VAL A 215 -32.81 20.79 65.15
CA VAL A 215 -33.91 21.57 65.70
C VAL A 215 -35.17 21.41 64.85
N PRO A 216 -36.33 21.78 65.41
CA PRO A 216 -37.60 21.75 64.68
C PRO A 216 -37.55 22.64 63.44
N ASP A 217 -38.13 22.15 62.34
CA ASP A 217 -38.09 22.89 61.08
C ASP A 217 -38.84 24.21 61.18
N THR A 218 -39.88 24.23 62.00
CA THR A 218 -40.72 25.42 62.16
C THR A 218 -39.90 26.63 62.58
N GLY A 219 -39.16 26.47 63.67
CA GLY A 219 -38.33 27.54 64.19
C GLY A 219 -37.53 27.06 65.38
N LYS A 220 -38.22 26.81 66.50
CA LYS A 220 -37.54 26.33 67.69
C LYS A 220 -38.41 25.35 68.49
N TRP A 221 -38.03 25.13 69.74
CA TRP A 221 -38.54 24.01 70.51
C TRP A 221 -39.25 24.40 71.80
N ASN A 222 -38.83 25.51 72.41
CA ASN A 222 -39.40 25.94 73.68
C ASN A 222 -40.80 26.50 73.53
N TYR A 223 -41.79 25.81 74.08
CA TYR A 223 -43.17 26.27 74.04
C TYR A 223 -43.67 26.63 75.44
N SER A 224 -42.75 26.94 76.34
CA SER A 224 -43.10 27.32 77.70
C SER A 224 -43.85 28.64 77.73
N PHE A 225 -43.68 29.44 76.68
CA PHE A 225 -44.38 30.71 76.56
C PHE A 225 -45.56 30.57 75.60
N MET A 226 -45.48 29.57 74.73
CA MET A 226 -46.52 29.33 73.74
C MET A 226 -47.26 28.03 74.04
N GLY A 227 -47.54 27.79 75.31
CA GLY A 227 -48.15 26.55 75.75
C GLY A 227 -49.51 26.26 75.16
N SER A 228 -50.21 27.31 74.76
CA SER A 228 -51.57 27.18 74.24
C SER A 228 -51.58 26.47 72.88
N SER A 229 -50.40 26.27 72.30
CA SER A 229 -50.30 25.66 70.98
C SER A 229 -49.48 24.38 71.00
N PHE A 230 -48.77 24.13 72.09
CA PHE A 230 -47.92 22.95 72.19
C PHE A 230 -48.75 21.67 72.24
N SER A 231 -49.89 21.73 72.94
CA SER A 231 -50.76 20.58 73.06
C SER A 231 -51.32 20.17 71.71
N GLY A 232 -51.34 21.12 70.77
CA GLY A 232 -51.88 20.88 69.45
C GLY A 232 -50.90 20.19 68.53
N ILE A 233 -49.61 20.32 68.82
CA ILE A 233 -48.58 19.76 67.96
C ILE A 233 -47.70 18.73 68.69
N GLU A 234 -48.15 18.31 69.87
CA GLU A 234 -47.36 17.35 70.65
C GLU A 234 -47.62 15.92 70.21
N LYS A 235 -48.83 15.62 69.76
CA LYS A 235 -49.19 14.28 69.34
C LYS A 235 -49.15 14.15 67.82
N LYS A 236 -48.26 14.90 67.19
CA LYS A 236 -48.08 14.86 65.75
C LYS A 236 -46.59 14.90 65.39
N PRO A 237 -46.21 14.16 64.34
CA PRO A 237 -44.82 14.19 63.85
C PRO A 237 -44.39 15.60 63.49
N TYR A 238 -43.11 15.91 63.71
CA TYR A 238 -42.60 17.25 63.46
C TYR A 238 -41.36 17.24 62.56
N HIS A 239 -41.34 18.15 61.59
CA HIS A 239 -40.20 18.28 60.70
C HIS A 239 -38.96 18.71 61.47
N VAL A 240 -37.80 18.21 61.03
CA VAL A 240 -36.54 18.53 61.69
C VAL A 240 -35.40 18.65 60.69
N LYS A 241 -34.55 19.65 60.87
CA LYS A 241 -33.40 19.85 60.01
C LYS A 241 -32.28 20.50 60.79
N LEU A 242 -31.04 20.11 60.50
CA LEU A 242 -29.89 20.56 61.29
C LEU A 242 -29.69 22.07 61.18
N ASP A 243 -29.54 22.72 62.32
CA ASP A 243 -29.33 24.15 62.40
C ASP A 243 -28.84 24.51 63.80
N THR A 244 -28.55 25.79 64.02
CA THR A 244 -28.13 26.26 65.33
C THR A 244 -29.33 26.57 66.21
N PRO A 245 -29.42 25.91 67.37
CA PRO A 245 -30.54 26.06 68.30
C PRO A 245 -30.60 27.45 68.94
N LEU A 246 -31.80 27.98 69.11
CA LEU A 246 -31.98 29.29 69.74
C LEU A 246 -32.05 29.15 71.26
N PRO A 247 -31.66 30.22 71.97
CA PRO A 247 -31.67 30.26 73.44
C PRO A 247 -33.07 30.07 74.01
N PHE A 248 -33.15 29.70 75.28
CA PHE A 248 -34.43 29.47 75.94
C PHE A 248 -35.31 30.71 75.88
N TYR A 249 -34.70 31.87 76.16
CA TYR A 249 -35.43 33.13 76.16
C TYR A 249 -35.20 33.90 74.86
N SER A 250 -35.08 33.17 73.76
CA SER A 250 -34.96 33.79 72.44
C SER A 250 -36.24 34.51 72.09
N GLU A 251 -36.12 35.53 71.24
CA GLU A 251 -37.28 36.32 70.82
C GLU A 251 -38.30 35.44 70.11
N GLN A 252 -37.81 34.38 69.46
CA GLN A 252 -38.68 33.47 68.72
C GLN A 252 -39.57 32.68 69.67
N HIS A 253 -39.03 32.27 70.80
CA HIS A 253 -39.76 31.45 71.76
C HIS A 253 -40.91 32.21 72.42
N ARG A 254 -40.78 33.54 72.50
CA ARG A 254 -41.79 34.35 73.15
C ARG A 254 -42.17 35.56 72.30
N PRO A 255 -42.77 35.31 71.12
CA PRO A 255 -43.17 36.39 70.21
C PRO A 255 -44.27 37.27 70.82
N ILE A 256 -45.01 36.71 71.76
CA ILE A 256 -46.11 37.43 72.40
C ILE A 256 -45.58 38.62 73.20
N HIS A 257 -44.36 38.51 73.71
CA HIS A 257 -43.76 39.58 74.48
C HIS A 257 -43.43 40.80 73.62
N PHE A 258 -43.10 40.53 72.36
CA PHE A 258 -42.62 41.58 71.46
C PHE A 258 -43.74 42.24 70.66
N THR A 259 -44.97 41.86 70.98
CA THR A 259 -46.13 42.42 70.27
C THR A 259 -46.27 43.90 70.59
N SER A 260 -46.74 44.68 69.61
CA SER A 260 -46.90 46.11 69.79
C SER A 260 -48.06 46.42 70.74
N PHE A 261 -47.76 47.18 71.78
CA PHE A 261 -48.78 47.57 72.76
C PHE A 261 -49.75 48.59 72.16
N ASN A 262 -49.32 49.23 71.08
CA ASN A 262 -50.15 50.20 70.38
C ASN A 262 -50.48 51.41 71.25
N GLU A 263 -49.58 51.73 72.18
CA GLU A 263 -49.74 52.89 73.05
C GLU A 263 -49.80 54.18 72.23
N LEU A 264 -48.63 54.61 71.77
CA LEU A 264 -48.54 55.79 70.92
C LEU A 264 -47.79 55.45 69.63
N GLU A 265 -48.35 55.85 68.50
CA GLU A 265 -47.78 55.51 67.20
C GLU A 265 -46.80 56.59 66.74
N ASP A 266 -47.31 57.81 66.57
CA ASP A 266 -46.51 58.91 66.08
C ASP A 266 -45.74 59.59 67.20
N ILE A 267 -44.85 60.49 66.84
CA ILE A 267 -44.06 61.25 67.82
C ILE A 267 -44.48 62.71 67.85
N TRP A 268 -44.60 63.26 69.05
CA TRP A 268 -45.03 64.65 69.21
C TRP A 268 -43.86 65.56 69.60
N VAL A 269 -42.63 65.07 69.45
CA VAL A 269 -41.45 65.88 69.70
C VAL A 269 -40.74 66.17 68.39
N ASP A 270 -40.39 67.43 68.16
CA ASP A 270 -39.77 67.83 66.91
C ASP A 270 -38.26 67.90 66.99
N ARG A 271 -37.58 67.05 66.21
CA ARG A 271 -36.14 67.08 66.10
C ARG A 271 -35.73 66.71 64.68
N ALA A 272 -34.63 67.29 64.21
CA ALA A 272 -34.17 67.04 62.84
C ALA A 272 -33.05 66.00 62.81
N ASP A 273 -33.17 65.04 61.90
CA ASP A 273 -32.16 64.00 61.76
C ASP A 273 -30.94 64.53 61.04
N ASN A 274 -31.17 65.24 59.93
CA ASN A 274 -30.09 65.83 59.14
C ASN A 274 -29.25 64.79 58.40
N PHE A 275 -29.35 63.53 58.82
CA PHE A 275 -28.64 62.45 58.15
C PHE A 275 -29.59 61.65 57.27
N ALA A 276 -30.87 61.64 57.63
CA ALA A 276 -31.87 60.89 56.89
C ALA A 276 -32.05 61.47 55.49
N VAL B 28 5.86 74.74 55.86
CA VAL B 28 7.15 74.87 55.20
C VAL B 28 8.01 73.63 55.44
N GLY B 29 8.58 73.53 56.63
CA GLY B 29 9.42 72.40 56.99
C GLY B 29 8.68 71.38 57.82
N GLY B 30 9.03 70.11 57.63
CA GLY B 30 8.41 69.03 58.39
C GLY B 30 9.24 68.66 59.61
N LEU B 31 8.64 68.80 60.78
CA LEU B 31 9.37 68.56 62.03
C LEU B 31 8.59 67.67 63.00
N GLN B 32 9.15 67.52 64.20
CA GLN B 32 8.55 66.66 65.23
C GLN B 32 7.95 67.50 66.36
N PRO B 33 6.85 67.03 66.95
CA PRO B 33 6.16 67.76 68.01
C PRO B 33 7.02 67.92 69.26
N LYS B 34 6.82 69.02 69.99
CA LYS B 34 7.61 69.31 71.18
C LYS B 34 6.74 69.51 72.40
N LYS B 35 5.43 69.60 72.20
CA LYS B 35 4.50 69.80 73.32
C LYS B 35 3.22 69.00 73.14
N LEU B 36 2.87 68.23 74.17
CA LEU B 36 1.62 67.47 74.19
C LEU B 36 0.56 68.23 74.95
N VAL B 37 -0.62 68.38 74.33
CA VAL B 37 -1.70 69.15 74.95
C VAL B 37 -3.00 68.36 74.96
N ASN B 38 -3.83 68.63 75.96
CA ASN B 38 -5.13 67.98 76.09
C ASN B 38 -6.22 68.77 75.38
N LEU B 39 -6.83 68.17 74.37
CA LEU B 39 -7.84 68.84 73.57
C LEU B 39 -9.15 69.00 74.32
N GLU B 40 -9.32 68.27 75.41
CA GLU B 40 -10.55 68.28 76.18
C GLU B 40 -10.83 69.65 76.79
N ASN B 41 -9.76 70.36 77.16
CA ASN B 41 -9.90 71.66 77.78
C ASN B 41 -9.50 72.79 76.84
N LEU B 42 -9.61 72.55 75.54
CA LEU B 42 -9.30 73.58 74.56
C LEU B 42 -10.56 73.93 73.76
N VAL B 43 -11.68 73.35 74.18
CA VAL B 43 -12.95 73.55 73.49
C VAL B 43 -13.87 74.46 74.30
N PHE B 44 -14.75 75.17 73.60
CA PHE B 44 -15.69 76.08 74.24
C PHE B 44 -16.86 75.33 74.84
N ASP B 45 -16.92 75.28 76.17
CA ASP B 45 -17.97 74.55 76.88
C ASP B 45 -19.34 75.17 76.67
N GLN B 46 -19.36 76.46 76.30
CA GLN B 46 -20.60 77.12 75.95
C GLN B 46 -20.63 77.40 74.45
N GLY B 47 -20.26 76.38 73.68
CA GLY B 47 -20.07 76.50 72.24
C GLY B 47 -21.14 77.28 71.48
N ASN B 48 -22.34 76.72 71.41
CA ASN B 48 -23.43 77.35 70.67
C ASN B 48 -23.76 78.73 71.23
N HIS B 49 -23.55 78.90 72.53
CA HIS B 49 -23.90 80.14 73.20
C HIS B 49 -22.65 80.98 73.49
N LEU B 50 -21.59 80.74 72.73
CA LEU B 50 -20.33 81.45 72.94
C LEU B 50 -20.48 82.94 72.67
N MET B 51 -19.68 83.74 73.38
CA MET B 51 -19.70 85.18 73.22
C MET B 51 -18.29 85.74 73.30
N THR B 52 -17.89 86.48 72.26
CA THR B 52 -16.55 87.04 72.22
C THR B 52 -16.57 88.55 72.03
N ASN B 53 -17.73 89.10 71.70
CA ASN B 53 -17.87 90.55 71.66
C ASN B 53 -17.82 91.09 73.08
N PRO B 54 -16.71 91.73 73.45
CA PRO B 54 -16.48 92.18 74.82
C PRO B 54 -17.49 93.25 75.25
N ARG B 55 -18.21 93.79 74.28
CA ARG B 55 -19.18 94.84 74.53
C ARG B 55 -20.18 94.96 73.38
N VAL B 56 -21.35 95.50 73.68
CA VAL B 56 -22.40 95.65 72.67
C VAL B 56 -22.68 97.12 72.37
N ARG B 57 -22.42 97.53 71.13
CA ARG B 57 -22.75 98.88 70.70
C ARG B 57 -24.24 98.99 70.45
N MET B 58 -24.89 99.91 71.16
CA MET B 58 -26.32 100.11 71.02
C MET B 58 -26.62 101.48 70.42
N PRO B 59 -27.71 101.57 69.64
CA PRO B 59 -28.14 102.81 68.99
C PRO B 59 -28.43 103.93 69.99
N GLU B 60 -28.63 105.14 69.48
CA GLU B 60 -28.90 106.29 70.34
C GLU B 60 -30.31 106.25 70.90
N GLY B 61 -31.25 105.74 70.12
CA GLY B 61 -32.64 105.65 70.54
C GLY B 61 -32.89 104.50 71.48
N THR B 62 -31.82 103.80 71.87
CA THR B 62 -31.94 102.66 72.77
C THR B 62 -32.49 103.10 74.12
N THR B 63 -33.57 102.47 74.54
CA THR B 63 -34.23 102.84 75.78
C THR B 63 -34.47 101.64 76.69
N LYS B 64 -34.54 101.88 77.99
CA LYS B 64 -34.81 100.83 78.96
C LYS B 64 -35.84 101.24 80.00
N ARG B 65 -36.82 100.37 80.24
CA ARG B 65 -37.83 100.60 81.25
C ARG B 65 -37.85 99.45 82.25
N VAL B 66 -38.06 99.76 83.52
CA VAL B 66 -38.06 98.74 84.56
C VAL B 66 -39.47 98.47 85.07
N PHE B 67 -39.88 97.21 85.04
CA PHE B 67 -41.19 96.81 85.54
C PHE B 67 -41.04 95.85 86.72
N LYS B 68 -42.17 95.33 87.19
CA LYS B 68 -42.16 94.45 88.35
C LYS B 68 -42.07 92.99 87.94
N GLY B 69 -40.86 92.43 88.02
CA GLY B 69 -40.65 91.03 87.67
C GLY B 69 -39.93 90.85 86.36
N TYR B 70 -39.66 91.96 85.67
CA TYR B 70 -38.96 91.89 84.39
C TYR B 70 -38.46 93.27 83.95
N GLU B 71 -37.80 93.32 82.80
CA GLU B 71 -37.29 94.57 82.25
C GLU B 71 -37.47 94.62 80.75
N GLU B 72 -37.39 95.82 80.18
CA GLU B 72 -37.54 95.99 78.74
C GLU B 72 -36.46 96.91 78.18
N ILE B 73 -35.82 96.47 77.10
CA ILE B 73 -34.83 97.28 76.42
C ILE B 73 -35.27 97.53 74.98
N HIS B 74 -35.89 98.69 74.74
CA HIS B 74 -36.43 99.01 73.43
C HIS B 74 -35.37 99.59 72.50
N VAL B 75 -35.49 99.28 71.22
CA VAL B 75 -34.56 99.78 70.21
C VAL B 75 -35.29 100.19 68.94
N PRO B 76 -35.29 101.49 68.64
CA PRO B 76 -35.98 102.04 67.47
C PRO B 76 -35.33 101.64 66.15
N PRO B 77 -36.15 101.46 65.10
CA PRO B 77 -35.69 101.06 63.77
C PRO B 77 -35.32 102.24 62.87
N PRO B 78 -34.10 102.22 62.30
CA PRO B 78 -33.69 103.23 61.32
C PRO B 78 -34.27 102.93 59.94
N LYS B 79 -33.77 103.59 58.91
CA LYS B 79 -34.23 103.34 57.55
C LYS B 79 -33.20 103.72 56.50
N LYS B 80 -33.12 102.92 55.44
CA LYS B 80 -32.21 103.19 54.34
C LYS B 80 -32.89 102.92 53.01
N ARG B 81 -33.87 103.75 52.67
CA ARG B 81 -34.60 103.62 51.41
C ARG B 81 -33.82 104.27 50.27
N SER B 82 -33.07 105.32 50.61
CA SER B 82 -32.37 106.11 49.60
C SER B 82 -31.21 105.35 48.97
N ASP B 83 -31.55 104.43 48.07
CA ASP B 83 -30.54 103.73 47.27
C ASP B 83 -30.85 103.91 45.78
N PRO B 84 -29.89 104.44 45.02
CA PRO B 84 -30.06 104.75 43.59
C PRO B 84 -30.51 103.56 42.76
N THR B 85 -31.68 103.68 42.16
CA THR B 85 -32.26 102.60 41.36
C THR B 85 -31.59 102.48 39.99
N ASP B 86 -30.77 103.48 39.65
CA ASP B 86 -30.11 103.51 38.35
C ASP B 86 -29.04 102.43 38.22
N GLN B 87 -28.30 102.20 39.30
CA GLN B 87 -27.19 101.26 39.29
C GLN B 87 -27.65 99.81 39.19
N ASN B 88 -28.95 99.58 39.38
CA ASN B 88 -29.49 98.22 39.29
C ASN B 88 -29.40 97.66 37.89
N ILE B 89 -29.01 96.39 37.79
CA ILE B 89 -28.85 95.74 36.48
C ILE B 89 -30.12 95.02 36.06
N PRO B 90 -30.78 95.53 35.01
CA PRO B 90 -31.96 94.88 34.44
C PRO B 90 -31.64 93.48 33.92
N VAL B 91 -32.65 92.63 33.82
CA VAL B 91 -32.44 91.26 33.35
C VAL B 91 -32.13 91.23 31.86
N THR B 92 -32.14 92.39 31.22
CA THR B 92 -31.90 92.47 29.78
C THR B 92 -30.41 92.47 29.45
N GLU B 93 -29.61 93.05 30.34
CA GLU B 93 -28.16 93.10 30.12
C GLU B 93 -27.57 91.69 30.10
N LEU B 94 -28.23 90.77 30.78
CA LEU B 94 -27.81 89.37 30.80
C LEU B 94 -28.10 88.72 29.44
N PRO B 95 -27.31 87.69 29.09
CA PRO B 95 -27.44 86.97 27.81
C PRO B 95 -28.84 86.41 27.58
N GLU B 96 -29.12 86.02 26.34
CA GLU B 96 -30.41 85.43 25.98
C GLU B 96 -30.76 84.22 26.83
N TRP B 97 -29.75 83.43 27.14
CA TRP B 97 -29.95 82.20 27.89
C TRP B 97 -29.94 82.42 29.40
N ALA B 98 -29.34 83.52 29.83
CA ALA B 98 -29.14 83.76 31.26
C ALA B 98 -30.13 84.76 31.85
N ARG B 99 -31.39 84.70 31.42
CA ARG B 99 -32.42 85.53 32.01
C ARG B 99 -33.78 84.86 32.01
N ILE B 100 -33.81 83.58 31.65
CA ILE B 100 -35.04 82.81 31.72
C ILE B 100 -35.39 82.43 33.16
N PRO B 101 -34.38 82.20 34.02
CA PRO B 101 -34.74 81.92 35.41
C PRO B 101 -35.17 83.18 36.16
N PHE B 102 -35.00 84.34 35.51
CA PHE B 102 -35.40 85.61 36.12
C PHE B 102 -36.68 86.13 35.50
N ASN B 103 -37.43 85.25 34.84
CA ASN B 103 -38.70 85.63 34.25
C ASN B 103 -39.66 86.14 35.32
N THR B 104 -40.57 87.03 34.92
CA THR B 104 -41.50 87.67 35.85
C THR B 104 -40.73 88.49 36.88
N THR B 105 -39.59 89.04 36.46
CA THR B 105 -38.78 89.89 37.33
C THR B 105 -38.15 91.01 36.51
N LYS B 106 -38.50 92.25 36.85
CA LYS B 106 -38.05 93.41 36.08
C LYS B 106 -36.53 93.58 36.10
N THR B 107 -35.97 93.85 37.27
CA THR B 107 -34.53 94.09 37.38
C THR B 107 -33.93 93.45 38.62
N LEU B 108 -32.61 93.57 38.74
CA LEU B 108 -31.89 92.98 39.87
C LEU B 108 -31.85 93.92 41.08
N ASN B 109 -31.96 93.33 42.27
CA ASN B 109 -31.81 94.07 43.52
C ASN B 109 -30.40 94.63 43.65
N LYS B 110 -30.24 95.66 44.48
CA LYS B 110 -28.94 96.28 44.68
C LYS B 110 -27.91 95.29 45.21
N ILE B 111 -28.37 94.29 45.96
CA ILE B 111 -27.47 93.28 46.49
C ILE B 111 -26.85 92.46 45.38
N GLN B 112 -27.68 91.94 44.49
CA GLN B 112 -27.22 91.12 43.38
C GLN B 112 -26.45 91.95 42.36
N SER B 113 -26.87 93.19 42.17
CA SER B 113 -26.22 94.08 41.21
C SER B 113 -24.79 94.40 41.64
N LYS B 114 -24.57 94.49 42.94
CA LYS B 114 -23.25 94.77 43.48
C LYS B 114 -22.34 93.56 43.35
N CYS B 115 -22.94 92.37 43.46
CA CYS B 115 -22.17 91.13 43.43
C CYS B 115 -22.21 90.46 42.05
N PHE B 116 -22.87 91.12 41.10
CA PHE B 116 -23.05 90.54 39.77
C PHE B 116 -21.74 90.24 39.05
N PRO B 117 -20.86 91.25 38.93
CA PRO B 117 -19.59 91.10 38.21
C PRO B 117 -18.76 89.90 38.66
N THR B 118 -18.58 89.75 39.97
CA THR B 118 -17.75 88.68 40.51
C THR B 118 -18.48 87.33 40.51
N ALA B 119 -19.81 87.38 40.55
CA ALA B 119 -20.60 86.17 40.67
C ALA B 119 -20.83 85.49 39.32
N PHE B 120 -20.99 86.28 38.27
CA PHE B 120 -21.38 85.74 36.97
C PHE B 120 -20.26 85.83 35.94
N LEU B 121 -19.21 86.59 36.25
CA LEU B 121 -18.13 86.81 35.29
C LEU B 121 -16.75 86.47 35.84
N ASP B 122 -16.72 85.78 36.99
CA ASP B 122 -15.44 85.41 37.58
C ASP B 122 -15.54 84.04 38.26
N ASP B 123 -14.38 83.43 38.55
CA ASP B 123 -14.33 82.11 39.16
C ASP B 123 -13.94 82.18 40.63
N GLY B 124 -13.56 83.37 41.09
CA GLY B 124 -13.13 83.56 42.46
C GLY B 124 -14.22 83.24 43.47
N ASN B 125 -13.84 82.62 44.58
CA ASN B 125 -14.78 82.29 45.64
C ASN B 125 -15.41 83.55 46.22
N MET B 126 -16.63 83.41 46.73
CA MET B 126 -17.36 84.55 47.26
C MET B 126 -17.88 84.30 48.67
N LEU B 127 -18.19 85.39 49.37
CA LEU B 127 -18.80 85.33 50.69
C LEU B 127 -19.63 86.58 50.94
N VAL B 128 -20.91 86.51 50.59
CA VAL B 128 -21.80 87.65 50.75
C VAL B 128 -22.53 87.60 52.08
N CYS B 129 -22.61 88.75 52.74
CA CYS B 129 -23.30 88.85 54.02
C CYS B 129 -24.49 89.81 53.92
N ALA B 130 -25.68 89.28 54.16
CA ALA B 130 -26.88 90.11 54.08
C ALA B 130 -28.02 89.51 54.91
N PRO B 131 -28.92 90.36 55.40
CA PRO B 131 -30.09 89.94 56.19
C PRO B 131 -30.98 88.99 55.41
N THR B 132 -31.73 88.16 56.13
CA THR B 132 -32.61 87.18 55.50
C THR B 132 -33.70 87.87 54.69
N GLY B 133 -33.91 87.40 53.46
CA GLY B 133 -34.93 87.95 52.60
C GLY B 133 -34.42 89.10 51.74
N SER B 134 -33.12 89.32 51.76
CA SER B 134 -32.52 90.40 50.99
C SER B 134 -32.42 90.04 49.51
N GLY B 135 -32.41 88.75 49.21
CA GLY B 135 -32.32 88.29 47.84
C GLY B 135 -30.99 87.62 47.55
N LYS B 136 -30.45 86.92 48.54
CA LYS B 136 -29.17 86.26 48.42
C LYS B 136 -29.22 85.08 47.45
N THR B 137 -30.39 84.45 47.35
CA THR B 137 -30.56 83.25 46.53
C THR B 137 -30.33 83.53 45.06
N ASN B 138 -30.68 84.74 44.62
CA ASN B 138 -30.46 85.12 43.22
C ASN B 138 -28.99 85.26 42.90
N VAL B 139 -28.20 85.68 43.88
CA VAL B 139 -26.76 85.78 43.72
C VAL B 139 -26.16 84.39 43.52
N ALA B 140 -26.67 83.43 44.28
CA ALA B 140 -26.25 82.05 44.12
C ALA B 140 -26.74 81.51 42.78
N MET B 141 -27.87 82.04 42.32
CA MET B 141 -28.43 81.64 41.04
C MET B 141 -27.56 82.11 39.89
N LEU B 142 -26.89 83.24 40.10
CA LEU B 142 -25.96 83.77 39.11
C LEU B 142 -24.75 82.87 38.97
N THR B 143 -24.18 82.46 40.10
CA THR B 143 -23.04 81.57 40.10
C THR B 143 -23.39 80.25 39.42
N MET B 144 -24.62 79.79 39.64
CA MET B 144 -25.10 78.58 38.99
C MET B 144 -25.23 78.77 37.48
N LEU B 145 -25.70 79.95 37.08
CA LEU B 145 -25.85 80.28 35.68
C LEU B 145 -24.50 80.37 34.97
N ARG B 146 -23.47 80.74 35.73
CA ARG B 146 -22.15 80.88 35.15
C ARG B 146 -21.55 79.51 34.84
N GLU B 147 -21.73 78.56 35.74
CA GLU B 147 -21.19 77.22 35.54
C GLU B 147 -21.97 76.51 34.44
N ILE B 148 -23.25 76.83 34.31
CA ILE B 148 -24.07 76.28 33.24
C ILE B 148 -23.59 76.82 31.89
N GLY B 149 -23.20 78.08 31.87
CA GLY B 149 -22.70 78.71 30.66
C GLY B 149 -21.37 78.11 30.25
N LYS B 150 -20.55 77.75 31.24
CA LYS B 150 -19.26 77.13 30.98
C LYS B 150 -19.42 75.78 30.29
N ASN B 151 -20.51 75.09 30.59
CA ASN B 151 -20.78 73.78 30.00
C ASN B 151 -21.86 73.86 28.94
N ARG B 152 -21.93 75.00 28.25
CA ARG B 152 -22.91 75.22 27.20
C ARG B 152 -22.22 75.60 25.89
N ASN B 153 -22.18 74.66 24.94
CA ASN B 153 -21.56 74.94 23.66
C ASN B 153 -22.42 75.88 22.82
N GLU B 154 -21.76 76.77 22.10
CA GLU B 154 -22.37 77.86 21.32
C GLU B 154 -23.88 78.02 21.43
N LYS B 155 -24.62 77.26 20.63
CA LYS B 155 -26.06 77.42 20.56
C LYS B 155 -26.83 76.11 20.59
N GLY B 156 -26.11 75.00 20.70
CA GLY B 156 -26.75 73.70 20.67
C GLY B 156 -26.47 72.84 21.89
N GLU B 157 -27.50 72.62 22.70
CA GLU B 157 -27.46 71.72 23.85
C GLU B 157 -26.74 72.30 25.07
N ILE B 158 -26.85 71.58 26.19
CA ILE B 158 -26.16 71.92 27.42
C ILE B 158 -25.60 70.65 28.05
N ASP B 159 -24.27 70.53 28.06
CA ASP B 159 -23.61 69.31 28.50
C ASP B 159 -23.89 69.01 29.98
N LEU B 160 -24.89 68.16 30.22
CA LEU B 160 -25.33 67.85 31.58
C LEU B 160 -24.35 66.96 32.32
N ASP B 161 -23.68 66.07 31.60
CA ASP B 161 -22.76 65.12 32.21
C ASP B 161 -21.43 65.76 32.58
N ALA B 162 -21.23 66.99 32.14
CA ALA B 162 -19.95 67.67 32.33
C ALA B 162 -19.81 68.30 33.71
N PHE B 163 -20.89 68.90 34.20
CA PHE B 163 -20.83 69.66 35.44
C PHE B 163 -21.90 69.25 36.44
N LYS B 164 -21.67 69.58 37.70
CA LYS B 164 -22.65 69.37 38.76
C LYS B 164 -22.48 70.43 39.84
N ILE B 165 -23.61 70.88 40.39
CA ILE B 165 -23.59 71.92 41.42
C ILE B 165 -24.12 71.38 42.75
N VAL B 166 -23.52 71.84 43.85
CA VAL B 166 -23.94 71.40 45.18
C VAL B 166 -24.42 72.57 46.03
N TYR B 167 -25.63 72.45 46.57
CA TYR B 167 -26.19 73.49 47.44
C TYR B 167 -26.38 72.96 48.85
N ILE B 168 -25.70 73.58 49.80
CA ILE B 168 -25.70 73.10 51.18
C ILE B 168 -26.53 73.98 52.12
N ALA B 169 -27.71 73.48 52.49
CA ALA B 169 -28.57 74.18 53.43
C ALA B 169 -28.54 73.46 54.78
N PRO B 170 -28.82 74.20 55.87
CA PRO B 170 -28.71 73.67 57.23
C PRO B 170 -29.94 72.87 57.69
N LEU B 171 -30.98 72.81 56.89
CA LEU B 171 -32.18 72.05 57.26
C LEU B 171 -32.90 71.44 56.07
N LYS B 172 -33.55 70.30 56.31
CA LYS B 172 -34.29 69.58 55.28
C LYS B 172 -35.48 70.38 54.77
N ALA B 173 -36.16 71.08 55.68
CA ALA B 173 -37.31 71.89 55.29
C ALA B 173 -36.87 73.05 54.41
N LEU B 174 -35.60 73.44 54.55
CA LEU B 174 -35.05 74.56 53.81
C LEU B 174 -34.55 74.10 52.44
N VAL B 175 -33.93 72.93 52.39
CA VAL B 175 -33.41 72.41 51.14
C VAL B 175 -34.55 72.06 50.18
N GLN B 176 -35.65 71.55 50.73
CA GLN B 176 -36.81 71.20 49.92
C GLN B 176 -37.42 72.45 49.28
N GLU B 177 -37.34 73.57 49.99
CA GLU B 177 -37.86 74.83 49.50
C GLU B 177 -37.15 75.26 48.23
N GLN B 178 -35.83 75.14 48.22
CA GLN B 178 -35.03 75.58 47.10
C GLN B 178 -34.87 74.50 46.04
N VAL B 179 -35.13 73.26 46.43
CA VAL B 179 -35.14 72.16 45.48
C VAL B 179 -36.25 72.35 44.47
N GLY B 180 -37.41 72.79 44.95
CA GLY B 180 -38.52 73.09 44.08
C GLY B 180 -38.36 74.46 43.45
N ASN B 181 -37.68 75.36 44.15
CA ASN B 181 -37.41 76.69 43.65
C ASN B 181 -36.47 76.64 42.45
N PHE B 182 -35.30 76.05 42.66
CA PHE B 182 -34.30 75.89 41.60
C PHE B 182 -34.80 74.91 40.53
N GLY B 183 -35.72 74.05 40.92
CA GLY B 183 -36.26 73.05 40.02
C GLY B 183 -37.01 73.63 38.84
N LYS B 184 -38.02 74.44 39.12
CA LYS B 184 -38.83 75.04 38.07
C LYS B 184 -38.12 76.23 37.44
N ARG B 185 -37.16 76.80 38.18
CA ARG B 185 -36.40 77.94 37.67
C ARG B 185 -35.40 77.51 36.60
N LEU B 186 -35.06 76.22 36.60
CA LEU B 186 -34.06 75.71 35.67
C LEU B 186 -34.59 74.56 34.81
N GLU B 187 -35.90 74.36 34.85
CA GLU B 187 -36.54 73.29 34.07
C GLU B 187 -36.30 73.42 32.56
N PRO B 188 -36.37 74.65 32.02
CA PRO B 188 -36.16 74.83 30.58
C PRO B 188 -34.78 74.36 30.12
N TYR B 189 -33.77 74.47 30.99
CA TYR B 189 -32.44 74.02 30.64
C TYR B 189 -32.35 72.50 30.58
N GLY B 190 -33.41 71.84 31.03
CA GLY B 190 -33.43 70.38 31.08
C GLY B 190 -32.68 69.89 32.30
N ILE B 191 -32.34 70.82 33.19
CA ILE B 191 -31.62 70.49 34.42
C ILE B 191 -32.53 69.82 35.43
N LYS B 192 -31.98 68.87 36.17
CA LYS B 192 -32.74 68.15 37.19
C LYS B 192 -32.13 68.39 38.57
N VAL B 193 -32.92 68.97 39.46
CA VAL B 193 -32.46 69.25 40.83
C VAL B 193 -33.15 68.35 41.84
N SER B 194 -32.38 67.80 42.76
CA SER B 194 -32.92 66.89 43.77
C SER B 194 -32.19 67.03 45.10
N GLU B 195 -32.59 66.22 46.08
CA GLU B 195 -31.97 66.26 47.39
C GLU B 195 -31.52 64.88 47.85
N LEU B 196 -30.31 64.81 48.40
CA LEU B 196 -29.79 63.57 48.95
C LEU B 196 -30.54 63.24 50.24
N THR B 197 -30.98 61.99 50.38
CA THR B 197 -31.75 61.62 51.56
C THR B 197 -32.03 60.11 51.66
N GLY B 198 -31.80 59.57 52.86
CA GLY B 198 -32.20 58.22 53.18
C GLY B 198 -31.42 57.11 52.49
N ASP B 199 -31.60 55.89 52.99
CA ASP B 199 -31.03 54.69 52.39
C ASP B 199 -29.50 54.72 52.44
N ARG B 200 -28.89 53.66 51.90
CA ARG B 200 -27.44 53.57 51.78
C ARG B 200 -26.96 54.53 50.71
N GLN B 201 -25.92 54.14 49.99
CA GLN B 201 -25.54 54.85 48.78
C GLN B 201 -26.41 54.32 47.64
N LEU B 202 -27.29 53.40 47.98
CA LEU B 202 -28.17 52.75 47.02
C LEU B 202 -29.04 53.76 46.28
N THR B 203 -29.65 54.67 47.02
CA THR B 203 -30.51 55.69 46.43
C THR B 203 -29.75 57.00 46.26
N LYS B 204 -28.80 57.25 47.15
CA LYS B 204 -28.00 58.47 47.09
C LYS B 204 -27.17 58.52 45.82
N GLN B 205 -26.77 57.33 45.34
CA GLN B 205 -26.04 57.23 44.08
C GLN B 205 -26.98 57.52 42.91
N GLN B 206 -28.21 57.05 43.02
CA GLN B 206 -29.22 57.31 42.00
C GLN B 206 -29.76 58.73 42.14
N ILE B 207 -29.39 59.39 43.23
CA ILE B 207 -29.71 60.79 43.42
C ILE B 207 -28.59 61.65 42.83
N SER B 208 -27.37 61.11 42.87
CA SER B 208 -26.20 61.82 42.36
C SER B 208 -26.06 61.65 40.85
N GLU B 209 -27.19 61.57 40.15
CA GLU B 209 -27.20 61.57 38.69
C GLU B 209 -27.88 62.84 38.19
N THR B 210 -28.35 63.64 39.13
CA THR B 210 -28.98 64.91 38.82
C THR B 210 -27.93 66.00 38.63
N GLN B 211 -28.36 67.15 38.11
CA GLN B 211 -27.44 68.23 37.80
C GLN B 211 -27.13 69.06 39.04
N VAL B 212 -28.17 69.52 39.73
CA VAL B 212 -28.00 70.29 40.95
C VAL B 212 -28.53 69.53 42.15
N ILE B 213 -27.66 69.21 43.09
CA ILE B 213 -28.03 68.45 44.27
C ILE B 213 -28.02 69.31 45.53
N VAL B 214 -29.15 69.39 46.19
CA VAL B 214 -29.27 70.12 47.45
C VAL B 214 -29.23 69.16 48.63
N THR B 215 -28.37 69.43 49.59
CA THR B 215 -28.17 68.51 50.70
C THR B 215 -27.80 69.21 52.00
N THR B 216 -28.10 68.55 53.12
CA THR B 216 -27.66 69.01 54.42
C THR B 216 -26.17 68.76 54.56
N PRO B 217 -25.48 69.61 55.35
CA PRO B 217 -24.03 69.49 55.52
C PRO B 217 -23.60 68.14 56.06
N GLU B 218 -24.43 67.55 56.92
CA GLU B 218 -24.12 66.23 57.48
C GLU B 218 -24.16 65.16 56.40
N LYS B 219 -25.17 65.24 55.54
CA LYS B 219 -25.36 64.24 54.48
C LYS B 219 -24.20 64.25 53.50
N TRP B 220 -23.81 65.46 53.07
CA TRP B 220 -22.74 65.60 52.09
C TRP B 220 -21.41 65.12 52.66
N ASP B 221 -21.22 65.31 53.96
CA ASP B 221 -19.99 64.88 54.62
C ASP B 221 -19.97 63.36 54.75
N VAL B 222 -21.16 62.77 54.89
CA VAL B 222 -21.26 61.32 54.99
C VAL B 222 -21.06 60.66 53.63
N ILE B 223 -21.63 61.28 52.60
CA ILE B 223 -21.45 60.82 51.23
C ILE B 223 -19.97 60.88 50.85
N THR B 224 -19.28 61.89 51.34
CA THR B 224 -17.87 62.08 51.06
C THR B 224 -17.02 61.04 51.81
N ARG B 225 -17.38 60.77 53.05
CA ARG B 225 -16.61 59.85 53.88
C ARG B 225 -16.62 58.42 53.34
N LYS B 226 -17.79 57.97 52.88
CA LYS B 226 -17.90 56.62 52.33
C LYS B 226 -17.16 56.53 51.00
N ALA B 227 -17.10 57.65 50.28
CA ALA B 227 -16.28 57.76 49.08
C ALA B 227 -16.68 56.80 47.97
N THR B 228 -17.92 56.34 47.99
CA THR B 228 -18.41 55.42 46.97
C THR B 228 -18.72 56.16 45.67
N ASP B 229 -19.27 57.35 45.80
CA ASP B 229 -19.71 58.12 44.64
C ASP B 229 -18.65 59.10 44.17
N ILE B 230 -17.39 58.79 44.45
CA ILE B 230 -16.28 59.67 44.08
C ILE B 230 -16.19 59.84 42.56
N SER B 231 -16.82 58.92 41.84
CA SER B 231 -16.84 58.98 40.38
C SER B 231 -17.62 60.21 39.89
N TYR B 232 -18.61 60.63 40.67
CA TYR B 232 -19.44 61.77 40.29
C TYR B 232 -19.13 63.02 41.09
N THR B 233 -18.41 62.87 42.21
CA THR B 233 -18.02 64.02 43.01
C THR B 233 -16.89 64.79 42.33
N ASN B 234 -16.38 64.24 41.23
CA ASN B 234 -15.35 64.90 40.45
C ASN B 234 -15.96 65.77 39.37
N LEU B 235 -17.28 65.77 39.29
CA LEU B 235 -17.99 66.55 38.28
C LEU B 235 -18.62 67.79 38.89
N VAL B 236 -18.43 67.98 40.19
CA VAL B 236 -18.95 69.16 40.87
C VAL B 236 -17.98 70.32 40.72
N ARG B 237 -18.46 71.41 40.12
CA ARG B 237 -17.62 72.57 39.85
C ARG B 237 -17.96 73.72 40.79
N LEU B 238 -19.14 73.66 41.38
CA LEU B 238 -19.63 74.74 42.24
C LEU B 238 -20.32 74.20 43.48
N ILE B 239 -20.01 74.79 44.63
CA ILE B 239 -20.65 74.42 45.88
C ILE B 239 -21.09 75.66 46.65
N ILE B 240 -22.36 75.72 47.02
CA ILE B 240 -22.92 76.87 47.72
C ILE B 240 -23.26 76.53 49.17
N ILE B 241 -22.82 77.38 50.09
CA ILE B 241 -23.06 77.16 51.51
C ILE B 241 -23.99 78.23 52.08
N ASP B 242 -25.28 77.95 52.09
CA ASP B 242 -26.26 78.88 52.65
C ASP B 242 -26.24 78.81 54.17
N GLU B 243 -26.37 79.97 54.81
CA GLU B 243 -26.32 80.06 56.26
C GLU B 243 -24.97 79.56 56.77
N ILE B 244 -23.89 80.08 56.20
CA ILE B 244 -22.56 79.60 56.50
C ILE B 244 -22.09 80.03 57.89
N HIS B 245 -22.84 80.93 58.52
CA HIS B 245 -22.50 81.37 59.87
C HIS B 245 -22.88 80.30 60.88
N LEU B 246 -23.31 79.15 60.37
CA LEU B 246 -23.63 78.00 61.20
C LEU B 246 -22.36 77.38 61.77
N LEU B 247 -21.22 77.91 61.35
CA LEU B 247 -19.92 77.47 61.87
C LEU B 247 -19.84 77.66 63.36
N HIS B 248 -20.67 78.56 63.87
CA HIS B 248 -20.71 78.87 65.30
C HIS B 248 -21.36 77.73 66.08
N ASP B 249 -22.42 77.16 65.50
CA ASP B 249 -23.14 76.06 66.13
C ASP B 249 -22.26 74.82 66.25
N ASP B 250 -22.71 73.84 67.03
CA ASP B 250 -21.97 72.61 67.21
C ASP B 250 -21.91 71.79 65.92
N ARG B 251 -22.65 72.23 64.92
CA ARG B 251 -22.63 71.60 63.60
C ARG B 251 -21.60 72.26 62.70
N GLY B 252 -20.91 73.26 63.24
CA GLY B 252 -19.89 73.98 62.51
C GLY B 252 -18.80 73.09 61.91
N PRO B 253 -18.22 72.20 62.74
CA PRO B 253 -17.18 71.28 62.29
C PRO B 253 -17.56 70.51 61.03
N VAL B 254 -18.86 70.34 60.80
CA VAL B 254 -19.33 69.69 59.58
C VAL B 254 -18.97 70.53 58.37
N LEU B 255 -19.22 71.83 58.45
CA LEU B 255 -18.90 72.73 57.36
C LEU B 255 -17.39 72.83 57.15
N GLU B 256 -16.65 72.81 58.25
CA GLU B 256 -15.19 72.92 58.18
C GLU B 256 -14.59 71.65 57.59
N SER B 257 -15.24 70.52 57.85
CA SER B 257 -14.78 69.25 57.28
C SER B 257 -15.03 69.23 55.78
N ILE B 258 -16.10 69.90 55.36
CA ILE B 258 -16.48 69.94 53.95
C ILE B 258 -15.59 70.88 53.15
N VAL B 259 -15.47 72.12 53.61
CA VAL B 259 -14.75 73.15 52.87
C VAL B 259 -13.24 72.92 52.87
N SER B 260 -12.71 72.51 54.00
CA SER B 260 -11.26 72.37 54.16
C SER B 260 -10.66 71.34 53.21
N ARG B 261 -11.34 70.22 53.04
CA ARG B 261 -10.81 69.14 52.21
C ARG B 261 -10.91 69.47 50.73
N THR B 262 -11.99 70.16 50.35
CA THR B 262 -12.22 70.49 48.95
C THR B 262 -11.27 71.58 48.48
N ILE B 263 -11.06 72.60 49.31
CA ILE B 263 -10.16 73.69 48.96
C ILE B 263 -8.72 73.21 48.88
N ARG B 264 -8.35 72.29 49.78
CA ARG B 264 -7.01 71.72 49.79
C ARG B 264 -6.73 70.97 48.49
N ARG B 265 -7.69 70.12 48.11
CA ARG B 265 -7.56 69.34 46.89
C ARG B 265 -7.42 70.25 45.68
N THR B 266 -8.13 71.38 45.73
CA THR B 266 -8.11 72.34 44.63
C THR B 266 -6.75 72.99 44.48
N GLU B 267 -6.13 73.31 45.61
CA GLU B 267 -4.83 73.99 45.60
C GLU B 267 -3.68 73.01 45.47
N GLN B 268 -3.94 71.73 45.71
CA GLN B 268 -2.88 70.72 45.65
C GLN B 268 -2.96 69.91 44.36
N THR B 269 -4.06 70.03 43.64
CA THR B 269 -4.24 69.28 42.40
C THR B 269 -4.39 70.21 41.21
N GLY B 270 -5.09 71.33 41.41
CA GLY B 270 -5.25 72.32 40.37
C GLY B 270 -6.68 72.46 39.88
N GLU B 271 -7.42 71.36 39.89
CA GLU B 271 -8.81 71.38 39.44
C GLU B 271 -9.65 72.30 40.33
N PRO B 272 -10.22 73.35 39.73
CA PRO B 272 -10.94 74.39 40.45
C PRO B 272 -12.34 73.97 40.92
N VAL B 273 -12.64 74.23 42.19
CA VAL B 273 -13.97 74.02 42.73
C VAL B 273 -14.44 75.29 43.42
N ARG B 274 -15.28 76.07 42.72
CA ARG B 274 -15.71 77.35 43.22
C ARG B 274 -16.64 77.20 44.42
N ILE B 275 -16.44 78.06 45.42
CA ILE B 275 -17.24 78.03 46.64
C ILE B 275 -17.92 79.37 46.90
N ILE B 276 -19.23 79.32 47.12
CA ILE B 276 -20.00 80.52 47.43
C ILE B 276 -20.55 80.47 48.83
N GLY B 277 -20.20 81.46 49.64
CA GLY B 277 -20.62 81.49 51.03
C GLY B 277 -21.71 82.51 51.33
N LEU B 278 -22.91 82.01 51.64
CA LEU B 278 -24.02 82.87 52.00
C LEU B 278 -24.16 82.93 53.53
N SER B 279 -23.95 84.12 54.09
CA SER B 279 -23.94 84.28 55.53
C SER B 279 -24.81 85.44 56.00
N ALA B 280 -25.15 85.44 57.28
CA ALA B 280 -25.90 86.53 57.88
C ALA B 280 -24.95 87.62 58.35
N THR B 281 -25.50 88.81 58.59
CA THR B 281 -24.68 89.96 58.98
C THR B 281 -24.11 89.80 60.39
N LEU B 282 -22.98 89.11 60.47
CA LEU B 282 -22.28 88.94 61.75
C LEU B 282 -20.80 89.23 61.60
N PRO B 283 -20.12 89.48 62.73
CA PRO B 283 -18.68 89.76 62.75
C PRO B 283 -17.84 88.58 62.27
N ASN B 284 -16.55 88.82 62.09
CA ASN B 284 -15.62 87.79 61.65
C ASN B 284 -15.89 87.31 60.23
N TYR B 285 -16.69 88.06 59.49
CA TYR B 285 -16.99 87.72 58.11
C TYR B 285 -15.72 87.78 57.27
N ARG B 286 -14.81 88.66 57.67
CA ARG B 286 -13.54 88.81 56.98
C ARG B 286 -12.67 87.57 57.19
N ASP B 287 -12.77 86.99 58.38
CA ASP B 287 -12.04 85.76 58.69
C ASP B 287 -12.61 84.58 57.91
N VAL B 288 -13.93 84.57 57.75
CA VAL B 288 -14.59 83.52 57.00
C VAL B 288 -14.19 83.60 55.52
N ALA B 289 -13.94 84.83 55.06
CA ALA B 289 -13.52 85.05 53.69
C ALA B 289 -12.15 84.44 53.45
N SER B 290 -11.22 84.68 54.36
CA SER B 290 -9.88 84.12 54.26
C SER B 290 -9.95 82.60 54.40
N PHE B 291 -10.93 82.13 55.15
CA PHE B 291 -11.13 80.70 55.34
C PHE B 291 -11.59 80.04 54.05
N LEU B 292 -12.36 80.77 53.25
CA LEU B 292 -12.85 80.26 51.98
C LEU B 292 -11.90 80.61 50.84
N ARG B 293 -10.75 81.17 51.20
CA ARG B 293 -9.75 81.59 50.22
C ARG B 293 -10.36 82.62 49.27
N VAL B 294 -11.17 83.51 49.81
CA VAL B 294 -11.84 84.54 49.02
C VAL B 294 -10.99 85.80 48.91
N ASP B 295 -10.90 86.34 47.70
CA ASP B 295 -10.18 87.59 47.48
C ASP B 295 -11.03 88.75 47.97
N PHE B 296 -10.50 89.47 48.96
CA PHE B 296 -11.24 90.57 49.59
C PHE B 296 -11.72 91.60 48.58
N GLU B 297 -10.85 91.97 47.65
CA GLU B 297 -11.15 93.01 46.69
C GLU B 297 -12.17 92.56 45.64
N LYS B 298 -12.42 91.26 45.58
CA LYS B 298 -13.21 90.71 44.48
C LYS B 298 -14.48 89.99 44.92
N GLY B 299 -14.37 89.10 45.89
CA GLY B 299 -15.49 88.26 46.27
C GLY B 299 -16.06 88.47 47.65
N LEU B 300 -15.62 89.52 48.34
CA LEU B 300 -16.11 89.82 49.68
C LEU B 300 -17.22 90.87 49.65
N PHE B 301 -18.35 90.53 50.26
CA PHE B 301 -19.48 91.44 50.30
C PHE B 301 -20.21 91.38 51.64
N TYR B 302 -19.94 92.35 52.50
CA TYR B 302 -20.61 92.44 53.79
C TYR B 302 -21.63 93.58 53.76
N PHE B 303 -22.84 93.27 53.32
CA PHE B 303 -23.91 94.26 53.27
C PHE B 303 -24.49 94.48 54.67
N ASP B 304 -24.64 95.74 55.04
CA ASP B 304 -25.06 96.11 56.39
C ASP B 304 -26.48 95.64 56.71
N GLY B 305 -26.87 95.79 57.97
CA GLY B 305 -28.19 95.38 58.42
C GLY B 305 -29.30 96.28 57.92
N SER B 306 -28.94 97.49 57.52
CA SER B 306 -29.91 98.44 57.01
C SER B 306 -30.47 97.98 55.67
N TYR B 307 -29.80 97.00 55.06
CA TYR B 307 -30.25 96.43 53.80
C TYR B 307 -31.40 95.45 54.02
N ARG B 308 -31.76 95.26 55.29
CA ARG B 308 -32.89 94.41 55.64
C ARG B 308 -34.15 94.88 54.91
N PRO B 309 -34.93 93.93 54.39
CA PRO B 309 -36.11 94.23 53.57
C PRO B 309 -37.09 95.17 54.28
N CYS B 310 -37.22 95.01 55.59
CA CYS B 310 -38.12 95.84 56.37
C CYS B 310 -37.50 96.17 57.72
N PRO B 311 -37.40 97.47 58.05
CA PRO B 311 -36.86 97.94 59.33
C PRO B 311 -37.57 97.29 60.51
N LEU B 312 -36.83 97.04 61.59
CA LEU B 312 -37.39 96.32 62.72
C LEU B 312 -37.22 97.06 64.05
N ARG B 313 -38.30 97.18 64.79
CA ARG B 313 -38.24 97.70 66.15
C ARG B 313 -38.09 96.54 67.13
N GLN B 314 -36.93 96.44 67.75
CA GLN B 314 -36.62 95.31 68.61
C GLN B 314 -36.58 95.68 70.08
N GLU B 315 -37.35 94.98 70.89
CA GLU B 315 -37.34 95.17 72.34
C GLU B 315 -36.96 93.86 73.03
N PHE B 316 -36.15 93.97 74.07
CA PHE B 316 -35.62 92.79 74.77
C PHE B 316 -36.15 92.70 76.19
N ILE B 317 -37.06 91.75 76.42
CA ILE B 317 -37.66 91.58 77.74
C ILE B 317 -36.87 90.60 78.59
N GLY B 318 -36.30 91.11 79.68
CA GLY B 318 -35.51 90.28 80.57
C GLY B 318 -36.19 90.02 81.90
N VAL B 319 -36.67 88.79 82.09
CA VAL B 319 -37.32 88.40 83.33
C VAL B 319 -36.33 88.42 84.48
N THR B 320 -36.76 88.98 85.62
CA THR B 320 -35.87 89.12 86.77
C THR B 320 -36.23 88.13 87.88
N ASP B 321 -37.38 87.48 87.77
CA ASP B 321 -37.78 86.46 88.73
C ASP B 321 -36.81 85.29 88.69
N LYS B 322 -36.43 84.79 89.87
CA LYS B 322 -35.39 83.77 89.97
C LYS B 322 -35.96 82.35 89.98
N LYS B 323 -37.24 82.22 90.27
CA LYS B 323 -37.87 80.91 90.35
C LYS B 323 -38.51 80.51 89.02
N ALA B 324 -38.33 79.25 88.64
CA ALA B 324 -38.81 78.75 87.35
C ALA B 324 -40.31 78.90 87.20
N ILE B 325 -41.04 78.57 88.26
CA ILE B 325 -42.50 78.65 88.23
C ILE B 325 -42.95 80.11 88.10
N LYS B 326 -42.27 80.99 88.83
CA LYS B 326 -42.61 82.41 88.81
C LYS B 326 -42.22 83.03 87.47
N GLN B 327 -41.16 82.52 86.86
CA GLN B 327 -40.72 83.01 85.55
C GLN B 327 -41.77 82.74 84.49
N LEU B 328 -42.32 81.52 84.51
CA LEU B 328 -43.35 81.13 83.54
C LEU B 328 -44.57 82.04 83.66
N LYS B 329 -45.01 82.25 84.90
CA LYS B 329 -46.16 83.12 85.16
C LYS B 329 -45.90 84.53 84.65
N THR B 330 -44.68 85.02 84.87
CA THR B 330 -44.30 86.35 84.41
C THR B 330 -44.33 86.44 82.89
N MET B 331 -43.70 85.48 82.22
CA MET B 331 -43.64 85.47 80.76
C MET B 331 -45.02 85.45 80.14
N ASN B 332 -45.87 84.56 80.65
CA ASN B 332 -47.23 84.43 80.13
C ASN B 332 -48.04 85.71 80.34
N ASP B 333 -47.83 86.37 81.48
CA ASP B 333 -48.50 87.63 81.75
C ASP B 333 -47.99 88.73 80.83
N ILE B 334 -46.68 88.75 80.62
CA ILE B 334 -46.06 89.74 79.73
C ILE B 334 -46.58 89.59 78.31
N THR B 335 -46.67 88.35 77.86
CA THR B 335 -47.19 88.05 76.53
C THR B 335 -48.65 88.49 76.43
N TYR B 336 -49.39 88.30 77.52
CA TYR B 336 -50.78 88.71 77.59
C TYR B 336 -50.94 90.21 77.45
N GLN B 337 -50.01 90.96 78.04
CA GLN B 337 -50.04 92.42 77.98
C GLN B 337 -49.53 92.93 76.65
N LYS B 338 -48.61 92.19 76.04
CA LYS B 338 -48.05 92.59 74.75
C LYS B 338 -49.03 92.37 73.62
N VAL B 339 -49.74 91.24 73.66
CA VAL B 339 -50.77 90.97 72.66
C VAL B 339 -51.92 91.95 72.83
N LEU B 340 -52.19 92.30 74.09
CA LEU B 340 -53.26 93.24 74.40
C LEU B 340 -52.89 94.65 73.95
N GLU B 341 -51.60 94.94 73.94
CA GLU B 341 -51.11 96.24 73.48
C GLU B 341 -51.07 96.31 71.97
N HIS B 342 -50.83 95.16 71.33
CA HIS B 342 -50.76 95.11 69.87
C HIS B 342 -52.13 94.85 69.26
N VAL B 343 -52.51 93.58 69.12
CA VAL B 343 -53.77 93.21 68.46
C VAL B 343 -54.96 94.04 68.92
N GLY B 344 -54.85 94.60 70.12
CA GLY B 344 -55.80 95.60 70.60
C GLY B 344 -55.13 96.96 70.65
N GLN B 345 -55.75 97.95 70.03
CA GLN B 345 -55.24 99.32 69.95
C GLN B 345 -54.14 99.45 68.90
N ASN B 346 -53.56 98.32 68.49
CA ASN B 346 -52.60 98.29 67.39
C ASN B 346 -53.00 97.21 66.38
N ARG B 347 -54.06 97.50 65.61
CA ARG B 347 -54.76 96.52 64.77
C ARG B 347 -53.92 95.41 64.15
N ASN B 348 -52.66 95.70 63.87
CA ASN B 348 -51.79 94.71 63.23
C ASN B 348 -51.65 93.42 64.05
N GLN B 349 -51.62 92.30 63.34
CA GLN B 349 -51.60 90.98 63.97
C GLN B 349 -50.20 90.59 64.44
N MET B 350 -50.07 89.37 64.95
CA MET B 350 -48.80 88.90 65.50
C MET B 350 -48.76 87.38 65.65
N LEU B 351 -47.56 86.82 65.64
CA LEU B 351 -47.38 85.39 65.89
C LEU B 351 -46.35 85.16 66.98
N ILE B 352 -46.62 84.19 67.84
CA ILE B 352 -45.75 83.92 68.99
C ILE B 352 -45.06 82.56 68.87
N PHE B 353 -43.74 82.55 68.92
CA PHE B 353 -42.96 81.32 68.80
C PHE B 353 -42.74 80.65 70.14
N VAL B 354 -43.20 79.41 70.26
CA VAL B 354 -42.96 78.61 71.46
C VAL B 354 -42.14 77.38 71.07
N HIS B 355 -41.60 76.69 72.07
CA HIS B 355 -40.68 75.59 71.81
C HIS B 355 -41.25 74.23 72.21
N SER B 356 -42.51 73.99 71.84
CA SER B 356 -43.16 72.72 72.15
C SER B 356 -44.50 72.59 71.44
N ARG B 357 -44.92 71.35 71.19
CA ARG B 357 -46.20 71.11 70.55
C ARG B 357 -47.36 71.29 71.52
N LYS B 358 -47.08 71.07 72.81
CA LYS B 358 -48.10 71.24 73.83
C LYS B 358 -48.03 72.64 74.44
N GLU B 359 -46.84 73.24 74.39
CA GLU B 359 -46.63 74.56 74.96
C GLU B 359 -47.26 75.64 74.08
N THR B 360 -47.46 75.32 72.81
CA THR B 360 -48.12 76.25 71.90
C THR B 360 -49.61 76.30 72.18
N ALA B 361 -50.16 75.18 72.60
CA ALA B 361 -51.57 75.10 72.94
C ALA B 361 -51.84 75.72 74.30
N LYS B 362 -50.88 75.56 75.21
CA LYS B 362 -51.01 76.12 76.55
C LYS B 362 -50.87 77.63 76.52
N THR B 363 -49.99 78.12 75.66
CA THR B 363 -49.78 79.57 75.51
C THR B 363 -51.00 80.23 74.88
N ALA B 364 -51.50 79.63 73.80
CA ALA B 364 -52.65 80.18 73.10
C ALA B 364 -53.89 80.18 73.99
N LYS B 365 -54.07 79.10 74.73
CA LYS B 365 -55.21 78.99 75.64
C LYS B 365 -55.04 79.91 76.85
N TYR B 366 -53.81 80.05 77.31
CA TYR B 366 -53.53 80.88 78.48
C TYR B 366 -53.91 82.33 78.24
N ILE B 367 -53.64 82.82 77.03
CA ILE B 367 -53.89 84.21 76.71
C ILE B 367 -55.37 84.54 76.70
N ARG B 368 -56.19 83.62 76.21
CA ARG B 368 -57.63 83.85 76.15
C ARG B 368 -58.32 83.43 77.46
N ASP B 369 -57.74 82.45 78.14
CA ASP B 369 -58.28 82.04 79.44
C ASP B 369 -58.15 83.14 80.46
N LYS B 370 -57.01 83.84 80.43
CA LYS B 370 -56.81 85.00 81.28
C LYS B 370 -57.34 86.25 80.58
N ALA B 371 -57.71 86.10 79.32
CA ALA B 371 -58.25 87.20 78.54
C ALA B 371 -59.56 87.68 79.13
N LEU B 372 -60.26 86.80 79.84
CA LEU B 372 -61.55 87.13 80.43
C LEU B 372 -61.40 88.05 81.65
N GLU B 373 -60.68 89.15 81.45
CA GLU B 373 -60.69 90.25 82.38
C GLU B 373 -61.59 91.33 81.77
N MET B 374 -62.53 90.85 80.96
CA MET B 374 -63.41 91.69 80.15
C MET B 374 -62.66 92.25 78.93
N ASP B 375 -61.47 91.70 78.68
CA ASP B 375 -60.66 92.13 77.55
C ASP B 375 -61.23 91.64 76.22
N THR B 376 -62.52 91.90 76.01
CA THR B 376 -63.20 91.47 74.79
C THR B 376 -62.83 92.37 73.62
N ILE B 377 -62.09 93.43 73.92
CA ILE B 377 -61.74 94.48 72.95
C ILE B 377 -61.46 93.97 71.54
N ASN B 378 -60.30 93.36 71.33
CA ASN B 378 -59.94 92.84 70.01
C ASN B 378 -60.84 91.68 69.61
N GLN B 379 -61.28 90.91 70.60
CA GLN B 379 -62.20 89.80 70.36
C GLN B 379 -63.54 90.34 69.88
N ILE B 380 -64.01 91.40 70.54
CA ILE B 380 -65.28 92.02 70.19
C ILE B 380 -65.17 92.78 68.87
N LEU B 381 -64.01 93.36 68.62
CA LEU B 381 -63.74 93.99 67.32
C LEU B 381 -63.37 92.92 66.30
N LYS B 382 -63.60 91.67 66.67
CA LYS B 382 -63.58 90.56 65.73
C LYS B 382 -65.01 90.18 65.40
N HIS B 383 -65.87 90.18 66.43
CA HIS B 383 -67.28 89.88 66.25
C HIS B 383 -68.00 91.03 65.55
N ASP B 384 -67.30 92.16 65.45
CA ASP B 384 -67.86 93.34 64.79
C ASP B 384 -68.13 93.05 63.32
N ALA B 385 -67.20 92.34 62.68
CA ALA B 385 -67.34 91.98 61.28
C ALA B 385 -67.97 90.61 61.14
N GLY B 386 -68.57 90.36 59.98
CA GLY B 386 -69.19 89.07 59.71
C GLY B 386 -68.15 88.01 59.43
N THR B 387 -66.91 88.44 59.23
CA THR B 387 -65.82 87.52 58.92
C THR B 387 -65.59 86.52 60.05
N ARG B 388 -65.57 87.03 61.28
CA ARG B 388 -65.40 86.17 62.45
C ARG B 388 -66.53 85.16 62.54
N GLU B 389 -67.75 85.64 62.31
CA GLU B 389 -68.93 84.77 62.35
C GLU B 389 -68.89 83.75 61.21
N VAL B 390 -68.40 84.19 60.05
CA VAL B 390 -68.40 83.36 58.86
C VAL B 390 -67.20 82.43 58.77
N LEU B 391 -66.03 82.90 59.19
CA LEU B 391 -64.79 82.15 59.01
C LEU B 391 -64.43 81.29 60.21
N GLN B 392 -64.53 81.85 61.41
CA GLN B 392 -64.11 81.15 62.62
C GLN B 392 -64.87 79.83 62.81
N GLU B 393 -66.16 79.84 62.54
CA GLU B 393 -66.98 78.65 62.78
C GLU B 393 -66.84 77.64 61.65
N ALA B 394 -66.87 78.12 60.41
CA ALA B 394 -66.76 77.24 59.25
C ALA B 394 -65.37 76.58 59.18
N ALA B 395 -64.35 77.36 59.49
CA ALA B 395 -62.98 76.87 59.45
C ALA B 395 -62.69 75.92 60.61
N SER B 396 -63.24 76.23 61.77
CA SER B 396 -63.01 75.43 62.97
C SER B 396 -63.71 74.07 62.88
N SER B 397 -64.72 73.99 62.02
CA SER B 397 -65.49 72.76 61.88
C SER B 397 -64.95 71.88 60.76
N VAL B 398 -64.22 72.49 59.83
CA VAL B 398 -63.69 71.75 58.68
C VAL B 398 -62.37 71.07 59.00
N ASN B 399 -61.59 71.65 59.91
CA ASN B 399 -60.30 71.09 60.27
C ASN B 399 -60.44 69.80 61.06
N ASN B 400 -59.48 68.90 60.89
CA ASN B 400 -59.49 67.63 61.60
C ASN B 400 -58.93 67.77 63.02
N THR B 401 -57.96 68.67 63.16
CA THR B 401 -57.27 68.85 64.43
C THR B 401 -58.17 69.40 65.52
N ASP B 402 -58.20 68.72 66.66
CA ASP B 402 -58.95 69.21 67.82
C ASP B 402 -58.13 70.29 68.51
N LEU B 403 -58.64 70.79 69.64
CA LEU B 403 -57.98 71.87 70.36
C LEU B 403 -57.96 73.15 69.53
N LYS B 404 -58.69 73.13 68.42
CA LYS B 404 -58.82 74.30 67.57
C LYS B 404 -60.08 75.08 67.92
N ASP B 405 -60.55 74.88 69.15
CA ASP B 405 -61.72 75.59 69.65
C ASP B 405 -61.37 77.05 69.92
N LEU B 406 -60.07 77.34 70.01
CA LEU B 406 -59.61 78.70 70.21
C LEU B 406 -59.51 79.44 68.89
N LEU B 407 -59.65 78.70 67.80
CA LEU B 407 -59.71 79.30 66.47
C LEU B 407 -60.91 80.24 66.38
N PRO B 408 -62.08 79.78 66.87
CA PRO B 408 -63.26 80.66 66.98
C PRO B 408 -63.09 81.74 68.06
N TYR B 409 -61.86 82.15 68.31
CA TYR B 409 -61.59 83.22 69.25
C TYR B 409 -60.52 84.17 68.72
N GLY B 410 -60.10 83.93 67.48
CA GLY B 410 -59.11 84.77 66.82
C GLY B 410 -57.69 84.26 66.98
N PHE B 411 -57.51 83.23 67.80
CA PHE B 411 -56.19 82.66 68.01
C PHE B 411 -55.93 81.47 67.11
N GLY B 412 -54.67 81.08 66.99
CA GLY B 412 -54.30 79.95 66.15
C GLY B 412 -53.06 79.23 66.64
N ILE B 413 -52.98 77.94 66.33
CA ILE B 413 -51.85 77.12 66.73
C ILE B 413 -51.25 76.42 65.50
N HIS B 414 -49.93 76.34 65.45
CA HIS B 414 -49.26 75.75 64.29
C HIS B 414 -48.06 74.89 64.68
N HIS B 415 -48.19 73.58 64.50
CA HIS B 415 -47.09 72.66 64.76
C HIS B 415 -47.16 71.46 63.82
N ALA B 416 -46.08 70.69 63.76
CA ALA B 416 -45.98 69.58 62.83
C ALA B 416 -46.93 68.44 63.18
N GLY B 417 -47.53 68.51 64.35
CA GLY B 417 -48.46 67.49 64.80
C GLY B 417 -49.83 67.61 64.16
N MET B 418 -50.06 68.71 63.46
CA MET B 418 -51.33 68.93 62.78
C MET B 418 -51.23 68.54 61.31
N SER B 419 -52.34 68.09 60.74
CA SER B 419 -52.36 67.71 59.33
C SER B 419 -51.99 68.90 58.45
N ARG B 420 -51.26 68.63 57.37
CA ARG B 420 -50.80 69.68 56.48
C ARG B 420 -51.96 70.33 55.73
N ALA B 421 -53.12 69.70 55.81
CA ALA B 421 -54.31 70.22 55.16
C ALA B 421 -54.87 71.44 55.90
N ASP B 422 -55.42 71.20 57.09
CA ASP B 422 -56.00 72.29 57.88
C ASP B 422 -54.91 73.22 58.41
N ARG B 423 -53.66 72.77 58.35
CA ARG B 423 -52.53 73.61 58.73
C ARG B 423 -52.32 74.68 57.68
N THR B 424 -52.44 74.30 56.41
CA THR B 424 -52.36 75.26 55.32
C THR B 424 -53.59 76.16 55.33
N ASP B 425 -54.66 75.68 55.94
CA ASP B 425 -55.86 76.50 56.16
C ASP B 425 -55.55 77.60 57.16
N VAL B 426 -54.78 77.25 58.19
CA VAL B 426 -54.37 78.21 59.20
C VAL B 426 -53.40 79.23 58.60
N GLU B 427 -52.51 78.75 57.73
CA GLU B 427 -51.55 79.62 57.07
C GLU B 427 -52.25 80.61 56.16
N ASP B 428 -53.27 80.14 55.45
CA ASP B 428 -54.04 80.99 54.55
C ASP B 428 -54.93 81.95 55.34
N LEU B 429 -55.48 81.47 56.46
CA LEU B 429 -56.30 82.29 57.32
C LEU B 429 -55.51 83.47 57.89
N PHE B 430 -54.29 83.19 58.33
CA PHE B 430 -53.43 84.21 58.89
C PHE B 430 -52.95 85.17 57.80
N ALA B 431 -52.74 84.63 56.61
CA ALA B 431 -52.31 85.44 55.48
C ALA B 431 -53.44 86.35 55.01
N SER B 432 -54.67 85.99 55.39
CA SER B 432 -55.84 86.80 55.04
C SER B 432 -56.20 87.74 56.17
N GLY B 433 -55.42 87.71 57.24
CA GLY B 433 -55.64 88.58 58.38
C GLY B 433 -56.95 88.32 59.09
N HIS B 434 -57.30 87.05 59.25
CA HIS B 434 -58.55 86.67 59.90
C HIS B 434 -58.29 86.09 61.29
N ILE B 435 -57.03 85.86 61.60
CA ILE B 435 -56.61 85.46 62.94
C ILE B 435 -55.43 86.32 63.37
N GLN B 436 -55.60 87.01 64.50
CA GLN B 436 -54.64 88.02 64.93
C GLN B 436 -53.40 87.43 65.60
N VAL B 437 -53.60 86.39 66.41
CA VAL B 437 -52.50 85.79 67.14
C VAL B 437 -52.31 84.31 66.79
N LEU B 438 -51.12 83.97 66.32
CA LEU B 438 -50.81 82.60 65.94
C LEU B 438 -49.57 82.08 66.66
N VAL B 439 -49.78 81.20 67.62
CA VAL B 439 -48.67 80.58 68.33
C VAL B 439 -48.20 79.34 67.58
N CYS B 440 -46.90 79.23 67.35
CA CYS B 440 -46.35 78.15 66.56
C CYS B 440 -44.93 77.78 66.96
N THR B 441 -44.52 76.56 66.63
CA THR B 441 -43.17 76.10 66.90
C THR B 441 -42.19 76.71 65.91
N ALA B 442 -40.94 76.28 65.96
CA ALA B 442 -39.91 76.79 65.07
C ALA B 442 -40.19 76.35 63.63
N THR B 443 -41.15 75.46 63.46
CA THR B 443 -41.52 74.93 62.15
C THR B 443 -41.92 76.05 61.19
N LEU B 444 -42.63 77.05 61.71
CA LEU B 444 -43.10 78.15 60.88
C LEU B 444 -41.95 79.06 60.48
N ALA B 445 -40.82 78.91 61.15
CA ALA B 445 -39.64 79.73 60.88
C ALA B 445 -38.86 79.18 59.69
N TRP B 446 -38.87 77.86 59.54
CA TRP B 446 -38.14 77.22 58.45
C TRP B 446 -39.10 76.66 57.40
N GLY B 447 -38.99 77.16 56.18
CA GLY B 447 -39.81 76.69 55.08
C GLY B 447 -40.94 77.65 54.75
N VAL B 448 -42.03 77.56 55.50
CA VAL B 448 -43.18 78.43 55.29
C VAL B 448 -42.86 79.86 55.68
N ASN B 449 -43.38 80.82 54.91
CA ASN B 449 -43.17 82.23 55.22
C ASN B 449 -44.49 82.94 55.54
N LEU B 450 -44.60 83.44 56.75
CA LEU B 450 -45.77 84.20 57.17
C LEU B 450 -45.36 85.51 57.82
N PRO B 451 -45.32 86.59 57.02
CA PRO B 451 -44.95 87.92 57.52
C PRO B 451 -46.02 88.48 58.45
N ALA B 452 -45.59 88.92 59.63
CA ALA B 452 -46.50 89.53 60.61
C ALA B 452 -45.84 90.78 61.19
N HIS B 453 -46.66 91.79 61.49
CA HIS B 453 -46.16 93.05 62.02
C HIS B 453 -45.42 92.85 63.33
N THR B 454 -45.77 91.80 64.06
CA THR B 454 -45.18 91.54 65.37
C THR B 454 -44.82 90.07 65.57
N VAL B 455 -43.60 89.85 66.05
CA VAL B 455 -43.14 88.49 66.34
C VAL B 455 -42.56 88.44 67.75
N ILE B 456 -42.88 87.39 68.48
CA ILE B 456 -42.41 87.24 69.85
C ILE B 456 -41.84 85.85 70.10
N ILE B 457 -40.76 85.80 70.88
CA ILE B 457 -40.16 84.54 71.27
C ILE B 457 -40.36 84.31 72.77
N LYS B 458 -41.48 83.74 73.15
CA LYS B 458 -41.78 83.49 74.55
C LYS B 458 -40.87 82.40 75.09
N GLY B 459 -40.00 82.78 76.03
CA GLY B 459 -39.03 81.86 76.57
C GLY B 459 -37.85 81.69 75.64
N THR B 460 -36.72 81.28 76.19
CA THR B 460 -35.50 81.13 75.42
C THR B 460 -34.87 79.76 75.65
N GLN B 461 -35.13 79.19 76.81
CA GLN B 461 -34.57 77.89 77.17
C GLN B 461 -35.30 76.74 76.49
N VAL B 462 -34.55 75.86 75.85
CA VAL B 462 -35.12 74.69 75.21
C VAL B 462 -34.36 73.44 75.64
N TYR B 463 -35.02 72.28 75.55
CA TYR B 463 -34.39 71.03 75.96
C TYR B 463 -33.54 70.41 74.86
N SER B 464 -32.32 70.02 75.21
CA SER B 464 -31.41 69.40 74.25
C SER B 464 -30.99 68.03 74.73
N PRO B 465 -31.54 66.97 74.10
CA PRO B 465 -31.21 65.59 74.43
C PRO B 465 -29.71 65.33 74.31
N GLU B 466 -29.08 65.99 73.36
CA GLU B 466 -27.64 65.86 73.16
C GLU B 466 -26.90 66.27 74.43
N LYS B 467 -27.10 67.52 74.84
CA LYS B 467 -26.52 68.01 76.08
C LYS B 467 -27.20 67.36 77.28
N GLY B 468 -28.40 66.83 77.05
CA GLY B 468 -29.13 66.14 78.09
C GLY B 468 -29.69 67.07 79.15
N SER B 469 -29.86 68.34 78.79
CA SER B 469 -30.39 69.33 79.71
C SER B 469 -31.01 70.50 78.98
N TRP B 470 -31.41 71.52 79.74
CA TRP B 470 -32.01 72.72 79.15
C TRP B 470 -30.93 73.75 78.84
N VAL B 471 -30.79 74.07 77.56
CA VAL B 471 -29.80 75.05 77.12
C VAL B 471 -30.50 76.18 76.37
N GLU B 472 -29.80 77.29 76.20
CA GLU B 472 -30.37 78.46 75.53
C GLU B 472 -30.60 78.18 74.06
N LEU B 473 -31.44 79.00 73.43
CA LEU B 473 -31.80 78.83 72.03
C LEU B 473 -30.60 78.92 71.10
N SER B 474 -30.78 78.45 69.87
CA SER B 474 -29.76 78.54 68.84
C SER B 474 -29.92 79.81 68.02
N PRO B 475 -28.83 80.56 67.84
CA PRO B 475 -28.84 81.84 67.13
C PRO B 475 -29.46 81.75 65.74
N GLN B 476 -29.30 80.61 65.09
CA GLN B 476 -29.91 80.40 63.77
C GLN B 476 -31.43 80.38 63.90
N ASP B 477 -31.92 79.77 64.97
CA ASP B 477 -33.36 79.74 65.23
C ASP B 477 -33.90 81.14 65.49
N VAL B 478 -33.22 81.86 66.38
CA VAL B 478 -33.65 83.20 66.75
C VAL B 478 -33.69 84.16 65.57
N LEU B 479 -32.62 84.14 64.77
CA LEU B 479 -32.51 85.04 63.63
C LEU B 479 -33.60 84.77 62.59
N GLN B 480 -33.88 83.50 62.34
CA GLN B 480 -34.85 83.13 61.32
C GLN B 480 -36.27 83.47 61.79
N MET B 481 -36.49 83.37 63.10
CA MET B 481 -37.78 83.70 63.69
C MET B 481 -38.08 85.19 63.56
N LEU B 482 -37.16 86.01 64.06
CA LEU B 482 -37.33 87.46 64.06
C LEU B 482 -37.15 88.07 62.67
N GLY B 483 -36.78 87.22 61.70
CA GLY B 483 -36.64 87.66 60.33
C GLY B 483 -38.00 87.77 59.66
N ARG B 484 -39.01 87.21 60.32
CA ARG B 484 -40.38 87.21 59.82
C ARG B 484 -41.18 88.30 60.52
N ALA B 485 -40.51 89.40 60.85
CA ALA B 485 -41.07 90.38 61.78
C ALA B 485 -41.72 91.59 61.11
N GLY B 486 -41.57 91.72 59.80
CA GLY B 486 -42.08 92.91 59.13
C GLY B 486 -42.41 92.77 57.66
N ARG B 487 -43.69 92.91 57.33
CA ARG B 487 -44.14 92.93 55.94
C ARG B 487 -43.56 94.16 55.25
N PRO B 488 -42.67 93.93 54.28
CA PRO B 488 -41.93 94.99 53.57
C PRO B 488 -42.84 96.02 52.89
N GLN B 489 -43.86 95.53 52.19
CA GLN B 489 -44.72 96.41 51.41
C GLN B 489 -45.98 96.81 52.17
N TYR B 490 -46.30 96.08 53.23
CA TYR B 490 -47.50 96.35 54.02
C TYR B 490 -47.19 97.19 55.25
N ASP B 491 -46.09 96.86 55.93
CA ASP B 491 -45.72 97.56 57.15
C ASP B 491 -44.51 98.46 56.93
N THR B 492 -44.50 99.61 57.58
CA THR B 492 -43.38 100.54 57.48
C THR B 492 -42.20 100.06 58.32
N TYR B 493 -42.50 99.30 59.37
CA TYR B 493 -41.47 98.73 60.22
C TYR B 493 -42.08 97.68 61.16
N GLY B 494 -41.38 96.55 61.29
CA GLY B 494 -41.86 95.47 62.11
C GLY B 494 -41.40 95.58 63.55
N GLU B 495 -41.99 94.77 64.43
CA GLU B 495 -41.63 94.79 65.84
C GLU B 495 -41.30 93.39 66.34
N GLY B 496 -40.10 93.23 66.86
CA GLY B 496 -39.66 91.95 67.37
C GLY B 496 -39.50 91.97 68.88
N ILE B 497 -40.04 90.96 69.54
CA ILE B 497 -39.97 90.85 70.99
C ILE B 497 -39.37 89.52 71.42
N ILE B 498 -38.34 89.59 72.26
CA ILE B 498 -37.67 88.39 72.74
C ILE B 498 -37.71 88.33 74.27
N ILE B 499 -38.47 87.37 74.80
CA ILE B 499 -38.60 87.21 76.24
C ILE B 499 -37.63 86.15 76.76
N THR B 500 -36.65 86.59 77.54
CA THR B 500 -35.65 85.67 78.08
C THR B 500 -35.26 86.08 79.51
N THR B 501 -34.43 85.26 80.14
CA THR B 501 -33.93 85.59 81.46
C THR B 501 -33.02 86.81 81.40
N GLN B 502 -32.84 87.46 82.55
CA GLN B 502 -32.07 88.70 82.62
C GLN B 502 -30.61 88.50 82.24
N GLY B 503 -30.03 87.39 82.68
CA GLY B 503 -28.62 87.14 82.48
C GLY B 503 -28.24 86.79 81.06
N GLU B 504 -29.23 86.64 80.18
CA GLU B 504 -28.98 86.26 78.80
C GLU B 504 -29.21 87.42 77.84
N ILE B 505 -29.60 88.57 78.38
CA ILE B 505 -29.87 89.73 77.54
C ILE B 505 -28.63 90.28 76.83
N PRO B 506 -27.45 90.19 77.47
CA PRO B 506 -26.28 90.71 76.75
C PRO B 506 -25.92 89.88 75.52
N TYR B 507 -26.42 88.65 75.47
CA TYR B 507 -26.14 87.76 74.35
C TYR B 507 -26.94 88.14 73.11
N TYR B 508 -28.25 88.30 73.29
CA TYR B 508 -29.15 88.55 72.18
C TYR B 508 -29.12 90.00 71.72
N LEU B 509 -28.54 90.87 72.53
CA LEU B 509 -28.27 92.23 72.08
C LEU B 509 -27.15 92.17 71.05
N SER B 510 -26.30 91.16 71.19
CA SER B 510 -25.20 90.95 70.26
C SER B 510 -25.69 90.28 68.99
N LEU B 511 -26.52 89.25 69.16
CA LEU B 511 -27.01 88.47 68.03
C LEU B 511 -27.92 89.29 67.11
N LEU B 512 -28.83 90.05 67.68
CA LEU B 512 -29.81 90.81 66.91
C LEU B 512 -29.28 92.17 66.48
N ASN B 513 -28.03 92.46 66.83
CA ASN B 513 -27.42 93.73 66.44
C ASN B 513 -26.09 93.54 65.72
N GLN B 514 -25.92 92.37 65.10
CA GLN B 514 -24.76 92.08 64.28
C GLN B 514 -23.46 92.22 65.05
N GLN B 515 -23.40 91.63 66.24
CA GLN B 515 -22.21 91.75 67.07
C GLN B 515 -21.74 90.42 67.64
N LEU B 516 -22.59 89.39 67.54
CA LEU B 516 -22.21 88.06 68.00
C LEU B 516 -21.29 87.40 66.98
N PRO B 517 -19.98 87.34 67.29
CA PRO B 517 -18.94 86.87 66.37
C PRO B 517 -19.12 85.43 65.94
N ILE B 518 -18.65 85.11 64.75
CA ILE B 518 -18.67 83.74 64.25
C ILE B 518 -17.39 83.03 64.66
N GLU B 519 -17.53 81.92 65.39
CA GLU B 519 -16.37 81.18 65.89
C GLU B 519 -16.38 79.74 65.42
N SER B 520 -15.32 79.01 65.74
CA SER B 520 -15.20 77.62 65.33
C SER B 520 -15.29 76.68 66.51
N GLN B 521 -15.95 75.54 66.30
CA GLN B 521 -16.08 74.52 67.34
C GLN B 521 -15.32 73.26 66.92
N LEU B 522 -14.34 73.44 66.05
CA LEU B 522 -13.62 72.33 65.44
C LEU B 522 -12.93 71.44 66.47
N VAL B 523 -12.42 72.06 67.53
CA VAL B 523 -11.69 71.32 68.55
C VAL B 523 -12.54 70.23 69.18
N SER B 524 -13.84 70.48 69.29
CA SER B 524 -14.76 69.51 69.85
C SER B 524 -14.85 68.26 68.98
N LYS B 525 -14.81 68.48 67.67
CA LYS B 525 -14.93 67.39 66.72
C LYS B 525 -13.64 67.20 65.91
N LEU B 526 -12.54 67.73 66.44
CA LEU B 526 -11.26 67.66 65.75
C LEU B 526 -10.78 66.22 65.59
N VAL B 527 -10.86 65.45 66.66
CA VAL B 527 -10.40 64.06 66.64
C VAL B 527 -11.15 63.24 65.60
N ASP B 528 -12.48 63.22 65.71
CA ASP B 528 -13.30 62.47 64.78
C ASP B 528 -13.18 63.01 63.35
N SER B 529 -12.88 64.29 63.23
CA SER B 529 -12.72 64.89 61.91
C SER B 529 -11.41 64.45 61.27
N LEU B 530 -10.35 64.43 62.07
CA LEU B 530 -9.04 64.00 61.60
C LEU B 530 -9.09 62.55 61.14
N ASN B 531 -9.82 61.73 61.90
CA ASN B 531 -9.97 60.32 61.58
C ASN B 531 -10.59 60.13 60.20
N ALA B 532 -11.49 61.04 59.82
CA ALA B 532 -12.17 60.96 58.54
C ALA B 532 -11.20 61.18 57.38
N GLU B 533 -10.33 62.17 57.53
CA GLU B 533 -9.36 62.49 56.50
C GLU B 533 -8.33 61.37 56.35
N ILE B 534 -8.08 60.65 57.44
CA ILE B 534 -7.18 59.51 57.40
C ILE B 534 -7.82 58.35 56.65
N VAL B 535 -9.13 58.20 56.83
CA VAL B 535 -9.87 57.14 56.15
C VAL B 535 -9.96 57.41 54.66
N LEU B 536 -10.13 58.68 54.29
CA LEU B 536 -10.22 59.06 52.88
C LEU B 536 -8.85 59.03 52.21
N GLY B 537 -7.80 58.93 53.02
CA GLY B 537 -6.44 58.89 52.50
C GLY B 537 -5.90 60.27 52.21
N ASN B 538 -6.70 61.30 52.51
CA ASN B 538 -6.28 62.68 52.32
C ASN B 538 -5.26 63.09 53.36
N VAL B 539 -5.13 62.30 54.41
CA VAL B 539 -4.15 62.54 55.46
C VAL B 539 -3.57 61.23 55.95
N ARG B 540 -2.32 60.96 55.57
CA ARG B 540 -1.65 59.72 55.98
C ARG B 540 -0.30 60.03 56.61
N ASN B 541 0.10 61.30 56.53
CA ASN B 541 1.27 61.78 57.25
C ASN B 541 0.87 62.80 58.31
N ARG B 542 1.70 62.98 59.32
CA ARG B 542 1.43 63.99 60.34
C ARG B 542 1.53 65.38 59.73
N ASP B 543 2.41 65.52 58.74
CA ASP B 543 2.55 66.78 58.02
C ASP B 543 1.33 67.07 57.16
N GLU B 544 0.78 66.00 56.56
CA GLU B 544 -0.42 66.13 55.76
C GLU B 544 -1.59 66.54 56.63
N GLY B 545 -1.58 66.08 57.89
CA GLY B 545 -2.59 66.48 58.84
C GLY B 545 -2.45 67.95 59.19
N VAL B 546 -1.21 68.40 59.29
CA VAL B 546 -0.92 69.81 59.54
C VAL B 546 -1.42 70.66 58.39
N GLU B 547 -1.09 70.25 57.18
CA GLU B 547 -1.51 70.96 55.98
C GLU B 547 -3.02 71.05 55.88
N TRP B 548 -3.70 69.98 56.28
CA TRP B 548 -5.15 69.95 56.28
C TRP B 548 -5.72 70.87 57.33
N LEU B 549 -5.07 70.91 58.48
CA LEU B 549 -5.52 71.72 59.60
C LEU B 549 -5.36 73.21 59.30
N GLY B 550 -4.65 73.53 58.22
CA GLY B 550 -4.43 74.90 57.84
C GLY B 550 -5.50 75.42 56.91
N TYR B 551 -6.35 74.51 56.43
CA TYR B 551 -7.41 74.87 55.51
C TYR B 551 -8.76 74.93 56.21
N THR B 552 -8.73 74.98 57.54
CA THR B 552 -9.95 75.04 58.32
C THR B 552 -10.21 76.44 58.84
N TYR B 553 -11.41 76.65 59.41
CA TYR B 553 -11.77 77.94 59.96
C TYR B 553 -11.17 78.12 61.36
N LEU B 554 -10.87 77.01 62.01
CA LEU B 554 -10.23 77.04 63.32
C LEU B 554 -8.83 77.61 63.25
N PHE B 555 -8.17 77.41 62.12
CA PHE B 555 -6.79 77.85 61.95
C PHE B 555 -6.70 79.36 61.74
N VAL B 556 -7.57 79.89 60.88
CA VAL B 556 -7.56 81.32 60.59
C VAL B 556 -7.91 82.11 61.85
N ARG B 557 -8.84 81.58 62.64
CA ARG B 557 -9.22 82.20 63.90
C ARG B 557 -8.07 82.15 64.89
N MET B 558 -7.32 81.05 64.87
CA MET B 558 -6.15 80.91 65.74
C MET B 558 -5.07 81.90 65.35
N LEU B 559 -4.92 82.15 64.06
CA LEU B 559 -3.92 83.09 63.57
C LEU B 559 -4.27 84.52 63.95
N ARG B 560 -5.51 84.91 63.67
CA ARG B 560 -5.95 86.27 63.94
C ARG B 560 -6.11 86.52 65.44
N SER B 561 -6.72 85.57 66.13
CA SER B 561 -6.97 85.71 67.56
C SER B 561 -6.37 84.55 68.36
N PRO B 562 -5.05 84.61 68.60
CA PRO B 562 -4.31 83.58 69.33
C PRO B 562 -4.75 83.45 70.78
N GLY B 563 -4.72 84.55 71.52
CA GLY B 563 -5.06 84.55 72.92
C GLY B 563 -6.47 84.05 73.21
N LEU B 564 -7.42 84.47 72.37
CA LEU B 564 -8.80 84.08 72.54
C LEU B 564 -8.99 82.58 72.41
N TYR B 565 -8.22 81.96 71.51
CA TYR B 565 -8.30 80.53 71.28
C TYR B 565 -7.27 79.77 72.10
N SER B 566 -6.71 80.44 73.09
CA SER B 566 -5.80 79.81 74.05
C SER B 566 -4.56 79.21 73.38
N VAL B 567 -4.14 79.76 72.26
CA VAL B 567 -2.88 79.35 71.64
C VAL B 567 -1.73 79.85 72.50
N GLY B 568 -0.88 78.92 72.93
CA GLY B 568 0.22 79.26 73.83
C GLY B 568 1.11 80.39 73.34
N ALA B 569 1.60 81.18 74.29
CA ALA B 569 2.52 82.27 73.96
C ALA B 569 3.86 81.68 73.51
N GLU B 570 4.06 80.41 73.79
CA GLU B 570 5.26 79.69 73.37
C GLU B 570 5.31 79.65 71.85
N TYR B 571 4.14 79.63 71.22
CA TYR B 571 4.02 79.53 69.78
C TYR B 571 4.01 80.91 69.13
N GLU B 572 4.58 81.89 69.81
CA GLU B 572 4.65 83.25 69.28
C GLU B 572 5.77 83.37 68.26
N ASP B 573 6.77 82.50 68.38
CA ASP B 573 7.88 82.45 67.44
C ASP B 573 7.48 81.69 66.17
N ASP B 574 6.51 80.80 66.31
CA ASP B 574 6.04 80.00 65.19
C ASP B 574 5.43 80.88 64.11
N VAL B 575 5.90 80.72 62.88
CA VAL B 575 5.44 81.55 61.77
C VAL B 575 3.97 81.30 61.46
N ALA B 576 3.70 80.15 60.82
CA ALA B 576 2.33 79.81 60.45
C ALA B 576 1.74 78.82 61.45
N LEU B 577 2.26 78.83 62.67
CA LEU B 577 1.80 77.94 63.72
C LEU B 577 1.94 76.48 63.32
N GLU B 578 3.00 76.18 62.58
CA GLU B 578 3.27 74.81 62.16
C GLU B 578 3.48 73.91 63.36
N GLN B 579 4.31 74.34 64.28
CA GLN B 579 4.58 73.59 65.50
C GLN B 579 3.29 73.39 66.29
N LYS B 580 2.43 74.41 66.27
CA LYS B 580 1.15 74.35 66.96
C LYS B 580 0.23 73.32 66.30
N ARG B 581 0.16 73.36 64.97
CA ARG B 581 -0.67 72.44 64.22
C ARG B 581 -0.16 71.01 64.40
N VAL B 582 1.16 70.85 64.45
CA VAL B 582 1.76 69.55 64.64
C VAL B 582 1.42 68.97 66.01
N ASP B 583 1.59 69.79 67.04
CA ASP B 583 1.31 69.36 68.40
C ASP B 583 -0.16 68.99 68.58
N LEU B 584 -1.04 69.69 67.85
CA LEU B 584 -2.47 69.41 67.91
C LEU B 584 -2.80 68.12 67.18
N ILE B 585 -2.33 68.00 65.94
CA ILE B 585 -2.59 66.81 65.13
C ILE B 585 -2.01 65.57 65.80
N HIS B 586 -0.82 65.71 66.36
CA HIS B 586 -0.18 64.61 67.08
C HIS B 586 -1.00 64.21 68.29
N SER B 587 -1.57 65.20 68.96
CA SER B 587 -2.39 64.96 70.15
C SER B 587 -3.66 64.18 69.81
N ALA B 588 -4.35 64.63 68.76
CA ALA B 588 -5.58 63.96 68.33
C ALA B 588 -5.27 62.59 67.74
N ALA B 589 -4.13 62.49 67.07
CA ALA B 589 -3.71 61.23 66.47
C ALA B 589 -3.40 60.20 67.54
N MET B 590 -2.87 60.67 68.67
CA MET B 590 -2.53 59.77 69.76
C MET B 590 -3.78 59.18 70.41
N VAL B 591 -4.82 60.00 70.56
CA VAL B 591 -6.06 59.53 71.17
C VAL B 591 -6.74 58.54 70.24
N LEU B 592 -6.51 58.69 68.95
CA LEU B 592 -7.01 57.73 67.97
C LEU B 592 -6.16 56.46 68.01
N LYS B 593 -4.88 56.63 68.27
CA LYS B 593 -3.97 55.50 68.38
C LYS B 593 -4.34 54.60 69.55
N LYS B 594 -4.56 55.21 70.71
CA LYS B 594 -4.94 54.47 71.90
C LYS B 594 -6.35 53.91 71.77
N SER B 595 -7.12 54.49 70.84
CA SER B 595 -8.48 54.02 70.58
C SER B 595 -8.50 52.94 69.51
N ASN B 596 -7.33 52.71 68.91
CA ASN B 596 -7.17 51.70 67.88
C ASN B 596 -7.97 52.00 66.62
N LEU B 597 -8.26 53.27 66.39
CA LEU B 597 -8.95 53.68 65.17
C LEU B 597 -7.96 53.89 64.03
N ILE B 598 -6.72 54.21 64.39
CA ILE B 598 -5.68 54.44 63.38
C ILE B 598 -4.33 53.92 63.85
N LYS B 599 -3.47 53.55 62.91
CA LYS B 599 -2.10 53.17 63.23
C LYS B 599 -1.21 54.40 63.12
N TYR B 600 -0.48 54.69 64.19
CA TYR B 600 0.32 55.91 64.24
C TYR B 600 1.59 55.72 65.06
N ASP B 601 2.72 56.16 64.52
CA ASP B 601 3.97 56.15 65.24
C ASP B 601 4.51 57.58 65.41
N GLU B 602 5.02 57.87 66.59
CA GLU B 602 5.48 59.21 66.91
C GLU B 602 6.85 59.52 66.32
N LYS B 603 7.54 58.48 65.84
CA LYS B 603 8.87 58.64 65.27
C LYS B 603 8.82 59.18 63.85
N THR B 604 8.12 58.48 62.96
CA THR B 604 8.06 58.87 61.56
C THR B 604 6.83 59.75 61.29
N GLY B 605 5.76 59.52 62.04
CA GLY B 605 4.55 60.31 61.88
C GLY B 605 3.62 59.75 60.83
N LYS B 606 3.87 58.51 60.40
CA LYS B 606 3.03 57.85 59.42
C LYS B 606 1.69 57.44 60.02
N MET B 607 0.62 57.67 59.28
CA MET B 607 -0.72 57.38 59.77
C MET B 607 -1.49 56.48 58.81
N GLN B 608 -2.22 55.51 59.37
CA GLN B 608 -3.04 54.61 58.57
C GLN B 608 -4.30 54.23 59.31
N ALA B 609 -5.45 54.62 58.77
CA ALA B 609 -6.73 54.33 59.39
C ALA B 609 -7.01 52.84 59.38
N THR B 610 -7.47 52.32 60.51
CA THR B 610 -7.76 50.90 60.65
C THR B 610 -9.19 50.60 60.24
N GLU B 611 -9.57 49.33 60.34
CA GLU B 611 -10.92 48.91 59.99
C GLU B 611 -11.93 49.54 60.94
N LEU B 612 -11.53 49.69 62.20
CA LEU B 612 -12.37 50.31 63.21
C LEU B 612 -12.58 51.79 62.90
N GLY B 613 -11.50 52.45 62.49
CA GLY B 613 -11.57 53.85 62.13
C GLY B 613 -12.44 54.09 60.90
N ARG B 614 -12.46 53.12 60.00
CA ARG B 614 -13.27 53.22 58.79
C ARG B 614 -14.74 53.20 59.16
N ILE B 615 -15.11 52.28 60.05
CA ILE B 615 -16.50 52.14 60.47
C ILE B 615 -16.98 53.39 61.20
N ALA B 616 -16.12 53.95 62.04
CA ALA B 616 -16.47 55.14 62.81
C ALA B 616 -16.77 56.31 61.88
N SER B 617 -15.89 56.56 60.93
CA SER B 617 -16.06 57.67 60.00
C SER B 617 -17.27 57.46 59.09
N HIS B 618 -17.52 56.21 58.72
CA HIS B 618 -18.60 55.89 57.79
C HIS B 618 -19.98 56.05 58.43
N TYR B 619 -20.02 56.11 59.75
CA TYR B 619 -21.30 56.22 60.44
C TYR B 619 -21.32 57.37 61.45
N TYR B 620 -20.34 58.26 61.33
CA TYR B 620 -20.27 59.48 62.13
C TYR B 620 -20.34 59.20 63.62
N ILE B 621 -19.67 58.14 64.06
CA ILE B 621 -19.62 57.80 65.48
C ILE B 621 -18.28 58.22 66.08
N SER B 622 -18.33 58.79 67.28
CA SER B 622 -17.12 59.29 67.93
C SER B 622 -16.17 58.16 68.28
N HIS B 623 -14.90 58.51 68.46
CA HIS B 623 -13.88 57.54 68.84
C HIS B 623 -14.20 56.93 70.21
N GLU B 624 -14.92 57.68 71.03
CA GLU B 624 -15.28 57.24 72.37
C GLU B 624 -16.22 56.05 72.33
N SER B 625 -17.29 56.17 71.55
CA SER B 625 -18.28 55.10 71.42
C SER B 625 -17.66 53.89 70.72
N MET B 626 -16.80 54.14 69.75
CA MET B 626 -16.13 53.07 69.01
C MET B 626 -15.23 52.27 69.92
N ASP B 627 -14.59 52.95 70.86
CA ASP B 627 -13.69 52.29 71.80
C ASP B 627 -14.47 51.40 72.76
N THR B 628 -15.69 51.82 73.08
CA THR B 628 -16.54 51.04 73.98
C THR B 628 -16.99 49.77 73.28
N TYR B 629 -17.43 49.90 72.04
CA TYR B 629 -17.90 48.78 71.25
C TYR B 629 -16.79 47.74 71.06
N ASN B 630 -15.57 48.22 70.85
CA ASN B 630 -14.44 47.35 70.57
C ASN B 630 -13.97 46.56 71.80
N LYS B 631 -14.26 47.10 72.98
CA LYS B 631 -13.77 46.51 74.21
C LYS B 631 -14.80 45.63 74.92
N LEU B 632 -16.08 45.93 74.73
CA LEU B 632 -17.15 45.19 75.41
C LEU B 632 -17.66 44.00 74.61
N ILE B 633 -17.81 44.18 73.30
CA ILE B 633 -18.39 43.14 72.45
C ILE B 633 -17.54 41.87 72.40
N HIS B 634 -18.16 40.74 72.69
CA HIS B 634 -17.51 39.44 72.55
C HIS B 634 -18.46 38.46 71.87
N PRO B 635 -17.91 37.36 71.31
CA PRO B 635 -18.66 36.42 70.48
C PRO B 635 -19.82 35.74 71.20
N ALA B 636 -19.78 35.72 72.53
CA ALA B 636 -20.81 35.01 73.29
C ALA B 636 -21.96 35.93 73.70
N MET B 637 -21.95 37.16 73.20
CA MET B 637 -22.98 38.13 73.56
C MET B 637 -24.36 37.73 73.04
N ASN B 638 -25.39 38.12 73.77
CA ASN B 638 -26.77 37.85 73.38
C ASN B 638 -27.56 39.13 73.19
N ASP B 639 -28.88 39.03 73.20
CA ASP B 639 -29.75 40.17 72.96
C ASP B 639 -29.62 41.22 74.05
N VAL B 640 -29.73 40.80 75.30
CA VAL B 640 -29.71 41.72 76.43
C VAL B 640 -28.40 42.48 76.55
N GLU B 641 -27.29 41.74 76.49
CA GLU B 641 -25.97 42.34 76.65
C GLU B 641 -25.62 43.27 75.49
N LEU B 642 -26.14 42.95 74.32
CA LEU B 642 -25.86 43.76 73.14
C LEU B 642 -26.61 45.09 73.24
N PHE B 643 -27.79 45.04 73.85
CA PHE B 643 -28.57 46.25 74.12
C PHE B 643 -27.85 47.12 75.14
N ARG B 644 -27.08 46.48 76.02
CA ARG B 644 -26.29 47.20 77.01
C ARG B 644 -25.17 47.97 76.35
N VAL B 645 -24.52 47.35 75.37
CA VAL B 645 -23.42 47.99 74.65
C VAL B 645 -23.90 49.24 73.93
N PHE B 646 -25.10 49.15 73.35
CA PHE B 646 -25.69 50.29 72.65
C PHE B 646 -25.97 51.43 73.62
N ALA B 647 -26.55 51.10 74.77
CA ALA B 647 -26.94 52.11 75.75
C ALA B 647 -25.72 52.79 76.37
N GLN B 648 -24.56 52.17 76.23
CA GLN B 648 -23.32 52.71 76.81
C GLN B 648 -22.57 53.55 75.78
N SER B 649 -23.27 53.96 74.72
CA SER B 649 -22.66 54.78 73.69
C SER B 649 -22.23 56.13 74.23
N GLY B 650 -21.25 56.74 73.58
CA GLY B 650 -20.74 58.04 73.99
C GLY B 650 -21.65 59.18 73.62
N GLU B 651 -22.60 58.92 72.72
CA GLU B 651 -23.52 59.94 72.27
C GLU B 651 -24.58 60.26 73.33
N PHE B 652 -24.94 59.25 74.11
CA PHE B 652 -26.01 59.39 75.10
C PHE B 652 -25.47 59.65 76.50
N LYS B 653 -24.18 59.94 76.60
CA LYS B 653 -23.51 60.01 77.90
C LYS B 653 -23.95 61.21 78.74
N TYR B 654 -24.79 62.08 78.17
CA TYR B 654 -25.23 63.28 78.88
C TYR B 654 -26.68 63.21 79.33
N ILE B 655 -27.37 62.14 78.96
CA ILE B 655 -28.77 61.97 79.33
C ILE B 655 -28.90 61.38 80.73
N PRO B 656 -29.39 62.18 81.68
CA PRO B 656 -29.58 61.76 83.08
C PRO B 656 -30.94 61.12 83.32
N VAL B 657 -31.03 60.28 84.33
CA VAL B 657 -32.31 59.70 84.72
C VAL B 657 -32.96 60.55 85.81
N ARG B 658 -33.90 61.39 85.39
CA ARG B 658 -34.53 62.33 86.31
C ARG B 658 -35.56 61.66 87.20
N GLN B 659 -35.72 62.20 88.41
CA GLN B 659 -36.61 61.63 89.41
C GLN B 659 -38.06 61.66 88.94
N GLU B 660 -38.42 62.72 88.22
CA GLU B 660 -39.79 62.88 87.73
C GLU B 660 -40.17 61.82 86.70
N GLU B 661 -39.16 61.09 86.22
CA GLU B 661 -39.37 60.09 85.19
C GLU B 661 -39.32 58.67 85.72
N LYS B 662 -38.80 58.52 86.94
CA LYS B 662 -38.56 57.20 87.52
C LYS B 662 -39.84 56.36 87.63
N LEU B 663 -40.95 56.99 88.02
CA LEU B 663 -42.20 56.25 88.18
C LEU B 663 -42.71 55.79 86.82
N GLU B 664 -42.35 56.52 85.77
CA GLU B 664 -42.77 56.17 84.42
C GLU B 664 -41.86 55.10 83.83
N LEU B 665 -40.57 55.18 84.15
CA LEU B 665 -39.59 54.21 83.65
C LEU B 665 -39.73 52.87 84.37
N ALA B 666 -40.14 52.91 85.64
CA ALA B 666 -40.27 51.71 86.44
C ALA B 666 -41.29 50.75 85.84
N LYS B 667 -42.49 51.26 85.59
CA LYS B 667 -43.55 50.46 84.98
C LYS B 667 -43.30 50.28 83.48
N LEU B 668 -42.33 51.02 82.97
CA LEU B 668 -41.95 50.91 81.57
C LEU B 668 -40.86 49.87 81.39
N LEU B 669 -40.03 49.73 82.42
CA LEU B 669 -38.93 48.78 82.41
C LEU B 669 -39.45 47.35 82.53
N ALA B 670 -40.67 47.22 83.02
CA ALA B 670 -41.26 45.90 83.23
C ALA B 670 -42.29 45.56 82.15
N ARG B 671 -42.10 46.09 80.95
CA ARG B 671 -42.98 45.78 79.83
C ARG B 671 -42.23 45.65 78.52
N VAL B 672 -40.99 46.14 78.49
CA VAL B 672 -40.16 46.03 77.31
C VAL B 672 -39.79 44.57 77.05
N PRO B 673 -39.78 44.17 75.77
CA PRO B 673 -39.50 42.80 75.35
C PRO B 673 -38.14 42.29 75.83
N ILE B 674 -37.09 43.04 75.53
CA ILE B 674 -35.75 42.63 75.93
C ILE B 674 -35.42 43.14 77.33
N PRO B 675 -35.17 42.22 78.26
CA PRO B 675 -34.87 42.53 79.66
C PRO B 675 -33.66 43.45 79.84
N VAL B 676 -33.79 44.43 80.71
CA VAL B 676 -32.70 45.32 81.05
C VAL B 676 -32.60 45.47 82.57
N LYS B 677 -33.09 44.44 83.27
CA LYS B 677 -33.24 44.51 84.72
C LYS B 677 -31.91 44.66 85.47
N GLU B 678 -30.83 44.12 84.92
CA GLU B 678 -29.54 44.16 85.62
C GLU B 678 -29.09 45.59 85.83
N SER B 679 -29.26 46.43 84.81
CA SER B 679 -29.00 47.85 84.94
C SER B 679 -30.24 48.53 85.55
N ILE B 680 -30.13 48.95 86.81
CA ILE B 680 -31.29 49.46 87.53
C ILE B 680 -31.28 50.97 87.69
N GLU B 681 -32.26 51.63 87.08
CA GLU B 681 -32.46 53.07 87.21
C GLU B 681 -31.20 53.89 86.95
N GLU B 682 -30.33 53.38 86.09
CA GLU B 682 -29.15 54.13 85.66
C GLU B 682 -29.39 54.69 84.27
N PRO B 683 -28.57 55.67 83.86
CA PRO B 683 -28.73 56.32 82.55
C PRO B 683 -28.74 55.32 81.40
N THR B 684 -27.88 54.31 81.48
CA THR B 684 -27.81 53.30 80.43
C THR B 684 -29.11 52.50 80.34
N ALA B 685 -29.73 52.26 81.49
CA ALA B 685 -30.99 51.54 81.54
C ALA B 685 -32.10 52.36 80.91
N LYS B 686 -32.05 53.68 81.13
CA LYS B 686 -33.05 54.58 80.58
C LYS B 686 -32.98 54.60 79.05
N ILE B 687 -31.77 54.67 78.52
CA ILE B 687 -31.57 54.70 77.07
C ILE B 687 -32.06 53.42 76.41
N ASN B 688 -31.78 52.29 77.05
CA ASN B 688 -32.17 50.99 76.54
C ASN B 688 -33.68 50.86 76.43
N VAL B 689 -34.38 51.25 77.49
CA VAL B 689 -35.84 51.16 77.53
C VAL B 689 -36.47 52.06 76.48
N LEU B 690 -35.84 53.20 76.22
CA LEU B 690 -36.35 54.15 75.24
C LEU B 690 -36.32 53.57 73.84
N LEU B 691 -35.23 52.90 73.50
CA LEU B 691 -35.09 52.29 72.18
C LEU B 691 -36.12 51.18 71.97
N GLN B 692 -36.35 50.40 73.01
CA GLN B 692 -37.35 49.34 72.94
C GLN B 692 -38.76 49.94 72.91
N ALA B 693 -38.94 51.03 73.62
CA ALA B 693 -40.24 51.70 73.69
C ALA B 693 -40.66 52.22 72.32
N TYR B 694 -39.71 52.75 71.57
CA TYR B 694 -39.99 53.29 70.24
C TYR B 694 -40.42 52.17 69.29
N ILE B 695 -39.88 50.97 69.52
CA ILE B 695 -40.20 49.83 68.68
C ILE B 695 -41.56 49.23 69.04
N SER B 696 -41.81 49.10 70.34
CA SER B 696 -43.05 48.49 70.82
C SER B 696 -44.19 49.51 70.85
N ARG B 697 -43.86 50.77 70.61
CA ARG B 697 -44.84 51.84 70.69
C ARG B 697 -45.46 51.92 72.07
N LEU B 698 -44.69 52.45 73.03
CA LEU B 698 -45.17 52.58 74.41
C LEU B 698 -45.43 54.04 74.76
N LYS B 699 -46.35 54.26 75.69
CA LYS B 699 -46.70 55.61 76.10
C LYS B 699 -45.58 56.29 76.86
N LEU B 700 -45.22 57.50 76.43
CA LEU B 700 -44.25 58.31 77.14
C LEU B 700 -44.87 59.66 77.47
N GLU B 701 -45.20 59.86 78.74
CA GLU B 701 -45.88 61.07 79.17
C GLU B 701 -44.90 62.21 79.44
N GLY B 702 -43.64 61.85 79.69
CA GLY B 702 -42.61 62.83 79.96
C GLY B 702 -42.41 63.80 78.80
N LEU B 703 -42.43 65.09 79.11
CA LEU B 703 -42.30 66.12 78.08
C LEU B 703 -40.90 66.13 77.48
N ALA B 704 -39.89 66.00 78.33
CA ALA B 704 -38.51 65.98 77.89
C ALA B 704 -38.03 64.55 77.67
N LEU B 705 -38.73 63.60 78.29
CA LEU B 705 -38.40 62.19 78.16
C LEU B 705 -38.54 61.75 76.70
N MET B 706 -39.59 62.23 76.05
CA MET B 706 -39.83 61.92 74.65
C MET B 706 -38.70 62.46 73.78
N ALA B 707 -38.16 63.60 74.18
CA ALA B 707 -37.06 64.23 73.46
C ALA B 707 -35.81 63.35 73.50
N ASP B 708 -35.59 62.68 74.62
CA ASP B 708 -34.47 61.78 74.77
C ASP B 708 -34.64 60.56 73.87
N MET B 709 -35.88 60.08 73.78
CA MET B 709 -36.19 58.90 72.98
C MET B 709 -35.96 59.19 71.50
N VAL B 710 -36.41 60.35 71.05
CA VAL B 710 -36.24 60.77 69.66
C VAL B 710 -34.76 60.87 69.31
N TYR B 711 -33.96 61.29 70.27
CA TYR B 711 -32.52 61.42 70.06
C TYR B 711 -31.86 60.05 69.97
N VAL B 712 -32.26 59.13 70.85
CA VAL B 712 -31.75 57.78 70.83
C VAL B 712 -32.23 57.03 69.59
N THR B 713 -33.48 57.29 69.21
CA THR B 713 -34.06 56.65 68.03
C THR B 713 -33.36 57.08 66.74
N GLN B 714 -33.11 58.38 66.60
CA GLN B 714 -32.50 58.91 65.39
C GLN B 714 -31.01 58.61 65.32
N SER B 715 -30.44 58.17 66.43
CA SER B 715 -29.01 57.85 66.48
C SER B 715 -28.77 56.35 66.40
N ALA B 716 -29.85 55.58 66.53
CA ALA B 716 -29.75 54.13 66.56
C ALA B 716 -29.16 53.57 65.26
N GLY B 717 -29.77 53.94 64.15
CA GLY B 717 -29.36 53.45 62.83
C GLY B 717 -27.87 53.43 62.60
N ARG B 718 -27.21 54.56 62.83
CA ARG B 718 -25.77 54.64 62.66
C ARG B 718 -25.03 53.83 63.73
N ILE B 719 -25.56 53.84 64.95
CA ILE B 719 -24.93 53.11 66.04
C ILE B 719 -24.95 51.61 65.81
N LEU B 720 -26.15 51.08 65.52
CA LEU B 720 -26.32 49.65 65.33
C LEU B 720 -25.50 49.11 64.16
N ARG B 721 -25.57 49.80 63.03
CA ARG B 721 -24.84 49.36 61.84
C ARG B 721 -23.34 49.40 62.08
N ALA B 722 -22.89 50.36 62.86
CA ALA B 722 -21.48 50.44 63.22
C ALA B 722 -21.11 49.24 64.08
N ILE B 723 -21.97 48.89 65.02
CA ILE B 723 -21.76 47.72 65.86
C ILE B 723 -21.84 46.44 65.02
N PHE B 724 -22.69 46.47 64.01
CA PHE B 724 -22.85 45.34 63.11
C PHE B 724 -21.59 45.06 62.31
N GLU B 725 -21.00 46.10 61.74
CA GLU B 725 -19.79 45.95 60.94
C GLU B 725 -18.59 45.56 61.80
N ILE B 726 -18.61 45.94 63.07
CA ILE B 726 -17.52 45.59 63.97
C ILE B 726 -17.55 44.09 64.27
N CYS B 727 -18.75 43.56 64.47
CA CYS B 727 -18.91 42.13 64.72
C CYS B 727 -18.61 41.33 63.46
N LEU B 728 -18.97 41.90 62.31
CA LEU B 728 -18.76 41.24 61.04
C LEU B 728 -17.27 41.12 60.73
N LYS B 729 -16.50 42.10 61.17
CA LYS B 729 -15.08 42.13 60.88
C LYS B 729 -14.26 41.49 61.99
N LYS B 730 -14.93 40.81 62.91
CA LYS B 730 -14.25 40.10 63.98
C LYS B 730 -14.55 38.60 63.89
N GLY B 731 -15.29 38.22 62.86
CA GLY B 731 -15.60 36.82 62.63
C GLY B 731 -16.51 36.22 63.68
N TRP B 732 -17.48 36.99 64.11
CA TRP B 732 -18.45 36.53 65.11
C TRP B 732 -19.85 36.49 64.52
N ALA B 733 -20.23 35.33 64.01
CA ALA B 733 -21.50 35.17 63.31
C ALA B 733 -22.69 35.35 64.25
N SER B 734 -22.59 34.78 65.44
CA SER B 734 -23.70 34.79 66.39
C SER B 734 -24.11 36.21 66.77
N VAL B 735 -23.13 37.06 67.00
CA VAL B 735 -23.41 38.44 67.41
C VAL B 735 -23.70 39.34 66.22
N ALA B 736 -23.07 39.05 65.09
CA ALA B 736 -23.24 39.84 63.88
C ALA B 736 -24.66 39.74 63.35
N LYS B 737 -25.25 38.55 63.46
CA LYS B 737 -26.61 38.34 62.99
C LYS B 737 -27.61 39.10 63.85
N LEU B 738 -27.40 39.07 65.16
CA LEU B 738 -28.25 39.84 66.08
C LEU B 738 -28.11 41.33 65.84
N ALA B 739 -26.88 41.77 65.60
CA ALA B 739 -26.61 43.18 65.33
C ALA B 739 -27.34 43.65 64.08
N LEU B 740 -27.37 42.80 63.06
CA LEU B 740 -28.02 43.13 61.81
C LEU B 740 -29.53 43.24 62.01
N ASN B 741 -30.08 42.37 62.84
CA ASN B 741 -31.50 42.43 63.15
C ASN B 741 -31.88 43.71 63.88
N MET B 742 -31.03 44.12 64.82
CA MET B 742 -31.27 45.36 65.56
C MET B 742 -31.13 46.57 64.65
N CYS B 743 -30.31 46.45 63.62
CA CYS B 743 -30.19 47.51 62.61
C CYS B 743 -31.51 47.67 61.87
N LYS B 744 -32.02 46.56 61.34
CA LYS B 744 -33.28 46.56 60.63
C LYS B 744 -34.42 46.93 61.58
N MET B 745 -34.23 46.60 62.86
CA MET B 745 -35.21 46.92 63.89
C MET B 745 -35.41 48.42 64.03
N ALA B 746 -34.31 49.15 64.17
CA ALA B 746 -34.37 50.61 64.32
C ALA B 746 -34.72 51.29 62.99
N GLU B 747 -34.37 50.64 61.89
CA GLU B 747 -34.59 51.23 60.57
C GLU B 747 -36.03 51.06 60.11
N LYS B 748 -36.58 49.86 60.26
CA LYS B 748 -37.94 49.59 59.84
C LYS B 748 -38.92 49.72 61.00
N ARG B 749 -38.39 49.95 62.20
CA ARG B 749 -39.21 50.07 63.40
C ARG B 749 -40.10 48.85 63.62
N MET B 750 -39.49 47.77 64.10
CA MET B 750 -40.21 46.54 64.35
C MET B 750 -39.28 45.47 64.90
N TRP B 751 -39.84 44.52 65.65
CA TRP B 751 -39.08 43.39 66.12
C TRP B 751 -39.11 42.29 65.07
N PRO B 752 -38.03 41.48 64.99
CA PRO B 752 -37.88 40.41 64.01
C PRO B 752 -39.08 39.46 63.97
N THR B 753 -39.84 39.41 65.06
CA THR B 753 -40.99 38.53 65.14
C THR B 753 -42.21 39.14 64.48
N MET B 754 -42.24 40.47 64.43
CA MET B 754 -43.39 41.19 63.89
C MET B 754 -43.56 40.90 62.40
N SER B 755 -44.77 41.15 61.90
CA SER B 755 -45.08 40.91 60.49
C SER B 755 -44.26 41.80 59.59
N PRO B 756 -43.53 41.20 58.64
CA PRO B 756 -42.67 41.93 57.70
C PRO B 756 -43.43 42.89 56.81
N LEU B 757 -44.76 42.82 56.84
CA LEU B 757 -45.58 43.69 56.00
C LEU B 757 -45.44 45.15 56.38
N ARG B 758 -44.87 45.42 57.55
CA ARG B 758 -44.63 46.79 58.00
C ARG B 758 -43.62 47.49 57.10
N GLN B 759 -42.79 46.70 56.43
CA GLN B 759 -41.76 47.23 55.55
C GLN B 759 -42.35 47.85 54.29
N TYR B 760 -43.65 47.67 54.11
CA TYR B 760 -44.34 48.23 52.95
C TYR B 760 -45.13 49.48 53.32
N PRO B 761 -44.82 50.60 52.64
CA PRO B 761 -45.50 51.87 52.87
C PRO B 761 -46.95 51.86 52.40
N THR B 762 -47.27 50.97 51.47
CA THR B 762 -48.60 50.92 50.88
C THR B 762 -49.54 49.99 51.65
N CYS B 763 -48.97 49.17 52.52
CA CYS B 763 -49.74 48.17 53.25
C CYS B 763 -50.68 48.78 54.28
N PRO B 764 -51.98 48.43 54.19
CA PRO B 764 -52.99 48.87 55.16
C PRO B 764 -52.65 48.44 56.58
N ALA B 765 -52.86 49.32 57.55
CA ALA B 765 -52.49 49.06 58.93
C ALA B 765 -53.36 47.98 59.57
N GLU B 766 -54.55 47.77 59.00
CA GLU B 766 -55.50 46.81 59.58
C GLU B 766 -55.11 45.37 59.25
N ILE B 767 -54.64 45.13 58.02
CA ILE B 767 -54.23 43.80 57.62
C ILE B 767 -52.94 43.41 58.34
N ILE B 768 -52.15 44.40 58.71
CA ILE B 768 -50.95 44.17 59.49
C ILE B 768 -51.31 43.80 60.93
N LYS B 769 -52.31 44.49 61.45
CA LYS B 769 -52.78 44.24 62.81
C LYS B 769 -53.42 42.86 62.91
N LYS B 770 -53.95 42.38 61.79
CA LYS B 770 -54.59 41.07 61.73
C LYS B 770 -53.56 39.97 61.54
N ALA B 771 -52.55 40.24 60.72
CA ALA B 771 -51.52 39.27 60.44
C ALA B 771 -50.75 38.91 61.70
N GLU B 772 -50.45 39.93 62.51
CA GLU B 772 -49.73 39.71 63.76
C GLU B 772 -50.62 39.04 64.80
N ARG B 773 -51.92 38.99 64.50
CA ARG B 773 -52.89 38.38 65.39
C ARG B 773 -52.89 36.86 65.26
N MET B 774 -52.42 36.37 64.11
CA MET B 774 -52.39 34.93 63.85
C MET B 774 -51.01 34.33 64.10
N ASP B 775 -51.01 33.11 64.62
CA ASP B 775 -49.76 32.42 64.93
C ASP B 775 -49.26 31.66 63.71
N VAL B 776 -49.37 32.29 62.54
CA VAL B 776 -48.93 31.68 61.29
C VAL B 776 -47.54 32.18 60.91
N PRO B 777 -46.70 31.27 60.38
CA PRO B 777 -45.34 31.60 59.96
C PRO B 777 -45.29 32.43 58.68
N TRP B 778 -44.32 33.32 58.58
CA TRP B 778 -44.15 34.16 57.40
C TRP B 778 -43.83 33.32 56.17
N SER B 779 -43.38 32.10 56.40
CA SER B 779 -43.02 31.19 55.31
C SER B 779 -44.25 30.70 54.54
N SER B 780 -45.39 30.68 55.22
CA SER B 780 -46.61 30.14 54.63
C SER B 780 -47.36 31.16 53.79
N TYR B 781 -46.72 32.30 53.52
CA TYR B 781 -47.33 33.34 52.71
C TYR B 781 -46.94 33.22 51.24
N PHE B 782 -45.72 32.77 50.99
CA PHE B 782 -45.14 32.79 49.64
C PHE B 782 -45.68 31.70 48.73
N ASP B 783 -45.57 31.94 47.42
CA ASP B 783 -46.04 31.00 46.41
C ASP B 783 -47.48 30.61 46.66
N LEU B 784 -48.34 31.61 46.81
CA LEU B 784 -49.72 31.38 47.19
C LEU B 784 -50.69 32.11 46.27
N ASP B 785 -51.91 31.57 46.18
CA ASP B 785 -52.97 32.20 45.39
C ASP B 785 -53.83 33.08 46.27
N PRO B 786 -54.38 34.16 45.69
CA PRO B 786 -55.21 35.14 46.40
C PRO B 786 -56.34 34.50 47.23
N PRO B 787 -57.05 33.51 46.69
CA PRO B 787 -58.10 32.85 47.47
C PRO B 787 -57.55 32.16 48.72
N ARG B 788 -56.45 31.43 48.57
CA ARG B 788 -55.85 30.69 49.68
C ARG B 788 -55.38 31.63 50.77
N MET B 789 -54.82 32.77 50.37
CA MET B 789 -54.31 33.75 51.31
C MET B 789 -55.46 34.47 52.02
N GLY B 790 -56.58 34.64 51.30
CA GLY B 790 -57.75 35.25 51.88
C GLY B 790 -58.31 34.41 53.01
N GLU B 791 -58.17 33.09 52.87
CA GLU B 791 -58.61 32.16 53.91
C GLU B 791 -57.50 31.92 54.91
N LEU B 792 -56.31 32.43 54.60
CA LEU B 792 -55.16 32.24 55.47
C LEU B 792 -55.21 33.18 56.66
N LEU B 793 -55.48 34.46 56.40
CA LEU B 793 -55.55 35.46 57.45
C LEU B 793 -56.97 35.95 57.67
N GLY B 794 -57.92 35.35 56.96
CA GLY B 794 -59.32 35.68 57.13
C GLY B 794 -59.73 37.01 56.52
N MET B 795 -59.20 37.29 55.33
CA MET B 795 -59.56 38.51 54.62
C MET B 795 -59.57 38.29 53.11
N PRO B 796 -60.61 37.62 52.60
CA PRO B 796 -60.79 37.39 51.17
C PRO B 796 -60.82 38.70 50.38
N LYS B 797 -61.26 39.77 51.04
CA LYS B 797 -61.32 41.09 50.43
C LYS B 797 -59.93 41.63 50.11
N ALA B 798 -58.97 41.32 50.97
CA ALA B 798 -57.60 41.80 50.79
C ALA B 798 -56.65 40.67 50.43
N GLY B 799 -57.21 39.57 49.91
CA GLY B 799 -56.42 38.41 49.57
C GLY B 799 -55.41 38.66 48.47
N LYS B 800 -55.85 39.32 47.40
CA LYS B 800 -54.99 39.56 46.25
C LYS B 800 -53.98 40.66 46.51
N THR B 801 -54.36 41.63 47.35
CA THR B 801 -53.50 42.76 47.66
C THR B 801 -52.27 42.33 48.44
N VAL B 802 -52.46 41.43 49.40
CA VAL B 802 -51.36 40.92 50.21
C VAL B 802 -50.54 39.93 49.39
N CYS B 803 -51.21 39.18 48.52
CA CYS B 803 -50.54 38.20 47.68
C CYS B 803 -49.54 38.86 46.74
N ALA B 804 -49.97 39.94 46.09
CA ALA B 804 -49.10 40.67 45.18
C ALA B 804 -48.06 41.48 45.92
N LEU B 805 -48.34 41.77 47.19
CA LEU B 805 -47.44 42.58 48.01
C LEU B 805 -46.32 41.73 48.61
N VAL B 806 -46.58 40.44 48.75
CA VAL B 806 -45.59 39.51 49.29
C VAL B 806 -44.80 38.86 48.16
N SER B 807 -45.38 38.86 46.96
CA SER B 807 -44.75 38.26 45.80
C SER B 807 -43.46 38.98 45.43
N LYS B 808 -43.42 40.29 45.65
CA LYS B 808 -42.24 41.07 45.33
C LYS B 808 -41.32 41.24 46.54
N PHE B 809 -41.54 40.42 47.56
CA PHE B 809 -40.66 40.38 48.71
C PHE B 809 -39.40 39.60 48.36
N PRO B 810 -38.23 40.19 48.61
CA PRO B 810 -36.93 39.62 48.21
C PRO B 810 -36.68 38.23 48.78
N ARG B 811 -36.98 37.21 47.98
CA ARG B 811 -36.69 35.83 48.35
C ARG B 811 -35.58 35.27 47.48
N VAL B 812 -34.58 34.66 48.11
CA VAL B 812 -33.47 34.08 47.38
C VAL B 812 -33.36 32.57 47.60
N GLU B 813 -33.21 31.84 46.51
CA GLU B 813 -33.07 30.39 46.57
C GLU B 813 -31.69 30.01 46.09
N ILE B 814 -30.98 29.22 46.89
CA ILE B 814 -29.57 28.95 46.62
C ILE B 814 -29.25 27.48 46.38
N GLN B 815 -28.14 27.23 45.70
CA GLN B 815 -27.62 25.89 45.48
C GLN B 815 -26.10 25.93 45.47
N GLY B 816 -25.47 24.94 46.09
CA GLY B 816 -24.02 24.92 46.18
C GLY B 816 -23.41 23.54 46.08
N ASN B 817 -22.20 23.49 45.51
CA ASN B 817 -21.44 22.24 45.41
C ASN B 817 -20.04 22.44 45.97
N VAL B 818 -19.53 21.43 46.67
CA VAL B 818 -18.26 21.56 47.37
C VAL B 818 -17.12 20.80 46.68
N GLN B 819 -16.05 21.52 46.37
CA GLN B 819 -14.86 20.94 45.79
C GLN B 819 -13.66 21.14 46.70
N PRO B 820 -13.23 20.08 47.38
CA PRO B 820 -12.09 20.17 48.31
C PRO B 820 -10.76 20.36 47.57
N MET B 821 -10.18 21.55 47.69
CA MET B 821 -8.88 21.82 47.09
C MET B 821 -7.76 21.19 47.90
N THR B 822 -7.84 21.34 49.21
CA THR B 822 -6.80 20.88 50.11
C THR B 822 -7.42 20.29 51.39
N ARG B 823 -6.63 19.53 52.14
CA ARG B 823 -7.09 19.02 53.42
C ARG B 823 -7.31 20.16 54.42
N SER B 824 -6.89 21.36 54.03
CA SER B 824 -6.98 22.51 54.92
C SER B 824 -7.80 23.64 54.32
N MET B 825 -8.34 23.43 53.12
CA MET B 825 -9.16 24.45 52.46
C MET B 825 -10.17 23.85 51.49
N LEU B 826 -11.33 24.47 51.40
CA LEU B 826 -12.40 24.00 50.52
C LEU B 826 -12.88 25.08 49.55
N ARG B 827 -12.88 24.75 48.27
CA ARG B 827 -13.46 25.63 47.27
C ARG B 827 -14.95 25.32 47.13
N ILE B 828 -15.79 26.33 47.33
CA ILE B 828 -17.23 26.13 47.27
C ILE B 828 -17.90 27.08 46.30
N GLU B 829 -18.66 26.52 45.36
CA GLU B 829 -19.39 27.31 44.39
C GLU B 829 -20.85 27.46 44.81
N LEU B 830 -21.31 28.69 44.92
CA LEU B 830 -22.68 28.97 45.34
C LEU B 830 -23.52 29.49 44.19
N THR B 831 -24.71 28.92 44.04
CA THR B 831 -25.62 29.31 42.97
C THR B 831 -26.83 30.06 43.53
N ILE B 832 -26.74 31.38 43.54
CA ILE B 832 -27.82 32.22 44.07
C ILE B 832 -28.76 32.65 42.95
N THR B 833 -30.02 32.20 43.03
CA THR B 833 -31.01 32.53 42.02
C THR B 833 -32.19 33.30 42.62
N PRO B 834 -32.49 34.48 42.06
CA PRO B 834 -33.61 35.32 42.50
C PRO B 834 -34.95 34.61 42.32
N ASN B 835 -36.00 35.15 42.95
CA ASN B 835 -37.33 34.57 42.85
C ASN B 835 -38.39 35.51 43.41
N PHE B 836 -38.48 36.71 42.83
CA PHE B 836 -39.47 37.69 43.27
C PHE B 836 -39.65 38.82 42.28
N GLN B 837 -40.87 39.35 42.20
CA GLN B 837 -41.16 40.50 41.35
C GLN B 837 -40.38 41.72 41.83
N TRP B 838 -39.96 42.55 40.89
CA TRP B 838 -39.16 43.72 41.23
C TRP B 838 -39.97 45.01 41.21
N ASP B 839 -39.80 45.82 42.26
CA ASP B 839 -40.46 47.11 42.34
C ASP B 839 -39.45 48.17 42.73
N VAL B 840 -39.20 49.11 41.83
CA VAL B 840 -38.16 50.12 42.04
C VAL B 840 -38.42 50.98 43.27
N GLU B 841 -39.67 51.02 43.72
CA GLU B 841 -40.02 51.82 44.89
C GLU B 841 -39.69 51.10 46.18
N LEU B 842 -39.42 49.81 46.09
CA LEU B 842 -39.12 48.99 47.25
C LEU B 842 -37.66 48.55 47.26
N HIS B 843 -37.22 47.98 46.14
CA HIS B 843 -35.87 47.42 46.05
C HIS B 843 -34.90 48.42 45.43
N GLY B 844 -35.44 49.43 44.76
CA GLY B 844 -34.61 50.39 44.05
C GLY B 844 -34.05 49.78 42.79
N VAL B 845 -32.74 49.88 42.61
CA VAL B 845 -32.08 49.31 41.45
C VAL B 845 -31.20 48.13 41.85
N THR B 846 -30.72 48.13 43.08
CA THR B 846 -29.87 47.06 43.58
C THR B 846 -30.20 46.67 45.01
N GLU B 847 -30.29 45.37 45.26
CA GLU B 847 -30.52 44.86 46.60
C GLU B 847 -29.28 44.19 47.16
N SER B 848 -28.71 44.79 48.21
CA SER B 848 -27.49 44.27 48.81
C SER B 848 -27.77 43.11 49.76
N PHE B 849 -27.00 42.03 49.63
CA PHE B 849 -27.15 40.86 50.49
C PHE B 849 -25.86 40.56 51.24
N TRP B 850 -25.94 39.63 52.18
CA TRP B 850 -24.76 39.18 52.92
C TRP B 850 -24.60 37.67 52.84
N ILE B 851 -23.49 37.22 52.27
CA ILE B 851 -23.19 35.80 52.22
C ILE B 851 -22.34 35.39 53.41
N LEU B 852 -22.93 34.67 54.35
CA LEU B 852 -22.22 34.25 55.55
C LEU B 852 -21.96 32.75 55.57
N VAL B 853 -20.76 32.37 55.98
CA VAL B 853 -20.40 30.96 56.11
C VAL B 853 -19.94 30.68 57.53
N GLU B 854 -20.76 29.94 58.27
CA GLU B 854 -20.48 29.64 59.67
C GLU B 854 -19.87 28.25 59.83
N ASP B 855 -19.19 28.04 60.95
CA ASP B 855 -18.63 26.73 61.26
C ASP B 855 -19.75 25.79 61.72
N CYS B 856 -19.36 24.59 62.14
CA CYS B 856 -20.31 23.58 62.57
C CYS B 856 -21.09 24.03 63.80
N ASP B 857 -20.54 24.98 64.53
CA ASP B 857 -21.17 25.50 65.73
C ASP B 857 -21.96 26.77 65.43
N GLY B 858 -21.65 27.39 64.30
CA GLY B 858 -22.32 28.62 63.91
C GLY B 858 -21.99 29.76 64.85
N GLU B 859 -20.71 29.93 65.14
CA GLU B 859 -20.26 30.99 66.04
C GLU B 859 -19.14 31.82 65.42
N GLU B 860 -18.41 31.21 64.49
CA GLU B 860 -17.31 31.90 63.82
C GLU B 860 -17.58 32.09 62.33
N ILE B 861 -17.20 33.24 61.80
CA ILE B 861 -17.40 33.55 60.39
C ILE B 861 -16.18 33.15 59.57
N LEU B 862 -16.30 32.03 58.86
CA LEU B 862 -15.21 31.54 58.03
C LEU B 862 -15.08 32.35 56.76
N PHE B 863 -16.21 32.89 56.29
CA PHE B 863 -16.21 33.73 55.10
C PHE B 863 -17.50 34.53 54.98
N HIS B 864 -17.35 35.80 54.62
CA HIS B 864 -18.51 36.66 54.36
C HIS B 864 -18.20 37.59 53.20
N ASP B 865 -19.24 38.13 52.57
CA ASP B 865 -19.07 39.01 51.43
C ASP B 865 -20.40 39.65 51.04
N VAL B 866 -20.32 40.79 50.35
CA VAL B 866 -21.52 41.48 49.90
C VAL B 866 -21.95 40.98 48.53
N PHE B 867 -23.24 40.64 48.41
CA PHE B 867 -23.78 40.16 47.14
C PHE B 867 -24.79 41.13 46.57
N ILE B 868 -24.35 41.97 45.65
CA ILE B 868 -25.23 42.93 45.00
C ILE B 868 -26.12 42.23 43.98
N LEU B 869 -27.31 42.77 43.76
CA LEU B 869 -28.27 42.18 42.84
C LEU B 869 -29.07 43.26 42.11
N ARG B 870 -28.52 43.72 41.00
CA ARG B 870 -29.17 44.78 40.22
C ARG B 870 -30.38 44.26 39.46
N LYS B 871 -31.24 45.18 39.03
CA LYS B 871 -32.50 44.83 38.39
C LYS B 871 -32.29 44.08 37.07
N ASP B 872 -31.61 44.73 36.14
CA ASP B 872 -31.39 44.18 34.80
C ASP B 872 -30.82 42.77 34.84
N LEU B 873 -29.94 42.51 35.79
CA LEU B 873 -29.35 41.18 35.95
C LEU B 873 -30.34 40.23 36.61
N ALA B 874 -31.34 40.79 37.27
CA ALA B 874 -32.30 39.99 38.04
C ALA B 874 -33.53 39.61 37.22
N GLU B 875 -33.80 40.39 36.18
CA GLU B 875 -35.00 40.19 35.38
C GLU B 875 -34.73 39.40 34.11
N ALA B 876 -33.48 39.01 33.90
CA ALA B 876 -33.09 38.27 32.70
C ALA B 876 -33.79 36.92 32.64
N GLU B 877 -33.78 36.32 31.44
CA GLU B 877 -34.38 35.01 31.23
C GLU B 877 -33.78 33.98 32.17
N GLU B 878 -32.46 33.81 32.09
CA GLU B 878 -31.74 32.96 33.01
C GLU B 878 -30.99 33.82 34.01
N ASN B 879 -31.61 34.07 35.17
CA ASN B 879 -31.07 34.99 36.15
C ASN B 879 -30.25 34.31 37.24
N GLU B 880 -29.76 33.10 36.95
CA GLU B 880 -28.96 32.36 37.91
C GLU B 880 -27.61 33.05 38.14
N HIS B 881 -27.34 33.39 39.40
CA HIS B 881 -26.07 34.01 39.76
C HIS B 881 -25.13 32.97 40.38
N THR B 882 -23.85 33.07 40.05
CA THR B 882 -22.85 32.16 40.57
C THR B 882 -21.74 32.90 41.30
N VAL B 883 -21.38 32.42 42.48
CA VAL B 883 -20.28 33.00 43.23
C VAL B 883 -19.32 31.92 43.73
N GLU B 884 -18.03 32.20 43.68
CA GLU B 884 -17.02 31.22 44.06
C GLU B 884 -16.10 31.77 45.15
N PHE B 885 -15.97 31.01 46.24
CA PHE B 885 -15.08 31.40 47.33
C PHE B 885 -14.51 30.18 48.02
N THR B 886 -13.78 30.40 49.10
CA THR B 886 -13.10 29.31 49.81
C THR B 886 -13.23 29.44 51.32
N VAL B 887 -13.11 28.31 52.01
CA VAL B 887 -13.18 28.29 53.46
C VAL B 887 -12.23 27.24 54.03
N PRO B 888 -11.53 27.59 55.12
CA PRO B 888 -10.58 26.68 55.76
C PRO B 888 -11.26 25.51 56.45
N ILE B 889 -10.56 24.38 56.55
CA ILE B 889 -11.12 23.20 57.20
C ILE B 889 -10.15 22.61 58.22
N SER B 890 -10.67 22.20 59.36
CA SER B 890 -9.86 21.54 60.37
C SER B 890 -9.75 20.05 60.04
N GLU B 891 -8.65 19.43 60.43
CA GLU B 891 -8.40 18.03 60.13
C GLU B 891 -9.50 17.13 60.70
N PRO B 892 -9.78 17.23 62.01
CA PRO B 892 -10.93 16.53 62.56
C PRO B 892 -12.22 17.12 61.97
N MET B 893 -12.54 16.71 60.74
CA MET B 893 -13.61 17.32 59.97
C MET B 893 -14.94 17.34 60.72
N PRO B 894 -15.57 18.52 60.78
CA PRO B 894 -16.83 18.76 61.49
C PRO B 894 -18.03 18.19 60.74
N PRO B 895 -19.16 18.05 61.44
CA PRO B 895 -20.40 17.51 60.87
C PRO B 895 -20.87 18.30 59.65
N ASN B 896 -20.85 19.62 59.75
CA ASN B 896 -21.32 20.46 58.67
C ASN B 896 -20.95 21.93 58.86
N TYR B 897 -21.18 22.73 57.82
CA TYR B 897 -21.05 24.17 57.92
C TYR B 897 -22.41 24.81 57.71
N PHE B 898 -22.44 26.14 57.65
CA PHE B 898 -23.68 26.86 57.43
C PHE B 898 -23.50 28.00 56.44
N ILE B 899 -24.37 28.06 55.44
CA ILE B 899 -24.37 29.15 54.48
C ILE B 899 -25.66 29.93 54.56
N SER B 900 -25.56 31.25 54.67
CA SER B 900 -26.74 32.09 54.81
C SER B 900 -26.68 33.31 53.88
N VAL B 901 -27.75 33.52 53.14
CA VAL B 901 -27.86 34.70 52.29
C VAL B 901 -28.88 35.66 52.88
N ILE B 902 -28.40 36.63 53.63
CA ILE B 902 -29.27 37.55 54.35
C ILE B 902 -29.34 38.92 53.69
N SER B 903 -30.53 39.52 53.67
CA SER B 903 -30.72 40.83 53.09
C SER B 903 -30.13 41.91 53.99
N ASP B 904 -29.58 42.95 53.38
CA ASP B 904 -28.95 44.03 54.12
C ASP B 904 -29.97 45.07 54.58
N ARG B 905 -31.16 45.02 53.98
CA ARG B 905 -32.20 46.01 54.27
C ARG B 905 -33.47 45.38 54.80
N TRP B 906 -33.94 44.33 54.13
CA TRP B 906 -35.20 43.69 54.48
C TRP B 906 -35.08 42.81 55.72
N MET B 907 -36.09 42.88 56.58
CA MET B 907 -36.16 42.05 57.77
C MET B 907 -36.81 40.71 57.44
N HIS B 908 -36.29 39.64 58.04
CA HIS B 908 -36.83 38.30 57.83
C HIS B 908 -36.63 37.84 56.39
N SER B 909 -35.63 38.41 55.71
CA SER B 909 -35.30 38.02 54.36
C SER B 909 -34.00 37.22 54.33
N GLU B 910 -34.09 35.95 54.71
CA GLU B 910 -32.91 35.11 54.84
C GLU B 910 -33.12 33.73 54.22
N THR B 911 -32.02 33.11 53.79
CA THR B 911 -32.04 31.75 53.29
C THR B 911 -30.82 31.00 53.81
N ARG B 912 -31.06 29.97 54.62
CA ARG B 912 -29.95 29.20 55.18
C ARG B 912 -29.84 27.82 54.53
N MET B 913 -28.61 27.42 54.24
CA MET B 913 -28.34 26.13 53.63
C MET B 913 -27.21 25.41 54.36
N PRO B 914 -27.52 24.28 55.01
CA PRO B 914 -26.50 23.48 55.70
C PRO B 914 -25.63 22.70 54.71
N VAL B 915 -24.33 22.68 54.95
CA VAL B 915 -23.41 21.95 54.09
C VAL B 915 -22.88 20.70 54.79
N SER B 916 -23.56 19.59 54.58
CA SER B 916 -23.18 18.33 55.24
C SER B 916 -21.89 17.77 54.64
N PHE B 917 -21.08 17.19 55.50
CA PHE B 917 -19.80 16.60 55.08
C PHE B 917 -19.77 15.10 55.33
N GLN B 918 -20.94 14.51 55.51
CA GLN B 918 -21.03 13.08 55.82
C GLN B 918 -20.84 12.23 54.57
N LYS B 919 -20.44 12.86 53.47
CA LYS B 919 -20.17 12.14 52.23
C LYS B 919 -18.90 12.66 51.57
N LEU B 920 -18.35 13.75 52.11
CA LEU B 920 -17.15 14.36 51.56
C LEU B 920 -15.89 13.59 51.99
N ILE B 921 -15.08 13.23 50.99
CA ILE B 921 -13.82 12.55 51.26
C ILE B 921 -12.65 13.48 50.99
N LEU B 922 -11.79 13.66 51.98
CA LEU B 922 -10.66 14.57 51.87
C LEU B 922 -9.57 14.02 50.94
N PRO B 923 -8.87 14.92 50.24
CA PRO B 923 -7.74 14.55 49.38
C PRO B 923 -6.62 13.90 50.19
N GLU B 924 -5.73 13.17 49.51
CA GLU B 924 -4.62 12.51 50.18
C GLU B 924 -3.63 13.53 50.74
N ARG B 925 -2.94 13.16 51.80
CA ARG B 925 -1.96 14.04 52.42
C ARG B 925 -0.85 14.41 51.45
N PHE B 926 -0.37 15.64 51.53
CA PHE B 926 0.62 16.15 50.60
C PHE B 926 2.04 15.72 50.99
N PRO B 927 2.82 15.26 50.00
CA PRO B 927 4.22 14.89 50.22
C PRO B 927 5.10 16.13 50.44
N PRO B 928 6.02 16.06 51.41
CA PRO B 928 6.91 17.17 51.76
C PRO B 928 7.70 17.69 50.55
N HIS B 929 8.09 18.95 50.60
CA HIS B 929 8.92 19.52 49.54
C HIS B 929 10.29 18.88 49.52
N THR B 930 10.84 18.71 48.32
CA THR B 930 12.17 18.13 48.17
C THR B 930 13.21 19.02 48.85
N GLU B 931 13.80 18.51 49.92
CA GLU B 931 14.76 19.27 50.72
C GLU B 931 15.94 19.75 49.90
N LEU B 932 16.00 21.05 49.65
CA LEU B 932 17.12 21.64 48.93
C LEU B 932 18.41 21.49 49.73
N LEU B 933 19.23 20.51 49.35
CA LEU B 933 20.48 20.24 50.05
C LEU B 933 21.55 21.27 49.71
N ASP B 934 22.27 21.72 50.72
CA ASP B 934 23.39 22.64 50.52
C ASP B 934 24.58 21.88 49.98
N LEU B 935 25.14 22.35 48.87
CA LEU B 935 26.25 21.67 48.23
C LEU B 935 27.12 22.63 47.42
N GLN B 936 28.25 22.12 46.94
CA GLN B 936 29.16 22.90 46.12
C GLN B 936 28.50 23.30 44.80
N PRO B 937 28.34 24.61 44.57
CA PRO B 937 27.80 25.09 43.30
C PRO B 937 28.70 24.72 42.13
N LEU B 938 28.33 23.67 41.41
CA LEU B 938 29.17 23.16 40.32
C LEU B 938 29.41 24.24 39.26
N PRO B 939 30.68 24.47 38.93
CA PRO B 939 31.08 25.49 37.94
C PRO B 939 30.75 25.05 36.52
N VAL B 940 31.09 25.88 35.54
CA VAL B 940 30.84 25.56 34.15
C VAL B 940 31.75 24.43 33.67
N SER B 941 32.77 24.12 34.47
CA SER B 941 33.71 23.07 34.13
C SER B 941 33.05 21.70 34.14
N ALA B 942 31.92 21.59 34.83
CA ALA B 942 31.15 20.35 34.86
C ALA B 942 30.81 19.92 33.45
N LEU B 943 30.37 20.87 32.64
CA LEU B 943 30.18 20.65 31.22
C LEU B 943 31.54 20.60 30.55
N LYS B 944 31.95 19.40 30.11
CA LYS B 944 33.31 19.17 29.63
C LYS B 944 33.68 20.06 28.45
N ALA B 945 32.73 20.30 27.56
CA ALA B 945 32.99 21.07 26.34
C ALA B 945 33.01 22.57 26.62
N LYS B 946 33.87 23.28 25.91
CA LYS B 946 33.98 24.73 26.06
C LYS B 946 32.80 25.46 25.43
N ASP B 947 32.26 24.90 24.35
CA ASP B 947 31.15 25.52 23.65
C ASP B 947 29.90 25.54 24.54
N TYR B 948 29.86 24.65 25.53
CA TYR B 948 28.77 24.62 26.48
C TYR B 948 29.06 25.52 27.67
N ALA B 949 30.20 26.21 27.64
CA ALA B 949 30.60 27.10 28.72
C ALA B 949 30.59 28.55 28.26
N ALA B 950 30.88 28.77 26.98
CA ALA B 950 30.89 30.10 26.41
C ALA B 950 29.49 30.71 26.44
N LEU B 951 28.49 29.86 26.61
CA LEU B 951 27.11 30.30 26.69
C LEU B 951 26.89 31.13 27.95
N TYR B 952 27.67 30.83 28.99
CA TYR B 952 27.53 31.52 30.27
C TYR B 952 28.83 32.24 30.65
N PRO B 953 29.16 33.31 29.92
CA PRO B 953 30.39 34.08 30.17
C PRO B 953 30.40 34.73 31.54
N ASN B 954 29.23 35.11 32.04
CA ASN B 954 29.11 35.82 33.30
C ASN B 954 29.38 34.96 34.53
N TRP B 955 28.76 33.78 34.54
CA TRP B 955 28.78 32.92 35.73
C TRP B 955 30.12 32.24 35.96
N GLN B 956 30.28 31.70 37.16
CA GLN B 956 31.43 30.89 37.52
C GLN B 956 30.91 29.54 38.00
N GLN B 957 29.67 29.54 38.48
CA GLN B 957 28.97 28.33 38.89
C GLN B 957 27.46 28.54 38.83
N PHE B 958 26.70 27.47 38.99
CA PHE B 958 25.24 27.54 38.95
C PHE B 958 24.67 27.61 40.35
N ASN B 959 23.45 28.12 40.47
CA ASN B 959 22.79 28.21 41.78
C ASN B 959 22.39 26.83 42.28
N LYS B 960 21.93 26.76 43.53
CA LYS B 960 21.63 25.48 44.15
C LYS B 960 20.45 24.76 43.49
N ILE B 961 19.65 25.51 42.73
CA ILE B 961 18.54 24.90 42.01
C ILE B 961 19.03 24.19 40.76
N GLN B 962 19.96 24.81 40.07
CA GLN B 962 20.52 24.26 38.84
C GLN B 962 21.52 23.14 39.14
N THR B 963 22.13 23.20 40.33
CA THR B 963 23.12 22.21 40.73
C THR B 963 22.46 20.98 41.33
N GLN B 964 21.35 21.19 42.03
CA GLN B 964 20.62 20.10 42.66
C GLN B 964 20.04 19.14 41.63
N THR B 965 19.83 19.63 40.42
CA THR B 965 19.17 18.86 39.38
C THR B 965 20.07 18.65 38.16
N PHE B 966 21.32 19.06 38.27
CA PHE B 966 22.25 19.00 37.15
C PHE B 966 22.50 17.57 36.66
N ASN B 967 22.77 16.67 37.60
CA ASN B 967 23.09 15.29 37.26
C ASN B 967 21.94 14.59 36.53
N SER B 968 20.72 14.90 36.95
CA SER B 968 19.54 14.26 36.37
C SER B 968 19.27 14.73 34.95
N LEU B 969 19.48 16.03 34.72
CA LEU B 969 19.16 16.63 33.43
C LEU B 969 20.28 16.51 32.40
N TYR B 970 21.51 16.67 32.86
CA TYR B 970 22.66 16.69 31.96
C TYR B 970 23.16 15.28 31.63
N ASN B 971 22.67 14.28 32.35
CA ASN B 971 23.13 12.92 32.17
C ASN B 971 21.99 11.90 32.11
N THR B 972 22.23 10.82 31.37
CA THR B 972 21.27 9.71 31.24
C THR B 972 20.04 10.06 30.42
N ASP B 973 19.88 11.34 30.10
CA ASP B 973 18.76 11.87 29.32
C ASP B 973 17.41 11.21 29.65
N ASN B 974 17.17 10.94 30.93
CA ASN B 974 15.89 10.42 31.37
C ASN B 974 14.92 11.55 31.71
N ASN B 975 13.63 11.25 31.75
CA ASN B 975 12.62 12.25 32.02
C ASN B 975 12.60 12.69 33.48
N VAL B 976 12.60 14.00 33.70
CA VAL B 976 12.65 14.56 35.05
C VAL B 976 11.83 15.83 35.14
N LEU B 977 11.17 16.03 36.28
CA LEU B 977 10.36 17.22 36.52
C LEU B 977 10.90 18.02 37.70
N VAL B 978 11.21 19.29 37.46
CA VAL B 978 11.69 20.16 38.52
C VAL B 978 10.69 21.29 38.78
N ALA B 979 10.44 21.58 40.05
CA ALA B 979 9.47 22.59 40.42
C ALA B 979 10.04 23.61 41.40
N ALA B 980 10.32 24.81 40.90
CA ALA B 980 10.80 25.90 41.73
C ALA B 980 10.04 27.18 41.41
N PRO B 981 10.01 28.12 42.37
CA PRO B 981 9.30 29.40 42.19
C PRO B 981 9.81 30.18 40.99
N THR B 982 8.95 30.98 40.40
CA THR B 982 9.28 31.74 39.20
C THR B 982 10.49 32.65 39.42
N GLY B 983 11.41 32.65 38.47
CA GLY B 983 12.61 33.46 38.56
C GLY B 983 13.74 32.78 39.30
N SER B 984 13.67 31.44 39.37
CA SER B 984 14.68 30.66 40.06
C SER B 984 15.68 30.04 39.10
N GLY B 985 15.79 30.63 37.91
CA GLY B 985 16.69 30.12 36.89
C GLY B 985 16.21 28.79 36.35
N LYS B 986 14.89 28.66 36.20
CA LYS B 986 14.28 27.42 35.73
C LYS B 986 14.66 27.08 34.30
N THR B 987 14.90 28.10 33.49
CA THR B 987 15.10 27.93 32.06
C THR B 987 16.38 27.15 31.71
N VAL B 988 17.44 27.38 32.47
CA VAL B 988 18.72 26.73 32.18
C VAL B 988 18.64 25.22 32.37
N CYS B 989 17.75 24.77 33.23
CA CYS B 989 17.55 23.35 33.46
C CYS B 989 17.14 22.67 32.16
N ALA B 990 16.24 23.30 31.43
CA ALA B 990 15.83 22.78 30.13
C ALA B 990 17.00 22.83 29.16
N GLU B 991 17.90 23.79 29.37
CA GLU B 991 19.08 23.92 28.53
C GLU B 991 20.05 22.75 28.78
N PHE B 992 20.03 22.22 29.99
CA PHE B 992 20.88 21.08 30.33
C PHE B 992 20.49 19.86 29.52
N ALA B 993 19.20 19.52 29.51
CA ALA B 993 18.71 18.37 28.78
C ALA B 993 18.84 18.57 27.27
N LEU B 994 18.70 19.82 26.83
CA LEU B 994 18.82 20.15 25.41
C LEU B 994 20.28 20.04 24.98
N LEU B 995 21.18 20.51 25.84
CA LEU B 995 22.62 20.46 25.55
C LEU B 995 23.13 19.03 25.48
N ARG B 996 22.77 18.22 26.47
CA ARG B 996 23.22 16.84 26.51
C ARG B 996 22.66 16.03 25.34
N HIS B 997 21.34 16.01 25.23
CA HIS B 997 20.64 15.19 24.25
C HIS B 997 21.17 15.37 22.84
N TRP B 998 21.32 16.61 22.42
CA TRP B 998 21.77 16.88 21.06
C TRP B 998 23.29 16.81 20.95
N ALA B 999 23.76 15.59 20.74
CA ALA B 999 25.17 15.25 20.61
C ALA B 999 25.28 13.74 20.54
N LYS B 1000 26.33 13.24 19.91
CA LYS B 1000 26.52 11.80 19.77
C LYS B 1000 25.43 11.16 18.91
N LYS B 1001 25.08 11.80 17.81
CA LYS B 1001 24.05 11.26 16.93
C LYS B 1001 24.01 12.00 15.59
N ASP B 1002 23.64 11.27 14.54
CA ASP B 1002 23.55 11.84 13.19
C ASP B 1002 22.53 12.97 13.15
N ALA B 1003 21.39 12.76 13.78
CA ALA B 1003 20.32 13.75 13.82
C ALA B 1003 19.49 13.60 15.10
N GLY B 1004 18.95 14.71 15.58
CA GLY B 1004 18.11 14.70 16.76
C GLY B 1004 17.00 15.72 16.65
N ARG B 1005 15.94 15.53 17.42
CA ARG B 1005 14.80 16.45 17.39
C ARG B 1005 14.19 16.65 18.77
N ALA B 1006 13.94 17.91 19.11
CA ALA B 1006 13.32 18.25 20.39
C ALA B 1006 12.22 19.29 20.20
N VAL B 1007 11.23 19.26 21.09
CA VAL B 1007 10.12 20.20 21.02
C VAL B 1007 9.90 20.91 22.35
N TYR B 1008 9.80 22.24 22.29
CA TYR B 1008 9.58 23.06 23.47
C TYR B 1008 8.19 23.67 23.45
N ILE B 1009 7.48 23.57 24.58
CA ILE B 1009 6.09 24.05 24.63
C ILE B 1009 5.83 24.96 25.82
N ALA B 1010 5.36 26.17 25.52
CA ALA B 1010 4.91 27.10 26.54
C ALA B 1010 3.42 27.39 26.34
N PRO B 1011 2.68 27.47 27.45
CA PRO B 1011 1.21 27.57 27.45
C PRO B 1011 0.67 28.72 26.59
N PHE B 1012 1.46 29.75 26.37
CA PHE B 1012 1.01 30.93 25.65
C PHE B 1012 1.95 31.34 24.53
N GLN B 1013 1.38 31.89 23.46
CA GLN B 1013 2.18 32.36 22.33
C GLN B 1013 3.15 33.44 22.77
N GLU B 1014 2.69 34.32 23.65
CA GLU B 1014 3.51 35.41 24.16
C GLU B 1014 4.77 34.88 24.85
N LEU B 1015 4.65 33.68 25.41
CA LEU B 1015 5.76 33.06 26.13
C LEU B 1015 6.74 32.43 25.15
N VAL B 1016 6.22 31.73 24.15
CA VAL B 1016 7.06 31.05 23.17
C VAL B 1016 7.82 32.05 22.31
N ASP B 1017 7.20 33.20 22.07
CA ASP B 1017 7.86 34.28 21.33
C ASP B 1017 9.06 34.77 22.12
N LEU B 1018 8.90 34.84 23.43
CA LEU B 1018 9.96 35.29 24.32
C LEU B 1018 11.13 34.31 24.32
N ARG B 1019 10.80 33.04 24.50
CA ARG B 1019 11.82 31.99 24.53
C ARG B 1019 12.50 31.83 23.19
N PHE B 1020 11.73 31.95 22.11
CA PHE B 1020 12.26 31.81 20.76
C PHE B 1020 13.31 32.87 20.46
N GLN B 1021 13.00 34.11 20.84
CA GLN B 1021 13.91 35.22 20.58
C GLN B 1021 15.23 35.04 21.32
N ASP B 1022 15.16 34.45 22.50
CA ASP B 1022 16.35 34.24 23.32
C ASP B 1022 17.23 33.12 22.76
N TRP B 1023 16.64 31.93 22.61
CA TRP B 1023 17.39 30.76 22.16
C TRP B 1023 17.85 30.89 20.71
N GLN B 1024 17.13 31.67 19.92
CA GLN B 1024 17.52 31.89 18.52
C GLN B 1024 18.86 32.62 18.45
N LYS B 1025 19.17 33.38 19.49
CA LYS B 1025 20.34 34.23 19.49
C LYS B 1025 21.53 33.60 20.22
N ARG B 1026 21.25 32.59 21.04
CA ARG B 1026 22.31 31.98 21.86
C ARG B 1026 22.57 30.51 21.52
N LEU B 1027 21.56 29.79 21.07
CA LEU B 1027 21.70 28.35 20.85
C LEU B 1027 21.69 27.95 19.37
N SER B 1028 21.54 28.91 18.48
CA SER B 1028 21.48 28.61 17.05
C SER B 1028 22.80 28.05 16.53
N HIS B 1029 23.90 28.71 16.89
CA HIS B 1029 25.21 28.31 16.41
C HIS B 1029 26.00 27.53 17.46
N LEU B 1030 25.88 26.21 17.43
CA LEU B 1030 26.65 25.35 18.32
C LEU B 1030 27.19 24.13 17.58
N ARG B 1031 27.12 22.97 18.23
CA ARG B 1031 27.64 21.74 17.65
C ARG B 1031 26.97 21.41 16.32
N GLY B 1032 27.77 21.37 15.26
CA GLY B 1032 27.26 21.09 13.94
C GLY B 1032 26.40 22.23 13.41
N GLY B 1033 25.09 22.02 13.39
CA GLY B 1033 24.15 23.02 12.93
C GLY B 1033 22.81 22.91 13.64
N LYS B 1034 22.38 24.02 14.23
CA LYS B 1034 21.11 24.04 14.95
C LYS B 1034 20.19 25.13 14.42
N GLU B 1035 19.19 24.73 13.64
CA GLU B 1035 18.23 25.66 13.10
C GLU B 1035 16.91 25.56 13.86
N ILE B 1036 16.69 26.49 14.77
CA ILE B 1036 15.50 26.50 15.60
C ILE B 1036 14.37 27.29 14.94
N VAL B 1037 13.14 26.91 15.19
CA VAL B 1037 11.99 27.56 14.57
C VAL B 1037 10.79 27.68 15.51
N LYS B 1038 9.97 28.68 15.25
CA LYS B 1038 8.75 28.90 16.04
C LYS B 1038 7.51 28.54 15.23
N LEU B 1039 6.66 27.69 15.79
CA LEU B 1039 5.44 27.27 15.12
C LEU B 1039 4.55 28.47 14.81
N THR B 1040 3.70 28.33 13.79
CA THR B 1040 2.89 29.46 13.32
C THR B 1040 1.41 29.27 13.62
N GLY B 1041 0.90 28.06 13.42
CA GLY B 1041 -0.51 27.78 13.63
C GLY B 1041 -1.16 27.23 12.38
N GLU B 1042 -0.70 27.71 11.22
CA GLU B 1042 -1.17 27.19 9.94
C GLU B 1042 -0.51 25.83 9.66
N THR B 1043 -1.28 24.77 9.86
CA THR B 1043 -0.77 23.39 9.82
C THR B 1043 0.18 23.09 8.67
N THR B 1044 -0.18 23.51 7.46
CA THR B 1044 0.58 23.17 6.26
C THR B 1044 2.03 23.66 6.32
N THR B 1045 2.22 24.96 6.46
CA THR B 1045 3.57 25.52 6.50
C THR B 1045 4.28 25.12 7.78
N ASP B 1046 3.50 24.77 8.80
CA ASP B 1046 4.06 24.43 10.10
C ASP B 1046 4.64 23.02 10.15
N LEU B 1047 3.93 22.06 9.58
CA LEU B 1047 4.42 20.68 9.57
C LEU B 1047 5.68 20.61 8.71
N LYS B 1048 5.74 21.45 7.68
CA LYS B 1048 6.93 21.56 6.85
C LYS B 1048 8.05 22.22 7.64
N LEU B 1049 7.66 23.08 8.58
CA LEU B 1049 8.62 23.75 9.46
C LEU B 1049 9.25 22.74 10.41
N LEU B 1050 8.44 21.77 10.84
CA LEU B 1050 8.90 20.75 11.78
C LEU B 1050 9.94 19.84 11.12
N GLU B 1051 9.62 19.34 9.93
CA GLU B 1051 10.48 18.40 9.24
C GLU B 1051 11.81 19.03 8.85
N GLN B 1052 11.84 20.35 8.80
CA GLN B 1052 13.04 21.08 8.41
C GLN B 1052 13.89 21.46 9.63
N GLY B 1053 13.25 22.03 10.64
CA GLY B 1053 13.96 22.55 11.79
C GLY B 1053 14.48 21.51 12.76
N ASP B 1054 15.56 21.85 13.45
CA ASP B 1054 16.12 21.00 14.50
C ASP B 1054 15.29 21.11 15.77
N LEU B 1055 15.23 22.32 16.32
CA LEU B 1055 14.41 22.57 17.51
C LEU B 1055 13.19 23.41 17.13
N ILE B 1056 12.03 22.99 17.61
CA ILE B 1056 10.80 23.71 17.33
C ILE B 1056 10.08 24.11 18.61
N LEU B 1057 9.73 25.39 18.71
CA LEU B 1057 8.96 25.89 19.84
C LEU B 1057 7.54 26.20 19.40
N ALA B 1058 6.58 25.75 20.18
CA ALA B 1058 5.17 25.94 19.83
C ALA B 1058 4.28 25.95 21.06
N THR B 1059 3.03 26.37 20.87
CA THR B 1059 2.05 26.38 21.95
C THR B 1059 1.32 25.05 22.00
N PRO B 1060 0.60 24.79 23.11
CA PRO B 1060 -0.15 23.55 23.30
C PRO B 1060 -1.13 23.25 22.16
N LEU B 1061 -1.85 24.27 21.70
CA LEU B 1061 -2.81 24.08 20.62
C LEU B 1061 -2.12 23.78 19.30
N GLN B 1062 -1.01 24.47 19.04
CA GLN B 1062 -0.25 24.27 17.81
C GLN B 1062 0.30 22.87 17.72
N TRP B 1063 0.55 22.25 18.87
CA TRP B 1063 1.09 20.90 18.92
C TRP B 1063 -0.02 19.87 19.15
N ASP B 1064 -1.26 20.35 19.20
CA ASP B 1064 -2.40 19.48 19.39
C ASP B 1064 -2.90 18.94 18.06
N VAL B 1065 -3.48 19.81 17.25
CA VAL B 1065 -3.99 19.43 15.95
C VAL B 1065 -2.88 18.91 15.05
N LEU B 1066 -1.69 19.49 15.20
CA LEU B 1066 -0.52 18.98 14.49
C LEU B 1066 0.09 17.85 15.31
N SER B 1067 0.60 16.84 14.62
CA SER B 1067 1.20 15.67 15.28
C SER B 1067 0.16 14.89 16.09
N ARG B 1068 -1.09 14.92 15.63
CA ARG B 1068 -2.13 14.12 16.25
C ARG B 1068 -2.34 12.84 15.45
N GLN B 1069 -1.52 12.67 14.42
CA GLN B 1069 -1.48 11.43 13.65
C GLN B 1069 -0.04 10.92 13.59
N TRP B 1070 0.43 10.36 14.70
CA TRP B 1070 1.82 9.90 14.78
C TRP B 1070 2.08 8.76 13.80
N LYS B 1071 1.02 8.09 13.38
CA LYS B 1071 1.14 7.01 12.41
C LYS B 1071 1.30 7.58 11.00
N ARG B 1072 0.79 8.79 10.80
CA ARG B 1072 0.83 9.43 9.48
C ARG B 1072 1.99 10.41 9.35
N ARG B 1073 2.90 10.38 10.32
CA ARG B 1073 4.08 11.23 10.27
C ARG B 1073 5.28 10.57 10.94
N LYS B 1074 6.25 10.15 10.12
CA LYS B 1074 7.47 9.56 10.63
C LYS B 1074 8.42 10.64 11.13
N ASN B 1075 7.91 11.85 11.27
CA ASN B 1075 8.69 12.97 11.77
C ASN B 1075 8.24 13.37 13.17
N VAL B 1076 7.01 13.01 13.51
CA VAL B 1076 6.49 13.23 14.85
C VAL B 1076 7.09 12.21 15.79
N GLN B 1077 7.50 11.07 15.23
CA GLN B 1077 8.13 10.01 16.00
C GLN B 1077 9.62 10.26 16.17
N THR B 1078 10.15 11.18 15.37
CA THR B 1078 11.59 11.48 15.39
C THR B 1078 12.02 12.18 16.67
N VAL B 1079 11.10 12.93 17.27
CA VAL B 1079 11.41 13.70 18.47
C VAL B 1079 11.85 12.79 19.61
N GLU B 1080 13.00 13.09 20.20
CA GLU B 1080 13.54 12.31 21.30
C GLU B 1080 13.32 12.98 22.65
N LEU B 1081 13.37 14.31 22.65
CA LEU B 1081 13.20 15.08 23.88
C LEU B 1081 12.05 16.06 23.79
N PHE B 1082 11.08 15.92 24.70
CA PHE B 1082 9.92 16.79 24.74
C PHE B 1082 9.89 17.60 26.03
N ILE B 1083 10.32 18.85 25.94
CA ILE B 1083 10.38 19.74 27.10
C ILE B 1083 9.14 20.63 27.19
N ALA B 1084 8.38 20.47 28.27
CA ALA B 1084 7.18 21.26 28.48
C ALA B 1084 7.36 22.23 29.64
N ASP B 1085 7.46 23.52 29.33
CA ASP B 1085 7.67 24.55 30.34
C ASP B 1085 6.33 25.06 30.89
N ASP B 1086 6.33 25.43 32.17
CA ASP B 1086 5.12 25.91 32.82
C ASP B 1086 4.00 24.89 32.74
N LEU B 1087 4.32 23.64 33.08
CA LEU B 1087 3.36 22.55 32.99
C LEU B 1087 2.20 22.73 33.97
N HIS B 1088 2.40 23.58 34.97
CA HIS B 1088 1.38 23.79 35.99
C HIS B 1088 0.21 24.61 35.46
N MET B 1089 0.33 25.06 34.22
CA MET B 1089 -0.73 25.84 33.59
C MET B 1089 -1.75 24.92 32.92
N LEU B 1090 -1.69 23.63 33.22
CA LEU B 1090 -2.62 22.67 32.67
C LEU B 1090 -3.99 22.83 33.31
N GLY B 1091 -4.04 23.57 34.41
CA GLY B 1091 -5.28 23.82 35.12
C GLY B 1091 -5.70 25.27 35.05
N GLY B 1092 -4.97 26.04 34.25
CA GLY B 1092 -5.28 27.45 34.06
C GLY B 1092 -5.54 27.80 32.62
N GLN B 1093 -6.54 28.64 32.38
CA GLN B 1093 -6.92 29.04 31.04
C GLN B 1093 -7.34 27.81 30.22
N MET B 1094 -6.70 27.64 29.07
CA MET B 1094 -6.98 26.49 28.21
C MET B 1094 -6.00 25.37 28.51
N GLY B 1095 -5.80 25.10 29.80
CA GLY B 1095 -4.83 24.10 30.23
C GLY B 1095 -5.18 22.69 29.79
N TYR B 1096 -6.45 22.45 29.51
CA TYR B 1096 -6.88 21.11 29.10
C TYR B 1096 -6.26 20.75 27.76
N ILE B 1097 -6.03 21.76 26.92
CA ILE B 1097 -5.41 21.55 25.62
C ILE B 1097 -3.93 21.23 25.82
N TYR B 1098 -3.38 21.68 26.95
CA TYR B 1098 -2.00 21.40 27.29
C TYR B 1098 -1.88 19.98 27.84
N GLU B 1099 -2.85 19.60 28.69
CA GLU B 1099 -2.86 18.28 29.28
C GLU B 1099 -3.04 17.20 28.22
N ILE B 1100 -3.70 17.55 27.13
CA ILE B 1100 -3.94 16.60 26.04
C ILE B 1100 -2.67 16.32 25.27
N VAL B 1101 -1.93 17.37 24.93
CA VAL B 1101 -0.71 17.21 24.14
C VAL B 1101 0.38 16.53 24.94
N VAL B 1102 0.43 16.79 26.24
CA VAL B 1102 1.41 16.17 27.11
C VAL B 1102 1.12 14.68 27.27
N SER B 1103 -0.12 14.35 27.54
CA SER B 1103 -0.55 12.97 27.70
C SER B 1103 -0.44 12.22 26.38
N ARG B 1104 -0.66 12.94 25.28
CA ARG B 1104 -0.56 12.35 23.95
C ARG B 1104 0.87 11.97 23.62
N MET B 1105 1.81 12.86 23.93
CA MET B 1105 3.22 12.63 23.68
C MET B 1105 3.71 11.39 24.41
N HIS B 1106 3.22 11.19 25.63
CA HIS B 1106 3.57 10.02 26.42
C HIS B 1106 3.01 8.75 25.77
N PHE B 1107 1.80 8.86 25.25
CA PHE B 1107 1.14 7.72 24.62
C PHE B 1107 1.78 7.39 23.28
N ILE B 1108 2.13 8.43 22.52
CA ILE B 1108 2.81 8.23 21.24
C ILE B 1108 4.16 7.55 21.45
N ARG B 1109 4.87 7.96 22.49
CA ARG B 1109 6.14 7.37 22.84
C ARG B 1109 6.01 5.91 23.23
N THR B 1110 4.84 5.55 23.77
CA THR B 1110 4.57 4.18 24.17
C THR B 1110 4.36 3.28 22.96
N GLN B 1111 3.60 3.77 21.99
CA GLN B 1111 3.29 3.00 20.79
C GLN B 1111 4.51 2.89 19.87
N THR B 1112 5.25 3.97 19.74
CA THR B 1112 6.43 3.99 18.87
C THR B 1112 7.51 3.06 19.40
N GLU B 1113 7.44 2.76 20.69
CA GLU B 1113 8.33 1.81 21.34
C GLU B 1113 9.77 2.31 21.40
N LEU B 1114 10.03 3.48 20.84
CA LEU B 1114 11.37 4.07 20.87
C LEU B 1114 11.51 5.03 22.06
N PRO B 1115 12.75 5.23 22.52
CA PRO B 1115 13.05 6.06 23.68
C PRO B 1115 12.82 7.55 23.43
N MET B 1116 12.08 8.19 24.33
CA MET B 1116 11.85 9.62 24.27
C MET B 1116 11.94 10.23 25.67
N ARG B 1117 12.44 11.47 25.75
CA ARG B 1117 12.60 12.14 27.03
C ARG B 1117 11.60 13.27 27.20
N ILE B 1118 10.90 13.27 28.32
CA ILE B 1118 9.92 14.31 28.62
C ILE B 1118 10.23 14.98 29.95
N VAL B 1119 10.83 16.16 29.89
CA VAL B 1119 11.14 16.92 31.09
C VAL B 1119 10.14 18.05 31.30
N GLY B 1120 9.68 18.22 32.53
CA GLY B 1120 8.68 19.22 32.85
C GLY B 1120 9.15 20.26 33.84
N LEU B 1121 8.78 21.52 33.58
CA LEU B 1121 9.14 22.62 34.45
C LEU B 1121 7.91 23.39 34.91
N SER B 1122 7.92 23.82 36.17
CA SER B 1122 6.82 24.61 36.72
C SER B 1122 7.18 25.18 38.08
N VAL B 1123 6.27 25.98 38.64
CA VAL B 1123 6.47 26.53 39.97
C VAL B 1123 6.23 25.45 41.02
N SER B 1124 6.48 25.79 42.28
CA SER B 1124 6.32 24.84 43.37
C SER B 1124 4.87 24.36 43.47
N LEU B 1125 4.67 23.06 43.35
CA LEU B 1125 3.33 22.48 43.41
C LEU B 1125 3.09 21.80 44.75
N ALA B 1126 1.85 21.83 45.21
CA ALA B 1126 1.48 21.17 46.47
C ALA B 1126 1.75 19.67 46.38
N ASN B 1127 1.34 19.09 45.26
CA ASN B 1127 1.60 17.68 45.00
C ASN B 1127 2.19 17.49 43.62
N ALA B 1128 3.51 17.32 43.55
CA ALA B 1128 4.21 17.15 42.29
C ALA B 1128 4.30 15.68 41.91
N ARG B 1129 3.83 14.82 42.80
CA ARG B 1129 3.91 13.38 42.57
C ARG B 1129 3.04 12.93 41.40
N ASP B 1130 1.80 13.38 41.38
CA ASP B 1130 0.86 12.96 40.36
C ASP B 1130 1.25 13.44 38.97
N ILE B 1131 1.80 14.65 38.89
CA ILE B 1131 2.26 15.17 37.61
C ILE B 1131 3.62 14.58 37.26
N GLY B 1132 4.36 14.15 38.28
CA GLY B 1132 5.64 13.51 38.08
C GLY B 1132 5.46 12.15 37.42
N GLU B 1133 4.59 11.33 38.01
CA GLU B 1133 4.25 10.04 37.45
C GLU B 1133 3.52 10.22 36.12
N TRP B 1134 2.93 11.39 35.95
CA TRP B 1134 2.24 11.73 34.71
C TRP B 1134 3.21 11.71 33.53
N ILE B 1135 4.47 12.02 33.82
CA ILE B 1135 5.51 12.04 32.80
C ILE B 1135 6.42 10.83 32.96
N ASP B 1136 6.01 9.90 33.82
CA ASP B 1136 6.77 8.67 34.07
C ASP B 1136 8.15 8.99 34.61
N ALA B 1137 8.21 9.87 35.59
CA ALA B 1137 9.48 10.22 36.23
C ALA B 1137 9.44 9.87 37.72
N LYS B 1138 10.15 8.82 38.10
CA LYS B 1138 10.19 8.37 39.49
C LYS B 1138 10.79 9.42 40.40
N LYS B 1139 10.67 9.20 41.71
CA LYS B 1139 11.17 10.14 42.71
C LYS B 1139 12.67 10.29 42.63
N HIS B 1140 13.31 9.44 41.83
CA HIS B 1140 14.73 9.57 41.55
C HIS B 1140 14.99 10.90 40.85
N ASP B 1141 14.04 11.31 40.03
CA ASP B 1141 14.16 12.56 39.28
C ASP B 1141 12.92 13.44 39.42
N ILE B 1142 12.57 13.78 40.66
CA ILE B 1142 11.46 14.70 40.90
C ILE B 1142 11.87 15.75 41.94
N TYR B 1143 11.63 17.02 41.63
CA TYR B 1143 12.04 18.11 42.50
C TYR B 1143 10.87 19.05 42.79
N ASN B 1144 10.38 19.01 44.02
CA ASN B 1144 9.29 19.88 44.43
C ASN B 1144 9.73 20.83 45.53
N PHE B 1145 10.54 21.82 45.17
CA PHE B 1145 11.10 22.76 46.13
C PHE B 1145 10.03 23.68 46.70
N SER B 1146 10.27 24.19 47.89
CA SER B 1146 9.39 25.17 48.51
C SER B 1146 9.41 26.47 47.70
N PRO B 1147 8.29 27.20 47.71
CA PRO B 1147 8.21 28.47 46.96
C PRO B 1147 9.10 29.55 47.55
N HIS B 1148 9.71 29.28 48.69
CA HIS B 1148 10.55 30.25 49.37
C HIS B 1148 12.03 29.99 49.11
N VAL B 1149 12.32 29.05 48.23
CA VAL B 1149 13.69 28.66 47.95
C VAL B 1149 14.25 29.48 46.79
N ARG B 1150 13.53 30.53 46.43
CA ARG B 1150 13.97 31.42 45.36
C ARG B 1150 15.30 32.08 45.70
N PRO B 1151 16.17 32.27 44.70
CA PRO B 1151 17.50 32.86 44.90
C PRO B 1151 17.43 34.24 45.55
N VAL B 1152 16.63 35.13 44.97
CA VAL B 1152 16.41 36.44 45.55
C VAL B 1152 15.09 36.47 46.29
N PRO B 1153 15.14 36.43 47.63
CA PRO B 1153 13.96 36.39 48.50
C PRO B 1153 12.97 37.51 48.21
N LEU B 1154 11.68 37.20 48.34
CA LEU B 1154 10.64 38.18 48.06
C LEU B 1154 9.89 38.57 49.33
N GLU B 1155 10.19 39.76 49.84
CA GLU B 1155 9.47 40.33 50.98
C GLU B 1155 8.23 41.07 50.49
N LEU B 1156 7.07 40.48 50.70
CA LEU B 1156 5.84 41.07 50.21
C LEU B 1156 4.91 41.52 51.35
N HIS B 1157 4.19 42.61 51.11
CA HIS B 1157 3.25 43.14 52.09
C HIS B 1157 1.83 43.05 51.56
N ILE B 1158 0.96 42.42 52.33
CA ILE B 1158 -0.44 42.25 51.92
C ILE B 1158 -1.32 43.36 52.51
N GLN B 1159 -1.95 44.13 51.64
CA GLN B 1159 -2.86 45.19 52.08
C GLN B 1159 -4.31 44.81 51.81
N SER B 1160 -5.02 44.47 52.88
CA SER B 1160 -6.43 44.10 52.75
C SER B 1160 -7.31 45.35 52.69
N TYR B 1161 -8.19 45.41 51.69
CA TYR B 1161 -9.07 46.54 51.52
C TYR B 1161 -10.52 46.14 51.75
N THR B 1162 -11.35 47.12 52.11
CA THR B 1162 -12.76 46.86 52.38
C THR B 1162 -13.65 47.88 51.69
N ILE B 1163 -13.65 47.86 50.36
CA ILE B 1163 -14.47 48.76 49.58
C ILE B 1163 -15.20 47.99 48.49
N PRO B 1164 -16.53 47.87 48.62
CA PRO B 1164 -17.37 47.04 47.75
C PRO B 1164 -17.54 47.60 46.34
N HIS B 1165 -17.16 48.86 46.13
CA HIS B 1165 -17.29 49.47 44.81
C HIS B 1165 -15.98 49.37 44.05
N PHE B 1166 -16.03 48.71 42.89
CA PHE B 1166 -14.83 48.44 42.11
C PHE B 1166 -14.08 49.71 41.72
N PRO B 1167 -14.75 50.61 40.96
CA PRO B 1167 -14.09 51.85 40.54
C PRO B 1167 -13.69 52.72 41.72
N SER B 1168 -14.31 52.47 42.87
CA SER B 1168 -13.97 53.19 44.09
C SER B 1168 -12.74 52.58 44.73
N LEU B 1169 -12.63 51.26 44.65
CA LEU B 1169 -11.50 50.55 45.24
C LEU B 1169 -10.21 50.83 44.47
N MET B 1170 -10.33 50.95 43.15
CA MET B 1170 -9.18 51.24 42.31
C MET B 1170 -8.62 52.62 42.64
N LEU B 1171 -9.50 53.56 42.91
CA LEU B 1171 -9.11 54.91 43.29
C LEU B 1171 -8.45 54.92 44.67
N ALA B 1172 -8.96 54.08 45.57
CA ALA B 1172 -8.45 54.01 46.92
C ALA B 1172 -7.02 53.51 46.98
N MET B 1173 -6.65 52.68 46.01
CA MET B 1173 -5.31 52.09 45.97
C MET B 1173 -4.30 53.01 45.30
N ALA B 1174 -4.76 54.13 44.77
CA ALA B 1174 -3.89 55.07 44.07
C ALA B 1174 -2.82 55.63 45.00
N LYS B 1175 -3.25 56.16 46.14
CA LYS B 1175 -2.34 56.76 47.10
C LYS B 1175 -1.38 55.74 47.72
N PRO B 1176 -1.92 54.64 48.27
CA PRO B 1176 -1.10 53.62 48.94
C PRO B 1176 0.04 53.10 48.08
N THR B 1177 -0.22 52.84 46.80
CA THR B 1177 0.82 52.38 45.89
C THR B 1177 1.94 53.41 45.79
N TYR B 1178 1.55 54.68 45.80
CA TYR B 1178 2.52 55.77 45.80
C TYR B 1178 3.38 55.69 47.05
N LEU B 1179 2.75 55.34 48.17
CA LEU B 1179 3.46 55.20 49.44
C LEU B 1179 4.33 53.95 49.41
N ALA B 1180 3.82 52.90 48.77
CA ALA B 1180 4.56 51.65 48.66
C ALA B 1180 5.81 51.84 47.81
N ILE B 1181 5.68 52.57 46.72
CA ILE B 1181 6.79 52.83 45.82
C ILE B 1181 7.82 53.76 46.44
N THR B 1182 7.35 54.76 47.19
CA THR B 1182 8.23 55.76 47.77
C THR B 1182 8.88 55.27 49.07
N GLN B 1183 8.20 54.39 49.78
CA GLN B 1183 8.70 53.87 51.06
C GLN B 1183 9.59 52.65 50.88
N LEU B 1184 9.19 51.75 49.98
CA LEU B 1184 9.86 50.47 49.83
C LEU B 1184 10.95 50.50 48.76
N SER B 1185 10.66 51.11 47.63
CA SER B 1185 11.60 51.15 46.51
C SER B 1185 11.73 52.54 45.91
N PRO B 1186 12.36 53.45 46.66
CA PRO B 1186 12.50 54.85 46.26
C PRO B 1186 13.44 55.07 45.08
N ASP B 1187 14.47 54.22 44.97
CA ASP B 1187 15.48 54.39 43.94
C ASP B 1187 15.48 53.26 42.91
N GLN B 1188 14.51 52.38 43.02
CA GLN B 1188 14.43 51.22 42.12
C GLN B 1188 13.19 51.26 41.25
N PRO B 1189 13.25 50.59 40.08
CA PRO B 1189 12.10 50.46 39.18
C PRO B 1189 10.97 49.68 39.83
N ALA B 1190 9.73 50.05 39.53
CA ALA B 1190 8.57 49.37 40.10
C ALA B 1190 7.51 49.10 39.05
N ILE B 1191 6.78 48.00 39.23
CA ILE B 1191 5.72 47.61 38.30
C ILE B 1191 4.38 47.48 39.01
N VAL B 1192 3.34 48.04 38.41
CA VAL B 1192 2.01 48.00 39.01
C VAL B 1192 1.01 47.28 38.10
N PHE B 1193 0.57 46.11 38.54
CA PHE B 1193 -0.39 45.31 37.76
C PHE B 1193 -1.83 45.66 38.12
N VAL B 1194 -2.62 45.99 37.10
CA VAL B 1194 -4.04 46.26 37.28
C VAL B 1194 -4.88 45.37 36.38
N PRO B 1195 -6.16 45.18 36.75
CA PRO B 1195 -7.10 44.29 36.06
C PRO B 1195 -7.22 44.53 34.56
N SER B 1196 -7.69 45.71 34.18
CA SER B 1196 -7.96 46.01 32.78
C SER B 1196 -6.87 46.87 32.14
N ARG B 1197 -6.83 46.89 30.82
CA ARG B 1197 -5.90 47.75 30.11
C ARG B 1197 -6.37 49.20 30.21
N LYS B 1198 -7.67 49.38 30.36
CA LYS B 1198 -8.26 50.71 30.52
C LYS B 1198 -7.92 51.25 31.90
N GLN B 1199 -7.79 50.35 32.87
CA GLN B 1199 -7.40 50.73 34.22
C GLN B 1199 -5.95 51.22 34.26
N THR B 1200 -5.12 50.66 33.39
CA THR B 1200 -3.72 51.04 33.31
C THR B 1200 -3.59 52.52 32.97
N ARG B 1201 -4.38 52.97 32.02
CA ARG B 1201 -4.38 54.37 31.61
C ARG B 1201 -4.92 55.27 32.73
N ALA B 1202 -5.98 54.80 33.38
CA ALA B 1202 -6.60 55.57 34.47
C ALA B 1202 -5.71 55.57 35.71
N THR B 1203 -5.20 54.41 36.08
CA THR B 1203 -4.35 54.27 37.26
C THR B 1203 -3.06 55.07 37.10
N ALA B 1204 -2.58 55.17 35.86
CA ALA B 1204 -1.38 55.94 35.59
C ALA B 1204 -1.61 57.41 35.86
N ARG B 1205 -2.83 57.87 35.62
CA ARG B 1205 -3.19 59.26 35.85
C ARG B 1205 -3.43 59.51 37.34
N ASP B 1206 -4.01 58.50 38.01
CA ASP B 1206 -4.26 58.59 39.44
C ASP B 1206 -2.95 58.69 40.20
N LEU B 1207 -1.95 57.93 39.78
CA LEU B 1207 -0.64 57.95 40.43
C LEU B 1207 0.05 59.28 40.19
N LEU B 1208 -0.11 59.82 38.99
CA LEU B 1208 0.47 61.12 38.65
C LEU B 1208 -0.15 62.23 39.47
N THR B 1209 -1.47 62.15 39.66
CA THR B 1209 -2.17 63.13 40.48
C THR B 1209 -1.68 63.04 41.92
N ALA B 1210 -1.34 61.83 42.34
CA ALA B 1210 -0.80 61.62 43.68
C ALA B 1210 0.57 62.27 43.81
N CYS B 1211 1.33 62.23 42.72
CA CYS B 1211 2.64 62.86 42.70
C CYS B 1211 2.52 64.37 42.79
N LEU B 1212 1.52 64.91 42.08
CA LEU B 1212 1.27 66.34 42.08
C LEU B 1212 0.72 66.79 43.43
N ALA B 1213 0.08 65.86 44.14
CA ALA B 1213 -0.45 66.15 45.47
C ALA B 1213 0.67 66.24 46.49
N ASP B 1214 1.71 65.43 46.30
CA ASP B 1214 2.86 65.44 47.20
C ASP B 1214 3.77 66.62 46.88
N ASP B 1215 3.36 67.42 45.90
CA ASP B 1215 4.08 68.63 45.49
C ASP B 1215 5.37 68.29 44.74
N ASP B 1216 5.65 67.01 44.58
CA ASP B 1216 6.83 66.58 43.84
C ASP B 1216 6.46 65.79 42.59
N GLU B 1217 5.80 66.47 41.64
CA GLU B 1217 5.48 65.87 40.36
C GLU B 1217 6.76 65.53 39.62
N ASP B 1218 6.67 64.65 38.62
CA ASP B 1218 7.84 64.18 37.89
C ASP B 1218 8.78 63.45 38.84
N ARG B 1219 8.21 62.93 39.92
CA ARG B 1219 8.97 62.20 40.94
C ARG B 1219 9.59 60.94 40.35
N PHE B 1220 8.90 60.33 39.40
CA PHE B 1220 9.37 59.08 38.80
C PHE B 1220 10.12 59.32 37.50
N LEU B 1221 10.51 60.58 37.27
CA LEU B 1221 11.30 60.93 36.10
C LEU B 1221 12.71 61.31 36.54
N HIS B 1222 13.69 60.52 36.12
CA HIS B 1222 15.07 60.71 36.56
C HIS B 1222 15.94 61.35 35.47
N VAL B 1223 15.30 62.05 34.54
CA VAL B 1223 16.02 62.75 33.49
C VAL B 1223 15.16 63.86 32.89
N GLU B 1224 15.81 64.91 32.41
CA GLU B 1224 15.13 66.05 31.81
C GLU B 1224 14.18 65.62 30.70
N VAL B 1225 13.01 66.24 30.64
CA VAL B 1225 12.00 65.87 29.65
C VAL B 1225 12.43 66.27 28.25
N ASP B 1226 13.27 67.29 28.15
CA ASP B 1226 13.75 67.76 26.86
C ASP B 1226 14.62 66.72 26.17
N GLN B 1227 15.31 65.92 26.98
CA GLN B 1227 16.15 64.85 26.45
C GLN B 1227 15.32 63.67 25.97
N ILE B 1228 14.06 63.64 26.39
CA ILE B 1228 13.18 62.50 26.11
C ILE B 1228 12.14 62.83 25.05
N ARG B 1229 11.84 64.12 24.88
CA ARG B 1229 10.77 64.56 23.98
C ARG B 1229 10.98 64.10 22.54
N LYS B 1230 12.22 63.78 22.19
CA LYS B 1230 12.53 63.28 20.85
C LYS B 1230 11.81 61.96 20.58
N LEU B 1231 11.44 61.26 21.64
CA LEU B 1231 10.77 59.97 21.52
C LEU B 1231 9.24 60.09 21.57
N LEU B 1232 8.77 61.21 22.08
CA LEU B 1232 7.38 61.31 22.55
C LEU B 1232 6.31 61.46 21.46
N ASP B 1233 6.63 62.16 20.37
CA ASP B 1233 5.64 62.33 19.31
C ASP B 1233 5.40 60.99 18.62
N HIS B 1234 6.38 60.09 18.72
CA HIS B 1234 6.30 58.80 18.06
C HIS B 1234 5.36 57.83 18.78
N VAL B 1235 5.08 58.12 20.05
CA VAL B 1235 4.15 57.29 20.81
C VAL B 1235 2.73 57.48 20.29
N GLN B 1236 2.09 56.38 19.91
CA GLN B 1236 0.76 56.44 19.30
C GLN B 1236 -0.29 56.98 20.27
N GLU B 1237 -0.41 56.34 21.43
CA GLU B 1237 -1.38 56.77 22.43
C GLU B 1237 -0.98 58.10 23.05
N GLU B 1238 -1.85 59.09 22.94
CA GLU B 1238 -1.57 60.42 23.44
C GLU B 1238 -1.49 60.42 24.97
N ALA B 1239 -2.28 59.55 25.59
CA ALA B 1239 -2.27 59.41 27.04
C ALA B 1239 -0.93 58.87 27.54
N LEU B 1240 -0.41 57.87 26.82
CA LEU B 1240 0.88 57.28 27.16
C LEU B 1240 1.99 58.31 26.99
N ALA B 1241 1.78 59.25 26.08
CA ALA B 1241 2.76 60.30 25.83
C ALA B 1241 2.92 61.20 27.05
N GLU B 1242 1.80 61.72 27.54
CA GLU B 1242 1.81 62.61 28.70
C GLU B 1242 2.28 61.89 29.95
N ALA B 1243 1.86 60.64 30.10
CA ALA B 1243 2.25 59.83 31.25
C ALA B 1243 3.75 59.65 31.29
N LEU B 1244 4.32 59.20 30.17
CA LEU B 1244 5.77 59.01 30.07
C LEU B 1244 6.50 60.33 30.29
N SER B 1245 5.83 61.43 29.99
CA SER B 1245 6.41 62.76 30.15
C SER B 1245 6.68 63.06 31.62
N HIS B 1246 5.93 62.42 32.50
CA HIS B 1246 6.07 62.68 33.93
C HIS B 1246 6.73 61.52 34.67
N GLY B 1247 7.25 60.56 33.91
CA GLY B 1247 8.04 59.49 34.50
C GLY B 1247 7.32 58.17 34.74
N VAL B 1248 6.08 58.07 34.30
CA VAL B 1248 5.33 56.83 34.47
C VAL B 1248 4.88 56.28 33.11
N GLY B 1249 4.87 54.96 32.98
CA GLY B 1249 4.46 54.33 31.75
C GLY B 1249 3.58 53.12 32.00
N TYR B 1250 2.69 52.83 31.05
CA TYR B 1250 1.82 51.67 31.17
C TYR B 1250 1.94 50.75 29.96
N TYR B 1251 1.86 49.45 30.22
CA TYR B 1251 2.00 48.45 29.17
C TYR B 1251 0.76 47.57 29.12
N HIS B 1252 -0.01 47.67 28.05
CA HIS B 1252 -1.20 46.84 27.88
C HIS B 1252 -1.22 46.17 26.50
N GLU B 1253 -2.11 45.20 26.35
CA GLU B 1253 -2.16 44.39 25.14
C GLU B 1253 -2.57 45.19 23.91
N ALA B 1254 -3.31 46.27 24.13
CA ALA B 1254 -3.80 47.09 23.01
C ALA B 1254 -2.78 48.15 22.62
N LEU B 1255 -1.54 47.97 23.06
CA LEU B 1255 -0.48 48.91 22.75
C LEU B 1255 0.30 48.46 21.51
N SER B 1256 0.78 49.42 20.73
CA SER B 1256 1.50 49.11 19.49
C SER B 1256 2.92 48.65 19.77
N GLN B 1257 3.48 47.87 18.86
CA GLN B 1257 4.85 47.37 18.99
C GLN B 1257 5.84 48.53 19.04
N SER B 1258 5.51 49.62 18.38
CA SER B 1258 6.34 50.81 18.40
C SER B 1258 6.35 51.43 19.80
N ASP B 1259 5.16 51.59 20.36
CA ASP B 1259 5.02 52.15 21.71
C ASP B 1259 5.64 51.22 22.74
N LYS B 1260 5.43 49.92 22.57
CA LYS B 1260 5.98 48.94 23.49
C LYS B 1260 7.51 49.00 23.52
N ARG B 1261 8.10 49.31 22.37
CA ARG B 1261 9.55 49.44 22.30
C ARG B 1261 10.02 50.71 23.00
N ILE B 1262 9.19 51.76 22.93
CA ILE B 1262 9.52 53.03 23.54
C ILE B 1262 9.48 52.92 25.07
N VAL B 1263 8.39 52.36 25.59
CA VAL B 1263 8.24 52.19 27.03
C VAL B 1263 9.30 51.26 27.59
N LYS B 1264 9.67 50.25 26.81
CA LYS B 1264 10.70 49.30 27.22
C LYS B 1264 12.05 49.99 27.29
N HIS B 1265 12.31 50.87 26.31
CA HIS B 1265 13.58 51.57 26.24
C HIS B 1265 13.76 52.51 27.43
N LEU B 1266 12.80 53.39 27.64
CA LEU B 1266 12.85 54.35 28.74
C LEU B 1266 12.90 53.66 30.09
N TYR B 1267 12.21 52.53 30.21
CA TYR B 1267 12.18 51.78 31.46
C TYR B 1267 13.54 51.18 31.76
N ASN B 1268 14.14 50.54 30.75
CA ASN B 1268 15.45 49.91 30.93
C ASN B 1268 16.57 50.94 31.09
N ASN B 1269 16.39 52.10 30.47
CA ASN B 1269 17.36 53.18 30.59
C ASN B 1269 17.33 53.81 31.99
N GLY B 1270 16.26 53.55 32.72
CA GLY B 1270 16.09 54.11 34.04
C GLY B 1270 15.49 55.49 34.00
N ALA B 1271 15.09 55.92 32.81
CA ALA B 1271 14.49 57.23 32.62
C ALA B 1271 13.18 57.35 33.39
N ILE B 1272 12.40 56.29 33.39
CA ILE B 1272 11.16 56.23 34.16
C ILE B 1272 11.26 55.15 35.22
N GLN B 1273 10.60 55.37 36.35
CA GLN B 1273 10.77 54.50 37.51
C GLN B 1273 9.59 53.55 37.74
N VAL B 1274 8.44 53.88 37.17
CA VAL B 1274 7.24 53.10 37.42
C VAL B 1274 6.52 52.69 36.13
N LEU B 1275 6.14 51.41 36.05
CA LEU B 1275 5.35 50.92 34.94
C LEU B 1275 4.00 50.43 35.44
N ILE B 1276 2.99 50.50 34.58
CA ILE B 1276 1.65 50.07 34.94
C ILE B 1276 1.07 49.14 33.88
N ALA B 1277 1.29 47.84 34.05
CA ALA B 1277 0.86 46.86 33.07
C ALA B 1277 -0.46 46.20 33.48
N SER B 1278 -1.23 45.78 32.48
CA SER B 1278 -2.48 45.06 32.73
C SER B 1278 -2.17 43.60 33.01
N ARG B 1279 -3.14 42.89 33.57
CA ARG B 1279 -2.95 41.48 33.87
C ARG B 1279 -2.83 40.67 32.59
N ASP B 1280 -3.32 41.23 31.50
CA ASP B 1280 -3.27 40.54 30.20
C ASP B 1280 -1.86 40.53 29.63
N VAL B 1281 -0.91 41.11 30.38
CA VAL B 1281 0.44 41.28 29.90
C VAL B 1281 1.46 40.51 30.77
N CYS B 1282 1.02 40.08 31.94
CA CYS B 1282 1.91 39.44 32.92
C CYS B 1282 2.77 38.33 32.31
N TRP B 1283 2.28 37.71 31.25
CA TRP B 1283 3.05 36.69 30.54
C TRP B 1283 3.91 37.34 29.46
N GLU B 1284 3.29 38.16 28.64
CA GLU B 1284 3.98 38.85 27.55
C GLU B 1284 5.07 39.78 28.05
N LEU B 1285 4.91 40.28 29.27
CA LEU B 1285 5.85 41.25 29.82
C LEU B 1285 7.24 40.66 30.00
N ASP B 1286 8.26 41.42 29.64
CA ASP B 1286 9.64 40.95 29.69
C ASP B 1286 10.42 41.68 30.78
N PHE B 1287 9.81 42.71 31.34
CA PHE B 1287 10.49 43.58 32.30
C PHE B 1287 10.74 42.90 33.64
N THR B 1288 11.62 43.52 34.43
CA THR B 1288 11.93 43.06 35.78
C THR B 1288 12.22 44.26 36.67
N ALA B 1289 11.74 44.21 37.91
CA ALA B 1289 11.89 45.35 38.82
C ALA B 1289 12.14 44.90 40.26
N HIS B 1290 12.41 45.86 41.12
CA HIS B 1290 12.65 45.59 42.53
C HIS B 1290 11.33 45.46 43.29
N LEU B 1291 10.34 46.23 42.88
CA LEU B 1291 9.03 46.18 43.52
C LEU B 1291 7.92 45.94 42.51
N VAL B 1292 7.04 45.00 42.82
CA VAL B 1292 5.89 44.70 41.98
C VAL B 1292 4.62 44.69 42.82
N VAL B 1293 3.80 45.72 42.66
CA VAL B 1293 2.57 45.84 43.43
C VAL B 1293 1.36 45.33 42.66
N VAL B 1294 0.67 44.36 43.24
CA VAL B 1294 -0.55 43.83 42.65
C VAL B 1294 -1.74 44.65 43.11
N MET B 1295 -2.03 45.73 42.38
CA MET B 1295 -3.10 46.64 42.75
C MET B 1295 -4.44 45.92 42.84
N GLY B 1296 -4.91 45.39 41.71
CA GLY B 1296 -6.18 44.69 41.69
C GLY B 1296 -6.05 43.21 42.05
N THR B 1297 -7.18 42.56 42.25
CA THR B 1297 -7.22 41.13 42.52
C THR B 1297 -8.39 40.50 41.76
N GLN B 1298 -9.30 41.37 41.33
CA GLN B 1298 -10.48 40.91 40.58
C GLN B 1298 -10.60 41.66 39.27
N PHE B 1299 -11.26 41.03 38.30
CA PHE B 1299 -11.53 41.66 37.01
C PHE B 1299 -12.96 41.35 36.58
N PHE B 1300 -13.38 41.94 35.46
CA PHE B 1300 -14.77 41.81 35.03
C PHE B 1300 -14.90 41.37 33.58
N GLU B 1301 -15.66 40.32 33.33
CA GLU B 1301 -15.97 39.87 31.98
C GLU B 1301 -17.48 39.75 31.81
N GLY B 1302 -17.95 40.01 30.59
CA GLY B 1302 -19.38 40.10 30.33
C GLY B 1302 -20.16 38.81 30.37
N LYS B 1303 -19.49 37.69 30.08
CA LYS B 1303 -20.18 36.41 29.95
C LYS B 1303 -20.88 35.99 31.24
N GLU B 1304 -20.29 36.35 32.38
CA GLU B 1304 -20.85 35.99 33.67
C GLU B 1304 -21.45 37.19 34.39
N HIS B 1305 -21.05 38.38 33.97
CA HIS B 1305 -21.44 39.61 34.66
C HIS B 1305 -20.96 39.56 36.11
N ARG B 1306 -19.72 39.11 36.30
CA ARG B 1306 -19.16 38.95 37.64
C ARG B 1306 -17.75 39.50 37.73
N TYR B 1307 -17.32 39.84 38.95
CA TYR B 1307 -15.92 40.17 39.19
C TYR B 1307 -15.20 38.94 39.73
N ILE B 1308 -14.31 38.38 38.92
CA ILE B 1308 -13.64 37.14 39.28
C ILE B 1308 -12.27 37.37 39.89
N ASP B 1309 -11.92 36.55 40.87
CA ASP B 1309 -10.63 36.66 41.55
C ASP B 1309 -9.49 36.29 40.62
N TYR B 1310 -8.33 36.91 40.83
CA TYR B 1310 -7.13 36.54 40.12
C TYR B 1310 -6.80 35.09 40.40
N PRO B 1311 -6.46 34.32 39.35
CA PRO B 1311 -5.98 32.96 39.59
C PRO B 1311 -4.62 32.98 40.27
N LEU B 1312 -4.32 31.97 41.07
CA LEU B 1312 -3.03 31.87 41.75
C LEU B 1312 -1.87 31.91 40.74
N SER B 1313 -2.15 31.46 39.53
CA SER B 1313 -1.14 31.42 38.47
C SER B 1313 -0.64 32.82 38.12
N GLU B 1314 -1.57 33.75 37.93
CA GLU B 1314 -1.23 35.11 37.54
C GLU B 1314 -0.51 35.86 38.66
N VAL B 1315 -0.85 35.53 39.90
CA VAL B 1315 -0.25 36.19 41.05
C VAL B 1315 1.23 35.81 41.18
N LEU B 1316 1.52 34.52 41.04
CA LEU B 1316 2.89 34.03 41.14
C LEU B 1316 3.75 34.58 40.01
N GLN B 1317 3.14 34.77 38.85
CA GLN B 1317 3.85 35.31 37.69
C GLN B 1317 4.17 36.79 37.86
N MET B 1318 3.18 37.55 38.28
CA MET B 1318 3.35 38.99 38.47
C MET B 1318 4.42 39.30 39.51
N PHE B 1319 4.46 38.51 40.57
CA PHE B 1319 5.48 38.68 41.61
C PHE B 1319 6.82 38.13 41.13
N GLY B 1320 6.78 37.24 40.14
CA GLY B 1320 7.99 36.70 39.56
C GLY B 1320 8.75 37.76 38.80
N LYS B 1321 8.05 38.85 38.45
CA LYS B 1321 8.66 39.96 37.74
C LYS B 1321 9.58 40.76 38.67
N ALA B 1322 9.25 40.76 39.96
CA ALA B 1322 10.07 41.46 40.94
C ALA B 1322 11.33 40.67 41.25
N LEU B 1323 12.41 40.96 40.52
CA LEU B 1323 13.64 40.19 40.64
C LEU B 1323 14.85 41.04 41.00
N GLN B 1324 14.81 42.33 40.66
CA GLN B 1324 15.91 43.23 40.98
C GLN B 1324 16.12 43.32 42.48
N PRO B 1325 17.25 42.77 42.97
CA PRO B 1325 17.54 42.72 44.40
C PRO B 1325 18.27 43.95 44.91
N SER B 1326 17.53 44.96 45.37
CA SER B 1326 18.15 46.11 46.01
C SER B 1326 18.88 45.66 47.26
N LYS B 1327 20.15 46.02 47.37
CA LYS B 1327 21.06 45.42 48.35
C LYS B 1327 20.54 45.46 49.79
N ASP B 1328 19.49 44.69 50.06
CA ASP B 1328 19.10 44.37 51.42
C ASP B 1328 19.07 42.85 51.51
N GLY B 1329 19.41 42.21 50.40
CA GLY B 1329 19.41 40.78 50.29
C GLY B 1329 18.15 40.25 49.64
N ARG B 1330 17.23 41.14 49.32
CA ARG B 1330 15.92 40.74 48.83
C ARG B 1330 15.29 41.72 47.84
N SER B 1331 14.13 41.34 47.32
CA SER B 1331 13.30 42.23 46.53
C SER B 1331 11.90 42.22 47.13
N ARG B 1332 11.13 43.27 46.90
CA ARG B 1332 9.84 43.42 47.57
C ARG B 1332 8.67 43.56 46.60
N GLY B 1333 7.48 43.26 47.09
CA GLY B 1333 6.26 43.37 46.31
C GLY B 1333 5.06 43.59 47.21
N VAL B 1334 4.00 44.17 46.67
CA VAL B 1334 2.81 44.46 47.46
C VAL B 1334 1.56 43.86 46.83
N LEU B 1335 0.79 43.15 47.65
CA LEU B 1335 -0.45 42.53 47.19
C LEU B 1335 -1.67 43.19 47.80
N MET B 1336 -2.33 44.04 47.02
CA MET B 1336 -3.53 44.72 47.47
C MET B 1336 -4.77 43.97 47.01
N LEU B 1337 -5.54 43.48 47.97
CA LEU B 1337 -6.70 42.65 47.66
C LEU B 1337 -7.86 42.92 48.61
N PRO B 1338 -9.08 42.56 48.18
CA PRO B 1338 -10.26 42.63 49.05
C PRO B 1338 -10.03 41.84 50.34
N ALA B 1339 -10.48 42.40 51.47
CA ALA B 1339 -10.17 41.84 52.78
C ALA B 1339 -10.55 40.37 52.91
N VAL B 1340 -11.71 40.01 52.40
CA VAL B 1340 -12.20 38.63 52.53
C VAL B 1340 -11.41 37.67 51.65
N LYS B 1341 -10.67 38.22 50.69
CA LYS B 1341 -9.84 37.40 49.82
C LYS B 1341 -8.41 37.33 50.35
N ARG B 1342 -8.21 37.82 51.57
CA ARG B 1342 -6.87 37.91 52.15
C ARG B 1342 -6.29 36.53 52.45
N GLU B 1343 -6.99 35.77 53.29
CA GLU B 1343 -6.51 34.46 53.72
C GLU B 1343 -6.29 33.50 52.55
N TYR B 1344 -7.13 33.62 51.52
CA TYR B 1344 -7.02 32.78 50.34
C TYR B 1344 -5.66 32.94 49.66
N TYR B 1345 -5.36 34.16 49.24
CA TYR B 1345 -4.08 34.43 48.60
C TYR B 1345 -2.95 34.36 49.61
N LYS B 1346 -3.27 34.60 50.87
CA LYS B 1346 -2.28 34.50 51.94
C LYS B 1346 -1.82 33.07 52.12
N LYS B 1347 -2.78 32.14 52.07
CA LYS B 1347 -2.48 30.73 52.26
C LYS B 1347 -1.65 30.17 51.12
N PHE B 1348 -2.10 30.39 49.89
CA PHE B 1348 -1.43 29.85 48.71
C PHE B 1348 -0.29 30.74 48.25
N LEU B 1349 0.23 31.57 49.16
CA LEU B 1349 1.43 32.33 48.91
C LEU B 1349 2.51 31.86 49.89
N ASN B 1350 2.07 31.08 50.87
CA ASN B 1350 2.98 30.42 51.80
C ASN B 1350 3.04 28.93 51.51
N GLU B 1351 2.01 28.42 50.83
CA GLU B 1351 1.98 27.03 50.40
C GLU B 1351 2.28 26.93 48.91
N ALA B 1352 2.53 25.71 48.45
CA ALA B 1352 2.77 25.48 47.03
C ALA B 1352 1.46 25.51 46.26
N LEU B 1353 1.56 25.64 44.94
CA LEU B 1353 0.37 25.71 44.09
C LEU B 1353 -0.26 24.34 43.87
N PRO B 1354 -1.55 24.22 44.21
CA PRO B 1354 -2.33 23.00 43.98
C PRO B 1354 -2.94 22.99 42.58
N VAL B 1355 -2.51 22.06 41.75
CA VAL B 1355 -2.99 21.99 40.37
C VAL B 1355 -4.03 20.89 40.19
N GLU B 1356 -5.15 21.24 39.57
CA GLU B 1356 -6.22 20.30 39.30
C GLU B 1356 -6.62 20.35 37.84
N SER B 1357 -7.11 19.24 37.32
CA SER B 1357 -7.51 19.16 35.92
C SER B 1357 -8.95 19.60 35.73
N HIS B 1358 -9.24 20.20 34.58
CA HIS B 1358 -10.59 20.58 34.22
C HIS B 1358 -10.95 19.98 32.87
N LEU B 1359 -10.22 18.93 32.50
CA LEU B 1359 -10.44 18.26 31.22
C LEU B 1359 -11.78 17.54 31.20
N HIS B 1360 -12.24 17.14 32.38
CA HIS B 1360 -13.50 16.42 32.51
C HIS B 1360 -14.69 17.33 32.18
N ASN B 1361 -14.43 18.64 32.12
CA ASN B 1361 -15.47 19.61 31.77
C ASN B 1361 -15.39 20.02 30.30
N PHE B 1362 -14.29 19.65 29.64
CA PHE B 1362 -14.08 20.02 28.25
C PHE B 1362 -13.86 18.80 27.35
N LEU B 1363 -14.27 17.64 27.84
CA LEU B 1363 -14.09 16.40 27.09
C LEU B 1363 -14.75 16.41 25.71
N PRO B 1364 -15.97 16.96 25.62
CA PRO B 1364 -16.64 17.11 24.32
C PRO B 1364 -15.77 17.82 23.28
N ASP B 1365 -15.23 18.98 23.64
CA ASP B 1365 -14.36 19.73 22.75
C ASP B 1365 -13.03 18.99 22.55
N ALA B 1366 -12.71 18.09 23.47
CA ALA B 1366 -11.48 17.33 23.39
C ALA B 1366 -11.68 16.05 22.59
N PHE B 1367 -12.86 15.46 22.71
CA PHE B 1367 -13.17 14.22 22.03
C PHE B 1367 -13.31 14.40 20.52
N VAL B 1368 -13.78 15.58 20.11
CA VAL B 1368 -13.99 15.85 18.69
C VAL B 1368 -12.71 15.68 17.88
N THR B 1369 -11.58 16.01 18.49
CA THR B 1369 -10.29 15.86 17.83
C THR B 1369 -9.87 14.40 17.82
N GLU B 1370 -10.20 13.68 18.89
CA GLU B 1370 -9.85 12.26 19.00
C GLU B 1370 -10.75 11.41 18.12
N ILE B 1371 -11.94 11.93 17.82
CA ILE B 1371 -12.89 11.22 16.97
C ILE B 1371 -12.61 11.53 15.49
N SER B 1372 -12.14 12.74 15.23
CA SER B 1372 -11.73 13.13 13.88
C SER B 1372 -10.63 12.18 13.39
N THR B 1373 -9.58 12.07 14.18
CA THR B 1373 -8.55 11.06 13.94
C THR B 1373 -9.10 9.70 14.33
N LYS B 1374 -8.42 8.63 13.92
CA LYS B 1374 -8.86 7.29 14.23
C LYS B 1374 -8.38 6.83 15.60
N MET B 1375 -8.14 7.81 16.48
CA MET B 1375 -7.67 7.52 17.83
C MET B 1375 -8.74 6.80 18.64
N ILE B 1376 -9.98 7.26 18.48
CA ILE B 1376 -11.10 6.66 19.20
C ILE B 1376 -12.15 6.11 18.24
N GLU B 1377 -12.12 4.81 18.01
CA GLU B 1377 -13.13 4.15 17.19
C GLU B 1377 -14.41 3.96 18.00
N SER B 1378 -14.26 3.44 19.21
CA SER B 1378 -15.41 3.20 20.09
C SER B 1378 -15.17 3.78 21.47
N GLY B 1379 -16.25 3.93 22.24
CA GLY B 1379 -16.19 4.51 23.56
C GLY B 1379 -15.24 3.79 24.49
N GLU B 1380 -15.09 2.49 24.30
CA GLU B 1380 -14.17 1.70 25.11
C GLU B 1380 -12.74 2.15 24.89
N ASP B 1381 -12.45 2.66 23.71
CA ASP B 1381 -11.14 3.21 23.41
C ASP B 1381 -10.94 4.53 24.15
N ALA B 1382 -12.03 5.27 24.33
CA ALA B 1382 -11.99 6.56 25.01
C ALA B 1382 -11.65 6.37 26.49
N ILE B 1383 -12.26 5.37 27.12
CA ILE B 1383 -11.99 5.07 28.52
C ILE B 1383 -10.54 4.64 28.68
N ASN B 1384 -10.00 3.98 27.67
CA ASN B 1384 -8.61 3.56 27.68
C ASN B 1384 -7.68 4.77 27.54
N TRP B 1385 -8.14 5.76 26.80
CA TRP B 1385 -7.36 6.98 26.55
C TRP B 1385 -7.34 7.88 27.78
N ALA B 1386 -8.41 7.86 28.55
CA ALA B 1386 -8.54 8.73 29.72
C ALA B 1386 -7.51 8.40 30.80
N THR B 1387 -7.03 7.16 30.80
CA THR B 1387 -6.09 6.71 31.82
C THR B 1387 -4.72 7.36 31.69
N PHE B 1388 -4.48 8.05 30.58
CA PHE B 1388 -3.20 8.69 30.33
C PHE B 1388 -3.23 10.17 30.69
N THR B 1389 -4.38 10.64 31.16
CA THR B 1389 -4.55 12.05 31.50
C THR B 1389 -4.25 12.31 32.97
N TYR B 1390 -3.80 13.52 33.27
CA TYR B 1390 -3.54 13.92 34.65
C TYR B 1390 -4.84 13.96 35.44
N PHE B 1391 -5.95 14.17 34.74
CA PHE B 1391 -7.27 14.16 35.36
C PHE B 1391 -7.59 12.79 35.96
N TYR B 1392 -7.32 11.74 35.20
CA TYR B 1392 -7.55 10.38 35.68
C TYR B 1392 -6.66 10.06 36.86
N ARG B 1393 -5.38 10.43 36.76
CA ARG B 1393 -4.43 10.19 37.82
C ARG B 1393 -4.78 11.02 39.06
N ARG B 1394 -5.66 11.99 38.87
CA ARG B 1394 -6.08 12.87 39.95
C ARG B 1394 -7.36 12.38 40.61
N LEU B 1395 -8.13 11.58 39.87
CA LEU B 1395 -9.39 11.04 40.39
C LEU B 1395 -9.20 10.21 41.65
N LEU B 1396 -8.14 9.41 41.66
CA LEU B 1396 -7.89 8.51 42.78
C LEU B 1396 -7.51 9.28 44.05
N ALA B 1397 -6.85 10.42 43.88
CA ALA B 1397 -6.35 11.19 45.01
C ALA B 1397 -7.33 12.28 45.44
N ASN B 1398 -8.10 12.79 44.48
CA ASN B 1398 -9.03 13.87 44.76
C ASN B 1398 -10.40 13.62 44.12
N PRO B 1399 -11.12 12.61 44.63
CA PRO B 1399 -12.39 12.15 44.06
C PRO B 1399 -13.52 13.16 44.23
N SER B 1400 -13.51 13.91 45.33
CA SER B 1400 -14.59 14.85 45.61
C SER B 1400 -14.56 16.06 44.68
N TYR B 1401 -13.37 16.42 44.20
CA TYR B 1401 -13.23 17.58 43.33
C TYR B 1401 -13.84 17.32 41.96
N TYR B 1402 -13.69 16.09 41.48
CA TYR B 1402 -14.14 15.74 40.13
C TYR B 1402 -15.52 15.10 40.12
N GLY B 1403 -16.08 14.86 41.31
CA GLY B 1403 -17.43 14.35 41.42
C GLY B 1403 -17.52 12.88 41.81
N LEU B 1404 -16.37 12.25 41.98
CA LEU B 1404 -16.34 10.83 42.36
C LEU B 1404 -16.90 10.65 43.76
N GLN B 1405 -17.79 9.68 43.91
CA GLN B 1405 -18.41 9.42 45.21
C GLN B 1405 -18.16 7.99 45.67
N ASP B 1406 -17.32 7.26 44.94
CA ASP B 1406 -16.98 5.90 45.29
C ASP B 1406 -15.54 5.58 44.88
N PRO B 1407 -14.62 5.70 45.84
CA PRO B 1407 -13.17 5.53 45.62
C PRO B 1407 -12.77 4.11 45.18
N THR B 1408 -13.70 3.17 45.22
CA THR B 1408 -13.39 1.79 44.83
C THR B 1408 -13.04 1.70 43.34
N HIS B 1409 -12.13 0.80 43.02
CA HIS B 1409 -11.69 0.60 41.63
C HIS B 1409 -12.87 0.27 40.72
N ASP B 1410 -13.87 -0.42 41.27
CA ASP B 1410 -15.07 -0.73 40.51
C ASP B 1410 -15.94 0.51 40.33
N GLY B 1411 -16.09 1.28 41.40
CA GLY B 1411 -16.87 2.49 41.36
C GLY B 1411 -16.26 3.53 40.43
N LEU B 1412 -14.93 3.57 40.38
CA LEU B 1412 -14.23 4.47 39.49
C LEU B 1412 -14.49 4.11 38.04
N SER B 1413 -14.68 2.82 37.78
CA SER B 1413 -14.95 2.33 36.45
C SER B 1413 -16.32 2.80 35.95
N GLN B 1414 -17.31 2.75 36.84
CA GLN B 1414 -18.66 3.19 36.50
C GLN B 1414 -18.72 4.70 36.28
N TYR B 1415 -18.04 5.45 37.13
CA TYR B 1415 -18.01 6.90 37.02
C TYR B 1415 -17.45 7.35 35.67
N LEU B 1416 -16.32 6.77 35.30
CA LEU B 1416 -15.67 7.13 34.04
C LEU B 1416 -16.50 6.63 32.86
N SER B 1417 -17.06 5.43 33.00
CA SER B 1417 -17.89 4.85 31.95
C SER B 1417 -19.13 5.69 31.70
N ASP B 1418 -19.82 6.06 32.77
CA ASP B 1418 -20.99 6.92 32.67
C ASP B 1418 -20.59 8.31 32.18
N LEU B 1419 -19.33 8.67 32.42
CA LEU B 1419 -18.81 9.97 32.01
C LEU B 1419 -18.69 10.05 30.49
N VAL B 1420 -18.04 9.07 29.90
CA VAL B 1420 -17.83 9.04 28.46
C VAL B 1420 -19.15 8.88 27.72
N GLU B 1421 -20.07 8.14 28.31
CA GLU B 1421 -21.38 7.90 27.72
C GLU B 1421 -22.17 9.21 27.65
N THR B 1422 -22.08 10.00 28.71
CA THR B 1422 -22.76 11.28 28.77
C THR B 1422 -22.15 12.26 27.77
N THR B 1423 -20.83 12.24 27.67
CA THR B 1423 -20.10 13.12 26.76
C THR B 1423 -20.39 12.76 25.30
N LEU B 1424 -20.33 11.46 25.00
CA LEU B 1424 -20.59 10.98 23.65
C LEU B 1424 -22.01 11.30 23.20
N LYS B 1425 -22.96 11.14 24.11
CA LYS B 1425 -24.36 11.41 23.79
C LYS B 1425 -24.57 12.92 23.63
N GLN B 1426 -23.72 13.71 24.27
CA GLN B 1426 -23.75 15.15 24.09
C GLN B 1426 -23.34 15.51 22.67
N LEU B 1427 -22.36 14.78 22.15
CA LEU B 1427 -21.88 14.99 20.79
C LEU B 1427 -22.90 14.49 19.78
N SER B 1428 -23.50 13.34 20.08
CA SER B 1428 -24.50 12.73 19.19
C SER B 1428 -25.75 13.60 19.11
N ASP B 1429 -26.12 14.22 20.22
CA ASP B 1429 -27.28 15.11 20.26
C ASP B 1429 -26.97 16.42 19.53
N ALA B 1430 -25.69 16.70 19.34
CA ALA B 1430 -25.27 17.95 18.71
C ALA B 1430 -25.09 17.79 17.20
N ARG B 1431 -25.54 16.65 16.67
CA ARG B 1431 -25.45 16.40 15.24
C ARG B 1431 -24.01 16.39 14.74
N ILE B 1432 -23.15 15.63 15.41
CA ILE B 1432 -21.74 15.60 15.04
C ILE B 1432 -21.19 14.17 15.02
N ILE B 1433 -21.89 13.24 15.66
CA ILE B 1433 -21.42 11.86 15.74
C ILE B 1433 -22.56 10.84 15.73
N GLU B 1434 -22.31 9.70 15.11
CA GLU B 1434 -23.21 8.56 15.18
C GLU B 1434 -22.48 7.42 15.90
N MET B 1435 -23.14 6.79 16.86
CA MET B 1435 -22.46 5.86 17.76
C MET B 1435 -23.01 4.44 17.74
N ASP B 1436 -24.29 4.29 17.36
CA ASP B 1436 -24.92 2.97 17.35
C ASP B 1436 -24.80 2.33 18.73
N GLU B 1437 -25.60 2.82 19.68
CA GLU B 1437 -25.44 2.53 21.10
C GLU B 1437 -25.29 1.05 21.45
N ASP B 1438 -26.10 0.19 20.84
CA ASP B 1438 -26.05 -1.23 21.14
C ASP B 1438 -24.68 -1.81 20.77
N GLU B 1439 -24.36 -1.76 19.48
CA GLU B 1439 -23.01 -2.08 19.02
C GLU B 1439 -22.15 -0.83 19.18
N GLY B 1440 -21.94 -0.43 20.44
CA GLY B 1440 -21.35 0.85 20.76
C GLY B 1440 -20.01 1.20 20.14
N THR B 1441 -20.06 1.67 18.90
CA THR B 1441 -18.87 2.20 18.22
C THR B 1441 -19.22 3.49 17.50
N VAL B 1442 -18.65 4.60 17.97
CA VAL B 1442 -18.97 5.92 17.43
C VAL B 1442 -18.33 6.15 16.07
N ALA B 1443 -18.75 7.22 15.40
CA ALA B 1443 -18.23 7.58 14.09
C ALA B 1443 -18.46 9.07 13.84
N PRO B 1444 -17.38 9.80 13.50
CA PRO B 1444 -17.42 11.25 13.30
C PRO B 1444 -18.04 11.65 11.97
N LEU B 1445 -19.12 12.42 12.02
CA LEU B 1445 -19.70 13.01 10.81
C LEU B 1445 -18.77 14.10 10.29
N ASN B 1446 -19.09 14.62 9.11
CA ASN B 1446 -18.24 15.64 8.49
C ASN B 1446 -18.18 16.90 9.33
N ALA B 1447 -19.16 17.06 10.22
CA ALA B 1447 -19.18 18.21 11.13
C ALA B 1447 -18.03 18.15 12.12
N ALA B 1448 -17.71 16.94 12.56
CA ALA B 1448 -16.59 16.73 13.48
C ALA B 1448 -15.27 16.98 12.77
N MET B 1449 -15.19 16.57 11.51
CA MET B 1449 -13.99 16.78 10.71
C MET B 1449 -13.71 18.27 10.53
N ILE B 1450 -14.75 19.02 10.18
CA ILE B 1450 -14.63 20.46 9.99
C ILE B 1450 -14.34 21.16 11.30
N ALA B 1451 -14.79 20.55 12.39
CA ALA B 1451 -14.60 21.11 13.73
C ALA B 1451 -13.16 20.91 14.21
N ALA B 1452 -12.52 19.85 13.73
CA ALA B 1452 -11.16 19.53 14.15
C ALA B 1452 -10.13 20.31 13.34
N TYR B 1453 -10.35 20.38 12.03
CA TYR B 1453 -9.42 21.08 11.14
C TYR B 1453 -9.42 22.59 11.43
N TYR B 1454 -10.61 23.18 11.45
CA TYR B 1454 -10.74 24.61 11.71
C TYR B 1454 -10.76 24.90 13.22
N ASN B 1455 -10.54 23.85 14.01
CA ASN B 1455 -10.55 23.92 15.48
C ASN B 1455 -11.63 24.85 16.04
N ILE B 1456 -12.87 24.39 16.05
CA ILE B 1456 -13.99 25.16 16.54
C ILE B 1456 -14.65 24.49 17.74
N SER B 1457 -15.28 25.28 18.59
CA SER B 1457 -16.01 24.75 19.74
C SER B 1457 -17.15 23.86 19.28
N TYR B 1458 -17.41 22.80 20.03
CA TYR B 1458 -18.43 21.83 19.65
C TYR B 1458 -19.83 22.44 19.73
N MET B 1459 -20.02 23.33 20.68
CA MET B 1459 -21.30 24.02 20.82
C MET B 1459 -21.50 25.02 19.69
N THR B 1460 -20.41 25.68 19.31
CA THR B 1460 -20.44 26.61 18.19
C THR B 1460 -20.82 25.89 16.90
N MET B 1461 -20.32 24.67 16.75
CA MET B 1461 -20.64 23.85 15.59
C MET B 1461 -22.12 23.46 15.60
N GLU B 1462 -22.64 23.18 16.79
CA GLU B 1462 -24.05 22.83 16.93
C GLU B 1462 -24.93 23.99 16.49
N MET B 1463 -24.64 25.17 17.03
CA MET B 1463 -25.38 26.37 16.68
C MET B 1463 -25.24 26.70 15.20
N PHE B 1464 -24.08 26.36 14.64
CA PHE B 1464 -23.84 26.55 13.21
C PHE B 1464 -24.74 25.65 12.38
N LEU B 1465 -24.83 24.39 12.76
CA LEU B 1465 -25.61 23.41 12.03
C LEU B 1465 -27.11 23.70 12.09
N LEU B 1466 -27.56 24.25 13.21
CA LEU B 1466 -28.97 24.50 13.43
C LEU B 1466 -29.46 25.73 12.67
N SER B 1467 -28.67 26.79 12.68
CA SER B 1467 -29.07 28.06 12.08
C SER B 1467 -28.88 28.07 10.57
N LEU B 1468 -27.76 27.54 10.11
CA LEU B 1468 -27.44 27.53 8.68
C LEU B 1468 -28.50 26.76 7.87
N SER B 1469 -28.96 27.37 6.79
CA SER B 1469 -29.97 26.75 5.94
C SER B 1469 -29.74 27.09 4.47
N HIS B 1470 -30.59 26.53 3.61
CA HIS B 1470 -30.49 26.80 2.17
C HIS B 1470 -30.89 28.24 1.86
N LYS B 1471 -31.84 28.76 2.64
CA LYS B 1471 -32.33 30.12 2.46
C LYS B 1471 -31.37 31.15 3.05
N SER B 1472 -30.41 30.68 3.84
CA SER B 1472 -29.49 31.56 4.55
C SER B 1472 -28.74 32.49 3.61
N LYS B 1473 -29.13 33.76 3.61
CA LYS B 1473 -28.49 34.77 2.78
C LYS B 1473 -27.12 35.14 3.31
N LEU B 1474 -26.50 36.13 2.68
CA LEU B 1474 -25.21 36.64 3.11
C LEU B 1474 -25.33 37.37 4.44
N ARG B 1475 -26.36 38.19 4.57
CA ARG B 1475 -26.57 38.98 5.77
C ARG B 1475 -26.90 38.10 6.98
N THR B 1476 -27.27 36.85 6.71
CA THR B 1476 -27.62 35.92 7.77
C THR B 1476 -26.37 35.34 8.42
N ILE B 1477 -25.44 34.87 7.59
CA ILE B 1477 -24.23 34.22 8.08
C ILE B 1477 -23.41 35.16 8.94
N LEU B 1478 -23.64 36.46 8.79
CA LEU B 1478 -22.99 37.45 9.63
C LEU B 1478 -23.49 37.33 11.06
N GLU B 1479 -24.78 37.07 11.19
CA GLU B 1479 -25.41 36.90 12.50
C GLU B 1479 -24.98 35.60 13.16
N ILE B 1480 -24.83 34.56 12.35
CA ILE B 1480 -24.48 33.24 12.88
C ILE B 1480 -23.02 33.15 13.30
N VAL B 1481 -22.12 33.68 12.48
CA VAL B 1481 -20.69 33.61 12.76
C VAL B 1481 -20.33 34.44 13.99
N THR B 1482 -20.98 35.58 14.14
CA THR B 1482 -20.71 36.48 15.26
C THR B 1482 -21.24 35.91 16.57
N ALA B 1483 -22.19 34.98 16.47
CA ALA B 1483 -22.78 34.37 17.66
C ALA B 1483 -21.94 33.21 18.18
N ALA B 1484 -20.79 33.00 17.56
CA ALA B 1484 -19.89 31.91 17.97
C ALA B 1484 -19.39 32.12 19.39
N THR B 1485 -19.24 31.02 20.13
CA THR B 1485 -18.80 31.09 21.51
C THR B 1485 -17.34 31.49 21.61
N GLU B 1486 -16.67 31.56 20.48
CA GLU B 1486 -15.26 31.93 20.43
C GLU B 1486 -15.07 33.39 20.83
N PHE B 1487 -16.13 34.17 20.74
CA PHE B 1487 -16.06 35.61 20.98
C PHE B 1487 -16.61 36.00 22.34
N GLU B 1488 -17.22 35.03 23.02
CA GLU B 1488 -17.82 35.28 24.33
C GLU B 1488 -16.75 35.62 25.37
N SER B 1489 -15.51 35.24 25.09
CA SER B 1489 -14.40 35.52 26.01
C SER B 1489 -13.81 36.89 25.73
N ILE B 1490 -14.39 37.62 24.79
CA ILE B 1490 -13.91 38.95 24.45
C ILE B 1490 -14.19 39.91 25.61
N GLN B 1491 -13.30 40.87 25.81
CA GLN B 1491 -13.43 41.80 26.92
C GLN B 1491 -14.66 42.72 26.77
N THR B 1492 -15.24 43.09 27.90
CA THR B 1492 -16.39 43.98 27.90
C THR B 1492 -16.27 45.05 28.97
N ARG B 1493 -16.46 46.31 28.57
CA ARG B 1493 -16.37 47.44 29.49
C ARG B 1493 -17.75 47.98 29.83
N ARG B 1494 -17.91 48.47 31.06
CA ARG B 1494 -19.19 49.00 31.52
C ARG B 1494 -19.57 50.29 30.81
N HIS B 1495 -18.59 51.15 30.56
CA HIS B 1495 -18.85 52.44 29.94
C HIS B 1495 -19.03 52.33 28.42
N GLU B 1496 -18.38 51.32 27.83
CA GLU B 1496 -18.45 51.14 26.39
C GLU B 1496 -19.87 50.89 25.92
N GLU B 1497 -20.65 50.15 26.71
CA GLU B 1497 -22.03 49.82 26.38
C GLU B 1497 -22.86 51.08 26.14
N GLY B 1498 -23.43 51.17 24.93
CA GLY B 1498 -24.17 52.35 24.54
C GLY B 1498 -23.52 53.00 23.34
N ILE B 1499 -22.19 53.11 23.37
CA ILE B 1499 -21.44 53.65 22.26
C ILE B 1499 -21.55 52.73 21.04
N LEU B 1500 -21.62 51.43 21.31
CA LEU B 1500 -21.83 50.46 20.24
C LEU B 1500 -23.22 50.62 19.65
N LYS B 1501 -24.18 50.97 20.50
CA LYS B 1501 -25.54 51.24 20.07
C LYS B 1501 -25.56 52.39 19.08
N ARG B 1502 -24.65 53.33 19.26
CA ARG B 1502 -24.52 54.45 18.33
C ARG B 1502 -23.94 53.96 17.01
N ILE B 1503 -23.05 52.98 17.09
CA ILE B 1503 -22.45 52.37 15.92
C ILE B 1503 -23.49 51.52 15.19
N TYR B 1504 -24.35 50.85 15.96
CA TYR B 1504 -25.39 49.99 15.41
C TYR B 1504 -26.36 50.78 14.54
N ASP B 1505 -26.47 52.07 14.80
CA ASP B 1505 -27.38 52.92 14.05
C ASP B 1505 -26.78 53.37 12.73
N HIS B 1506 -25.46 53.55 12.69
CA HIS B 1506 -24.78 54.00 11.50
C HIS B 1506 -24.32 52.85 10.60
N VAL B 1507 -24.95 51.69 10.76
CA VAL B 1507 -24.62 50.54 9.95
C VAL B 1507 -25.86 49.73 9.59
N PRO B 1508 -25.96 49.31 8.32
CA PRO B 1508 -27.09 48.50 7.85
C PRO B 1508 -27.03 47.07 8.38
N VAL B 1509 -27.90 46.21 7.86
CA VAL B 1509 -27.96 44.83 8.31
C VAL B 1509 -28.28 44.77 9.79
N LYS B 1510 -29.43 45.31 10.18
CA LYS B 1510 -29.84 45.34 11.58
C LYS B 1510 -30.18 43.95 12.08
N MET B 1511 -30.31 43.81 13.39
CA MET B 1511 -30.65 42.53 14.01
C MET B 1511 -31.88 42.64 14.88
N ASN B 1512 -32.66 41.57 14.95
CA ASN B 1512 -33.85 41.54 15.79
C ASN B 1512 -33.51 41.23 17.24
N ASN B 1513 -34.29 41.78 18.16
CA ASN B 1513 -34.11 41.61 19.60
C ASN B 1513 -32.65 41.59 20.05
N PRO B 1514 -31.95 42.72 19.87
CA PRO B 1514 -30.52 42.83 20.20
C PRO B 1514 -30.27 43.13 21.68
N VAL B 1515 -29.28 42.47 22.26
CA VAL B 1515 -28.85 42.75 23.62
C VAL B 1515 -27.53 43.53 23.58
N TRP B 1516 -27.56 44.75 24.10
CA TRP B 1516 -26.46 45.69 23.91
C TRP B 1516 -25.22 45.38 24.75
N ASP B 1517 -25.35 44.51 25.75
CA ASP B 1517 -24.22 44.21 26.63
C ASP B 1517 -23.52 42.92 26.26
N SER B 1518 -24.20 42.07 25.48
CA SER B 1518 -23.67 40.77 25.12
C SER B 1518 -22.43 40.90 24.22
N ALA B 1519 -21.68 39.80 24.11
CA ALA B 1519 -20.51 39.77 23.24
C ALA B 1519 -20.94 39.50 21.80
N HIS B 1520 -22.09 38.85 21.64
CA HIS B 1520 -22.63 38.55 20.32
C HIS B 1520 -22.94 39.84 19.57
N PHE B 1521 -23.53 40.80 20.26
CA PHE B 1521 -23.90 42.07 19.64
C PHE B 1521 -22.66 42.88 19.26
N LYS B 1522 -21.67 42.90 20.14
CA LYS B 1522 -20.45 43.64 19.89
C LYS B 1522 -19.72 43.10 18.65
N ALA B 1523 -19.71 41.78 18.51
CA ALA B 1523 -19.08 41.14 17.37
C ALA B 1523 -19.83 41.45 16.08
N PHE B 1524 -21.16 41.42 16.16
CA PHE B 1524 -22.00 41.67 15.00
C PHE B 1524 -21.86 43.08 14.49
N VAL B 1525 -21.69 44.04 15.41
CA VAL B 1525 -21.60 45.45 15.04
C VAL B 1525 -20.18 45.86 14.67
N LEU B 1526 -19.19 45.28 15.36
CA LEU B 1526 -17.80 45.62 15.11
C LEU B 1526 -17.36 45.20 13.71
N VAL B 1527 -17.79 44.01 13.29
CA VAL B 1527 -17.46 43.52 11.95
C VAL B 1527 -18.04 44.46 10.90
N GLN B 1528 -19.25 44.94 11.14
CA GLN B 1528 -19.89 45.89 10.24
C GLN B 1528 -19.18 47.23 10.30
N ALA B 1529 -18.51 47.49 11.42
CA ALA B 1529 -17.67 48.67 11.55
C ALA B 1529 -16.39 48.47 10.74
N HIS B 1530 -15.93 47.22 10.71
CA HIS B 1530 -14.79 46.84 9.89
C HIS B 1530 -15.08 47.06 8.42
N PHE B 1531 -16.25 46.57 7.99
CA PHE B 1531 -16.67 46.72 6.61
C PHE B 1531 -16.87 48.17 6.24
N SER B 1532 -17.66 48.88 7.04
CA SER B 1532 -17.97 50.28 6.78
C SER B 1532 -16.74 51.16 6.94
N ARG B 1533 -15.70 50.61 7.58
CA ARG B 1533 -14.44 51.31 7.76
C ARG B 1533 -14.62 52.57 8.59
N MET B 1534 -15.26 52.41 9.74
CA MET B 1534 -15.49 53.52 10.66
C MET B 1534 -14.39 53.60 11.72
N ASN B 1535 -14.01 54.81 12.09
CA ASN B 1535 -13.01 55.01 13.13
C ASN B 1535 -13.53 54.55 14.48
N LEU B 1536 -12.68 53.88 15.25
CA LEU B 1536 -13.08 53.36 16.56
C LEU B 1536 -12.09 53.74 17.64
N PRO B 1537 -12.54 53.69 18.90
CA PRO B 1537 -11.69 53.93 20.07
C PRO B 1537 -10.67 52.81 20.27
N ILE B 1538 -9.58 53.10 20.96
CA ILE B 1538 -8.49 52.16 21.13
C ILE B 1538 -8.95 50.86 21.79
N ASP B 1539 -9.72 50.98 22.87
CA ASP B 1539 -10.20 49.82 23.60
C ASP B 1539 -11.11 48.96 22.72
N LEU B 1540 -11.77 49.60 21.76
CA LEU B 1540 -12.66 48.90 20.86
C LEU B 1540 -11.90 48.40 19.63
N ALA B 1541 -10.84 49.12 19.28
CA ALA B 1541 -10.00 48.72 18.16
C ALA B 1541 -9.30 47.40 18.45
N LYS B 1542 -8.85 47.24 19.69
CA LYS B 1542 -8.24 45.98 20.11
C LYS B 1542 -9.31 44.89 20.14
N ASP B 1543 -10.53 45.28 20.51
CA ASP B 1543 -11.66 44.37 20.44
C ASP B 1543 -12.01 44.10 18.99
N GLN B 1544 -11.73 45.08 18.13
CA GLN B 1544 -11.96 44.95 16.70
C GLN B 1544 -11.13 43.82 16.11
N GLU B 1545 -10.00 43.52 16.76
CA GLU B 1545 -9.12 42.46 16.30
C GLU B 1545 -9.69 41.08 16.59
N VAL B 1546 -11.01 40.98 16.64
CA VAL B 1546 -11.69 39.70 16.69
C VAL B 1546 -11.64 39.10 15.28
N ILE B 1547 -11.31 39.95 14.32
CA ILE B 1547 -11.16 39.55 12.93
C ILE B 1547 -10.19 38.38 12.78
N LEU B 1548 -9.15 38.38 13.60
CA LEU B 1548 -8.14 37.32 13.57
C LEU B 1548 -8.75 35.95 13.72
N GLN B 1549 -9.79 35.87 14.54
CA GLN B 1549 -10.43 34.58 14.85
C GLN B 1549 -11.62 34.31 13.93
N LYS B 1550 -12.22 35.38 13.40
CA LYS B 1550 -13.44 35.25 12.62
C LYS B 1550 -13.19 34.67 11.23
N ILE B 1551 -12.00 34.92 10.69
CA ILE B 1551 -11.67 34.42 9.36
C ILE B 1551 -11.67 32.91 9.34
N LEU B 1552 -11.37 32.29 10.48
CA LEU B 1552 -11.36 30.84 10.60
C LEU B 1552 -12.77 30.30 10.69
N SER B 1553 -13.62 30.98 11.44
CA SER B 1553 -15.01 30.58 11.61
C SER B 1553 -15.78 30.74 10.30
N LEU B 1554 -15.42 31.77 9.53
CA LEU B 1554 -16.04 32.01 8.24
C LEU B 1554 -15.78 30.86 7.29
N LEU B 1555 -14.50 30.54 7.08
CA LEU B 1555 -14.11 29.43 6.23
C LEU B 1555 -14.71 28.12 6.74
N SER B 1556 -14.81 28.01 8.06
CA SER B 1556 -15.44 26.86 8.67
C SER B 1556 -16.93 26.82 8.31
N ALA B 1557 -17.57 27.97 8.40
CA ALA B 1557 -18.98 28.10 8.02
C ALA B 1557 -19.16 27.80 6.53
N ILE B 1558 -18.08 28.00 5.77
CA ILE B 1558 -18.10 27.71 4.34
C ILE B 1558 -18.16 26.21 4.09
N VAL B 1559 -17.07 25.52 4.41
CA VAL B 1559 -16.98 24.08 4.21
C VAL B 1559 -18.06 23.33 4.97
N ASP B 1560 -18.63 23.98 5.98
CA ASP B 1560 -19.73 23.39 6.75
C ASP B 1560 -21.04 23.46 5.99
N ILE B 1561 -21.38 24.66 5.51
CA ILE B 1561 -22.63 24.87 4.78
C ILE B 1561 -22.60 24.15 3.44
N LEU B 1562 -21.41 23.75 3.00
CA LEU B 1562 -21.27 23.00 1.76
C LEU B 1562 -20.74 21.59 2.04
N SER B 1563 -20.73 21.20 3.30
CA SER B 1563 -20.26 19.88 3.71
C SER B 1563 -21.24 18.80 3.28
N SER B 1564 -21.27 18.51 1.98
CA SER B 1564 -22.19 17.56 1.39
C SER B 1564 -23.64 18.05 1.45
N GLU B 1565 -23.90 18.99 2.36
CA GLU B 1565 -25.12 19.78 2.30
C GLU B 1565 -24.99 20.72 1.11
N GLY B 1566 -25.17 20.19 -0.10
CA GLY B 1566 -24.86 20.89 -1.32
C GLY B 1566 -25.62 22.17 -1.60
N HIS B 1567 -25.57 23.11 -0.66
CA HIS B 1567 -26.19 24.41 -0.86
C HIS B 1567 -25.19 25.37 -1.50
N LEU B 1568 -25.50 25.84 -2.71
CA LEU B 1568 -24.59 26.71 -3.44
C LEU B 1568 -24.46 28.08 -2.79
N ASN B 1569 -25.34 28.37 -1.85
CA ASN B 1569 -25.29 29.63 -1.12
C ASN B 1569 -24.00 29.76 -0.31
N ALA B 1570 -23.25 28.67 -0.22
CA ALA B 1570 -21.96 28.66 0.44
C ALA B 1570 -21.01 29.64 -0.23
N LEU B 1571 -21.28 29.94 -1.50
CA LEU B 1571 -20.50 30.93 -2.24
C LEU B 1571 -20.57 32.29 -1.57
N ASN B 1572 -21.67 32.53 -0.86
CA ASN B 1572 -21.84 33.78 -0.12
C ASN B 1572 -20.86 33.85 1.05
N ALA B 1573 -20.61 32.70 1.66
CA ALA B 1573 -19.65 32.62 2.77
C ALA B 1573 -18.25 32.97 2.28
N MET B 1574 -17.90 32.48 1.10
CA MET B 1574 -16.63 32.82 0.48
C MET B 1574 -16.59 34.31 0.17
N GLU B 1575 -17.75 34.84 -0.21
CA GLU B 1575 -17.89 36.26 -0.53
C GLU B 1575 -17.55 37.12 0.69
N MET B 1576 -18.15 36.78 1.82
CA MET B 1576 -17.89 37.50 3.06
C MET B 1576 -16.44 37.38 3.49
N SER B 1577 -15.83 36.23 3.19
CA SER B 1577 -14.41 36.04 3.47
C SER B 1577 -13.59 37.07 2.72
N GLN B 1578 -13.99 37.35 1.49
CA GLN B 1578 -13.32 38.35 0.67
C GLN B 1578 -13.48 39.74 1.28
N MET B 1579 -14.65 40.00 1.87
CA MET B 1579 -14.97 41.30 2.41
C MET B 1579 -14.20 41.58 3.70
N VAL B 1580 -13.97 40.54 4.49
CA VAL B 1580 -13.22 40.68 5.74
C VAL B 1580 -11.76 41.00 5.46
N VAL B 1581 -11.23 40.42 4.39
CA VAL B 1581 -9.82 40.61 4.04
C VAL B 1581 -9.56 42.02 3.54
N GLN B 1582 -10.31 42.44 2.52
CA GLN B 1582 -10.10 43.74 1.90
C GLN B 1582 -10.87 44.85 2.62
N ALA B 1583 -11.60 44.48 3.66
CA ALA B 1583 -12.36 45.45 4.45
C ALA B 1583 -13.41 46.16 3.61
N MET B 1584 -14.33 45.39 3.04
CA MET B 1584 -15.37 45.96 2.19
C MET B 1584 -16.73 45.39 2.55
N TRP B 1585 -17.79 46.00 2.03
CA TRP B 1585 -19.14 45.51 2.23
C TRP B 1585 -19.51 44.44 1.22
N ASP B 1586 -20.78 44.09 1.18
CA ASP B 1586 -21.27 43.03 0.30
C ASP B 1586 -21.04 43.31 -1.18
N ARG B 1587 -21.07 44.59 -1.54
CA ARG B 1587 -20.95 44.97 -2.94
C ARG B 1587 -20.67 46.46 -3.14
N ASP B 1588 -19.68 46.97 -2.43
CA ASP B 1588 -19.22 48.34 -2.67
C ASP B 1588 -18.30 48.36 -3.87
N SER B 1589 -17.86 49.54 -4.28
CA SER B 1589 -16.97 49.68 -5.42
C SER B 1589 -15.64 48.98 -5.16
N PRO B 1590 -15.24 48.09 -6.07
CA PRO B 1590 -13.98 47.33 -5.97
C PRO B 1590 -12.74 48.23 -5.83
N LEU B 1591 -12.90 49.52 -6.12
CA LEU B 1591 -11.81 50.47 -5.98
C LEU B 1591 -11.41 50.67 -4.53
N LYS B 1592 -12.28 50.26 -3.61
CA LYS B 1592 -12.00 50.37 -2.19
C LYS B 1592 -10.75 49.57 -1.81
N GLN B 1593 -10.50 48.50 -2.55
CA GLN B 1593 -9.31 47.68 -2.33
C GLN B 1593 -8.05 48.48 -2.63
N ILE B 1594 -8.17 49.45 -3.54
CA ILE B 1594 -7.05 50.30 -3.91
C ILE B 1594 -6.64 51.21 -2.76
N PRO B 1595 -5.34 51.18 -2.40
CA PRO B 1595 -4.81 52.05 -1.35
C PRO B 1595 -5.00 53.53 -1.69
N ASN B 1596 -5.20 54.36 -0.67
CA ASN B 1596 -5.38 55.80 -0.84
C ASN B 1596 -6.69 56.17 -1.52
N PHE B 1597 -7.34 55.18 -2.12
CA PHE B 1597 -8.60 55.40 -2.82
C PHE B 1597 -9.73 55.65 -1.83
N THR B 1598 -9.98 56.92 -1.53
CA THR B 1598 -11.05 57.32 -0.62
C THR B 1598 -12.40 57.26 -1.32
N PRO B 1599 -13.49 57.41 -0.54
CA PRO B 1599 -14.83 57.45 -1.12
C PRO B 1599 -15.01 58.64 -2.06
N GLU B 1600 -14.11 59.61 -1.95
CA GLU B 1600 -14.10 60.75 -2.86
C GLU B 1600 -13.45 60.35 -4.17
N VAL B 1601 -12.38 59.56 -4.08
CA VAL B 1601 -11.67 59.08 -5.27
C VAL B 1601 -12.56 58.14 -6.07
N VAL B 1602 -13.17 57.18 -5.38
CA VAL B 1602 -14.07 56.23 -6.03
C VAL B 1602 -15.27 56.96 -6.62
N LYS B 1603 -15.61 58.10 -6.04
CA LYS B 1603 -16.69 58.94 -6.56
C LYS B 1603 -16.32 59.46 -7.93
N VAL B 1604 -15.11 60.00 -8.05
CA VAL B 1604 -14.61 60.49 -9.33
C VAL B 1604 -14.40 59.33 -10.29
N ALA B 1605 -14.11 58.15 -9.73
CA ALA B 1605 -13.91 56.95 -10.52
C ALA B 1605 -15.23 56.43 -11.06
N ASN B 1606 -16.33 56.91 -10.49
CA ASN B 1606 -17.65 56.51 -10.96
C ASN B 1606 -18.23 57.54 -11.92
N LYS B 1607 -17.89 58.81 -11.71
CA LYS B 1607 -18.21 59.83 -12.69
C LYS B 1607 -17.41 59.53 -13.96
N TYR B 1608 -16.14 59.17 -13.75
CA TYR B 1608 -15.35 58.58 -14.82
C TYR B 1608 -15.90 57.20 -15.14
N GLY B 1609 -15.66 56.73 -16.36
CA GLY B 1609 -16.24 55.47 -16.80
C GLY B 1609 -15.55 54.22 -16.27
N ILE B 1610 -14.87 54.35 -15.13
CA ILE B 1610 -14.15 53.22 -14.56
C ILE B 1610 -14.84 52.66 -13.31
N ASN B 1611 -15.92 51.92 -13.54
CA ASN B 1611 -16.69 51.32 -12.44
C ASN B 1611 -15.88 50.27 -11.68
N ASP B 1612 -15.20 49.40 -12.42
CA ASP B 1612 -14.41 48.32 -11.82
C ASP B 1612 -12.92 48.59 -11.93
N ILE B 1613 -12.13 47.74 -11.28
CA ILE B 1613 -10.67 47.89 -11.28
C ILE B 1613 -10.08 47.78 -12.67
N PHE B 1614 -10.52 46.77 -13.42
CA PHE B 1614 -9.99 46.51 -14.75
C PHE B 1614 -10.32 47.65 -15.71
N ASP B 1615 -11.43 48.34 -15.46
CA ASP B 1615 -11.77 49.53 -16.23
C ASP B 1615 -10.83 50.67 -15.88
N PHE B 1616 -10.39 50.69 -14.63
CA PHE B 1616 -9.46 51.70 -14.15
C PHE B 1616 -8.13 51.64 -14.87
N MET B 1617 -7.49 50.46 -14.82
CA MET B 1617 -6.18 50.29 -15.45
C MET B 1617 -6.29 50.40 -16.97
N GLU B 1618 -7.48 50.12 -17.50
CA GLU B 1618 -7.72 50.24 -18.93
C GLU B 1618 -7.75 51.71 -19.36
N GLN B 1619 -8.34 52.54 -18.52
CA GLN B 1619 -8.46 53.97 -18.80
C GLN B 1619 -7.33 54.77 -18.15
N MET B 1620 -6.36 54.06 -17.59
CA MET B 1620 -5.25 54.71 -16.90
C MET B 1620 -3.96 54.61 -17.72
N ASN B 1621 -4.01 53.86 -18.81
CA ASN B 1621 -2.86 53.69 -19.70
C ASN B 1621 -2.47 55.02 -20.32
N PRO B 1622 -1.20 55.15 -20.74
CA PRO B 1622 -0.74 56.36 -21.42
C PRO B 1622 -1.55 56.67 -22.67
N GLU B 1623 -2.07 55.64 -23.32
CA GLU B 1623 -2.97 55.81 -24.45
C GLU B 1623 -4.41 55.89 -23.96
N GLU B 1624 -5.33 56.29 -24.83
CA GLU B 1624 -6.66 56.67 -24.41
C GLU B 1624 -6.53 57.79 -23.38
N ASN B 1625 -5.63 58.72 -23.68
CA ASN B 1625 -5.21 59.73 -22.71
C ASN B 1625 -6.03 61.03 -22.62
N PRO B 1626 -7.07 61.20 -23.47
CA PRO B 1626 -7.90 62.36 -23.17
C PRO B 1626 -8.62 62.17 -21.85
N ASN B 1627 -8.82 60.91 -21.48
CA ASN B 1627 -9.36 60.56 -20.18
C ASN B 1627 -8.28 60.64 -19.11
N TYR B 1628 -7.02 60.64 -19.57
CA TYR B 1628 -5.87 60.63 -18.66
C TYR B 1628 -5.57 62.00 -18.09
N ALA B 1629 -5.43 62.99 -18.96
CA ALA B 1629 -5.02 64.35 -18.57
C ALA B 1629 -5.89 64.92 -17.45
N SER B 1630 -7.20 64.73 -17.57
CA SER B 1630 -8.13 65.23 -16.55
C SER B 1630 -8.24 64.25 -15.39
N LEU B 1631 -7.83 63.01 -15.62
CA LEU B 1631 -7.87 61.98 -14.58
C LEU B 1631 -6.92 62.32 -13.43
N VAL B 1632 -5.70 62.71 -13.79
CA VAL B 1632 -4.68 63.02 -12.80
C VAL B 1632 -5.04 64.27 -12.00
N LYS B 1633 -5.69 65.24 -12.66
CA LYS B 1633 -6.08 66.48 -12.00
C LYS B 1633 -7.28 66.24 -11.09
N ASP B 1634 -8.10 65.25 -11.43
CA ASP B 1634 -9.29 64.95 -10.65
C ASP B 1634 -9.03 63.91 -9.56
N LEU B 1635 -8.73 64.39 -8.36
CA LEU B 1635 -8.61 63.53 -7.18
C LEU B 1635 -7.48 62.51 -7.30
N GLY B 1636 -6.54 62.75 -8.20
CA GLY B 1636 -5.48 61.80 -8.48
C GLY B 1636 -4.63 61.40 -7.29
N LEU B 1637 -4.81 62.09 -6.17
CA LEU B 1637 -4.07 61.78 -4.95
C LEU B 1637 -2.58 62.05 -5.12
N THR B 1638 -1.79 61.69 -4.11
CA THR B 1638 -0.35 61.86 -4.16
C THR B 1638 0.26 60.97 -5.24
N GLN B 1639 1.14 61.54 -6.04
CA GLN B 1639 1.79 60.81 -7.12
C GLN B 1639 2.58 59.61 -6.58
N ALA B 1640 3.04 59.73 -5.35
CA ALA B 1640 3.76 58.63 -4.70
C ALA B 1640 2.82 57.45 -4.49
N GLN B 1641 1.64 57.72 -3.93
CA GLN B 1641 0.65 56.68 -3.70
C GLN B 1641 0.03 56.24 -5.03
N LEU B 1642 -0.03 57.16 -5.98
CA LEU B 1642 -0.52 56.83 -7.32
C LEU B 1642 0.37 55.77 -7.94
N ALA B 1643 1.66 55.88 -7.71
CA ALA B 1643 2.61 54.88 -8.17
C ALA B 1643 2.47 53.61 -7.35
N GLN B 1644 1.96 53.76 -6.13
CA GLN B 1644 1.74 52.62 -5.25
C GLN B 1644 0.40 51.97 -5.54
N ALA B 1645 -0.52 52.76 -6.11
CA ALA B 1645 -1.79 52.24 -6.57
C ALA B 1645 -1.58 51.44 -7.86
N ALA B 1646 -0.65 51.91 -8.69
CA ALA B 1646 -0.27 51.19 -9.89
C ALA B 1646 0.49 49.93 -9.52
N ASN B 1647 1.28 50.02 -8.45
CA ASN B 1647 2.01 48.86 -7.94
C ASN B 1647 1.06 47.83 -7.36
N PHE B 1648 -0.10 48.29 -6.92
CA PHE B 1648 -1.13 47.40 -6.38
C PHE B 1648 -1.87 46.69 -7.51
N THR B 1649 -1.94 47.34 -8.67
CA THR B 1649 -2.55 46.74 -9.85
C THR B 1649 -1.52 45.94 -10.62
N ASN B 1650 -0.28 46.40 -10.59
CA ASN B 1650 0.83 45.70 -11.22
C ASN B 1650 1.18 44.41 -10.48
N ASN B 1651 1.05 44.44 -9.16
CA ASN B 1651 1.43 43.30 -8.34
C ASN B 1651 0.49 43.09 -7.15
N LYS B 1652 0.43 41.85 -6.68
CA LYS B 1652 -0.38 41.49 -5.51
C LYS B 1652 -1.87 41.72 -5.74
N TYR B 1653 -2.29 41.67 -7.00
CA TYR B 1653 -3.70 41.70 -7.36
C TYR B 1653 -4.00 40.57 -8.33
N PRO B 1654 -4.91 39.66 -7.93
CA PRO B 1654 -5.23 38.47 -8.73
C PRO B 1654 -5.72 38.81 -10.14
N ASP B 1655 -4.91 38.47 -11.13
CA ASP B 1655 -5.30 38.56 -12.53
C ASP B 1655 -4.92 37.25 -13.22
N ILE B 1656 -5.93 36.55 -13.71
CA ILE B 1656 -5.73 35.22 -14.27
C ILE B 1656 -6.88 34.79 -15.18
N THR B 1657 -6.68 33.68 -15.88
CA THR B 1657 -7.70 33.14 -16.77
C THR B 1657 -7.73 31.62 -16.66
N LEU B 1658 -8.79 31.02 -17.21
CA LEU B 1658 -8.93 29.57 -17.16
C LEU B 1658 -9.87 29.05 -18.26
N GLU B 1659 -9.45 27.97 -18.90
CA GLU B 1659 -10.31 27.29 -19.87
C GLU B 1659 -10.44 25.82 -19.49
N PHE B 1660 -11.51 25.18 -19.91
CA PHE B 1660 -11.79 23.82 -19.46
C PHE B 1660 -12.76 23.08 -20.37
N GLU B 1661 -12.64 21.76 -20.41
CA GLU B 1661 -13.58 20.91 -21.11
C GLU B 1661 -13.85 19.66 -20.27
N VAL B 1662 -14.85 18.88 -20.67
CA VAL B 1662 -15.21 17.67 -19.94
C VAL B 1662 -14.72 16.42 -20.66
N ASP B 1663 -14.01 15.56 -19.94
CA ASP B 1663 -13.52 14.31 -20.51
C ASP B 1663 -14.66 13.31 -20.66
N ASP B 1664 -14.92 12.91 -21.91
CA ASP B 1664 -16.03 12.01 -22.22
C ASP B 1664 -17.36 12.61 -21.78
N PRO B 1665 -17.73 13.76 -22.37
CA PRO B 1665 -18.98 14.46 -22.02
C PRO B 1665 -20.22 13.61 -22.29
N ASP B 1666 -20.16 12.80 -23.34
CA ASP B 1666 -21.30 11.98 -23.73
C ASP B 1666 -21.29 10.63 -23.04
N ASN B 1667 -20.10 10.14 -22.71
CA ASN B 1667 -19.97 8.82 -22.10
C ASN B 1667 -20.35 8.82 -20.63
N ILE B 1668 -20.10 9.94 -19.95
CA ILE B 1668 -20.41 10.05 -18.53
C ILE B 1668 -21.91 10.20 -18.31
N ARG B 1669 -22.36 9.83 -17.12
CA ARG B 1669 -23.78 9.89 -16.78
C ARG B 1669 -23.98 9.84 -15.26
N ALA B 1670 -25.22 10.02 -14.82
CA ALA B 1670 -25.54 10.11 -13.40
C ALA B 1670 -25.18 8.84 -12.64
N GLY B 1671 -25.10 8.96 -11.32
CA GLY B 1671 -24.81 7.84 -10.45
C GLY B 1671 -23.34 7.50 -10.38
N GLU B 1672 -22.54 8.12 -11.24
CA GLU B 1672 -21.12 7.84 -11.30
C GLU B 1672 -20.28 9.10 -11.14
N PRO B 1673 -18.98 8.94 -10.84
CA PRO B 1673 -18.06 10.06 -10.68
C PRO B 1673 -17.81 10.80 -11.99
N ALA B 1674 -18.24 12.05 -12.06
CA ALA B 1674 -18.05 12.86 -13.26
C ALA B 1674 -16.88 13.82 -13.07
N TYR B 1675 -15.82 13.61 -13.84
CA TYR B 1675 -14.61 14.43 -13.73
C TYR B 1675 -14.72 15.70 -14.55
N LEU B 1676 -13.73 16.56 -14.41
CA LEU B 1676 -13.71 17.85 -15.12
C LEU B 1676 -12.31 18.46 -15.10
N LYS B 1677 -11.63 18.39 -16.23
CA LYS B 1677 -10.27 18.91 -16.32
C LYS B 1677 -10.25 20.43 -16.34
N ILE B 1678 -9.56 21.02 -15.37
CA ILE B 1678 -9.48 22.48 -15.26
C ILE B 1678 -8.04 22.95 -15.28
N HIS B 1679 -7.81 24.13 -15.85
CA HIS B 1679 -6.48 24.71 -15.89
C HIS B 1679 -6.49 26.19 -15.54
N ILE B 1680 -5.79 26.54 -14.48
CA ILE B 1680 -5.68 27.93 -14.04
C ILE B 1680 -4.29 28.48 -14.34
N GLU B 1681 -4.20 29.34 -15.35
CA GLU B 1681 -2.92 29.93 -15.74
C GLU B 1681 -2.83 31.37 -15.24
N ARG B 1682 -1.64 31.79 -14.85
CA ARG B 1682 -1.45 33.10 -14.25
C ARG B 1682 -0.42 33.94 -14.99
N GLU B 1683 -0.67 35.25 -15.05
CA GLU B 1683 0.29 36.18 -15.65
C GLU B 1683 1.63 36.07 -14.94
N LEU B 1684 2.71 36.16 -15.71
CA LEU B 1684 4.03 35.84 -15.19
C LEU B 1684 4.94 37.05 -14.99
N GLU B 1685 5.58 37.10 -13.82
CA GLU B 1685 6.73 37.97 -13.64
C GLU B 1685 7.93 37.20 -14.16
N GLU B 1686 8.51 37.72 -15.24
CA GLU B 1686 9.46 37.02 -16.11
C GLU B 1686 10.19 35.79 -15.54
N ASP B 1687 10.97 35.97 -14.47
CA ASP B 1687 11.91 34.93 -14.08
C ASP B 1687 11.74 34.33 -12.68
N GLU B 1688 10.97 34.98 -11.81
CA GLU B 1688 10.84 34.47 -10.44
C GLU B 1688 9.38 34.23 -10.03
N GLU B 1689 9.21 33.51 -8.92
CA GLU B 1689 7.88 33.16 -8.43
C GLU B 1689 7.10 34.37 -7.96
N PHE B 1690 5.84 34.16 -7.62
CA PHE B 1690 4.98 35.22 -7.12
C PHE B 1690 3.90 34.64 -6.21
N ASP B 1691 2.83 35.41 -6.03
CA ASP B 1691 1.74 35.02 -5.14
C ASP B 1691 2.23 34.77 -3.71
N PRO B 1692 3.09 35.67 -3.19
CA PRO B 1692 3.67 35.44 -1.86
C PRO B 1692 2.64 35.68 -0.75
N THR B 1693 1.93 36.80 -0.85
CA THR B 1693 0.92 37.16 0.12
C THR B 1693 0.01 38.25 -0.44
N VAL B 1694 -1.20 38.33 0.07
CA VAL B 1694 -2.19 39.28 -0.44
C VAL B 1694 -2.00 40.67 0.17
N HIS B 1695 -2.32 41.70 -0.60
CA HIS B 1695 -2.30 43.06 -0.10
C HIS B 1695 -3.55 43.33 0.74
N ALA B 1696 -3.40 43.22 2.06
CA ALA B 1696 -4.50 43.43 2.98
C ALA B 1696 -4.08 44.29 4.15
N PRO B 1697 -4.17 45.61 3.99
CA PRO B 1697 -3.76 46.57 5.01
C PRO B 1697 -4.63 46.51 6.26
N PHE B 1698 -5.92 46.23 6.08
CA PHE B 1698 -6.87 46.30 7.17
C PHE B 1698 -7.13 44.94 7.82
N TYR B 1699 -6.44 43.92 7.35
CA TYR B 1699 -6.49 42.62 8.01
C TYR B 1699 -5.21 42.39 8.80
N PRO B 1700 -5.33 42.32 10.14
CA PRO B 1700 -4.21 42.24 11.07
C PRO B 1700 -3.28 41.04 10.81
N GLY B 1701 -3.82 39.99 10.21
CA GLY B 1701 -3.04 38.79 9.95
C GLY B 1701 -2.36 38.80 8.59
N LYS B 1702 -1.56 37.76 8.34
CA LYS B 1702 -0.87 37.60 7.07
C LYS B 1702 -1.22 36.26 6.43
N LYS B 1703 -1.96 36.32 5.32
CA LYS B 1703 -2.34 35.09 4.62
C LYS B 1703 -2.26 35.28 3.10
N SER B 1704 -1.75 34.26 2.42
CA SER B 1704 -1.53 34.31 0.98
C SER B 1704 -2.82 34.10 0.20
N GLU B 1705 -2.73 34.21 -1.12
CA GLU B 1705 -3.89 34.01 -1.97
C GLU B 1705 -4.33 32.54 -1.99
N ASN B 1706 -5.58 32.32 -1.58
CA ASN B 1706 -6.21 31.01 -1.72
C ASN B 1706 -7.36 31.13 -2.71
N TRP B 1707 -7.78 30.00 -3.27
CA TRP B 1707 -8.86 30.00 -4.26
C TRP B 1707 -9.80 28.82 -4.08
N TRP B 1708 -11.05 29.02 -4.45
CA TRP B 1708 -12.05 27.96 -4.43
C TRP B 1708 -12.53 27.60 -5.83
N LEU B 1709 -12.78 26.32 -6.05
CA LEU B 1709 -13.36 25.86 -7.30
C LEU B 1709 -14.62 25.06 -7.03
N VAL B 1710 -15.76 25.59 -7.48
CA VAL B 1710 -17.05 24.98 -7.19
C VAL B 1710 -17.88 24.75 -8.44
N VAL B 1711 -18.63 23.65 -8.46
CA VAL B 1711 -19.52 23.34 -9.58
C VAL B 1711 -20.94 23.19 -9.09
N GLY B 1712 -21.89 23.76 -9.83
CA GLY B 1712 -23.29 23.68 -9.47
C GLY B 1712 -24.21 24.39 -10.44
N GLU B 1713 -25.51 24.27 -10.22
CA GLU B 1713 -26.51 24.90 -11.07
C GLU B 1713 -27.50 25.71 -10.25
N GLU B 1714 -27.79 26.92 -10.70
CA GLU B 1714 -28.69 27.82 -9.98
C GLU B 1714 -30.11 27.29 -9.93
N SER B 1715 -30.50 26.55 -10.96
CA SER B 1715 -31.85 25.99 -11.03
C SER B 1715 -32.15 25.15 -9.80
N THR B 1716 -31.34 24.12 -9.58
CA THR B 1716 -31.44 23.33 -8.36
C THR B 1716 -30.84 24.10 -7.20
N LYS B 1717 -29.97 25.06 -7.53
CA LYS B 1717 -29.29 25.87 -6.54
C LYS B 1717 -28.48 24.99 -5.59
N THR B 1718 -27.62 24.15 -6.17
CA THR B 1718 -26.82 23.24 -5.38
C THR B 1718 -25.42 23.06 -5.98
N LEU B 1719 -24.44 22.82 -5.13
CA LEU B 1719 -23.07 22.58 -5.58
C LEU B 1719 -22.77 21.09 -5.57
N LEU B 1720 -22.18 20.60 -6.65
CA LEU B 1720 -21.86 19.18 -6.76
C LEU B 1720 -20.47 18.88 -6.21
N ALA B 1721 -19.53 19.80 -6.45
CA ALA B 1721 -18.16 19.59 -6.00
C ALA B 1721 -17.49 20.91 -5.61
N ILE B 1722 -16.44 20.81 -4.81
CA ILE B 1722 -15.69 21.98 -4.36
C ILE B 1722 -14.31 21.57 -3.87
N LYS B 1723 -13.35 22.46 -4.00
CA LYS B 1723 -11.98 22.18 -3.57
C LYS B 1723 -11.20 23.47 -3.36
N ARG B 1724 -10.51 23.56 -2.23
CA ARG B 1724 -9.72 24.74 -1.91
C ARG B 1724 -8.26 24.55 -2.32
N VAL B 1725 -7.88 25.15 -3.44
CA VAL B 1725 -6.52 25.01 -3.95
C VAL B 1725 -5.82 26.35 -4.03
N THR B 1726 -4.49 26.30 -4.09
CA THR B 1726 -3.68 27.51 -4.21
C THR B 1726 -2.98 27.57 -5.56
N VAL B 1727 -3.35 28.57 -6.36
CA VAL B 1727 -2.92 28.66 -7.76
C VAL B 1727 -1.40 28.72 -7.94
N GLY B 1728 -0.78 29.76 -7.41
CA GLY B 1728 0.64 29.98 -7.64
C GLY B 1728 0.86 30.48 -9.05
N LYS B 1729 1.91 29.98 -9.70
CA LYS B 1729 2.21 30.36 -11.08
C LYS B 1729 1.21 29.73 -12.04
N GLU B 1730 0.78 28.51 -11.74
CA GLU B 1730 -0.15 27.78 -12.58
C GLU B 1730 -0.61 26.49 -11.90
N LEU B 1731 -1.72 25.93 -12.36
CA LEU B 1731 -2.23 24.68 -11.82
C LEU B 1731 -3.13 23.94 -12.81
N ASN B 1732 -3.05 22.61 -12.79
CA ASN B 1732 -3.98 21.77 -13.54
C ASN B 1732 -4.82 20.95 -12.58
N VAL B 1733 -6.13 21.18 -12.58
CA VAL B 1733 -7.02 20.53 -11.63
C VAL B 1733 -8.03 19.61 -12.32
N LYS B 1734 -8.08 18.36 -11.89
CA LYS B 1734 -9.08 17.43 -12.38
C LYS B 1734 -10.18 17.25 -11.33
N LEU B 1735 -11.10 18.21 -11.29
CA LEU B 1735 -12.17 18.22 -10.31
C LEU B 1735 -13.12 17.04 -10.51
N GLU B 1736 -13.68 16.54 -9.40
CA GLU B 1736 -14.61 15.42 -9.48
C GLU B 1736 -15.97 15.80 -8.89
N PHE B 1737 -17.02 15.62 -9.68
CA PHE B 1737 -18.38 15.91 -9.22
C PHE B 1737 -19.34 14.81 -9.63
N VAL B 1738 -20.51 14.78 -9.01
CA VAL B 1738 -21.51 13.77 -9.30
C VAL B 1738 -22.91 14.37 -9.36
N VAL B 1739 -23.56 14.24 -10.52
CA VAL B 1739 -24.90 14.77 -10.71
C VAL B 1739 -25.96 13.69 -10.50
N PRO B 1740 -27.00 14.02 -9.73
CA PRO B 1740 -28.10 13.10 -9.42
C PRO B 1740 -28.97 12.81 -10.64
N SER B 1741 -29.15 13.79 -11.50
CA SER B 1741 -30.01 13.65 -12.68
C SER B 1741 -29.32 12.89 -13.80
N PRO B 1742 -30.06 12.04 -14.52
CA PRO B 1742 -29.56 11.17 -15.59
C PRO B 1742 -28.99 11.94 -16.78
N GLY B 1743 -28.15 11.25 -17.56
CA GLY B 1743 -27.64 11.78 -18.80
C GLY B 1743 -26.86 13.08 -18.70
N LYS B 1744 -27.07 13.95 -19.68
CA LYS B 1744 -26.35 15.22 -19.76
C LYS B 1744 -27.03 16.31 -18.94
N HIS B 1745 -26.27 17.35 -18.61
CA HIS B 1745 -26.81 18.49 -17.87
C HIS B 1745 -25.77 19.61 -17.86
N ASP B 1746 -26.23 20.83 -18.12
CA ASP B 1746 -25.32 21.97 -18.21
C ASP B 1746 -25.51 22.94 -17.04
N LEU B 1747 -24.41 23.35 -16.42
CA LEU B 1747 -24.45 24.24 -15.28
C LEU B 1747 -23.31 25.26 -15.27
N LYS B 1748 -22.96 25.74 -14.09
CA LYS B 1748 -21.97 26.81 -13.96
C LYS B 1748 -20.71 26.36 -13.22
N LEU B 1749 -19.64 27.12 -13.38
CA LEU B 1749 -18.38 26.87 -12.69
C LEU B 1749 -17.89 28.17 -12.05
N PHE B 1750 -17.46 28.09 -10.80
CA PHE B 1750 -17.06 29.29 -10.06
C PHE B 1750 -15.63 29.24 -9.55
N LEU B 1751 -14.85 30.26 -9.89
CA LEU B 1751 -13.50 30.43 -9.34
C LEU B 1751 -13.50 31.58 -8.36
N MET B 1752 -13.49 31.26 -7.07
CA MET B 1752 -13.64 32.26 -6.02
C MET B 1752 -12.38 32.44 -5.19
N SER B 1753 -11.94 33.68 -5.04
CA SER B 1753 -10.80 34.00 -4.18
C SER B 1753 -11.29 34.21 -2.76
N ASP B 1754 -10.37 34.13 -1.79
CA ASP B 1754 -10.73 34.29 -0.39
C ASP B 1754 -10.04 35.50 0.22
N SER B 1755 -9.42 36.32 -0.61
CA SER B 1755 -8.65 37.46 -0.13
C SER B 1755 -8.81 38.69 -1.01
N TYR B 1756 -9.57 38.54 -2.09
CA TYR B 1756 -9.77 39.65 -3.02
C TYR B 1756 -11.21 39.69 -3.55
N VAL B 1757 -11.71 40.91 -3.74
CA VAL B 1757 -13.07 41.10 -4.22
C VAL B 1757 -13.08 41.59 -5.68
N GLY B 1758 -14.05 41.09 -6.45
CA GLY B 1758 -14.19 41.51 -7.84
C GLY B 1758 -13.58 40.52 -8.81
N VAL B 1759 -12.56 39.81 -8.36
CA VAL B 1759 -11.88 38.84 -9.20
C VAL B 1759 -12.50 37.45 -9.08
N ASP B 1760 -13.66 37.27 -9.68
CA ASP B 1760 -14.36 35.99 -9.62
C ASP B 1760 -14.93 35.62 -10.99
N GLN B 1761 -14.33 34.62 -11.63
CA GLN B 1761 -14.79 34.16 -12.93
C GLN B 1761 -16.16 33.51 -12.82
N ASP B 1762 -16.87 33.45 -13.95
CA ASP B 1762 -18.22 32.88 -13.95
C ASP B 1762 -18.50 32.08 -15.23
N PRO B 1763 -17.66 31.06 -15.51
CA PRO B 1763 -17.87 30.21 -16.69
C PRO B 1763 -19.16 29.41 -16.61
N SER B 1764 -20.00 29.52 -17.63
CA SER B 1764 -21.27 28.81 -17.68
C SER B 1764 -21.20 27.66 -18.67
N PHE B 1765 -20.00 27.10 -18.84
CA PHE B 1765 -19.75 26.08 -19.85
C PHE B 1765 -19.91 26.66 -21.25
N THR C 11 -59.72 80.09 -13.42
CA THR C 11 -60.99 80.75 -13.69
C THR C 11 -61.18 81.01 -15.17
N GLU C 12 -60.09 81.34 -15.85
CA GLU C 12 -60.14 81.70 -17.27
C GLU C 12 -60.22 80.47 -18.18
N TRP C 13 -59.39 79.48 -17.91
CA TRP C 13 -59.24 78.34 -18.81
C TRP C 13 -60.27 77.24 -18.58
N ARG C 14 -60.77 77.14 -17.35
CA ARG C 14 -61.68 76.06 -16.97
C ARG C 14 -62.99 76.13 -17.73
N THR C 15 -63.57 77.32 -17.84
CA THR C 15 -64.82 77.51 -18.56
C THR C 15 -64.61 77.32 -20.06
N ARG C 16 -63.38 77.54 -20.51
CA ARG C 16 -63.04 77.35 -21.92
C ARG C 16 -62.95 75.87 -22.26
N ALA C 17 -62.45 75.07 -21.33
CA ALA C 17 -62.31 73.64 -21.53
C ALA C 17 -63.66 72.96 -21.68
N ILE C 18 -64.62 73.36 -20.85
CA ILE C 18 -65.95 72.80 -20.90
C ILE C 18 -66.68 73.28 -22.15
N ALA C 19 -66.27 74.44 -22.65
CA ALA C 19 -66.90 75.03 -23.83
C ALA C 19 -66.47 74.29 -25.10
N THR C 20 -65.32 73.63 -25.04
CA THR C 20 -64.80 72.90 -26.18
C THR C 20 -65.72 71.75 -26.58
N SER C 21 -66.53 71.31 -25.63
CA SER C 21 -67.42 70.16 -25.85
C SER C 21 -68.42 70.42 -26.97
N ASN C 22 -68.88 71.66 -27.09
CA ASN C 22 -69.87 72.01 -28.10
C ASN C 22 -69.25 72.45 -29.43
N LEU C 23 -67.98 72.14 -29.63
CA LEU C 23 -67.31 72.46 -30.89
C LEU C 23 -67.71 71.49 -31.99
N ARG C 24 -68.06 70.27 -31.59
CA ARG C 24 -68.44 69.24 -32.56
C ARG C 24 -69.73 69.62 -33.26
N THR C 25 -70.59 70.36 -32.58
CA THR C 25 -71.82 70.84 -33.20
C THR C 25 -71.52 71.99 -34.14
N ARG C 26 -70.41 72.68 -33.89
CA ARG C 26 -69.97 73.76 -34.75
C ARG C 26 -69.46 73.24 -36.09
N ALA C 27 -68.77 72.11 -36.04
CA ALA C 27 -68.17 71.53 -37.24
C ALA C 27 -69.22 70.98 -38.20
N ASN C 28 -70.33 70.48 -37.64
CA ASN C 28 -71.40 69.92 -38.46
C ASN C 28 -72.07 70.94 -39.36
N ASN C 29 -72.15 72.18 -38.88
CA ASN C 29 -72.74 73.25 -39.68
C ASN C 29 -71.70 74.30 -40.09
N MET C 30 -71.03 74.03 -41.21
CA MET C 30 -69.97 74.92 -41.70
C MET C 30 -70.47 75.86 -42.79
N TYR C 31 -69.72 76.92 -43.01
CA TYR C 31 -70.03 77.90 -44.05
C TYR C 31 -68.77 78.35 -44.76
N VAL C 32 -68.70 78.08 -46.06
CA VAL C 32 -67.54 78.46 -46.86
C VAL C 32 -67.83 79.71 -47.68
N ALA C 33 -67.00 80.74 -47.50
CA ALA C 33 -67.18 81.99 -48.21
C ALA C 33 -66.93 81.83 -49.70
N PRO C 34 -67.96 82.11 -50.52
CA PRO C 34 -67.84 82.05 -51.98
C PRO C 34 -66.94 83.15 -52.50
N VAL C 35 -66.69 83.17 -53.81
CA VAL C 35 -65.79 84.16 -54.38
C VAL C 35 -66.06 84.44 -55.86
N ASP C 36 -66.22 85.72 -56.18
CA ASP C 36 -66.32 86.15 -57.57
C ASP C 36 -64.93 86.59 -58.04
N ASN C 37 -64.30 85.76 -58.86
CA ASN C 37 -62.93 86.00 -59.28
C ASN C 37 -62.73 85.79 -60.78
N ASP C 38 -61.60 86.23 -61.30
CA ASP C 38 -61.25 86.02 -62.71
C ASP C 38 -59.82 86.45 -62.99
N ILE C 42 -57.27 78.14 -60.16
CA ILE C 42 -56.80 77.14 -59.20
C ILE C 42 -57.82 76.92 -58.10
N THR C 43 -58.20 75.66 -57.89
CA THR C 43 -59.18 75.31 -56.88
C THR C 43 -58.60 74.39 -55.82
N TYR C 44 -59.02 74.57 -54.58
CA TYR C 44 -58.53 73.76 -53.47
C TYR C 44 -59.65 72.98 -52.79
N VAL C 45 -59.40 71.69 -52.55
CA VAL C 45 -60.37 70.83 -51.89
C VAL C 45 -59.83 70.31 -50.57
N MET C 46 -60.69 70.23 -49.56
CA MET C 46 -60.27 69.73 -48.26
C MET C 46 -61.22 68.67 -47.73
N PRO C 47 -60.66 67.52 -47.30
CA PRO C 47 -61.44 66.43 -46.72
C PRO C 47 -62.05 66.85 -45.38
N LYS C 48 -63.35 66.58 -45.22
CA LYS C 48 -64.07 67.02 -44.02
C LYS C 48 -63.53 66.39 -42.74
N ASN C 49 -63.07 65.14 -42.84
CA ASN C 49 -62.67 64.38 -41.67
C ASN C 49 -61.59 65.07 -40.84
N ILE C 50 -60.55 65.55 -41.50
CA ILE C 50 -59.45 66.20 -40.80
C ILE C 50 -59.81 67.62 -40.41
N LEU C 51 -60.79 68.19 -41.11
CA LEU C 51 -61.23 69.55 -40.82
C LEU C 51 -62.14 69.57 -39.60
N LYS C 52 -63.04 68.61 -39.50
CA LYS C 52 -63.93 68.49 -38.35
C LYS C 52 -63.12 68.17 -37.09
N LYS C 53 -62.18 67.25 -37.22
CA LYS C 53 -61.29 66.90 -36.12
C LYS C 53 -60.46 68.10 -35.70
N PHE C 54 -60.08 68.92 -36.68
CA PHE C 54 -59.27 70.10 -36.43
C PHE C 54 -60.04 71.12 -35.62
N ILE C 55 -61.30 71.35 -35.99
CA ILE C 55 -62.15 72.30 -35.29
C ILE C 55 -62.41 71.87 -33.86
N THR C 56 -62.55 70.56 -33.67
CA THR C 56 -62.81 70.02 -32.33
C THR C 56 -61.57 70.12 -31.45
N ILE C 57 -60.40 70.11 -32.08
CA ILE C 57 -59.14 70.14 -31.36
C ILE C 57 -58.78 71.55 -30.89
N ALA C 58 -59.35 72.55 -31.57
CA ALA C 58 -59.00 73.94 -31.33
C ALA C 58 -59.53 74.46 -30.00
N ASP C 59 -59.19 75.71 -29.68
CA ASP C 59 -59.67 76.38 -28.49
C ASP C 59 -60.76 77.39 -28.85
N LEU C 60 -61.55 77.77 -27.86
CA LEU C 60 -62.64 78.71 -28.08
C LEU C 60 -62.16 80.15 -28.22
N ARG C 61 -61.01 80.45 -27.60
CA ARG C 61 -60.54 81.84 -27.53
C ARG C 61 -59.21 82.06 -28.22
N VAL C 62 -58.38 81.02 -28.28
CA VAL C 62 -57.03 81.17 -28.83
C VAL C 62 -56.88 80.46 -30.17
N GLN C 63 -55.95 80.94 -30.98
CA GLN C 63 -55.72 80.39 -32.32
C GLN C 63 -54.91 79.10 -32.29
N VAL C 64 -55.32 78.13 -33.11
CA VAL C 64 -54.57 76.91 -33.30
C VAL C 64 -54.22 76.76 -34.78
N ALA C 65 -52.98 76.37 -35.07
CA ALA C 65 -52.51 76.32 -36.44
C ALA C 65 -52.04 74.94 -36.87
N GLY C 66 -51.96 74.73 -38.18
CA GLY C 66 -51.49 73.48 -38.73
C GLY C 66 -51.05 73.64 -40.17
N PHE C 67 -49.87 73.12 -40.50
CA PHE C 67 -49.33 73.23 -41.85
C PHE C 67 -50.09 72.35 -42.84
N LEU C 68 -50.20 72.83 -44.07
CA LEU C 68 -50.96 72.13 -45.10
C LEU C 68 -50.06 71.48 -46.15
N TYR C 69 -50.37 70.22 -46.48
CA TYR C 69 -49.65 69.48 -47.51
C TYR C 69 -50.64 68.75 -48.40
N GLY C 70 -50.33 68.66 -49.69
CA GLY C 70 -51.21 67.99 -50.63
C GLY C 70 -50.60 67.78 -52.00
N CYS C 71 -51.45 67.47 -52.98
CA CYS C 71 -51.00 67.25 -54.35
C CYS C 71 -52.17 67.29 -55.32
N SER C 72 -51.86 67.47 -56.61
CA SER C 72 -52.88 67.54 -57.64
C SER C 72 -53.19 66.16 -58.21
N PRO C 73 -54.49 65.81 -58.28
CA PRO C 73 -54.95 64.56 -58.87
C PRO C 73 -54.49 64.40 -60.32
N ALA C 74 -54.50 63.19 -60.83
CA ALA C 74 -54.04 62.92 -62.20
C ALA C 74 -55.03 63.45 -63.22
N ASP C 75 -56.32 63.33 -62.92
CA ASP C 75 -57.37 63.79 -63.84
C ASP C 75 -57.33 65.29 -64.04
N ASN C 76 -57.23 66.04 -62.94
CA ASN C 76 -57.22 67.50 -63.00
C ASN C 76 -55.96 68.07 -62.36
N ASP C 77 -55.19 68.83 -63.13
CA ASP C 77 -53.93 69.39 -62.64
C ASP C 77 -54.11 70.83 -62.15
N GLN C 78 -55.32 71.35 -62.29
CA GLN C 78 -55.64 72.69 -61.81
C GLN C 78 -56.37 72.61 -60.47
N VAL C 79 -56.47 71.41 -59.92
CA VAL C 79 -57.08 71.21 -58.61
C VAL C 79 -56.10 70.49 -57.69
N LYS C 80 -56.00 70.96 -56.45
CA LYS C 80 -55.10 70.35 -55.49
C LYS C 80 -55.83 69.93 -54.23
N GLU C 81 -55.68 68.67 -53.84
CA GLU C 81 -56.32 68.12 -52.66
C GLU C 81 -55.42 68.27 -51.44
N ILE C 82 -55.98 68.81 -50.36
CA ILE C 82 -55.24 68.93 -49.11
C ILE C 82 -55.20 67.57 -48.42
N ARG C 83 -54.11 66.84 -48.62
CA ARG C 83 -54.04 65.46 -48.17
C ARG C 83 -53.72 65.34 -46.68
N CYS C 84 -53.00 66.32 -46.14
CA CYS C 84 -52.55 66.23 -44.75
C CYS C 84 -52.58 67.57 -44.02
N ILE C 85 -52.75 67.49 -42.70
CA ILE C 85 -52.65 68.67 -41.83
C ILE C 85 -51.66 68.39 -40.71
N VAL C 86 -50.51 69.03 -40.77
CA VAL C 86 -49.44 68.77 -39.80
C VAL C 86 -49.55 69.69 -38.58
N MET C 87 -49.54 69.07 -37.39
CA MET C 87 -49.56 69.82 -36.15
C MET C 87 -48.15 70.03 -35.64
N VAL C 88 -47.77 71.29 -35.43
CA VAL C 88 -46.43 71.61 -34.96
C VAL C 88 -46.48 72.28 -33.59
N PRO C 89 -45.38 72.18 -32.82
CA PRO C 89 -45.26 72.84 -31.53
C PRO C 89 -45.54 74.33 -31.63
N GLN C 90 -46.66 74.76 -31.05
CA GLN C 90 -47.09 76.15 -31.19
C GLN C 90 -47.62 76.71 -29.88
N ILE C 91 -47.47 78.02 -29.70
CA ILE C 91 -48.06 78.72 -28.57
C ILE C 91 -49.14 79.67 -29.07
N GLY C 92 -50.40 79.30 -28.84
CA GLY C 92 -51.52 80.06 -29.34
C GLY C 92 -51.56 81.50 -28.84
N GLY C 93 -52.15 82.37 -29.66
CA GLY C 93 -52.34 83.75 -29.30
C GLY C 93 -53.75 84.20 -29.60
N ASN C 94 -54.14 85.35 -29.07
CA ASN C 94 -55.49 85.84 -29.26
C ASN C 94 -55.75 86.32 -30.69
N ARG C 95 -54.72 86.91 -31.30
CA ARG C 95 -54.85 87.40 -32.66
C ARG C 95 -53.72 86.87 -33.55
N SER C 96 -52.79 86.14 -32.95
CA SER C 96 -51.67 85.59 -33.70
C SER C 96 -51.28 84.21 -33.19
N VAL C 97 -50.29 83.60 -33.84
CA VAL C 97 -49.80 82.28 -33.43
C VAL C 97 -48.29 82.21 -33.52
N GLN C 98 -47.66 81.64 -32.50
CA GLN C 98 -46.21 81.52 -32.47
C GLN C 98 -45.77 80.20 -33.06
N LEU C 99 -45.34 80.23 -34.32
CA LEU C 99 -44.93 79.03 -35.03
C LEU C 99 -43.42 78.84 -35.00
N PRO C 100 -42.96 77.59 -35.11
CA PRO C 100 -41.53 77.28 -35.19
C PRO C 100 -40.95 77.62 -36.56
N GLN C 101 -39.64 77.56 -36.70
CA GLN C 101 -39.01 77.86 -37.99
C GLN C 101 -38.39 76.61 -38.60
N HIS C 102 -39.04 75.47 -38.40
CA HIS C 102 -38.62 74.22 -39.00
C HIS C 102 -39.82 73.47 -39.55
N LEU C 103 -39.63 72.78 -40.67
CA LEU C 103 -40.71 72.02 -41.28
C LEU C 103 -40.73 70.58 -40.77
N PRO C 104 -41.91 69.95 -40.83
CA PRO C 104 -42.07 68.55 -40.42
C PRO C 104 -41.61 67.58 -41.51
N GLN C 105 -40.67 66.70 -41.17
CA GLN C 105 -40.17 65.71 -42.12
C GLN C 105 -40.74 64.34 -41.78
N HIS C 106 -41.27 63.66 -42.79
CA HIS C 106 -41.84 62.34 -42.59
C HIS C 106 -42.04 61.60 -43.91
N GLU C 107 -42.05 60.27 -43.85
CA GLU C 107 -42.21 59.43 -45.02
C GLU C 107 -43.59 59.60 -45.65
N MET C 108 -44.56 60.00 -44.85
CA MET C 108 -45.94 60.12 -45.33
C MET C 108 -46.12 61.35 -46.21
N LEU C 109 -45.20 62.30 -46.09
CA LEU C 109 -45.29 63.56 -46.83
C LEU C 109 -44.68 63.47 -48.24
N LYS C 110 -44.05 62.33 -48.54
CA LYS C 110 -43.42 62.15 -49.84
C LYS C 110 -44.48 62.13 -50.94
N GLY C 111 -44.20 62.81 -52.04
CA GLY C 111 -45.15 62.93 -53.13
C GLY C 111 -46.15 64.03 -52.86
N LEU C 112 -45.92 64.77 -51.78
CA LEU C 112 -46.80 65.86 -51.39
C LEU C 112 -46.06 67.19 -51.39
N GLU C 113 -46.81 68.28 -51.43
CA GLU C 113 -46.23 69.61 -51.49
C GLU C 113 -46.84 70.56 -50.46
N PRO C 114 -46.03 71.46 -49.92
CA PRO C 114 -46.47 72.46 -48.93
C PRO C 114 -47.56 73.36 -49.49
N LEU C 115 -48.67 73.50 -48.77
CA LEU C 115 -49.79 74.31 -49.24
C LEU C 115 -50.26 75.32 -48.18
N GLY C 116 -49.32 75.98 -47.53
CA GLY C 116 -49.65 77.01 -46.57
C GLY C 116 -49.96 76.47 -45.18
N LEU C 117 -50.92 77.09 -44.51
CA LEU C 117 -51.28 76.69 -43.15
C LEU C 117 -52.76 76.98 -42.84
N ILE C 118 -53.28 76.29 -41.84
CA ILE C 118 -54.66 76.52 -41.39
C ILE C 118 -54.67 76.96 -39.92
N HIS C 119 -55.51 77.94 -39.62
CA HIS C 119 -55.68 78.40 -38.25
C HIS C 119 -57.09 78.90 -38.00
N THR C 120 -57.47 78.99 -36.73
CA THR C 120 -58.79 79.45 -36.35
C THR C 120 -58.75 80.88 -35.81
N MET C 121 -59.89 81.57 -35.84
CA MET C 121 -59.97 82.94 -35.35
C MET C 121 -61.02 83.06 -34.26
N ALA C 122 -60.62 83.60 -33.11
CA ALA C 122 -61.54 83.81 -32.00
C ALA C 122 -62.60 84.83 -32.37
N GLY C 123 -62.17 86.07 -32.60
CA GLY C 123 -63.07 87.13 -33.02
C GLY C 123 -63.59 86.86 -34.42
N ASN C 124 -64.58 87.62 -34.85
CA ASN C 124 -65.16 87.43 -36.17
C ASN C 124 -64.17 87.77 -37.28
N GLU C 125 -64.37 87.18 -38.45
CA GLU C 125 -63.44 87.28 -39.56
C GLU C 125 -63.47 88.61 -40.27
N LEU C 126 -62.30 89.10 -40.67
CA LEU C 126 -62.19 90.26 -41.54
C LEU C 126 -62.32 89.81 -42.98
N PRO C 127 -63.17 90.48 -43.76
CA PRO C 127 -63.41 90.13 -45.17
C PRO C 127 -62.19 90.35 -46.06
N TYR C 128 -61.03 90.52 -45.44
CA TYR C 128 -59.77 90.68 -46.16
C TYR C 128 -58.65 89.98 -45.39
N MET C 129 -57.55 89.69 -46.07
CA MET C 129 -56.43 89.02 -45.43
C MET C 129 -55.80 89.93 -44.38
N SER C 130 -55.94 89.53 -43.11
CA SER C 130 -55.47 90.34 -41.99
C SER C 130 -53.96 90.53 -42.00
N PRO C 131 -53.48 91.60 -41.36
CA PRO C 131 -52.06 91.92 -41.24
C PRO C 131 -51.28 90.80 -40.55
N ALA C 132 -51.95 90.09 -39.66
CA ALA C 132 -51.32 88.97 -38.96
C ALA C 132 -51.12 87.80 -39.90
N ASP C 133 -52.16 87.44 -40.64
CA ASP C 133 -52.08 86.35 -41.60
C ASP C 133 -51.14 86.70 -42.75
N VAL C 134 -51.10 87.99 -43.11
CA VAL C 134 -50.24 88.45 -44.18
C VAL C 134 -48.77 88.40 -43.76
N THR C 135 -48.50 88.70 -42.49
CA THR C 135 -47.14 88.73 -41.99
C THR C 135 -46.60 87.32 -41.78
N THR C 136 -47.39 86.46 -41.15
CA THR C 136 -46.97 85.10 -40.87
C THR C 136 -46.82 84.28 -42.14
N HIS C 137 -47.77 84.43 -43.06
CA HIS C 137 -47.72 83.72 -44.33
C HIS C 137 -46.52 84.17 -45.14
N ALA C 138 -46.29 85.48 -45.17
CA ALA C 138 -45.18 86.05 -45.94
C ALA C 138 -43.83 85.57 -45.41
N LYS C 139 -43.61 85.72 -44.11
CA LYS C 139 -42.34 85.35 -43.50
C LYS C 139 -42.12 83.84 -43.54
N LEU C 140 -43.20 83.08 -43.60
CA LEU C 140 -43.09 81.63 -43.75
C LEU C 140 -42.69 81.28 -45.17
N VAL C 141 -43.16 82.07 -46.12
CA VAL C 141 -42.80 81.87 -47.52
C VAL C 141 -41.36 82.29 -47.76
N ASP C 142 -40.95 83.36 -47.09
CA ASP C 142 -39.60 83.89 -47.25
C ASP C 142 -38.55 83.00 -46.60
N ALA C 143 -38.79 82.63 -45.35
CA ALA C 143 -37.82 81.84 -44.58
C ALA C 143 -37.61 80.45 -45.18
N HIS C 144 -38.69 79.81 -45.59
CA HIS C 144 -38.62 78.45 -46.10
C HIS C 144 -38.61 78.41 -47.62
N PRO C 145 -37.48 77.96 -48.20
CA PRO C 145 -37.31 77.84 -49.65
C PRO C 145 -38.35 76.93 -50.28
N SER C 146 -38.61 75.80 -49.64
CA SER C 146 -39.58 74.84 -50.15
C SER C 146 -41.00 75.41 -50.13
N TRP C 147 -41.19 76.49 -49.39
CA TRP C 147 -42.52 77.07 -49.23
C TRP C 147 -42.93 77.88 -50.45
N LYS C 148 -41.97 78.52 -51.10
CA LYS C 148 -42.27 79.35 -52.26
C LYS C 148 -41.85 78.70 -53.57
N ASN C 149 -42.84 78.31 -54.36
CA ASN C 149 -42.66 77.74 -55.69
C ASN C 149 -44.03 77.31 -56.21
N GLN C 150 -44.53 76.21 -55.66
CA GLN C 150 -45.92 75.84 -55.82
C GLN C 150 -46.75 76.69 -54.87
N ASN C 151 -47.70 77.45 -55.44
CA ASN C 151 -48.47 78.43 -54.68
C ASN C 151 -49.09 77.87 -53.40
N THR C 152 -48.92 78.61 -52.30
CA THR C 152 -49.50 78.24 -51.02
C THR C 152 -50.53 79.27 -50.59
N LEU C 153 -51.34 78.92 -49.60
CA LEU C 153 -52.38 79.83 -49.11
C LEU C 153 -52.59 79.73 -47.61
N THR C 154 -53.30 80.71 -47.05
CA THR C 154 -53.64 80.71 -45.63
C THR C 154 -55.14 80.51 -45.45
N VAL C 155 -55.51 79.47 -44.73
CA VAL C 155 -56.92 79.16 -44.49
C VAL C 155 -57.32 79.52 -43.06
N THR C 156 -58.33 80.37 -42.93
CA THR C 156 -58.80 80.80 -41.61
C THR C 156 -60.14 80.17 -41.27
N VAL C 157 -60.19 79.51 -40.12
CA VAL C 157 -61.44 78.90 -39.65
C VAL C 157 -62.06 79.76 -38.55
N ALA C 158 -62.87 80.72 -38.95
CA ALA C 158 -63.49 81.65 -38.02
C ALA C 158 -64.63 80.99 -37.24
N PHE C 159 -64.83 81.41 -36.00
CA PHE C 159 -65.85 80.83 -35.15
C PHE C 159 -67.05 81.76 -34.99
N THR C 160 -68.22 81.27 -35.37
CA THR C 160 -69.48 81.97 -35.13
C THR C 160 -70.44 81.01 -34.44
N PRO C 161 -70.99 81.43 -33.29
CA PRO C 161 -71.83 80.61 -32.40
C PRO C 161 -72.77 79.66 -33.13
N GLY C 162 -72.41 78.39 -33.15
CA GLY C 162 -73.22 77.38 -33.80
C GLY C 162 -72.85 77.15 -35.25
N SER C 163 -71.81 77.83 -35.71
CA SER C 163 -71.40 77.74 -37.10
C SER C 163 -69.89 77.88 -37.27
N VAL C 164 -69.42 77.78 -38.52
CA VAL C 164 -68.02 77.94 -38.83
C VAL C 164 -67.86 78.55 -40.22
N SER C 165 -67.00 79.56 -40.34
CA SER C 165 -66.78 80.23 -41.61
C SER C 165 -65.38 79.98 -42.14
N LEU C 166 -65.29 79.43 -43.35
CA LEU C 166 -64.01 79.12 -43.96
C LEU C 166 -63.64 80.11 -45.05
N SER C 167 -62.40 80.57 -45.02
CA SER C 167 -61.90 81.51 -46.02
C SER C 167 -60.49 81.13 -46.46
N ALA C 168 -60.22 81.28 -47.75
CA ALA C 168 -58.90 80.94 -48.30
C ALA C 168 -58.26 82.16 -48.94
N TRP C 169 -57.11 82.57 -48.42
CA TRP C 169 -56.42 83.74 -48.93
C TRP C 169 -55.02 83.41 -49.45
N ALA C 170 -54.77 83.73 -50.71
CA ALA C 170 -53.45 83.61 -51.29
C ALA C 170 -52.70 84.93 -51.11
N LEU C 171 -51.37 84.85 -51.08
CA LEU C 171 -50.56 86.05 -50.83
C LEU C 171 -50.18 86.75 -52.12
N THR C 172 -50.52 88.03 -52.22
CA THR C 172 -50.17 88.83 -53.38
C THR C 172 -48.70 89.24 -53.34
N PRO C 173 -48.16 89.72 -54.47
CA PRO C 173 -46.76 90.13 -54.53
C PRO C 173 -46.43 91.27 -53.58
N LEU C 174 -47.25 92.31 -53.59
CA LEU C 174 -47.05 93.44 -52.69
C LEU C 174 -47.23 93.02 -51.25
N GLY C 175 -48.17 92.10 -51.01
CA GLY C 175 -48.42 91.59 -49.68
C GLY C 175 -47.24 90.82 -49.14
N TYR C 176 -46.55 90.11 -50.02
CA TYR C 176 -45.37 89.34 -49.62
C TYR C 176 -44.21 90.26 -49.28
N LYS C 177 -44.02 91.29 -50.09
CA LYS C 177 -42.92 92.22 -49.88
C LYS C 177 -43.11 93.02 -48.59
N TRP C 178 -44.36 93.32 -48.27
CA TRP C 178 -44.68 94.09 -47.07
C TRP C 178 -44.65 93.22 -45.82
N GLY C 179 -45.15 92.00 -45.95
CA GLY C 179 -45.23 91.06 -44.84
C GLY C 179 -43.88 90.71 -44.23
N VAL C 180 -42.95 90.27 -45.08
CA VAL C 180 -41.57 90.01 -44.67
C VAL C 180 -40.95 91.27 -44.08
N GLU C 181 -41.13 92.39 -44.79
CA GLU C 181 -40.59 93.68 -44.38
C GLU C 181 -41.28 94.29 -43.18
N ASN C 182 -42.45 93.79 -42.84
CA ASN C 182 -43.03 94.18 -41.56
C ASN C 182 -42.13 93.76 -40.41
N LYS C 183 -40.97 94.39 -40.29
CA LYS C 183 -40.06 94.12 -39.17
C LYS C 183 -40.81 94.19 -37.85
N ASP C 184 -41.67 95.19 -37.69
CA ASP C 184 -42.48 95.32 -36.49
C ASP C 184 -43.54 96.39 -36.56
N PRO C 185 -44.80 96.05 -36.21
CA PRO C 185 -45.67 97.02 -35.57
C PRO C 185 -46.84 96.31 -34.89
N ASN C 186 -46.74 94.98 -34.80
CA ASN C 186 -47.85 94.04 -34.56
C ASN C 186 -49.09 94.63 -33.88
N VAL C 187 -50.14 94.75 -34.67
CA VAL C 187 -51.26 95.61 -34.35
C VAL C 187 -52.41 95.28 -35.31
N ASP C 188 -53.52 95.99 -35.20
CA ASP C 188 -54.64 95.74 -36.09
C ASP C 188 -54.52 96.55 -37.38
N ASN C 189 -53.57 97.47 -37.39
CA ASN C 189 -53.32 98.32 -38.54
C ASN C 189 -51.85 98.70 -38.68
N PRO C 190 -50.98 97.70 -38.92
CA PRO C 190 -49.54 97.93 -39.05
C PRO C 190 -49.20 98.98 -40.11
N GLN C 191 -48.17 99.77 -39.85
CA GLN C 191 -47.80 100.85 -40.75
C GLN C 191 -47.41 100.31 -42.13
N GLY C 192 -48.31 100.43 -43.08
CA GLY C 192 -48.07 99.99 -44.44
C GLY C 192 -49.08 98.97 -44.92
N PHE C 193 -49.86 98.44 -43.99
CA PHE C 193 -50.85 97.41 -44.32
C PHE C 193 -51.94 97.93 -45.24
N THR C 194 -52.49 97.04 -46.06
CA THR C 194 -53.59 97.38 -46.95
C THR C 194 -54.53 96.18 -47.11
N THR C 195 -55.80 96.46 -47.33
CA THR C 195 -56.80 95.41 -47.45
C THR C 195 -56.65 94.59 -48.72
N THR C 196 -55.84 95.09 -49.64
CA THR C 196 -55.66 94.43 -50.94
C THR C 196 -54.34 93.69 -51.03
N MET C 197 -53.89 93.14 -49.90
CA MET C 197 -52.63 92.39 -49.88
C MET C 197 -52.85 90.89 -50.02
N GLY C 198 -54.11 90.49 -50.08
CA GLY C 198 -54.45 89.08 -50.22
C GLY C 198 -55.73 88.87 -51.01
N GLU C 199 -55.65 87.99 -52.01
CA GLU C 199 -56.82 87.64 -52.81
C GLU C 199 -57.37 86.29 -52.39
N ARG C 200 -58.69 86.15 -52.42
CA ARG C 200 -59.34 84.93 -51.97
C ARG C 200 -59.25 83.84 -53.03
N ARG C 201 -59.32 82.58 -52.58
CA ARG C 201 -59.23 81.44 -53.48
C ARG C 201 -60.40 80.50 -53.25
N GLN C 202 -60.89 79.88 -54.32
CA GLN C 202 -62.02 78.97 -54.23
C GLN C 202 -61.67 77.73 -53.43
N LEU C 203 -62.36 77.54 -52.31
CA LEU C 203 -62.15 76.37 -51.47
C LEU C 203 -63.39 75.47 -51.49
N LEU C 204 -63.16 74.16 -51.47
CA LEU C 204 -64.28 73.22 -51.55
C LEU C 204 -64.11 72.09 -50.54
N LEU C 205 -65.23 71.57 -50.06
CA LEU C 205 -65.23 70.47 -49.11
C LEU C 205 -65.73 69.18 -49.76
N SER C 206 -65.10 68.06 -49.42
CA SER C 206 -65.46 66.79 -50.03
C SER C 206 -65.52 65.64 -49.03
N ASP C 207 -66.43 64.70 -49.27
CA ASP C 207 -66.55 63.51 -48.44
C ASP C 207 -66.13 62.28 -49.24
N LYS C 208 -65.44 62.51 -50.35
CA LYS C 208 -65.05 61.43 -51.25
C LYS C 208 -63.81 60.71 -50.76
N PHE C 209 -62.86 61.47 -50.22
CA PHE C 209 -61.61 60.90 -49.74
C PHE C 209 -61.28 61.40 -48.33
N LYS C 210 -60.51 60.61 -47.59
CA LYS C 210 -60.10 60.99 -46.25
C LYS C 210 -58.65 61.47 -46.21
N GLY C 211 -58.44 62.63 -45.58
CA GLY C 211 -57.10 63.12 -45.36
C GLY C 211 -56.54 62.55 -44.06
N PHE C 212 -55.23 62.63 -43.89
CA PHE C 212 -54.61 62.11 -42.67
C PHE C 212 -53.98 63.23 -41.85
N PHE C 213 -53.48 62.88 -40.67
CA PHE C 213 -52.87 63.86 -39.78
C PHE C 213 -51.39 63.60 -39.55
N LEU C 214 -50.71 64.57 -38.96
CA LEU C 214 -49.31 64.44 -38.61
C LEU C 214 -49.00 65.29 -37.38
N VAL C 215 -48.70 64.63 -36.27
CA VAL C 215 -48.37 65.33 -35.03
C VAL C 215 -46.93 65.06 -34.62
N PRO C 216 -46.41 65.88 -33.70
CA PRO C 216 -45.05 65.68 -33.19
C PRO C 216 -44.89 64.33 -32.51
N ASP C 217 -43.72 63.73 -32.64
CA ASP C 217 -43.48 62.38 -32.11
C ASP C 217 -43.72 62.32 -30.61
N THR C 218 -43.48 63.44 -29.93
CA THR C 218 -43.72 63.51 -28.50
C THR C 218 -45.21 63.51 -28.21
N GLY C 219 -45.99 64.00 -29.17
CA GLY C 219 -47.44 64.03 -29.02
C GLY C 219 -47.97 65.38 -28.58
N LYS C 220 -47.10 66.21 -28.04
CA LYS C 220 -47.50 67.52 -27.54
C LYS C 220 -47.24 68.62 -28.56
N TRP C 221 -48.29 69.35 -28.91
CA TRP C 221 -48.18 70.46 -29.86
C TRP C 221 -48.63 71.78 -29.25
N ASN C 222 -49.45 71.69 -28.21
CA ASN C 222 -49.93 72.88 -27.51
C ASN C 222 -49.04 73.26 -26.34
N TYR C 223 -48.04 74.10 -26.61
CA TYR C 223 -47.12 74.53 -25.57
C TYR C 223 -47.52 75.85 -24.93
N SER C 224 -48.83 76.02 -24.76
CA SER C 224 -49.35 77.21 -24.08
C SER C 224 -49.13 77.08 -22.58
N PHE C 225 -49.53 75.94 -22.03
CA PHE C 225 -49.31 75.65 -20.62
C PHE C 225 -47.87 75.19 -20.38
N MET C 226 -47.10 75.16 -21.46
CA MET C 226 -45.70 74.73 -21.37
C MET C 226 -44.80 75.74 -22.08
N GLY C 227 -45.12 77.01 -21.95
CA GLY C 227 -44.40 78.08 -22.62
C GLY C 227 -42.90 78.09 -22.30
N SER C 228 -42.56 77.63 -21.11
CA SER C 228 -41.16 77.56 -20.71
C SER C 228 -40.42 76.48 -21.47
N SER C 229 -41.16 75.51 -22.00
CA SER C 229 -40.57 74.38 -22.71
C SER C 229 -40.56 74.62 -24.22
N PHE C 230 -41.38 75.56 -24.68
CA PHE C 230 -41.52 75.85 -26.09
C PHE C 230 -40.25 76.44 -26.69
N SER C 231 -39.59 77.31 -25.94
CA SER C 231 -38.40 78.00 -26.42
C SER C 231 -37.27 77.04 -26.72
N GLY C 232 -37.30 75.86 -26.10
CA GLY C 232 -36.24 74.89 -26.27
C GLY C 232 -36.48 73.90 -27.39
N ILE C 233 -37.38 74.24 -28.30
CA ILE C 233 -37.71 73.34 -29.41
C ILE C 233 -38.10 74.10 -30.67
N GLU C 234 -38.50 75.36 -30.52
CA GLU C 234 -38.97 76.15 -31.65
C GLU C 234 -37.89 76.34 -32.71
N LYS C 235 -36.64 76.45 -32.27
CA LYS C 235 -35.53 76.62 -33.19
C LYS C 235 -34.70 75.35 -33.29
N LYS C 236 -35.38 74.21 -33.36
CA LYS C 236 -34.74 72.92 -33.53
C LYS C 236 -35.63 72.01 -34.37
N PRO C 237 -35.04 71.01 -35.03
CA PRO C 237 -35.81 70.12 -35.89
C PRO C 237 -36.57 69.07 -35.07
N TYR C 238 -37.88 69.02 -35.25
CA TYR C 238 -38.73 68.13 -34.49
C TYR C 238 -39.23 66.95 -35.32
N HIS C 239 -39.29 65.77 -34.72
CA HIS C 239 -39.79 64.59 -35.39
C HIS C 239 -41.30 64.62 -35.48
N VAL C 240 -41.85 63.97 -36.51
CA VAL C 240 -43.28 63.89 -36.71
C VAL C 240 -43.70 62.45 -36.97
N LYS C 241 -44.80 62.03 -36.35
CA LYS C 241 -45.30 60.68 -36.56
C LYS C 241 -46.78 60.68 -36.92
N LEU C 242 -47.18 59.68 -37.70
CA LEU C 242 -48.56 59.55 -38.15
C LEU C 242 -49.46 59.06 -37.01
N ASP C 243 -50.31 59.95 -36.50
CA ASP C 243 -51.20 59.61 -35.39
C ASP C 243 -52.40 60.56 -35.36
N THR C 244 -53.22 60.43 -34.32
CA THR C 244 -54.37 61.29 -34.15
C THR C 244 -54.05 62.45 -33.20
N PRO C 245 -54.41 63.67 -33.59
CA PRO C 245 -54.12 64.87 -32.81
C PRO C 245 -54.84 64.90 -31.46
N LEU C 246 -54.15 65.35 -30.43
CA LEU C 246 -54.73 65.44 -29.09
C LEU C 246 -55.44 66.78 -28.93
N PRO C 247 -56.54 66.79 -28.14
CA PRO C 247 -57.31 67.99 -27.86
C PRO C 247 -56.46 69.09 -27.22
N PHE C 248 -56.91 70.33 -27.32
CA PHE C 248 -56.18 71.47 -26.77
C PHE C 248 -55.99 71.32 -25.26
N TYR C 249 -57.09 71.07 -24.56
CA TYR C 249 -57.04 70.92 -23.11
C TYR C 249 -56.85 69.47 -22.69
N SER C 250 -56.10 68.71 -23.50
CA SER C 250 -55.79 67.33 -23.16
C SER C 250 -54.85 67.30 -21.96
N GLU C 251 -54.75 66.15 -21.31
CA GLU C 251 -53.94 66.02 -20.12
C GLU C 251 -52.45 66.22 -20.42
N GLN C 252 -52.02 65.80 -21.60
CA GLN C 252 -50.62 65.91 -21.98
C GLN C 252 -50.21 67.35 -22.22
N HIS C 253 -51.16 68.18 -22.63
CA HIS C 253 -50.88 69.58 -22.92
C HIS C 253 -50.77 70.41 -21.64
N ARG C 254 -51.34 69.90 -20.55
CA ARG C 254 -51.29 70.59 -19.27
C ARG C 254 -50.97 69.59 -18.15
N PRO C 255 -49.79 68.97 -18.20
CA PRO C 255 -49.37 67.97 -17.23
C PRO C 255 -49.16 68.57 -15.85
N ILE C 256 -48.98 69.88 -15.78
CA ILE C 256 -48.74 70.56 -14.52
C ILE C 256 -50.02 70.56 -13.68
N HIS C 257 -51.16 70.70 -14.34
CA HIS C 257 -52.45 70.69 -13.66
C HIS C 257 -52.73 69.35 -12.98
N PHE C 258 -52.17 68.28 -13.54
CA PHE C 258 -52.41 66.94 -13.03
C PHE C 258 -51.36 66.52 -12.01
N THR C 259 -50.35 67.36 -11.81
CA THR C 259 -49.31 67.08 -10.84
C THR C 259 -49.89 66.99 -9.43
N SER C 260 -49.48 65.96 -8.70
CA SER C 260 -50.03 65.72 -7.37
C SER C 260 -49.56 66.76 -6.36
N PHE C 261 -50.45 67.13 -5.44
CA PHE C 261 -50.10 68.00 -4.34
C PHE C 261 -49.43 67.17 -3.25
N ASN C 262 -49.52 67.63 -2.01
CA ASN C 262 -48.95 66.87 -0.91
C ASN C 262 -49.87 66.77 0.30
N GLU C 263 -51.18 66.91 0.06
CA GLU C 263 -52.17 66.65 1.11
C GLU C 263 -52.05 65.20 1.55
N LEU C 264 -52.58 64.91 2.74
CA LEU C 264 -52.45 63.58 3.34
C LEU C 264 -52.82 62.47 2.38
N GLU C 265 -51.90 61.52 2.22
CA GLU C 265 -52.04 60.46 1.23
C GLU C 265 -52.83 59.26 1.76
N ASP C 266 -52.91 59.14 3.09
CA ASP C 266 -53.65 58.05 3.71
C ASP C 266 -55.14 58.36 3.73
N ILE C 267 -55.91 57.50 4.38
CA ILE C 267 -57.35 57.69 4.50
C ILE C 267 -57.83 57.28 5.87
N TRP C 268 -58.35 58.24 6.63
CA TRP C 268 -58.74 58.01 8.02
C TRP C 268 -60.18 57.52 8.14
N VAL C 269 -60.72 56.98 7.06
CA VAL C 269 -62.04 56.37 7.09
C VAL C 269 -61.95 54.92 6.67
N ASP C 270 -62.42 54.02 7.53
CA ASP C 270 -62.33 52.59 7.27
C ASP C 270 -63.55 52.06 6.53
N ARG C 271 -63.30 51.29 5.47
CA ARG C 271 -64.36 50.64 4.71
C ARG C 271 -63.78 49.51 3.86
N ALA C 272 -64.41 48.34 3.95
CA ALA C 272 -63.91 47.17 3.23
C ALA C 272 -64.49 47.09 1.82
N ASP C 273 -63.62 46.85 0.85
CA ASP C 273 -64.04 46.75 -0.54
C ASP C 273 -64.77 45.44 -0.79
N ASN C 274 -64.25 44.36 -0.19
CA ASN C 274 -64.85 43.04 -0.29
C ASN C 274 -64.70 42.41 -1.68
N PHE C 275 -64.46 43.25 -2.69
CA PHE C 275 -64.32 42.75 -4.05
C PHE C 275 -62.86 42.49 -4.41
N ALA C 276 -61.98 42.61 -3.42
CA ALA C 276 -60.58 42.28 -3.58
C ALA C 276 -59.89 43.19 -4.60
N VAL D 28 -95.77 20.74 -12.52
CA VAL D 28 -96.21 21.98 -11.92
C VAL D 28 -96.20 23.14 -12.93
N GLY D 29 -95.67 22.85 -14.12
CA GLY D 29 -95.50 23.87 -15.15
C GLY D 29 -96.71 24.74 -15.44
N GLY D 30 -96.59 26.02 -15.10
CA GLY D 30 -97.61 27.01 -15.40
C GLY D 30 -96.94 28.30 -15.82
N LEU D 31 -97.19 28.73 -17.06
CA LEU D 31 -96.41 29.81 -17.66
C LEU D 31 -96.97 31.21 -17.42
N GLN D 32 -98.27 31.38 -17.68
CA GLN D 32 -98.85 32.72 -17.72
C GLN D 32 -99.09 33.33 -16.34
N PRO D 33 -98.60 34.57 -16.15
CA PRO D 33 -98.84 35.37 -14.93
C PRO D 33 -100.16 36.11 -15.00
N LYS D 34 -100.63 36.62 -13.87
CA LYS D 34 -101.94 37.29 -13.83
C LYS D 34 -101.86 38.70 -13.26
N LYS D 35 -100.88 38.94 -12.38
CA LYS D 35 -100.74 40.26 -11.77
C LYS D 35 -99.30 40.77 -11.83
N LEU D 36 -99.14 42.02 -12.28
CA LEU D 36 -97.84 42.66 -12.31
C LEU D 36 -97.56 43.31 -10.95
N VAL D 37 -96.32 43.23 -10.50
CA VAL D 37 -95.97 43.71 -9.17
C VAL D 37 -94.82 44.71 -9.20
N ASN D 38 -94.82 45.63 -8.24
CA ASN D 38 -93.75 46.60 -8.08
C ASN D 38 -92.76 46.14 -7.01
N LEU D 39 -91.54 45.81 -7.42
CA LEU D 39 -90.53 45.29 -6.52
C LEU D 39 -90.15 46.30 -5.44
N GLU D 40 -90.14 47.58 -5.81
CA GLU D 40 -89.79 48.63 -4.87
C GLU D 40 -90.79 48.70 -3.72
N ASN D 41 -92.02 48.28 -3.98
CA ASN D 41 -93.08 48.33 -3.00
C ASN D 41 -92.99 47.18 -1.99
N LEU D 42 -92.22 46.15 -2.33
CA LEU D 42 -92.09 44.99 -1.46
C LEU D 42 -90.74 44.93 -0.77
N VAL D 43 -89.83 45.81 -1.17
CA VAL D 43 -88.49 45.81 -0.60
C VAL D 43 -88.53 46.10 0.89
N PHE D 44 -87.58 45.53 1.63
CA PHE D 44 -87.51 45.72 3.07
C PHE D 44 -86.73 46.95 3.46
N ASP D 45 -87.43 48.07 3.65
CA ASP D 45 -86.80 49.25 4.21
C ASP D 45 -86.41 48.94 5.64
N GLN D 46 -85.45 49.67 6.19
CA GLN D 46 -84.93 49.36 7.52
C GLN D 46 -84.26 47.99 7.47
N GLY D 47 -83.74 47.66 6.28
CA GLY D 47 -83.22 46.34 5.97
C GLY D 47 -82.36 45.69 7.03
N ASN D 48 -81.11 46.13 7.14
CA ASN D 48 -80.18 45.57 8.10
C ASN D 48 -80.70 45.69 9.53
N HIS D 49 -81.47 46.74 9.77
CA HIS D 49 -82.00 47.04 11.10
C HIS D 49 -83.39 46.45 11.29
N LEU D 50 -83.77 45.53 10.40
CA LEU D 50 -85.10 44.94 10.43
C LEU D 50 -85.33 44.12 11.70
N MET D 51 -86.42 44.44 12.41
CA MET D 51 -86.78 43.73 13.62
C MET D 51 -88.17 43.11 13.47
N THR D 52 -88.20 41.83 13.10
CA THR D 52 -89.44 41.14 12.77
C THR D 52 -90.07 40.42 13.96
N ASN D 53 -89.55 40.65 15.15
CA ASN D 53 -90.08 40.02 16.35
C ASN D 53 -90.81 41.03 17.24
N PRO D 54 -92.08 40.77 17.53
CA PRO D 54 -92.91 41.63 18.38
C PRO D 54 -92.73 41.34 19.85
N ARG D 55 -92.01 40.25 20.15
CA ARG D 55 -91.81 39.83 21.53
C ARG D 55 -90.31 39.72 21.85
N VAL D 56 -89.94 40.20 23.03
CA VAL D 56 -88.55 40.12 23.48
C VAL D 56 -88.45 39.40 24.81
N ARG D 57 -88.37 38.07 24.76
CA ARG D 57 -88.23 37.27 25.97
C ARG D 57 -86.95 37.64 26.71
N MET D 58 -87.07 37.86 28.02
CA MET D 58 -85.93 38.27 28.83
C MET D 58 -85.65 37.30 29.95
N PRO D 59 -84.37 37.17 30.32
CA PRO D 59 -83.90 36.31 31.42
C PRO D 59 -84.58 36.66 32.74
N GLU D 60 -84.48 35.75 33.71
CA GLU D 60 -85.18 35.91 34.99
C GLU D 60 -84.65 37.10 35.79
N GLY D 61 -83.34 37.18 35.93
CA GLY D 61 -82.73 38.20 36.76
C GLY D 61 -82.60 39.55 36.09
N THR D 62 -83.35 39.76 35.02
CA THR D 62 -83.30 41.01 34.28
C THR D 62 -83.84 42.17 35.13
N THR D 63 -83.08 43.25 35.20
CA THR D 63 -83.47 44.42 35.97
C THR D 63 -83.28 45.70 35.17
N LYS D 64 -83.85 46.79 35.67
CA LYS D 64 -83.72 48.09 35.00
C LYS D 64 -83.62 49.22 36.01
N ARG D 65 -82.60 50.06 35.84
CA ARG D 65 -82.40 51.21 36.72
C ARG D 65 -82.49 52.51 35.94
N VAL D 66 -82.91 53.58 36.61
CA VAL D 66 -83.10 54.87 35.95
C VAL D 66 -82.13 55.92 36.48
N PHE D 67 -81.52 56.66 35.56
CA PHE D 67 -80.61 57.74 35.91
C PHE D 67 -80.93 58.99 35.11
N LYS D 68 -80.44 60.14 35.56
CA LYS D 68 -80.72 61.39 34.87
C LYS D 68 -80.00 61.47 33.53
N GLY D 69 -80.72 61.16 32.46
CA GLY D 69 -80.18 61.25 31.12
C GLY D 69 -80.11 59.91 30.40
N TYR D 70 -80.17 58.82 31.15
CA TYR D 70 -80.03 57.50 30.56
C TYR D 70 -80.65 56.41 31.43
N GLU D 71 -81.01 55.30 30.81
CA GLU D 71 -81.53 54.15 31.52
C GLU D 71 -80.54 53.00 31.44
N GLU D 72 -80.78 51.95 32.23
CA GLU D 72 -79.93 50.78 32.22
C GLU D 72 -80.72 49.49 32.42
N ILE D 73 -80.50 48.52 31.55
CA ILE D 73 -81.13 47.21 31.69
C ILE D 73 -80.06 46.15 31.88
N HIS D 74 -79.99 45.59 33.09
CA HIS D 74 -78.99 44.58 33.41
C HIS D 74 -79.53 43.18 33.21
N VAL D 75 -78.77 42.35 32.51
CA VAL D 75 -79.15 40.96 32.26
C VAL D 75 -78.11 40.00 32.81
N PRO D 76 -78.47 39.21 33.83
CA PRO D 76 -77.58 38.24 34.45
C PRO D 76 -77.20 37.11 33.50
N PRO D 77 -75.96 36.60 33.61
CA PRO D 77 -75.44 35.57 32.73
C PRO D 77 -75.93 34.17 33.11
N PRO D 78 -76.31 33.37 32.10
CA PRO D 78 -76.70 31.96 32.32
C PRO D 78 -75.54 31.13 32.85
N LYS D 79 -75.83 29.94 33.36
CA LYS D 79 -74.78 29.08 33.89
C LYS D 79 -74.91 27.66 33.35
N LYS D 80 -73.82 27.14 32.80
CA LYS D 80 -73.80 25.77 32.27
C LYS D 80 -72.46 25.10 32.55
N ARG D 81 -72.12 24.95 33.82
CA ARG D 81 -70.93 24.21 34.22
C ARG D 81 -71.26 22.72 34.27
N SER D 82 -72.55 22.42 34.40
CA SER D 82 -73.03 21.05 34.46
C SER D 82 -73.62 20.62 33.12
N ASP D 83 -72.76 20.26 32.18
CA ASP D 83 -73.19 19.77 30.88
C ASP D 83 -73.87 18.41 31.02
N PRO D 84 -75.19 18.37 30.83
CA PRO D 84 -76.00 17.17 31.06
C PRO D 84 -75.82 16.09 30.00
N THR D 85 -75.34 14.93 30.43
CA THR D 85 -75.27 13.75 29.58
C THR D 85 -74.39 13.92 28.34
N ASP D 86 -73.22 14.53 28.51
CA ASP D 86 -72.27 14.66 27.42
C ASP D 86 -70.92 15.20 27.85
N GLN D 87 -69.88 14.75 27.15
CA GLN D 87 -68.52 15.25 27.36
C GLN D 87 -67.87 15.51 26.01
N ASN D 88 -66.56 15.32 25.93
CA ASN D 88 -65.84 15.49 24.67
C ASN D 88 -65.38 14.16 24.08
N ILE D 89 -65.20 14.13 22.76
CA ILE D 89 -64.72 12.94 22.09
C ILE D 89 -63.21 13.01 21.88
N PRO D 90 -62.51 11.90 22.17
CA PRO D 90 -61.06 11.83 22.07
C PRO D 90 -60.56 12.06 20.64
N VAL D 91 -59.42 12.73 20.51
CA VAL D 91 -58.84 13.02 19.20
C VAL D 91 -58.34 11.74 18.55
N THR D 92 -58.07 10.73 19.37
CA THR D 92 -57.58 9.45 18.89
C THR D 92 -58.69 8.66 18.20
N GLU D 93 -59.91 9.18 18.30
CA GLU D 93 -61.07 8.53 17.68
C GLU D 93 -60.98 8.58 16.17
N LEU D 94 -60.38 9.65 15.65
CA LEU D 94 -60.23 9.81 14.20
C LEU D 94 -59.20 8.84 13.65
N PRO D 95 -59.26 8.57 12.34
CA PRO D 95 -58.27 7.75 11.65
C PRO D 95 -56.88 8.39 11.69
N GLU D 96 -55.84 7.59 11.55
CA GLU D 96 -54.46 8.08 11.62
C GLU D 96 -54.18 9.19 10.62
N TRP D 97 -54.95 9.23 9.54
CA TRP D 97 -54.72 10.20 8.48
C TRP D 97 -55.49 11.50 8.70
N ALA D 98 -56.19 11.60 9.83
CA ALA D 98 -56.98 12.79 10.11
C ALA D 98 -56.78 13.28 11.53
N ARG D 99 -55.72 12.81 12.19
CA ARG D 99 -55.44 13.20 13.56
C ARG D 99 -54.28 14.19 13.62
N ILE D 100 -53.91 14.73 12.47
CA ILE D 100 -52.74 15.60 12.36
C ILE D 100 -53.00 17.03 12.83
N PRO D 101 -53.94 17.73 12.16
CA PRO D 101 -54.15 19.17 12.41
C PRO D 101 -54.70 19.49 13.79
N PHE D 102 -55.09 18.48 14.56
CA PHE D 102 -55.58 18.70 15.91
C PHE D 102 -54.46 18.51 16.92
N ASN D 103 -53.28 19.00 16.58
CA ASN D 103 -52.08 18.82 17.39
C ASN D 103 -52.18 19.46 18.78
N THR D 104 -52.67 20.69 18.83
CA THR D 104 -52.69 21.44 20.07
C THR D 104 -53.64 20.87 21.11
N THR D 105 -54.76 20.31 20.66
CA THR D 105 -55.77 19.79 21.57
C THR D 105 -55.71 18.27 21.67
N LYS D 106 -55.88 17.76 22.89
CA LYS D 106 -55.84 16.32 23.13
C LYS D 106 -57.22 15.69 22.93
N THR D 107 -58.25 16.53 22.85
CA THR D 107 -59.61 16.07 22.60
C THR D 107 -60.48 17.20 22.06
N LEU D 108 -61.52 16.85 21.34
CA LEU D 108 -62.41 17.83 20.73
C LEU D 108 -63.31 18.47 21.78
N ASN D 109 -64.37 19.14 21.30
CA ASN D 109 -65.32 19.79 22.19
C ASN D 109 -66.73 19.27 21.96
N LYS D 110 -67.55 19.34 23.00
CA LYS D 110 -68.94 18.87 22.92
C LYS D 110 -69.73 19.64 21.86
N ILE D 111 -69.26 20.83 21.53
CA ILE D 111 -69.86 21.62 20.46
C ILE D 111 -69.52 20.99 19.13
N GLN D 112 -68.45 20.22 19.10
CA GLN D 112 -68.00 19.54 17.89
C GLN D 112 -68.28 18.04 17.98
N SER D 113 -68.56 17.58 19.20
CA SER D 113 -68.79 16.17 19.45
C SER D 113 -70.11 15.70 18.82
N LYS D 114 -71.17 16.48 19.02
CA LYS D 114 -72.47 16.13 18.47
C LYS D 114 -72.48 16.27 16.94
N CYS D 115 -71.60 17.12 16.43
CA CYS D 115 -71.53 17.37 15.00
C CYS D 115 -70.59 16.39 14.31
N PHE D 116 -69.62 15.86 15.06
CA PHE D 116 -68.61 14.96 14.53
C PHE D 116 -69.17 13.82 13.68
N PRO D 117 -70.15 13.08 14.22
CA PRO D 117 -70.77 11.97 13.48
C PRO D 117 -71.31 12.39 12.12
N THR D 118 -71.91 13.57 12.05
CA THR D 118 -72.47 14.06 10.80
C THR D 118 -71.45 14.88 10.03
N ALA D 119 -70.48 15.44 10.73
CA ALA D 119 -69.48 16.31 10.11
C ALA D 119 -68.37 15.51 9.43
N PHE D 120 -68.16 14.28 9.86
CA PHE D 120 -67.06 13.48 9.35
C PHE D 120 -67.51 12.16 8.73
N LEU D 121 -68.69 11.69 9.09
CA LEU D 121 -69.17 10.40 8.62
C LEU D 121 -70.48 10.49 7.84
N ASP D 122 -70.71 11.63 7.19
CA ASP D 122 -71.89 11.79 6.35
C ASP D 122 -71.70 12.97 5.40
N ASP D 123 -72.32 12.89 4.22
CA ASP D 123 -72.13 13.90 3.18
C ASP D 123 -73.36 14.80 3.00
N GLY D 124 -74.11 15.01 4.07
CA GLY D 124 -75.27 15.86 4.02
C GLY D 124 -74.93 17.30 4.38
N ASN D 125 -75.76 18.24 3.93
CA ASN D 125 -75.56 19.65 4.24
C ASN D 125 -75.78 19.91 5.73
N MET D 126 -75.06 20.89 6.26
CA MET D 126 -75.13 21.19 7.69
C MET D 126 -75.44 22.66 7.97
N LEU D 127 -75.81 22.93 9.20
CA LEU D 127 -76.07 24.30 9.66
C LEU D 127 -75.95 24.37 11.18
N VAL D 128 -74.82 24.87 11.66
CA VAL D 128 -74.57 24.94 13.10
C VAL D 128 -74.74 26.36 13.63
N CYS D 129 -75.49 26.50 14.72
CA CYS D 129 -75.70 27.78 15.35
C CYS D 129 -75.07 27.80 16.74
N ALA D 130 -73.89 28.42 16.85
CA ALA D 130 -73.18 28.47 18.11
C ALA D 130 -72.60 29.86 18.35
N PRO D 131 -72.41 30.22 19.63
CA PRO D 131 -71.83 31.49 20.03
C PRO D 131 -70.44 31.71 19.46
N THR D 132 -70.08 32.96 19.22
CA THR D 132 -68.78 33.28 18.65
C THR D 132 -67.65 32.92 19.61
N GLY D 133 -66.62 32.28 19.07
CA GLY D 133 -65.47 31.88 19.87
C GLY D 133 -65.69 30.56 20.59
N SER D 134 -66.58 29.74 20.05
CA SER D 134 -66.89 28.44 20.65
C SER D 134 -66.22 27.30 19.89
N GLY D 135 -65.30 27.65 18.99
CA GLY D 135 -64.57 26.66 18.22
C GLY D 135 -65.39 26.08 17.08
N LYS D 136 -66.05 26.96 16.32
CA LYS D 136 -66.86 26.53 15.20
C LYS D 136 -66.02 26.12 14.00
N THR D 137 -64.84 26.71 13.87
CA THR D 137 -63.95 26.41 12.75
C THR D 137 -63.54 24.95 12.72
N ASN D 138 -63.42 24.35 13.90
CA ASN D 138 -63.06 22.93 14.00
C ASN D 138 -64.12 22.05 13.34
N VAL D 139 -65.37 22.44 13.47
CA VAL D 139 -66.47 21.69 12.87
C VAL D 139 -66.38 21.72 11.34
N ALA D 140 -66.03 22.88 10.81
CA ALA D 140 -65.90 23.04 9.36
C ALA D 140 -64.69 22.27 8.84
N MET D 141 -63.71 22.06 9.70
CA MET D 141 -62.49 21.36 9.33
C MET D 141 -62.77 19.87 9.12
N LEU D 142 -63.73 19.35 9.86
CA LEU D 142 -64.12 17.95 9.72
C LEU D 142 -64.74 17.71 8.35
N THR D 143 -65.53 18.67 7.90
CA THR D 143 -66.17 18.58 6.59
C THR D 143 -65.12 18.61 5.48
N MET D 144 -64.01 19.29 5.74
CA MET D 144 -62.92 19.35 4.78
C MET D 144 -62.11 18.07 4.81
N LEU D 145 -61.83 17.58 6.02
CA LEU D 145 -61.06 16.35 6.20
C LEU D 145 -61.78 15.15 5.60
N ARG D 146 -63.11 15.16 5.68
CA ARG D 146 -63.89 14.08 5.09
C ARG D 146 -63.79 14.11 3.57
N GLU D 147 -63.80 15.31 3.01
CA GLU D 147 -63.63 15.46 1.56
C GLU D 147 -62.22 15.01 1.18
N ILE D 148 -61.28 15.20 2.09
CA ILE D 148 -59.93 14.68 1.91
C ILE D 148 -59.99 13.16 1.89
N GLY D 149 -60.89 12.60 2.70
CA GLY D 149 -61.06 11.17 2.78
C GLY D 149 -61.59 10.58 1.48
N LYS D 150 -62.46 11.32 0.81
CA LYS D 150 -63.00 10.88 -0.46
C LYS D 150 -61.94 11.00 -1.56
N ASN D 151 -60.89 11.75 -1.27
CA ASN D 151 -59.79 11.92 -2.22
C ASN D 151 -58.51 11.26 -1.71
N ARG D 152 -58.63 10.48 -0.64
CA ARG D 152 -57.47 9.79 -0.09
C ARG D 152 -57.66 8.27 -0.07
N ASN D 153 -56.59 7.57 -0.42
CA ASN D 153 -56.58 6.11 -0.34
C ASN D 153 -55.32 5.66 0.39
N GLU D 154 -55.30 4.40 0.82
CA GLU D 154 -54.13 3.82 1.49
C GLU D 154 -52.89 4.05 0.62
N LYS D 155 -53.05 3.86 -0.68
CA LYS D 155 -52.04 4.24 -1.64
C LYS D 155 -52.66 5.23 -2.63
N GLY D 156 -51.89 6.25 -3.00
CA GLY D 156 -52.40 7.30 -3.87
C GLY D 156 -53.00 8.42 -3.06
N GLU D 157 -52.71 8.43 -1.76
CA GLU D 157 -53.16 9.48 -0.86
C GLU D 157 -52.57 10.82 -1.28
N ILE D 158 -53.16 11.90 -0.77
CA ILE D 158 -52.71 13.25 -1.09
C ILE D 158 -52.98 13.58 -2.56
N ASP D 159 -54.20 13.32 -3.00
CA ASP D 159 -54.61 13.66 -4.36
C ASP D 159 -54.97 15.14 -4.43
N LEU D 160 -54.13 15.92 -5.10
CA LEU D 160 -54.22 17.37 -5.06
C LEU D 160 -54.86 18.01 -6.28
N ASP D 161 -55.41 17.20 -7.18
CA ASP D 161 -56.00 17.73 -8.41
C ASP D 161 -57.33 17.09 -8.77
N ALA D 162 -58.11 16.72 -7.77
CA ALA D 162 -59.40 16.08 -8.02
C ALA D 162 -60.51 16.63 -7.13
N PHE D 163 -60.22 17.69 -6.40
CA PHE D 163 -61.22 18.30 -5.53
C PHE D 163 -60.85 19.72 -5.13
N LYS D 164 -61.87 20.56 -4.97
CA LYS D 164 -61.68 21.93 -4.53
C LYS D 164 -62.62 22.27 -3.38
N ILE D 165 -62.13 23.02 -2.41
CA ILE D 165 -62.93 23.42 -1.26
C ILE D 165 -63.06 24.94 -1.20
N VAL D 166 -64.25 25.42 -0.87
CA VAL D 166 -64.51 26.85 -0.81
C VAL D 166 -64.95 27.29 0.58
N TYR D 167 -64.21 28.25 1.15
CA TYR D 167 -64.54 28.81 2.46
C TYR D 167 -64.88 30.29 2.32
N ILE D 168 -66.12 30.64 2.62
CA ILE D 168 -66.59 32.01 2.42
C ILE D 168 -66.75 32.76 3.73
N ALA D 169 -65.90 33.78 3.92
CA ALA D 169 -65.98 34.62 5.10
C ALA D 169 -66.44 36.03 4.73
N PRO D 170 -67.14 36.70 5.65
CA PRO D 170 -67.71 38.03 5.43
C PRO D 170 -66.66 39.11 5.19
N LEU D 171 -65.53 39.04 5.87
CA LEU D 171 -64.52 40.09 5.79
C LEU D 171 -63.14 39.54 5.46
N LYS D 172 -62.24 40.41 5.02
CA LYS D 172 -60.91 40.02 4.58
C LYS D 172 -60.01 39.62 5.74
N ALA D 173 -60.22 40.25 6.89
CA ALA D 173 -59.41 39.95 8.07
C ALA D 173 -59.60 38.50 8.50
N LEU D 174 -60.80 37.98 8.28
CA LEU D 174 -61.12 36.60 8.64
C LEU D 174 -60.52 35.62 7.65
N VAL D 175 -60.67 35.91 6.37
CA VAL D 175 -60.17 35.01 5.32
C VAL D 175 -58.65 34.90 5.39
N GLN D 176 -57.99 35.95 5.86
CA GLN D 176 -56.54 35.94 5.98
C GLN D 176 -56.08 35.06 7.14
N GLU D 177 -56.78 35.14 8.27
CA GLU D 177 -56.43 34.33 9.42
C GLU D 177 -56.79 32.88 9.17
N GLN D 178 -57.88 32.67 8.43
CA GLN D 178 -58.33 31.32 8.11
C GLN D 178 -57.44 30.71 7.04
N VAL D 179 -56.80 31.58 6.24
CA VAL D 179 -55.80 31.13 5.28
C VAL D 179 -54.52 30.77 6.01
N GLY D 180 -54.24 31.51 7.08
CA GLY D 180 -53.05 31.29 7.88
C GLY D 180 -53.05 29.96 8.61
N ASN D 181 -54.11 29.69 9.36
CA ASN D 181 -54.18 28.47 10.16
C ASN D 181 -54.44 27.23 9.31
N PHE D 182 -55.29 27.37 8.31
CA PHE D 182 -55.57 26.24 7.41
C PHE D 182 -54.32 25.84 6.65
N GLY D 183 -53.56 26.83 6.20
CA GLY D 183 -52.33 26.58 5.47
C GLY D 183 -51.29 25.88 6.32
N LYS D 184 -51.17 26.31 7.57
CA LYS D 184 -50.19 25.74 8.48
C LYS D 184 -50.64 24.40 9.05
N ARG D 185 -51.94 24.26 9.25
CA ARG D 185 -52.50 23.03 9.81
C ARG D 185 -52.70 21.95 8.76
N LEU D 186 -52.78 22.36 7.49
CA LEU D 186 -52.98 21.42 6.40
C LEU D 186 -51.69 21.25 5.60
N GLU D 187 -50.59 21.70 6.18
CA GLU D 187 -49.29 21.68 5.52
C GLU D 187 -48.83 20.26 5.19
N PRO D 188 -48.91 19.34 6.17
CA PRO D 188 -48.53 17.94 5.92
C PRO D 188 -49.28 17.31 4.76
N TYR D 189 -50.49 17.80 4.48
CA TYR D 189 -51.29 17.28 3.37
C TYR D 189 -50.78 17.79 2.03
N GLY D 190 -49.87 18.77 2.07
CA GLY D 190 -49.30 19.33 0.86
C GLY D 190 -50.29 20.17 0.08
N ILE D 191 -51.44 20.46 0.71
CA ILE D 191 -52.46 21.29 0.08
C ILE D 191 -52.23 22.76 0.41
N LYS D 192 -52.30 23.61 -0.61
CA LYS D 192 -51.98 25.03 -0.46
C LYS D 192 -53.23 25.89 -0.33
N VAL D 193 -53.36 26.58 0.79
CA VAL D 193 -54.48 27.48 1.03
C VAL D 193 -54.18 28.88 0.50
N SER D 194 -55.23 29.61 0.13
CA SER D 194 -55.06 30.96 -0.41
C SER D 194 -56.35 31.77 -0.34
N GLU D 195 -56.23 33.08 -0.41
CA GLU D 195 -57.39 33.97 -0.41
C GLU D 195 -57.64 34.55 -1.79
N LEU D 196 -58.87 34.40 -2.29
CA LEU D 196 -59.23 34.89 -3.61
C LEU D 196 -59.29 36.41 -3.62
N THR D 197 -58.41 37.04 -4.40
CA THR D 197 -58.32 38.49 -4.42
C THR D 197 -57.52 39.04 -5.60
N GLY D 198 -57.85 40.26 -5.99
CA GLY D 198 -57.05 41.00 -6.96
C GLY D 198 -57.14 40.52 -8.40
N ASP D 199 -56.14 40.88 -9.19
CA ASP D 199 -56.10 40.55 -10.61
C ASP D 199 -55.36 39.24 -10.86
N ARG D 200 -54.43 38.90 -9.97
CA ARG D 200 -53.67 37.66 -10.07
C ARG D 200 -54.59 36.46 -10.17
N GLN D 201 -55.59 36.41 -9.28
CA GLN D 201 -56.57 35.34 -9.30
C GLN D 201 -57.78 35.77 -10.12
N LEU D 202 -57.77 37.04 -10.54
CA LEU D 202 -58.65 37.48 -11.60
C LEU D 202 -58.16 36.85 -12.90
N THR D 203 -56.88 36.52 -12.92
CA THR D 203 -56.28 35.78 -14.02
C THR D 203 -56.24 34.29 -13.68
N LYS D 204 -56.90 33.93 -12.58
CA LYS D 204 -57.27 32.55 -12.25
C LYS D 204 -56.11 31.60 -11.98
N GLN D 205 -54.92 32.12 -11.74
CA GLN D 205 -53.78 31.25 -11.52
C GLN D 205 -53.85 30.53 -10.17
N GLN D 206 -54.24 31.26 -9.13
CA GLN D 206 -54.23 30.72 -7.77
C GLN D 206 -55.46 29.87 -7.47
N ILE D 207 -56.52 30.06 -8.25
CA ILE D 207 -57.72 29.26 -8.08
C ILE D 207 -57.53 27.86 -8.65
N SER D 208 -56.58 27.74 -9.58
CA SER D 208 -56.31 26.47 -10.23
C SER D 208 -55.18 25.71 -9.55
N GLU D 209 -54.33 26.43 -8.83
CA GLU D 209 -53.13 25.84 -8.25
C GLU D 209 -53.31 25.56 -6.76
N THR D 210 -54.19 26.31 -6.11
CA THR D 210 -54.39 26.15 -4.68
C THR D 210 -55.69 25.44 -4.35
N GLN D 211 -55.74 24.81 -3.19
CA GLN D 211 -56.93 24.09 -2.75
C GLN D 211 -57.47 24.68 -1.46
N VAL D 212 -58.67 24.27 -1.06
CA VAL D 212 -59.37 24.78 0.12
C VAL D 212 -59.52 26.31 0.05
N ILE D 213 -59.65 26.82 -1.17
CA ILE D 213 -59.82 28.24 -1.45
C ILE D 213 -60.68 29.02 -0.44
N VAL D 214 -60.15 30.14 0.03
CA VAL D 214 -60.86 31.00 0.96
C VAL D 214 -61.11 32.37 0.34
N THR D 215 -62.33 32.88 0.47
CA THR D 215 -62.69 34.15 -0.14
C THR D 215 -63.92 34.79 0.49
N THR D 216 -64.31 35.94 -0.04
CA THR D 216 -65.52 36.62 0.40
C THR D 216 -66.68 36.28 -0.53
N PRO D 217 -67.91 36.54 -0.07
CA PRO D 217 -69.13 36.25 -0.84
C PRO D 217 -69.15 36.97 -2.20
N GLU D 218 -68.80 38.25 -2.20
CA GLU D 218 -68.83 39.06 -3.41
C GLU D 218 -67.81 38.56 -4.44
N LYS D 219 -66.61 38.27 -3.97
CA LYS D 219 -65.52 37.87 -4.86
C LYS D 219 -65.83 36.53 -5.53
N TRP D 220 -66.41 35.60 -4.76
CA TRP D 220 -66.74 34.29 -5.30
C TRP D 220 -67.92 34.38 -6.27
N ASP D 221 -68.85 35.29 -5.98
CA ASP D 221 -70.02 35.46 -6.83
C ASP D 221 -69.63 36.08 -8.16
N VAL D 222 -68.73 37.07 -8.11
CA VAL D 222 -68.28 37.74 -9.32
C VAL D 222 -67.36 36.83 -10.14
N ILE D 223 -66.64 35.95 -9.45
CA ILE D 223 -65.78 35.00 -10.12
C ILE D 223 -66.59 33.97 -10.91
N THR D 224 -67.67 33.50 -10.30
CA THR D 224 -68.54 32.53 -10.96
C THR D 224 -69.41 33.20 -12.02
N ARG D 225 -69.74 34.47 -11.82
CA ARG D 225 -70.52 35.22 -12.80
C ARG D 225 -69.76 35.35 -14.11
N LYS D 226 -68.45 35.62 -14.02
CA LYS D 226 -67.60 35.71 -15.20
C LYS D 226 -67.49 34.35 -15.87
N ALA D 227 -67.46 33.30 -15.06
CA ALA D 227 -67.38 31.92 -15.57
C ALA D 227 -66.11 31.70 -16.38
N THR D 228 -65.05 32.42 -16.02
CA THR D 228 -63.78 32.29 -16.71
C THR D 228 -63.05 31.03 -16.27
N ASP D 229 -63.31 30.59 -15.04
CA ASP D 229 -62.63 29.44 -14.46
C ASP D 229 -63.60 28.31 -14.18
N ILE D 230 -64.59 28.15 -15.05
CA ILE D 230 -65.64 27.15 -14.86
C ILE D 230 -65.07 25.73 -14.85
N SER D 231 -63.91 25.56 -15.45
CA SER D 231 -63.27 24.24 -15.51
C SER D 231 -62.85 23.75 -14.14
N TYR D 232 -62.53 24.69 -13.25
CA TYR D 232 -62.10 24.33 -11.89
C TYR D 232 -63.26 24.44 -10.91
N THR D 233 -64.26 25.25 -11.25
CA THR D 233 -65.41 25.44 -10.38
C THR D 233 -66.28 24.19 -10.32
N ASN D 234 -66.05 23.26 -11.22
CA ASN D 234 -66.77 21.99 -11.21
C ASN D 234 -66.09 20.99 -10.29
N LEU D 235 -64.97 21.40 -9.71
CA LEU D 235 -64.19 20.52 -8.84
C LEU D 235 -64.48 20.78 -7.37
N VAL D 236 -65.28 21.80 -7.09
CA VAL D 236 -65.63 22.12 -5.70
C VAL D 236 -66.66 21.13 -5.17
N ARG D 237 -66.22 20.29 -4.23
CA ARG D 237 -67.10 19.30 -3.63
C ARG D 237 -67.65 19.81 -2.30
N LEU D 238 -67.05 20.88 -1.79
CA LEU D 238 -67.42 21.42 -0.49
C LEU D 238 -67.39 22.95 -0.48
N ILE D 239 -68.34 23.55 0.22
CA ILE D 239 -68.36 25.00 0.39
C ILE D 239 -68.87 25.35 1.79
N ILE D 240 -68.06 26.12 2.53
CA ILE D 240 -68.40 26.47 3.90
C ILE D 240 -68.76 27.96 4.02
N ILE D 241 -69.96 28.22 4.53
CA ILE D 241 -70.44 29.59 4.69
C ILE D 241 -70.37 30.05 6.14
N ASP D 242 -69.31 30.78 6.47
CA ASP D 242 -69.13 31.29 7.82
C ASP D 242 -69.90 32.59 8.00
N GLU D 243 -70.51 32.75 9.18
CA GLU D 243 -71.32 33.93 9.47
C GLU D 243 -72.47 34.02 8.48
N ILE D 244 -73.19 32.92 8.30
CA ILE D 244 -74.25 32.84 7.31
C ILE D 244 -75.46 33.71 7.71
N HIS D 245 -75.46 34.18 8.95
CA HIS D 245 -76.53 35.05 9.41
C HIS D 245 -76.37 36.45 8.81
N LEU D 246 -75.37 36.59 7.94
CA LEU D 246 -75.16 37.83 7.21
C LEU D 246 -76.27 38.02 6.18
N LEU D 247 -77.10 36.99 6.01
CA LEU D 247 -78.24 37.03 5.12
C LEU D 247 -79.16 38.20 5.46
N HIS D 248 -79.14 38.59 6.73
CA HIS D 248 -79.96 39.68 7.21
C HIS D 248 -79.44 41.02 6.70
N ASP D 249 -78.13 41.10 6.52
CA ASP D 249 -77.48 42.31 6.02
C ASP D 249 -77.79 42.50 4.54
N ASP D 250 -77.50 43.69 4.02
CA ASP D 250 -77.75 44.00 2.61
C ASP D 250 -76.87 43.14 1.70
N ARG D 251 -75.83 42.55 2.27
CA ARG D 251 -74.94 41.67 1.52
C ARG D 251 -75.50 40.26 1.47
N GLY D 252 -76.66 40.07 2.11
CA GLY D 252 -77.32 38.78 2.13
C GLY D 252 -77.60 38.19 0.76
N PRO D 253 -78.20 38.99 -0.14
CA PRO D 253 -78.52 38.54 -1.50
C PRO D 253 -77.34 37.93 -2.22
N VAL D 254 -76.13 38.24 -1.77
CA VAL D 254 -74.93 37.63 -2.34
C VAL D 254 -74.84 36.17 -1.93
N LEU D 255 -75.11 35.90 -0.65
CA LEU D 255 -75.11 34.54 -0.15
C LEU D 255 -76.23 33.71 -0.76
N GLU D 256 -77.38 34.34 -0.95
CA GLU D 256 -78.53 33.67 -1.55
C GLU D 256 -78.24 33.33 -3.01
N SER D 257 -77.66 34.28 -3.73
CA SER D 257 -77.36 34.08 -5.14
C SER D 257 -76.33 32.97 -5.32
N ILE D 258 -75.51 32.75 -4.31
CA ILE D 258 -74.49 31.71 -4.34
C ILE D 258 -75.08 30.34 -4.01
N VAL D 259 -75.71 30.26 -2.84
CA VAL D 259 -76.27 28.99 -2.38
C VAL D 259 -77.39 28.50 -3.29
N SER D 260 -78.19 29.43 -3.81
CA SER D 260 -79.32 29.07 -4.66
C SER D 260 -78.88 28.34 -5.91
N ARG D 261 -77.96 28.94 -6.66
CA ARG D 261 -77.50 28.35 -7.92
C ARG D 261 -76.73 27.07 -7.68
N THR D 262 -76.02 27.01 -6.55
CA THR D 262 -75.25 25.84 -6.19
C THR D 262 -76.15 24.62 -6.00
N ILE D 263 -77.08 24.72 -5.06
CA ILE D 263 -78.04 23.64 -4.81
C ILE D 263 -78.94 23.45 -6.03
N ARG D 264 -79.11 24.51 -6.81
CA ARG D 264 -79.92 24.47 -8.02
C ARG D 264 -79.54 23.30 -8.93
N ARG D 265 -78.26 23.21 -9.25
CA ARG D 265 -77.77 22.15 -10.12
C ARG D 265 -77.32 20.94 -9.30
N THR D 266 -76.95 21.19 -8.04
CA THR D 266 -76.49 20.13 -7.15
C THR D 266 -77.52 19.02 -7.01
N GLU D 267 -78.80 19.38 -7.10
CA GLU D 267 -79.87 18.39 -6.98
C GLU D 267 -80.64 18.26 -8.28
N GLN D 268 -80.13 18.87 -9.34
CA GLN D 268 -80.78 18.80 -10.64
C GLN D 268 -79.96 17.98 -11.62
N THR D 269 -78.64 18.23 -11.64
CA THR D 269 -77.75 17.49 -12.51
C THR D 269 -77.25 16.23 -11.83
N GLY D 270 -77.21 16.24 -10.50
CA GLY D 270 -76.79 15.09 -9.73
C GLY D 270 -75.40 15.25 -9.14
N GLU D 271 -74.63 16.19 -9.68
CA GLU D 271 -73.27 16.42 -9.20
C GLU D 271 -73.28 16.88 -7.75
N PRO D 272 -72.71 16.06 -6.86
CA PRO D 272 -72.74 16.28 -5.41
C PRO D 272 -71.92 17.50 -4.97
N VAL D 273 -72.58 18.45 -4.34
CA VAL D 273 -71.92 19.62 -3.77
C VAL D 273 -72.41 19.87 -2.35
N ARG D 274 -71.52 19.74 -1.38
CA ARG D 274 -71.90 19.86 0.03
C ARG D 274 -71.79 21.30 0.51
N ILE D 275 -72.74 21.72 1.33
CA ILE D 275 -72.75 23.07 1.87
C ILE D 275 -72.76 23.05 3.40
N ILE D 276 -71.86 23.81 4.01
CA ILE D 276 -71.79 23.91 5.46
C ILE D 276 -72.14 25.32 5.92
N GLY D 277 -72.90 25.41 7.01
CA GLY D 277 -73.33 26.70 7.52
C GLY D 277 -72.84 26.99 8.92
N LEU D 278 -72.12 28.10 9.06
CA LEU D 278 -71.64 28.57 10.36
C LEU D 278 -72.33 29.87 10.74
N SER D 279 -73.34 29.77 11.61
CA SER D 279 -74.15 30.93 11.95
C SER D 279 -74.13 31.24 13.44
N ALA D 280 -74.69 32.40 13.80
CA ALA D 280 -74.81 32.79 15.19
C ALA D 280 -76.20 32.42 15.71
N THR D 281 -76.33 32.33 17.03
CA THR D 281 -77.59 31.93 17.65
C THR D 281 -78.68 32.97 17.43
N LEU D 282 -79.50 32.74 16.41
CA LEU D 282 -80.62 33.63 16.11
C LEU D 282 -81.80 32.84 15.55
N PRO D 283 -83.01 33.42 15.66
CA PRO D 283 -84.25 32.81 15.19
C PRO D 283 -84.24 32.49 13.69
N ASN D 284 -85.23 31.73 13.24
CA ASN D 284 -85.35 31.35 11.84
C ASN D 284 -84.23 30.43 11.36
N TYR D 285 -83.51 29.84 12.31
CA TYR D 285 -82.43 28.91 11.98
C TYR D 285 -82.96 27.68 11.27
N ARG D 286 -84.24 27.38 11.50
CA ARG D 286 -84.89 26.26 10.85
C ARG D 286 -85.17 26.58 9.38
N ASP D 287 -85.49 27.84 9.11
CA ASP D 287 -85.72 28.28 7.75
C ASP D 287 -84.42 28.31 6.96
N VAL D 288 -83.34 28.72 7.64
CA VAL D 288 -82.02 28.72 7.04
C VAL D 288 -81.57 27.29 6.77
N ALA D 289 -82.02 26.37 7.63
CA ALA D 289 -81.70 24.96 7.46
C ALA D 289 -82.36 24.42 6.21
N SER D 290 -83.65 24.72 6.04
CA SER D 290 -84.38 24.30 4.85
C SER D 290 -83.83 25.00 3.62
N PHE D 291 -83.20 26.16 3.84
CA PHE D 291 -82.59 26.91 2.76
C PHE D 291 -81.33 26.20 2.24
N LEU D 292 -80.64 25.51 3.14
CA LEU D 292 -79.44 24.79 2.78
C LEU D 292 -79.74 23.33 2.45
N ARG D 293 -81.02 22.98 2.44
CA ARG D 293 -81.46 21.62 2.18
C ARG D 293 -80.82 20.64 3.16
N VAL D 294 -80.94 20.95 4.45
CA VAL D 294 -80.32 20.15 5.49
C VAL D 294 -81.33 19.26 6.20
N ASP D 295 -80.93 18.01 6.46
CA ASP D 295 -81.77 17.09 7.22
C ASP D 295 -81.81 17.52 8.69
N PHE D 296 -83.01 17.86 9.16
CA PHE D 296 -83.18 18.37 10.51
C PHE D 296 -82.67 17.40 11.58
N GLU D 297 -82.87 16.11 11.36
CA GLU D 297 -82.54 15.11 12.36
C GLU D 297 -81.03 14.91 12.53
N LYS D 298 -80.27 15.10 11.46
CA LYS D 298 -78.83 14.85 11.51
C LYS D 298 -78.00 16.03 11.02
N GLY D 299 -78.63 17.01 10.38
CA GLY D 299 -77.90 18.10 9.78
C GLY D 299 -77.84 19.38 10.59
N LEU D 300 -78.96 19.75 11.21
CA LEU D 300 -79.06 21.02 11.92
C LEU D 300 -78.82 20.86 13.43
N PHE D 301 -78.01 21.75 13.98
CA PHE D 301 -77.72 21.76 15.41
C PHE D 301 -77.79 23.17 15.96
N TYR D 302 -78.34 23.31 17.17
CA TYR D 302 -78.49 24.63 17.78
C TYR D 302 -77.92 24.65 19.19
N PHE D 303 -77.02 25.60 19.44
CA PHE D 303 -76.38 25.74 20.75
C PHE D 303 -76.64 27.12 21.34
N ASP D 304 -77.45 27.17 22.38
CA ASP D 304 -77.81 28.43 23.02
C ASP D 304 -76.62 29.10 23.71
N GLY D 305 -76.87 30.26 24.30
CA GLY D 305 -75.83 31.03 24.94
C GLY D 305 -75.17 30.32 26.10
N SER D 306 -75.80 29.25 26.57
CA SER D 306 -75.24 28.44 27.64
C SER D 306 -74.01 27.68 27.17
N TYR D 307 -73.88 27.54 25.86
CA TYR D 307 -72.73 26.87 25.28
C TYR D 307 -71.61 27.87 24.98
N ARG D 308 -71.83 29.12 25.35
CA ARG D 308 -70.82 30.16 25.19
C ARG D 308 -69.63 29.86 26.10
N PRO D 309 -68.41 30.19 25.64
CA PRO D 309 -67.19 29.93 26.40
C PRO D 309 -67.24 30.51 27.81
N CYS D 310 -67.69 31.75 27.93
CA CYS D 310 -67.84 32.38 29.23
C CYS D 310 -69.19 33.06 29.36
N PRO D 311 -69.89 32.82 30.47
CA PRO D 311 -71.18 33.45 30.76
C PRO D 311 -71.09 34.97 30.64
N LEU D 312 -72.11 35.59 30.05
CA LEU D 312 -72.04 37.01 29.74
C LEU D 312 -73.15 37.81 30.43
N ARG D 313 -72.75 38.77 31.27
CA ARG D 313 -73.69 39.70 31.86
C ARG D 313 -73.82 40.92 30.96
N GLN D 314 -75.05 41.25 30.60
CA GLN D 314 -75.29 42.29 29.60
C GLN D 314 -75.87 43.56 30.20
N GLU D 315 -75.30 44.70 29.82
CA GLU D 315 -75.83 46.01 30.20
C GLU D 315 -76.31 46.77 28.98
N PHE D 316 -77.57 47.19 29.01
CA PHE D 316 -78.14 47.97 27.92
C PHE D 316 -78.45 49.39 28.38
N ILE D 317 -77.55 50.31 28.06
CA ILE D 317 -77.71 51.70 28.47
C ILE D 317 -78.35 52.53 27.36
N GLY D 318 -79.48 53.16 27.68
CA GLY D 318 -80.18 53.97 26.71
C GLY D 318 -80.30 55.43 27.14
N VAL D 319 -79.54 56.29 26.47
CA VAL D 319 -79.57 57.72 26.78
C VAL D 319 -80.94 58.31 26.46
N THR D 320 -81.46 59.11 27.38
CA THR D 320 -82.80 59.66 27.22
C THR D 320 -82.77 61.12 26.74
N ASP D 321 -81.57 61.69 26.67
CA ASP D 321 -81.42 63.05 26.18
C ASP D 321 -81.89 63.14 24.72
N LYS D 322 -82.57 64.23 24.39
CA LYS D 322 -83.19 64.38 23.08
C LYS D 322 -82.24 64.94 22.03
N LYS D 323 -81.56 66.04 22.36
CA LYS D 323 -80.70 66.72 21.40
C LYS D 323 -79.40 65.95 21.18
N ALA D 324 -78.77 66.19 20.04
CA ALA D 324 -77.58 65.46 19.64
C ALA D 324 -76.40 65.71 20.58
N ILE D 325 -76.01 66.97 20.72
CA ILE D 325 -74.83 67.34 21.51
C ILE D 325 -74.93 66.86 22.95
N LYS D 326 -76.10 67.00 23.55
CA LYS D 326 -76.30 66.57 24.94
C LYS D 326 -76.21 65.06 25.06
N GLN D 327 -76.60 64.36 24.00
CA GLN D 327 -76.49 62.91 23.98
C GLN D 327 -75.03 62.46 23.99
N LEU D 328 -74.22 63.11 23.15
CA LEU D 328 -72.82 62.76 23.00
C LEU D 328 -72.05 62.99 24.30
N LYS D 329 -72.30 64.13 24.94
CA LYS D 329 -71.67 64.44 26.20
C LYS D 329 -72.09 63.45 27.28
N THR D 330 -73.36 63.06 27.24
CA THR D 330 -73.89 62.10 28.19
C THR D 330 -73.23 60.73 28.01
N MET D 331 -73.04 60.32 26.76
CA MET D 331 -72.36 59.07 26.47
C MET D 331 -70.93 59.08 26.99
N ASN D 332 -70.27 60.23 26.82
CA ASN D 332 -68.90 60.38 27.29
C ASN D 332 -68.79 60.22 28.80
N ASP D 333 -69.70 60.85 29.53
CA ASP D 333 -69.70 60.76 30.98
C ASP D 333 -70.02 59.34 31.44
N ILE D 334 -70.99 58.71 30.78
CA ILE D 334 -71.36 57.34 31.10
C ILE D 334 -70.18 56.40 30.89
N THR D 335 -69.46 56.62 29.79
CA THR D 335 -68.27 55.84 29.48
C THR D 335 -67.20 56.10 30.53
N TYR D 336 -67.17 57.33 31.04
CA TYR D 336 -66.23 57.72 32.07
C TYR D 336 -66.53 56.99 33.39
N GLN D 337 -67.78 57.12 33.85
CA GLN D 337 -68.19 56.52 35.10
C GLN D 337 -68.08 55.00 35.06
N LYS D 338 -68.30 54.41 33.88
CA LYS D 338 -68.14 52.99 33.70
C LYS D 338 -66.68 52.58 33.82
N VAL D 339 -65.79 53.49 33.44
CA VAL D 339 -64.35 53.25 33.55
C VAL D 339 -63.93 53.19 35.01
N LEU D 340 -64.59 53.98 35.86
CA LEU D 340 -64.30 54.00 37.28
C LEU D 340 -64.79 52.74 37.98
N GLU D 341 -65.91 52.21 37.50
CA GLU D 341 -66.53 51.04 38.13
C GLU D 341 -65.89 49.73 37.68
N HIS D 342 -65.26 49.75 36.50
CA HIS D 342 -64.68 48.53 35.94
C HIS D 342 -63.16 48.50 36.02
N VAL D 343 -62.58 49.47 36.73
CA VAL D 343 -61.14 49.50 36.95
C VAL D 343 -60.82 49.96 38.36
N GLY D 344 -61.74 50.74 38.94
CA GLY D 344 -61.60 51.20 40.32
C GLY D 344 -62.21 50.21 41.28
N GLN D 345 -63.50 49.93 41.10
CA GLN D 345 -64.20 48.95 41.93
C GLN D 345 -63.60 47.56 41.73
N ASN D 346 -63.71 47.05 40.51
CA ASN D 346 -63.15 45.75 40.16
C ASN D 346 -62.09 45.88 39.07
N ARG D 347 -60.83 45.65 39.45
CA ARG D 347 -59.72 45.82 38.52
C ARG D 347 -59.77 44.82 37.37
N ASN D 348 -60.11 45.30 36.19
CA ASN D 348 -60.12 44.47 34.98
C ASN D 348 -59.75 45.28 33.75
N GLN D 349 -59.26 44.59 32.73
CA GLN D 349 -58.99 45.23 31.44
C GLN D 349 -60.32 45.71 30.86
N MET D 350 -60.27 46.74 30.02
CA MET D 350 -61.48 47.31 29.48
C MET D 350 -61.37 47.67 28.00
N LEU D 351 -62.07 46.91 27.16
CA LEU D 351 -62.13 47.19 25.74
C LEU D 351 -63.40 47.96 25.41
N ILE D 352 -63.24 49.15 24.86
CA ILE D 352 -64.39 49.94 24.42
C ILE D 352 -64.29 50.15 22.90
N PHE D 353 -65.40 49.96 22.21
CA PHE D 353 -65.42 50.09 20.75
C PHE D 353 -66.09 51.39 20.33
N VAL D 354 -65.50 52.06 19.34
CA VAL D 354 -66.11 53.23 18.74
C VAL D 354 -66.08 53.08 17.22
N HIS D 355 -66.83 53.93 16.52
CA HIS D 355 -67.04 53.73 15.09
C HIS D 355 -66.33 54.77 14.23
N SER D 356 -65.14 55.19 14.65
CA SER D 356 -64.37 56.18 13.90
C SER D 356 -62.90 56.19 14.28
N ARG D 357 -62.04 56.40 13.29
CA ARG D 357 -60.60 56.50 13.53
C ARG D 357 -60.27 57.67 14.43
N LYS D 358 -60.66 58.87 14.00
CA LYS D 358 -60.36 60.09 14.73
C LYS D 358 -61.09 60.15 16.06
N GLU D 359 -62.02 59.23 16.27
CA GLU D 359 -62.83 59.21 17.47
C GLU D 359 -62.18 58.44 18.62
N THR D 360 -61.41 57.42 18.27
CA THR D 360 -60.77 56.56 19.27
C THR D 360 -59.81 57.37 20.15
N ALA D 361 -59.24 58.42 19.58
CA ALA D 361 -58.32 59.29 20.32
C ALA D 361 -59.08 60.26 21.19
N LYS D 362 -60.17 60.82 20.66
CA LYS D 362 -60.97 61.79 21.38
C LYS D 362 -61.64 61.15 22.59
N THR D 363 -62.18 59.95 22.40
CA THR D 363 -62.85 59.21 23.47
C THR D 363 -61.85 58.87 24.58
N ALA D 364 -60.69 58.36 24.19
CA ALA D 364 -59.66 58.01 25.15
C ALA D 364 -59.14 59.25 25.86
N LYS D 365 -58.96 60.33 25.11
CA LYS D 365 -58.49 61.59 25.68
C LYS D 365 -59.52 62.18 26.65
N TYR D 366 -60.79 62.08 26.28
CA TYR D 366 -61.87 62.60 27.13
C TYR D 366 -61.91 61.87 28.46
N ILE D 367 -61.77 60.54 28.41
CA ILE D 367 -61.80 59.73 29.61
C ILE D 367 -60.63 60.06 30.53
N ARG D 368 -59.48 60.38 29.94
CA ARG D 368 -58.30 60.72 30.72
C ARG D 368 -58.37 62.14 31.25
N ASP D 369 -58.72 63.09 30.37
CA ASP D 369 -58.77 64.49 30.75
C ASP D 369 -59.86 64.78 31.76
N LYS D 370 -61.08 64.30 31.48
CA LYS D 370 -62.21 64.53 32.37
C LYS D 370 -62.03 63.79 33.69
N ALA D 371 -61.17 62.77 33.69
CA ALA D 371 -60.89 62.01 34.89
C ALA D 371 -60.08 62.82 35.89
N LEU D 372 -59.50 63.92 35.41
CA LEU D 372 -58.64 64.74 36.25
C LEU D 372 -59.41 65.69 37.16
N GLU D 373 -60.38 65.15 37.88
CA GLU D 373 -60.99 65.86 38.99
C GLU D 373 -60.16 65.54 40.23
N MET D 374 -58.85 65.53 40.02
CA MET D 374 -57.90 64.94 40.95
C MET D 374 -58.32 63.53 41.34
N ASP D 375 -59.06 62.89 40.43
CA ASP D 375 -59.40 61.49 40.57
C ASP D 375 -58.17 60.66 40.26
N THR D 376 -57.21 60.67 41.18
CA THR D 376 -55.98 59.91 41.01
C THR D 376 -56.28 58.43 40.92
N ILE D 377 -57.45 58.04 41.43
CA ILE D 377 -57.90 56.65 41.44
C ILE D 377 -57.75 56.00 40.05
N ASN D 378 -57.72 54.68 40.03
CA ASN D 378 -57.31 53.86 38.87
C ASN D 378 -55.96 54.32 38.30
N GLN D 379 -55.79 55.61 38.08
CA GLN D 379 -54.49 56.17 37.70
C GLN D 379 -53.48 55.91 38.82
N ILE D 380 -53.87 56.21 40.05
CA ILE D 380 -53.04 55.92 41.21
C ILE D 380 -53.03 54.42 41.51
N LEU D 381 -54.13 53.76 41.17
CA LEU D 381 -54.29 52.34 41.47
C LEU D 381 -53.54 51.46 40.46
N LYS D 382 -53.39 51.95 39.24
CA LYS D 382 -52.65 51.22 38.22
C LYS D 382 -51.15 51.44 38.36
N HIS D 383 -50.78 52.45 39.14
CA HIS D 383 -49.40 52.89 39.24
C HIS D 383 -48.52 51.96 40.08
N ASP D 384 -49.16 51.07 40.84
CA ASP D 384 -48.49 50.27 41.87
C ASP D 384 -47.19 49.61 41.41
N ALA D 385 -47.27 48.81 40.36
CA ALA D 385 -46.09 48.13 39.84
C ALA D 385 -45.10 49.11 39.22
N GLY D 386 -43.89 48.65 38.95
CA GLY D 386 -42.88 49.47 38.32
C GLY D 386 -43.19 49.72 36.85
N THR D 387 -44.33 49.19 36.41
CA THR D 387 -44.74 49.32 35.02
C THR D 387 -45.01 50.76 34.63
N ARG D 388 -45.76 51.47 35.45
CA ARG D 388 -46.09 52.87 35.17
C ARG D 388 -44.82 53.73 35.16
N GLU D 389 -43.78 53.25 35.84
CA GLU D 389 -42.51 53.94 35.86
C GLU D 389 -41.68 53.58 34.65
N VAL D 390 -42.11 52.56 33.91
CA VAL D 390 -41.31 52.01 32.83
C VAL D 390 -42.06 51.83 31.52
N LEU D 391 -42.73 50.68 31.38
CA LEU D 391 -43.26 50.23 30.09
C LEU D 391 -44.14 51.24 29.37
N GLN D 392 -45.06 51.88 30.09
CA GLN D 392 -45.88 52.92 29.50
C GLN D 392 -44.98 54.04 28.98
N GLU D 393 -43.97 54.39 29.77
CA GLU D 393 -43.00 55.41 29.39
C GLU D 393 -42.06 54.88 28.32
N ALA D 394 -41.69 53.61 28.43
CA ALA D 394 -40.75 53.00 27.51
C ALA D 394 -41.37 52.69 26.15
N ALA D 395 -42.65 52.35 26.16
CA ALA D 395 -43.35 52.00 24.92
C ALA D 395 -43.87 53.24 24.20
N SER D 396 -44.04 54.34 24.95
CA SER D 396 -44.57 55.57 24.39
C SER D 396 -43.54 56.29 23.53
N SER D 397 -42.26 56.05 23.81
CA SER D 397 -41.18 56.73 23.11
C SER D 397 -40.71 55.94 21.89
N VAL D 398 -40.83 54.62 21.96
CA VAL D 398 -40.33 53.75 20.90
C VAL D 398 -41.16 53.85 19.62
N ASN D 399 -42.49 53.84 19.78
CA ASN D 399 -43.38 53.87 18.63
C ASN D 399 -43.46 55.24 17.97
N ASN D 400 -44.00 55.29 16.75
CA ASN D 400 -44.04 56.51 15.97
C ASN D 400 -45.38 57.22 16.05
N THR D 401 -46.40 56.50 16.51
CA THR D 401 -47.76 57.03 16.53
C THR D 401 -47.92 58.20 17.49
N ASP D 402 -48.37 59.33 16.97
CA ASP D 402 -48.69 60.49 17.80
C ASP D 402 -49.96 60.19 18.58
N LEU D 403 -50.36 61.14 19.42
CA LEU D 403 -51.54 60.96 20.27
C LEU D 403 -51.33 59.84 21.27
N LYS D 404 -50.07 59.45 21.46
CA LYS D 404 -49.71 58.49 22.50
C LYS D 404 -49.39 59.24 23.78
N ASP D 405 -49.96 60.43 23.89
CA ASP D 405 -49.89 61.24 25.10
C ASP D 405 -50.68 60.57 26.22
N LEU D 406 -51.57 59.66 25.84
CA LEU D 406 -52.45 58.99 26.80
C LEU D 406 -52.05 57.54 27.03
N LEU D 407 -50.92 57.13 26.45
CA LEU D 407 -50.44 55.76 26.61
C LEU D 407 -49.91 55.49 28.02
N PRO D 408 -49.03 56.38 28.52
CA PRO D 408 -48.46 56.19 29.87
C PRO D 408 -49.51 56.23 30.97
N TYR D 409 -50.70 56.73 30.67
CA TYR D 409 -51.77 56.80 31.65
C TYR D 409 -52.55 55.50 31.70
N GLY D 410 -52.02 54.47 31.07
CA GLY D 410 -52.65 53.16 31.08
C GLY D 410 -53.74 53.02 30.03
N PHE D 411 -53.89 54.04 29.20
CA PHE D 411 -54.89 54.01 28.13
C PHE D 411 -54.29 53.53 26.82
N GLY D 412 -55.14 53.01 25.95
CA GLY D 412 -54.71 52.49 24.67
C GLY D 412 -55.59 52.90 23.51
N ILE D 413 -55.08 52.74 22.30
CA ILE D 413 -55.81 53.08 21.09
C ILE D 413 -55.43 52.13 19.96
N HIS D 414 -56.43 51.65 19.22
CA HIS D 414 -56.18 50.66 18.17
C HIS D 414 -57.11 50.84 16.98
N HIS D 415 -56.54 51.29 15.86
CA HIS D 415 -57.31 51.43 14.62
C HIS D 415 -56.45 51.05 13.43
N ALA D 416 -57.08 50.91 12.26
CA ALA D 416 -56.40 50.49 11.05
C ALA D 416 -55.30 51.46 10.65
N GLY D 417 -55.43 52.72 11.06
CA GLY D 417 -54.44 53.73 10.76
C GLY D 417 -53.14 53.51 11.52
N MET D 418 -53.19 52.61 12.50
CA MET D 418 -52.01 52.27 13.28
C MET D 418 -51.00 51.49 12.46
N SER D 419 -49.72 51.76 12.69
CA SER D 419 -48.66 50.98 12.06
C SER D 419 -48.67 49.57 12.63
N ARG D 420 -48.10 48.62 11.89
CA ARG D 420 -48.10 47.24 12.33
C ARG D 420 -47.31 47.06 13.62
N ALA D 421 -46.26 47.85 13.77
CA ALA D 421 -45.42 47.77 14.96
C ALA D 421 -46.15 48.31 16.19
N ASP D 422 -46.86 49.41 16.03
CA ASP D 422 -47.55 50.05 17.14
C ASP D 422 -48.77 49.24 17.59
N ARG D 423 -49.58 48.80 16.63
CA ARG D 423 -50.78 48.04 16.96
C ARG D 423 -50.41 46.72 17.63
N THR D 424 -49.32 46.11 17.19
CA THR D 424 -48.85 44.87 17.78
C THR D 424 -48.33 45.08 19.19
N ASP D 425 -47.70 46.23 19.42
CA ASP D 425 -47.21 46.58 20.75
C ASP D 425 -48.37 46.76 21.72
N VAL D 426 -49.38 47.52 21.28
CA VAL D 426 -50.56 47.77 22.09
C VAL D 426 -51.30 46.48 22.42
N GLU D 427 -51.36 45.58 21.44
CA GLU D 427 -52.02 44.29 21.62
C GLU D 427 -51.32 43.47 22.69
N ASP D 428 -49.98 43.47 22.66
CA ASP D 428 -49.20 42.73 23.64
C ASP D 428 -49.27 43.39 25.01
N LEU D 429 -49.17 44.71 25.04
CA LEU D 429 -49.25 45.45 26.31
C LEU D 429 -50.60 45.22 26.97
N PHE D 430 -51.63 45.06 26.15
CA PHE D 430 -52.97 44.81 26.67
C PHE D 430 -53.09 43.37 27.16
N ALA D 431 -52.50 42.45 26.42
CA ALA D 431 -52.48 41.05 26.81
C ALA D 431 -51.68 40.88 28.09
N SER D 432 -50.62 41.69 28.22
CA SER D 432 -49.80 41.69 29.42
C SER D 432 -50.58 42.19 30.61
N GLY D 433 -51.53 43.08 30.35
CA GLY D 433 -52.35 43.67 31.40
C GLY D 433 -51.87 45.07 31.76
N HIS D 434 -50.89 45.56 31.02
CA HIS D 434 -50.33 46.88 31.27
C HIS D 434 -51.26 47.98 30.77
N ILE D 435 -52.18 47.60 29.90
CA ILE D 435 -53.20 48.52 29.41
C ILE D 435 -54.54 48.19 30.04
N GLN D 436 -55.10 49.12 30.81
CA GLN D 436 -56.34 48.90 31.52
C GLN D 436 -57.56 49.19 30.65
N VAL D 437 -57.46 50.22 29.83
CA VAL D 437 -58.56 50.63 28.96
C VAL D 437 -58.09 50.81 27.52
N LEU D 438 -58.60 49.98 26.62
CA LEU D 438 -58.23 50.05 25.21
C LEU D 438 -59.39 50.49 24.35
N VAL D 439 -59.26 51.67 23.74
CA VAL D 439 -60.27 52.17 22.81
C VAL D 439 -59.87 51.81 21.39
N CYS D 440 -60.78 51.22 20.64
CA CYS D 440 -60.46 50.73 19.31
C CYS D 440 -61.67 50.70 18.38
N THR D 441 -61.40 50.59 17.09
CA THR D 441 -62.46 50.51 16.08
C THR D 441 -62.84 49.06 15.81
N ALA D 442 -63.61 48.84 14.76
CA ALA D 442 -64.08 47.51 14.40
C ALA D 442 -62.95 46.65 13.85
N THR D 443 -61.86 47.29 13.46
CA THR D 443 -60.72 46.59 12.88
C THR D 443 -60.13 45.59 13.89
N LEU D 444 -60.13 45.97 15.15
CA LEU D 444 -59.61 45.11 16.21
C LEU D 444 -60.64 44.07 16.61
N ALA D 445 -61.88 44.27 16.20
CA ALA D 445 -62.96 43.36 16.53
C ALA D 445 -62.99 42.19 15.56
N TRP D 446 -62.47 42.40 14.36
CA TRP D 446 -62.45 41.35 13.34
C TRP D 446 -61.06 40.78 13.15
N GLY D 447 -60.05 41.55 13.55
CA GLY D 447 -58.66 41.14 13.41
C GLY D 447 -58.26 40.10 14.43
N VAL D 448 -57.33 40.45 15.30
CA VAL D 448 -56.84 39.55 16.33
C VAL D 448 -57.90 39.34 17.41
N ASN D 449 -57.57 38.51 18.40
CA ASN D 449 -58.49 38.23 19.49
C ASN D 449 -57.90 38.68 20.83
N LEU D 450 -58.63 39.53 21.55
CA LEU D 450 -58.16 40.10 22.80
C LEU D 450 -58.94 39.73 24.07
N PRO D 451 -60.20 39.25 23.91
CA PRO D 451 -61.24 39.27 24.96
C PRO D 451 -60.86 40.05 26.22
N ALA D 452 -61.16 41.34 26.21
CA ALA D 452 -60.76 42.24 27.28
C ALA D 452 -61.72 42.20 28.46
N HIS D 453 -62.32 41.05 28.71
CA HIS D 453 -63.31 40.91 29.76
C HIS D 453 -64.52 41.81 29.48
N THR D 454 -64.48 43.01 30.04
CA THR D 454 -65.59 43.96 29.91
C THR D 454 -65.48 44.79 28.63
N VAL D 455 -66.52 44.74 27.81
CA VAL D 455 -66.55 45.46 26.55
C VAL D 455 -67.67 46.49 26.52
N ILE D 456 -67.36 47.70 26.08
CA ILE D 456 -68.35 48.76 25.98
C ILE D 456 -68.44 49.28 24.56
N ILE D 457 -69.66 49.47 24.08
CA ILE D 457 -69.89 50.02 22.74
C ILE D 457 -70.47 51.42 22.83
N LYS D 458 -69.60 52.42 22.82
CA LYS D 458 -70.00 53.82 22.90
C LYS D 458 -70.73 54.26 21.63
N GLY D 459 -72.06 54.35 21.73
CA GLY D 459 -72.87 54.76 20.60
C GLY D 459 -73.09 53.64 19.59
N THR D 460 -74.23 53.66 18.92
CA THR D 460 -74.55 52.65 17.93
C THR D 460 -74.89 53.27 16.58
N GLN D 461 -74.34 54.46 16.33
CA GLN D 461 -74.56 55.14 15.06
C GLN D 461 -73.29 55.22 14.23
N VAL D 462 -73.43 54.93 12.94
CA VAL D 462 -72.30 54.99 12.02
C VAL D 462 -72.74 55.63 10.71
N TYR D 463 -71.79 56.11 9.92
CA TYR D 463 -72.11 56.75 8.65
C TYR D 463 -71.87 55.80 7.48
N SER D 464 -72.91 55.58 6.69
CA SER D 464 -72.80 54.71 5.52
C SER D 464 -72.93 55.53 4.24
N PRO D 465 -71.80 55.76 3.57
CA PRO D 465 -71.75 56.50 2.30
C PRO D 465 -72.67 55.90 1.25
N GLU D 466 -72.90 54.60 1.34
CA GLU D 466 -73.80 53.91 0.42
C GLU D 466 -75.17 54.55 0.44
N LYS D 467 -75.80 54.51 1.61
CA LYS D 467 -77.11 55.12 1.78
C LYS D 467 -76.97 56.62 2.02
N GLY D 468 -75.73 57.07 2.18
CA GLY D 468 -75.43 58.48 2.36
C GLY D 468 -76.13 59.08 3.56
N SER D 469 -76.15 58.34 4.66
CA SER D 469 -76.81 58.79 5.88
C SER D 469 -76.16 58.21 7.13
N TRP D 470 -76.73 58.53 8.28
CA TRP D 470 -76.26 57.98 9.55
C TRP D 470 -77.15 56.82 9.99
N VAL D 471 -76.84 55.63 9.48
CA VAL D 471 -77.62 54.43 9.79
C VAL D 471 -77.11 53.78 11.06
N GLU D 472 -77.96 52.98 11.70
CA GLU D 472 -77.58 52.30 12.94
C GLU D 472 -76.48 51.26 12.68
N LEU D 473 -75.83 50.81 13.74
CA LEU D 473 -74.76 49.85 13.63
C LEU D 473 -75.23 48.53 13.04
N SER D 474 -74.32 47.78 12.44
CA SER D 474 -74.63 46.47 11.89
C SER D 474 -74.60 45.41 12.99
N PRO D 475 -75.58 44.50 12.97
CA PRO D 475 -75.71 43.45 13.99
C PRO D 475 -74.50 42.52 14.02
N GLN D 476 -73.95 42.18 12.86
CA GLN D 476 -72.80 41.29 12.82
C GLN D 476 -71.58 41.94 13.46
N ASP D 477 -71.50 43.26 13.37
CA ASP D 477 -70.44 44.00 14.04
C ASP D 477 -70.63 43.97 15.55
N VAL D 478 -71.88 44.09 15.99
CA VAL D 478 -72.20 44.09 17.41
C VAL D 478 -71.88 42.74 18.05
N LEU D 479 -72.35 41.67 17.43
CA LEU D 479 -72.12 40.33 17.93
C LEU D 479 -70.63 40.01 18.05
N GLN D 480 -69.87 40.46 17.07
CA GLN D 480 -68.44 40.19 17.06
C GLN D 480 -67.73 41.02 18.12
N MET D 481 -68.28 42.19 18.42
CA MET D 481 -67.71 43.06 19.44
C MET D 481 -67.96 42.50 20.84
N LEU D 482 -69.23 42.35 21.19
CA LEU D 482 -69.60 41.84 22.50
C LEU D 482 -69.26 40.36 22.61
N GLY D 483 -69.28 39.67 21.48
CA GLY D 483 -68.88 38.27 21.43
C GLY D 483 -67.46 38.13 21.94
N ARG D 484 -66.64 39.15 21.69
CA ARG D 484 -65.31 39.24 22.26
C ARG D 484 -65.44 39.70 23.71
N ALA D 485 -66.13 38.90 24.51
CA ALA D 485 -66.45 39.28 25.89
C ALA D 485 -65.33 38.90 26.86
N GLY D 486 -65.73 38.49 28.06
CA GLY D 486 -64.79 38.20 29.13
C GLY D 486 -63.83 37.06 28.82
N ARG D 487 -62.70 37.07 29.50
CA ARG D 487 -61.68 36.03 29.35
C ARG D 487 -62.25 34.67 29.72
N PRO D 488 -62.09 33.68 28.83
CA PRO D 488 -62.67 32.34 29.01
C PRO D 488 -62.03 31.55 30.15
N GLN D 489 -60.71 31.62 30.26
CA GLN D 489 -59.99 30.84 31.26
C GLN D 489 -59.69 31.63 32.54
N TYR D 490 -59.67 32.96 32.41
CA TYR D 490 -59.32 33.82 33.53
C TYR D 490 -60.55 34.35 34.26
N ASP D 491 -61.66 34.45 33.56
CA ASP D 491 -62.86 35.06 34.14
C ASP D 491 -64.08 34.16 34.05
N THR D 492 -64.89 34.19 35.10
CA THR D 492 -66.17 33.50 35.10
C THR D 492 -67.27 34.50 34.83
N TYR D 493 -66.87 35.75 34.65
CA TYR D 493 -67.82 36.85 34.45
C TYR D 493 -67.56 37.56 33.14
N GLY D 494 -68.55 37.53 32.25
CA GLY D 494 -68.46 38.28 31.00
C GLY D 494 -69.37 39.48 31.04
N GLU D 495 -68.80 40.67 31.00
CA GLU D 495 -69.59 41.88 31.10
C GLU D 495 -69.60 42.69 29.81
N GLY D 496 -70.69 42.59 29.07
CA GLY D 496 -70.85 43.33 27.83
C GLY D 496 -71.75 44.54 28.01
N ILE D 497 -71.20 45.72 27.74
CA ILE D 497 -71.96 46.96 27.90
C ILE D 497 -72.21 47.62 26.56
N ILE D 498 -73.47 47.91 26.26
CA ILE D 498 -73.84 48.57 25.00
C ILE D 498 -74.54 49.90 25.27
N ILE D 499 -73.96 50.97 24.73
CA ILE D 499 -74.49 52.31 24.95
C ILE D 499 -75.11 52.90 23.69
N THR D 500 -76.43 52.83 23.59
CA THR D 500 -77.14 53.37 22.44
C THR D 500 -78.21 54.37 22.86
N THR D 501 -79.23 54.52 22.04
CA THR D 501 -80.35 55.40 22.37
C THR D 501 -81.56 54.58 22.82
N GLN D 502 -82.41 55.19 23.64
CA GLN D 502 -83.55 54.49 24.22
C GLN D 502 -84.47 53.88 23.17
N GLY D 503 -84.53 54.50 22.00
CA GLY D 503 -85.39 54.02 20.93
C GLY D 503 -84.85 52.81 20.20
N GLU D 504 -83.61 52.43 20.51
CA GLU D 504 -82.97 51.31 19.85
C GLU D 504 -82.66 50.16 20.81
N ILE D 505 -83.14 50.28 22.04
CA ILE D 505 -82.93 49.25 23.05
C ILE D 505 -83.52 47.90 22.66
N PRO D 506 -84.79 47.86 22.23
CA PRO D 506 -85.44 46.60 21.90
C PRO D 506 -84.76 45.84 20.77
N TYR D 507 -84.02 46.55 19.93
CA TYR D 507 -83.32 45.92 18.81
C TYR D 507 -82.15 45.06 19.29
N TYR D 508 -81.26 45.67 20.06
CA TYR D 508 -80.07 44.96 20.53
C TYR D 508 -80.41 43.93 21.59
N LEU D 509 -81.47 44.17 22.34
CA LEU D 509 -81.97 43.18 23.28
C LEU D 509 -82.41 41.94 22.52
N SER D 510 -82.93 42.15 21.32
CA SER D 510 -83.35 41.05 20.46
C SER D 510 -82.15 40.40 19.80
N LEU D 511 -81.01 41.09 19.85
CA LEU D 511 -79.80 40.60 19.20
C LEU D 511 -78.92 39.79 20.17
N LEU D 512 -78.75 40.31 21.38
CA LEU D 512 -77.91 39.66 22.38
C LEU D 512 -78.66 38.55 23.11
N ASN D 513 -79.89 38.27 22.69
CA ASN D 513 -80.70 37.27 23.38
C ASN D 513 -81.42 36.33 22.42
N GLN D 514 -80.88 36.18 21.23
CA GLN D 514 -81.43 35.26 20.24
C GLN D 514 -82.88 35.59 19.92
N GLN D 515 -83.16 36.87 19.71
CA GLN D 515 -84.52 37.32 19.47
C GLN D 515 -84.69 37.93 18.08
N LEU D 516 -83.58 38.34 17.49
CA LEU D 516 -83.61 39.00 16.18
C LEU D 516 -83.54 37.98 15.04
N PRO D 517 -84.67 37.76 14.37
CA PRO D 517 -84.79 36.77 13.29
C PRO D 517 -83.96 37.12 12.06
N ILE D 518 -83.44 36.10 11.38
CA ILE D 518 -82.63 36.30 10.19
C ILE D 518 -83.50 36.26 8.94
N GLU D 519 -83.79 37.43 8.38
CA GLU D 519 -84.65 37.52 7.21
C GLU D 519 -83.83 37.59 5.93
N SER D 520 -84.51 37.79 4.80
CA SER D 520 -83.84 37.86 3.50
C SER D 520 -84.02 39.23 2.87
N GLN D 521 -82.93 39.77 2.34
CA GLN D 521 -82.96 41.08 1.69
C GLN D 521 -82.89 40.93 0.18
N LEU D 522 -83.29 39.77 -0.31
CA LEU D 522 -83.17 39.44 -1.74
C LEU D 522 -83.99 40.37 -2.62
N VAL D 523 -85.05 40.95 -2.06
CA VAL D 523 -85.94 41.81 -2.82
C VAL D 523 -85.20 43.04 -3.35
N SER D 524 -84.16 43.45 -2.63
CA SER D 524 -83.38 44.62 -3.02
C SER D 524 -82.53 44.34 -4.25
N LYS D 525 -81.80 43.24 -4.23
CA LYS D 525 -80.94 42.86 -5.35
C LYS D 525 -81.56 41.75 -6.20
N LEU D 526 -82.88 41.66 -6.18
CA LEU D 526 -83.58 40.62 -6.93
C LEU D 526 -83.43 40.81 -8.42
N VAL D 527 -83.47 42.07 -8.87
CA VAL D 527 -83.37 42.38 -10.29
C VAL D 527 -81.99 42.06 -10.85
N ASP D 528 -80.95 42.46 -10.13
CA ASP D 528 -79.58 42.23 -10.58
C ASP D 528 -79.17 40.77 -10.42
N SER D 529 -79.73 40.10 -9.42
CA SER D 529 -79.45 38.68 -9.20
C SER D 529 -80.03 37.85 -10.34
N LEU D 530 -81.26 38.17 -10.72
CA LEU D 530 -81.91 37.49 -11.85
C LEU D 530 -81.13 37.75 -13.13
N ASN D 531 -80.62 38.97 -13.27
CA ASN D 531 -79.81 39.34 -14.42
C ASN D 531 -78.54 38.50 -14.49
N ALA D 532 -77.92 38.29 -13.33
CA ALA D 532 -76.70 37.49 -13.26
C ALA D 532 -76.99 36.04 -13.57
N GLU D 533 -78.16 35.57 -13.15
CA GLU D 533 -78.55 34.17 -13.36
C GLU D 533 -78.89 33.92 -14.83
N ILE D 534 -79.41 34.95 -15.50
CA ILE D 534 -79.75 34.85 -16.91
C ILE D 534 -78.49 34.87 -17.78
N VAL D 535 -77.46 35.56 -17.31
CA VAL D 535 -76.21 35.65 -18.03
C VAL D 535 -75.46 34.31 -18.02
N LEU D 536 -75.49 33.63 -16.89
CA LEU D 536 -74.80 32.35 -16.75
C LEU D 536 -75.52 31.24 -17.51
N GLY D 537 -76.68 31.56 -18.08
CA GLY D 537 -77.45 30.59 -18.83
C GLY D 537 -78.24 29.65 -17.95
N ASN D 538 -78.17 29.89 -16.64
CA ASN D 538 -78.93 29.09 -15.68
C ASN D 538 -80.42 29.38 -15.76
N VAL D 539 -80.77 30.48 -16.41
CA VAL D 539 -82.16 30.86 -16.58
C VAL D 539 -82.42 31.37 -18.00
N ARG D 540 -83.06 30.54 -18.81
CA ARG D 540 -83.40 30.90 -20.18
C ARG D 540 -84.90 31.11 -20.32
N ASN D 541 -85.67 30.44 -19.48
CA ASN D 541 -87.12 30.57 -19.48
C ASN D 541 -87.63 31.22 -18.21
N ARG D 542 -88.84 31.78 -18.28
CA ARG D 542 -89.47 32.36 -17.11
C ARG D 542 -89.72 31.30 -16.06
N ASP D 543 -89.99 30.08 -16.51
CA ASP D 543 -90.16 28.96 -15.60
C ASP D 543 -88.83 28.59 -14.95
N GLU D 544 -87.74 28.79 -15.68
CA GLU D 544 -86.41 28.55 -15.13
C GLU D 544 -86.09 29.59 -14.07
N GLY D 545 -86.61 30.80 -14.27
CA GLY D 545 -86.45 31.86 -13.28
C GLY D 545 -87.21 31.54 -12.01
N VAL D 546 -88.40 30.99 -12.18
CA VAL D 546 -89.22 30.57 -11.05
C VAL D 546 -88.57 29.41 -10.33
N GLU D 547 -87.96 28.51 -11.10
CA GLU D 547 -87.27 27.35 -10.54
C GLU D 547 -86.06 27.80 -9.74
N TRP D 548 -85.32 28.77 -10.28
CA TRP D 548 -84.16 29.32 -9.60
C TRP D 548 -84.56 30.04 -8.32
N LEU D 549 -85.66 30.78 -8.39
CA LEU D 549 -86.14 31.53 -7.25
C LEU D 549 -86.63 30.61 -6.14
N GLY D 550 -86.91 29.36 -6.49
CA GLY D 550 -87.38 28.39 -5.52
C GLY D 550 -86.28 27.91 -4.60
N TYR D 551 -85.03 28.16 -5.00
CA TYR D 551 -83.88 27.72 -4.23
C TYR D 551 -83.27 28.85 -3.41
N THR D 552 -84.04 29.92 -3.22
CA THR D 552 -83.55 31.06 -2.46
C THR D 552 -84.06 31.03 -1.03
N TYR D 553 -83.60 31.99 -0.22
CA TYR D 553 -84.03 32.09 1.17
C TYR D 553 -85.27 32.96 1.29
N LEU D 554 -85.48 33.83 0.31
CA LEU D 554 -86.67 34.65 0.26
C LEU D 554 -87.90 33.78 0.04
N PHE D 555 -87.72 32.69 -0.70
CA PHE D 555 -88.81 31.79 -1.03
C PHE D 555 -89.31 31.04 0.20
N VAL D 556 -88.39 30.52 1.00
CA VAL D 556 -88.74 29.75 2.18
C VAL D 556 -89.40 30.64 3.23
N ARG D 557 -88.92 31.87 3.33
CA ARG D 557 -89.48 32.83 4.29
C ARG D 557 -90.88 33.25 3.88
N MET D 558 -91.15 33.22 2.57
CA MET D 558 -92.48 33.53 2.07
C MET D 558 -93.43 32.36 2.31
N LEU D 559 -92.88 31.17 2.36
CA LEU D 559 -93.68 29.97 2.59
C LEU D 559 -94.18 29.91 4.03
N ARG D 560 -93.27 30.13 4.98
CA ARG D 560 -93.60 30.05 6.39
C ARG D 560 -94.16 31.35 6.95
N SER D 561 -93.94 32.44 6.22
CA SER D 561 -94.41 33.75 6.67
C SER D 561 -94.95 34.58 5.50
N PRO D 562 -96.09 34.16 4.94
CA PRO D 562 -96.73 34.84 3.81
C PRO D 562 -97.14 36.27 4.14
N GLY D 563 -97.62 36.49 5.35
CA GLY D 563 -98.08 37.80 5.77
C GLY D 563 -96.94 38.75 6.10
N LEU D 564 -95.92 38.22 6.78
CA LEU D 564 -94.78 39.02 7.20
C LEU D 564 -94.05 39.61 5.99
N TYR D 565 -94.04 38.85 4.90
CA TYR D 565 -93.40 39.31 3.67
C TYR D 565 -94.44 39.89 2.71
N SER D 566 -95.69 39.90 3.14
CA SER D 566 -96.77 40.48 2.35
C SER D 566 -96.90 39.83 0.98
N VAL D 567 -97.24 38.54 0.98
CA VAL D 567 -97.41 37.81 -0.28
C VAL D 567 -98.60 38.33 -1.06
N GLY D 568 -99.62 38.79 -0.34
CA GLY D 568 -100.80 39.37 -0.96
C GLY D 568 -102.08 38.63 -0.62
N ALA D 569 -101.94 37.43 -0.07
CA ALA D 569 -103.09 36.61 0.32
C ALA D 569 -103.90 36.15 -0.88
N GLU D 570 -103.46 36.56 -2.07
CA GLU D 570 -104.11 36.15 -3.31
C GLU D 570 -103.60 34.79 -3.75
N TYR D 571 -102.60 34.28 -3.03
CA TYR D 571 -101.94 33.04 -3.42
C TYR D 571 -102.15 31.94 -2.38
N GLU D 572 -103.29 31.97 -1.72
CA GLU D 572 -103.67 30.91 -0.80
C GLU D 572 -103.94 29.63 -1.58
N ASP D 573 -104.55 29.79 -2.75
CA ASP D 573 -104.82 28.66 -3.64
C ASP D 573 -103.54 28.22 -4.34
N ASP D 574 -102.57 29.14 -4.42
CA ASP D 574 -101.28 28.82 -5.00
C ASP D 574 -100.55 27.81 -4.11
N VAL D 575 -100.43 26.58 -4.59
CA VAL D 575 -99.85 25.50 -3.81
C VAL D 575 -98.39 25.77 -3.44
N ALA D 576 -97.52 25.80 -4.44
CA ALA D 576 -96.09 25.95 -4.20
C ALA D 576 -95.63 27.39 -4.42
N LEU D 577 -96.56 28.33 -4.32
CA LEU D 577 -96.27 29.73 -4.53
C LEU D 577 -95.63 29.97 -5.90
N GLU D 578 -96.08 29.20 -6.88
CA GLU D 578 -95.55 29.31 -8.23
C GLU D 578 -96.00 30.60 -8.90
N GLN D 579 -97.30 30.87 -8.87
CA GLN D 579 -97.87 32.05 -9.49
C GLN D 579 -97.25 33.32 -8.90
N LYS D 580 -96.97 33.29 -7.60
CA LYS D 580 -96.31 34.39 -6.94
C LYS D 580 -94.91 34.62 -7.51
N ARG D 581 -94.14 33.53 -7.60
CA ARG D 581 -92.79 33.60 -8.14
C ARG D 581 -92.83 34.01 -9.60
N VAL D 582 -93.88 33.63 -10.30
CA VAL D 582 -94.05 33.99 -11.70
C VAL D 582 -94.22 35.50 -11.84
N ASP D 583 -95.04 36.08 -10.97
CA ASP D 583 -95.29 37.52 -10.99
C ASP D 583 -94.02 38.29 -10.64
N LEU D 584 -93.26 37.76 -9.70
CA LEU D 584 -92.01 38.40 -9.28
C LEU D 584 -90.98 38.38 -10.40
N ILE D 585 -90.69 37.18 -10.92
CA ILE D 585 -89.71 37.02 -11.98
C ILE D 585 -90.12 37.81 -13.22
N HIS D 586 -91.43 37.91 -13.44
CA HIS D 586 -91.95 38.65 -14.58
C HIS D 586 -91.62 40.14 -14.48
N SER D 587 -91.95 40.74 -13.34
CA SER D 587 -91.71 42.15 -13.11
C SER D 587 -90.22 42.46 -13.12
N ALA D 588 -89.42 41.58 -12.53
CA ALA D 588 -87.98 41.75 -12.49
C ALA D 588 -87.39 41.67 -13.90
N ALA D 589 -87.90 40.75 -14.70
CA ALA D 589 -87.45 40.61 -16.08
C ALA D 589 -87.93 41.79 -16.92
N MET D 590 -89.04 42.38 -16.51
CA MET D 590 -89.60 43.52 -17.22
C MET D 590 -88.69 44.75 -17.11
N VAL D 591 -88.28 45.07 -15.90
CA VAL D 591 -87.38 46.19 -15.68
C VAL D 591 -86.03 45.91 -16.31
N LEU D 592 -85.67 44.63 -16.38
CA LEU D 592 -84.45 44.21 -17.05
C LEU D 592 -84.60 44.35 -18.56
N LYS D 593 -85.83 44.25 -19.03
CA LYS D 593 -86.12 44.39 -20.46
C LYS D 593 -86.12 45.85 -20.88
N LYS D 594 -86.70 46.70 -20.04
CA LYS D 594 -86.80 48.12 -20.34
C LYS D 594 -85.45 48.82 -20.21
N SER D 595 -84.49 48.13 -19.60
CA SER D 595 -83.15 48.67 -19.44
C SER D 595 -82.21 48.09 -20.48
N ASN D 596 -82.74 47.21 -21.32
CA ASN D 596 -81.97 46.58 -22.38
C ASN D 596 -80.82 45.72 -21.86
N LEU D 597 -80.97 45.20 -20.65
CA LEU D 597 -79.99 44.26 -20.10
C LEU D 597 -80.26 42.85 -20.60
N ILE D 598 -81.53 42.53 -20.78
CA ILE D 598 -81.91 41.20 -21.24
C ILE D 598 -82.98 41.28 -22.33
N LYS D 599 -82.94 40.35 -23.27
CA LYS D 599 -83.98 40.27 -24.29
C LYS D 599 -85.08 39.34 -23.81
N TYR D 600 -86.25 39.90 -23.56
CA TYR D 600 -87.33 39.18 -22.90
C TYR D 600 -88.65 39.25 -23.66
N ASP D 601 -89.21 38.10 -23.99
CA ASP D 601 -90.51 38.03 -24.64
C ASP D 601 -91.57 37.70 -23.58
N GLU D 602 -92.58 38.55 -23.48
CA GLU D 602 -93.52 38.50 -22.37
C GLU D 602 -94.41 37.26 -22.35
N LYS D 603 -94.99 36.92 -23.49
CA LYS D 603 -95.99 35.85 -23.54
C LYS D 603 -95.39 34.47 -23.78
N THR D 604 -94.27 34.41 -24.48
CA THR D 604 -93.61 33.13 -24.73
C THR D 604 -92.86 32.66 -23.50
N GLY D 605 -92.35 33.61 -22.72
CA GLY D 605 -91.70 33.31 -21.46
C GLY D 605 -90.20 33.13 -21.55
N LYS D 606 -89.68 32.92 -22.75
CA LYS D 606 -88.25 32.67 -22.94
C LYS D 606 -87.45 33.97 -22.80
N MET D 607 -86.20 33.83 -22.35
CA MET D 607 -85.34 34.98 -22.13
C MET D 607 -83.97 34.78 -22.78
N GLN D 608 -83.23 35.87 -22.92
CA GLN D 608 -81.86 35.82 -23.44
C GLN D 608 -81.11 37.10 -23.12
N ALA D 609 -80.07 36.98 -22.31
CA ALA D 609 -79.30 38.14 -21.87
C ALA D 609 -78.53 38.77 -23.03
N THR D 610 -78.38 40.09 -22.98
CA THR D 610 -77.64 40.81 -24.01
C THR D 610 -76.23 41.10 -23.54
N GLU D 611 -75.48 41.84 -24.36
CA GLU D 611 -74.11 42.17 -24.04
C GLU D 611 -74.04 43.18 -22.90
N LEU D 612 -75.04 44.04 -22.82
CA LEU D 612 -75.10 45.04 -21.76
C LEU D 612 -75.33 44.38 -20.41
N GLY D 613 -76.21 43.38 -20.40
CA GLY D 613 -76.50 42.64 -19.18
C GLY D 613 -75.29 41.85 -18.70
N ARG D 614 -74.46 41.41 -19.65
CA ARG D 614 -73.26 40.67 -19.32
C ARG D 614 -72.31 41.53 -18.50
N ILE D 615 -72.06 42.74 -18.99
CA ILE D 615 -71.16 43.67 -18.33
C ILE D 615 -71.68 44.03 -16.94
N ALA D 616 -72.98 44.24 -16.84
CA ALA D 616 -73.60 44.62 -15.57
C ALA D 616 -73.41 43.51 -14.53
N SER D 617 -73.39 42.26 -14.99
CA SER D 617 -73.24 41.13 -14.10
C SER D 617 -71.77 40.88 -13.74
N HIS D 618 -70.89 41.08 -14.71
CA HIS D 618 -69.47 40.82 -14.50
C HIS D 618 -68.82 41.83 -13.56
N TYR D 619 -69.47 42.99 -13.39
CA TYR D 619 -68.89 44.04 -12.58
C TYR D 619 -69.80 44.47 -11.42
N TYR D 620 -70.91 43.77 -11.26
CA TYR D 620 -71.80 44.01 -10.12
C TYR D 620 -72.35 45.43 -10.10
N ILE D 621 -73.05 45.81 -11.16
CA ILE D 621 -73.61 47.16 -11.25
C ILE D 621 -75.12 47.13 -11.41
N SER D 622 -75.79 48.09 -10.79
CA SER D 622 -77.25 48.17 -10.84
C SER D 622 -77.73 48.44 -12.26
N HIS D 623 -78.95 48.01 -12.56
CA HIS D 623 -79.52 48.14 -13.89
C HIS D 623 -79.74 49.59 -14.30
N GLU D 624 -80.08 50.43 -13.33
CA GLU D 624 -80.33 51.84 -13.60
C GLU D 624 -79.04 52.55 -14.03
N SER D 625 -77.93 52.17 -13.40
CA SER D 625 -76.63 52.74 -13.75
C SER D 625 -76.24 52.34 -15.16
N MET D 626 -76.44 51.07 -15.49
CA MET D 626 -76.13 50.56 -16.82
C MET D 626 -76.99 51.25 -17.87
N ASP D 627 -78.21 51.60 -17.48
CA ASP D 627 -79.15 52.25 -18.37
C ASP D 627 -78.67 53.64 -18.77
N THR D 628 -78.19 54.39 -17.78
CA THR D 628 -77.68 55.74 -18.01
C THR D 628 -76.43 55.72 -18.87
N TYR D 629 -75.61 54.69 -18.69
CA TYR D 629 -74.38 54.54 -19.47
C TYR D 629 -74.72 54.33 -20.94
N ASN D 630 -75.71 53.48 -21.19
CA ASN D 630 -76.08 53.10 -22.55
C ASN D 630 -76.81 54.23 -23.29
N LYS D 631 -77.23 55.25 -22.56
CA LYS D 631 -78.03 56.32 -23.14
C LYS D 631 -77.29 57.66 -23.16
N LEU D 632 -76.17 57.74 -22.45
CA LEU D 632 -75.43 59.00 -22.35
C LEU D 632 -74.08 58.97 -23.03
N ILE D 633 -73.48 57.79 -23.11
CA ILE D 633 -72.14 57.67 -23.71
C ILE D 633 -72.21 57.74 -25.23
N HIS D 634 -71.49 58.70 -25.80
CA HIS D 634 -71.40 58.82 -27.25
C HIS D 634 -69.95 58.92 -27.70
N PRO D 635 -69.69 58.58 -28.96
CA PRO D 635 -68.34 58.47 -29.53
C PRO D 635 -67.53 59.77 -29.44
N ALA D 636 -68.20 60.90 -29.32
CA ALA D 636 -67.52 62.19 -29.35
C ALA D 636 -67.25 62.75 -27.95
N MET D 637 -67.42 61.91 -26.93
CA MET D 637 -67.23 62.35 -25.56
C MET D 637 -65.76 62.60 -25.24
N ASN D 638 -65.51 63.53 -24.33
CA ASN D 638 -64.15 63.84 -23.89
C ASN D 638 -63.88 63.31 -22.48
N ASP D 639 -63.01 64.01 -21.75
CA ASP D 639 -62.66 63.60 -20.40
C ASP D 639 -63.66 64.12 -19.37
N VAL D 640 -63.99 65.40 -19.47
CA VAL D 640 -64.90 66.04 -18.53
C VAL D 640 -66.28 65.39 -18.54
N GLU D 641 -66.75 65.03 -19.73
CA GLU D 641 -68.07 64.43 -19.87
C GLU D 641 -68.09 63.00 -19.35
N LEU D 642 -67.00 62.28 -19.57
CA LEU D 642 -66.90 60.90 -19.10
C LEU D 642 -66.91 60.86 -17.57
N PHE D 643 -66.29 61.86 -16.97
CA PHE D 643 -66.34 62.01 -15.51
C PHE D 643 -67.74 62.34 -15.06
N ARG D 644 -68.45 63.13 -15.86
CA ARG D 644 -69.82 63.52 -15.55
C ARG D 644 -70.74 62.30 -15.56
N VAL D 645 -70.62 61.49 -16.59
CA VAL D 645 -71.42 60.27 -16.69
C VAL D 645 -71.10 59.31 -15.55
N PHE D 646 -69.83 59.30 -15.14
CA PHE D 646 -69.41 58.48 -14.02
C PHE D 646 -70.12 58.88 -12.74
N ALA D 647 -70.20 60.19 -12.50
CA ALA D 647 -70.82 60.70 -11.29
C ALA D 647 -72.33 60.50 -11.30
N GLN D 648 -72.89 60.27 -12.48
CA GLN D 648 -74.33 60.09 -12.61
C GLN D 648 -74.73 58.65 -12.35
N SER D 649 -73.83 57.87 -11.78
CA SER D 649 -74.10 56.48 -11.47
C SER D 649 -75.18 56.36 -10.40
N GLY D 650 -75.91 55.26 -10.40
CA GLY D 650 -77.01 55.05 -9.47
C GLY D 650 -76.54 54.62 -8.09
N GLU D 651 -75.23 54.40 -7.95
CA GLU D 651 -74.67 53.97 -6.68
C GLU D 651 -74.40 55.16 -5.75
N PHE D 652 -74.37 56.35 -6.33
CA PHE D 652 -74.07 57.55 -5.56
C PHE D 652 -75.27 58.48 -5.46
N LYS D 653 -76.45 57.96 -5.81
CA LYS D 653 -77.67 58.76 -5.85
C LYS D 653 -78.16 59.15 -4.46
N TYR D 654 -77.60 58.52 -3.44
CA TYR D 654 -78.00 58.80 -2.06
C TYR D 654 -77.07 59.81 -1.40
N ILE D 655 -75.89 60.01 -1.98
CA ILE D 655 -74.92 60.95 -1.44
C ILE D 655 -75.35 62.38 -1.68
N PRO D 656 -75.71 63.09 -0.59
CA PRO D 656 -76.17 64.48 -0.67
C PRO D 656 -75.03 65.48 -0.53
N VAL D 657 -75.29 66.73 -0.92
CA VAL D 657 -74.30 67.79 -0.75
C VAL D 657 -74.70 68.69 0.41
N ARG D 658 -74.22 68.37 1.60
CA ARG D 658 -74.56 69.13 2.80
C ARG D 658 -73.86 70.48 2.83
N GLN D 659 -74.56 71.50 3.32
CA GLN D 659 -74.04 72.86 3.34
C GLN D 659 -72.81 72.97 4.24
N GLU D 660 -72.66 72.01 5.14
CA GLU D 660 -71.57 72.01 6.10
C GLU D 660 -70.20 71.86 5.43
N GLU D 661 -70.20 71.58 4.14
CA GLU D 661 -68.97 71.29 3.43
C GLU D 661 -68.91 71.95 2.05
N LYS D 662 -69.92 72.76 1.73
CA LYS D 662 -70.00 73.38 0.42
C LYS D 662 -68.84 74.33 0.15
N LEU D 663 -68.40 75.05 1.18
CA LEU D 663 -67.30 76.00 1.03
C LEU D 663 -65.99 75.27 0.76
N GLU D 664 -65.88 74.05 1.26
CA GLU D 664 -64.67 73.26 1.09
C GLU D 664 -64.61 72.64 -0.31
N LEU D 665 -65.78 72.26 -0.83
CA LEU D 665 -65.85 71.67 -2.16
C LEU D 665 -65.60 72.72 -3.25
N ALA D 666 -66.10 73.93 -3.01
CA ALA D 666 -65.95 75.02 -3.97
C ALA D 666 -64.49 75.30 -4.28
N LYS D 667 -63.69 75.48 -3.23
CA LYS D 667 -62.26 75.70 -3.39
C LYS D 667 -61.60 74.43 -3.92
N LEU D 668 -62.24 73.30 -3.67
CA LEU D 668 -61.72 72.01 -4.10
C LEU D 668 -62.09 71.76 -5.57
N LEU D 669 -63.25 72.26 -5.97
CA LEU D 669 -63.74 72.09 -7.33
C LEU D 669 -62.96 72.99 -8.30
N ALA D 670 -62.27 73.98 -7.76
CA ALA D 670 -61.56 74.94 -8.60
C ALA D 670 -60.05 74.69 -8.62
N ARG D 671 -59.65 73.45 -8.41
CA ARG D 671 -58.24 73.10 -8.48
C ARG D 671 -58.02 71.64 -8.90
N VAL D 672 -59.10 70.94 -9.23
CA VAL D 672 -59.00 69.59 -9.73
C VAL D 672 -58.57 69.59 -11.20
N PRO D 673 -57.87 68.53 -11.62
CA PRO D 673 -57.38 68.39 -13.00
C PRO D 673 -58.50 68.52 -14.03
N ILE D 674 -59.48 67.63 -13.96
CA ILE D 674 -60.60 67.65 -14.89
C ILE D 674 -61.69 68.61 -14.42
N PRO D 675 -61.94 69.67 -15.19
CA PRO D 675 -62.95 70.69 -14.88
C PRO D 675 -64.34 70.10 -14.67
N VAL D 676 -64.96 70.43 -13.55
CA VAL D 676 -66.31 69.96 -13.27
C VAL D 676 -67.25 71.15 -13.14
N LYS D 677 -66.79 72.31 -13.61
CA LYS D 677 -67.54 73.55 -13.47
C LYS D 677 -68.90 73.52 -14.17
N GLU D 678 -69.14 72.48 -14.96
CA GLU D 678 -70.43 72.32 -15.62
C GLU D 678 -71.52 72.09 -14.57
N SER D 679 -71.13 71.44 -13.47
CA SER D 679 -72.04 71.22 -12.35
C SER D 679 -71.63 72.07 -11.17
N ILE D 680 -72.61 72.65 -10.48
CA ILE D 680 -72.32 73.52 -9.35
C ILE D 680 -73.22 73.24 -8.15
N GLU D 681 -72.60 72.78 -7.07
CA GLU D 681 -73.31 72.50 -5.81
C GLU D 681 -74.43 71.48 -5.97
N GLU D 682 -74.22 70.53 -6.88
CA GLU D 682 -75.10 69.37 -7.00
C GLU D 682 -74.33 68.14 -6.53
N PRO D 683 -75.06 67.07 -6.18
CA PRO D 683 -74.41 65.84 -5.75
C PRO D 683 -73.50 65.27 -6.84
N THR D 684 -73.78 65.62 -8.09
CA THR D 684 -72.95 65.20 -9.22
C THR D 684 -71.56 65.81 -9.14
N ALA D 685 -71.50 67.11 -8.88
CA ALA D 685 -70.23 67.82 -8.80
C ALA D 685 -69.40 67.31 -7.63
N LYS D 686 -70.07 66.91 -6.56
CA LYS D 686 -69.38 66.40 -5.39
C LYS D 686 -68.68 65.07 -5.69
N ILE D 687 -69.42 64.14 -6.27
CA ILE D 687 -68.88 62.83 -6.63
C ILE D 687 -67.71 62.97 -7.59
N ASN D 688 -67.84 63.88 -8.54
CA ASN D 688 -66.80 64.12 -9.53
C ASN D 688 -65.52 64.64 -8.88
N VAL D 689 -65.67 65.64 -8.02
CA VAL D 689 -64.54 66.24 -7.34
C VAL D 689 -63.88 65.27 -6.37
N LEU D 690 -64.69 64.37 -5.81
CA LEU D 690 -64.18 63.37 -4.87
C LEU D 690 -63.21 62.41 -5.55
N LEU D 691 -63.63 61.87 -6.69
CA LEU D 691 -62.79 60.92 -7.42
C LEU D 691 -61.50 61.58 -7.88
N GLN D 692 -61.60 62.85 -8.30
CA GLN D 692 -60.42 63.58 -8.74
C GLN D 692 -59.50 63.89 -7.58
N ALA D 693 -60.09 64.29 -6.45
CA ALA D 693 -59.34 64.64 -5.26
C ALA D 693 -58.49 63.46 -4.77
N TYR D 694 -59.09 62.28 -4.76
CA TYR D 694 -58.41 61.08 -4.31
C TYR D 694 -57.20 60.77 -5.19
N ILE D 695 -57.37 60.96 -6.50
CA ILE D 695 -56.30 60.69 -7.45
C ILE D 695 -55.19 61.74 -7.35
N SER D 696 -55.58 62.98 -7.09
CA SER D 696 -54.62 64.08 -7.01
C SER D 696 -54.14 64.30 -5.57
N ARG D 697 -54.71 63.54 -4.64
CA ARG D 697 -54.39 63.66 -3.23
C ARG D 697 -54.63 65.08 -2.71
N LEU D 698 -55.89 65.43 -2.51
CA LEU D 698 -56.25 66.75 -2.01
C LEU D 698 -56.71 66.70 -0.56
N LYS D 699 -56.99 67.86 0.02
CA LYS D 699 -57.36 67.95 1.43
C LYS D 699 -58.84 67.67 1.64
N LEU D 700 -59.13 66.81 2.61
CA LEU D 700 -60.50 66.50 3.01
C LEU D 700 -60.59 66.42 4.53
N GLU D 701 -61.41 67.29 5.11
CA GLU D 701 -61.49 67.40 6.56
C GLU D 701 -62.77 66.80 7.13
N GLY D 702 -63.88 66.97 6.41
CA GLY D 702 -65.16 66.45 6.87
C GLY D 702 -65.17 64.93 6.96
N LEU D 703 -65.70 64.41 8.05
CA LEU D 703 -65.79 62.96 8.25
C LEU D 703 -66.70 62.35 7.20
N ALA D 704 -67.82 63.01 6.92
CA ALA D 704 -68.76 62.54 5.91
C ALA D 704 -68.15 62.63 4.51
N LEU D 705 -67.35 63.68 4.29
CA LEU D 705 -66.67 63.87 3.02
C LEU D 705 -65.71 62.71 2.74
N MET D 706 -64.80 62.47 3.67
CA MET D 706 -63.80 61.42 3.51
C MET D 706 -64.45 60.05 3.34
N ALA D 707 -65.57 59.85 4.03
CA ALA D 707 -66.29 58.60 3.93
C ALA D 707 -66.89 58.43 2.54
N ASP D 708 -67.49 59.48 2.02
CA ASP D 708 -68.10 59.45 0.70
C ASP D 708 -67.04 59.26 -0.39
N MET D 709 -65.87 59.85 -0.18
CA MET D 709 -64.78 59.73 -1.14
C MET D 709 -64.30 58.30 -1.23
N VAL D 710 -64.21 57.64 -0.08
CA VAL D 710 -63.78 56.25 -0.02
C VAL D 710 -64.77 55.35 -0.73
N TYR D 711 -66.06 55.64 -0.56
CA TYR D 711 -67.10 54.87 -1.22
C TYR D 711 -67.05 55.03 -2.72
N VAL D 712 -66.79 56.25 -3.17
CA VAL D 712 -66.66 56.53 -4.60
C VAL D 712 -65.41 55.85 -5.15
N THR D 713 -64.35 55.82 -4.36
CA THR D 713 -63.09 55.21 -4.76
C THR D 713 -63.22 53.70 -4.94
N GLN D 714 -63.86 53.05 -3.98
CA GLN D 714 -63.99 51.60 -4.00
C GLN D 714 -65.01 51.11 -5.02
N SER D 715 -65.70 52.06 -5.65
CA SER D 715 -66.71 51.72 -6.64
C SER D 715 -66.27 52.11 -8.05
N ALA D 716 -65.33 53.04 -8.13
CA ALA D 716 -64.84 53.52 -9.41
C ALA D 716 -64.13 52.42 -10.20
N GLY D 717 -63.47 51.52 -9.48
CA GLY D 717 -62.72 50.44 -10.11
C GLY D 717 -63.57 49.56 -10.99
N ARG D 718 -64.81 49.32 -10.57
CA ARG D 718 -65.71 48.46 -11.33
C ARG D 718 -66.59 49.27 -12.26
N ILE D 719 -66.88 50.52 -11.88
CA ILE D 719 -67.72 51.39 -12.69
C ILE D 719 -67.05 51.77 -14.00
N LEU D 720 -65.79 52.20 -13.92
CA LEU D 720 -65.06 52.63 -15.10
C LEU D 720 -64.83 51.48 -16.08
N ARG D 721 -64.57 50.30 -15.55
CA ARG D 721 -64.34 49.13 -16.40
C ARG D 721 -65.63 48.71 -17.10
N ALA D 722 -66.76 48.94 -16.44
CA ALA D 722 -68.05 48.67 -17.03
C ALA D 722 -68.28 49.57 -18.24
N ILE D 723 -67.98 50.85 -18.05
CA ILE D 723 -68.06 51.81 -19.15
C ILE D 723 -67.04 51.48 -20.22
N PHE D 724 -65.91 50.92 -19.80
CA PHE D 724 -64.86 50.53 -20.71
C PHE D 724 -65.33 49.48 -21.71
N GLU D 725 -65.88 48.38 -21.20
CA GLU D 725 -66.37 47.32 -22.06
C GLU D 725 -67.58 47.76 -22.87
N ILE D 726 -68.31 48.74 -22.36
CA ILE D 726 -69.45 49.29 -23.09
C ILE D 726 -68.95 50.06 -24.31
N CYS D 727 -67.90 50.85 -24.12
CA CYS D 727 -67.29 51.59 -25.22
C CYS D 727 -66.62 50.61 -26.17
N LEU D 728 -66.14 49.51 -25.63
CA LEU D 728 -65.44 48.50 -26.42
C LEU D 728 -66.40 47.74 -27.32
N LYS D 729 -67.51 47.29 -26.75
CA LYS D 729 -68.49 46.51 -27.49
C LYS D 729 -69.26 47.37 -28.50
N LYS D 730 -69.21 48.68 -28.32
CA LYS D 730 -69.86 49.59 -29.25
C LYS D 730 -68.87 50.11 -30.30
N GLY D 731 -67.60 49.75 -30.12
CA GLY D 731 -66.58 50.10 -31.09
C GLY D 731 -66.29 51.58 -31.18
N TRP D 732 -66.02 52.19 -30.02
CA TRP D 732 -65.66 53.60 -29.97
C TRP D 732 -64.24 53.75 -29.45
N ALA D 733 -63.31 53.94 -30.37
CA ALA D 733 -61.88 53.92 -30.06
C ALA D 733 -61.48 54.96 -29.01
N SER D 734 -61.73 56.23 -29.31
CA SER D 734 -61.30 57.32 -28.43
C SER D 734 -61.89 57.19 -27.03
N VAL D 735 -63.21 57.01 -26.96
CA VAL D 735 -63.90 56.92 -25.68
C VAL D 735 -63.46 55.71 -24.88
N ALA D 736 -63.25 54.60 -25.57
CA ALA D 736 -62.84 53.36 -24.91
C ALA D 736 -61.45 53.49 -24.32
N LYS D 737 -60.57 54.20 -25.02
CA LYS D 737 -59.21 54.39 -24.54
C LYS D 737 -59.19 55.31 -23.33
N LEU D 738 -60.05 56.31 -23.33
CA LEU D 738 -60.18 57.21 -22.19
C LEU D 738 -60.75 56.49 -20.99
N ALA D 739 -61.72 55.61 -21.23
CA ALA D 739 -62.32 54.83 -20.17
C ALA D 739 -61.32 53.87 -19.56
N LEU D 740 -60.47 53.30 -20.41
CA LEU D 740 -59.46 52.36 -19.95
C LEU D 740 -58.43 53.05 -19.06
N ASN D 741 -57.99 54.23 -19.50
CA ASN D 741 -57.04 55.01 -18.72
C ASN D 741 -57.62 55.39 -17.36
N MET D 742 -58.93 55.59 -17.31
CA MET D 742 -59.60 55.89 -16.06
C MET D 742 -59.61 54.67 -15.15
N CYS D 743 -59.75 53.50 -15.75
CA CYS D 743 -59.71 52.25 -14.99
C CYS D 743 -58.35 52.10 -14.32
N LYS D 744 -57.29 52.33 -15.09
CA LYS D 744 -55.94 52.29 -14.54
C LYS D 744 -55.76 53.40 -13.51
N MET D 745 -56.46 54.51 -13.73
CA MET D 745 -56.39 55.66 -12.83
C MET D 745 -56.86 55.31 -11.42
N ALA D 746 -58.03 54.70 -11.32
CA ALA D 746 -58.60 54.36 -10.02
C ALA D 746 -57.95 53.12 -9.43
N GLU D 747 -57.61 52.16 -10.28
CA GLU D 747 -57.02 50.91 -9.83
C GLU D 747 -55.62 51.11 -9.25
N LYS D 748 -54.77 51.81 -9.99
CA LYS D 748 -53.40 52.05 -9.57
C LYS D 748 -53.26 53.37 -8.79
N ARG D 749 -54.34 54.15 -8.80
CA ARG D 749 -54.38 55.43 -8.09
C ARG D 749 -53.32 56.40 -8.60
N MET D 750 -53.59 57.00 -9.76
CA MET D 750 -52.70 58.00 -10.34
C MET D 750 -53.26 58.52 -11.66
N TRP D 751 -52.78 59.69 -12.08
CA TRP D 751 -53.14 60.23 -13.38
C TRP D 751 -52.21 59.67 -14.45
N PRO D 752 -52.72 59.51 -15.68
CA PRO D 752 -51.98 58.92 -16.80
C PRO D 752 -50.65 59.60 -17.08
N THR D 753 -50.49 60.83 -16.62
CA THR D 753 -49.26 61.58 -16.87
C THR D 753 -48.28 61.49 -15.71
N MET D 754 -48.69 60.84 -14.63
CA MET D 754 -47.82 60.65 -13.48
C MET D 754 -46.75 59.61 -13.77
N SER D 755 -45.75 59.52 -12.89
CA SER D 755 -44.66 58.57 -13.06
C SER D 755 -45.15 57.13 -12.85
N PRO D 756 -44.93 56.28 -13.86
CA PRO D 756 -45.33 54.86 -13.83
C PRO D 756 -44.69 54.10 -12.66
N LEU D 757 -43.69 54.69 -12.02
CA LEU D 757 -43.02 54.04 -10.89
C LEU D 757 -43.97 53.82 -9.72
N ARG D 758 -45.11 54.51 -9.74
CA ARG D 758 -46.11 54.35 -8.70
C ARG D 758 -46.69 52.94 -8.71
N GLN D 759 -46.57 52.27 -9.85
CA GLN D 759 -47.09 50.91 -9.99
C GLN D 759 -46.12 49.88 -9.42
N TYR D 760 -45.01 50.38 -8.87
CA TYR D 760 -44.02 49.50 -8.23
C TYR D 760 -44.05 49.66 -6.72
N PRO D 761 -44.59 48.66 -6.02
CA PRO D 761 -44.67 48.67 -4.55
C PRO D 761 -43.30 48.77 -3.90
N THR D 762 -42.31 48.11 -4.49
CA THR D 762 -40.96 48.09 -3.94
C THR D 762 -40.15 49.30 -4.42
N CYS D 763 -40.84 50.42 -4.61
CA CYS D 763 -40.19 51.64 -5.08
C CYS D 763 -40.37 52.78 -4.07
N PRO D 764 -39.26 53.41 -3.68
CA PRO D 764 -39.28 54.52 -2.72
C PRO D 764 -40.00 55.75 -3.28
N ALA D 765 -40.54 56.57 -2.39
CA ALA D 765 -41.31 57.75 -2.81
C ALA D 765 -40.39 58.90 -3.22
N GLU D 766 -39.14 58.85 -2.78
CA GLU D 766 -38.19 59.92 -3.08
C GLU D 766 -37.89 59.98 -4.57
N ILE D 767 -37.57 58.84 -5.17
CA ILE D 767 -37.26 58.78 -6.59
C ILE D 767 -38.50 59.06 -7.43
N ILE D 768 -39.66 58.71 -6.90
CA ILE D 768 -40.92 58.98 -7.58
C ILE D 768 -41.22 60.48 -7.56
N LYS D 769 -40.90 61.12 -6.44
CA LYS D 769 -41.10 62.56 -6.29
C LYS D 769 -40.15 63.32 -7.21
N LYS D 770 -38.90 62.88 -7.26
CA LYS D 770 -37.90 63.48 -8.11
C LYS D 770 -38.25 63.30 -9.59
N ALA D 771 -38.79 62.13 -9.92
CA ALA D 771 -39.11 61.80 -11.31
C ALA D 771 -40.23 62.69 -11.86
N GLU D 772 -41.19 63.03 -11.00
CA GLU D 772 -42.34 63.80 -11.45
C GLU D 772 -42.03 65.30 -11.52
N ARG D 773 -40.79 65.65 -11.21
CA ARG D 773 -40.32 67.02 -11.37
C ARG D 773 -39.32 67.10 -12.52
N MET D 774 -39.16 65.98 -13.23
CA MET D 774 -38.27 65.92 -14.38
C MET D 774 -39.06 66.14 -15.66
N ASP D 775 -38.55 66.98 -16.55
CA ASP D 775 -39.21 67.23 -17.83
C ASP D 775 -38.83 66.14 -18.82
N VAL D 776 -38.98 64.89 -18.41
CA VAL D 776 -38.61 63.75 -19.24
C VAL D 776 -39.79 62.81 -19.48
N PRO D 777 -39.89 62.28 -20.70
CA PRO D 777 -40.93 61.30 -21.06
C PRO D 777 -40.58 59.91 -20.56
N TRP D 778 -41.59 59.05 -20.45
CA TRP D 778 -41.39 57.69 -20.01
C TRP D 778 -40.63 56.88 -21.07
N SER D 779 -40.53 57.44 -22.27
CA SER D 779 -39.87 56.77 -23.38
C SER D 779 -38.36 56.78 -23.26
N SER D 780 -37.83 57.73 -22.50
CA SER D 780 -36.38 57.90 -22.38
C SER D 780 -35.80 57.15 -21.20
N TYR D 781 -36.56 56.21 -20.64
CA TYR D 781 -36.10 55.43 -19.51
C TYR D 781 -35.58 54.06 -19.94
N PHE D 782 -36.03 53.59 -21.09
CA PHE D 782 -35.73 52.23 -21.52
C PHE D 782 -34.46 52.14 -22.37
N ASP D 783 -33.91 50.92 -22.46
CA ASP D 783 -32.72 50.66 -23.25
C ASP D 783 -31.56 51.55 -22.84
N LEU D 784 -31.09 51.36 -21.61
CA LEU D 784 -29.98 52.16 -21.08
C LEU D 784 -29.35 51.51 -19.86
N ASP D 785 -28.12 51.91 -19.56
CA ASP D 785 -27.39 51.37 -18.41
C ASP D 785 -27.62 52.25 -17.19
N PRO D 786 -27.49 51.66 -15.99
CA PRO D 786 -27.65 52.36 -14.71
C PRO D 786 -26.84 53.66 -14.62
N PRO D 787 -25.59 53.67 -15.09
CA PRO D 787 -24.80 54.90 -15.07
C PRO D 787 -25.43 56.05 -15.86
N ARG D 788 -25.77 55.79 -17.12
CA ARG D 788 -26.29 56.85 -17.99
C ARG D 788 -27.69 57.29 -17.59
N MET D 789 -28.32 56.55 -16.68
CA MET D 789 -29.65 56.91 -16.19
C MET D 789 -29.57 57.63 -14.86
N GLY D 790 -28.46 57.43 -14.16
CA GLY D 790 -28.25 58.05 -12.86
C GLY D 790 -28.24 59.56 -12.95
N GLU D 791 -27.65 60.09 -14.02
CA GLU D 791 -27.59 61.52 -14.24
C GLU D 791 -28.79 61.99 -15.07
N LEU D 792 -29.52 61.04 -15.63
CA LEU D 792 -30.72 61.34 -16.40
C LEU D 792 -31.86 61.74 -15.47
N LEU D 793 -31.89 61.12 -14.29
CA LEU D 793 -32.92 61.40 -13.31
C LEU D 793 -32.34 62.15 -12.11
N GLY D 794 -31.04 62.41 -12.16
CA GLY D 794 -30.37 63.20 -11.14
C GLY D 794 -30.24 62.54 -9.79
N MET D 795 -29.97 61.24 -9.78
CA MET D 795 -29.78 60.51 -8.54
C MET D 795 -28.86 59.30 -8.73
N PRO D 796 -27.68 59.35 -8.10
CA PRO D 796 -26.69 58.27 -8.16
C PRO D 796 -27.19 56.99 -7.48
N LYS D 797 -28.08 57.14 -6.51
CA LYS D 797 -28.56 56.00 -5.74
C LYS D 797 -29.56 55.15 -6.53
N ALA D 798 -30.48 55.81 -7.22
CA ALA D 798 -31.55 55.10 -7.94
C ALA D 798 -31.09 54.57 -9.29
N GLY D 799 -29.84 54.84 -9.64
CA GLY D 799 -29.30 54.40 -10.92
C GLY D 799 -29.31 52.89 -11.08
N LYS D 800 -29.10 52.18 -9.98
CA LYS D 800 -29.02 50.72 -10.01
C LYS D 800 -30.38 50.05 -9.95
N THR D 801 -31.28 50.60 -9.14
CA THR D 801 -32.59 50.00 -8.92
C THR D 801 -33.60 50.37 -9.99
N VAL D 802 -33.63 51.65 -10.37
CA VAL D 802 -34.58 52.13 -11.35
C VAL D 802 -34.45 51.40 -12.69
N CYS D 803 -33.22 51.06 -13.05
CA CYS D 803 -32.96 50.37 -14.31
C CYS D 803 -33.58 48.98 -14.30
N ALA D 804 -33.76 48.43 -13.09
CA ALA D 804 -34.39 47.12 -12.94
C ALA D 804 -35.91 47.24 -13.03
N LEU D 805 -36.45 48.29 -12.42
CA LEU D 805 -37.88 48.53 -12.44
C LEU D 805 -38.38 48.77 -13.87
N VAL D 806 -37.70 49.67 -14.57
CA VAL D 806 -38.05 49.99 -15.95
C VAL D 806 -37.89 48.78 -16.85
N SER D 807 -36.90 47.94 -16.54
CA SER D 807 -36.64 46.75 -17.33
C SER D 807 -37.75 45.72 -17.18
N LYS D 808 -38.41 45.75 -16.02
CA LYS D 808 -39.48 44.79 -15.75
C LYS D 808 -40.83 45.33 -16.20
N PHE D 809 -40.85 46.60 -16.62
CA PHE D 809 -42.07 47.21 -17.14
C PHE D 809 -42.45 46.55 -18.46
N PRO D 810 -43.72 46.13 -18.59
CA PRO D 810 -44.21 45.43 -19.77
C PRO D 810 -44.00 46.22 -21.05
N ARG D 811 -43.04 45.79 -21.87
CA ARG D 811 -42.74 46.48 -23.11
C ARG D 811 -42.89 45.55 -24.30
N VAL D 812 -43.82 45.88 -25.19
CA VAL D 812 -44.10 45.04 -26.36
C VAL D 812 -43.69 45.74 -27.65
N GLU D 813 -42.88 45.05 -28.45
CA GLU D 813 -42.49 45.54 -29.76
C GLU D 813 -43.15 44.72 -30.86
N ILE D 814 -43.97 45.37 -31.67
CA ILE D 814 -44.75 44.66 -32.66
C ILE D 814 -44.29 44.92 -34.10
N GLN D 815 -44.63 44.00 -35.00
CA GLN D 815 -44.34 44.15 -36.41
C GLN D 815 -45.44 43.49 -37.23
N GLY D 816 -46.21 44.32 -37.93
CA GLY D 816 -47.36 43.83 -38.67
C GLY D 816 -47.17 43.74 -40.17
N ASN D 817 -47.65 42.66 -40.76
CA ASN D 817 -47.59 42.48 -42.20
C ASN D 817 -49.02 42.36 -42.77
N VAL D 818 -49.30 43.14 -43.81
CA VAL D 818 -50.65 43.21 -44.36
C VAL D 818 -50.78 42.39 -45.65
N GLN D 819 -51.96 41.83 -45.86
CA GLN D 819 -52.24 41.04 -47.06
C GLN D 819 -53.69 41.23 -47.51
N PRO D 820 -53.90 42.05 -48.55
CA PRO D 820 -55.23 42.34 -49.06
C PRO D 820 -55.96 41.08 -49.51
N MET D 821 -56.66 40.44 -48.59
CA MET D 821 -57.37 39.20 -48.86
C MET D 821 -58.45 39.39 -49.92
N THR D 822 -59.05 40.57 -49.93
CA THR D 822 -60.08 40.90 -50.90
C THR D 822 -60.10 42.42 -51.12
N ARG D 823 -60.72 42.86 -52.20
CA ARG D 823 -60.82 44.29 -52.46
C ARG D 823 -61.80 44.94 -51.48
N SER D 824 -62.45 44.10 -50.68
CA SER D 824 -63.41 44.59 -49.70
C SER D 824 -62.88 44.46 -48.28
N MET D 825 -62.13 43.39 -48.01
CA MET D 825 -61.62 43.12 -46.68
C MET D 825 -60.11 42.95 -46.66
N LEU D 826 -59.50 43.30 -45.54
CA LEU D 826 -58.04 43.23 -45.40
C LEU D 826 -57.64 42.19 -44.35
N ARG D 827 -56.75 41.27 -44.74
CA ARG D 827 -56.17 40.33 -43.79
C ARG D 827 -54.82 40.85 -43.31
N ILE D 828 -54.56 40.72 -42.02
CA ILE D 828 -53.32 41.24 -41.45
C ILE D 828 -52.70 40.28 -40.44
N GLU D 829 -51.38 40.14 -40.52
CA GLU D 829 -50.64 39.27 -39.62
C GLU D 829 -49.83 40.10 -38.64
N LEU D 830 -50.11 39.93 -37.35
CA LEU D 830 -49.46 40.71 -36.31
C LEU D 830 -48.42 39.89 -35.55
N THR D 831 -47.22 40.46 -35.42
CA THR D 831 -46.15 39.79 -34.70
C THR D 831 -45.79 40.55 -33.43
N ILE D 832 -46.14 39.97 -32.29
CA ILE D 832 -45.87 40.60 -31.00
C ILE D 832 -44.70 39.94 -30.28
N THR D 833 -43.68 40.73 -29.98
CA THR D 833 -42.49 40.21 -29.30
C THR D 833 -42.20 40.98 -28.01
N PRO D 834 -42.20 40.27 -26.88
CA PRO D 834 -41.91 40.83 -25.55
C PRO D 834 -40.55 41.52 -25.51
N ASN D 835 -40.47 42.67 -24.87
CA ASN D 835 -39.24 43.43 -24.80
C ASN D 835 -38.90 43.84 -23.37
N PHE D 836 -39.21 42.96 -22.42
CA PHE D 836 -38.96 43.24 -21.00
C PHE D 836 -38.64 41.97 -20.24
N GLN D 837 -38.23 42.10 -18.99
CA GLN D 837 -37.93 40.95 -18.15
C GLN D 837 -39.09 40.68 -17.18
N TRP D 838 -39.26 39.42 -16.81
CA TRP D 838 -40.42 39.01 -16.03
C TRP D 838 -40.17 39.03 -14.53
N ASP D 839 -41.21 39.37 -13.78
CA ASP D 839 -41.17 39.32 -12.32
C ASP D 839 -42.54 38.88 -11.80
N VAL D 840 -42.57 37.71 -11.14
CA VAL D 840 -43.82 37.13 -10.68
C VAL D 840 -44.56 38.03 -9.70
N GLU D 841 -43.81 38.84 -8.96
CA GLU D 841 -44.39 39.74 -7.98
C GLU D 841 -45.27 40.80 -8.63
N LEU D 842 -44.86 41.26 -9.81
CA LEU D 842 -45.56 42.34 -10.49
C LEU D 842 -46.40 41.86 -11.66
N HIS D 843 -46.06 40.68 -12.19
CA HIS D 843 -46.73 40.18 -13.39
C HIS D 843 -47.59 38.95 -13.10
N GLY D 844 -47.14 38.11 -12.17
CA GLY D 844 -47.82 36.86 -11.89
C GLY D 844 -47.45 35.83 -12.95
N VAL D 845 -48.43 35.01 -13.34
CA VAL D 845 -48.20 33.98 -14.34
C VAL D 845 -48.59 34.47 -15.74
N THR D 846 -49.64 35.29 -15.79
CA THR D 846 -50.15 35.77 -17.06
C THR D 846 -50.34 37.29 -17.07
N GLU D 847 -50.02 37.91 -18.21
CA GLU D 847 -50.23 39.34 -18.41
C GLU D 847 -51.22 39.57 -19.53
N SER D 848 -52.29 40.32 -19.23
CA SER D 848 -53.34 40.57 -20.20
C SER D 848 -53.07 41.82 -21.03
N PHE D 849 -53.49 41.78 -22.29
CA PHE D 849 -53.32 42.92 -23.20
C PHE D 849 -54.55 43.11 -24.07
N TRP D 850 -54.60 44.25 -24.76
CA TRP D 850 -55.69 44.55 -25.68
C TRP D 850 -55.14 44.90 -27.06
N ILE D 851 -55.66 44.24 -28.09
CA ILE D 851 -55.27 44.54 -29.46
C ILE D 851 -56.33 45.42 -30.11
N LEU D 852 -56.01 46.69 -30.30
CA LEU D 852 -56.95 47.64 -30.88
C LEU D 852 -56.54 48.08 -32.29
N VAL D 853 -57.47 47.98 -33.22
CA VAL D 853 -57.24 48.43 -34.59
C VAL D 853 -58.24 49.50 -34.97
N GLU D 854 -57.76 50.73 -35.10
CA GLU D 854 -58.62 51.87 -35.40
C GLU D 854 -58.53 52.27 -36.87
N ASP D 855 -59.46 53.13 -37.31
CA ASP D 855 -59.41 53.67 -38.65
C ASP D 855 -58.46 54.87 -38.71
N CYS D 856 -58.48 55.58 -39.84
CA CYS D 856 -57.60 56.74 -40.00
C CYS D 856 -57.99 57.85 -39.02
N ASP D 857 -59.30 58.04 -38.85
CA ASP D 857 -59.81 59.04 -37.92
C ASP D 857 -59.57 58.62 -36.48
N GLY D 858 -59.47 57.31 -36.27
CA GLY D 858 -59.27 56.77 -34.94
C GLY D 858 -60.53 56.92 -34.10
N GLU D 859 -61.66 57.05 -34.78
CA GLU D 859 -62.94 57.25 -34.10
C GLU D 859 -63.64 55.91 -33.86
N GLU D 860 -63.54 55.01 -34.83
CA GLU D 860 -64.19 53.71 -34.74
C GLU D 860 -63.17 52.59 -34.59
N ILE D 861 -63.58 51.51 -33.93
CA ILE D 861 -62.72 50.35 -33.75
C ILE D 861 -63.07 49.27 -34.77
N LEU D 862 -62.12 48.98 -35.66
CA LEU D 862 -62.35 48.01 -36.72
C LEU D 862 -62.09 46.58 -36.25
N PHE D 863 -61.37 46.45 -35.14
CA PHE D 863 -61.11 45.14 -34.55
C PHE D 863 -60.48 45.26 -33.17
N HIS D 864 -60.81 44.31 -32.30
CA HIS D 864 -60.26 44.28 -30.96
C HIS D 864 -60.37 42.87 -30.37
N ASP D 865 -59.36 42.48 -29.60
CA ASP D 865 -59.36 41.17 -28.96
C ASP D 865 -58.26 41.08 -27.92
N VAL D 866 -58.56 40.44 -26.79
CA VAL D 866 -57.60 40.33 -25.70
C VAL D 866 -56.43 39.43 -26.06
N PHE D 867 -55.23 39.86 -25.69
CA PHE D 867 -54.02 39.10 -25.95
C PHE D 867 -53.30 38.73 -24.67
N ILE D 868 -53.38 37.46 -24.29
CA ILE D 868 -52.72 36.98 -23.08
C ILE D 868 -51.24 36.69 -23.33
N LEU D 869 -50.44 36.82 -22.28
CA LEU D 869 -49.00 36.59 -22.39
C LEU D 869 -48.50 35.78 -21.20
N ARG D 870 -48.38 34.47 -21.37
CA ARG D 870 -47.97 33.58 -20.29
C ARG D 870 -46.48 33.70 -20.02
N LYS D 871 -46.10 33.46 -18.77
CA LYS D 871 -44.70 33.58 -18.34
C LYS D 871 -43.79 32.58 -19.05
N ASP D 872 -44.37 31.45 -19.46
CA ASP D 872 -43.60 30.40 -20.12
C ASP D 872 -43.11 30.85 -21.49
N LEU D 873 -44.04 31.24 -22.36
CA LEU D 873 -43.70 31.66 -23.71
C LEU D 873 -42.93 32.96 -23.74
N ALA D 874 -43.12 33.79 -22.73
CA ALA D 874 -42.48 35.11 -22.67
C ALA D 874 -41.00 34.99 -22.28
N GLU D 875 -40.70 34.08 -21.37
CA GLU D 875 -39.34 33.89 -20.90
C GLU D 875 -38.48 33.10 -21.89
N ALA D 876 -39.13 32.25 -22.68
CA ALA D 876 -38.43 31.39 -23.63
C ALA D 876 -37.58 32.20 -24.60
N GLU D 877 -36.52 31.58 -25.11
CA GLU D 877 -35.61 32.24 -26.04
C GLU D 877 -36.36 32.70 -27.30
N GLU D 878 -37.24 31.84 -27.80
CA GLU D 878 -38.07 32.17 -28.95
C GLU D 878 -39.45 32.60 -28.48
N ASN D 879 -39.65 33.90 -28.31
CA ASN D 879 -40.90 34.42 -27.76
C ASN D 879 -41.73 35.22 -28.75
N GLU D 880 -41.44 35.07 -30.04
CA GLU D 880 -42.23 35.74 -31.07
C GLU D 880 -43.66 35.24 -31.09
N HIS D 881 -44.59 36.11 -30.68
CA HIS D 881 -46.01 35.76 -30.71
C HIS D 881 -46.67 36.31 -31.97
N THR D 882 -47.49 35.48 -32.60
CA THR D 882 -48.19 35.87 -33.81
C THR D 882 -49.70 35.75 -33.65
N VAL D 883 -50.44 36.67 -34.24
CA VAL D 883 -51.90 36.64 -34.20
C VAL D 883 -52.49 37.14 -35.50
N GLU D 884 -53.45 36.40 -36.04
CA GLU D 884 -54.04 36.72 -37.34
C GLU D 884 -55.47 37.20 -37.20
N PHE D 885 -55.79 38.31 -37.86
CA PHE D 885 -57.15 38.84 -37.86
C PHE D 885 -57.41 39.69 -39.11
N THR D 886 -58.67 40.00 -39.35
CA THR D 886 -59.06 40.72 -40.57
C THR D 886 -59.74 42.05 -40.25
N VAL D 887 -59.70 42.97 -41.20
CA VAL D 887 -60.33 44.29 -41.03
C VAL D 887 -60.90 44.80 -42.34
N PRO D 888 -62.14 45.32 -42.30
CA PRO D 888 -62.82 45.87 -43.47
C PRO D 888 -62.06 47.03 -44.11
N ILE D 889 -62.39 47.33 -45.37
CA ILE D 889 -61.72 48.39 -46.10
C ILE D 889 -62.67 49.09 -47.09
N SER D 890 -62.60 50.41 -47.12
CA SER D 890 -63.32 51.20 -48.10
C SER D 890 -62.45 51.38 -49.34
N GLU D 891 -63.02 51.14 -50.52
CA GLU D 891 -62.25 51.20 -51.75
C GLU D 891 -61.57 52.56 -51.93
N PRO D 892 -62.29 53.66 -51.65
CA PRO D 892 -61.58 54.94 -51.51
C PRO D 892 -60.72 54.89 -50.26
N MET D 893 -59.70 54.02 -50.28
CA MET D 893 -58.93 53.67 -49.10
C MET D 893 -58.34 54.86 -48.36
N PRO D 894 -58.61 54.94 -47.05
CA PRO D 894 -58.04 55.97 -46.17
C PRO D 894 -56.53 55.81 -46.08
N PRO D 895 -55.82 56.89 -45.74
CA PRO D 895 -54.36 56.93 -45.69
C PRO D 895 -53.75 55.82 -44.83
N ASN D 896 -54.38 55.51 -43.70
CA ASN D 896 -53.82 54.53 -42.78
C ASN D 896 -54.80 54.02 -41.73
N TYR D 897 -54.42 52.94 -41.06
CA TYR D 897 -55.14 52.44 -39.89
C TYR D 897 -54.25 52.57 -38.68
N PHE D 898 -54.77 52.20 -37.51
CA PHE D 898 -53.99 52.26 -36.29
C PHE D 898 -54.10 50.97 -35.49
N ILE D 899 -52.96 50.31 -35.28
CA ILE D 899 -52.92 49.10 -34.46
C ILE D 899 -52.21 49.38 -33.14
N SER D 900 -52.91 49.15 -32.04
CA SER D 900 -52.38 49.44 -30.72
C SER D 900 -52.49 48.24 -29.79
N VAL D 901 -51.38 47.90 -29.13
CA VAL D 901 -51.37 46.84 -28.13
C VAL D 901 -51.19 47.46 -26.75
N ILE D 902 -52.28 47.48 -25.97
CA ILE D 902 -52.27 48.15 -24.68
C ILE D 902 -52.39 47.16 -23.53
N SER D 903 -51.68 47.45 -22.43
CA SER D 903 -51.78 46.63 -21.24
C SER D 903 -53.14 46.80 -20.59
N ASP D 904 -53.61 45.74 -19.92
CA ASP D 904 -54.94 45.76 -19.33
C ASP D 904 -54.94 46.32 -17.91
N ARG D 905 -53.82 46.15 -17.21
CA ARG D 905 -53.72 46.62 -15.82
C ARG D 905 -52.62 47.64 -15.64
N TRP D 906 -51.59 47.56 -16.47
CA TRP D 906 -50.47 48.50 -16.38
C TRP D 906 -50.76 49.79 -17.15
N MET D 907 -50.48 50.92 -16.52
CA MET D 907 -50.73 52.22 -17.15
C MET D 907 -49.48 52.74 -17.85
N HIS D 908 -49.69 53.44 -18.96
CA HIS D 908 -48.59 53.99 -19.74
C HIS D 908 -47.73 52.87 -20.32
N SER D 909 -48.37 51.76 -20.66
CA SER D 909 -47.69 50.62 -21.27
C SER D 909 -48.32 50.27 -22.61
N GLU D 910 -48.19 51.18 -23.56
CA GLU D 910 -48.85 51.02 -24.86
C GLU D 910 -47.85 50.94 -26.00
N THR D 911 -48.21 50.20 -27.04
CA THR D 911 -47.38 50.10 -28.24
C THR D 911 -48.22 50.33 -29.50
N ARG D 912 -48.16 51.55 -30.01
CA ARG D 912 -48.97 51.92 -31.17
C ARG D 912 -48.16 51.88 -32.47
N MET D 913 -48.81 51.45 -33.54
CA MET D 913 -48.16 51.34 -34.84
C MET D 913 -49.07 51.78 -35.98
N PRO D 914 -48.66 52.82 -36.71
CA PRO D 914 -49.40 53.30 -37.88
C PRO D 914 -49.33 52.31 -39.03
N VAL D 915 -50.47 51.99 -39.63
CA VAL D 915 -50.50 51.07 -40.76
C VAL D 915 -50.83 51.81 -42.04
N SER D 916 -49.79 52.37 -42.67
CA SER D 916 -49.96 53.14 -43.89
C SER D 916 -50.52 52.29 -45.04
N PHE D 917 -51.25 52.93 -45.94
CA PHE D 917 -51.86 52.23 -47.06
C PHE D 917 -51.39 52.76 -48.42
N GLN D 918 -50.48 53.71 -48.41
CA GLN D 918 -49.99 54.31 -49.64
C GLN D 918 -49.21 53.30 -50.48
N LYS D 919 -48.76 52.23 -49.84
CA LYS D 919 -48.04 51.17 -50.53
C LYS D 919 -48.99 50.05 -50.96
N LEU D 920 -50.10 49.93 -50.24
CA LEU D 920 -51.07 48.87 -50.49
C LEU D 920 -51.73 49.00 -51.85
N ILE D 921 -51.85 47.88 -52.57
CA ILE D 921 -52.55 47.85 -53.84
C ILE D 921 -53.66 46.80 -53.83
N LEU D 922 -54.90 47.25 -54.04
CA LEU D 922 -56.05 46.38 -53.97
C LEU D 922 -56.07 45.39 -55.13
N PRO D 923 -56.58 44.17 -54.87
CA PRO D 923 -56.75 43.16 -55.92
C PRO D 923 -57.77 43.60 -56.96
N GLU D 924 -57.72 43.01 -58.15
CA GLU D 924 -58.66 43.37 -59.20
C GLU D 924 -60.06 42.90 -58.85
N ARG D 925 -61.07 43.62 -59.32
CA ARG D 925 -62.46 43.32 -58.97
C ARG D 925 -62.88 41.94 -59.45
N PHE D 926 -63.95 41.42 -58.87
CA PHE D 926 -64.49 40.13 -59.26
C PHE D 926 -65.71 40.32 -60.15
N PRO D 927 -65.70 39.67 -61.33
CA PRO D 927 -66.86 39.73 -62.22
C PRO D 927 -68.05 39.00 -61.62
N PRO D 928 -69.27 39.43 -61.95
CA PRO D 928 -70.49 38.79 -61.46
C PRO D 928 -70.50 37.29 -61.76
N HIS D 929 -70.93 36.49 -60.78
CA HIS D 929 -70.97 35.04 -60.95
C HIS D 929 -71.84 34.66 -62.14
N THR D 930 -71.49 33.56 -62.79
CA THR D 930 -72.27 33.06 -63.92
C THR D 930 -73.71 32.77 -63.47
N GLU D 931 -74.61 33.69 -63.79
CA GLU D 931 -75.99 33.59 -63.35
C GLU D 931 -76.65 32.30 -63.83
N LEU D 932 -77.43 31.68 -62.95
CA LEU D 932 -78.11 30.44 -63.27
C LEU D 932 -79.37 30.71 -64.09
N LEU D 933 -79.38 30.26 -65.33
CA LEU D 933 -80.52 30.46 -66.21
C LEU D 933 -81.63 29.45 -65.91
N ASP D 934 -82.88 29.89 -66.07
CA ASP D 934 -84.03 29.03 -65.84
C ASP D 934 -84.52 28.44 -67.15
N LEU D 935 -84.00 27.28 -67.51
CA LEU D 935 -84.40 26.59 -68.73
C LEU D 935 -85.20 25.34 -68.40
N GLN D 936 -85.30 24.43 -69.35
CA GLN D 936 -85.92 23.14 -69.13
C GLN D 936 -85.14 22.37 -68.07
N PRO D 937 -85.82 21.48 -67.33
CA PRO D 937 -85.10 20.64 -66.36
C PRO D 937 -84.17 19.65 -67.05
N LEU D 938 -84.40 19.40 -68.33
CA LEU D 938 -83.61 18.45 -69.10
C LEU D 938 -83.57 17.07 -68.45
N PRO D 939 -84.63 16.27 -68.64
CA PRO D 939 -84.74 14.92 -68.10
C PRO D 939 -83.58 14.02 -68.52
N VAL D 940 -83.42 12.88 -67.84
CA VAL D 940 -82.32 11.97 -68.10
C VAL D 940 -82.33 11.44 -69.53
N SER D 941 -83.52 11.34 -70.11
CA SER D 941 -83.68 10.79 -71.45
C SER D 941 -83.00 11.64 -72.53
N ALA D 942 -82.57 12.84 -72.14
CA ALA D 942 -81.92 13.75 -73.08
C ALA D 942 -80.46 13.35 -73.34
N LEU D 943 -80.02 12.28 -72.68
CA LEU D 943 -78.65 11.83 -72.81
C LEU D 943 -78.46 10.92 -74.03
N LYS D 944 -79.57 10.62 -74.71
CA LYS D 944 -79.56 9.76 -75.88
C LYS D 944 -79.19 8.32 -75.52
N ALA D 945 -79.83 7.79 -74.47
CA ALA D 945 -79.59 6.43 -74.02
C ALA D 945 -80.55 6.03 -72.92
N LYS D 946 -80.82 4.74 -72.81
CA LYS D 946 -81.72 4.24 -71.77
C LYS D 946 -80.94 3.43 -70.74
N ASP D 947 -79.77 2.94 -71.14
CA ASP D 947 -78.91 2.17 -70.23
C ASP D 947 -78.25 3.09 -69.22
N TYR D 948 -77.92 4.31 -69.66
CA TYR D 948 -77.31 5.30 -68.80
C TYR D 948 -78.36 5.94 -67.88
N ALA D 949 -79.63 5.64 -68.14
CA ALA D 949 -80.71 6.13 -67.31
C ALA D 949 -80.70 5.44 -65.95
N ALA D 950 -79.90 4.38 -65.84
CA ALA D 950 -79.76 3.64 -64.59
C ALA D 950 -78.93 4.44 -63.58
N LEU D 951 -78.42 5.59 -64.01
CA LEU D 951 -77.68 6.49 -63.13
C LEU D 951 -78.57 6.91 -61.97
N TYR D 952 -79.62 7.66 -62.27
CA TYR D 952 -80.61 8.05 -61.28
C TYR D 952 -82.02 7.77 -61.80
N PRO D 953 -82.52 6.56 -61.55
CA PRO D 953 -83.82 6.09 -62.08
C PRO D 953 -85.01 6.78 -61.41
N ASN D 954 -84.85 7.18 -60.16
CA ASN D 954 -85.95 7.77 -59.40
C ASN D 954 -86.43 9.11 -59.96
N TRP D 955 -85.49 9.97 -60.33
CA TRP D 955 -85.85 11.31 -60.77
C TRP D 955 -85.60 11.52 -62.25
N GLN D 956 -86.56 12.17 -62.90
CA GLN D 956 -86.52 12.35 -64.35
C GLN D 956 -85.46 13.35 -64.78
N GLN D 957 -85.53 14.57 -64.26
CA GLN D 957 -84.55 15.60 -64.57
C GLN D 957 -83.50 15.69 -63.49
N PHE D 958 -82.23 15.81 -63.88
CA PHE D 958 -81.14 15.93 -62.93
C PHE D 958 -80.96 17.37 -62.46
N ASN D 959 -80.06 17.56 -61.50
CA ASN D 959 -79.77 18.86 -60.90
C ASN D 959 -79.63 20.00 -61.90
N LYS D 960 -80.17 21.16 -61.53
CA LYS D 960 -80.16 22.34 -62.38
C LYS D 960 -78.75 22.78 -62.79
N ILE D 961 -77.79 22.55 -61.90
CA ILE D 961 -76.42 23.00 -62.12
C ILE D 961 -75.84 22.43 -63.42
N GLN D 962 -76.10 21.16 -63.66
CA GLN D 962 -75.58 20.49 -64.84
C GLN D 962 -76.52 20.66 -66.04
N THR D 963 -77.73 21.13 -65.76
CA THR D 963 -78.69 21.43 -66.82
C THR D 963 -78.29 22.73 -67.52
N GLN D 964 -77.25 23.36 -67.00
CA GLN D 964 -76.74 24.61 -67.57
C GLN D 964 -75.31 24.42 -68.05
N THR D 965 -74.73 23.27 -67.72
CA THR D 965 -73.33 23.00 -68.05
C THR D 965 -73.16 21.74 -68.89
N PHE D 966 -74.27 21.03 -69.11
CA PHE D 966 -74.21 19.74 -69.80
C PHE D 966 -73.83 19.88 -71.27
N ASN D 967 -74.30 20.95 -71.92
CA ASN D 967 -74.06 21.15 -73.34
C ASN D 967 -72.58 21.29 -73.67
N SER D 968 -71.77 21.51 -72.64
CA SER D 968 -70.32 21.58 -72.81
C SER D 968 -69.66 20.44 -72.03
N LEU D 969 -70.40 19.83 -71.11
CA LEU D 969 -69.88 18.73 -70.31
C LEU D 969 -69.63 17.50 -71.16
N TYR D 970 -70.71 16.86 -71.62
CA TYR D 970 -70.57 15.67 -72.46
C TYR D 970 -70.73 16.00 -73.93
N ASN D 971 -70.02 17.03 -74.39
CA ASN D 971 -69.97 17.39 -75.79
C ASN D 971 -68.55 17.74 -76.22
N THR D 972 -68.14 18.97 -75.95
CA THR D 972 -66.78 19.41 -76.25
C THR D 972 -65.78 18.72 -75.32
N ASP D 973 -64.68 18.25 -75.90
CA ASP D 973 -63.67 17.53 -75.14
C ASP D 973 -62.61 18.46 -74.57
N ASN D 974 -62.94 19.74 -74.46
CA ASN D 974 -62.02 20.71 -73.90
C ASN D 974 -62.21 20.83 -72.39
N ASN D 975 -61.42 21.69 -71.76
CA ASN D 975 -61.45 21.84 -70.30
C ASN D 975 -62.73 22.51 -69.79
N VAL D 976 -63.18 22.08 -68.63
CA VAL D 976 -64.37 22.64 -68.00
C VAL D 976 -64.18 22.78 -66.50
N LEU D 977 -64.63 23.90 -65.94
CA LEU D 977 -64.49 24.14 -64.51
C LEU D 977 -65.84 24.53 -63.90
N VAL D 978 -66.29 23.75 -62.92
CA VAL D 978 -67.56 24.01 -62.26
C VAL D 978 -67.34 24.44 -60.81
N ALA D 979 -67.98 25.53 -60.41
CA ALA D 979 -67.87 26.04 -59.06
C ALA D 979 -69.24 26.20 -58.41
N ALA D 980 -69.65 25.19 -57.65
CA ALA D 980 -70.93 25.22 -56.96
C ALA D 980 -70.77 24.91 -55.48
N PRO D 981 -71.69 25.42 -54.65
CA PRO D 981 -71.64 25.23 -53.19
C PRO D 981 -71.66 23.76 -52.79
N THR D 982 -71.13 23.45 -51.62
CA THR D 982 -71.04 22.07 -51.14
C THR D 982 -72.43 21.49 -50.88
N GLY D 983 -72.68 20.31 -51.44
CA GLY D 983 -73.95 19.62 -51.26
C GLY D 983 -75.03 20.11 -52.22
N SER D 984 -74.59 20.65 -53.35
CA SER D 984 -75.50 21.19 -54.35
C SER D 984 -75.99 20.12 -55.33
N GLY D 985 -75.56 18.88 -55.10
CA GLY D 985 -75.68 17.85 -56.12
C GLY D 985 -74.52 18.12 -57.06
N LYS D 986 -73.32 17.80 -56.59
CA LYS D 986 -72.09 18.36 -57.15
C LYS D 986 -71.24 17.38 -57.94
N THR D 987 -71.24 16.12 -57.53
CA THR D 987 -70.29 15.14 -58.06
C THR D 987 -70.70 14.56 -59.41
N VAL D 988 -71.97 14.70 -59.78
CA VAL D 988 -72.46 14.15 -61.03
C VAL D 988 -71.90 14.92 -62.22
N CYS D 989 -71.23 16.03 -61.95
CA CYS D 989 -70.62 16.83 -63.00
C CYS D 989 -69.53 16.03 -63.70
N ALA D 990 -68.65 15.43 -62.91
CA ALA D 990 -67.60 14.58 -63.45
C ALA D 990 -68.18 13.34 -64.10
N GLU D 991 -69.28 12.84 -63.53
CA GLU D 991 -69.95 11.67 -64.07
C GLU D 991 -70.39 11.90 -65.51
N PHE D 992 -70.90 13.10 -65.79
CA PHE D 992 -71.31 13.46 -67.14
C PHE D 992 -70.08 13.60 -68.04
N ALA D 993 -68.91 13.72 -67.43
CA ALA D 993 -67.66 13.80 -68.18
C ALA D 993 -67.11 12.42 -68.49
N LEU D 994 -67.38 11.46 -67.59
CA LEU D 994 -66.94 10.09 -67.80
C LEU D 994 -67.95 9.29 -68.63
N LEU D 995 -69.23 9.56 -68.42
CA LEU D 995 -70.29 8.88 -69.15
C LEU D 995 -70.15 9.12 -70.65
N ARG D 996 -69.74 10.34 -71.00
CA ARG D 996 -69.50 10.70 -72.40
C ARG D 996 -68.18 10.12 -72.89
N HIS D 997 -67.16 10.22 -72.05
CA HIS D 997 -65.83 9.76 -72.39
C HIS D 997 -65.75 8.23 -72.50
N TRP D 998 -66.56 7.55 -71.70
CA TRP D 998 -66.57 6.10 -71.69
C TRP D 998 -67.71 5.52 -72.52
N ALA D 999 -68.26 6.36 -73.39
CA ALA D 999 -69.26 5.91 -74.36
C ALA D 999 -68.69 5.99 -75.76
N LYS D 1000 -67.37 6.10 -75.85
CA LYS D 1000 -66.68 6.23 -77.12
C LYS D 1000 -65.70 5.08 -77.34
N LYS D 1001 -65.33 4.85 -78.59
CA LYS D 1001 -64.39 3.78 -78.94
C LYS D 1001 -63.01 4.05 -78.34
N ASP D 1002 -62.33 2.98 -77.96
CA ASP D 1002 -60.99 3.08 -77.37
C ASP D 1002 -61.01 3.97 -76.14
N ALA D 1003 -61.73 3.53 -75.11
CA ALA D 1003 -61.86 4.29 -73.88
C ALA D 1003 -60.52 4.49 -73.19
N GLY D 1004 -59.94 5.68 -73.36
CA GLY D 1004 -58.68 6.01 -72.73
C GLY D 1004 -58.77 5.98 -71.22
N ARG D 1005 -57.66 5.69 -70.56
CA ARG D 1005 -57.62 5.62 -69.10
C ARG D 1005 -57.92 6.98 -68.48
N ALA D 1006 -58.39 6.97 -67.25
CA ALA D 1006 -58.73 8.21 -66.55
C ALA D 1006 -58.25 8.19 -65.11
N VAL D 1007 -58.06 9.39 -64.54
CA VAL D 1007 -57.61 9.51 -63.15
C VAL D 1007 -58.35 10.62 -62.43
N TYR D 1008 -58.84 10.31 -61.23
CA TYR D 1008 -59.57 11.28 -60.41
C TYR D 1008 -58.79 11.59 -59.14
N ILE D 1009 -58.76 12.86 -58.76
CA ILE D 1009 -57.98 13.30 -57.61
C ILE D 1009 -58.78 14.15 -56.63
N ALA D 1010 -58.92 13.65 -55.42
CA ALA D 1010 -59.52 14.42 -54.33
C ALA D 1010 -58.43 14.90 -53.39
N PRO D 1011 -58.73 15.91 -52.57
CA PRO D 1011 -57.73 16.53 -51.69
C PRO D 1011 -57.24 15.59 -50.59
N PHE D 1012 -58.14 14.81 -50.01
CA PHE D 1012 -57.78 13.95 -48.88
C PHE D 1012 -58.15 12.49 -49.11
N GLN D 1013 -57.44 11.59 -48.45
CA GLN D 1013 -57.69 10.16 -48.54
C GLN D 1013 -59.11 9.82 -48.11
N GLU D 1014 -59.64 10.61 -47.19
CA GLU D 1014 -61.00 10.41 -46.68
C GLU D 1014 -62.02 10.52 -47.80
N LEU D 1015 -61.77 11.43 -48.73
CA LEU D 1015 -62.70 11.67 -49.83
C LEU D 1015 -62.47 10.70 -50.99
N VAL D 1016 -61.21 10.32 -51.21
CA VAL D 1016 -60.86 9.48 -52.33
C VAL D 1016 -61.44 8.08 -52.20
N ASP D 1017 -61.43 7.54 -50.98
CA ASP D 1017 -61.97 6.21 -50.75
C ASP D 1017 -63.45 6.25 -50.40
N LEU D 1018 -63.95 7.46 -50.16
CA LEU D 1018 -65.36 7.65 -49.87
C LEU D 1018 -66.17 7.58 -51.15
N ARG D 1019 -65.79 8.38 -52.15
CA ARG D 1019 -66.44 8.33 -53.45
C ARG D 1019 -65.99 7.10 -54.23
N PHE D 1020 -64.91 6.49 -53.77
CA PHE D 1020 -64.45 5.23 -54.35
C PHE D 1020 -65.39 4.10 -53.94
N GLN D 1021 -65.72 4.06 -52.65
CA GLN D 1021 -66.63 3.05 -52.13
C GLN D 1021 -68.01 3.18 -52.75
N ASP D 1022 -68.28 4.33 -53.35
CA ASP D 1022 -69.55 4.58 -54.02
C ASP D 1022 -69.48 4.16 -55.49
N TRP D 1023 -68.48 4.67 -56.19
CA TRP D 1023 -68.34 4.40 -57.62
C TRP D 1023 -67.86 2.97 -57.89
N GLN D 1024 -67.27 2.34 -56.88
CA GLN D 1024 -66.75 0.98 -57.05
C GLN D 1024 -67.87 -0.06 -57.05
N LYS D 1025 -68.71 -0.02 -56.02
CA LYS D 1025 -69.75 -1.03 -55.85
C LYS D 1025 -71.05 -0.65 -56.55
N ARG D 1026 -71.37 0.64 -56.56
CA ARG D 1026 -72.59 1.10 -57.23
C ARG D 1026 -72.36 1.16 -58.74
N LEU D 1027 -71.11 1.37 -59.14
CA LEU D 1027 -70.76 1.40 -60.56
C LEU D 1027 -69.72 0.33 -60.87
N SER D 1028 -70.12 -0.93 -60.71
CA SER D 1028 -69.24 -2.05 -61.01
C SER D 1028 -69.40 -2.49 -62.45
N HIS D 1029 -70.38 -1.90 -63.14
CA HIS D 1029 -70.65 -2.23 -64.53
C HIS D 1029 -69.41 -2.06 -65.40
N LEU D 1030 -69.14 -3.04 -66.26
CA LEU D 1030 -67.93 -3.04 -67.05
C LEU D 1030 -68.16 -2.60 -68.49
N ARG D 1031 -69.43 -2.36 -68.83
CA ARG D 1031 -69.79 -1.90 -70.18
C ARG D 1031 -68.99 -0.67 -70.58
N GLY D 1032 -67.73 -0.88 -70.93
CA GLY D 1032 -66.82 0.21 -71.25
C GLY D 1032 -65.80 0.38 -70.14
N GLY D 1033 -66.19 1.10 -69.10
CA GLY D 1033 -65.33 1.31 -67.94
C GLY D 1033 -65.30 0.07 -67.07
N LYS D 1034 -64.10 -0.30 -66.62
CA LYS D 1034 -63.94 -1.53 -65.86
C LYS D 1034 -62.74 -1.47 -64.92
N GLU D 1035 -62.91 -2.06 -63.73
CA GLU D 1035 -61.85 -2.12 -62.73
C GLU D 1035 -61.32 -0.73 -62.38
N ILE D 1036 -62.12 0.05 -61.67
CA ILE D 1036 -61.68 1.35 -61.17
C ILE D 1036 -60.94 1.15 -59.84
N VAL D 1037 -59.62 1.27 -59.87
CA VAL D 1037 -58.80 0.98 -58.71
C VAL D 1037 -58.45 2.23 -57.91
N LYS D 1038 -58.20 2.04 -56.61
CA LYS D 1038 -57.86 3.13 -55.72
C LYS D 1038 -56.37 3.12 -55.37
N LEU D 1039 -55.69 4.22 -55.67
CA LEU D 1039 -54.26 4.32 -55.41
C LEU D 1039 -53.98 4.28 -53.91
N THR D 1040 -53.01 3.46 -53.50
CA THR D 1040 -52.68 3.30 -52.10
C THR D 1040 -51.51 4.20 -51.69
N GLY D 1041 -50.45 4.20 -52.50
CA GLY D 1041 -49.30 5.02 -52.21
C GLY D 1041 -47.98 4.40 -52.66
N GLU D 1042 -47.79 3.12 -52.37
CA GLU D 1042 -46.56 2.43 -52.72
C GLU D 1042 -46.38 2.35 -54.24
N THR D 1043 -45.30 2.94 -54.74
CA THR D 1043 -45.05 3.03 -56.17
C THR D 1043 -44.89 1.67 -56.84
N THR D 1044 -44.51 0.67 -56.06
CA THR D 1044 -44.26 -0.66 -56.60
C THR D 1044 -45.52 -1.29 -57.20
N THR D 1045 -46.66 -1.05 -56.56
CA THR D 1045 -47.91 -1.66 -56.98
C THR D 1045 -48.73 -0.75 -57.88
N ASP D 1046 -48.67 0.56 -57.62
CA ASP D 1046 -49.48 1.52 -58.37
C ASP D 1046 -48.91 1.79 -59.77
N LEU D 1047 -47.61 1.55 -59.92
CA LEU D 1047 -46.92 1.82 -61.17
C LEU D 1047 -47.52 1.01 -62.31
N LYS D 1048 -48.12 -0.14 -61.98
CA LYS D 1048 -48.71 -1.01 -62.99
C LYS D 1048 -50.16 -1.35 -62.69
N LEU D 1049 -50.67 -0.90 -61.54
CA LEU D 1049 -52.08 -1.08 -61.24
C LEU D 1049 -52.89 -0.04 -62.00
N LEU D 1050 -52.19 1.02 -62.42
CA LEU D 1050 -52.80 2.02 -63.29
C LEU D 1050 -52.96 1.43 -64.69
N GLU D 1051 -52.04 0.56 -65.07
CA GLU D 1051 -52.13 -0.16 -66.34
C GLU D 1051 -53.10 -1.32 -66.20
N GLN D 1052 -53.32 -1.76 -64.97
CA GLN D 1052 -54.20 -2.88 -64.68
C GLN D 1052 -55.67 -2.46 -64.77
N GLY D 1053 -55.97 -1.24 -64.32
CA GLY D 1053 -57.33 -0.75 -64.31
C GLY D 1053 -57.61 0.28 -65.38
N ASP D 1054 -58.89 0.54 -65.63
CA ASP D 1054 -59.30 1.50 -66.63
C ASP D 1054 -59.26 2.92 -66.07
N LEU D 1055 -59.33 3.03 -64.74
CA LEU D 1055 -59.32 4.32 -64.07
C LEU D 1055 -58.82 4.18 -62.63
N ILE D 1056 -58.24 5.25 -62.09
CA ILE D 1056 -57.71 5.21 -60.74
C ILE D 1056 -58.08 6.47 -59.95
N LEU D 1057 -58.30 6.28 -58.65
CA LEU D 1057 -58.54 7.39 -57.74
C LEU D 1057 -57.35 7.56 -56.82
N ALA D 1058 -56.76 8.75 -56.79
CA ALA D 1058 -55.55 8.99 -56.01
C ALA D 1058 -55.54 10.36 -55.34
N THR D 1059 -54.59 10.56 -54.43
CA THR D 1059 -54.43 11.83 -53.75
C THR D 1059 -53.29 12.63 -54.39
N PRO D 1060 -53.29 13.95 -54.16
CA PRO D 1060 -52.29 14.86 -54.72
C PRO D 1060 -50.86 14.49 -54.34
N LEU D 1061 -50.70 13.83 -53.20
CA LEU D 1061 -49.37 13.46 -52.72
C LEU D 1061 -48.82 12.25 -53.47
N GLN D 1062 -49.58 11.17 -53.50
CA GLN D 1062 -49.15 9.95 -54.18
C GLN D 1062 -49.18 10.13 -55.69
N TRP D 1063 -49.85 11.18 -56.15
CA TRP D 1063 -49.84 11.54 -57.56
C TRP D 1063 -48.71 12.55 -57.82
N ASP D 1064 -48.00 12.89 -56.74
CA ASP D 1064 -46.84 13.78 -56.84
C ASP D 1064 -45.57 12.95 -56.98
N VAL D 1065 -45.37 12.01 -56.07
CA VAL D 1065 -44.25 11.08 -56.16
C VAL D 1065 -44.37 10.26 -57.44
N LEU D 1066 -45.55 9.66 -57.64
CA LEU D 1066 -45.86 9.01 -58.90
C LEU D 1066 -46.08 10.08 -59.96
N SER D 1067 -45.81 9.75 -61.21
CA SER D 1067 -45.98 10.69 -62.31
C SER D 1067 -45.09 11.91 -62.16
N ARG D 1068 -44.07 11.81 -61.31
CA ARG D 1068 -43.09 12.88 -61.18
C ARG D 1068 -42.35 13.02 -62.51
N GLN D 1069 -41.79 11.91 -62.99
CA GLN D 1069 -41.26 11.87 -64.35
C GLN D 1069 -42.39 11.47 -65.30
N TRP D 1070 -42.78 12.40 -66.16
CA TRP D 1070 -43.93 12.20 -67.03
C TRP D 1070 -43.53 11.58 -68.38
N LYS D 1071 -42.27 11.76 -68.75
CA LYS D 1071 -41.80 11.33 -70.06
C LYS D 1071 -41.79 9.81 -70.20
N ARG D 1072 -41.34 9.10 -69.17
CA ARG D 1072 -41.15 7.67 -69.26
C ARG D 1072 -42.15 6.87 -68.45
N ARG D 1073 -43.42 6.93 -68.85
CA ARG D 1073 -44.45 6.10 -68.22
C ARG D 1073 -45.51 5.69 -69.25
N LYS D 1074 -46.14 4.54 -69.00
CA LYS D 1074 -47.02 3.92 -69.99
C LYS D 1074 -48.38 4.60 -70.12
N ASN D 1075 -49.15 4.61 -69.04
CA ASN D 1075 -50.53 5.08 -69.10
C ASN D 1075 -50.73 6.53 -68.64
N VAL D 1076 -49.62 7.22 -68.35
CA VAL D 1076 -49.71 8.57 -67.81
C VAL D 1076 -50.07 9.60 -68.88
N GLN D 1077 -50.05 9.21 -70.14
CA GLN D 1077 -50.33 10.13 -71.23
C GLN D 1077 -51.73 9.95 -71.81
N THR D 1078 -52.20 8.71 -71.85
CA THR D 1078 -53.47 8.40 -72.49
C THR D 1078 -54.68 8.92 -71.72
N VAL D 1079 -54.42 9.58 -70.59
CA VAL D 1079 -55.50 10.12 -69.77
C VAL D 1079 -56.14 11.35 -70.43
N GLU D 1080 -57.19 11.11 -71.19
CA GLU D 1080 -57.92 12.21 -71.85
C GLU D 1080 -58.79 12.95 -70.85
N LEU D 1081 -59.30 12.21 -69.86
CA LEU D 1081 -60.21 12.78 -68.87
C LEU D 1081 -59.61 12.75 -67.47
N PHE D 1082 -59.28 13.92 -66.95
CA PHE D 1082 -58.73 14.04 -65.60
C PHE D 1082 -59.64 14.88 -64.71
N ILE D 1083 -60.03 14.32 -63.57
CA ILE D 1083 -60.95 14.98 -62.67
C ILE D 1083 -60.25 15.52 -61.42
N ALA D 1084 -60.60 16.73 -61.03
CA ALA D 1084 -60.02 17.36 -59.84
C ALA D 1084 -61.12 17.91 -58.93
N ASP D 1085 -61.62 17.07 -58.04
CA ASP D 1085 -62.69 17.47 -57.13
C ASP D 1085 -62.13 18.31 -55.98
N ASP D 1086 -62.90 19.33 -55.59
CA ASP D 1086 -62.51 20.20 -54.48
C ASP D 1086 -61.18 20.89 -54.76
N LEU D 1087 -61.07 21.51 -55.93
CA LEU D 1087 -59.83 22.17 -56.32
C LEU D 1087 -59.55 23.41 -55.47
N HIS D 1088 -60.61 23.94 -54.85
CA HIS D 1088 -60.47 25.12 -54.01
C HIS D 1088 -59.62 24.83 -52.79
N MET D 1089 -59.49 23.56 -52.45
CA MET D 1089 -58.67 23.15 -51.31
C MET D 1089 -57.18 23.24 -51.62
N LEU D 1090 -56.86 23.74 -52.81
CA LEU D 1090 -55.47 23.92 -53.21
C LEU D 1090 -54.80 24.93 -52.30
N GLY D 1091 -55.60 25.84 -51.76
CA GLY D 1091 -55.11 26.86 -50.84
C GLY D 1091 -55.08 26.34 -49.41
N GLY D 1092 -55.71 25.18 -49.19
CA GLY D 1092 -55.69 24.55 -47.90
C GLY D 1092 -54.35 23.88 -47.68
N GLN D 1093 -53.89 23.87 -46.42
CA GLN D 1093 -52.56 23.36 -46.08
C GLN D 1093 -52.28 21.99 -46.67
N MET D 1094 -51.06 21.81 -47.18
CA MET D 1094 -50.68 20.62 -47.93
C MET D 1094 -51.45 20.55 -49.24
N GLY D 1095 -52.01 21.69 -49.65
CA GLY D 1095 -52.75 21.79 -50.89
C GLY D 1095 -51.86 22.27 -52.02
N TYR D 1096 -50.67 22.75 -51.66
CA TYR D 1096 -49.69 23.16 -52.67
C TYR D 1096 -49.29 21.95 -53.50
N ILE D 1097 -49.30 20.79 -52.87
CA ILE D 1097 -49.02 19.54 -53.56
C ILE D 1097 -50.10 19.28 -54.61
N TYR D 1098 -51.31 19.78 -54.32
CA TYR D 1098 -52.41 19.68 -55.26
C TYR D 1098 -52.19 20.65 -56.41
N GLU D 1099 -51.71 21.84 -56.08
CA GLU D 1099 -51.44 22.86 -57.10
C GLU D 1099 -50.31 22.43 -58.02
N ILE D 1100 -49.34 21.71 -57.46
CA ILE D 1100 -48.18 21.27 -58.23
C ILE D 1100 -48.57 20.25 -59.30
N VAL D 1101 -49.28 19.22 -58.89
CA VAL D 1101 -49.68 18.15 -59.81
C VAL D 1101 -50.62 18.69 -60.89
N VAL D 1102 -51.55 19.55 -60.50
CA VAL D 1102 -52.49 20.14 -61.44
C VAL D 1102 -51.78 21.09 -62.40
N SER D 1103 -50.69 21.69 -61.93
CA SER D 1103 -49.93 22.64 -62.72
C SER D 1103 -49.11 21.94 -63.81
N ARG D 1104 -48.60 20.76 -63.50
CA ARG D 1104 -47.77 20.02 -64.45
C ARG D 1104 -48.61 19.30 -65.50
N MET D 1105 -49.71 18.70 -65.07
CA MET D 1105 -50.56 17.91 -65.95
C MET D 1105 -51.00 18.66 -67.20
N HIS D 1106 -51.35 19.94 -67.02
CA HIS D 1106 -51.68 20.80 -68.15
C HIS D 1106 -50.48 20.94 -69.08
N PHE D 1107 -49.30 21.05 -68.47
CA PHE D 1107 -48.05 21.14 -69.21
C PHE D 1107 -47.73 19.82 -69.91
N ILE D 1108 -48.26 18.72 -69.35
CA ILE D 1108 -48.03 17.40 -69.91
C ILE D 1108 -48.71 17.22 -71.26
N ARG D 1109 -50.00 17.56 -71.32
CA ARG D 1109 -50.78 17.40 -72.55
C ARG D 1109 -50.31 18.31 -73.67
N THR D 1110 -49.55 19.35 -73.31
CA THR D 1110 -49.02 20.29 -74.28
C THR D 1110 -47.86 19.69 -75.05
N GLN D 1111 -47.00 18.97 -74.36
CA GLN D 1111 -45.81 18.39 -74.96
C GLN D 1111 -46.15 17.21 -75.87
N THR D 1112 -47.18 16.47 -75.51
CA THR D 1112 -47.58 15.30 -76.27
C THR D 1112 -48.51 15.67 -77.43
N GLU D 1113 -49.03 16.90 -77.39
CA GLU D 1113 -49.89 17.42 -78.45
C GLU D 1113 -51.24 16.69 -78.51
N LEU D 1114 -51.43 15.73 -77.61
CA LEU D 1114 -52.68 14.97 -77.57
C LEU D 1114 -53.75 15.74 -76.81
N PRO D 1115 -55.02 15.61 -77.25
CA PRO D 1115 -56.14 16.28 -76.60
C PRO D 1115 -56.44 15.70 -75.22
N MET D 1116 -56.56 16.57 -74.23
CA MET D 1116 -56.82 16.13 -72.86
C MET D 1116 -57.75 17.09 -72.12
N ARG D 1117 -58.82 16.55 -71.55
CA ARG D 1117 -59.75 17.35 -70.75
C ARG D 1117 -59.42 17.24 -69.27
N ILE D 1118 -59.48 18.38 -68.57
CA ILE D 1118 -59.26 18.40 -67.13
C ILE D 1118 -60.39 19.16 -66.44
N VAL D 1119 -61.39 18.42 -65.97
CA VAL D 1119 -62.53 19.02 -65.30
C VAL D 1119 -62.23 19.25 -63.82
N GLY D 1120 -62.59 20.45 -63.34
CA GLY D 1120 -62.34 20.81 -61.95
C GLY D 1120 -63.62 21.15 -61.21
N LEU D 1121 -63.84 20.46 -60.09
CA LEU D 1121 -65.01 20.71 -59.25
C LEU D 1121 -64.62 21.42 -57.96
N SER D 1122 -65.36 22.46 -57.61
CA SER D 1122 -65.07 23.22 -56.41
C SER D 1122 -66.29 24.01 -55.94
N VAL D 1123 -66.18 24.61 -54.77
CA VAL D 1123 -67.25 25.43 -54.22
C VAL D 1123 -67.30 26.78 -54.94
N SER D 1124 -68.31 27.57 -54.62
CA SER D 1124 -68.47 28.89 -55.22
C SER D 1124 -67.25 29.77 -54.93
N LEU D 1125 -66.59 30.20 -56.00
CA LEU D 1125 -65.33 30.95 -55.86
C LEU D 1125 -65.54 32.44 -56.15
N ALA D 1126 -64.76 33.28 -55.49
CA ALA D 1126 -64.84 34.71 -55.70
C ALA D 1126 -64.36 35.08 -57.10
N ASN D 1127 -63.26 34.47 -57.51
CA ASN D 1127 -62.71 34.69 -58.86
C ASN D 1127 -62.33 33.38 -59.53
N ALA D 1128 -62.98 33.09 -60.66
CA ALA D 1128 -62.71 31.86 -61.38
C ALA D 1128 -61.92 32.12 -62.65
N ARG D 1129 -61.63 33.38 -62.92
CA ARG D 1129 -60.89 33.78 -64.11
C ARG D 1129 -59.48 33.19 -64.12
N ASP D 1130 -58.83 33.21 -62.96
CA ASP D 1130 -57.45 32.75 -62.86
C ASP D 1130 -57.35 31.22 -62.86
N ILE D 1131 -58.36 30.57 -62.28
CA ILE D 1131 -58.36 29.11 -62.22
C ILE D 1131 -58.75 28.51 -63.56
N GLY D 1132 -59.67 29.16 -64.26
CA GLY D 1132 -60.08 28.71 -65.58
C GLY D 1132 -58.93 28.79 -66.57
N GLU D 1133 -58.22 29.91 -66.54
CA GLU D 1133 -57.04 30.09 -67.37
C GLU D 1133 -55.93 29.14 -66.92
N TRP D 1134 -56.01 28.72 -65.66
CA TRP D 1134 -55.06 27.75 -65.11
C TRP D 1134 -55.30 26.39 -65.75
N ILE D 1135 -56.55 26.14 -66.12
CA ILE D 1135 -56.92 24.90 -66.79
C ILE D 1135 -57.09 25.15 -68.29
N ASP D 1136 -57.04 26.43 -68.68
CA ASP D 1136 -57.19 26.84 -70.06
C ASP D 1136 -58.60 26.53 -70.58
N ALA D 1137 -59.59 27.23 -70.01
CA ALA D 1137 -60.97 27.07 -70.43
C ALA D 1137 -61.63 28.44 -70.58
N LYS D 1138 -62.21 28.70 -71.75
CA LYS D 1138 -62.80 29.99 -72.06
C LYS D 1138 -64.03 30.27 -71.20
N LYS D 1139 -64.53 31.50 -71.29
CA LYS D 1139 -65.64 31.97 -70.49
C LYS D 1139 -66.91 31.15 -70.72
N HIS D 1140 -67.05 30.62 -71.93
CA HIS D 1140 -68.23 29.84 -72.30
C HIS D 1140 -68.39 28.59 -71.42
N ASP D 1141 -67.27 27.91 -71.16
CA ASP D 1141 -67.30 26.67 -70.40
C ASP D 1141 -66.65 26.82 -69.02
N ILE D 1142 -66.86 27.96 -68.40
CA ILE D 1142 -66.41 28.20 -67.03
C ILE D 1142 -67.58 28.68 -66.18
N TYR D 1143 -67.96 27.87 -65.20
CA TYR D 1143 -69.16 28.13 -64.42
C TYR D 1143 -68.87 28.47 -62.96
N ASN D 1144 -69.23 29.68 -62.57
CA ASN D 1144 -69.12 30.10 -61.17
C ASN D 1144 -70.46 30.59 -60.65
N PHE D 1145 -71.08 29.81 -59.78
CA PHE D 1145 -72.39 30.13 -59.25
C PHE D 1145 -72.28 30.81 -57.88
N SER D 1146 -73.26 31.65 -57.57
CA SER D 1146 -73.30 32.28 -56.25
C SER D 1146 -73.52 31.22 -55.18
N PRO D 1147 -72.94 31.42 -53.99
CA PRO D 1147 -73.00 30.45 -52.90
C PRO D 1147 -74.39 30.31 -52.30
N HIS D 1148 -75.42 30.78 -53.00
CA HIS D 1148 -76.78 30.70 -52.48
C HIS D 1148 -77.71 30.04 -53.48
N VAL D 1149 -77.15 29.49 -54.55
CA VAL D 1149 -77.95 28.74 -55.52
C VAL D 1149 -78.02 27.28 -55.11
N ARG D 1150 -77.64 27.02 -53.86
CA ARG D 1150 -77.73 25.68 -53.29
C ARG D 1150 -79.17 25.19 -53.31
N PRO D 1151 -79.40 23.98 -53.85
CA PRO D 1151 -80.73 23.41 -54.05
C PRO D 1151 -81.58 23.47 -52.79
N VAL D 1152 -81.03 23.04 -51.66
CA VAL D 1152 -81.71 23.17 -50.39
C VAL D 1152 -81.23 24.44 -49.68
N PRO D 1153 -82.13 25.43 -49.54
CA PRO D 1153 -81.78 26.71 -48.95
C PRO D 1153 -81.27 26.58 -47.52
N LEU D 1154 -80.17 27.28 -47.21
CA LEU D 1154 -79.57 27.20 -45.89
C LEU D 1154 -79.93 28.41 -45.03
N GLU D 1155 -80.75 28.17 -44.01
CA GLU D 1155 -81.09 29.23 -43.06
C GLU D 1155 -80.00 29.34 -42.00
N LEU D 1156 -79.16 30.35 -42.13
CA LEU D 1156 -78.00 30.48 -41.25
C LEU D 1156 -78.30 31.32 -40.02
N HIS D 1157 -77.84 30.84 -38.86
CA HIS D 1157 -77.97 31.58 -37.61
C HIS D 1157 -76.61 31.75 -36.96
N ILE D 1158 -76.20 32.99 -36.75
CA ILE D 1158 -74.93 33.26 -36.09
C ILE D 1158 -75.16 33.72 -34.66
N GLN D 1159 -74.36 33.19 -33.74
CA GLN D 1159 -74.42 33.59 -32.34
C GLN D 1159 -73.05 34.03 -31.87
N SER D 1160 -72.92 35.32 -31.56
CA SER D 1160 -71.64 35.85 -31.09
C SER D 1160 -71.46 35.58 -29.60
N TYR D 1161 -70.31 35.05 -29.23
CA TYR D 1161 -70.00 34.75 -27.85
C TYR D 1161 -68.79 35.56 -27.38
N THR D 1162 -68.89 36.12 -26.18
CA THR D 1162 -67.81 36.94 -25.64
C THR D 1162 -67.22 36.31 -24.38
N ILE D 1163 -66.32 35.35 -24.59
CA ILE D 1163 -65.66 34.67 -23.47
C ILE D 1163 -64.19 34.40 -23.81
N PRO D 1164 -63.28 34.96 -23.01
CA PRO D 1164 -61.83 34.86 -23.24
C PRO D 1164 -61.23 33.53 -22.79
N HIS D 1165 -62.08 32.56 -22.46
CA HIS D 1165 -61.59 31.25 -22.07
C HIS D 1165 -62.20 30.17 -22.94
N PHE D 1166 -61.34 29.39 -23.59
CA PHE D 1166 -61.77 28.37 -24.53
C PHE D 1166 -62.66 27.31 -23.88
N PRO D 1167 -62.19 26.68 -22.80
CA PRO D 1167 -62.99 25.65 -22.12
C PRO D 1167 -64.32 26.21 -21.61
N SER D 1168 -64.26 27.32 -20.89
CA SER D 1168 -65.46 27.97 -20.37
C SER D 1168 -66.40 28.36 -21.49
N LEU D 1169 -65.85 28.52 -22.69
CA LEU D 1169 -66.64 28.85 -23.86
C LEU D 1169 -67.43 27.64 -24.35
N MET D 1170 -66.79 26.47 -24.27
CA MET D 1170 -67.40 25.23 -24.73
C MET D 1170 -68.57 24.83 -23.85
N LEU D 1171 -68.40 24.93 -22.54
CA LEU D 1171 -69.50 24.65 -21.62
C LEU D 1171 -70.61 25.68 -21.80
N ALA D 1172 -70.22 26.88 -22.19
CA ALA D 1172 -71.17 27.97 -22.37
C ALA D 1172 -72.08 27.71 -23.57
N MET D 1173 -71.51 27.13 -24.62
CA MET D 1173 -72.26 26.85 -25.84
C MET D 1173 -73.10 25.59 -25.70
N ALA D 1174 -72.91 24.86 -24.59
CA ALA D 1174 -73.61 23.61 -24.37
C ALA D 1174 -75.12 23.81 -24.30
N LYS D 1175 -75.53 24.82 -23.53
CA LYS D 1175 -76.95 25.13 -23.36
C LYS D 1175 -77.60 25.55 -24.68
N PRO D 1176 -77.01 26.57 -25.34
CA PRO D 1176 -77.56 27.09 -26.60
C PRO D 1176 -77.68 26.04 -27.69
N THR D 1177 -76.73 25.11 -27.74
CA THR D 1177 -76.77 24.04 -28.73
C THR D 1177 -77.95 23.10 -28.47
N TYR D 1178 -78.15 22.77 -27.20
CA TYR D 1178 -79.30 21.94 -26.82
C TYR D 1178 -80.60 22.64 -27.18
N LEU D 1179 -80.65 23.95 -26.93
CA LEU D 1179 -81.80 24.75 -27.29
C LEU D 1179 -81.96 24.79 -28.81
N ALA D 1180 -80.88 25.17 -29.48
CA ALA D 1180 -80.89 25.32 -30.94
C ALA D 1180 -81.40 24.07 -31.64
N ILE D 1181 -81.05 22.91 -31.10
CA ILE D 1181 -81.52 21.64 -31.64
C ILE D 1181 -83.02 21.47 -31.42
N THR D 1182 -83.47 21.86 -30.23
CA THR D 1182 -84.88 21.70 -29.88
C THR D 1182 -85.74 22.80 -30.49
N GLN D 1183 -85.11 23.86 -30.95
CA GLN D 1183 -85.83 24.97 -31.56
C GLN D 1183 -86.05 24.77 -33.05
N LEU D 1184 -85.01 24.30 -33.73
CA LEU D 1184 -85.03 24.22 -35.20
C LEU D 1184 -85.19 22.79 -35.72
N SER D 1185 -85.00 21.81 -34.86
CA SER D 1185 -85.08 20.42 -35.29
C SER D 1185 -85.52 19.48 -34.17
N PRO D 1186 -86.80 19.57 -33.78
CA PRO D 1186 -87.36 18.69 -32.74
C PRO D 1186 -87.61 17.27 -33.25
N ASP D 1187 -87.92 17.14 -34.54
CA ASP D 1187 -88.20 15.84 -35.14
C ASP D 1187 -87.16 15.47 -36.18
N GLN D 1188 -86.24 16.40 -36.45
CA GLN D 1188 -85.24 16.21 -37.49
C GLN D 1188 -83.87 15.91 -36.90
N PRO D 1189 -83.06 15.14 -37.63
CA PRO D 1189 -81.68 14.83 -37.23
C PRO D 1189 -80.83 16.10 -37.12
N ALA D 1190 -79.70 16.01 -36.43
CA ALA D 1190 -78.83 17.17 -36.25
C ALA D 1190 -77.40 16.76 -35.93
N ILE D 1191 -76.45 17.51 -36.49
CA ILE D 1191 -75.03 17.25 -36.27
C ILE D 1191 -74.37 18.42 -35.56
N VAL D 1192 -73.42 18.12 -34.69
CA VAL D 1192 -72.72 19.14 -33.94
C VAL D 1192 -71.20 19.01 -34.10
N PHE D 1193 -70.62 19.91 -34.89
CA PHE D 1193 -69.18 19.89 -35.11
C PHE D 1193 -68.44 20.53 -33.94
N VAL D 1194 -67.43 19.84 -33.45
CA VAL D 1194 -66.65 20.31 -32.32
C VAL D 1194 -65.16 20.36 -32.65
N PRO D 1195 -64.46 21.40 -32.17
CA PRO D 1195 -63.04 21.64 -32.45
C PRO D 1195 -62.14 20.43 -32.16
N SER D 1196 -62.27 19.86 -30.97
CA SER D 1196 -61.37 18.78 -30.57
C SER D 1196 -62.06 17.42 -30.54
N ARG D 1197 -61.28 16.38 -30.81
CA ARG D 1197 -61.73 15.01 -30.70
C ARG D 1197 -62.22 14.72 -29.28
N LYS D 1198 -61.47 15.21 -28.31
CA LYS D 1198 -61.83 15.05 -26.91
C LYS D 1198 -63.09 15.84 -26.56
N GLN D 1199 -63.22 17.01 -27.18
CA GLN D 1199 -64.36 17.88 -26.94
C GLN D 1199 -65.67 17.28 -27.44
N THR D 1200 -65.57 16.19 -28.22
CA THR D 1200 -66.74 15.49 -28.68
C THR D 1200 -67.39 14.72 -27.53
N ARG D 1201 -66.54 14.10 -26.71
CA ARG D 1201 -67.02 13.36 -25.55
C ARG D 1201 -67.60 14.33 -24.52
N ALA D 1202 -66.91 15.44 -24.31
CA ALA D 1202 -67.31 16.44 -23.33
C ALA D 1202 -68.61 17.13 -23.75
N THR D 1203 -68.68 17.58 -25.00
CA THR D 1203 -69.87 18.24 -25.51
C THR D 1203 -71.06 17.30 -25.47
N ALA D 1204 -70.82 16.03 -25.74
CA ALA D 1204 -71.88 15.03 -25.68
C ALA D 1204 -72.33 14.85 -24.23
N ARG D 1205 -71.37 14.95 -23.31
CA ARG D 1205 -71.67 14.82 -21.89
C ARG D 1205 -72.44 16.04 -21.39
N ASP D 1206 -71.99 17.23 -21.80
CA ASP D 1206 -72.65 18.47 -21.43
C ASP D 1206 -74.05 18.53 -22.02
N LEU D 1207 -74.20 17.98 -23.23
CA LEU D 1207 -75.49 17.96 -23.90
C LEU D 1207 -76.48 17.08 -23.18
N LEU D 1208 -76.01 15.91 -22.73
CA LEU D 1208 -76.86 14.96 -22.03
C LEU D 1208 -77.28 15.51 -20.66
N THR D 1209 -76.36 16.19 -20.00
CA THR D 1209 -76.66 16.82 -18.72
C THR D 1209 -77.68 17.93 -18.92
N ALA D 1210 -77.61 18.59 -20.07
CA ALA D 1210 -78.57 19.64 -20.43
C ALA D 1210 -79.97 19.04 -20.55
N CYS D 1211 -80.04 17.84 -21.11
CA CYS D 1211 -81.30 17.12 -21.22
C CYS D 1211 -81.75 16.64 -19.85
N LEU D 1212 -80.80 16.46 -18.95
CA LEU D 1212 -81.08 16.00 -17.60
C LEU D 1212 -81.68 17.13 -16.77
N ALA D 1213 -81.26 18.36 -17.06
CA ALA D 1213 -81.74 19.53 -16.35
C ALA D 1213 -83.18 19.84 -16.74
N ASP D 1214 -83.54 19.52 -17.98
CA ASP D 1214 -84.88 19.79 -18.48
C ASP D 1214 -85.80 18.61 -18.18
N ASP D 1215 -85.25 17.59 -17.55
CA ASP D 1215 -86.01 16.40 -17.16
C ASP D 1215 -86.52 15.63 -18.38
N ASP D 1216 -85.61 15.27 -19.27
CA ASP D 1216 -85.91 14.42 -20.43
C ASP D 1216 -84.61 13.94 -21.05
N GLU D 1217 -83.80 13.27 -20.23
CA GLU D 1217 -82.46 12.84 -20.61
C GLU D 1217 -82.45 12.00 -21.88
N ASP D 1218 -83.47 11.19 -22.07
CA ASP D 1218 -83.57 10.33 -23.24
C ASP D 1218 -84.37 11.02 -24.35
N ARG D 1219 -84.26 12.34 -24.40
CA ARG D 1219 -84.96 13.15 -25.39
C ARG D 1219 -84.58 12.77 -26.83
N PHE D 1220 -83.29 12.53 -27.04
CA PHE D 1220 -82.79 12.25 -28.38
C PHE D 1220 -82.74 10.76 -28.68
N LEU D 1221 -83.37 9.96 -27.82
CA LEU D 1221 -83.49 8.53 -28.06
C LEU D 1221 -84.95 8.20 -28.36
N HIS D 1222 -85.19 7.70 -29.57
CA HIS D 1222 -86.55 7.50 -30.06
C HIS D 1222 -86.99 6.04 -30.04
N VAL D 1223 -86.14 5.18 -29.48
CA VAL D 1223 -86.47 3.76 -29.35
C VAL D 1223 -85.92 3.20 -28.05
N GLU D 1224 -86.68 2.30 -27.43
CA GLU D 1224 -86.30 1.73 -26.14
C GLU D 1224 -84.95 1.05 -26.21
N VAL D 1225 -84.13 1.27 -25.18
CA VAL D 1225 -82.75 0.80 -25.15
C VAL D 1225 -82.61 -0.70 -25.41
N ASP D 1226 -83.65 -1.46 -25.08
CA ASP D 1226 -83.63 -2.90 -25.24
C ASP D 1226 -83.42 -3.31 -26.69
N GLN D 1227 -83.96 -2.50 -27.61
CA GLN D 1227 -83.80 -2.76 -29.04
C GLN D 1227 -82.39 -2.42 -29.52
N ILE D 1228 -81.66 -1.65 -28.72
CA ILE D 1228 -80.31 -1.25 -29.09
C ILE D 1228 -79.28 -1.82 -28.13
N ARG D 1229 -79.75 -2.28 -26.97
CA ARG D 1229 -78.86 -2.79 -25.93
C ARG D 1229 -78.08 -4.02 -26.39
N LYS D 1230 -78.52 -4.63 -27.50
CA LYS D 1230 -77.80 -5.75 -28.08
C LYS D 1230 -76.40 -5.31 -28.50
N LEU D 1231 -76.25 -4.03 -28.77
CA LEU D 1231 -74.95 -3.45 -29.03
C LEU D 1231 -74.33 -2.95 -27.73
N LEU D 1232 -74.41 -3.79 -26.70
CA LEU D 1232 -73.89 -3.45 -25.38
C LEU D 1232 -72.39 -3.18 -25.42
N ASP D 1233 -71.60 -4.24 -25.50
CA ASP D 1233 -70.15 -4.12 -25.52
C ASP D 1233 -69.63 -4.09 -26.95
N HIS D 1234 -70.54 -4.18 -27.91
CA HIS D 1234 -70.18 -4.09 -29.32
C HIS D 1234 -69.52 -2.75 -29.61
N VAL D 1235 -69.81 -1.76 -28.78
CA VAL D 1235 -69.14 -0.47 -28.85
C VAL D 1235 -67.87 -0.51 -28.00
N GLN D 1236 -66.72 -0.50 -28.67
CA GLN D 1236 -65.45 -0.65 -28.00
C GLN D 1236 -65.18 0.51 -27.02
N GLU D 1237 -65.64 1.70 -27.37
CA GLU D 1237 -65.44 2.87 -26.52
C GLU D 1237 -66.59 3.03 -25.54
N GLU D 1238 -66.25 3.10 -24.25
CA GLU D 1238 -67.26 3.17 -23.19
C GLU D 1238 -68.04 4.48 -23.20
N ALA D 1239 -67.35 5.58 -23.44
CA ALA D 1239 -67.98 6.90 -23.45
C ALA D 1239 -69.07 6.98 -24.52
N LEU D 1240 -68.85 6.29 -25.64
CA LEU D 1240 -69.81 6.27 -26.73
C LEU D 1240 -71.00 5.39 -26.39
N ALA D 1241 -70.77 4.40 -25.53
CA ALA D 1241 -71.83 3.49 -25.11
C ALA D 1241 -72.82 4.19 -24.18
N GLU D 1242 -72.29 4.86 -23.17
CA GLU D 1242 -73.11 5.60 -22.22
C GLU D 1242 -73.86 6.73 -22.93
N ALA D 1243 -73.18 7.38 -23.87
CA ALA D 1243 -73.77 8.48 -24.63
C ALA D 1243 -74.90 7.96 -25.53
N LEU D 1244 -74.62 6.88 -26.24
CA LEU D 1244 -75.62 6.26 -27.12
C LEU D 1244 -76.79 5.71 -26.31
N SER D 1245 -76.55 5.49 -25.02
CA SER D 1245 -77.58 4.95 -24.14
C SER D 1245 -78.72 5.94 -23.95
N HIS D 1246 -78.44 7.22 -24.17
CA HIS D 1246 -79.43 8.27 -23.96
C HIS D 1246 -79.81 8.96 -25.27
N GLY D 1247 -79.24 8.48 -26.37
CA GLY D 1247 -79.66 8.93 -27.70
C GLY D 1247 -78.82 10.02 -28.34
N VAL D 1248 -77.52 10.04 -28.05
CA VAL D 1248 -76.63 11.00 -28.66
C VAL D 1248 -75.62 10.32 -29.59
N GLY D 1249 -74.43 10.04 -29.07
CA GLY D 1249 -73.39 9.41 -29.87
C GLY D 1249 -72.55 10.45 -30.60
N TYR D 1250 -71.28 10.12 -30.82
CA TYR D 1250 -70.36 11.03 -31.50
C TYR D 1250 -69.50 10.31 -32.53
N TYR D 1251 -68.58 11.05 -33.14
CA TYR D 1251 -67.75 10.52 -34.21
C TYR D 1251 -66.44 11.28 -34.31
N HIS D 1252 -65.32 10.59 -34.09
CA HIS D 1252 -64.01 11.21 -34.20
C HIS D 1252 -62.97 10.26 -34.79
N GLU D 1253 -61.82 10.81 -35.18
CA GLU D 1253 -60.80 10.05 -35.90
C GLU D 1253 -60.20 8.91 -35.09
N ALA D 1254 -60.34 8.99 -33.76
CA ALA D 1254 -59.78 7.95 -32.90
C ALA D 1254 -60.77 6.80 -32.73
N LEU D 1255 -61.94 6.94 -33.35
CA LEU D 1255 -62.98 5.92 -33.26
C LEU D 1255 -62.66 4.74 -34.16
N SER D 1256 -62.93 3.53 -33.68
CA SER D 1256 -62.69 2.33 -34.46
C SER D 1256 -63.75 2.18 -35.54
N GLN D 1257 -63.39 1.52 -36.64
CA GLN D 1257 -64.31 1.30 -37.75
C GLN D 1257 -65.56 0.57 -37.28
N SER D 1258 -65.38 -0.32 -36.31
CA SER D 1258 -66.50 -1.05 -35.73
C SER D 1258 -67.48 -0.09 -35.06
N ASP D 1259 -66.96 0.79 -34.22
CA ASP D 1259 -67.79 1.80 -33.56
C ASP D 1259 -68.45 2.72 -34.56
N LYS D 1260 -67.71 3.05 -35.63
CA LYS D 1260 -68.23 3.91 -36.68
C LYS D 1260 -69.44 3.29 -37.36
N ARG D 1261 -69.37 1.99 -37.60
CA ARG D 1261 -70.48 1.27 -38.23
C ARG D 1261 -71.71 1.27 -37.34
N ILE D 1262 -71.49 1.17 -36.03
CA ILE D 1262 -72.58 1.18 -35.07
C ILE D 1262 -73.25 2.55 -35.02
N VAL D 1263 -72.44 3.60 -35.17
CA VAL D 1263 -72.95 4.97 -35.13
C VAL D 1263 -73.77 5.28 -36.37
N LYS D 1264 -73.20 5.00 -37.54
CA LYS D 1264 -73.88 5.28 -38.80
C LYS D 1264 -75.16 4.47 -38.92
N HIS D 1265 -75.16 3.28 -38.34
CA HIS D 1265 -76.35 2.44 -38.32
C HIS D 1265 -77.40 3.01 -37.38
N LEU D 1266 -76.95 3.49 -36.23
CA LEU D 1266 -77.86 3.97 -35.19
C LEU D 1266 -78.36 5.38 -35.48
N TYR D 1267 -77.64 6.10 -36.34
CA TYR D 1267 -78.03 7.46 -36.70
C TYR D 1267 -79.03 7.46 -37.85
N ASN D 1268 -78.70 6.76 -38.92
CA ASN D 1268 -79.55 6.71 -40.10
C ASN D 1268 -80.85 5.95 -39.86
N ASN D 1269 -80.80 4.96 -38.97
CA ASN D 1269 -81.98 4.15 -38.67
C ASN D 1269 -82.97 4.91 -37.79
N GLY D 1270 -82.56 6.06 -37.28
CA GLY D 1270 -83.44 6.92 -36.50
C GLY D 1270 -83.43 6.62 -35.01
N ALA D 1271 -82.46 5.83 -34.56
CA ALA D 1271 -82.34 5.51 -33.14
C ALA D 1271 -81.91 6.74 -32.34
N ILE D 1272 -80.86 7.40 -32.82
CA ILE D 1272 -80.38 8.62 -32.19
C ILE D 1272 -80.72 9.83 -33.05
N GLN D 1273 -80.97 10.97 -32.42
CA GLN D 1273 -81.41 12.16 -33.14
C GLN D 1273 -80.30 13.18 -33.33
N VAL D 1274 -79.31 13.18 -32.43
CA VAL D 1274 -78.23 14.14 -32.51
C VAL D 1274 -76.86 13.48 -32.51
N LEU D 1275 -75.99 13.94 -33.41
CA LEU D 1275 -74.62 13.44 -33.48
C LEU D 1275 -73.64 14.57 -33.25
N ILE D 1276 -72.53 14.26 -32.59
CA ILE D 1276 -71.52 15.26 -32.30
C ILE D 1276 -70.14 14.84 -32.81
N ALA D 1277 -69.85 15.20 -34.05
CA ALA D 1277 -68.60 14.81 -34.69
C ALA D 1277 -67.49 15.82 -34.42
N SER D 1278 -66.25 15.37 -34.62
CA SER D 1278 -65.09 16.24 -34.47
C SER D 1278 -64.86 17.06 -35.75
N ARG D 1279 -64.11 18.15 -35.63
CA ARG D 1279 -63.81 18.97 -36.80
C ARG D 1279 -62.87 18.23 -37.73
N ASP D 1280 -62.05 17.35 -37.15
CA ASP D 1280 -61.06 16.61 -37.92
C ASP D 1280 -61.71 15.53 -38.78
N VAL D 1281 -63.02 15.38 -38.64
CA VAL D 1281 -63.75 14.35 -39.37
C VAL D 1281 -64.80 14.96 -40.29
N CYS D 1282 -64.62 16.22 -40.64
CA CYS D 1282 -65.60 16.93 -41.46
C CYS D 1282 -65.62 16.40 -42.89
N TRP D 1283 -64.49 15.89 -43.36
CA TRP D 1283 -64.38 15.39 -44.72
C TRP D 1283 -64.79 13.92 -44.81
N GLU D 1284 -64.38 13.13 -43.83
CA GLU D 1284 -64.68 11.70 -43.78
C GLU D 1284 -66.15 11.44 -43.53
N LEU D 1285 -66.81 12.36 -42.83
CA LEU D 1285 -68.20 12.16 -42.41
C LEU D 1285 -69.14 12.07 -43.61
N ASP D 1286 -69.75 10.90 -43.77
CA ASP D 1286 -70.70 10.66 -44.86
C ASP D 1286 -72.11 11.02 -44.42
N PHE D 1287 -72.23 11.55 -43.21
CA PHE D 1287 -73.53 11.84 -42.61
C PHE D 1287 -74.17 13.11 -43.15
N THR D 1288 -75.49 13.21 -42.98
CA THR D 1288 -76.25 14.40 -43.33
C THR D 1288 -77.31 14.64 -42.27
N ALA D 1289 -77.83 15.85 -42.20
CA ALA D 1289 -78.84 16.19 -41.20
C ALA D 1289 -79.58 17.48 -41.55
N HIS D 1290 -80.68 17.71 -40.83
CA HIS D 1290 -81.46 18.93 -41.02
C HIS D 1290 -80.77 20.13 -40.41
N LEU D 1291 -80.30 19.97 -39.17
CA LEU D 1291 -79.62 21.05 -38.47
C LEU D 1291 -78.15 20.72 -38.24
N VAL D 1292 -77.28 21.60 -38.71
CA VAL D 1292 -75.84 21.44 -38.48
C VAL D 1292 -75.30 22.64 -37.71
N VAL D 1293 -74.88 22.41 -36.47
CA VAL D 1293 -74.35 23.47 -35.63
C VAL D 1293 -72.84 23.42 -35.55
N VAL D 1294 -72.21 24.60 -35.58
CA VAL D 1294 -70.76 24.69 -35.50
C VAL D 1294 -70.35 25.29 -34.17
N MET D 1295 -70.20 24.43 -33.16
CA MET D 1295 -69.81 24.89 -31.82
C MET D 1295 -68.34 25.30 -31.79
N GLY D 1296 -68.09 26.60 -31.88
CA GLY D 1296 -66.73 27.11 -31.86
C GLY D 1296 -66.14 27.21 -33.26
N THR D 1297 -65.23 28.16 -33.43
CA THR D 1297 -64.58 28.36 -34.72
C THR D 1297 -63.06 28.40 -34.58
N GLN D 1298 -62.57 27.96 -33.42
CA GLN D 1298 -61.14 27.97 -33.16
C GLN D 1298 -60.66 26.63 -32.61
N PHE D 1299 -59.52 26.18 -33.10
CA PHE D 1299 -58.89 24.96 -32.62
C PHE D 1299 -57.50 25.27 -32.08
N PHE D 1300 -57.07 24.50 -31.08
CA PHE D 1300 -55.78 24.76 -30.44
C PHE D 1300 -54.63 24.08 -31.17
N GLU D 1301 -53.73 24.88 -31.71
CA GLU D 1301 -52.53 24.37 -32.36
C GLU D 1301 -51.32 24.48 -31.45
N GLY D 1302 -50.81 23.33 -31.02
CA GLY D 1302 -49.68 23.31 -30.09
C GLY D 1302 -48.36 23.69 -30.74
N LYS D 1303 -48.37 23.83 -32.06
CA LYS D 1303 -47.17 24.17 -32.80
C LYS D 1303 -46.69 25.59 -32.46
N GLU D 1304 -47.63 26.53 -32.49
CA GLU D 1304 -47.32 27.92 -32.15
C GLU D 1304 -47.94 28.29 -30.81
N HIS D 1305 -48.64 27.35 -30.20
CA HIS D 1305 -49.30 27.57 -28.92
C HIS D 1305 -50.35 28.66 -29.01
N ARG D 1306 -51.21 28.57 -30.03
CA ARG D 1306 -52.27 29.54 -30.22
C ARG D 1306 -53.61 28.87 -30.48
N TYR D 1307 -54.66 29.68 -30.63
CA TYR D 1307 -55.96 29.19 -31.06
C TYR D 1307 -56.28 29.73 -32.45
N ILE D 1308 -55.98 28.92 -33.47
CA ILE D 1308 -56.16 29.35 -34.85
C ILE D 1308 -57.62 29.31 -35.27
N ASP D 1309 -58.04 30.28 -36.08
CA ASP D 1309 -59.41 30.33 -36.57
C ASP D 1309 -59.67 29.24 -37.59
N TYR D 1310 -60.93 28.81 -37.68
CA TYR D 1310 -61.33 27.82 -38.67
C TYR D 1310 -61.06 28.33 -40.08
N PRO D 1311 -60.54 27.46 -40.95
CA PRO D 1311 -60.44 27.81 -42.36
C PRO D 1311 -61.83 27.89 -42.97
N LEU D 1312 -62.05 28.86 -43.86
CA LEU D 1312 -63.36 29.05 -44.49
C LEU D 1312 -63.83 27.79 -45.20
N SER D 1313 -62.88 27.01 -45.72
CA SER D 1313 -63.18 25.78 -46.43
C SER D 1313 -63.92 24.80 -45.54
N GLU D 1314 -63.49 24.68 -44.29
CA GLU D 1314 -64.10 23.76 -43.35
C GLU D 1314 -65.56 24.09 -43.08
N VAL D 1315 -65.82 25.34 -42.71
CA VAL D 1315 -67.17 25.79 -42.38
C VAL D 1315 -68.13 25.53 -43.54
N LEU D 1316 -67.62 25.66 -44.76
CA LEU D 1316 -68.41 25.39 -45.95
C LEU D 1316 -68.75 23.90 -46.04
N GLN D 1317 -67.76 23.05 -45.73
CA GLN D 1317 -67.94 21.61 -45.77
C GLN D 1317 -68.85 21.14 -44.64
N MET D 1318 -68.65 21.70 -43.45
CA MET D 1318 -69.41 21.30 -42.28
C MET D 1318 -70.89 21.64 -42.45
N PHE D 1319 -71.17 22.79 -43.06
CA PHE D 1319 -72.55 23.18 -43.34
C PHE D 1319 -73.07 22.45 -44.57
N GLY D 1320 -72.16 21.78 -45.29
CA GLY D 1320 -72.54 20.99 -46.43
C GLY D 1320 -73.21 19.70 -46.02
N LYS D 1321 -73.13 19.39 -44.73
CA LYS D 1321 -73.75 18.19 -44.18
C LYS D 1321 -75.22 18.44 -43.83
N ALA D 1322 -75.62 19.70 -43.84
CA ALA D 1322 -77.00 20.07 -43.56
C ALA D 1322 -77.81 20.08 -44.86
N LEU D 1323 -78.03 18.90 -45.42
CA LEU D 1323 -78.72 18.78 -46.70
C LEU D 1323 -80.13 18.21 -46.56
N GLN D 1324 -80.52 17.92 -45.32
CA GLN D 1324 -81.86 17.41 -45.05
C GLN D 1324 -82.82 18.54 -44.76
N PRO D 1325 -83.67 18.89 -45.74
CA PRO D 1325 -84.62 19.99 -45.57
C PRO D 1325 -85.80 19.61 -44.68
N SER D 1326 -86.49 20.61 -44.15
CA SER D 1326 -87.66 20.38 -43.30
C SER D 1326 -88.94 20.52 -44.13
N LYS D 1327 -90.06 20.73 -43.45
CA LYS D 1327 -91.32 20.98 -44.14
C LYS D 1327 -91.24 22.29 -44.90
N ASP D 1328 -90.44 23.23 -44.38
CA ASP D 1328 -90.18 24.47 -45.07
C ASP D 1328 -89.46 24.21 -46.39
N GLY D 1329 -88.69 23.13 -46.43
CA GLY D 1329 -87.92 22.78 -47.60
C GLY D 1329 -86.56 23.45 -47.55
N ARG D 1330 -86.22 24.00 -46.39
CA ARG D 1330 -84.97 24.72 -46.22
C ARG D 1330 -84.16 24.19 -45.04
N SER D 1331 -82.92 23.80 -45.30
CA SER D 1331 -82.02 23.32 -44.27
C SER D 1331 -81.61 24.46 -43.35
N ARG D 1332 -81.18 24.12 -42.14
CA ARG D 1332 -80.82 25.13 -41.16
C ARG D 1332 -79.50 24.79 -40.46
N GLY D 1333 -78.64 25.80 -40.32
CA GLY D 1333 -77.37 25.63 -39.65
C GLY D 1333 -77.06 26.79 -38.71
N VAL D 1334 -76.36 26.51 -37.63
CA VAL D 1334 -76.01 27.53 -36.66
C VAL D 1334 -74.50 27.64 -36.48
N LEU D 1335 -74.00 28.87 -36.42
CA LEU D 1335 -72.57 29.10 -36.26
C LEU D 1335 -72.26 29.84 -34.97
N MET D 1336 -71.69 29.13 -34.01
CA MET D 1336 -71.32 29.73 -32.73
C MET D 1336 -69.84 30.10 -32.71
N LEU D 1337 -69.57 31.40 -32.73
CA LEU D 1337 -68.20 31.89 -32.78
C LEU D 1337 -67.98 33.05 -31.80
N PRO D 1338 -66.70 33.36 -31.52
CA PRO D 1338 -66.35 34.53 -30.71
C PRO D 1338 -66.93 35.81 -31.29
N ALA D 1339 -67.12 36.82 -30.45
CA ALA D 1339 -67.80 38.05 -30.84
C ALA D 1339 -67.13 38.74 -32.03
N VAL D 1340 -65.83 38.97 -31.93
CA VAL D 1340 -65.11 39.76 -32.93
C VAL D 1340 -64.79 38.98 -34.20
N LYS D 1341 -65.22 37.74 -34.26
CA LYS D 1341 -64.98 36.90 -35.44
C LYS D 1341 -66.24 36.80 -36.30
N ARG D 1342 -67.28 37.51 -35.89
CA ARG D 1342 -68.58 37.45 -36.56
C ARG D 1342 -68.52 37.92 -38.01
N GLU D 1343 -68.20 39.20 -38.20
CA GLU D 1343 -68.25 39.80 -39.53
C GLU D 1343 -67.21 39.22 -40.49
N TYR D 1344 -66.34 38.35 -39.98
CA TYR D 1344 -65.39 37.67 -40.85
C TYR D 1344 -66.02 36.45 -41.51
N TYR D 1345 -66.78 35.70 -40.73
CA TYR D 1345 -67.43 34.49 -41.23
C TYR D 1345 -68.76 34.80 -41.91
N LYS D 1346 -69.46 35.80 -41.41
CA LYS D 1346 -70.77 36.17 -41.96
C LYS D 1346 -70.62 36.79 -43.34
N LYS D 1347 -69.43 37.29 -43.64
CA LYS D 1347 -69.17 37.91 -44.93
C LYS D 1347 -68.89 36.87 -46.00
N PHE D 1348 -67.93 35.98 -45.73
CA PHE D 1348 -67.53 34.98 -46.69
C PHE D 1348 -68.52 33.82 -46.76
N LEU D 1349 -69.58 33.90 -45.96
CA LEU D 1349 -70.68 32.95 -46.07
C LEU D 1349 -71.80 33.52 -46.91
N ASN D 1350 -71.77 34.84 -47.10
CA ASN D 1350 -72.74 35.52 -47.95
C ASN D 1350 -72.22 35.69 -49.36
N GLU D 1351 -70.89 35.76 -49.49
CA GLU D 1351 -70.27 35.84 -50.81
C GLU D 1351 -69.33 34.66 -51.04
N ALA D 1352 -68.83 34.53 -52.26
CA ALA D 1352 -68.03 33.38 -52.65
C ALA D 1352 -66.74 33.27 -51.86
N LEU D 1353 -66.12 32.09 -51.94
CA LEU D 1353 -64.88 31.80 -51.22
C LEU D 1353 -63.65 32.15 -52.06
N PRO D 1354 -62.80 33.03 -51.53
CA PRO D 1354 -61.53 33.40 -52.18
C PRO D 1354 -60.38 32.57 -51.65
N VAL D 1355 -59.45 32.19 -52.53
CA VAL D 1355 -58.32 31.37 -52.13
C VAL D 1355 -57.05 31.71 -52.91
N GLU D 1356 -55.97 31.97 -52.17
CA GLU D 1356 -54.66 32.21 -52.77
C GLU D 1356 -53.70 31.07 -52.44
N SER D 1357 -52.78 30.79 -53.35
CA SER D 1357 -51.83 29.70 -53.15
C SER D 1357 -50.83 30.02 -52.06
N HIS D 1358 -50.27 28.98 -51.45
CA HIS D 1358 -49.25 29.14 -50.42
C HIS D 1358 -47.95 28.46 -50.84
N LEU D 1359 -47.74 28.38 -52.15
CA LEU D 1359 -46.58 27.70 -52.71
C LEU D 1359 -45.30 28.45 -52.36
N HIS D 1360 -45.34 29.77 -52.44
CA HIS D 1360 -44.18 30.62 -52.19
C HIS D 1360 -43.61 30.41 -50.79
N ASN D 1361 -44.45 29.91 -49.88
CA ASN D 1361 -44.00 29.60 -48.53
C ASN D 1361 -43.21 28.29 -48.51
N PHE D 1362 -43.74 27.28 -49.18
CA PHE D 1362 -43.10 25.97 -49.21
C PHE D 1362 -42.53 25.65 -50.59
N LEU D 1363 -41.66 26.54 -51.07
CA LEU D 1363 -41.03 26.35 -52.37
C LEU D 1363 -40.01 25.21 -52.37
N PRO D 1364 -39.07 25.23 -51.41
CA PRO D 1364 -38.01 24.20 -51.33
C PRO D 1364 -38.57 22.77 -51.37
N ASP D 1365 -39.73 22.56 -50.78
CA ASP D 1365 -40.39 21.26 -50.83
C ASP D 1365 -40.76 20.91 -52.27
N ALA D 1366 -41.29 21.87 -53.00
CA ALA D 1366 -41.66 21.66 -54.39
C ALA D 1366 -40.42 21.54 -55.26
N PHE D 1367 -39.38 22.29 -54.91
CA PHE D 1367 -38.13 22.27 -55.66
C PHE D 1367 -37.36 20.97 -55.47
N VAL D 1368 -37.14 20.60 -54.20
CA VAL D 1368 -36.33 19.44 -53.86
C VAL D 1368 -36.84 18.17 -54.55
N THR D 1369 -38.13 18.14 -54.86
CA THR D 1369 -38.71 17.00 -55.57
C THR D 1369 -38.60 17.23 -57.07
N GLU D 1370 -38.81 18.47 -57.50
CA GLU D 1370 -38.75 18.82 -58.90
C GLU D 1370 -37.33 18.74 -59.46
N ILE D 1371 -36.35 19.07 -58.61
CA ILE D 1371 -34.95 18.98 -59.01
C ILE D 1371 -34.58 17.56 -59.40
N SER D 1372 -35.12 16.59 -58.66
CA SER D 1372 -34.82 15.19 -58.89
C SER D 1372 -35.35 14.68 -60.22
N THR D 1373 -36.45 15.25 -60.68
CA THR D 1373 -37.12 14.77 -61.88
C THR D 1373 -36.52 15.38 -63.15
N LYS D 1374 -35.24 15.72 -63.08
CA LYS D 1374 -34.48 16.26 -64.21
C LYS D 1374 -35.22 17.34 -65.00
N MET D 1375 -36.13 18.05 -64.34
CA MET D 1375 -36.87 19.12 -64.99
C MET D 1375 -36.49 20.49 -64.44
N ILE D 1376 -35.76 20.48 -63.32
CA ILE D 1376 -35.37 21.73 -62.67
C ILE D 1376 -33.85 21.81 -62.54
N GLU D 1377 -33.15 21.25 -63.52
CA GLU D 1377 -31.70 21.32 -63.54
C GLU D 1377 -31.25 22.72 -63.93
N SER D 1378 -32.09 23.42 -64.68
CA SER D 1378 -31.75 24.75 -65.19
C SER D 1378 -32.11 25.85 -64.20
N GLY D 1379 -33.24 25.71 -63.52
CA GLY D 1379 -33.71 26.72 -62.61
C GLY D 1379 -34.50 27.78 -63.35
N GLU D 1380 -34.14 28.02 -64.60
CA GLU D 1380 -34.89 28.93 -65.46
C GLU D 1380 -36.18 28.26 -65.89
N ASP D 1381 -36.17 26.93 -65.92
CA ASP D 1381 -37.38 26.16 -66.21
C ASP D 1381 -38.32 26.26 -65.02
N ALA D 1382 -37.76 26.57 -63.86
CA ALA D 1382 -38.56 26.83 -62.68
C ALA D 1382 -39.34 28.13 -62.89
N ILE D 1383 -38.77 29.03 -63.67
CA ILE D 1383 -39.45 30.26 -64.05
C ILE D 1383 -40.62 29.92 -64.95
N ASN D 1384 -40.41 28.98 -65.87
CA ASN D 1384 -41.46 28.50 -66.75
C ASN D 1384 -42.43 27.61 -65.97
N TRP D 1385 -41.89 26.82 -65.06
CA TRP D 1385 -42.69 25.91 -64.25
C TRP D 1385 -43.69 26.68 -63.39
N ALA D 1386 -43.27 27.84 -62.89
CA ALA D 1386 -44.13 28.67 -62.06
C ALA D 1386 -45.32 29.20 -62.86
N THR D 1387 -45.09 29.51 -64.13
CA THR D 1387 -46.11 30.07 -64.99
C THR D 1387 -47.34 29.17 -65.10
N PHE D 1388 -47.11 27.86 -65.03
CA PHE D 1388 -48.20 26.89 -65.12
C PHE D 1388 -48.84 26.64 -63.76
N THR D 1389 -48.37 27.36 -62.75
CA THR D 1389 -48.91 27.22 -61.40
C THR D 1389 -49.94 28.31 -61.10
N TYR D 1390 -50.87 27.98 -60.21
CA TYR D 1390 -51.91 28.93 -59.82
C TYR D 1390 -51.30 30.11 -59.06
N PHE D 1391 -50.11 29.89 -58.50
CA PHE D 1391 -49.40 30.92 -57.77
C PHE D 1391 -48.97 32.07 -58.68
N TYR D 1392 -48.61 31.73 -59.91
CA TYR D 1392 -48.16 32.74 -60.88
C TYR D 1392 -49.33 33.57 -61.41
N ARG D 1393 -50.43 32.91 -61.69
CA ARG D 1393 -51.61 33.58 -62.25
C ARG D 1393 -52.19 34.61 -61.30
N ARG D 1394 -52.10 34.33 -60.00
CA ARG D 1394 -52.66 35.22 -58.99
C ARG D 1394 -51.71 36.36 -58.62
N LEU D 1395 -50.41 36.12 -58.77
CA LEU D 1395 -49.41 37.09 -58.35
C LEU D 1395 -49.54 38.41 -59.11
N LEU D 1396 -50.11 38.35 -60.31
CA LEU D 1396 -50.31 39.56 -61.11
C LEU D 1396 -51.61 40.25 -60.71
N ALA D 1397 -52.63 39.47 -60.38
CA ALA D 1397 -53.92 40.01 -60.00
C ALA D 1397 -53.90 40.56 -58.57
N ASN D 1398 -53.24 39.83 -57.69
CA ASN D 1398 -53.13 40.24 -56.29
C ASN D 1398 -51.68 40.22 -55.82
N PRO D 1399 -50.91 41.25 -56.20
CA PRO D 1399 -49.48 41.33 -55.95
C PRO D 1399 -49.11 41.47 -54.47
N SER D 1400 -49.73 42.43 -53.78
CA SER D 1400 -49.38 42.71 -52.39
C SER D 1400 -49.61 41.53 -51.46
N TYR D 1401 -50.53 40.64 -51.85
CA TYR D 1401 -50.84 39.47 -51.03
C TYR D 1401 -49.62 38.58 -50.86
N TYR D 1402 -48.85 38.42 -51.94
CA TYR D 1402 -47.69 37.54 -51.94
C TYR D 1402 -46.42 38.30 -51.55
N GLY D 1403 -46.42 39.60 -51.77
CA GLY D 1403 -45.27 40.43 -51.43
C GLY D 1403 -44.77 41.26 -52.59
N LEU D 1404 -45.38 41.06 -53.76
CA LEU D 1404 -45.01 41.80 -54.95
C LEU D 1404 -45.31 43.29 -54.79
N GLN D 1405 -44.27 44.11 -54.97
CA GLN D 1405 -44.41 45.56 -54.79
C GLN D 1405 -44.34 46.31 -56.11
N ASP D 1406 -44.21 45.57 -57.22
CA ASP D 1406 -44.14 46.19 -58.54
C ASP D 1406 -44.92 45.38 -59.56
N PRO D 1407 -46.13 45.85 -59.90
CA PRO D 1407 -47.06 45.18 -60.81
C PRO D 1407 -46.49 44.96 -62.21
N THR D 1408 -45.68 45.89 -62.70
CA THR D 1408 -45.13 45.80 -64.04
C THR D 1408 -44.31 44.51 -64.24
N HIS D 1409 -44.18 44.10 -65.50
CA HIS D 1409 -43.56 42.82 -65.85
C HIS D 1409 -42.12 42.71 -65.35
N ASP D 1410 -41.32 43.74 -65.61
CA ASP D 1410 -39.93 43.75 -65.18
C ASP D 1410 -39.80 43.61 -63.67
N GLY D 1411 -40.80 44.15 -62.96
CA GLY D 1411 -40.84 44.02 -61.51
C GLY D 1411 -41.28 42.63 -61.11
N LEU D 1412 -42.19 42.07 -61.89
CA LEU D 1412 -42.69 40.72 -61.63
C LEU D 1412 -41.60 39.68 -61.82
N SER D 1413 -40.92 39.75 -62.95
CA SER D 1413 -39.80 38.86 -63.23
C SER D 1413 -38.69 39.08 -62.21
N GLN D 1414 -38.60 40.31 -61.71
CA GLN D 1414 -37.64 40.64 -60.67
C GLN D 1414 -37.98 39.90 -59.38
N TYR D 1415 -39.27 39.84 -59.07
CA TYR D 1415 -39.74 39.16 -57.87
C TYR D 1415 -39.51 37.66 -57.96
N LEU D 1416 -39.75 37.09 -59.14
CA LEU D 1416 -39.51 35.67 -59.37
C LEU D 1416 -38.04 35.34 -59.26
N SER D 1417 -37.20 36.24 -59.77
CA SER D 1417 -35.75 36.04 -59.73
C SER D 1417 -35.23 36.05 -58.31
N ASP D 1418 -35.74 36.97 -57.50
CA ASP D 1418 -35.30 37.10 -56.11
C ASP D 1418 -35.76 35.90 -55.28
N LEU D 1419 -36.98 35.46 -55.50
CA LEU D 1419 -37.56 34.36 -54.73
C LEU D 1419 -36.87 33.04 -55.04
N VAL D 1420 -36.69 32.74 -56.31
CA VAL D 1420 -36.07 31.49 -56.73
C VAL D 1420 -34.61 31.42 -56.28
N GLU D 1421 -33.92 32.55 -56.34
CA GLU D 1421 -32.52 32.61 -55.91
C GLU D 1421 -32.43 32.71 -54.39
N THR D 1422 -33.58 32.84 -53.74
CA THR D 1422 -33.63 32.90 -52.28
C THR D 1422 -33.90 31.52 -51.70
N THR D 1423 -34.89 30.84 -52.27
CA THR D 1423 -35.25 29.50 -51.81
C THR D 1423 -34.19 28.48 -52.18
N LEU D 1424 -33.68 28.57 -53.41
CA LEU D 1424 -32.60 27.69 -53.85
C LEU D 1424 -31.34 27.97 -53.04
N LYS D 1425 -31.22 29.19 -52.54
CA LYS D 1425 -30.14 29.55 -51.63
C LYS D 1425 -30.33 28.85 -50.30
N GLN D 1426 -31.59 28.72 -49.90
CA GLN D 1426 -31.94 28.00 -48.68
C GLN D 1426 -31.52 26.54 -48.80
N LEU D 1427 -31.68 25.99 -50.01
CA LEU D 1427 -31.25 24.64 -50.30
C LEU D 1427 -29.74 24.58 -50.48
N SER D 1428 -29.09 25.74 -50.43
CA SER D 1428 -27.64 25.81 -50.56
C SER D 1428 -26.99 25.84 -49.19
N ASP D 1429 -27.61 26.54 -48.25
CA ASP D 1429 -27.11 26.60 -46.89
C ASP D 1429 -27.23 25.24 -46.21
N ALA D 1430 -28.35 24.56 -46.44
CA ALA D 1430 -28.52 23.19 -45.98
C ALA D 1430 -28.00 22.24 -47.07
N ARG D 1431 -27.45 21.11 -46.64
CA ARG D 1431 -26.74 20.18 -47.52
C ARG D 1431 -27.49 19.85 -48.81
N ILE D 1432 -27.35 20.73 -49.80
CA ILE D 1432 -27.86 20.51 -51.15
C ILE D 1432 -27.08 21.43 -52.09
N ILE D 1433 -26.94 21.01 -53.35
CA ILE D 1433 -26.06 21.66 -54.33
C ILE D 1433 -26.06 23.19 -54.28
N GLU D 1434 -24.89 23.78 -54.53
CA GLU D 1434 -24.66 25.19 -54.20
C GLU D 1434 -24.19 26.05 -55.38
N MET D 1435 -23.19 25.55 -56.11
CA MET D 1435 -22.42 26.35 -57.07
C MET D 1435 -23.24 27.26 -57.98
N ASP D 1436 -22.71 28.44 -58.25
CA ASP D 1436 -23.41 29.45 -59.04
C ASP D 1436 -22.46 30.21 -59.99
N GLU D 1437 -21.87 29.49 -60.93
CA GLU D 1437 -21.00 30.10 -61.93
C GLU D 1437 -21.72 30.20 -63.27
N ASP D 1438 -21.39 29.28 -64.19
CA ASP D 1438 -22.11 29.20 -65.45
C ASP D 1438 -23.54 28.79 -65.17
N GLU D 1439 -24.32 29.73 -64.64
CA GLU D 1439 -25.64 29.46 -64.09
C GLU D 1439 -25.51 28.66 -62.80
N GLY D 1440 -26.16 29.12 -61.74
CA GLY D 1440 -26.14 28.42 -60.48
C GLY D 1440 -26.93 27.12 -60.55
N THR D 1441 -27.10 26.62 -61.76
CA THR D 1441 -27.86 25.41 -62.05
C THR D 1441 -27.44 24.25 -61.15
N VAL D 1442 -28.39 23.37 -60.88
CA VAL D 1442 -28.16 22.27 -59.94
C VAL D 1442 -28.92 21.01 -60.32
N ALA D 1443 -28.23 19.87 -60.26
CA ALA D 1443 -28.88 18.58 -60.41
C ALA D 1443 -29.17 18.02 -59.03
N PRO D 1444 -30.23 17.18 -58.93
CA PRO D 1444 -30.69 16.66 -57.64
C PRO D 1444 -29.62 15.84 -56.91
N LEU D 1445 -29.35 16.20 -55.66
CA LEU D 1445 -28.35 15.50 -54.86
C LEU D 1445 -28.95 14.28 -54.19
N ASN D 1446 -28.11 13.47 -53.56
CA ASN D 1446 -28.54 12.22 -52.95
C ASN D 1446 -29.65 12.39 -51.92
N ALA D 1447 -29.46 13.32 -50.99
CA ALA D 1447 -30.45 13.58 -49.96
C ALA D 1447 -31.77 14.03 -50.56
N ALA D 1448 -31.70 14.99 -51.48
CA ALA D 1448 -32.88 15.50 -52.15
C ALA D 1448 -33.57 14.41 -52.97
N MET D 1449 -32.77 13.49 -53.49
CA MET D 1449 -33.30 12.39 -54.29
C MET D 1449 -34.18 11.45 -53.45
N ILE D 1450 -33.60 10.93 -52.37
CA ILE D 1450 -34.34 10.04 -51.48
C ILE D 1450 -35.51 10.76 -50.83
N ALA D 1451 -35.34 12.06 -50.60
CA ALA D 1451 -36.40 12.88 -50.03
C ALA D 1451 -37.51 13.09 -51.04
N ALA D 1452 -37.18 12.93 -52.31
CA ALA D 1452 -38.12 13.15 -53.40
C ALA D 1452 -39.10 11.98 -53.55
N TYR D 1453 -38.60 10.77 -53.34
CA TYR D 1453 -39.40 9.57 -53.50
C TYR D 1453 -40.26 9.27 -52.28
N TYR D 1454 -39.75 9.61 -51.10
CA TYR D 1454 -40.46 9.36 -49.85
C TYR D 1454 -41.15 10.61 -49.33
N ASN D 1455 -40.91 11.74 -50.00
CA ASN D 1455 -41.52 13.01 -49.63
C ASN D 1455 -41.24 13.44 -48.19
N ILE D 1456 -39.99 13.33 -47.77
CA ILE D 1456 -39.60 13.80 -46.45
C ILE D 1456 -39.27 15.29 -46.53
N SER D 1457 -39.78 16.06 -45.57
CA SER D 1457 -39.57 17.50 -45.54
C SER D 1457 -38.11 17.84 -45.34
N TYR D 1458 -37.62 18.80 -46.13
CA TYR D 1458 -36.22 19.21 -46.05
C TYR D 1458 -35.91 19.80 -44.69
N MET D 1459 -36.92 20.39 -44.06
CA MET D 1459 -36.79 20.87 -42.69
C MET D 1459 -36.46 19.70 -41.77
N THR D 1460 -36.97 18.52 -42.12
CA THR D 1460 -36.69 17.32 -41.37
C THR D 1460 -35.36 16.70 -41.79
N MET D 1461 -35.06 16.80 -43.08
CA MET D 1461 -33.81 16.24 -43.61
C MET D 1461 -32.62 17.11 -43.23
N GLU D 1462 -32.86 18.40 -43.05
CA GLU D 1462 -31.84 19.30 -42.53
C GLU D 1462 -31.61 18.97 -41.06
N MET D 1463 -32.60 18.34 -40.45
CA MET D 1463 -32.52 17.88 -39.07
C MET D 1463 -31.85 16.51 -39.02
N PHE D 1464 -31.88 15.81 -40.15
CA PHE D 1464 -31.33 14.46 -40.25
C PHE D 1464 -29.84 14.44 -40.54
N LEU D 1465 -29.28 15.60 -40.91
CA LEU D 1465 -27.88 15.67 -41.29
C LEU D 1465 -27.00 16.32 -40.23
N LEU D 1466 -27.60 17.16 -39.39
CA LEU D 1466 -26.85 17.96 -38.44
C LEU D 1466 -26.59 17.26 -37.11
N SER D 1467 -27.55 16.44 -36.67
CA SER D 1467 -27.50 15.87 -35.33
C SER D 1467 -26.47 14.76 -35.17
N LEU D 1468 -26.31 13.93 -36.21
CA LEU D 1468 -25.45 12.77 -36.15
C LEU D 1468 -23.99 13.13 -35.82
N SER D 1469 -23.35 12.27 -35.03
CA SER D 1469 -21.99 12.55 -34.55
C SER D 1469 -20.96 11.57 -35.10
N HIS D 1470 -19.74 11.66 -34.59
CA HIS D 1470 -18.66 10.76 -34.97
C HIS D 1470 -19.03 9.31 -34.68
N LYS D 1471 -19.91 9.12 -33.70
CA LYS D 1471 -20.44 7.82 -33.39
C LYS D 1471 -21.97 7.89 -33.40
N SER D 1472 -22.60 6.99 -34.16
CA SER D 1472 -24.05 6.98 -34.30
C SER D 1472 -24.76 6.97 -32.94
N LYS D 1473 -24.17 6.24 -31.99
CA LYS D 1473 -24.65 6.24 -30.61
C LYS D 1473 -26.05 5.66 -30.44
N LEU D 1474 -26.66 5.23 -31.55
CA LEU D 1474 -27.95 4.55 -31.51
C LEU D 1474 -29.07 5.41 -30.91
N ARG D 1475 -29.38 5.16 -29.64
CA ARG D 1475 -30.55 5.72 -28.96
C ARG D 1475 -30.74 7.22 -29.18
N THR D 1476 -29.68 7.91 -29.57
CA THR D 1476 -29.80 9.32 -29.91
C THR D 1476 -30.56 9.49 -31.22
N ILE D 1477 -30.54 8.44 -32.04
CA ILE D 1477 -31.23 8.47 -33.33
C ILE D 1477 -32.74 8.47 -33.14
N LEU D 1478 -33.21 7.80 -32.10
CA LEU D 1478 -34.63 7.79 -31.77
C LEU D 1478 -35.08 9.20 -31.39
N GLU D 1479 -34.19 9.93 -30.72
CA GLU D 1479 -34.43 11.34 -30.43
C GLU D 1479 -34.43 12.12 -31.73
N ILE D 1480 -33.56 11.69 -32.66
CA ILE D 1480 -33.48 12.29 -33.98
C ILE D 1480 -34.75 11.97 -34.77
N VAL D 1481 -35.33 10.80 -34.50
CA VAL D 1481 -36.58 10.39 -35.14
C VAL D 1481 -37.74 11.24 -34.64
N THR D 1482 -37.75 11.51 -33.34
CA THR D 1482 -38.83 12.27 -32.72
C THR D 1482 -38.65 13.77 -32.92
N ALA D 1483 -37.48 14.15 -33.44
CA ALA D 1483 -37.21 15.55 -33.71
C ALA D 1483 -37.73 15.94 -35.09
N ALA D 1484 -38.33 14.97 -35.79
CA ALA D 1484 -38.87 15.20 -37.11
C ALA D 1484 -39.99 16.24 -37.10
N THR D 1485 -40.07 17.02 -38.16
CA THR D 1485 -41.06 18.08 -38.25
C THR D 1485 -42.44 17.55 -38.61
N GLU D 1486 -42.49 16.34 -39.15
CA GLU D 1486 -43.75 15.72 -39.53
C GLU D 1486 -44.60 15.36 -38.31
N PHE D 1487 -43.97 15.36 -37.14
CA PHE D 1487 -44.66 15.04 -35.90
C PHE D 1487 -45.19 16.30 -35.21
N GLU D 1488 -44.68 17.46 -35.63
CA GLU D 1488 -45.06 18.72 -35.03
C GLU D 1488 -46.53 19.06 -35.31
N SER D 1489 -47.06 18.50 -36.38
CA SER D 1489 -48.46 18.71 -36.75
C SER D 1489 -49.38 17.73 -36.03
N ILE D 1490 -49.06 17.46 -34.77
CA ILE D 1490 -49.86 16.56 -33.95
C ILE D 1490 -50.72 17.30 -32.94
N GLN D 1491 -51.96 16.84 -32.77
CA GLN D 1491 -52.86 17.42 -31.78
C GLN D 1491 -52.26 17.37 -30.38
N THR D 1492 -52.26 18.50 -29.69
CA THR D 1492 -51.67 18.57 -28.36
C THR D 1492 -52.63 19.20 -27.36
N ARG D 1493 -53.47 18.39 -26.75
CA ARG D 1493 -54.35 18.88 -25.70
C ARG D 1493 -53.51 19.25 -24.49
N ARG D 1494 -53.82 20.39 -23.88
CA ARG D 1494 -52.95 20.99 -22.88
C ARG D 1494 -52.72 20.13 -21.62
N HIS D 1495 -53.81 19.67 -21.01
CA HIS D 1495 -53.72 19.04 -19.70
C HIS D 1495 -53.39 17.55 -19.75
N GLU D 1496 -52.80 17.10 -20.85
CA GLU D 1496 -52.35 15.71 -20.94
C GLU D 1496 -50.84 15.63 -20.71
N GLU D 1497 -50.31 16.62 -20.00
CA GLU D 1497 -48.89 16.69 -19.70
C GLU D 1497 -48.53 15.80 -18.51
N GLY D 1498 -49.47 15.66 -17.59
CA GLY D 1498 -49.25 14.87 -16.39
C GLY D 1498 -48.93 13.41 -16.67
N ILE D 1499 -49.84 12.75 -17.38
CA ILE D 1499 -49.65 11.34 -17.72
C ILE D 1499 -48.44 11.14 -18.62
N LEU D 1500 -48.21 12.11 -19.49
CA LEU D 1500 -47.11 12.05 -20.45
C LEU D 1500 -45.76 11.97 -19.73
N LYS D 1501 -45.57 12.88 -18.77
CA LYS D 1501 -44.34 12.90 -17.98
C LYS D 1501 -44.19 11.60 -17.18
N ARG D 1502 -45.32 10.99 -16.84
CA ARG D 1502 -45.31 9.76 -16.06
C ARG D 1502 -44.73 8.60 -16.85
N ILE D 1503 -45.06 8.52 -18.12
CA ILE D 1503 -44.54 7.45 -18.99
C ILE D 1503 -43.03 7.59 -19.11
N TYR D 1504 -42.54 8.83 -18.98
CA TYR D 1504 -41.11 9.09 -19.00
C TYR D 1504 -40.45 8.52 -17.76
N ASP D 1505 -41.23 8.40 -16.69
CA ASP D 1505 -40.74 7.83 -15.43
C ASP D 1505 -40.66 6.32 -15.52
N HIS D 1506 -41.40 5.73 -16.46
CA HIS D 1506 -41.40 4.28 -16.63
C HIS D 1506 -40.65 3.88 -17.89
N VAL D 1507 -39.82 4.78 -18.39
CA VAL D 1507 -38.99 4.49 -19.56
C VAL D 1507 -37.59 5.07 -19.37
N PRO D 1508 -36.59 4.44 -20.01
CA PRO D 1508 -35.21 4.90 -19.91
C PRO D 1508 -34.94 6.15 -20.74
N VAL D 1509 -33.80 6.79 -20.51
CA VAL D 1509 -33.42 7.99 -21.25
C VAL D 1509 -34.39 9.13 -20.98
N ASN D 1513 -32.56 17.13 -23.06
CA ASN D 1513 -33.29 18.38 -22.90
C ASN D 1513 -34.44 18.50 -23.90
N PRO D 1514 -35.54 17.79 -23.64
CA PRO D 1514 -36.71 17.79 -24.52
C PRO D 1514 -37.77 18.81 -24.10
N VAL D 1515 -38.35 19.50 -25.07
CA VAL D 1515 -39.43 20.45 -24.79
C VAL D 1515 -40.71 19.71 -24.44
N TRP D 1516 -41.25 19.99 -23.26
CA TRP D 1516 -42.34 19.20 -22.70
C TRP D 1516 -43.62 19.30 -23.53
N ASP D 1517 -44.01 20.50 -23.91
CA ASP D 1517 -45.24 20.71 -24.66
C ASP D 1517 -45.07 20.36 -26.13
N SER D 1518 -43.84 20.14 -26.55
CA SER D 1518 -43.54 19.85 -27.95
C SER D 1518 -43.97 18.44 -28.33
N ALA D 1519 -44.34 18.26 -29.60
CA ALA D 1519 -44.65 16.94 -30.13
C ALA D 1519 -43.36 16.13 -30.23
N HIS D 1520 -42.23 16.82 -30.21
CA HIS D 1520 -40.91 16.20 -30.20
C HIS D 1520 -40.78 15.27 -29.00
N PHE D 1521 -41.16 15.79 -27.82
CA PHE D 1521 -41.11 15.01 -26.60
C PHE D 1521 -42.26 14.01 -26.54
N LYS D 1522 -43.41 14.41 -27.08
CA LYS D 1522 -44.58 13.53 -27.10
C LYS D 1522 -44.32 12.33 -28.02
N ALA D 1523 -43.63 12.57 -29.12
CA ALA D 1523 -43.29 11.49 -30.04
C ALA D 1523 -42.24 10.58 -29.42
N PHE D 1524 -41.30 11.18 -28.69
CA PHE D 1524 -40.24 10.44 -28.03
C PHE D 1524 -40.81 9.49 -26.97
N VAL D 1525 -41.78 9.98 -26.21
CA VAL D 1525 -42.37 9.19 -25.14
C VAL D 1525 -43.32 8.12 -25.69
N LEU D 1526 -44.12 8.50 -26.69
CA LEU D 1526 -45.08 7.56 -27.26
C LEU D 1526 -44.37 6.39 -27.95
N VAL D 1527 -43.21 6.66 -28.52
CA VAL D 1527 -42.40 5.61 -29.12
C VAL D 1527 -41.84 4.72 -28.02
N GLN D 1528 -41.54 5.33 -26.87
CA GLN D 1528 -41.11 4.58 -25.69
C GLN D 1528 -42.20 3.63 -25.25
N ALA D 1529 -43.45 4.07 -25.36
CA ALA D 1529 -44.59 3.25 -24.97
C ALA D 1529 -44.75 2.06 -25.92
N HIS D 1530 -44.56 2.30 -27.20
CA HIS D 1530 -44.66 1.25 -28.20
C HIS D 1530 -43.56 0.21 -27.99
N PHE D 1531 -42.48 0.63 -27.34
CA PHE D 1531 -41.37 -0.26 -27.02
C PHE D 1531 -41.78 -1.27 -25.96
N SER D 1532 -42.50 -0.80 -24.95
CA SER D 1532 -42.89 -1.64 -23.82
C SER D 1532 -44.30 -2.21 -23.98
N ARG D 1533 -44.98 -1.78 -25.04
CA ARG D 1533 -46.37 -2.16 -25.27
C ARG D 1533 -47.21 -1.75 -24.06
N MET D 1534 -47.12 -0.48 -23.69
CA MET D 1534 -47.84 0.04 -22.54
C MET D 1534 -49.29 0.37 -22.87
N ASN D 1535 -50.17 0.16 -21.89
CA ASN D 1535 -51.56 0.56 -22.01
C ASN D 1535 -51.68 2.08 -22.06
N LEU D 1536 -52.19 2.60 -23.16
CA LEU D 1536 -52.37 4.04 -23.32
C LEU D 1536 -53.84 4.40 -23.46
N PRO D 1537 -54.20 5.61 -23.02
CA PRO D 1537 -55.57 6.13 -23.12
C PRO D 1537 -56.05 6.23 -24.57
N ILE D 1538 -57.35 6.45 -24.74
CA ILE D 1538 -57.95 6.46 -26.07
C ILE D 1538 -57.40 7.57 -26.95
N ASP D 1539 -57.19 8.74 -26.37
CA ASP D 1539 -56.72 9.90 -27.12
C ASP D 1539 -55.31 9.68 -27.67
N LEU D 1540 -54.53 8.87 -26.97
CA LEU D 1540 -53.15 8.60 -27.39
C LEU D 1540 -53.10 7.65 -28.59
N ALA D 1541 -54.07 7.80 -29.48
CA ALA D 1541 -54.02 7.14 -30.78
C ALA D 1541 -53.01 7.89 -31.65
N LYS D 1542 -52.58 9.04 -31.15
CA LYS D 1542 -51.51 9.80 -31.77
C LYS D 1542 -50.26 8.94 -31.84
N ASP D 1543 -50.17 7.97 -30.93
CA ASP D 1543 -49.11 6.97 -30.97
C ASP D 1543 -49.16 6.20 -32.28
N GLN D 1544 -50.38 5.88 -32.72
CA GLN D 1544 -50.58 5.19 -33.99
C GLN D 1544 -50.17 6.06 -35.16
N GLU D 1545 -50.48 7.35 -35.06
CA GLU D 1545 -50.12 8.31 -36.10
C GLU D 1545 -48.62 8.35 -36.33
N VAL D 1546 -47.85 8.39 -35.25
CA VAL D 1546 -46.41 8.43 -35.33
C VAL D 1546 -45.85 7.16 -35.97
N ILE D 1547 -46.54 6.04 -35.73
CA ILE D 1547 -46.11 4.75 -36.26
C ILE D 1547 -46.35 4.62 -37.76
N LEU D 1548 -47.47 5.17 -38.22
CA LEU D 1548 -47.91 5.00 -39.61
C LEU D 1548 -46.91 5.53 -40.63
N GLN D 1549 -46.36 6.72 -40.37
CA GLN D 1549 -45.52 7.40 -41.35
C GLN D 1549 -44.02 7.26 -41.06
N LYS D 1550 -43.70 6.82 -39.85
CA LYS D 1550 -42.30 6.80 -39.41
C LYS D 1550 -41.49 5.70 -40.08
N ILE D 1551 -42.11 4.54 -40.33
CA ILE D 1551 -41.39 3.41 -40.93
C ILE D 1551 -40.88 3.77 -42.31
N LEU D 1552 -41.72 4.44 -43.10
CA LEU D 1552 -41.32 4.87 -44.44
C LEU D 1552 -40.30 5.99 -44.33
N SER D 1553 -40.45 6.80 -43.29
CA SER D 1553 -39.53 7.91 -43.04
C SER D 1553 -38.21 7.40 -42.47
N LEU D 1554 -38.27 6.31 -41.72
CA LEU D 1554 -37.09 5.74 -41.10
C LEU D 1554 -36.33 4.84 -42.07
N LEU D 1555 -37.08 4.19 -42.96
CA LEU D 1555 -36.46 3.40 -44.03
C LEU D 1555 -35.64 4.31 -44.94
N SER D 1556 -36.00 5.59 -44.93
CA SER D 1556 -35.25 6.61 -45.64
C SER D 1556 -34.08 7.08 -44.77
N ALA D 1557 -34.27 7.02 -43.47
CA ALA D 1557 -33.26 7.44 -42.51
C ALA D 1557 -32.01 6.57 -42.63
N ILE D 1558 -32.20 5.32 -43.05
CA ILE D 1558 -31.08 4.41 -43.24
C ILE D 1558 -30.48 4.57 -44.63
N VAL D 1559 -31.34 4.90 -45.60
CA VAL D 1559 -30.88 5.18 -46.96
C VAL D 1559 -30.05 6.45 -46.96
N ASP D 1560 -30.38 7.35 -46.05
CA ASP D 1560 -29.63 8.59 -45.88
C ASP D 1560 -28.30 8.32 -45.19
N ILE D 1561 -28.30 7.36 -44.27
CA ILE D 1561 -27.11 7.05 -43.49
C ILE D 1561 -26.25 5.99 -44.17
N LEU D 1562 -26.49 5.75 -45.45
CA LEU D 1562 -25.69 4.80 -46.20
C LEU D 1562 -24.28 5.37 -46.38
N SER D 1563 -24.20 6.68 -46.52
CA SER D 1563 -22.92 7.37 -46.67
C SER D 1563 -22.18 7.42 -45.33
N SER D 1564 -20.95 7.92 -45.37
CA SER D 1564 -20.12 8.05 -44.19
C SER D 1564 -19.85 6.71 -43.52
N GLU D 1565 -19.98 6.66 -42.21
CA GLU D 1565 -19.66 5.47 -41.43
C GLU D 1565 -20.82 5.01 -40.55
N GLY D 1566 -20.49 4.17 -39.57
CA GLY D 1566 -21.49 3.67 -38.64
C GLY D 1566 -20.92 3.45 -37.25
N ALA D 1570 -24.39 3.09 -37.87
CA ALA D 1570 -25.13 3.11 -39.13
C ALA D 1570 -25.94 1.83 -39.31
N LEU D 1571 -27.11 1.96 -39.93
CA LEU D 1571 -28.02 0.84 -40.14
C LEU D 1571 -28.61 0.35 -38.82
N ASN D 1572 -28.27 1.04 -37.72
CA ASN D 1572 -28.87 0.76 -36.43
C ASN D 1572 -30.36 1.03 -36.50
N ALA D 1573 -30.74 2.04 -37.29
CA ALA D 1573 -32.13 2.38 -37.50
C ALA D 1573 -32.87 1.22 -38.15
N MET D 1574 -32.13 0.38 -38.88
CA MET D 1574 -32.70 -0.81 -39.47
C MET D 1574 -33.02 -1.81 -38.35
N GLU D 1575 -32.24 -1.75 -37.27
CA GLU D 1575 -32.58 -2.47 -36.05
C GLU D 1575 -33.67 -1.71 -35.31
N MET D 1576 -33.66 -0.39 -35.46
CA MET D 1576 -34.68 0.45 -34.84
C MET D 1576 -36.02 0.23 -35.53
N SER D 1577 -35.99 0.17 -36.85
CA SER D 1577 -37.17 -0.20 -37.63
C SER D 1577 -37.60 -1.61 -37.23
N GLN D 1578 -36.61 -2.45 -36.96
CA GLN D 1578 -36.85 -3.80 -36.47
C GLN D 1578 -37.59 -3.76 -35.14
N MET D 1579 -37.31 -2.74 -34.35
CA MET D 1579 -37.96 -2.57 -33.04
C MET D 1579 -39.41 -2.14 -33.18
N VAL D 1580 -39.65 -1.10 -33.98
CA VAL D 1580 -40.97 -0.49 -34.09
C VAL D 1580 -41.98 -1.41 -34.77
N VAL D 1581 -41.52 -2.23 -35.70
CA VAL D 1581 -42.41 -3.06 -36.50
C VAL D 1581 -43.05 -4.18 -35.67
N GLN D 1582 -42.34 -4.65 -34.66
CA GLN D 1582 -42.82 -5.77 -33.87
C GLN D 1582 -43.14 -5.37 -32.44
N ALA D 1583 -42.98 -4.09 -32.13
CA ALA D 1583 -43.21 -3.58 -30.78
C ALA D 1583 -42.28 -4.25 -29.78
N MET D 1584 -40.98 -4.06 -29.98
CA MET D 1584 -39.97 -4.71 -29.15
C MET D 1584 -39.01 -3.70 -28.53
N TRP D 1585 -38.24 -4.16 -27.55
CA TRP D 1585 -37.20 -3.34 -26.94
C TRP D 1585 -35.91 -3.48 -27.73
N ASP D 1586 -34.79 -3.05 -27.15
CA ASP D 1586 -33.50 -3.10 -27.83
C ASP D 1586 -33.12 -4.52 -28.21
N ARG D 1587 -32.97 -5.38 -27.20
CA ARG D 1587 -32.63 -6.77 -27.44
C ARG D 1587 -33.29 -7.69 -26.41
N ASP D 1588 -34.61 -7.63 -26.32
CA ASP D 1588 -35.35 -8.50 -25.43
C ASP D 1588 -35.69 -9.83 -26.11
N SER D 1589 -36.35 -10.71 -25.38
CA SER D 1589 -36.68 -12.04 -25.90
C SER D 1589 -37.60 -11.95 -27.10
N PRO D 1590 -37.18 -12.54 -28.23
CA PRO D 1590 -37.91 -12.54 -29.51
C PRO D 1590 -39.28 -13.20 -29.43
N LEU D 1591 -39.63 -13.79 -28.30
CA LEU D 1591 -40.91 -14.48 -28.15
C LEU D 1591 -42.06 -13.49 -28.05
N LYS D 1592 -41.73 -12.22 -27.86
CA LYS D 1592 -42.73 -11.18 -27.69
C LYS D 1592 -43.51 -10.95 -28.98
N GLN D 1593 -42.98 -11.46 -30.09
CA GLN D 1593 -43.61 -11.28 -31.40
C GLN D 1593 -44.74 -12.27 -31.64
N ILE D 1594 -44.59 -13.48 -31.09
CA ILE D 1594 -45.63 -14.50 -31.23
C ILE D 1594 -46.92 -14.06 -30.56
N PRO D 1595 -48.07 -14.40 -31.17
CA PRO D 1595 -49.39 -14.10 -30.61
C PRO D 1595 -49.49 -14.50 -29.15
N ASN D 1596 -50.15 -13.67 -28.34
CA ASN D 1596 -50.18 -13.88 -26.90
C ASN D 1596 -48.76 -13.80 -26.35
N PHE D 1597 -48.33 -14.87 -25.70
CA PHE D 1597 -46.96 -14.96 -25.17
C PHE D 1597 -46.60 -13.78 -24.28
N THR D 1598 -47.37 -13.59 -23.21
CA THR D 1598 -47.12 -12.52 -22.27
C THR D 1598 -45.73 -12.71 -21.63
N PRO D 1599 -45.17 -11.62 -21.08
CA PRO D 1599 -43.82 -11.62 -20.50
C PRO D 1599 -43.62 -12.71 -19.45
N GLU D 1600 -44.71 -13.22 -18.89
CA GLU D 1600 -44.64 -14.33 -17.96
C GLU D 1600 -44.48 -15.65 -18.73
N VAL D 1601 -45.07 -15.70 -19.91
CA VAL D 1601 -45.00 -16.89 -20.76
C VAL D 1601 -43.58 -17.09 -21.30
N VAL D 1602 -42.87 -15.99 -21.51
CA VAL D 1602 -41.49 -16.05 -21.97
C VAL D 1602 -40.60 -16.59 -20.85
N LYS D 1603 -41.04 -16.38 -19.62
CA LYS D 1603 -40.36 -16.95 -18.46
C LYS D 1603 -40.50 -18.46 -18.48
N VAL D 1604 -41.71 -18.93 -18.78
CA VAL D 1604 -41.98 -20.35 -18.92
C VAL D 1604 -41.18 -20.91 -20.09
N ALA D 1605 -40.87 -20.04 -21.05
CA ALA D 1605 -40.09 -20.43 -22.22
C ALA D 1605 -38.60 -20.45 -21.89
N ASN D 1606 -38.21 -19.66 -20.89
CA ASN D 1606 -36.80 -19.59 -20.48
C ASN D 1606 -36.39 -20.75 -19.59
N LYS D 1607 -37.27 -21.13 -18.67
CA LYS D 1607 -36.98 -22.25 -17.76
C LYS D 1607 -36.85 -23.54 -18.55
N TYR D 1608 -37.54 -23.61 -19.68
CA TYR D 1608 -37.38 -24.73 -20.61
C TYR D 1608 -36.46 -24.32 -21.76
N GLY D 1609 -36.20 -25.25 -22.67
CA GLY D 1609 -35.25 -25.00 -23.73
C GLY D 1609 -35.77 -24.16 -24.89
N ILE D 1610 -36.77 -23.33 -24.62
CA ILE D 1610 -37.37 -22.50 -25.66
C ILE D 1610 -36.84 -21.06 -25.58
N ASN D 1611 -35.61 -20.86 -26.04
CA ASN D 1611 -35.01 -19.52 -26.04
C ASN D 1611 -35.42 -18.72 -27.27
N ASP D 1612 -34.84 -19.03 -28.43
CA ASP D 1612 -35.31 -18.42 -29.67
C ASP D 1612 -36.40 -19.30 -30.27
N ILE D 1613 -37.00 -18.87 -31.37
CA ILE D 1613 -38.14 -19.59 -31.93
C ILE D 1613 -37.75 -20.92 -32.57
N PHE D 1614 -36.52 -20.99 -33.08
CA PHE D 1614 -36.05 -22.20 -33.74
C PHE D 1614 -36.10 -23.40 -32.80
N ASP D 1615 -35.66 -23.20 -31.57
CA ASP D 1615 -35.75 -24.25 -30.57
C ASP D 1615 -37.17 -24.31 -30.01
N PHE D 1616 -37.93 -23.24 -30.18
CA PHE D 1616 -39.35 -23.24 -29.81
C PHE D 1616 -40.12 -24.19 -30.71
N MET D 1617 -39.87 -24.08 -32.01
CA MET D 1617 -40.53 -24.94 -32.99
C MET D 1617 -40.02 -26.37 -32.84
N GLU D 1618 -38.76 -26.50 -32.45
CA GLU D 1618 -38.18 -27.81 -32.16
C GLU D 1618 -38.64 -28.28 -30.79
N GLN D 1619 -39.08 -27.35 -29.97
CA GLN D 1619 -39.66 -27.69 -28.67
C GLN D 1619 -41.18 -27.53 -28.69
N MET D 1620 -41.75 -27.57 -29.90
CA MET D 1620 -43.20 -27.52 -30.05
C MET D 1620 -43.72 -28.64 -30.94
N ASN D 1621 -42.93 -29.02 -31.95
CA ASN D 1621 -43.34 -30.07 -32.88
C ASN D 1621 -43.66 -31.38 -32.15
N PRO D 1622 -44.49 -32.22 -32.77
CA PRO D 1622 -45.03 -33.45 -32.18
C PRO D 1622 -43.99 -34.40 -31.60
N GLU D 1623 -43.14 -34.97 -32.45
CA GLU D 1623 -42.21 -36.01 -32.01
C GLU D 1623 -41.08 -35.50 -31.09
N GLU D 1624 -40.75 -34.22 -31.18
CA GLU D 1624 -39.62 -33.68 -30.43
C GLU D 1624 -40.00 -33.10 -29.08
N ASN D 1625 -39.24 -32.10 -28.64
CA ASN D 1625 -39.39 -31.45 -27.34
C ASN D 1625 -39.77 -32.43 -26.24
N PRO D 1626 -38.99 -33.50 -26.06
CA PRO D 1626 -39.42 -34.73 -25.40
C PRO D 1626 -40.94 -34.90 -25.39
N ASN D 1627 -41.55 -34.77 -26.57
CA ASN D 1627 -43.00 -34.81 -26.70
C ASN D 1627 -43.68 -33.88 -25.71
N TYR D 1628 -43.39 -32.58 -25.85
CA TYR D 1628 -43.86 -31.56 -24.92
C TYR D 1628 -43.10 -31.68 -23.60
N ALA D 1629 -41.95 -32.37 -23.65
CA ALA D 1629 -41.16 -32.64 -22.46
C ALA D 1629 -42.09 -33.17 -21.39
N SER D 1630 -42.81 -34.24 -21.73
CA SER D 1630 -44.02 -34.63 -21.03
C SER D 1630 -45.09 -33.61 -21.37
N LEU D 1631 -45.36 -32.68 -20.47
CA LEU D 1631 -46.21 -31.55 -20.84
C LEU D 1631 -45.52 -30.22 -20.60
N VAL D 1632 -45.27 -29.48 -21.67
CA VAL D 1632 -44.79 -28.10 -21.54
C VAL D 1632 -45.95 -27.15 -21.78
N LYS D 1633 -46.88 -27.58 -22.63
CA LYS D 1633 -48.05 -26.77 -22.99
C LYS D 1633 -48.93 -26.49 -21.78
N ASP D 1634 -48.81 -27.32 -20.74
CA ASP D 1634 -49.55 -27.09 -19.51
C ASP D 1634 -48.84 -26.05 -18.65
N LEU D 1635 -47.52 -26.03 -18.70
CA LEU D 1635 -46.74 -25.04 -17.98
C LEU D 1635 -46.96 -23.66 -18.57
N GLY D 1636 -47.12 -23.63 -19.89
CA GLY D 1636 -47.47 -22.40 -20.59
C GLY D 1636 -48.93 -22.09 -20.34
N LEU D 1637 -49.21 -20.84 -19.99
CA LEU D 1637 -50.56 -20.42 -19.63
C LEU D 1637 -51.58 -20.74 -20.73
N THR D 1638 -51.23 -20.40 -21.96
CA THR D 1638 -52.12 -20.62 -23.09
C THR D 1638 -52.31 -22.11 -23.36
N GLN D 1639 -53.57 -22.52 -23.55
CA GLN D 1639 -53.89 -23.90 -23.86
C GLN D 1639 -54.54 -23.99 -25.24
N ALA D 1640 -55.82 -23.68 -25.29
CA ALA D 1640 -56.54 -23.62 -26.56
C ALA D 1640 -56.05 -22.45 -27.39
N GLN D 1641 -56.21 -22.55 -28.70
CA GLN D 1641 -55.79 -21.49 -29.62
C GLN D 1641 -54.28 -21.29 -29.61
N LEU D 1642 -53.55 -22.24 -29.04
CA LEU D 1642 -52.10 -22.18 -29.04
C LEU D 1642 -51.58 -22.38 -30.45
N ALA D 1643 -52.45 -22.93 -31.31
CA ALA D 1643 -52.13 -23.14 -32.71
C ALA D 1643 -51.88 -21.82 -33.42
N GLN D 1644 -52.52 -20.76 -32.93
CA GLN D 1644 -52.32 -19.43 -33.49
C GLN D 1644 -50.89 -18.97 -33.21
N ALA D 1645 -50.32 -19.46 -32.11
CA ALA D 1645 -48.94 -19.16 -31.77
C ALA D 1645 -47.99 -20.04 -32.58
N ALA D 1646 -48.35 -21.32 -32.71
CA ALA D 1646 -47.56 -22.26 -33.48
C ALA D 1646 -47.65 -21.94 -34.97
N ASN D 1647 -48.77 -21.37 -35.38
CA ASN D 1647 -48.99 -20.98 -36.78
C ASN D 1647 -47.98 -19.93 -37.23
N PHE D 1648 -47.70 -18.97 -36.37
CA PHE D 1648 -46.77 -17.90 -36.67
C PHE D 1648 -45.34 -18.41 -36.83
N THR D 1649 -45.02 -19.47 -36.11
CA THR D 1649 -43.67 -20.00 -36.09
C THR D 1649 -43.30 -20.76 -37.36
N ASN D 1650 -44.22 -21.59 -37.84
CA ASN D 1650 -43.94 -22.43 -39.00
C ASN D 1650 -44.32 -21.78 -40.32
N ASN D 1651 -45.37 -20.98 -40.31
CA ASN D 1651 -45.91 -20.42 -41.53
C ASN D 1651 -45.51 -18.97 -41.77
N LYS D 1652 -45.80 -18.11 -40.79
CA LYS D 1652 -45.58 -16.68 -40.95
C LYS D 1652 -44.11 -16.29 -40.90
N TYR D 1653 -43.36 -16.86 -39.97
CA TYR D 1653 -41.94 -16.54 -39.84
C TYR D 1653 -41.14 -17.26 -40.92
N PRO D 1654 -40.58 -16.50 -41.87
CA PRO D 1654 -39.86 -17.01 -43.03
C PRO D 1654 -38.54 -17.71 -42.69
N ASP D 1655 -37.99 -18.44 -43.66
CA ASP D 1655 -36.70 -19.09 -43.50
C ASP D 1655 -35.73 -18.59 -44.56
N ILE D 1656 -34.45 -18.50 -44.22
CA ILE D 1656 -33.45 -17.96 -45.12
C ILE D 1656 -33.30 -18.82 -46.38
N THR D 1657 -32.80 -18.22 -47.45
CA THR D 1657 -32.64 -18.92 -48.72
C THR D 1657 -31.67 -18.20 -49.64
N LEU D 1658 -31.04 -17.14 -49.14
CA LEU D 1658 -30.06 -16.39 -49.90
C LEU D 1658 -28.65 -16.84 -49.52
N GLU D 1659 -27.87 -17.25 -50.52
CA GLU D 1659 -26.55 -17.82 -50.28
C GLU D 1659 -25.44 -16.78 -50.32
N PHE D 1660 -24.32 -17.11 -49.68
CA PHE D 1660 -23.17 -16.22 -49.61
C PHE D 1660 -22.58 -15.96 -50.99
N ASP D 1666 -13.77 -11.67 -55.21
CA ASP D 1666 -13.41 -13.08 -55.26
C ASP D 1666 -11.90 -13.26 -55.30
N ASN D 1667 -11.17 -12.20 -54.99
CA ASN D 1667 -9.71 -12.20 -55.09
C ASN D 1667 -9.02 -11.62 -53.86
N ILE D 1668 -7.73 -11.38 -53.99
CA ILE D 1668 -6.98 -10.62 -53.01
C ILE D 1668 -7.24 -9.13 -53.24
N ARG D 1669 -7.39 -8.77 -54.51
CA ARG D 1669 -7.70 -7.40 -54.91
C ARG D 1669 -7.96 -7.31 -56.41
N ALA D 1670 -8.91 -6.48 -56.80
CA ALA D 1670 -9.24 -6.30 -58.21
C ALA D 1670 -10.16 -5.10 -58.41
N HIS D 1679 -26.67 -14.96 -55.73
CA HIS D 1679 -28.00 -14.39 -55.78
C HIS D 1679 -29.04 -15.34 -55.19
N ILE D 1680 -29.37 -16.38 -55.95
CA ILE D 1680 -30.39 -17.37 -55.57
C ILE D 1680 -31.71 -16.72 -55.16
N GLU D 1681 -32.62 -17.51 -54.61
CA GLU D 1681 -33.96 -17.01 -54.28
C GLU D 1681 -34.46 -17.49 -52.93
N ARG D 1682 -35.28 -16.67 -52.29
CA ARG D 1682 -35.96 -17.05 -51.05
C ARG D 1682 -36.90 -18.22 -51.29
N GLU D 1683 -36.81 -19.24 -50.44
CA GLU D 1683 -37.65 -20.42 -50.61
C GLU D 1683 -37.63 -21.33 -49.39
N LEU D 1684 -38.79 -21.92 -49.10
CA LEU D 1684 -38.91 -22.93 -48.06
C LEU D 1684 -40.17 -23.75 -48.31
N GLU D 1685 -40.16 -25.00 -47.85
CA GLU D 1685 -41.28 -25.91 -48.08
C GLU D 1685 -41.47 -26.14 -49.58
N GLU D 1686 -42.55 -25.59 -50.14
CA GLU D 1686 -42.88 -25.75 -51.54
C GLU D 1686 -44.23 -25.14 -51.86
N ASP D 1687 -44.54 -25.03 -53.16
CA ASP D 1687 -45.83 -24.58 -53.67
C ASP D 1687 -46.44 -23.40 -52.91
N GLU D 1688 -45.59 -22.48 -52.46
CA GLU D 1688 -46.06 -21.33 -51.70
C GLU D 1688 -46.32 -20.12 -52.58
N GLU D 1689 -47.30 -19.31 -52.16
CA GLU D 1689 -47.73 -18.15 -52.94
C GLU D 1689 -46.85 -16.93 -52.63
N PRO D 1692 -48.55 -12.87 -48.50
CA PRO D 1692 -47.74 -13.20 -47.33
C PRO D 1692 -46.67 -12.16 -47.05
N THR D 1693 -47.10 -10.91 -46.86
CA THR D 1693 -46.17 -9.82 -46.59
C THR D 1693 -45.45 -9.99 -45.26
N VAL D 1694 -46.16 -9.75 -44.16
CA VAL D 1694 -45.58 -9.85 -42.83
C VAL D 1694 -46.64 -9.89 -41.74
N HIS D 1695 -46.40 -10.71 -40.72
CA HIS D 1695 -47.27 -10.78 -39.56
C HIS D 1695 -47.18 -9.50 -38.75
N ALA D 1696 -48.27 -8.74 -38.71
CA ALA D 1696 -48.26 -7.44 -38.03
C ALA D 1696 -49.59 -7.12 -37.35
N PRO D 1697 -49.82 -7.69 -36.17
CA PRO D 1697 -50.96 -7.32 -35.32
C PRO D 1697 -50.64 -6.07 -34.51
N PHE D 1698 -49.35 -5.83 -34.33
CA PHE D 1698 -48.85 -4.67 -33.60
C PHE D 1698 -48.82 -3.42 -34.47
N TYR D 1699 -48.48 -3.59 -35.74
CA TYR D 1699 -48.41 -2.48 -36.67
C TYR D 1699 -49.67 -2.38 -37.51
N PRO D 1700 -50.12 -1.14 -37.80
CA PRO D 1700 -51.32 -0.86 -38.61
C PRO D 1700 -51.27 -1.52 -39.99
N GLY D 1701 -50.63 -0.85 -40.95
CA GLY D 1701 -50.55 -1.35 -42.30
C GLY D 1701 -49.53 -2.46 -42.46
N ASN D 1706 -39.10 -6.31 -48.08
CA ASN D 1706 -37.96 -5.84 -48.85
C ASN D 1706 -36.78 -6.80 -48.74
N TRP D 1707 -35.92 -6.81 -49.76
CA TRP D 1707 -34.86 -7.82 -49.84
C TRP D 1707 -33.50 -7.28 -50.27
N TRP D 1708 -33.34 -5.97 -50.29
CA TRP D 1708 -32.17 -5.38 -50.95
C TRP D 1708 -30.96 -5.13 -50.04
N LEU D 1709 -31.17 -4.39 -48.95
CA LEU D 1709 -30.06 -3.82 -48.20
C LEU D 1709 -29.22 -4.82 -47.40
N VAL D 1710 -27.92 -4.81 -47.67
CA VAL D 1710 -26.95 -5.65 -46.97
C VAL D 1710 -25.68 -4.84 -46.68
N VAL D 1711 -24.90 -5.27 -45.70
CA VAL D 1711 -23.67 -4.56 -45.34
C VAL D 1711 -22.49 -5.53 -45.23
N GLY D 1712 -21.31 -5.02 -44.93
CA GLY D 1712 -20.13 -5.87 -44.82
C GLY D 1712 -18.89 -5.26 -44.19
N GLU D 1713 -18.22 -6.06 -43.37
CA GLU D 1713 -16.90 -5.73 -42.82
C GLU D 1713 -16.92 -4.63 -41.76
N GLU D 1714 -15.83 -4.55 -41.00
CA GLU D 1714 -15.65 -3.55 -39.95
C GLU D 1714 -14.19 -3.42 -39.55
N SER D 1715 -13.80 -2.23 -39.13
CA SER D 1715 -12.44 -2.00 -38.65
C SER D 1715 -12.38 -0.74 -37.79
N THR D 1716 -11.74 -0.86 -36.63
CA THR D 1716 -11.66 0.21 -35.63
C THR D 1716 -12.96 1.02 -35.50
N LYS D 1717 -13.01 2.18 -36.14
CA LYS D 1717 -14.17 3.05 -36.05
C LYS D 1717 -15.28 2.63 -37.01
N THR D 1718 -15.01 1.58 -37.80
CA THR D 1718 -16.02 0.97 -38.66
C THR D 1718 -16.39 1.81 -39.87
N LEU D 1719 -16.71 1.14 -40.97
CA LEU D 1719 -17.25 1.80 -42.17
C LEU D 1719 -18.39 0.96 -42.72
N LEU D 1720 -18.76 1.20 -43.98
CA LEU D 1720 -19.90 0.51 -44.57
C LEU D 1720 -19.66 0.09 -46.02
N ALA D 1721 -20.57 -0.75 -46.52
CA ALA D 1721 -20.54 -1.23 -47.89
C ALA D 1721 -21.88 -1.86 -48.24
N ILE D 1722 -22.84 -1.01 -48.60
CA ILE D 1722 -24.21 -1.46 -48.80
C ILE D 1722 -24.47 -1.84 -50.26
N VAL D 1733 -28.30 -10.12 -56.92
CA VAL D 1733 -27.33 -10.71 -57.85
C VAL D 1733 -25.94 -10.13 -57.59
N LYS D 1734 -25.48 -10.24 -56.36
CA LYS D 1734 -24.13 -9.79 -55.97
C LYS D 1734 -23.96 -8.27 -56.10
N LEU D 1735 -22.78 -7.80 -55.70
CA LEU D 1735 -22.44 -6.38 -55.80
C LEU D 1735 -21.19 -6.21 -56.65
N GLU D 1736 -21.16 -5.17 -57.48
CA GLU D 1736 -20.02 -4.91 -58.35
C GLU D 1736 -18.84 -4.34 -57.58
N PHE D 1737 -19.10 -3.98 -56.32
CA PHE D 1737 -18.14 -3.39 -55.37
C PHE D 1737 -16.67 -3.30 -55.81
N VAL D 1738 -16.41 -2.62 -56.92
CA VAL D 1738 -15.04 -2.34 -57.35
C VAL D 1738 -14.34 -1.48 -56.30
N VAL D 1739 -13.15 -1.88 -55.89
CA VAL D 1739 -12.47 -1.21 -54.77
C VAL D 1739 -10.96 -1.11 -54.91
N PRO D 1740 -10.43 0.09 -54.65
CA PRO D 1740 -8.99 0.34 -54.47
C PRO D 1740 -8.63 0.39 -52.99
N SER D 1741 -7.71 -0.45 -52.55
CA SER D 1741 -7.36 -0.52 -51.13
C SER D 1741 -5.90 -0.88 -50.89
N PRO D 1742 -5.38 -0.51 -49.70
CA PRO D 1742 -4.01 -0.78 -49.26
C PRO D 1742 -3.78 -2.24 -48.86
N GLY D 1743 -4.49 -2.68 -47.83
CA GLY D 1743 -4.31 -4.02 -47.31
C GLY D 1743 -5.39 -5.00 -47.73
N LYS D 1744 -5.26 -6.25 -47.28
CA LYS D 1744 -6.21 -7.31 -47.64
C LYS D 1744 -7.02 -7.76 -46.43
N HIS D 1745 -8.21 -8.27 -46.69
CA HIS D 1745 -9.10 -8.72 -45.62
C HIS D 1745 -10.37 -9.35 -46.19
N ASP D 1746 -11.04 -10.17 -45.38
CA ASP D 1746 -12.29 -10.79 -45.78
C ASP D 1746 -13.22 -10.95 -44.59
N LEU D 1747 -14.48 -10.52 -44.73
CA LEU D 1747 -15.43 -10.64 -43.64
C LEU D 1747 -16.87 -10.88 -44.07
N LYS D 1748 -17.80 -10.38 -43.27
CA LYS D 1748 -19.19 -10.80 -43.31
C LYS D 1748 -20.09 -10.04 -44.29
N LEU D 1749 -21.15 -10.73 -44.72
CA LEU D 1749 -22.23 -10.12 -45.49
C LEU D 1749 -23.54 -10.38 -44.75
N PHE D 1750 -24.48 -9.44 -44.83
CA PHE D 1750 -25.69 -9.52 -44.03
C PHE D 1750 -26.91 -9.99 -44.82
N LEU D 1751 -28.09 -9.94 -44.18
CA LEU D 1751 -29.30 -10.51 -44.75
C LEU D 1751 -30.40 -9.45 -44.89
N MET D 1752 -31.59 -9.89 -45.30
CA MET D 1752 -32.71 -8.99 -45.50
C MET D 1752 -33.33 -8.53 -44.18
N SER D 1753 -34.59 -8.89 -43.96
CA SER D 1753 -35.29 -8.57 -42.73
C SER D 1753 -35.40 -7.07 -42.51
N ASP D 1754 -36.29 -6.43 -43.25
CA ASP D 1754 -36.53 -5.00 -43.08
C ASP D 1754 -37.29 -4.73 -41.79
N SER D 1755 -37.86 -5.79 -41.22
CA SER D 1755 -38.67 -5.66 -40.02
C SER D 1755 -39.01 -7.01 -39.40
N TYR D 1756 -38.10 -7.53 -38.57
CA TYR D 1756 -38.35 -8.77 -37.84
C TYR D 1756 -37.42 -8.89 -36.63
N VAL D 1757 -38.01 -9.19 -35.47
CA VAL D 1757 -37.27 -9.24 -34.22
C VAL D 1757 -36.12 -10.25 -34.22
N GLY D 1758 -34.96 -9.80 -33.75
CA GLY D 1758 -33.79 -10.65 -33.65
C GLY D 1758 -33.49 -11.43 -34.91
N VAL D 1759 -32.86 -12.59 -34.76
CA VAL D 1759 -32.57 -13.48 -35.87
C VAL D 1759 -31.84 -12.74 -36.99
N ASP D 1760 -30.77 -12.04 -36.62
CA ASP D 1760 -29.97 -11.30 -37.58
C ASP D 1760 -28.57 -11.90 -37.68
N GLN D 1761 -28.32 -12.61 -38.77
CA GLN D 1761 -27.03 -13.26 -38.97
C GLN D 1761 -25.94 -12.25 -39.32
N ASP D 1762 -24.76 -12.45 -38.75
CA ASP D 1762 -23.58 -11.69 -39.15
C ASP D 1762 -22.38 -12.60 -39.43
N PRO D 1763 -22.63 -13.77 -40.04
CA PRO D 1763 -21.52 -14.71 -40.25
C PRO D 1763 -20.57 -14.26 -41.36
N SER D 1764 -19.28 -14.26 -41.08
CA SER D 1764 -18.27 -13.90 -42.08
C SER D 1764 -17.98 -15.07 -43.00
N LYS E 10 41.43 -66.61 -41.44
CA LYS E 10 40.94 -66.01 -42.67
C LYS E 10 40.37 -64.62 -42.41
N THR E 11 40.40 -63.78 -43.45
CA THR E 11 39.87 -62.43 -43.35
C THR E 11 38.35 -62.42 -43.38
N GLU E 12 37.75 -62.97 -42.33
CA GLU E 12 36.29 -63.04 -42.23
C GLU E 12 35.69 -61.68 -41.90
N TRP E 13 36.45 -60.85 -41.20
CA TRP E 13 35.96 -59.57 -40.72
C TRP E 13 35.77 -58.54 -41.82
N ARG E 14 36.54 -58.67 -42.89
CA ARG E 14 36.48 -57.71 -44.00
C ARG E 14 35.08 -57.63 -44.61
N THR E 15 34.43 -58.76 -44.79
CA THR E 15 33.10 -58.79 -45.37
C THR E 15 32.08 -58.21 -44.40
N ARG E 16 32.39 -58.27 -43.12
CA ARG E 16 31.50 -57.75 -42.08
C ARG E 16 31.72 -56.25 -41.87
N ALA E 17 32.98 -55.83 -41.93
CA ALA E 17 33.32 -54.42 -41.81
C ALA E 17 32.67 -53.62 -42.92
N ILE E 18 32.46 -54.27 -44.06
CA ILE E 18 31.74 -53.65 -45.17
C ILE E 18 30.24 -53.81 -44.95
N ALA E 19 29.88 -54.81 -44.17
CA ALA E 19 28.48 -55.11 -43.87
C ALA E 19 27.92 -54.15 -42.84
N THR E 20 28.80 -53.38 -42.21
CA THR E 20 28.39 -52.41 -41.20
C THR E 20 27.58 -51.28 -41.82
N SER E 21 27.64 -51.18 -43.15
CA SER E 21 26.91 -50.15 -43.87
C SER E 21 25.40 -50.35 -43.73
N ASN E 22 24.99 -51.60 -43.50
CA ASN E 22 23.57 -51.93 -43.41
C ASN E 22 22.95 -51.47 -42.08
N LEU E 23 23.79 -51.21 -41.09
CA LEU E 23 23.32 -50.86 -39.76
C LEU E 23 22.66 -49.49 -39.71
N ARG E 24 23.07 -48.58 -40.59
CA ARG E 24 22.51 -47.23 -40.60
C ARG E 24 21.03 -47.27 -40.98
N THR E 25 20.68 -48.18 -41.88
CA THR E 25 19.28 -48.37 -42.25
C THR E 25 18.53 -49.11 -41.16
N ARG E 26 19.24 -49.96 -40.43
CA ARG E 26 18.66 -50.67 -39.29
C ARG E 26 18.30 -49.69 -38.18
N ALA E 27 19.14 -48.67 -38.01
CA ALA E 27 18.94 -47.68 -36.95
C ALA E 27 17.65 -46.89 -37.17
N ASN E 28 17.27 -46.74 -38.44
CA ASN E 28 16.06 -46.01 -38.78
C ASN E 28 14.80 -46.79 -38.40
N ASN E 29 14.87 -48.11 -38.50
CA ASN E 29 13.75 -48.96 -38.12
C ASN E 29 13.97 -49.64 -36.78
N MET E 30 13.57 -48.97 -35.71
CA MET E 30 13.72 -49.50 -34.36
C MET E 30 12.38 -49.92 -33.78
N TYR E 31 12.40 -50.99 -32.99
CA TYR E 31 11.19 -51.48 -32.33
C TYR E 31 11.46 -51.80 -30.87
N VAL E 32 10.41 -51.76 -30.06
CA VAL E 32 10.52 -52.14 -28.66
C VAL E 32 9.38 -53.09 -28.30
N ALA E 33 9.70 -54.15 -27.57
CA ALA E 33 8.73 -55.18 -27.24
C ALA E 33 7.56 -54.63 -26.45
N PRO E 34 6.32 -54.93 -26.90
CA PRO E 34 5.10 -54.55 -26.20
C PRO E 34 5.10 -55.04 -24.76
N VAL E 35 4.56 -54.25 -23.84
CA VAL E 35 4.63 -54.58 -22.42
C VAL E 35 3.29 -54.36 -21.71
N ASP E 36 3.26 -54.70 -20.43
CA ASP E 36 2.02 -54.75 -19.66
C ASP E 36 1.35 -53.40 -19.40
N ASN E 37 2.17 -52.35 -19.32
CA ASN E 37 1.70 -51.06 -18.83
C ASN E 37 1.22 -51.23 -17.39
N ASP E 38 2.18 -51.39 -16.48
CA ASP E 38 1.90 -51.82 -15.11
C ASP E 38 1.07 -50.80 -14.31
N VAL E 39 0.76 -51.17 -13.07
CA VAL E 39 -0.04 -50.33 -12.18
C VAL E 39 0.85 -49.49 -11.27
N ASP E 40 2.06 -49.97 -11.02
CA ASP E 40 3.04 -49.18 -10.27
C ASP E 40 3.70 -48.18 -11.22
N ASP E 41 3.83 -48.59 -12.48
CA ASP E 41 4.22 -47.70 -13.57
C ASP E 41 5.71 -47.37 -13.66
N ILE E 42 6.57 -48.28 -13.21
CA ILE E 42 8.01 -48.09 -13.38
C ILE E 42 8.36 -48.18 -14.87
N THR E 43 8.60 -47.03 -15.49
CA THR E 43 8.85 -46.97 -16.91
C THR E 43 10.23 -46.41 -17.24
N TYR E 44 10.83 -46.92 -18.32
CA TYR E 44 12.15 -46.48 -18.74
C TYR E 44 12.10 -45.82 -20.11
N VAL E 45 12.78 -44.69 -20.25
CA VAL E 45 12.80 -43.96 -21.51
C VAL E 45 14.23 -43.79 -22.02
N MET E 46 14.44 -44.10 -23.29
CA MET E 46 15.76 -43.94 -23.90
C MET E 46 15.70 -43.04 -25.13
N PRO E 47 16.67 -42.11 -25.23
CA PRO E 47 16.80 -41.19 -26.36
C PRO E 47 17.10 -41.92 -27.67
N LYS E 48 16.42 -41.55 -28.74
CA LYS E 48 16.62 -42.18 -30.03
C LYS E 48 18.03 -41.98 -30.56
N ASN E 49 18.64 -40.84 -30.22
CA ASN E 49 19.95 -40.50 -30.75
C ASN E 49 21.06 -41.42 -30.26
N ILE E 50 21.13 -41.62 -28.95
CA ILE E 50 22.18 -42.45 -28.37
C ILE E 50 21.98 -43.92 -28.72
N LEU E 51 20.73 -44.33 -28.88
CA LEU E 51 20.45 -45.70 -29.26
C LEU E 51 20.89 -45.97 -30.69
N LYS E 52 20.55 -45.04 -31.59
CA LYS E 52 20.94 -45.15 -32.99
C LYS E 52 22.46 -45.17 -33.12
N LYS E 53 23.11 -44.25 -32.43
CA LYS E 53 24.58 -44.19 -32.44
C LYS E 53 25.16 -45.47 -31.84
N PHE E 54 24.43 -46.05 -30.90
CA PHE E 54 24.84 -47.30 -30.27
C PHE E 54 24.78 -48.44 -31.27
N ILE E 55 23.76 -48.42 -32.12
CA ILE E 55 23.57 -49.46 -33.12
C ILE E 55 24.63 -49.41 -34.20
N THR E 56 24.86 -48.22 -34.74
CA THR E 56 25.80 -48.03 -35.84
C THR E 56 27.22 -48.44 -35.47
N ILE E 57 27.48 -48.53 -34.18
CA ILE E 57 28.81 -48.85 -33.68
C ILE E 57 29.02 -50.35 -33.53
N ALA E 58 27.95 -51.08 -33.24
CA ALA E 58 28.02 -52.50 -32.95
C ALA E 58 28.41 -53.35 -34.16
N ASP E 59 28.91 -54.56 -33.89
CA ASP E 59 29.23 -55.52 -34.94
C ASP E 59 27.97 -56.28 -35.35
N LEU E 60 28.01 -56.87 -36.54
CA LEU E 60 26.88 -57.65 -37.04
C LEU E 60 26.85 -59.04 -36.42
N ARG E 61 28.02 -59.55 -36.06
CA ARG E 61 28.14 -60.89 -35.53
C ARG E 61 28.38 -60.93 -34.02
N VAL E 62 29.17 -59.98 -33.53
CA VAL E 62 29.59 -59.99 -32.14
C VAL E 62 28.79 -59.03 -31.28
N GLN E 63 28.66 -59.35 -29.99
CA GLN E 63 27.91 -58.52 -29.06
C GLN E 63 28.75 -57.34 -28.56
N VAL E 64 28.12 -56.17 -28.44
CA VAL E 64 28.77 -55.02 -27.84
C VAL E 64 27.92 -54.50 -26.69
N ALA E 65 28.56 -54.12 -25.60
CA ALA E 65 27.82 -53.74 -24.39
C ALA E 65 28.23 -52.37 -23.88
N GLY E 66 27.29 -51.69 -23.22
CA GLY E 66 27.55 -50.40 -22.62
C GLY E 66 26.66 -50.19 -21.41
N PHE E 67 27.24 -49.68 -20.32
CA PHE E 67 26.50 -49.49 -19.08
C PHE E 67 25.47 -48.36 -19.21
N LEU E 68 24.39 -48.47 -18.45
CA LEU E 68 23.32 -47.49 -18.47
C LEU E 68 23.37 -46.58 -17.25
N TYR E 69 23.28 -45.27 -17.49
CA TYR E 69 23.26 -44.29 -16.41
C TYR E 69 22.19 -43.24 -16.63
N GLY E 70 21.35 -43.03 -15.63
CA GLY E 70 20.28 -42.05 -15.73
C GLY E 70 19.68 -41.70 -14.39
N CYS E 71 18.57 -40.97 -14.41
CA CYS E 71 17.88 -40.57 -13.18
C CYS E 71 16.42 -40.21 -13.48
N SER E 72 15.63 -40.09 -12.44
CA SER E 72 14.22 -39.76 -12.58
C SER E 72 14.03 -38.27 -12.85
N PRO E 73 13.08 -37.94 -13.74
CA PRO E 73 12.69 -36.54 -13.97
C PRO E 73 12.13 -35.93 -12.70
N ALA E 74 12.22 -34.60 -12.57
CA ALA E 74 11.74 -33.92 -11.37
C ALA E 74 10.24 -34.09 -11.18
N ASP E 75 9.54 -34.36 -12.28
CA ASP E 75 8.09 -34.50 -12.24
C ASP E 75 7.65 -35.85 -11.67
N ASN E 76 8.01 -36.93 -12.37
CA ASN E 76 7.58 -38.26 -11.97
C ASN E 76 8.75 -39.15 -11.56
N ASP E 77 8.61 -39.83 -10.43
CA ASP E 77 9.65 -40.73 -9.95
C ASP E 77 9.43 -42.14 -10.47
N GLN E 78 8.24 -42.38 -11.01
CA GLN E 78 7.91 -43.66 -11.62
C GLN E 78 8.49 -43.75 -13.04
N VAL E 79 9.19 -42.70 -13.45
CA VAL E 79 9.80 -42.67 -14.77
C VAL E 79 11.31 -42.60 -14.68
N LYS E 80 11.99 -43.52 -15.37
CA LYS E 80 13.44 -43.52 -15.41
C LYS E 80 13.94 -43.31 -16.83
N GLU E 81 14.41 -42.10 -17.12
CA GLU E 81 14.91 -41.78 -18.45
C GLU E 81 16.42 -41.90 -18.50
N ILE E 82 16.92 -42.70 -19.44
CA ILE E 82 18.35 -42.92 -19.59
C ILE E 82 19.02 -41.73 -20.23
N ARG E 83 19.98 -41.13 -19.53
CA ARG E 83 20.66 -39.94 -20.03
C ARG E 83 21.99 -40.26 -20.71
N CYS E 84 22.51 -41.47 -20.50
CA CYS E 84 23.84 -41.79 -20.99
C CYS E 84 24.10 -43.29 -21.14
N ILE E 85 24.93 -43.62 -22.14
CA ILE E 85 25.43 -44.98 -22.31
C ILE E 85 26.95 -44.96 -22.22
N VAL E 86 27.51 -45.78 -21.35
CA VAL E 86 28.95 -45.76 -21.11
C VAL E 86 29.66 -46.91 -21.82
N MET E 87 30.42 -46.58 -22.85
CA MET E 87 31.24 -47.57 -23.54
C MET E 87 32.50 -47.86 -22.74
N VAL E 88 32.66 -49.12 -22.34
CA VAL E 88 33.81 -49.52 -21.52
C VAL E 88 34.70 -50.52 -22.25
N PRO E 89 35.96 -50.63 -21.81
CA PRO E 89 36.93 -51.59 -22.36
C PRO E 89 36.37 -53.00 -22.41
N GLN E 90 36.07 -53.48 -23.61
CA GLN E 90 35.41 -54.77 -23.76
C GLN E 90 35.93 -55.57 -24.96
N ILE E 91 35.88 -56.89 -24.81
CA ILE E 91 36.17 -57.79 -25.93
C ILE E 91 34.94 -58.67 -26.16
N GLY E 92 34.05 -58.22 -27.04
CA GLY E 92 32.79 -58.90 -27.27
C GLY E 92 32.91 -60.31 -27.80
N GLY E 93 31.83 -61.07 -27.67
CA GLY E 93 31.79 -62.43 -28.17
C GLY E 93 30.50 -62.69 -28.94
N ASN E 94 30.37 -63.89 -29.48
CA ASN E 94 29.19 -64.25 -30.26
C ASN E 94 27.98 -64.50 -29.36
N ARG E 95 28.22 -65.15 -28.22
CA ARG E 95 27.16 -65.51 -27.31
C ARG E 95 27.22 -64.77 -25.99
N SER E 96 28.18 -63.86 -25.86
CA SER E 96 28.34 -63.09 -24.64
C SER E 96 29.27 -61.89 -24.84
N VAL E 97 29.64 -61.25 -23.73
CA VAL E 97 30.53 -60.09 -23.76
C VAL E 97 31.45 -60.05 -22.55
N GLN E 98 32.75 -60.05 -22.80
CA GLN E 98 33.72 -59.96 -21.72
C GLN E 98 33.80 -58.53 -21.17
N LEU E 99 33.25 -58.33 -19.98
CA LEU E 99 33.24 -57.01 -19.35
C LEU E 99 34.31 -56.90 -18.26
N PRO E 100 34.88 -55.70 -18.11
CA PRO E 100 35.84 -55.42 -17.04
C PRO E 100 35.13 -55.17 -15.73
N GLN E 101 35.48 -55.92 -14.69
CA GLN E 101 34.79 -55.80 -13.41
C GLN E 101 35.20 -54.52 -12.67
N HIS E 102 35.13 -53.40 -13.38
CA HIS E 102 35.34 -52.08 -12.80
C HIS E 102 34.25 -51.13 -13.31
N LEU E 103 33.95 -50.11 -12.52
CA LEU E 103 32.91 -49.15 -12.90
C LEU E 103 33.48 -47.84 -13.40
N PRO E 104 32.82 -47.23 -14.38
CA PRO E 104 33.20 -45.93 -14.95
C PRO E 104 32.81 -44.76 -14.04
N GLN E 105 33.77 -43.91 -13.74
CA GLN E 105 33.53 -42.75 -12.88
C GLN E 105 33.85 -41.45 -13.61
N HIS E 106 32.89 -40.55 -13.67
CA HIS E 106 33.10 -39.27 -14.35
C HIS E 106 32.18 -38.17 -13.80
N GLU E 107 32.61 -36.92 -13.96
CA GLU E 107 31.87 -35.78 -13.47
C GLU E 107 30.49 -35.66 -14.10
N MET E 108 30.32 -36.25 -15.28
CA MET E 108 29.07 -36.12 -16.02
C MET E 108 28.01 -37.06 -15.48
N LEU E 109 28.42 -38.03 -14.67
CA LEU E 109 27.49 -39.00 -14.09
C LEU E 109 26.95 -38.54 -12.74
N LYS E 110 27.19 -37.28 -12.41
CA LYS E 110 26.74 -36.71 -11.15
C LYS E 110 25.23 -36.52 -11.14
N GLY E 111 24.55 -37.22 -10.23
CA GLY E 111 23.11 -37.13 -10.11
C GLY E 111 22.40 -38.25 -10.84
N LEU E 112 23.18 -39.08 -11.54
CA LEU E 112 22.62 -40.19 -12.29
C LEU E 112 22.80 -41.51 -11.53
N GLU E 113 22.03 -42.52 -11.92
CA GLU E 113 22.09 -43.81 -11.26
C GLU E 113 22.44 -44.92 -12.23
N PRO E 114 23.13 -45.97 -11.73
CA PRO E 114 23.39 -47.18 -12.53
C PRO E 114 22.08 -47.89 -12.87
N LEU E 115 21.82 -48.08 -14.16
CA LEU E 115 20.57 -48.69 -14.60
C LEU E 115 20.77 -50.03 -15.30
N GLY E 116 22.02 -50.44 -15.43
CA GLY E 116 22.32 -51.72 -16.06
C GLY E 116 23.19 -51.59 -17.30
N LEU E 117 22.89 -52.39 -18.31
CA LEU E 117 23.66 -52.37 -19.55
C LEU E 117 22.82 -52.69 -20.77
N ILE E 118 23.31 -52.29 -21.94
CA ILE E 118 22.66 -52.61 -23.21
C ILE E 118 23.61 -53.39 -24.10
N HIS E 119 23.23 -54.63 -24.44
CA HIS E 119 24.05 -55.47 -25.29
C HIS E 119 23.25 -55.94 -26.50
N THR E 120 23.95 -56.21 -27.59
CA THR E 120 23.32 -56.66 -28.82
C THR E 120 23.27 -58.18 -28.92
N MET E 121 22.48 -58.69 -29.84
CA MET E 121 22.37 -60.12 -30.07
C MET E 121 21.68 -60.42 -31.40
N ASN E 124 17.66 -65.65 -32.68
CA ASN E 124 17.38 -64.24 -32.96
C ASN E 124 16.40 -63.64 -31.98
N GLU E 125 15.46 -64.46 -31.50
CA GLU E 125 14.40 -63.98 -30.63
C GLU E 125 14.70 -64.21 -29.14
N LEU E 126 13.81 -63.72 -28.30
CA LEU E 126 13.98 -63.81 -26.85
C LEU E 126 12.64 -63.86 -26.12
N PRO E 127 11.92 -64.99 -26.26
CA PRO E 127 10.61 -65.19 -25.62
C PRO E 127 10.66 -64.92 -24.12
N TYR E 128 11.76 -65.32 -23.49
CA TYR E 128 11.98 -65.06 -22.08
C TYR E 128 13.41 -64.59 -21.86
N MET E 129 13.72 -64.13 -20.65
CA MET E 129 15.06 -63.63 -20.36
C MET E 129 16.08 -64.75 -20.46
N SER E 130 17.08 -64.55 -21.32
CA SER E 130 18.10 -65.55 -21.57
C SER E 130 18.88 -65.92 -20.31
N PRO E 131 19.20 -67.21 -20.16
CA PRO E 131 19.99 -67.71 -19.04
C PRO E 131 21.33 -67.00 -18.93
N ALA E 132 21.94 -66.71 -20.07
CA ALA E 132 23.22 -66.03 -20.11
C ALA E 132 23.08 -64.59 -19.62
N ASP E 133 22.00 -63.94 -20.04
CA ASP E 133 21.73 -62.56 -19.62
C ASP E 133 21.48 -62.51 -18.12
N VAL E 134 20.79 -63.52 -17.60
CA VAL E 134 20.48 -63.58 -16.18
C VAL E 134 21.75 -63.82 -15.36
N THR E 135 22.62 -64.69 -15.86
CA THR E 135 23.87 -65.00 -15.18
C THR E 135 24.80 -63.79 -15.16
N THR E 136 24.93 -63.14 -16.32
CA THR E 136 25.78 -61.96 -16.44
C THR E 136 25.26 -60.81 -15.59
N HIS E 137 23.95 -60.64 -15.56
CA HIS E 137 23.33 -59.59 -14.78
C HIS E 137 23.52 -59.84 -13.29
N ALA E 138 23.25 -61.08 -12.87
CA ALA E 138 23.37 -61.46 -11.47
C ALA E 138 24.80 -61.27 -10.97
N LYS E 139 25.76 -61.69 -11.79
CA LYS E 139 27.17 -61.56 -11.44
C LYS E 139 27.58 -60.09 -11.34
N LEU E 140 26.95 -59.24 -12.13
CA LEU E 140 27.23 -57.81 -12.12
C LEU E 140 26.73 -57.15 -10.84
N VAL E 141 25.50 -57.47 -10.47
CA VAL E 141 24.90 -56.91 -9.26
C VAL E 141 25.67 -57.36 -8.01
N ASP E 142 26.06 -58.63 -8.00
CA ASP E 142 26.84 -59.18 -6.90
C ASP E 142 28.22 -58.54 -6.83
N ALA E 143 28.77 -58.21 -7.99
CA ALA E 143 30.12 -57.66 -8.08
C ALA E 143 30.20 -56.22 -7.60
N HIS E 144 29.13 -55.46 -7.83
CA HIS E 144 29.12 -54.04 -7.51
C HIS E 144 28.05 -53.66 -6.50
N PRO E 145 28.49 -53.19 -5.31
CA PRO E 145 27.56 -52.64 -4.33
C PRO E 145 26.99 -51.31 -4.78
N SER E 146 27.73 -50.64 -5.66
CA SER E 146 27.34 -49.32 -6.16
C SER E 146 26.07 -49.40 -7.00
N TRP E 147 25.90 -50.52 -7.71
CA TRP E 147 24.70 -50.73 -8.51
C TRP E 147 23.46 -50.58 -7.66
N LYS E 148 22.50 -49.80 -8.14
CA LYS E 148 21.32 -49.45 -7.36
C LYS E 148 20.44 -50.64 -7.02
N ASN E 149 20.76 -51.80 -7.58
CA ASN E 149 20.03 -53.03 -7.27
C ASN E 149 18.55 -52.97 -7.64
N GLN E 150 17.84 -52.01 -7.05
CA GLN E 150 16.40 -51.89 -7.22
C GLN E 150 16.00 -51.43 -8.63
N ASN E 151 16.93 -50.83 -9.35
CA ASN E 151 16.62 -50.25 -10.66
C ASN E 151 17.43 -50.84 -11.80
N THR E 152 18.38 -51.72 -11.49
CA THR E 152 19.26 -52.31 -12.48
C THR E 152 18.49 -53.02 -13.58
N LEU E 153 18.89 -52.81 -14.83
CA LEU E 153 18.21 -53.40 -15.98
C LEU E 153 19.17 -54.12 -16.91
N THR E 154 18.60 -54.90 -17.83
CA THR E 154 19.37 -55.56 -18.87
C THR E 154 18.65 -55.41 -20.20
N VAL E 155 19.04 -54.40 -20.97
CA VAL E 155 18.37 -54.11 -22.24
C VAL E 155 19.03 -54.86 -23.40
N THR E 156 18.21 -55.54 -24.18
CA THR E 156 18.71 -56.33 -25.30
C THR E 156 18.29 -55.74 -26.64
N VAL E 157 19.27 -55.44 -27.48
CA VAL E 157 19.01 -54.93 -28.82
C VAL E 157 19.12 -56.06 -29.83
N ALA E 158 17.97 -56.57 -30.27
CA ALA E 158 17.95 -57.71 -31.19
C ALA E 158 18.01 -57.25 -32.65
N PHE E 159 18.86 -57.89 -33.42
CA PHE E 159 18.98 -57.60 -34.85
C PHE E 159 17.94 -58.39 -35.64
N THR E 160 16.95 -57.69 -36.18
CA THR E 160 15.89 -58.32 -36.94
C THR E 160 15.96 -57.93 -38.41
N PRO E 161 15.20 -58.64 -39.26
CA PRO E 161 15.18 -58.39 -40.71
C PRO E 161 14.86 -56.95 -41.07
N GLY E 162 15.88 -56.19 -41.48
CA GLY E 162 15.70 -54.83 -41.92
C GLY E 162 15.21 -53.90 -40.84
N SER E 163 15.49 -54.24 -39.59
CA SER E 163 15.07 -53.42 -38.45
C SER E 163 15.71 -53.89 -37.16
N VAL E 164 15.18 -53.42 -36.03
CA VAL E 164 15.70 -53.79 -34.73
C VAL E 164 14.63 -53.65 -33.65
N SER E 165 14.55 -54.65 -32.77
CA SER E 165 13.57 -54.63 -31.69
C SER E 165 14.24 -54.69 -30.32
N LEU E 166 13.81 -53.82 -29.42
CA LEU E 166 14.37 -53.77 -28.07
C LEU E 166 13.44 -54.44 -27.06
N SER E 167 14.01 -54.78 -25.90
CA SER E 167 13.25 -55.41 -24.83
C SER E 167 14.02 -55.34 -23.52
N ALA E 168 13.42 -54.72 -22.52
CA ALA E 168 14.08 -54.56 -21.23
C ALA E 168 13.62 -55.63 -20.24
N TRP E 169 14.57 -56.15 -19.46
CA TRP E 169 14.26 -57.18 -18.46
C TRP E 169 14.70 -56.74 -17.06
N ALA E 170 13.92 -57.16 -16.06
CA ALA E 170 14.27 -56.92 -14.68
C ALA E 170 14.62 -58.24 -14.00
N LEU E 171 15.66 -58.23 -13.18
CA LEU E 171 16.14 -59.45 -12.54
C LEU E 171 15.34 -59.79 -11.29
N THR E 172 14.79 -61.00 -11.26
CA THR E 172 14.10 -61.50 -10.08
C THR E 172 15.11 -62.02 -9.06
N PRO E 173 14.74 -61.99 -7.78
CA PRO E 173 15.63 -62.45 -6.70
C PRO E 173 15.94 -63.94 -6.85
N LEU E 174 15.02 -64.68 -7.43
CA LEU E 174 15.22 -66.11 -7.68
C LEU E 174 16.31 -66.29 -8.74
N GLY E 175 16.18 -65.56 -9.84
CA GLY E 175 17.17 -65.61 -10.90
C GLY E 175 18.50 -65.06 -10.43
N TYR E 176 18.46 -64.28 -9.35
CA TYR E 176 19.67 -63.71 -8.76
C TYR E 176 20.60 -64.81 -8.28
N LYS E 177 20.18 -65.54 -7.24
CA LYS E 177 21.01 -66.57 -6.63
C LYS E 177 21.41 -67.65 -7.61
N TRP E 178 20.48 -68.03 -8.49
CA TRP E 178 20.77 -69.05 -9.49
C TRP E 178 21.84 -68.56 -10.45
N GLY E 179 21.69 -67.33 -10.93
CA GLY E 179 22.65 -66.74 -11.85
C GLY E 179 24.00 -66.54 -11.21
N VAL E 180 24.01 -66.05 -9.97
CA VAL E 180 25.25 -65.80 -9.24
C VAL E 180 26.01 -67.09 -8.99
N GLU E 181 25.29 -68.11 -8.55
CA GLU E 181 25.90 -69.40 -8.23
C GLU E 181 25.81 -70.35 -9.41
N ASN E 182 25.73 -69.79 -10.61
CA ASN E 182 25.72 -70.59 -11.83
C ASN E 182 27.12 -70.69 -12.42
N LYS E 183 27.83 -71.75 -12.04
CA LYS E 183 29.24 -71.88 -12.38
C LYS E 183 29.51 -72.85 -13.53
N ASP E 184 29.80 -72.28 -14.70
CA ASP E 184 30.18 -73.04 -15.89
C ASP E 184 29.21 -74.16 -16.32
N PRO E 185 27.90 -73.94 -16.17
CA PRO E 185 26.99 -74.92 -16.79
C PRO E 185 26.52 -74.39 -18.13
N ASN E 186 27.29 -73.45 -18.68
CA ASN E 186 26.89 -72.68 -19.85
C ASN E 186 26.34 -73.53 -20.99
N VAL E 187 25.03 -73.38 -21.20
CA VAL E 187 24.30 -74.10 -22.23
C VAL E 187 23.03 -73.31 -22.50
N ASP E 188 22.23 -73.75 -23.47
CA ASP E 188 20.98 -73.07 -23.76
C ASP E 188 20.03 -73.13 -22.57
N ASN E 189 20.02 -74.29 -21.90
CA ASN E 189 19.16 -74.48 -20.74
C ASN E 189 19.91 -75.11 -19.57
N PRO E 190 20.77 -74.33 -18.92
CA PRO E 190 21.57 -74.77 -17.77
C PRO E 190 20.73 -75.38 -16.66
N GLN E 191 21.34 -76.22 -15.82
CA GLN E 191 20.63 -76.89 -14.74
C GLN E 191 20.01 -75.90 -13.76
N GLY E 192 18.72 -76.09 -13.49
CA GLY E 192 18.01 -75.26 -12.53
C GLY E 192 17.43 -73.98 -13.11
N PHE E 193 17.67 -73.78 -14.41
CA PHE E 193 17.16 -72.59 -15.08
C PHE E 193 15.64 -72.59 -15.18
N THR E 194 15.03 -71.42 -15.07
CA THR E 194 13.58 -71.28 -15.16
C THR E 194 13.22 -70.12 -16.09
N THR E 195 12.02 -70.17 -16.65
CA THR E 195 11.57 -69.15 -17.57
C THR E 195 11.03 -67.92 -16.84
N THR E 196 10.79 -68.08 -15.53
CA THR E 196 10.28 -66.98 -14.71
C THR E 196 11.41 -66.36 -13.89
N MET E 197 12.64 -66.56 -14.33
CA MET E 197 13.79 -66.03 -13.63
C MET E 197 14.16 -64.64 -14.12
N GLY E 198 13.19 -63.95 -14.71
CA GLY E 198 13.39 -62.62 -15.22
C GLY E 198 12.14 -62.04 -15.84
N GLU E 199 11.58 -61.02 -15.20
CA GLU E 199 10.35 -60.39 -15.68
C GLU E 199 10.64 -59.17 -16.54
N ARG E 200 9.75 -58.90 -17.48
CA ARG E 200 9.96 -57.83 -18.45
C ARG E 200 9.64 -56.45 -17.88
N ARG E 201 10.24 -55.43 -18.48
CA ARG E 201 10.01 -54.04 -18.06
C ARG E 201 9.62 -53.18 -19.25
N GLN E 202 8.81 -52.15 -19.00
CA GLN E 202 8.37 -51.27 -20.07
C GLN E 202 9.44 -50.26 -20.44
N LEU E 203 9.81 -50.26 -21.72
CA LEU E 203 10.79 -49.31 -22.24
C LEU E 203 10.22 -48.64 -23.48
N LEU E 204 10.39 -47.33 -23.58
CA LEU E 204 9.87 -46.60 -24.73
C LEU E 204 10.94 -45.71 -25.35
N LEU E 205 10.87 -45.56 -26.67
CA LEU E 205 11.80 -44.70 -27.39
C LEU E 205 11.25 -43.28 -27.45
N SER E 206 12.14 -42.30 -27.36
CA SER E 206 11.71 -40.91 -27.41
C SER E 206 12.79 -40.01 -28.02
N ASP E 207 12.36 -39.02 -28.78
CA ASP E 207 13.27 -38.06 -29.40
C ASP E 207 13.01 -36.66 -28.86
N LYS E 208 12.34 -36.59 -27.71
CA LYS E 208 12.01 -35.32 -27.09
C LYS E 208 13.13 -34.88 -26.14
N PHE E 209 14.21 -35.66 -26.09
CA PHE E 209 15.39 -35.30 -25.32
C PHE E 209 16.58 -36.15 -25.76
N LYS E 210 17.76 -35.54 -25.82
CA LYS E 210 18.94 -36.21 -26.33
C LYS E 210 19.89 -36.62 -25.21
N GLY E 211 20.58 -37.74 -25.40
CA GLY E 211 21.54 -38.23 -24.44
C GLY E 211 22.97 -38.10 -24.93
N PHE E 212 23.92 -38.31 -24.03
CA PHE E 212 25.33 -38.19 -24.38
C PHE E 212 26.05 -39.52 -24.24
N PHE E 213 27.31 -39.56 -24.69
CA PHE E 213 28.10 -40.77 -24.64
C PHE E 213 29.34 -40.59 -23.76
N LEU E 214 29.80 -41.69 -23.16
CA LEU E 214 31.03 -41.67 -22.39
C LEU E 214 31.90 -42.87 -22.74
N VAL E 215 33.05 -42.59 -23.33
CA VAL E 215 33.97 -43.64 -23.74
C VAL E 215 35.30 -43.51 -23.00
N PRO E 216 36.14 -44.56 -23.07
CA PRO E 216 37.46 -44.52 -22.45
C PRO E 216 38.29 -43.35 -22.96
N ASP E 217 39.22 -42.87 -22.14
CA ASP E 217 40.05 -41.73 -22.53
C ASP E 217 40.83 -42.04 -23.79
N THR E 218 41.28 -43.28 -23.92
CA THR E 218 42.01 -43.72 -25.10
C THR E 218 41.12 -43.66 -26.34
N GLY E 219 39.82 -43.75 -26.12
CA GLY E 219 38.85 -43.70 -27.22
C GLY E 219 38.52 -45.08 -27.74
N LYS E 220 39.31 -46.07 -27.35
CA LYS E 220 39.09 -47.43 -27.81
C LYS E 220 38.53 -48.32 -26.70
N TRP E 221 37.38 -48.92 -26.99
CA TRP E 221 36.71 -49.81 -26.04
C TRP E 221 36.68 -51.23 -26.57
N ASN E 222 36.66 -51.37 -27.89
CA ASN E 222 36.65 -52.67 -28.54
C ASN E 222 38.06 -53.25 -28.63
N TYR E 223 38.31 -54.32 -27.90
CA TYR E 223 39.64 -54.93 -27.87
C TYR E 223 39.63 -56.33 -28.48
N SER E 224 38.66 -56.60 -29.36
CA SER E 224 38.59 -57.88 -30.03
C SER E 224 39.78 -58.06 -30.96
N PHE E 225 40.33 -56.94 -31.43
CA PHE E 225 41.53 -56.97 -32.26
C PHE E 225 42.78 -56.77 -31.42
N MET E 226 42.58 -56.44 -30.15
CA MET E 226 43.69 -56.15 -29.25
C MET E 226 43.54 -56.92 -27.94
N GLY E 227 43.47 -58.24 -28.04
CA GLY E 227 43.26 -59.08 -26.86
C GLY E 227 44.40 -59.04 -25.87
N SER E 228 45.61 -59.28 -26.36
CA SER E 228 46.79 -59.34 -25.50
C SER E 228 47.04 -58.03 -24.76
N SER E 229 46.55 -56.93 -25.32
CA SER E 229 46.69 -55.62 -24.70
C SER E 229 45.56 -55.36 -23.71
N PHE E 230 44.46 -56.07 -23.87
CA PHE E 230 43.27 -55.88 -23.06
C PHE E 230 43.41 -56.53 -21.68
N SER E 231 44.19 -57.60 -21.60
CA SER E 231 44.37 -58.32 -20.35
C SER E 231 45.00 -57.43 -19.27
N GLY E 232 45.76 -56.44 -19.71
CA GLY E 232 46.41 -55.52 -18.79
C GLY E 232 45.50 -54.43 -18.29
N ILE E 233 44.76 -53.80 -19.21
CA ILE E 233 43.85 -52.73 -18.85
C ILE E 233 42.71 -53.24 -17.97
N GLU E 234 42.34 -54.50 -18.14
CA GLU E 234 41.31 -55.12 -17.33
C GLU E 234 41.75 -55.20 -15.87
N LYS E 235 40.78 -55.26 -14.96
CA LYS E 235 41.07 -55.36 -13.53
C LYS E 235 41.81 -54.13 -13.01
N LYS E 236 41.68 -53.03 -13.73
CA LYS E 236 42.22 -51.75 -13.27
C LYS E 236 41.35 -50.61 -13.76
N PRO E 237 41.15 -49.59 -12.91
CA PRO E 237 40.32 -48.42 -13.21
C PRO E 237 40.69 -47.75 -14.52
N TYR E 238 39.68 -47.30 -15.27
CA TYR E 238 39.91 -46.65 -16.54
C TYR E 238 39.20 -45.30 -16.60
N HIS E 239 39.94 -44.28 -17.03
CA HIS E 239 39.40 -42.93 -17.13
C HIS E 239 38.37 -42.84 -18.26
N VAL E 240 37.25 -42.21 -17.98
CA VAL E 240 36.20 -42.05 -18.97
C VAL E 240 36.21 -40.64 -19.55
N LYS E 241 35.83 -40.51 -20.81
CA LYS E 241 35.85 -39.21 -21.48
C LYS E 241 34.51 -38.93 -22.16
N LEU E 242 34.10 -37.67 -22.13
CA LEU E 242 32.86 -37.26 -22.76
C LEU E 242 33.09 -36.91 -24.23
N ASP E 243 33.00 -37.93 -25.09
CA ASP E 243 33.23 -37.73 -26.52
C ASP E 243 32.23 -38.55 -27.33
N THR E 244 32.59 -38.84 -28.58
CA THR E 244 31.73 -39.65 -29.45
C THR E 244 32.37 -41.00 -29.72
N PRO E 245 31.57 -42.08 -29.62
CA PRO E 245 32.06 -43.45 -29.79
C PRO E 245 32.46 -43.77 -31.21
N LEU E 246 33.56 -44.50 -31.36
CA LEU E 246 34.04 -44.92 -32.68
C LEU E 246 33.43 -46.26 -33.05
N PRO E 247 33.22 -46.49 -34.36
CA PRO E 247 32.66 -47.74 -34.88
C PRO E 247 33.48 -48.96 -34.45
N PHE E 248 32.90 -50.14 -34.62
CA PHE E 248 33.54 -51.38 -34.19
C PHE E 248 34.86 -51.62 -34.92
N TYR E 249 34.82 -51.47 -36.25
CA TYR E 249 36.01 -51.70 -37.06
C TYR E 249 36.76 -50.40 -37.36
N SER E 250 36.77 -49.50 -36.39
CA SER E 250 37.50 -48.25 -36.54
C SER E 250 38.99 -48.51 -36.54
N GLU E 251 39.75 -47.60 -37.17
CA GLU E 251 41.19 -47.71 -37.24
C GLU E 251 41.82 -47.77 -35.85
N GLN E 252 41.18 -47.09 -34.90
CA GLN E 252 41.67 -47.03 -33.53
C GLN E 252 41.58 -48.39 -32.84
N HIS E 253 40.56 -49.18 -33.21
CA HIS E 253 40.33 -50.48 -32.61
C HIS E 253 41.22 -51.55 -33.24
N ARG E 254 41.58 -51.35 -34.50
CA ARG E 254 42.44 -52.30 -35.20
C ARG E 254 43.67 -51.60 -35.76
N PRO E 255 44.54 -51.11 -34.85
CA PRO E 255 45.76 -50.38 -35.24
C PRO E 255 46.80 -51.29 -35.87
N ILE E 256 46.78 -52.57 -35.50
CA ILE E 256 47.74 -53.53 -36.04
C ILE E 256 47.57 -53.71 -37.54
N HIS E 257 46.33 -53.57 -38.01
CA HIS E 257 46.03 -53.72 -39.43
C HIS E 257 46.59 -52.57 -40.25
N PHE E 258 47.03 -51.52 -39.56
CA PHE E 258 47.58 -50.34 -40.22
C PHE E 258 49.09 -50.26 -40.06
N THR E 259 49.68 -51.29 -39.47
CA THR E 259 51.13 -51.33 -39.29
C THR E 259 51.80 -51.40 -40.66
N SER E 260 53.03 -50.89 -40.73
CA SER E 260 53.72 -50.77 -42.01
C SER E 260 54.57 -51.98 -42.36
N PHE E 261 54.41 -52.47 -43.59
CA PHE E 261 55.29 -53.49 -44.13
C PHE E 261 56.62 -52.83 -44.49
N ASN E 262 57.67 -53.62 -44.64
CA ASN E 262 58.99 -53.05 -44.92
C ASN E 262 59.27 -52.94 -46.41
N GLU E 263 58.24 -53.16 -47.23
CA GLU E 263 58.38 -53.04 -48.68
C GLU E 263 58.87 -51.64 -49.05
N LEU E 264 59.82 -51.58 -49.96
CA LEU E 264 60.49 -50.33 -50.33
C LEU E 264 59.52 -49.21 -50.67
N GLU E 265 59.68 -48.08 -49.99
CA GLU E 265 58.86 -46.89 -50.25
C GLU E 265 59.41 -46.12 -51.44
N ASP E 266 60.44 -46.67 -52.07
CA ASP E 266 60.99 -46.09 -53.29
C ASP E 266 59.96 -46.16 -54.41
N ILE E 267 59.65 -45.01 -55.00
CA ILE E 267 58.64 -44.93 -56.04
C ILE E 267 59.24 -45.10 -57.43
N TRP E 268 60.16 -46.05 -57.58
CA TRP E 268 61.09 -46.14 -58.72
C TRP E 268 60.66 -45.49 -60.05
N VAL E 269 59.37 -45.28 -60.25
CA VAL E 269 58.90 -44.60 -61.45
C VAL E 269 58.93 -43.08 -61.27
N ASP E 270 59.32 -42.36 -62.32
CA ASP E 270 59.46 -40.92 -62.23
C ASP E 270 58.25 -40.17 -62.76
N ARG E 271 57.78 -39.20 -61.99
CA ARG E 271 56.69 -38.33 -62.42
C ARG E 271 56.83 -36.95 -61.77
N ALA E 272 56.23 -35.95 -62.41
CA ALA E 272 56.26 -34.59 -61.88
C ALA E 272 54.86 -34.12 -61.52
N ASP E 273 54.66 -33.74 -60.27
CA ASP E 273 53.38 -33.24 -59.81
C ASP E 273 53.03 -31.93 -60.51
N ASN E 274 54.03 -31.08 -60.67
CA ASN E 274 53.86 -29.78 -61.34
C ASN E 274 52.94 -28.84 -60.56
N PHE E 275 52.46 -29.30 -59.42
CA PHE E 275 51.68 -28.46 -58.52
C PHE E 275 52.49 -28.17 -57.27
N ALA E 276 53.74 -28.65 -57.26
CA ALA E 276 54.66 -28.39 -56.16
C ALA E 276 54.16 -28.98 -54.85
N VAL F 28 29.73 -8.17 -79.46
CA VAL F 28 29.41 -6.95 -78.75
C VAL F 28 27.90 -6.77 -78.61
N GLY F 29 27.15 -7.33 -79.56
CA GLY F 29 25.70 -7.19 -79.57
C GLY F 29 24.98 -8.28 -78.80
N GLY F 30 24.00 -8.90 -79.46
CA GLY F 30 23.20 -9.94 -78.85
C GLY F 30 24.02 -11.11 -78.32
N LEU F 31 23.44 -11.83 -77.37
CA LEU F 31 24.16 -12.90 -76.69
C LEU F 31 23.60 -14.27 -77.03
N GLN F 32 22.50 -14.31 -77.78
CA GLN F 32 21.79 -15.55 -78.03
C GLN F 32 22.60 -16.57 -78.82
N PRO F 33 22.57 -17.83 -78.37
CA PRO F 33 23.21 -18.97 -79.04
C PRO F 33 22.31 -19.58 -80.10
N LYS F 34 22.74 -19.58 -81.35
CA LYS F 34 21.92 -20.08 -82.44
C LYS F 34 22.00 -21.60 -82.58
N LYS F 35 23.04 -22.19 -81.98
CA LYS F 35 23.20 -23.65 -82.04
C LYS F 35 24.02 -24.18 -80.87
N LEU F 36 23.55 -25.27 -80.28
CA LEU F 36 24.28 -25.95 -79.21
C LEU F 36 25.47 -26.70 -79.80
N VAL F 37 26.50 -26.91 -78.99
CA VAL F 37 27.68 -27.62 -79.46
C VAL F 37 28.20 -28.60 -78.42
N ASN F 38 28.54 -29.81 -78.88
CA ASN F 38 29.14 -30.83 -78.02
C ASN F 38 30.66 -30.77 -78.09
N LEU F 39 31.28 -30.19 -77.07
CA LEU F 39 32.71 -29.93 -77.09
C LEU F 39 33.54 -31.22 -77.06
N GLU F 40 32.90 -32.34 -76.76
CA GLU F 40 33.60 -33.61 -76.67
C GLU F 40 34.18 -34.02 -78.02
N ASN F 41 33.45 -33.70 -79.09
CA ASN F 41 33.88 -34.07 -80.44
C ASN F 41 34.48 -32.89 -81.19
N LEU F 42 34.99 -31.92 -80.45
CA LEU F 42 35.64 -30.76 -81.07
C LEU F 42 37.04 -30.59 -80.52
N VAL F 43 37.47 -31.56 -79.70
CA VAL F 43 38.80 -31.53 -79.12
C VAL F 43 39.76 -32.46 -79.88
N PHE F 44 41.00 -32.02 -80.03
CA PHE F 44 42.00 -32.80 -80.75
C PHE F 44 42.34 -34.09 -80.01
N ASP F 45 41.97 -35.22 -80.60
CA ASP F 45 42.24 -36.52 -80.01
C ASP F 45 43.73 -36.85 -80.06
N GLN F 46 44.45 -36.14 -80.92
CA GLN F 46 45.89 -36.32 -81.06
C GLN F 46 46.65 -35.18 -80.38
N GLY F 47 46.11 -34.73 -79.25
CA GLY F 47 46.60 -33.55 -78.56
C GLY F 47 48.11 -33.33 -78.51
N ASN F 48 48.77 -34.04 -77.59
CA ASN F 48 50.21 -33.88 -77.40
C ASN F 48 51.00 -34.25 -78.65
N HIS F 49 50.48 -35.21 -79.41
CA HIS F 49 51.17 -35.76 -80.57
C HIS F 49 50.45 -35.39 -81.87
N LEU F 50 50.13 -34.11 -82.03
CA LEU F 50 49.36 -33.66 -83.18
C LEU F 50 50.24 -33.08 -84.30
N MET F 51 50.05 -33.58 -85.51
CA MET F 51 50.70 -33.02 -86.69
C MET F 51 49.69 -32.22 -87.49
N THR F 52 49.88 -30.91 -87.56
CA THR F 52 48.97 -30.04 -88.28
C THR F 52 49.51 -29.66 -89.65
N ASN F 53 50.80 -29.90 -89.86
CA ASN F 53 51.41 -29.64 -91.16
C ASN F 53 51.11 -30.76 -92.15
N PRO F 54 50.75 -30.38 -93.39
CA PRO F 54 50.39 -31.33 -94.44
C PRO F 54 51.59 -31.73 -95.30
N ARG F 55 52.74 -31.15 -95.01
CA ARG F 55 53.94 -31.38 -95.81
C ARG F 55 55.20 -31.10 -94.99
N VAL F 56 56.26 -31.82 -95.31
CA VAL F 56 57.52 -31.66 -94.58
C VAL F 56 58.68 -31.33 -95.51
N ARG F 57 59.19 -30.11 -95.41
CA ARG F 57 60.37 -29.72 -96.18
C ARG F 57 61.61 -30.32 -95.54
N MET F 58 62.47 -30.91 -96.37
CA MET F 58 63.71 -31.50 -95.89
C MET F 58 64.90 -31.00 -96.70
N PRO F 59 66.05 -30.83 -96.03
CA PRO F 59 67.29 -30.41 -96.67
C PRO F 59 67.69 -31.32 -97.82
N GLU F 60 68.43 -30.78 -98.79
CA GLU F 60 68.82 -31.53 -99.98
C GLU F 60 69.73 -32.72 -99.63
N GLY F 61 70.53 -32.56 -98.58
CA GLY F 61 71.52 -33.56 -98.23
C GLY F 61 70.97 -34.76 -97.48
N THR F 62 69.66 -34.76 -97.22
CA THR F 62 69.03 -35.84 -96.49
C THR F 62 69.09 -37.16 -97.27
N THR F 63 69.68 -38.17 -96.66
CA THR F 63 69.82 -39.47 -97.30
C THR F 63 69.05 -40.55 -96.53
N LYS F 64 68.50 -41.52 -97.25
CA LYS F 64 67.76 -42.59 -96.62
C LYS F 64 68.32 -43.96 -97.00
N ARG F 65 68.56 -44.80 -96.00
CA ARG F 65 69.12 -46.12 -96.23
C ARG F 65 68.23 -47.21 -95.64
N VAL F 66 68.00 -48.26 -96.42
CA VAL F 66 67.15 -49.37 -95.97
C VAL F 66 67.99 -50.45 -95.30
N PHE F 67 67.45 -51.05 -94.24
CA PHE F 67 68.15 -52.10 -93.51
C PHE F 67 67.20 -53.23 -93.11
N LYS F 68 67.79 -54.36 -92.73
CA LYS F 68 67.02 -55.55 -92.37
C LYS F 68 66.26 -55.36 -91.07
N GLY F 69 65.09 -54.71 -91.16
CA GLY F 69 64.25 -54.53 -89.99
C GLY F 69 64.09 -53.09 -89.54
N TYR F 70 64.72 -52.17 -90.27
CA TYR F 70 64.63 -50.75 -89.91
C TYR F 70 65.12 -49.85 -91.04
N GLU F 71 64.86 -48.56 -90.91
CA GLU F 71 65.29 -47.58 -91.90
C GLU F 71 65.96 -46.39 -91.20
N GLU F 72 66.89 -45.74 -91.91
CA GLU F 72 67.57 -44.58 -91.36
C GLU F 72 67.47 -43.38 -92.31
N ILE F 73 67.00 -42.25 -91.78
CA ILE F 73 66.93 -41.02 -92.55
C ILE F 73 67.92 -40.00 -92.01
N HIS F 74 69.08 -39.92 -92.64
CA HIS F 74 70.13 -39.01 -92.20
C HIS F 74 69.92 -37.60 -92.73
N VAL F 75 70.05 -36.62 -91.85
CA VAL F 75 69.90 -35.22 -92.23
C VAL F 75 71.16 -34.43 -91.92
N PRO F 76 71.74 -33.80 -92.95
CA PRO F 76 72.99 -33.03 -92.81
C PRO F 76 72.81 -31.76 -91.99
N PRO F 77 73.83 -31.40 -91.20
CA PRO F 77 73.80 -30.21 -90.34
C PRO F 77 74.10 -28.93 -91.11
N PRO F 78 73.25 -27.90 -90.95
CA PRO F 78 73.50 -26.57 -91.54
C PRO F 78 74.70 -25.90 -90.88
N LYS F 79 74.94 -24.64 -91.21
CA LYS F 79 76.07 -23.91 -90.63
C LYS F 79 76.03 -22.42 -90.96
N LYS F 80 76.45 -21.59 -90.00
CA LYS F 80 76.61 -20.16 -90.24
C LYS F 80 77.55 -19.53 -89.22
N ARG F 81 78.60 -18.89 -89.72
CA ARG F 81 79.55 -18.16 -88.88
C ARG F 81 79.89 -16.84 -89.56
N SER F 82 79.05 -16.43 -90.50
CA SER F 82 79.29 -15.24 -91.30
C SER F 82 79.01 -13.96 -90.51
N ASP F 83 78.91 -12.85 -91.23
CA ASP F 83 78.67 -11.56 -90.62
C ASP F 83 77.47 -10.85 -91.25
N PRO F 84 76.26 -11.42 -91.07
CA PRO F 84 75.02 -10.82 -91.58
C PRO F 84 74.17 -10.19 -90.49
N THR F 85 74.05 -8.86 -90.51
CA THR F 85 73.18 -8.14 -89.59
C THR F 85 73.58 -8.32 -88.12
N ASP F 86 74.87 -8.47 -87.87
CA ASP F 86 75.34 -8.70 -86.51
C ASP F 86 75.77 -7.41 -85.83
N GLN F 87 74.98 -7.00 -84.84
CA GLN F 87 75.37 -5.89 -83.97
C GLN F 87 75.77 -6.45 -82.61
N ASN F 88 76.77 -7.33 -82.64
CA ASN F 88 77.25 -7.98 -81.43
C ASN F 88 77.62 -6.98 -80.34
N ILE F 89 76.58 -6.48 -79.65
CA ILE F 89 76.75 -5.46 -78.63
C ILE F 89 77.67 -5.92 -77.51
N PRO F 90 78.65 -5.08 -77.15
CA PRO F 90 79.60 -5.37 -76.08
C PRO F 90 78.97 -5.22 -74.70
N VAL F 91 79.70 -5.61 -73.65
CA VAL F 91 79.19 -5.52 -72.30
C VAL F 91 79.20 -4.08 -71.80
N THR F 92 80.02 -3.25 -72.43
CA THR F 92 80.20 -1.87 -72.01
C THR F 92 79.03 -0.98 -72.43
N GLU F 93 78.33 -1.38 -73.47
CA GLU F 93 77.21 -0.62 -74.01
C GLU F 93 76.17 -0.30 -72.94
N LEU F 94 75.71 -1.33 -72.25
CA LEU F 94 74.70 -1.17 -71.20
C LEU F 94 75.22 -0.34 -70.04
N PRO F 95 74.30 0.25 -69.25
CA PRO F 95 74.63 1.04 -68.07
C PRO F 95 75.53 0.27 -67.10
N GLU F 96 76.43 0.98 -66.42
CA GLU F 96 77.41 0.36 -65.54
C GLU F 96 76.74 -0.42 -64.41
N TRP F 97 75.65 0.11 -63.89
CA TRP F 97 74.96 -0.49 -62.76
C TRP F 97 74.30 -1.81 -63.13
N ALA F 98 73.93 -1.96 -64.40
CA ALA F 98 73.26 -3.17 -64.86
C ALA F 98 74.25 -4.17 -65.47
N ARG F 99 75.53 -3.96 -65.20
CA ARG F 99 76.57 -4.81 -65.79
C ARG F 99 77.06 -5.87 -64.80
N ILE F 100 76.70 -5.71 -63.53
CA ILE F 100 77.12 -6.66 -62.50
C ILE F 100 76.52 -8.06 -62.67
N PRO F 101 75.43 -8.20 -63.45
CA PRO F 101 75.01 -9.58 -63.73
C PRO F 101 75.90 -10.24 -64.79
N PHE F 102 76.14 -9.55 -65.89
CA PHE F 102 76.95 -10.09 -66.99
C PHE F 102 78.44 -9.99 -66.70
N ASN F 103 78.98 -11.02 -66.05
CA ASN F 103 80.39 -11.02 -65.67
C ASN F 103 81.20 -12.07 -66.42
N THR F 104 80.54 -12.79 -67.33
CA THR F 104 81.19 -13.89 -68.03
C THR F 104 81.24 -13.65 -69.54
N THR F 105 80.15 -13.13 -70.08
CA THR F 105 79.99 -13.00 -71.53
C THR F 105 80.99 -12.04 -72.16
N LYS F 106 81.34 -10.97 -71.44
CA LYS F 106 82.18 -9.90 -71.96
C LYS F 106 81.49 -9.11 -73.07
N THR F 107 80.56 -9.77 -73.77
CA THR F 107 79.79 -9.12 -74.83
C THR F 107 78.54 -9.93 -75.14
N LEU F 108 77.39 -9.25 -75.16
CA LEU F 108 76.13 -9.89 -75.52
C LEU F 108 76.22 -10.49 -76.91
N ASN F 109 75.90 -11.78 -77.03
CA ASN F 109 75.94 -12.45 -78.32
C ASN F 109 74.96 -11.80 -79.30
N LYS F 110 75.08 -12.12 -80.58
CA LYS F 110 74.24 -11.53 -81.61
C LYS F 110 72.76 -11.78 -81.34
N ILE F 111 72.46 -12.93 -80.77
CA ILE F 111 71.07 -13.33 -80.53
C ILE F 111 70.44 -12.47 -79.44
N GLN F 112 71.26 -12.07 -78.46
CA GLN F 112 70.80 -11.18 -77.40
C GLN F 112 70.90 -9.73 -77.86
N SER F 113 71.73 -9.50 -78.87
CA SER F 113 71.99 -8.15 -79.36
C SER F 113 70.79 -7.55 -80.09
N LYS F 114 70.10 -8.36 -80.87
CA LYS F 114 68.93 -7.89 -81.61
C LYS F 114 67.74 -7.68 -80.69
N CYS F 115 67.74 -8.37 -79.56
CA CYS F 115 66.66 -8.26 -78.59
C CYS F 115 66.88 -7.06 -77.66
N PHE F 116 68.15 -6.74 -77.42
CA PHE F 116 68.56 -5.71 -76.48
C PHE F 116 67.80 -4.38 -76.65
N PRO F 117 67.82 -3.81 -77.87
CA PRO F 117 67.17 -2.52 -78.13
C PRO F 117 65.67 -2.54 -77.83
N THR F 118 65.06 -3.72 -77.85
CA THR F 118 63.63 -3.83 -77.61
C THR F 118 63.35 -4.42 -76.23
N ALA F 119 64.28 -5.22 -75.73
CA ALA F 119 64.09 -5.89 -74.44
C ALA F 119 64.46 -4.97 -73.28
N PHE F 120 65.48 -4.14 -73.47
CA PHE F 120 65.98 -3.28 -72.41
C PHE F 120 65.36 -1.89 -72.48
N LEU F 121 65.07 -1.42 -73.68
CA LEU F 121 64.61 -0.05 -73.87
C LEU F 121 63.19 0.03 -74.45
N ASP F 122 62.29 -0.81 -73.94
CA ASP F 122 60.91 -0.77 -74.39
C ASP F 122 59.99 -1.52 -73.43
N ASP F 123 58.71 -1.13 -73.42
CA ASP F 123 57.74 -1.70 -72.49
C ASP F 123 56.90 -2.80 -73.14
N GLY F 124 56.90 -2.82 -74.47
CA GLY F 124 56.05 -3.74 -75.21
C GLY F 124 56.32 -5.21 -74.95
N ASN F 125 55.29 -6.03 -75.10
CA ASN F 125 55.41 -7.47 -74.94
C ASN F 125 56.17 -8.06 -76.12
N MET F 126 56.94 -9.12 -75.89
CA MET F 126 57.76 -9.70 -76.94
C MET F 126 57.76 -11.23 -76.92
N LEU F 127 58.18 -11.82 -78.04
CA LEU F 127 58.26 -13.26 -78.18
C LEU F 127 59.50 -13.65 -78.98
N VAL F 128 60.38 -14.41 -78.36
CA VAL F 128 61.61 -14.85 -79.03
C VAL F 128 61.60 -16.34 -79.29
N CYS F 129 62.21 -16.75 -80.40
CA CYS F 129 62.28 -18.15 -80.76
C CYS F 129 63.70 -18.54 -81.19
N ALA F 130 64.33 -19.39 -80.40
CA ALA F 130 65.68 -19.84 -80.70
C ALA F 130 65.96 -21.22 -80.12
N PRO F 131 66.94 -21.93 -80.68
CA PRO F 131 67.34 -23.26 -80.24
C PRO F 131 67.74 -23.30 -78.77
N THR F 132 67.50 -24.43 -78.11
CA THR F 132 67.88 -24.59 -76.71
C THR F 132 69.40 -24.62 -76.57
N GLY F 133 69.91 -23.85 -75.62
CA GLY F 133 71.34 -23.74 -75.41
C GLY F 133 71.92 -22.55 -76.15
N SER F 134 71.05 -21.64 -76.56
CA SER F 134 71.47 -20.46 -77.31
C SER F 134 71.56 -19.23 -76.40
N GLY F 135 71.63 -19.46 -75.10
CA GLY F 135 71.68 -18.38 -74.13
C GLY F 135 70.41 -17.55 -74.19
N LYS F 136 69.27 -18.23 -74.25
CA LYS F 136 67.98 -17.58 -74.39
C LYS F 136 67.51 -16.97 -73.08
N THR F 137 68.27 -17.20 -72.01
CA THR F 137 67.91 -16.71 -70.69
C THR F 137 68.23 -15.22 -70.51
N ASN F 138 69.42 -14.82 -70.94
CA ASN F 138 69.89 -13.46 -70.73
C ASN F 138 68.99 -12.40 -71.36
N VAL F 139 68.20 -12.79 -72.35
CA VAL F 139 67.23 -11.89 -72.95
C VAL F 139 66.16 -11.54 -71.93
N ALA F 140 65.74 -12.54 -71.17
CA ALA F 140 64.77 -12.33 -70.10
C ALA F 140 65.41 -11.55 -68.96
N MET F 141 66.73 -11.73 -68.80
CA MET F 141 67.49 -11.01 -67.79
C MET F 141 67.40 -9.51 -68.02
N LEU F 142 67.54 -9.10 -69.27
CA LEU F 142 67.47 -7.68 -69.62
C LEU F 142 66.09 -7.10 -69.29
N THR F 143 65.05 -7.86 -69.61
CA THR F 143 63.69 -7.43 -69.34
C THR F 143 63.43 -7.34 -67.84
N MET F 144 64.04 -8.23 -67.08
CA MET F 144 63.90 -8.22 -65.63
C MET F 144 64.60 -7.02 -65.02
N LEU F 145 65.88 -6.85 -65.35
CA LEU F 145 66.67 -5.77 -64.78
C LEU F 145 66.18 -4.41 -65.26
N ARG F 146 65.36 -4.41 -66.31
CA ARG F 146 64.69 -3.19 -66.73
C ARG F 146 63.64 -2.79 -65.70
N GLU F 147 62.89 -3.78 -65.23
CA GLU F 147 61.90 -3.55 -64.19
C GLU F 147 62.60 -3.10 -62.92
N ILE F 148 63.82 -3.59 -62.73
CA ILE F 148 64.66 -3.16 -61.63
C ILE F 148 65.05 -1.69 -61.83
N GLY F 149 65.21 -1.30 -63.09
CA GLY F 149 65.62 0.06 -63.42
C GLY F 149 64.49 1.06 -63.33
N LYS F 150 63.25 0.59 -63.49
CA LYS F 150 62.09 1.48 -63.44
C LYS F 150 61.78 1.90 -62.01
N ASN F 151 62.52 1.36 -61.05
CA ASN F 151 62.34 1.73 -59.66
C ASN F 151 63.54 2.50 -59.12
N ARG F 152 64.05 3.43 -59.91
CA ARG F 152 65.16 4.28 -59.51
C ARG F 152 64.84 5.76 -59.74
N ASN F 153 65.16 6.58 -58.75
CA ASN F 153 64.95 8.03 -58.85
C ASN F 153 66.27 8.79 -58.80
N GLU F 154 66.84 8.92 -57.62
CA GLU F 154 68.14 9.53 -57.44
C GLU F 154 69.18 8.47 -57.09
N LYS F 155 69.68 7.79 -58.13
CA LYS F 155 70.52 6.61 -57.98
C LYS F 155 70.03 5.74 -56.81
N GLY F 156 70.74 5.79 -55.70
CA GLY F 156 70.33 5.12 -54.48
C GLY F 156 70.03 3.64 -54.64
N GLU F 157 68.83 3.25 -54.21
CA GLU F 157 68.43 1.85 -54.25
C GLU F 157 67.06 1.67 -54.88
N ILE F 158 66.60 0.43 -54.93
CA ILE F 158 65.29 0.12 -55.50
C ILE F 158 64.22 0.03 -54.43
N ASP F 159 62.96 0.12 -54.85
CA ASP F 159 61.84 -0.05 -53.93
C ASP F 159 61.44 -1.52 -53.88
N LEU F 160 62.07 -2.26 -52.98
CA LEU F 160 61.94 -3.71 -52.90
C LEU F 160 60.51 -4.20 -52.84
N ASP F 161 59.62 -3.42 -52.22
CA ASP F 161 58.22 -3.81 -52.09
C ASP F 161 57.35 -3.09 -53.11
N ALA F 162 57.96 -2.63 -54.19
CA ALA F 162 57.23 -1.87 -55.20
C ALA F 162 56.85 -2.74 -56.40
N PHE F 163 57.65 -3.76 -56.68
CA PHE F 163 57.44 -4.59 -57.86
C PHE F 163 57.73 -6.07 -57.60
N LYS F 164 57.28 -6.91 -58.53
CA LYS F 164 57.56 -8.33 -58.49
C LYS F 164 57.55 -8.91 -59.91
N ILE F 165 58.41 -9.90 -60.16
CA ILE F 165 58.48 -10.54 -61.46
C ILE F 165 58.29 -12.05 -61.33
N VAL F 166 57.64 -12.65 -62.32
CA VAL F 166 57.36 -14.08 -62.29
C VAL F 166 57.94 -14.82 -63.49
N TYR F 167 58.76 -15.82 -63.21
CA TYR F 167 59.35 -16.65 -64.26
C TYR F 167 58.66 -18.01 -64.29
N ILE F 168 58.00 -18.33 -65.40
CA ILE F 168 57.24 -19.56 -65.50
C ILE F 168 57.99 -20.63 -66.30
N ALA F 169 58.47 -21.66 -65.59
CA ALA F 169 59.14 -22.78 -66.22
C ALA F 169 58.27 -24.04 -66.12
N PRO F 170 58.48 -24.99 -67.05
CA PRO F 170 57.65 -26.20 -67.16
C PRO F 170 57.86 -27.20 -66.02
N LEU F 171 59.11 -27.49 -65.68
CA LEU F 171 59.40 -28.50 -64.67
C LEU F 171 60.11 -27.93 -63.44
N LYS F 172 60.05 -28.68 -62.34
CA LYS F 172 60.67 -28.25 -61.09
C LYS F 172 62.18 -28.34 -61.15
N ALA F 173 62.69 -29.28 -61.94
CA ALA F 173 64.13 -29.42 -62.10
C ALA F 173 64.69 -28.23 -62.87
N LEU F 174 63.79 -27.47 -63.50
CA LEU F 174 64.19 -26.31 -64.29
C LEU F 174 64.08 -25.03 -63.46
N VAL F 175 63.13 -25.00 -62.53
CA VAL F 175 62.94 -23.83 -61.69
C VAL F 175 64.03 -23.74 -60.61
N GLN F 176 64.42 -24.89 -60.07
CA GLN F 176 65.52 -24.94 -59.10
C GLN F 176 66.81 -24.46 -59.74
N GLU F 177 66.95 -24.69 -61.04
CA GLU F 177 68.15 -24.32 -61.76
C GLU F 177 68.36 -22.81 -61.78
N GLN F 178 67.33 -22.08 -62.20
CA GLN F 178 67.44 -20.64 -62.38
C GLN F 178 67.25 -19.87 -61.08
N VAL F 179 66.69 -20.53 -60.07
CA VAL F 179 66.60 -19.94 -58.74
C VAL F 179 67.99 -19.94 -58.10
N GLY F 180 68.73 -21.02 -58.34
CA GLY F 180 70.11 -21.10 -57.89
C GLY F 180 71.03 -20.48 -58.92
N ASN F 181 70.43 -19.91 -59.96
CA ASN F 181 71.18 -19.22 -61.01
C ASN F 181 70.98 -17.71 -60.91
N PHE F 182 69.73 -17.28 -60.82
CA PHE F 182 69.42 -15.87 -60.64
C PHE F 182 69.89 -15.38 -59.28
N GLY F 183 69.99 -16.30 -58.33
CA GLY F 183 70.39 -15.98 -56.97
C GLY F 183 71.74 -15.30 -56.89
N LYS F 184 72.77 -15.96 -57.40
CA LYS F 184 74.11 -15.40 -57.38
C LYS F 184 74.22 -14.22 -58.35
N ARG F 185 73.32 -14.17 -59.32
CA ARG F 185 73.34 -13.13 -60.34
C ARG F 185 72.77 -11.81 -59.81
N LEU F 186 71.77 -11.89 -58.95
CA LEU F 186 71.09 -10.71 -58.44
C LEU F 186 71.33 -10.50 -56.94
N GLU F 187 72.27 -11.27 -56.39
CA GLU F 187 72.56 -11.20 -54.96
C GLU F 187 73.04 -9.81 -54.53
N PRO F 188 73.95 -9.20 -55.30
CA PRO F 188 74.39 -7.83 -55.02
C PRO F 188 73.24 -6.84 -54.97
N TYR F 189 72.20 -7.09 -55.77
CA TYR F 189 71.02 -6.22 -55.77
C TYR F 189 70.29 -6.29 -54.43
N GLY F 190 70.50 -7.38 -53.70
CA GLY F 190 69.81 -7.58 -52.44
C GLY F 190 68.49 -8.30 -52.67
N ILE F 191 68.15 -8.50 -53.93
CA ILE F 191 66.92 -9.20 -54.29
C ILE F 191 67.06 -10.71 -54.08
N LYS F 192 66.02 -11.31 -53.51
CA LYS F 192 66.03 -12.75 -53.25
C LYS F 192 65.03 -13.49 -54.14
N VAL F 193 65.54 -14.40 -54.96
CA VAL F 193 64.71 -15.25 -55.79
C VAL F 193 64.36 -16.53 -55.02
N SER F 194 63.12 -16.99 -55.15
CA SER F 194 62.68 -18.17 -54.43
C SER F 194 61.79 -19.06 -55.29
N GLU F 195 61.67 -20.32 -54.89
CA GLU F 195 60.83 -21.28 -55.59
C GLU F 195 59.43 -21.32 -55.00
N LEU F 196 58.43 -21.14 -55.86
CA LEU F 196 57.04 -21.19 -55.42
C LEU F 196 56.54 -22.62 -55.38
N THR F 197 56.87 -23.33 -54.30
CA THR F 197 56.52 -24.75 -54.18
C THR F 197 55.90 -25.07 -52.82
N GLY F 198 55.29 -26.25 -52.73
CA GLY F 198 54.68 -26.71 -51.50
C GLY F 198 53.46 -25.89 -51.10
N ASP F 199 52.86 -26.25 -49.98
CA ASP F 199 51.70 -25.54 -49.47
C ASP F 199 52.10 -24.18 -48.92
N ARG F 200 53.39 -24.03 -48.59
CA ARG F 200 53.92 -22.82 -47.97
C ARG F 200 53.58 -21.54 -48.73
N GLN F 201 53.14 -21.68 -49.97
CA GLN F 201 52.76 -20.50 -50.77
C GLN F 201 51.43 -19.95 -50.26
N LEU F 202 50.67 -20.80 -49.57
CA LEU F 202 49.63 -20.32 -48.67
C LEU F 202 50.25 -20.39 -47.28
N THR F 203 50.05 -19.35 -46.48
CA THR F 203 50.98 -18.98 -45.41
C THR F 203 52.18 -18.40 -46.14
N LYS F 204 51.87 -17.48 -47.05
CA LYS F 204 52.79 -16.99 -48.07
C LYS F 204 53.89 -16.08 -47.57
N GLN F 205 54.95 -16.66 -47.01
CA GLN F 205 56.10 -15.87 -46.59
C GLN F 205 57.11 -15.74 -47.74
N GLN F 206 57.11 -16.73 -48.63
CA GLN F 206 58.04 -16.75 -49.75
C GLN F 206 57.59 -15.81 -50.86
N ILE F 207 56.33 -15.94 -51.28
CA ILE F 207 55.79 -15.14 -52.38
C ILE F 207 55.77 -13.66 -52.03
N SER F 208 55.81 -13.36 -50.74
CA SER F 208 55.74 -11.97 -50.28
C SER F 208 57.14 -11.38 -50.04
N GLU F 209 57.88 -12.00 -49.14
CA GLU F 209 59.19 -11.48 -48.74
C GLU F 209 60.16 -11.40 -49.91
N THR F 210 59.99 -12.29 -50.88
CA THR F 210 60.83 -12.30 -52.07
C THR F 210 60.09 -11.67 -53.24
N GLN F 211 60.76 -10.80 -53.98
CA GLN F 211 60.13 -10.03 -55.04
C GLN F 211 60.34 -10.60 -56.43
N VAL F 212 61.02 -11.74 -56.51
CA VAL F 212 61.22 -12.42 -57.78
C VAL F 212 61.05 -13.93 -57.59
N ILE F 213 59.97 -14.47 -58.14
CA ILE F 213 59.62 -15.86 -57.89
C ILE F 213 59.56 -16.71 -59.15
N VAL F 214 60.12 -17.92 -59.07
CA VAL F 214 60.06 -18.88 -60.16
C VAL F 214 59.01 -19.95 -59.84
N THR F 215 58.12 -20.21 -60.78
CA THR F 215 57.04 -21.16 -60.53
C THR F 215 56.56 -21.84 -61.81
N THR F 216 56.08 -23.07 -61.68
CA THR F 216 55.52 -23.80 -62.80
C THR F 216 54.19 -23.18 -63.22
N PRO F 217 53.75 -23.47 -64.44
CA PRO F 217 52.48 -22.94 -64.97
C PRO F 217 51.29 -23.33 -64.10
N GLU F 218 51.26 -24.58 -63.66
CA GLU F 218 50.16 -25.07 -62.85
C GLU F 218 50.13 -24.38 -61.48
N LYS F 219 51.28 -24.27 -60.85
CA LYS F 219 51.37 -23.75 -59.49
C LYS F 219 50.99 -22.27 -59.41
N TRP F 220 51.31 -21.52 -60.46
CA TRP F 220 50.95 -20.11 -60.49
C TRP F 220 49.46 -19.93 -60.75
N ASP F 221 48.91 -20.83 -61.56
CA ASP F 221 47.49 -20.74 -61.90
C ASP F 221 46.62 -21.07 -60.70
N VAL F 222 47.07 -22.02 -59.88
CA VAL F 222 46.31 -22.40 -58.69
C VAL F 222 46.37 -21.30 -57.64
N ILE F 223 47.50 -20.60 -57.59
CA ILE F 223 47.65 -19.46 -56.68
C ILE F 223 46.74 -18.32 -57.14
N THR F 224 46.60 -18.18 -58.45
CA THR F 224 45.76 -17.14 -59.02
C THR F 224 44.28 -17.48 -58.83
N ARG F 225 43.97 -18.77 -58.85
CA ARG F 225 42.59 -19.22 -58.71
C ARG F 225 42.11 -19.08 -57.27
N LYS F 226 42.99 -19.37 -56.32
CA LYS F 226 42.65 -19.25 -54.91
C LYS F 226 42.43 -17.79 -54.53
N ALA F 227 43.13 -16.89 -55.21
CA ALA F 227 42.92 -15.46 -55.06
C ALA F 227 43.19 -14.95 -53.65
N THR F 228 44.10 -15.63 -52.94
CA THR F 228 44.47 -15.21 -51.59
C THR F 228 45.60 -14.19 -51.63
N ASP F 229 46.47 -14.31 -52.63
CA ASP F 229 47.65 -13.46 -52.71
C ASP F 229 47.49 -12.34 -53.73
N ILE F 230 46.24 -11.96 -54.01
CA ILE F 230 45.96 -10.94 -55.01
C ILE F 230 46.60 -9.60 -54.67
N SER F 231 46.79 -9.35 -53.38
CA SER F 231 47.38 -8.11 -52.91
C SER F 231 48.83 -7.99 -53.36
N TYR F 232 49.49 -9.13 -53.54
CA TYR F 232 50.88 -9.15 -53.96
C TYR F 232 51.03 -9.42 -55.44
N THR F 233 50.07 -10.16 -56.01
CA THR F 233 50.10 -10.46 -57.43
C THR F 233 49.88 -9.19 -58.26
N ASN F 234 49.37 -8.15 -57.60
CA ASN F 234 49.19 -6.86 -58.25
C ASN F 234 50.49 -6.09 -58.31
N LEU F 235 51.50 -6.59 -57.61
CA LEU F 235 52.82 -5.97 -57.61
C LEU F 235 53.62 -6.39 -58.84
N VAL F 236 53.13 -7.38 -59.57
CA VAL F 236 53.82 -7.87 -60.76
C VAL F 236 53.36 -7.12 -61.99
N ARG F 237 54.30 -6.90 -62.92
CA ARG F 237 54.00 -6.25 -64.19
C ARG F 237 54.93 -6.77 -65.26
N LEU F 238 55.53 -7.93 -65.00
CA LEU F 238 56.39 -8.60 -65.94
C LEU F 238 56.45 -10.10 -65.65
N ILE F 239 56.20 -10.91 -66.67
CA ILE F 239 56.21 -12.36 -66.52
C ILE F 239 56.96 -13.03 -67.67
N ILE F 240 57.73 -14.06 -67.34
CA ILE F 240 58.52 -14.77 -68.34
C ILE F 240 57.98 -16.17 -68.55
N ILE F 241 57.78 -16.55 -69.81
CA ILE F 241 57.26 -17.87 -70.15
C ILE F 241 58.26 -18.68 -70.95
N ASP F 242 59.15 -19.40 -70.25
CA ASP F 242 60.16 -20.20 -70.91
C ASP F 242 59.56 -21.50 -71.45
N GLU F 243 59.98 -21.89 -72.64
CA GLU F 243 59.39 -23.03 -73.34
C GLU F 243 57.89 -22.84 -73.49
N ILE F 244 57.49 -21.66 -73.96
CA ILE F 244 56.09 -21.34 -74.16
C ILE F 244 55.49 -22.20 -75.28
N HIS F 245 56.35 -22.90 -76.02
CA HIS F 245 55.90 -23.81 -77.06
C HIS F 245 55.18 -25.01 -76.47
N LEU F 246 54.97 -24.97 -75.15
CA LEU F 246 54.28 -26.04 -74.44
C LEU F 246 52.77 -25.91 -74.62
N LEU F 247 52.36 -24.90 -75.39
CA LEU F 247 50.95 -24.69 -75.68
C LEU F 247 50.35 -25.89 -76.39
N HIS F 248 51.19 -26.63 -77.10
CA HIS F 248 50.75 -27.80 -77.86
C HIS F 248 50.42 -28.95 -76.91
N ASP F 249 51.17 -29.03 -75.81
CA ASP F 249 50.99 -30.09 -74.82
C ASP F 249 49.65 -29.95 -74.10
N ASP F 250 49.23 -31.02 -73.43
CA ASP F 250 48.01 -31.00 -72.63
C ASP F 250 48.09 -29.95 -71.53
N ARG F 251 49.31 -29.67 -71.08
CA ARG F 251 49.54 -28.65 -70.06
C ARG F 251 49.54 -27.27 -70.68
N GLY F 252 49.25 -27.20 -71.98
CA GLY F 252 49.23 -25.95 -72.70
C GLY F 252 48.16 -24.97 -72.22
N PRO F 253 46.90 -25.44 -72.16
CA PRO F 253 45.76 -24.62 -71.74
C PRO F 253 45.98 -23.87 -70.43
N VAL F 254 46.87 -24.38 -69.58
CA VAL F 254 47.21 -23.72 -68.34
C VAL F 254 47.89 -22.38 -68.62
N LEU F 255 48.82 -22.38 -69.56
CA LEU F 255 49.49 -21.16 -69.98
C LEU F 255 48.52 -20.23 -70.69
N GLU F 256 47.52 -20.81 -71.35
CA GLU F 256 46.50 -20.03 -72.03
C GLU F 256 45.63 -19.30 -71.02
N SER F 257 45.37 -19.96 -69.90
CA SER F 257 44.56 -19.37 -68.83
C SER F 257 45.26 -18.19 -68.21
N ILE F 258 46.54 -18.37 -67.89
CA ILE F 258 47.33 -17.33 -67.26
C ILE F 258 47.43 -16.08 -68.13
N VAL F 259 47.85 -16.25 -69.38
CA VAL F 259 48.03 -15.13 -70.29
C VAL F 259 46.72 -14.46 -70.66
N SER F 260 45.71 -15.26 -70.97
CA SER F 260 44.43 -14.73 -71.43
C SER F 260 43.75 -13.84 -70.38
N ARG F 261 44.03 -14.09 -69.11
CA ARG F 261 43.41 -13.33 -68.04
C ARG F 261 44.25 -12.11 -67.65
N THR F 262 45.56 -12.27 -67.70
CA THR F 262 46.47 -11.18 -67.33
C THR F 262 46.42 -10.04 -68.34
N ILE F 263 46.51 -10.36 -69.62
CA ILE F 263 46.47 -9.34 -70.66
C ILE F 263 45.06 -8.75 -70.77
N ARG F 264 44.08 -9.49 -70.29
CA ARG F 264 42.70 -9.00 -70.30
C ARG F 264 42.52 -7.92 -69.24
N ARG F 265 43.12 -8.14 -68.07
CA ARG F 265 43.07 -7.15 -67.00
C ARG F 265 43.99 -5.98 -67.33
N THR F 266 44.87 -6.19 -68.31
CA THR F 266 45.78 -5.14 -68.74
C THR F 266 45.08 -4.16 -69.68
N GLU F 267 44.14 -4.68 -70.46
CA GLU F 267 43.40 -3.86 -71.41
C GLU F 267 42.17 -3.21 -70.76
N GLN F 268 41.29 -4.05 -70.21
CA GLN F 268 40.03 -3.56 -69.66
C GLN F 268 40.26 -2.63 -68.46
N THR F 269 41.31 -2.91 -67.70
CA THR F 269 41.61 -2.10 -66.51
C THR F 269 42.66 -1.04 -66.82
N GLY F 270 43.80 -1.47 -67.35
CA GLY F 270 44.88 -0.56 -67.68
C GLY F 270 46.18 -0.92 -66.98
N GLU F 271 46.11 -1.93 -66.11
CA GLU F 271 47.29 -2.39 -65.39
C GLU F 271 48.34 -2.94 -66.37
N PRO F 272 49.43 -2.20 -66.54
CA PRO F 272 50.48 -2.57 -67.51
C PRO F 272 51.32 -3.76 -67.05
N VAL F 273 50.90 -4.96 -67.44
CA VAL F 273 51.65 -6.16 -67.12
C VAL F 273 52.32 -6.71 -68.37
N ARG F 274 53.61 -6.45 -68.51
CA ARG F 274 54.36 -6.89 -69.68
C ARG F 274 54.62 -8.40 -69.64
N ILE F 275 54.49 -9.04 -70.79
CA ILE F 275 54.73 -10.47 -70.89
C ILE F 275 55.77 -10.78 -71.95
N ILE F 276 56.70 -11.67 -71.63
CA ILE F 276 57.73 -12.08 -72.57
C ILE F 276 57.71 -13.60 -72.74
N GLY F 277 57.67 -14.03 -74.00
CA GLY F 277 57.58 -15.45 -74.31
C GLY F 277 58.86 -16.00 -74.92
N LEU F 278 59.39 -17.06 -74.31
CA LEU F 278 60.57 -17.73 -74.83
C LEU F 278 60.19 -19.10 -75.37
N SER F 279 60.16 -19.23 -76.69
CA SER F 279 59.75 -20.47 -77.33
C SER F 279 60.86 -21.09 -78.18
N ALA F 280 60.65 -22.33 -78.59
CA ALA F 280 61.58 -23.02 -79.47
C ALA F 280 61.32 -22.66 -80.91
N THR F 281 62.02 -23.32 -81.83
CA THR F 281 61.86 -23.04 -83.25
C THR F 281 60.74 -23.89 -83.85
N LEU F 282 59.54 -23.32 -83.91
CA LEU F 282 58.39 -24.02 -84.46
C LEU F 282 57.40 -23.08 -85.12
N PRO F 283 56.55 -23.62 -86.00
CA PRO F 283 55.53 -22.86 -86.73
C PRO F 283 54.49 -22.23 -85.82
N ASN F 284 53.60 -21.44 -86.39
CA ASN F 284 52.55 -20.76 -85.64
C ASN F 284 53.09 -19.74 -84.65
N TYR F 285 54.40 -19.48 -84.72
CA TYR F 285 55.03 -18.54 -83.82
C TYR F 285 54.45 -17.14 -83.98
N ARG F 286 53.91 -16.86 -85.16
CA ARG F 286 53.30 -15.57 -85.42
C ARG F 286 51.90 -15.52 -84.82
N ASP F 287 51.24 -16.67 -84.78
CA ASP F 287 49.94 -16.77 -84.13
C ASP F 287 50.12 -16.67 -82.62
N VAL F 288 51.24 -17.21 -82.14
CA VAL F 288 51.61 -17.09 -80.73
C VAL F 288 51.97 -15.65 -80.40
N ALA F 289 52.55 -14.97 -81.37
CA ALA F 289 52.93 -13.56 -81.21
C ALA F 289 51.69 -12.69 -81.02
N SER F 290 50.69 -12.90 -81.86
CA SER F 290 49.44 -12.16 -81.74
C SER F 290 48.71 -12.54 -80.46
N PHE F 291 49.02 -13.74 -79.95
CA PHE F 291 48.43 -14.22 -78.71
C PHE F 291 48.96 -13.44 -77.51
N LEU F 292 50.25 -13.13 -77.54
CA LEU F 292 50.89 -12.39 -76.46
C LEU F 292 50.70 -10.89 -76.63
N ARG F 293 49.95 -10.51 -77.66
CA ARG F 293 49.70 -9.09 -77.95
C ARG F 293 51.02 -8.38 -78.21
N VAL F 294 51.80 -8.91 -79.15
CA VAL F 294 53.12 -8.37 -79.44
C VAL F 294 53.16 -7.68 -80.80
N ASP F 295 53.89 -6.56 -80.87
CA ASP F 295 54.11 -5.87 -82.13
C ASP F 295 55.13 -6.63 -82.96
N PHE F 296 54.73 -7.02 -84.18
CA PHE F 296 55.59 -7.81 -85.05
C PHE F 296 56.91 -7.09 -85.35
N GLU F 297 56.84 -5.77 -85.45
CA GLU F 297 58.01 -4.97 -85.83
C GLU F 297 58.94 -4.70 -84.65
N LYS F 298 58.38 -4.67 -83.45
CA LYS F 298 59.14 -4.27 -82.28
C LYS F 298 59.77 -5.47 -81.55
N GLY F 299 58.94 -6.39 -81.08
CA GLY F 299 59.43 -7.48 -80.27
C GLY F 299 59.02 -8.87 -80.72
N LEU F 300 59.24 -9.18 -81.99
CA LEU F 300 58.99 -10.52 -82.51
C LEU F 300 60.24 -11.07 -83.19
N PHE F 301 60.81 -12.12 -82.62
CA PHE F 301 62.06 -12.67 -83.12
C PHE F 301 61.95 -14.14 -83.48
N TYR F 302 62.44 -14.49 -84.67
CA TYR F 302 62.46 -15.88 -85.13
C TYR F 302 63.87 -16.25 -85.57
N PHE F 303 64.41 -17.30 -84.96
CA PHE F 303 65.78 -17.72 -85.24
C PHE F 303 65.84 -19.18 -85.68
N ASP F 304 66.30 -19.41 -86.91
CA ASP F 304 66.37 -20.75 -87.47
C ASP F 304 67.47 -21.58 -86.81
N GLY F 305 67.61 -22.83 -87.27
CA GLY F 305 68.56 -23.76 -86.70
C GLY F 305 70.00 -23.32 -86.84
N SER F 306 70.24 -22.32 -87.68
CA SER F 306 71.58 -21.81 -87.90
C SER F 306 72.10 -21.12 -86.64
N TYR F 307 71.18 -20.74 -85.77
CA TYR F 307 71.54 -20.05 -84.53
C TYR F 307 71.86 -21.04 -83.41
N ARG F 308 71.65 -22.32 -83.67
CA ARG F 308 71.97 -23.36 -82.68
C ARG F 308 73.46 -23.33 -82.35
N PRO F 309 73.78 -23.49 -81.06
CA PRO F 309 75.16 -23.41 -80.56
C PRO F 309 76.09 -24.42 -81.23
N CYS F 310 75.55 -25.55 -81.67
CA CYS F 310 76.35 -26.57 -82.35
C CYS F 310 75.59 -27.19 -83.51
N PRO F 311 76.26 -27.31 -84.66
CA PRO F 311 75.70 -27.96 -85.86
C PRO F 311 75.18 -29.35 -85.53
N LEU F 312 73.98 -29.66 -86.00
CA LEU F 312 73.33 -30.91 -85.64
C LEU F 312 73.03 -31.77 -86.86
N ARG F 313 73.70 -32.90 -86.98
CA ARG F 313 73.41 -33.87 -88.03
C ARG F 313 72.45 -34.93 -87.49
N GLN F 314 71.22 -34.90 -87.97
CA GLN F 314 70.17 -35.76 -87.44
C GLN F 314 69.95 -37.01 -88.28
N GLU F 315 69.71 -38.14 -87.61
CA GLU F 315 69.27 -39.36 -88.27
C GLU F 315 67.94 -39.79 -87.67
N PHE F 316 67.12 -40.47 -88.46
CA PHE F 316 65.80 -40.90 -88.00
C PHE F 316 65.61 -42.38 -88.26
N ILE F 317 65.78 -43.19 -87.22
CA ILE F 317 65.68 -44.63 -87.34
C ILE F 317 64.26 -45.12 -87.02
N GLY F 318 63.60 -45.68 -88.02
CA GLY F 318 62.26 -46.21 -87.84
C GLY F 318 62.19 -47.70 -88.11
N VAL F 319 61.93 -48.49 -87.08
CA VAL F 319 61.86 -49.94 -87.21
C VAL F 319 60.65 -50.35 -88.06
N THR F 320 60.85 -51.35 -88.90
CA THR F 320 59.80 -51.79 -89.81
C THR F 320 59.09 -53.05 -89.32
N ASP F 321 59.53 -53.57 -88.18
CA ASP F 321 58.93 -54.76 -87.60
C ASP F 321 57.58 -54.44 -86.97
N LYS F 322 56.60 -55.31 -87.22
CA LYS F 322 55.26 -55.11 -86.68
C LYS F 322 55.13 -55.66 -85.26
N LYS F 323 55.72 -56.83 -85.03
CA LYS F 323 55.65 -57.48 -83.73
C LYS F 323 56.37 -56.64 -82.67
N ALA F 324 55.86 -56.69 -81.44
CA ALA F 324 56.38 -55.88 -80.35
C ALA F 324 57.72 -56.40 -79.84
N ILE F 325 57.82 -57.71 -79.67
CA ILE F 325 59.04 -58.32 -79.12
C ILE F 325 60.23 -58.14 -80.06
N LYS F 326 60.05 -58.49 -81.32
CA LYS F 326 61.10 -58.33 -82.32
C LYS F 326 61.45 -56.85 -82.50
N GLN F 327 60.49 -55.99 -82.20
CA GLN F 327 60.69 -54.55 -82.32
C GLN F 327 61.65 -54.06 -81.24
N LEU F 328 61.54 -54.65 -80.05
CA LEU F 328 62.40 -54.28 -78.93
C LEU F 328 63.82 -54.78 -79.15
N LYS F 329 63.94 -56.02 -79.61
CA LYS F 329 65.24 -56.62 -79.85
C LYS F 329 65.96 -55.91 -80.99
N THR F 330 65.18 -55.45 -81.96
CA THR F 330 65.74 -54.69 -83.08
C THR F 330 66.32 -53.36 -82.59
N MET F 331 65.59 -52.69 -81.71
CA MET F 331 66.04 -51.43 -81.15
C MET F 331 67.31 -51.59 -80.33
N ASN F 332 67.37 -52.67 -79.56
CA ASN F 332 68.55 -52.95 -78.73
C ASN F 332 69.76 -53.28 -79.59
N ASP F 333 69.57 -54.09 -80.63
CA ASP F 333 70.66 -54.43 -81.54
C ASP F 333 71.08 -53.20 -82.34
N ILE F 334 70.11 -52.37 -82.70
CA ILE F 334 70.42 -51.12 -83.40
C ILE F 334 71.29 -50.23 -82.52
N THR F 335 71.01 -50.23 -81.23
CA THR F 335 71.79 -49.47 -80.27
C THR F 335 73.20 -50.05 -80.16
N TYR F 336 73.29 -51.37 -80.26
CA TYR F 336 74.59 -52.05 -80.22
C TYR F 336 75.40 -51.74 -81.47
N GLN F 337 74.73 -51.63 -82.61
CA GLN F 337 75.40 -51.33 -83.87
C GLN F 337 75.89 -49.88 -83.86
N LYS F 338 75.15 -49.01 -83.19
CA LYS F 338 75.43 -47.58 -83.21
C LYS F 338 76.47 -47.19 -82.16
N VAL F 339 76.51 -47.93 -81.05
CA VAL F 339 77.47 -47.63 -80.01
C VAL F 339 78.89 -47.90 -80.49
N LEU F 340 79.17 -49.15 -80.85
CA LEU F 340 80.49 -49.54 -81.32
C LEU F 340 80.88 -48.78 -82.59
N GLU F 341 79.88 -48.29 -83.31
CA GLU F 341 80.14 -47.48 -84.50
C GLU F 341 80.55 -46.07 -84.11
N HIS F 342 80.02 -45.57 -83.01
CA HIS F 342 80.32 -44.22 -82.55
C HIS F 342 81.39 -44.21 -81.47
N VAL F 343 81.53 -45.30 -80.74
CA VAL F 343 82.55 -45.41 -79.71
C VAL F 343 83.83 -45.98 -80.32
N GLY F 344 83.68 -46.65 -81.46
CA GLY F 344 84.82 -47.21 -82.17
C GLY F 344 85.45 -46.18 -83.08
N GLN F 345 84.64 -45.59 -83.96
CA GLN F 345 85.10 -44.52 -84.84
C GLN F 345 85.19 -43.22 -84.06
N ASN F 346 86.39 -42.89 -83.61
CA ASN F 346 86.62 -41.76 -82.72
C ASN F 346 85.98 -42.03 -81.36
N ARG F 347 86.79 -42.05 -80.30
CA ARG F 347 86.27 -42.34 -78.97
C ARG F 347 85.24 -41.30 -78.54
N ASN F 348 84.23 -41.12 -79.37
CA ASN F 348 83.16 -40.15 -79.14
C ASN F 348 82.21 -40.63 -78.06
N GLN F 349 82.33 -40.07 -76.87
CA GLN F 349 81.44 -40.42 -75.76
C GLN F 349 80.00 -40.12 -76.13
N MET F 350 79.07 -40.94 -75.65
CA MET F 350 77.67 -40.79 -75.98
C MET F 350 76.77 -41.21 -74.84
N LEU F 351 75.54 -40.70 -74.84
CA LEU F 351 74.56 -41.05 -73.83
C LEU F 351 73.23 -41.45 -74.45
N ILE F 352 72.65 -42.55 -73.97
CA ILE F 352 71.42 -43.07 -74.52
C ILE F 352 70.24 -42.80 -73.59
N PHE F 353 69.25 -42.07 -74.09
CA PHE F 353 68.06 -41.76 -73.31
C PHE F 353 67.08 -42.92 -73.29
N VAL F 354 66.69 -43.34 -72.10
CA VAL F 354 65.69 -44.39 -71.94
C VAL F 354 64.47 -43.84 -71.20
N HIS F 355 63.42 -44.65 -71.12
CA HIS F 355 62.18 -44.19 -70.48
C HIS F 355 61.82 -45.04 -69.28
N SER F 356 62.79 -45.23 -68.38
CA SER F 356 62.58 -46.02 -67.17
C SER F 356 63.83 -46.00 -66.28
N ARG F 357 63.66 -46.35 -65.01
CA ARG F 357 64.78 -46.42 -64.09
C ARG F 357 65.44 -47.79 -64.14
N LYS F 358 64.76 -48.76 -64.73
CA LYS F 358 65.26 -50.13 -64.76
C LYS F 358 65.73 -50.51 -66.16
N GLU F 359 65.02 -50.02 -67.18
CA GLU F 359 65.40 -50.28 -68.56
C GLU F 359 66.77 -49.68 -68.86
N THR F 360 67.11 -48.60 -68.15
CA THR F 360 68.40 -47.94 -68.31
C THR F 360 69.54 -48.90 -68.00
N ALA F 361 69.31 -49.77 -67.01
CA ALA F 361 70.31 -50.76 -66.62
C ALA F 361 70.33 -51.94 -67.58
N LYS F 362 69.15 -52.43 -67.93
CA LYS F 362 69.03 -53.57 -68.83
C LYS F 362 69.59 -53.25 -70.21
N THR F 363 69.44 -52.00 -70.63
CA THR F 363 69.95 -51.57 -71.92
C THR F 363 71.47 -51.45 -71.89
N ALA F 364 72.00 -50.90 -70.80
CA ALA F 364 73.44 -50.75 -70.65
C ALA F 364 74.13 -52.10 -70.49
N LYS F 365 73.51 -52.99 -69.72
CA LYS F 365 74.05 -54.33 -69.52
C LYS F 365 73.89 -55.17 -70.78
N TYR F 366 72.89 -54.84 -71.58
CA TYR F 366 72.66 -55.53 -72.84
C TYR F 366 73.78 -55.25 -73.82
N ILE F 367 74.08 -53.97 -74.02
CA ILE F 367 75.13 -53.56 -74.93
C ILE F 367 76.49 -54.14 -74.54
N ARG F 368 76.76 -54.17 -73.24
CA ARG F 368 78.02 -54.71 -72.74
C ARG F 368 78.11 -56.22 -72.97
N ASP F 369 77.03 -56.93 -72.69
CA ASP F 369 76.99 -58.37 -72.84
C ASP F 369 77.23 -58.82 -74.28
N LYS F 370 76.42 -58.27 -75.20
CA LYS F 370 76.58 -58.62 -76.61
C LYS F 370 77.88 -58.06 -77.17
N ALA F 371 78.46 -57.09 -76.48
CA ALA F 371 79.77 -56.58 -76.84
C ALA F 371 80.83 -57.58 -76.39
N LEU F 372 80.54 -58.28 -75.29
CA LEU F 372 81.40 -59.33 -74.79
C LEU F 372 81.14 -60.62 -75.55
N GLU F 373 80.01 -60.66 -76.26
CA GLU F 373 79.60 -61.84 -77.01
C GLU F 373 80.09 -61.81 -78.46
N MET F 374 79.98 -60.65 -79.09
CA MET F 374 80.37 -60.50 -80.48
C MET F 374 81.77 -59.92 -80.62
N ASP F 375 82.69 -60.71 -81.18
CA ASP F 375 84.04 -60.25 -81.48
C ASP F 375 84.82 -59.93 -80.20
N THR F 376 84.17 -60.12 -79.05
CA THR F 376 84.67 -59.57 -77.80
C THR F 376 84.91 -58.08 -78.05
N ILE F 377 83.93 -57.47 -78.72
CA ILE F 377 84.07 -56.14 -79.30
C ILE F 377 84.31 -55.04 -78.26
N ASN F 378 84.45 -55.44 -77.00
CA ASN F 378 84.78 -54.50 -75.93
C ASN F 378 86.07 -53.76 -76.22
N GLN F 379 87.13 -54.51 -76.52
CA GLN F 379 88.43 -53.93 -76.82
C GLN F 379 88.34 -52.89 -77.92
N ILE F 380 87.34 -53.04 -78.80
CA ILE F 380 87.11 -52.09 -79.88
C ILE F 380 86.58 -50.77 -79.32
N LEU F 381 85.88 -50.85 -78.19
CA LEU F 381 85.25 -49.66 -77.60
C LEU F 381 85.76 -49.37 -76.20
N LYS F 382 86.08 -50.44 -75.46
CA LYS F 382 86.49 -50.32 -74.07
C LYS F 382 87.87 -49.69 -73.91
N HIS F 383 88.45 -49.25 -75.02
CA HIS F 383 89.85 -48.80 -75.09
C HIS F 383 90.72 -49.69 -74.20
N ASP F 384 90.79 -50.96 -74.58
CA ASP F 384 91.37 -52.03 -73.76
C ASP F 384 92.68 -51.64 -73.08
N ALA F 385 93.51 -50.86 -73.78
CA ALA F 385 94.75 -50.36 -73.19
C ALA F 385 94.42 -49.47 -72.00
N GLY F 386 93.30 -48.75 -72.10
CA GLY F 386 92.81 -47.94 -71.00
C GLY F 386 93.55 -46.62 -70.84
N THR F 387 94.77 -46.54 -71.37
CA THR F 387 95.64 -45.39 -71.13
C THR F 387 95.68 -45.06 -69.65
N ARG F 388 95.96 -46.07 -68.84
CA ARG F 388 96.01 -45.97 -67.37
C ARG F 388 94.71 -45.46 -66.76
N GLU F 389 93.66 -45.39 -67.57
CA GLU F 389 92.35 -44.96 -67.06
C GLU F 389 91.61 -46.15 -66.45
N VAL F 390 92.33 -46.95 -65.67
CA VAL F 390 91.72 -48.06 -64.95
C VAL F 390 91.14 -47.52 -63.64
N LEU F 391 91.15 -46.20 -63.49
CA LEU F 391 90.65 -45.54 -62.30
C LEU F 391 89.14 -45.78 -62.12
N GLN F 392 88.47 -46.12 -63.22
CA GLN F 392 87.06 -46.46 -63.16
C GLN F 392 86.84 -47.63 -62.20
N GLU F 393 87.81 -48.54 -62.16
CA GLU F 393 87.78 -49.66 -61.24
C GLU F 393 87.83 -49.16 -59.80
N ALA F 394 88.61 -48.11 -59.58
CA ALA F 394 88.76 -47.52 -58.25
C ALA F 394 87.50 -46.79 -57.83
N ALA F 395 86.88 -46.10 -58.78
CA ALA F 395 85.67 -45.33 -58.50
C ALA F 395 84.42 -46.21 -58.49
N SER F 396 84.52 -47.37 -59.11
CA SER F 396 83.38 -48.29 -59.20
C SER F 396 83.16 -49.04 -57.90
N SER F 397 84.13 -48.96 -56.99
CA SER F 397 84.06 -49.71 -55.74
C SER F 397 83.45 -48.88 -54.61
N VAL F 398 83.21 -47.60 -54.86
CA VAL F 398 82.72 -46.70 -53.83
C VAL F 398 81.24 -46.36 -54.03
N ASN F 399 80.75 -46.53 -55.25
CA ASN F 399 79.36 -46.19 -55.56
C ASN F 399 78.37 -47.08 -54.83
N ASN F 400 77.31 -46.46 -54.32
CA ASN F 400 76.29 -47.18 -53.54
C ASN F 400 75.48 -48.14 -54.39
N THR F 401 75.05 -47.67 -55.56
CA THR F 401 74.15 -48.43 -56.42
C THR F 401 74.72 -49.78 -56.84
N ASP F 402 74.00 -50.85 -56.51
CA ASP F 402 74.33 -52.17 -57.01
C ASP F 402 74.01 -52.22 -58.50
N LEU F 403 74.30 -53.35 -59.14
CA LEU F 403 74.03 -53.49 -60.57
C LEU F 403 74.88 -52.48 -61.33
N LYS F 404 76.15 -52.38 -60.94
CA LYS F 404 77.06 -51.41 -61.52
C LYS F 404 78.32 -52.06 -62.10
N ASP F 405 78.13 -53.06 -62.96
CA ASP F 405 79.25 -53.66 -63.68
C ASP F 405 79.62 -52.78 -64.86
N LEU F 406 78.79 -51.76 -65.08
CA LEU F 406 78.95 -50.86 -66.21
C LEU F 406 80.24 -50.05 -66.12
N LEU F 407 80.59 -49.65 -64.89
CA LEU F 407 81.79 -48.85 -64.67
C LEU F 407 83.07 -49.59 -65.05
N PRO F 408 83.24 -50.82 -64.56
CA PRO F 408 84.42 -51.62 -64.89
C PRO F 408 84.59 -51.83 -66.39
N TYR F 409 83.48 -51.93 -67.12
CA TYR F 409 83.52 -52.16 -68.56
C TYR F 409 83.40 -50.86 -69.35
N GLY F 410 83.30 -49.74 -68.64
CA GLY F 410 83.20 -48.45 -69.28
C GLY F 410 81.79 -48.10 -69.73
N PHE F 411 80.81 -48.40 -68.89
CA PHE F 411 79.42 -48.05 -69.17
C PHE F 411 78.84 -47.20 -68.04
N GLY F 412 77.79 -46.46 -68.36
CA GLY F 412 77.19 -45.55 -67.38
C GLY F 412 75.68 -45.65 -67.28
N ILE F 413 75.17 -45.45 -66.07
CA ILE F 413 73.74 -45.43 -65.82
C ILE F 413 73.38 -44.23 -64.97
N HIS F 414 72.25 -43.60 -65.27
CA HIS F 414 71.86 -42.37 -64.60
C HIS F 414 70.35 -42.23 -64.43
N HIS F 415 69.86 -42.48 -63.23
CA HIS F 415 68.44 -42.31 -62.94
C HIS F 415 68.25 -41.70 -61.55
N ALA F 416 67.04 -41.22 -61.29
CA ALA F 416 66.74 -40.56 -60.02
C ALA F 416 66.71 -41.55 -58.86
N GLY F 417 66.71 -42.84 -59.19
CA GLY F 417 66.67 -43.88 -58.18
C GLY F 417 67.92 -43.93 -57.32
N MET F 418 69.06 -43.66 -57.94
CA MET F 418 70.34 -43.69 -57.23
C MET F 418 70.60 -42.36 -56.52
N SER F 419 71.44 -42.41 -55.50
CA SER F 419 71.72 -41.24 -54.67
C SER F 419 72.46 -40.15 -55.43
N ARG F 420 72.78 -39.06 -54.73
CA ARG F 420 73.51 -37.95 -55.33
C ARG F 420 75.02 -38.17 -55.22
N ALA F 421 75.41 -38.99 -54.24
CA ALA F 421 76.83 -39.25 -53.98
C ALA F 421 77.48 -39.95 -55.18
N ASP F 422 76.84 -41.01 -55.66
CA ASP F 422 77.38 -41.78 -56.78
C ASP F 422 76.99 -41.17 -58.11
N ARG F 423 75.80 -40.59 -58.18
CA ARG F 423 75.31 -40.00 -59.43
C ARG F 423 76.13 -38.77 -59.82
N THR F 424 76.58 -38.02 -58.82
CA THR F 424 77.41 -36.85 -59.07
C THR F 424 78.76 -37.28 -59.63
N ASP F 425 79.24 -38.43 -59.17
CA ASP F 425 80.48 -38.99 -59.69
C ASP F 425 80.31 -39.44 -61.13
N VAL F 426 79.09 -39.83 -61.48
CA VAL F 426 78.77 -40.26 -62.84
C VAL F 426 78.94 -39.11 -63.82
N GLU F 427 78.39 -37.96 -63.48
CA GLU F 427 78.48 -36.78 -64.32
C GLU F 427 79.91 -36.29 -64.45
N ASP F 428 80.68 -36.46 -63.38
CA ASP F 428 82.09 -36.04 -63.38
C ASP F 428 82.92 -36.92 -64.31
N LEU F 429 82.66 -38.22 -64.28
CA LEU F 429 83.38 -39.17 -65.12
C LEU F 429 83.04 -38.96 -66.60
N PHE F 430 81.83 -38.48 -66.85
CA PHE F 430 81.40 -38.20 -68.22
C PHE F 430 82.10 -36.95 -68.75
N ALA F 431 82.36 -36.00 -67.85
CA ALA F 431 83.05 -34.78 -68.22
C ALA F 431 84.52 -35.06 -68.54
N SER F 432 85.09 -36.02 -67.82
CA SER F 432 86.49 -36.42 -68.04
C SER F 432 86.63 -37.17 -69.35
N GLY F 433 85.65 -38.00 -69.67
CA GLY F 433 85.66 -38.78 -70.89
C GLY F 433 86.00 -40.23 -70.65
N HIS F 434 85.94 -40.63 -69.38
CA HIS F 434 86.27 -42.00 -68.99
C HIS F 434 85.09 -42.94 -69.22
N ILE F 435 83.90 -42.36 -69.36
CA ILE F 435 82.67 -43.14 -69.38
C ILE F 435 82.30 -43.67 -70.77
N GLN F 436 82.60 -42.88 -71.81
CA GLN F 436 82.26 -43.25 -73.17
C GLN F 436 80.74 -43.33 -73.39
N VAL F 437 80.11 -44.31 -72.74
CA VAL F 437 78.66 -44.49 -72.90
C VAL F 437 77.94 -44.26 -71.58
N LEU F 438 76.85 -43.50 -71.64
CA LEU F 438 76.06 -43.17 -70.45
C LEU F 438 74.56 -43.31 -70.69
N VAL F 439 74.01 -44.45 -70.29
CA VAL F 439 72.57 -44.66 -70.41
C VAL F 439 71.82 -43.91 -69.31
N CYS F 440 71.17 -42.83 -69.68
CA CYS F 440 70.48 -41.98 -68.71
C CYS F 440 68.97 -41.98 -68.92
N THR F 441 68.25 -41.33 -68.02
CA THR F 441 66.80 -41.21 -68.12
C THR F 441 66.41 -39.78 -68.49
N ALA F 442 65.10 -39.51 -68.48
CA ALA F 442 64.59 -38.20 -68.85
C ALA F 442 64.93 -37.15 -67.79
N THR F 443 65.44 -37.61 -66.65
CA THR F 443 65.79 -36.72 -65.55
C THR F 443 67.02 -35.88 -65.89
N LEU F 444 68.01 -36.50 -66.51
CA LEU F 444 69.24 -35.82 -66.86
C LEU F 444 69.02 -34.76 -67.94
N ALA F 445 67.96 -34.92 -68.71
CA ALA F 445 67.65 -33.97 -69.79
C ALA F 445 67.28 -32.61 -69.23
N TRP F 446 66.52 -32.60 -68.14
CA TRP F 446 66.10 -31.35 -67.50
C TRP F 446 67.03 -30.98 -66.35
N GLY F 447 67.46 -31.99 -65.60
CA GLY F 447 68.25 -31.78 -64.40
C GLY F 447 69.59 -31.12 -64.63
N VAL F 448 70.59 -31.93 -64.93
CA VAL F 448 71.96 -31.45 -65.05
C VAL F 448 72.33 -31.06 -66.48
N ASN F 449 73.12 -30.00 -66.62
CA ASN F 449 73.58 -29.54 -67.91
C ASN F 449 74.78 -30.37 -68.38
N LEU F 450 74.50 -31.45 -69.11
CA LEU F 450 75.55 -32.35 -69.55
C LEU F 450 75.44 -32.61 -71.05
N PRO F 451 76.40 -32.10 -71.83
CA PRO F 451 76.42 -32.23 -73.29
C PRO F 451 77.25 -33.42 -73.77
N ALA F 452 76.80 -34.04 -74.85
CA ALA F 452 77.53 -35.16 -75.45
C ALA F 452 77.52 -35.04 -76.98
N HIS F 453 78.45 -35.74 -77.62
CA HIS F 453 78.56 -35.66 -79.08
C HIS F 453 77.46 -36.48 -79.75
N THR F 454 76.99 -37.51 -79.05
CA THR F 454 75.92 -38.35 -79.59
C THR F 454 74.88 -38.65 -78.51
N VAL F 455 73.61 -38.46 -78.86
CA VAL F 455 72.52 -38.68 -77.91
C VAL F 455 71.43 -39.57 -78.50
N ILE F 456 71.48 -40.85 -78.18
CA ILE F 456 70.49 -41.80 -78.66
C ILE F 456 69.21 -41.74 -77.84
N ILE F 457 68.08 -41.95 -78.49
CA ILE F 457 66.80 -42.05 -77.81
C ILE F 457 66.15 -43.39 -78.11
N LYS F 458 66.56 -44.41 -77.37
CA LYS F 458 66.09 -45.77 -77.62
C LYS F 458 64.59 -45.90 -77.38
N GLY F 459 63.82 -45.83 -78.46
CA GLY F 459 62.37 -45.96 -78.37
C GLY F 459 61.71 -44.66 -77.98
N THR F 460 60.49 -44.45 -78.48
CA THR F 460 59.74 -43.25 -78.18
C THR F 460 58.37 -43.58 -77.60
N GLN F 461 58.24 -44.77 -77.02
CA GLN F 461 56.99 -45.18 -76.41
C GLN F 461 57.09 -45.13 -74.88
N VAL F 462 56.20 -44.36 -74.27
CA VAL F 462 56.16 -44.23 -72.82
C VAL F 462 54.75 -44.59 -72.33
N TYR F 463 54.61 -44.79 -71.02
CA TYR F 463 53.31 -45.10 -70.45
C TYR F 463 52.73 -43.90 -69.70
N SER F 464 51.49 -43.55 -70.03
CA SER F 464 50.82 -42.42 -69.41
C SER F 464 49.63 -42.89 -68.57
N PRO F 465 49.80 -42.88 -67.24
CA PRO F 465 48.73 -43.25 -66.31
C PRO F 465 47.51 -42.35 -66.48
N GLU F 466 47.75 -41.10 -66.89
CA GLU F 466 46.67 -40.15 -67.12
C GLU F 466 45.74 -40.65 -68.22
N LYS F 467 46.34 -41.16 -69.29
CA LYS F 467 45.57 -41.70 -70.41
C LYS F 467 45.36 -43.19 -70.24
N GLY F 468 46.09 -43.79 -69.30
CA GLY F 468 45.97 -45.21 -69.02
C GLY F 468 46.45 -46.08 -70.15
N SER F 469 47.23 -45.50 -71.05
CA SER F 469 47.74 -46.23 -72.20
C SER F 469 49.18 -45.84 -72.52
N TRP F 470 49.79 -46.56 -73.46
CA TRP F 470 51.15 -46.25 -73.88
C TRP F 470 51.14 -45.23 -75.01
N VAL F 471 51.51 -43.99 -74.69
CA VAL F 471 51.58 -42.93 -75.67
C VAL F 471 53.03 -42.52 -75.91
N GLU F 472 53.33 -42.04 -77.10
CA GLU F 472 54.70 -41.67 -77.45
C GLU F 472 55.16 -40.41 -76.74
N LEU F 473 56.46 -40.15 -76.81
CA LEU F 473 57.07 -39.00 -76.15
C LEU F 473 56.42 -37.68 -76.51
N SER F 474 56.57 -36.71 -75.61
CA SER F 474 56.10 -35.35 -75.87
C SER F 474 57.21 -34.56 -76.55
N PRO F 475 56.83 -33.52 -77.31
CA PRO F 475 57.80 -32.72 -78.06
C PRO F 475 58.83 -32.04 -77.15
N GLN F 476 58.38 -31.54 -76.01
CA GLN F 476 59.27 -30.84 -75.09
C GLN F 476 60.35 -31.76 -74.54
N ASP F 477 60.01 -33.03 -74.35
CA ASP F 477 60.97 -34.00 -73.83
C ASP F 477 62.05 -34.31 -74.86
N VAL F 478 61.63 -34.68 -76.07
CA VAL F 478 62.57 -35.04 -77.12
C VAL F 478 63.41 -33.83 -77.53
N LEU F 479 62.80 -32.65 -77.55
CA LEU F 479 63.53 -31.43 -77.89
C LEU F 479 64.57 -31.10 -76.83
N GLN F 480 64.26 -31.42 -75.58
CA GLN F 480 65.18 -31.16 -74.48
C GLN F 480 66.33 -32.14 -74.49
N MET F 481 66.04 -33.38 -74.90
CA MET F 481 67.06 -34.42 -74.93
C MET F 481 68.08 -34.17 -76.04
N LEU F 482 67.60 -34.02 -77.26
CA LEU F 482 68.48 -33.80 -78.40
C LEU F 482 69.19 -32.46 -78.32
N GLY F 483 68.62 -31.54 -77.54
CA GLY F 483 69.18 -30.21 -77.41
C GLY F 483 70.54 -30.21 -76.76
N ARG F 484 70.86 -31.29 -76.05
CA ARG F 484 72.13 -31.41 -75.35
C ARG F 484 73.16 -32.15 -76.20
N ALA F 485 72.85 -32.31 -77.48
CA ALA F 485 73.73 -33.02 -78.39
C ALA F 485 74.83 -32.11 -78.93
N GLY F 486 76.08 -32.54 -78.77
CA GLY F 486 77.22 -31.79 -79.27
C GLY F 486 77.76 -30.79 -78.27
N ARG F 487 78.86 -31.15 -77.62
CA ARG F 487 79.51 -30.25 -76.67
C ARG F 487 80.10 -29.06 -77.40
N PRO F 488 79.59 -27.86 -77.11
CA PRO F 488 79.93 -26.62 -77.83
C PRO F 488 81.41 -26.26 -77.77
N GLN F 489 82.14 -26.80 -76.80
CA GLN F 489 83.54 -26.46 -76.63
C GLN F 489 84.43 -27.13 -77.68
N TYR F 490 84.21 -28.41 -77.92
CA TYR F 490 84.99 -29.13 -78.93
C TYR F 490 84.16 -30.12 -79.72
N ASP F 491 83.79 -29.72 -80.94
CA ASP F 491 83.09 -30.61 -81.87
C ASP F 491 82.84 -29.88 -83.19
N THR F 492 82.85 -30.64 -84.29
CA THR F 492 82.57 -30.07 -85.60
C THR F 492 81.06 -30.04 -85.84
N TYR F 493 80.34 -30.87 -85.08
CA TYR F 493 78.89 -30.98 -85.22
C TYR F 493 78.31 -31.87 -84.12
N GLY F 494 76.99 -31.99 -84.09
CA GLY F 494 76.32 -32.83 -83.11
C GLY F 494 75.61 -34.01 -83.76
N GLU F 495 75.69 -35.17 -83.12
CA GLU F 495 75.03 -36.36 -83.64
C GLU F 495 73.58 -36.42 -83.17
N GLY F 496 73.34 -37.14 -82.08
CA GLY F 496 72.02 -37.21 -81.46
C GLY F 496 70.91 -37.71 -82.35
N ILE F 497 70.55 -38.97 -82.20
CA ILE F 497 69.52 -39.56 -83.06
C ILE F 497 68.39 -40.20 -82.25
N ILE F 498 67.24 -40.34 -82.89
CA ILE F 498 66.06 -40.90 -82.24
C ILE F 498 65.63 -42.20 -82.90
N ILE F 499 65.25 -43.18 -82.08
CA ILE F 499 64.84 -44.48 -82.58
C ILE F 499 63.36 -44.73 -82.30
N THR F 500 62.56 -44.85 -83.36
CA THR F 500 61.13 -45.07 -83.22
C THR F 500 60.62 -46.01 -84.31
N THR F 501 59.29 -46.06 -84.47
CA THR F 501 58.68 -46.86 -85.51
C THR F 501 58.55 -46.06 -86.80
N GLN F 502 58.47 -46.77 -87.92
CA GLN F 502 58.43 -46.12 -89.24
C GLN F 502 57.21 -45.23 -89.40
N GLY F 503 56.07 -45.66 -88.85
CA GLY F 503 54.83 -44.93 -88.99
C GLY F 503 54.81 -43.63 -88.22
N GLU F 504 55.84 -43.40 -87.41
CA GLU F 504 55.90 -42.22 -86.56
C GLU F 504 57.10 -41.34 -86.88
N ILE F 505 57.83 -41.68 -87.94
CA ILE F 505 59.00 -40.89 -88.34
C ILE F 505 58.64 -39.52 -88.92
N PRO F 506 57.49 -39.40 -89.60
CA PRO F 506 57.17 -38.07 -90.14
C PRO F 506 56.94 -37.04 -89.05
N TYR F 507 56.48 -37.48 -87.89
CA TYR F 507 56.22 -36.58 -86.76
C TYR F 507 57.51 -35.96 -86.25
N TYR F 508 58.48 -36.80 -85.93
CA TYR F 508 59.76 -36.32 -85.39
C TYR F 508 60.59 -35.60 -86.45
N LEU F 509 60.22 -35.78 -87.72
CA LEU F 509 60.86 -35.05 -88.80
C LEU F 509 60.36 -33.61 -88.81
N SER F 510 59.08 -33.44 -88.49
CA SER F 510 58.46 -32.12 -88.44
C SER F 510 58.91 -31.35 -87.21
N LEU F 511 59.12 -32.08 -86.12
CA LEU F 511 59.47 -31.47 -84.85
C LEU F 511 60.93 -31.02 -84.81
N LEU F 512 61.82 -31.85 -85.33
CA LEU F 512 63.24 -31.58 -85.24
C LEU F 512 63.72 -30.69 -86.41
N ASN F 513 62.79 -30.29 -87.26
CA ASN F 513 63.14 -29.43 -88.39
C ASN F 513 62.25 -28.19 -88.47
N GLN F 514 61.75 -27.76 -87.32
CA GLN F 514 60.97 -26.52 -87.23
C GLN F 514 59.75 -26.54 -88.15
N GLN F 515 58.94 -27.59 -88.06
CA GLN F 515 57.76 -27.70 -88.90
C GLN F 515 56.60 -28.34 -88.16
N LEU F 516 56.73 -28.47 -86.84
CA LEU F 516 55.65 -28.97 -86.01
C LEU F 516 54.88 -27.81 -85.40
N PRO F 517 53.76 -27.42 -86.04
CA PRO F 517 52.98 -26.23 -85.67
C PRO F 517 52.46 -26.31 -84.24
N ILE F 518 52.65 -25.24 -83.49
CA ILE F 518 52.11 -25.14 -82.14
C ILE F 518 50.63 -24.83 -82.18
N GLU F 519 49.81 -25.69 -81.60
CA GLU F 519 48.37 -25.53 -81.63
C GLU F 519 47.79 -25.37 -80.23
N SER F 520 46.47 -25.23 -80.17
CA SER F 520 45.78 -25.01 -78.90
C SER F 520 44.95 -26.21 -78.45
N GLN F 521 45.27 -26.73 -77.28
CA GLN F 521 44.53 -27.86 -76.71
C GLN F 521 43.59 -27.38 -75.61
N LEU F 522 43.11 -26.15 -75.75
CA LEU F 522 42.29 -25.51 -74.73
C LEU F 522 40.95 -26.18 -74.53
N VAL F 523 40.38 -26.71 -75.62
CA VAL F 523 39.07 -27.33 -75.58
C VAL F 523 39.05 -28.53 -74.63
N SER F 524 40.19 -29.19 -74.48
CA SER F 524 40.29 -30.37 -73.62
C SER F 524 40.01 -30.01 -72.17
N LYS F 525 40.13 -28.72 -71.84
CA LYS F 525 39.85 -28.24 -70.51
C LYS F 525 39.25 -26.84 -70.53
N LEU F 526 38.47 -26.56 -71.57
CA LEU F 526 37.79 -25.27 -71.69
C LEU F 526 36.75 -25.10 -70.58
N VAL F 527 36.01 -26.16 -70.32
CA VAL F 527 34.98 -26.14 -69.29
C VAL F 527 35.58 -25.90 -67.91
N ASP F 528 36.72 -26.53 -67.64
CA ASP F 528 37.40 -26.37 -66.36
C ASP F 528 38.14 -25.03 -66.29
N SER F 529 38.39 -24.45 -67.46
CA SER F 529 39.12 -23.19 -67.54
C SER F 529 38.18 -22.00 -67.39
N LEU F 530 36.95 -22.15 -67.88
CA LEU F 530 35.95 -21.10 -67.79
C LEU F 530 35.43 -20.97 -66.37
N ASN F 531 35.20 -22.10 -65.72
CA ASN F 531 34.73 -22.11 -64.35
C ASN F 531 35.70 -21.41 -63.40
N ALA F 532 36.98 -21.69 -63.56
CA ALA F 532 38.00 -21.09 -62.71
C ALA F 532 38.06 -19.58 -62.91
N GLU F 533 37.53 -19.11 -64.04
CA GLU F 533 37.52 -17.69 -64.34
C GLU F 533 36.29 -17.04 -63.72
N ILE F 534 35.20 -17.79 -63.66
CA ILE F 534 33.96 -17.31 -63.05
C ILE F 534 34.13 -17.21 -61.54
N VAL F 535 34.98 -18.07 -60.98
CA VAL F 535 35.25 -18.06 -59.55
C VAL F 535 36.00 -16.80 -59.13
N LEU F 536 36.92 -16.35 -59.98
CA LEU F 536 37.70 -15.15 -59.69
C LEU F 536 36.87 -13.89 -59.92
N GLY F 537 35.71 -14.05 -60.55
CA GLY F 537 34.80 -12.94 -60.75
C GLY F 537 35.07 -12.16 -62.03
N ASN F 538 36.08 -12.58 -62.78
CA ASN F 538 36.43 -11.90 -64.02
C ASN F 538 35.34 -12.03 -65.09
N VAL F 539 34.43 -12.98 -64.87
CA VAL F 539 33.33 -13.19 -65.80
C VAL F 539 32.05 -13.59 -65.05
N ARG F 540 31.04 -12.74 -65.14
CA ARG F 540 29.76 -13.00 -64.47
C ARG F 540 28.62 -13.07 -65.47
N ASN F 541 28.90 -12.76 -66.72
CA ASN F 541 27.89 -12.86 -67.77
C ASN F 541 28.43 -13.57 -69.01
N ARG F 542 27.53 -13.90 -69.93
CA ARG F 542 27.90 -14.65 -71.12
C ARG F 542 28.80 -13.84 -72.05
N ASP F 543 28.53 -12.54 -72.14
CA ASP F 543 29.30 -11.68 -73.04
C ASP F 543 30.73 -11.51 -72.56
N GLU F 544 30.91 -11.43 -71.24
CA GLU F 544 32.25 -11.34 -70.67
C GLU F 544 33.03 -12.62 -70.92
N GLY F 545 32.31 -13.75 -70.95
CA GLY F 545 32.91 -15.02 -71.28
C GLY F 545 33.38 -15.00 -72.72
N VAL F 546 32.63 -14.30 -73.57
CA VAL F 546 32.98 -14.14 -74.96
C VAL F 546 34.20 -13.25 -75.11
N GLU F 547 34.21 -12.15 -74.37
CA GLU F 547 35.35 -11.24 -74.38
C GLU F 547 36.61 -11.92 -73.88
N TRP F 548 36.45 -12.77 -72.86
CA TRP F 548 37.57 -13.50 -72.29
C TRP F 548 38.12 -14.54 -73.26
N LEU F 549 37.22 -15.16 -74.02
CA LEU F 549 37.62 -16.19 -74.96
C LEU F 549 38.37 -15.60 -76.15
N GLY F 550 38.32 -14.28 -76.27
CA GLY F 550 39.01 -13.59 -77.35
C GLY F 550 40.46 -13.33 -77.03
N TYR F 551 40.85 -13.59 -75.78
CA TYR F 551 42.22 -13.36 -75.34
C TYR F 551 43.01 -14.67 -75.27
N THR F 552 42.35 -15.77 -75.63
CA THR F 552 42.99 -17.08 -75.54
C THR F 552 43.67 -17.47 -76.85
N TYR F 553 44.57 -18.44 -76.78
CA TYR F 553 45.31 -18.90 -77.94
C TYR F 553 44.41 -19.66 -78.89
N LEU F 554 43.36 -20.27 -78.35
CA LEU F 554 42.39 -21.00 -79.15
C LEU F 554 41.65 -20.08 -80.12
N PHE F 555 41.52 -18.82 -79.73
CA PHE F 555 40.80 -17.85 -80.54
C PHE F 555 41.59 -17.43 -81.77
N VAL F 556 42.83 -17.03 -81.55
CA VAL F 556 43.69 -16.60 -82.65
C VAL F 556 43.91 -17.72 -83.65
N ARG F 557 44.02 -18.94 -83.13
CA ARG F 557 44.19 -20.11 -83.99
C ARG F 557 42.90 -20.47 -84.71
N MET F 558 41.78 -19.92 -84.22
CA MET F 558 40.50 -20.13 -84.89
C MET F 558 40.30 -19.08 -85.97
N LEU F 559 40.99 -17.96 -85.85
CA LEU F 559 40.88 -16.88 -86.81
C LEU F 559 41.64 -17.19 -88.09
N ARG F 560 42.88 -17.67 -87.93
CA ARG F 560 43.73 -18.00 -89.07
C ARG F 560 43.30 -19.31 -89.73
N SER F 561 42.88 -20.27 -88.91
CA SER F 561 42.50 -21.59 -89.40
C SER F 561 41.07 -21.94 -89.03
N PRO F 562 40.10 -21.30 -89.69
CA PRO F 562 38.68 -21.54 -89.43
C PRO F 562 38.21 -22.91 -89.91
N GLY F 563 39.08 -23.62 -90.61
CA GLY F 563 38.74 -24.94 -91.12
C GLY F 563 39.44 -26.04 -90.34
N LEU F 564 40.68 -25.77 -89.94
CA LEU F 564 41.48 -26.75 -89.22
C LEU F 564 40.95 -26.95 -87.81
N TYR F 565 40.35 -25.91 -87.25
CA TYR F 565 39.83 -25.98 -85.88
C TYR F 565 38.34 -26.28 -85.85
N SER F 566 37.83 -26.81 -86.96
CA SER F 566 36.46 -27.30 -87.02
C SER F 566 35.42 -26.23 -86.71
N VAL F 567 35.70 -24.98 -87.06
CA VAL F 567 34.71 -23.92 -86.94
C VAL F 567 33.54 -24.24 -87.85
N GLY F 568 32.33 -24.24 -87.29
CA GLY F 568 31.13 -24.69 -87.96
C GLY F 568 30.91 -24.26 -89.41
N ALA F 569 31.66 -23.25 -89.85
CA ALA F 569 31.53 -22.73 -91.22
C ALA F 569 30.19 -22.03 -91.44
N GLU F 570 29.28 -22.19 -90.47
CA GLU F 570 28.02 -21.47 -90.48
C GLU F 570 28.22 -20.12 -89.81
N TYR F 571 29.45 -19.87 -89.39
CA TYR F 571 29.83 -18.63 -88.73
C TYR F 571 30.69 -17.77 -89.66
N GLU F 572 30.53 -17.98 -90.96
CA GLU F 572 31.34 -17.26 -91.94
C GLU F 572 30.90 -15.80 -92.06
N ASP F 573 29.60 -15.55 -91.93
CA ASP F 573 29.09 -14.19 -91.99
C ASP F 573 29.53 -13.39 -90.77
N ASP F 574 29.83 -14.10 -89.69
CA ASP F 574 30.36 -13.46 -88.49
C ASP F 574 31.81 -13.05 -88.72
N VAL F 575 32.13 -11.80 -88.43
CA VAL F 575 33.45 -11.25 -88.74
C VAL F 575 34.48 -11.54 -87.66
N ALA F 576 34.04 -11.66 -86.42
CA ALA F 576 34.95 -11.84 -85.30
C ALA F 576 34.70 -13.13 -84.54
N LEU F 577 33.94 -14.04 -85.15
CA LEU F 577 33.61 -15.32 -84.53
C LEU F 577 32.88 -15.12 -83.21
N GLU F 578 32.26 -13.95 -83.07
CA GLU F 578 31.52 -13.62 -81.85
C GLU F 578 30.40 -14.61 -81.59
N GLN F 579 29.66 -14.95 -82.63
CA GLN F 579 28.56 -15.89 -82.52
C GLN F 579 29.06 -17.25 -82.01
N LYS F 580 30.19 -17.69 -82.55
CA LYS F 580 30.76 -18.98 -82.16
C LYS F 580 31.23 -18.97 -80.72
N ARG F 581 31.88 -17.90 -80.30
CA ARG F 581 32.34 -17.78 -78.93
C ARG F 581 31.14 -17.81 -77.98
N VAL F 582 29.99 -17.39 -78.50
CA VAL F 582 28.74 -17.49 -77.76
C VAL F 582 28.31 -18.93 -77.62
N ASP F 583 28.39 -19.67 -78.73
CA ASP F 583 28.01 -21.08 -78.73
C ASP F 583 28.93 -21.88 -77.82
N LEU F 584 30.21 -21.52 -77.80
CA LEU F 584 31.19 -22.21 -76.97
C LEU F 584 30.96 -21.93 -75.49
N ILE F 585 30.85 -20.64 -75.16
CA ILE F 585 30.63 -20.23 -73.78
C ILE F 585 29.32 -20.77 -73.24
N HIS F 586 28.28 -20.72 -74.06
CA HIS F 586 26.96 -21.21 -73.66
C HIS F 586 26.98 -22.71 -73.42
N SER F 587 27.42 -23.46 -74.43
CA SER F 587 27.44 -24.92 -74.34
C SER F 587 28.39 -25.41 -73.26
N ALA F 588 29.39 -24.59 -72.94
CA ALA F 588 30.34 -24.92 -71.89
C ALA F 588 29.78 -24.56 -70.52
N ALA F 589 29.03 -23.47 -70.46
CA ALA F 589 28.41 -23.03 -69.22
C ALA F 589 27.27 -23.96 -68.83
N MET F 590 26.63 -24.55 -69.83
CA MET F 590 25.52 -25.48 -69.59
C MET F 590 26.00 -26.73 -68.85
N VAL F 591 27.12 -27.29 -69.28
CA VAL F 591 27.67 -28.46 -68.61
C VAL F 591 28.20 -28.08 -67.23
N LEU F 592 28.41 -26.79 -67.02
CA LEU F 592 28.79 -26.28 -65.71
C LEU F 592 27.57 -26.08 -64.83
N LYS F 593 26.42 -25.88 -65.48
CA LYS F 593 25.17 -25.72 -64.75
C LYS F 593 24.61 -27.07 -64.31
N LYS F 594 24.65 -28.04 -65.21
CA LYS F 594 24.16 -29.38 -64.92
C LYS F 594 24.95 -30.00 -63.77
N SER F 595 26.26 -29.78 -63.76
CA SER F 595 27.11 -30.30 -62.71
C SER F 595 26.98 -29.48 -61.43
N ASN F 596 26.22 -28.40 -61.52
CA ASN F 596 25.94 -27.54 -60.37
C ASN F 596 27.18 -26.82 -59.84
N LEU F 597 28.20 -26.67 -60.69
CA LEU F 597 29.40 -25.94 -60.30
C LEU F 597 29.16 -24.44 -60.38
N ILE F 598 28.21 -24.03 -61.21
CA ILE F 598 27.87 -22.62 -61.33
C ILE F 598 26.37 -22.45 -61.55
N LYS F 599 25.87 -21.24 -61.30
CA LYS F 599 24.47 -20.94 -61.52
C LYS F 599 24.32 -20.11 -62.80
N TYR F 600 23.80 -20.74 -63.84
CA TYR F 600 23.78 -20.12 -65.17
C TYR F 600 22.35 -19.81 -65.64
N ASP F 601 22.18 -18.60 -66.17
CA ASP F 601 20.89 -18.19 -66.72
C ASP F 601 20.95 -18.17 -68.24
N GLU F 602 19.87 -18.60 -68.88
CA GLU F 602 19.84 -18.72 -70.33
C GLU F 602 19.59 -17.39 -71.03
N LYS F 603 18.35 -16.89 -70.94
CA LYS F 603 17.95 -15.69 -71.66
C LYS F 603 18.72 -14.44 -71.24
N THR F 604 19.19 -14.41 -70.00
CA THR F 604 19.94 -13.26 -69.50
C THR F 604 21.43 -13.43 -69.75
N GLY F 605 21.88 -14.69 -69.75
CA GLY F 605 23.28 -15.00 -69.99
C GLY F 605 24.18 -14.55 -68.86
N LYS F 606 23.60 -14.38 -67.68
CA LYS F 606 24.37 -13.97 -66.51
C LYS F 606 24.76 -15.19 -65.68
N MET F 607 25.96 -15.16 -65.12
CA MET F 607 26.49 -16.32 -64.41
C MET F 607 26.94 -15.97 -62.99
N GLN F 608 26.92 -16.98 -62.12
CA GLN F 608 27.40 -16.82 -60.76
C GLN F 608 28.01 -18.13 -60.26
N ALA F 609 29.14 -18.03 -59.57
CA ALA F 609 29.86 -19.21 -59.10
C ALA F 609 29.12 -19.92 -57.98
N THR F 610 29.76 -20.94 -57.42
CA THR F 610 29.19 -21.71 -56.33
C THR F 610 30.30 -22.28 -55.46
N GLU F 611 29.97 -22.67 -54.23
CA GLU F 611 30.94 -23.28 -53.34
C GLU F 611 31.53 -24.54 -53.95
N LEU F 612 30.73 -25.22 -54.77
CA LEU F 612 31.18 -26.42 -55.47
C LEU F 612 32.18 -26.05 -56.55
N GLY F 613 31.81 -25.08 -57.38
CA GLY F 613 32.68 -24.61 -58.45
C GLY F 613 33.95 -23.99 -57.90
N ARG F 614 33.85 -23.34 -56.76
CA ARG F 614 34.99 -22.72 -56.11
C ARG F 614 36.04 -23.77 -55.75
N ILE F 615 35.61 -24.83 -55.07
CA ILE F 615 36.50 -25.88 -54.64
C ILE F 615 37.16 -26.57 -55.83
N ALA F 616 36.39 -26.73 -56.90
CA ALA F 616 36.90 -27.35 -58.12
C ALA F 616 38.02 -26.52 -58.73
N SER F 617 37.86 -25.20 -58.65
CA SER F 617 38.85 -24.28 -59.21
C SER F 617 40.09 -24.21 -58.32
N HIS F 618 39.88 -24.21 -57.01
CA HIS F 618 40.98 -24.07 -56.05
C HIS F 618 41.82 -25.32 -55.95
N TYR F 619 41.32 -26.43 -56.50
CA TYR F 619 42.03 -27.70 -56.40
C TYR F 619 42.18 -28.41 -57.75
N TYR F 620 41.80 -27.73 -58.82
CA TYR F 620 41.95 -28.25 -60.17
C TYR F 620 41.25 -29.59 -60.35
N ILE F 621 39.95 -29.60 -60.11
CA ILE F 621 39.17 -30.83 -60.21
C ILE F 621 38.28 -30.82 -61.45
N SER F 622 38.13 -31.98 -62.08
CA SER F 622 37.25 -32.13 -63.23
C SER F 622 35.81 -31.87 -62.81
N HIS F 623 35.07 -31.17 -63.66
CA HIS F 623 33.67 -30.86 -63.36
C HIS F 623 32.84 -32.13 -63.28
N GLU F 624 33.41 -33.24 -63.73
CA GLU F 624 32.75 -34.54 -63.65
C GLU F 624 32.93 -35.14 -62.25
N SER F 625 34.14 -34.99 -61.72
CA SER F 625 34.47 -35.54 -60.41
C SER F 625 33.69 -34.82 -59.30
N MET F 626 33.50 -33.52 -59.47
CA MET F 626 32.76 -32.72 -58.49
C MET F 626 31.30 -33.15 -58.44
N ASP F 627 30.78 -33.61 -59.56
CA ASP F 627 29.40 -34.06 -59.64
C ASP F 627 29.21 -35.37 -58.88
N THR F 628 30.19 -36.26 -58.99
CA THR F 628 30.14 -37.54 -58.29
C THR F 628 30.32 -37.34 -56.80
N TYR F 629 31.15 -36.37 -56.42
CA TYR F 629 31.37 -36.05 -55.02
C TYR F 629 30.09 -35.50 -54.40
N ASN F 630 29.47 -34.55 -55.09
CA ASN F 630 28.27 -33.88 -54.59
C ASN F 630 27.07 -34.81 -54.48
N LYS F 631 27.07 -35.89 -55.26
CA LYS F 631 25.93 -36.79 -55.30
C LYS F 631 26.08 -38.00 -54.38
N LEU F 632 27.26 -38.62 -54.39
CA LEU F 632 27.45 -39.88 -53.67
C LEU F 632 28.04 -39.71 -52.28
N ILE F 633 28.15 -38.46 -51.81
CA ILE F 633 28.65 -38.21 -50.46
C ILE F 633 27.50 -37.89 -49.51
N HIS F 634 27.42 -38.64 -48.42
CA HIS F 634 26.39 -38.44 -47.42
C HIS F 634 27.00 -38.31 -46.03
N PRO F 635 26.25 -37.73 -45.08
CA PRO F 635 26.71 -37.45 -43.72
C PRO F 635 27.14 -38.70 -42.96
N ALA F 636 26.51 -39.84 -43.24
CA ALA F 636 26.76 -41.06 -42.48
C ALA F 636 27.79 -41.95 -43.14
N MET F 637 28.48 -41.42 -44.15
CA MET F 637 29.47 -42.20 -44.90
C MET F 637 30.71 -42.45 -44.05
N ASN F 638 31.26 -43.65 -44.16
CA ASN F 638 32.42 -44.03 -43.37
C ASN F 638 33.72 -44.04 -44.17
N ASP F 639 34.77 -44.63 -43.59
CA ASP F 639 36.08 -44.65 -44.23
C ASP F 639 36.08 -45.52 -45.48
N VAL F 640 35.42 -46.66 -45.42
CA VAL F 640 35.35 -47.57 -46.56
C VAL F 640 34.66 -46.92 -47.75
N GLU F 641 33.49 -46.33 -47.50
CA GLU F 641 32.74 -45.71 -48.57
C GLU F 641 33.41 -44.44 -49.07
N LEU F 642 34.17 -43.79 -48.19
CA LEU F 642 34.84 -42.55 -48.56
C LEU F 642 35.96 -42.82 -49.55
N PHE F 643 36.71 -43.89 -49.31
CA PHE F 643 37.73 -44.33 -50.26
C PHE F 643 37.10 -44.68 -51.60
N ARG F 644 35.96 -45.34 -51.54
CA ARG F 644 35.22 -45.74 -52.73
C ARG F 644 34.89 -44.52 -53.59
N VAL F 645 34.53 -43.42 -52.93
CA VAL F 645 34.22 -42.19 -53.63
C VAL F 645 35.48 -41.61 -54.25
N PHE F 646 36.61 -41.84 -53.60
CA PHE F 646 37.90 -41.35 -54.10
C PHE F 646 38.27 -42.03 -55.41
N ALA F 647 37.97 -43.32 -55.52
CA ALA F 647 38.32 -44.09 -56.70
C ALA F 647 37.37 -43.82 -57.86
N GLN F 648 36.27 -43.13 -57.56
CA GLN F 648 35.28 -42.82 -58.59
C GLN F 648 35.58 -41.49 -59.27
N SER F 649 36.75 -40.94 -59.00
CA SER F 649 37.17 -39.67 -59.59
C SER F 649 37.33 -39.82 -61.10
N GLY F 650 37.07 -38.73 -61.82
CA GLY F 650 37.20 -38.72 -63.27
C GLY F 650 38.64 -38.80 -63.73
N GLU F 651 39.56 -38.43 -62.84
CA GLU F 651 40.98 -38.41 -63.18
C GLU F 651 41.52 -39.83 -63.36
N PHE F 652 40.81 -40.81 -62.84
CA PHE F 652 41.25 -42.20 -62.95
C PHE F 652 40.37 -42.98 -63.93
N LYS F 653 39.62 -42.25 -64.75
CA LYS F 653 38.64 -42.87 -65.64
C LYS F 653 39.28 -43.76 -66.71
N TYR F 654 40.52 -43.45 -67.08
CA TYR F 654 41.19 -44.15 -68.16
C TYR F 654 42.20 -45.17 -67.68
N ILE F 655 42.20 -45.45 -66.37
CA ILE F 655 43.10 -46.46 -65.82
C ILE F 655 42.39 -47.81 -65.76
N PRO F 656 42.84 -48.75 -66.58
CA PRO F 656 42.22 -50.07 -66.71
C PRO F 656 42.77 -51.09 -65.70
N VAL F 657 42.08 -52.23 -65.60
CA VAL F 657 42.55 -53.34 -64.80
C VAL F 657 43.06 -54.45 -65.70
N ARG F 658 44.38 -54.69 -65.65
CA ARG F 658 45.01 -55.64 -66.55
C ARG F 658 45.11 -57.04 -65.95
N GLN F 659 44.93 -58.05 -66.81
CA GLN F 659 45.03 -59.44 -66.40
C GLN F 659 46.44 -59.75 -65.90
N GLU F 660 47.40 -58.95 -66.35
CA GLU F 660 48.78 -59.10 -65.91
C GLU F 660 48.93 -58.75 -64.43
N GLU F 661 47.98 -57.98 -63.92
CA GLU F 661 48.06 -57.44 -62.57
C GLU F 661 47.03 -58.04 -61.62
N LYS F 662 46.11 -58.83 -62.18
CA LYS F 662 45.07 -59.46 -61.36
C LYS F 662 45.66 -60.36 -60.28
N LEU F 663 46.78 -61.00 -60.60
CA LEU F 663 47.47 -61.85 -59.64
C LEU F 663 48.08 -61.00 -58.53
N GLU F 664 48.61 -59.84 -58.91
CA GLU F 664 49.26 -58.94 -57.96
C GLU F 664 48.24 -58.22 -57.09
N LEU F 665 47.15 -57.77 -57.71
CA LEU F 665 46.10 -57.06 -57.00
C LEU F 665 45.26 -58.00 -56.15
N ALA F 666 45.26 -59.28 -56.50
CA ALA F 666 44.50 -60.27 -55.74
C ALA F 666 45.02 -60.38 -54.32
N LYS F 667 46.31 -60.70 -54.18
CA LYS F 667 46.94 -60.79 -52.87
C LYS F 667 47.07 -59.41 -52.22
N LEU F 668 47.06 -58.37 -53.05
CA LEU F 668 47.23 -57.01 -52.57
C LEU F 668 45.93 -56.44 -52.03
N LEU F 669 44.81 -56.90 -52.59
CA LEU F 669 43.50 -56.42 -52.16
C LEU F 669 43.07 -57.07 -50.85
N ALA F 670 43.92 -57.94 -50.32
CA ALA F 670 43.62 -58.65 -49.08
C ALA F 670 44.61 -58.34 -47.98
N ARG F 671 45.46 -57.33 -48.20
CA ARG F 671 46.43 -56.92 -47.20
C ARG F 671 46.40 -55.41 -46.98
N VAL F 672 45.43 -54.74 -47.59
CA VAL F 672 45.25 -53.31 -47.37
C VAL F 672 44.42 -53.08 -46.12
N PRO F 673 44.72 -51.99 -45.40
CA PRO F 673 44.04 -51.65 -44.13
C PRO F 673 42.52 -51.56 -44.27
N ILE F 674 42.04 -50.51 -44.93
CA ILE F 674 40.61 -50.33 -45.11
C ILE F 674 40.03 -51.34 -46.08
N PRO F 675 39.10 -52.17 -45.59
CA PRO F 675 38.41 -53.16 -46.43
C PRO F 675 37.71 -52.53 -47.62
N VAL F 676 38.03 -53.00 -48.82
CA VAL F 676 37.43 -52.46 -50.03
C VAL F 676 36.92 -53.60 -50.91
N LYS F 677 36.53 -54.70 -50.25
CA LYS F 677 36.11 -55.91 -50.95
C LYS F 677 34.84 -55.69 -51.78
N GLU F 678 34.22 -54.53 -51.62
CA GLU F 678 33.03 -54.17 -52.40
C GLU F 678 33.29 -54.30 -53.89
N SER F 679 34.35 -53.65 -54.36
CA SER F 679 34.73 -53.76 -55.76
C SER F 679 35.61 -54.99 -55.98
N ILE F 680 35.48 -55.61 -57.14
CA ILE F 680 36.27 -56.81 -57.45
C ILE F 680 36.77 -56.79 -58.89
N GLU F 681 38.05 -56.48 -59.05
CA GLU F 681 38.68 -56.43 -60.36
C GLU F 681 38.04 -55.39 -61.27
N GLU F 682 37.58 -54.30 -60.67
CA GLU F 682 37.13 -53.14 -61.42
C GLU F 682 38.16 -52.03 -61.30
N PRO F 683 38.07 -51.01 -62.16
CA PRO F 683 39.02 -49.91 -62.11
C PRO F 683 39.00 -49.21 -60.75
N THR F 684 37.83 -49.19 -60.13
CA THR F 684 37.66 -48.54 -58.82
C THR F 684 38.50 -49.22 -57.75
N ALA F 685 38.45 -50.54 -57.71
CA ALA F 685 39.20 -51.31 -56.72
C ALA F 685 40.69 -51.14 -56.92
N LYS F 686 41.12 -51.07 -58.17
CA LYS F 686 42.54 -50.91 -58.49
C LYS F 686 43.07 -49.58 -57.97
N ILE F 687 42.30 -48.52 -58.18
CA ILE F 687 42.69 -47.19 -57.73
C ILE F 687 42.72 -47.13 -56.21
N ASN F 688 41.69 -47.68 -55.58
CA ASN F 688 41.58 -47.69 -54.13
C ASN F 688 42.74 -48.42 -53.48
N VAL F 689 42.97 -49.66 -53.89
CA VAL F 689 44.01 -50.49 -53.30
C VAL F 689 45.40 -49.90 -53.51
N LEU F 690 45.57 -49.21 -54.64
CA LEU F 690 46.86 -48.59 -54.95
C LEU F 690 47.21 -47.51 -53.94
N LEU F 691 46.22 -46.70 -53.58
CA LEU F 691 46.42 -45.62 -52.62
C LEU F 691 46.80 -46.16 -51.25
N GLN F 692 46.05 -47.16 -50.79
CA GLN F 692 46.33 -47.80 -49.51
C GLN F 692 47.68 -48.50 -49.55
N ALA F 693 48.01 -49.06 -50.70
CA ALA F 693 49.28 -49.75 -50.88
C ALA F 693 50.44 -48.77 -50.75
N TYR F 694 50.25 -47.57 -51.27
CA TYR F 694 51.26 -46.53 -51.20
C TYR F 694 51.51 -46.09 -49.77
N ILE F 695 50.47 -46.15 -48.95
CA ILE F 695 50.56 -45.72 -47.56
C ILE F 695 51.15 -46.81 -46.66
N SER F 696 50.70 -48.04 -46.86
CA SER F 696 51.12 -49.15 -46.01
C SER F 696 52.44 -49.77 -46.47
N ARG F 697 53.05 -49.17 -47.49
CA ARG F 697 54.29 -49.70 -48.05
C ARG F 697 54.08 -51.13 -48.54
N LEU F 698 53.22 -51.29 -49.54
CA LEU F 698 52.86 -52.62 -50.03
C LEU F 698 53.68 -53.03 -51.24
N LYS F 699 53.55 -54.31 -51.62
CA LYS F 699 54.30 -54.86 -52.73
C LYS F 699 53.73 -54.43 -54.08
N LEU F 700 54.58 -53.79 -54.89
CA LEU F 700 54.23 -53.47 -56.26
C LEU F 700 55.43 -53.74 -57.15
N GLU F 701 55.29 -54.69 -58.07
CA GLU F 701 56.39 -55.08 -58.94
C GLU F 701 56.03 -54.85 -60.40
N GLY F 702 54.76 -54.54 -60.65
CA GLY F 702 54.30 -54.24 -61.99
C GLY F 702 54.95 -52.98 -62.53
N LEU F 703 55.30 -53.01 -63.82
CA LEU F 703 55.98 -51.88 -64.45
C LEU F 703 55.04 -50.69 -64.61
N ALA F 704 53.91 -50.93 -65.26
CA ALA F 704 52.91 -49.88 -65.48
C ALA F 704 52.01 -49.72 -64.26
N LEU F 705 51.99 -50.74 -63.41
CA LEU F 705 51.17 -50.71 -62.20
C LEU F 705 51.69 -49.66 -61.23
N MET F 706 53.01 -49.61 -61.08
CA MET F 706 53.64 -48.65 -60.18
C MET F 706 53.39 -47.23 -60.64
N ALA F 707 53.40 -47.03 -61.95
CA ALA F 707 53.16 -45.71 -62.53
C ALA F 707 51.72 -45.28 -62.32
N ASP F 708 50.82 -46.25 -62.30
CA ASP F 708 49.40 -45.97 -62.07
C ASP F 708 49.18 -45.52 -60.63
N MET F 709 49.87 -46.17 -59.71
CA MET F 709 49.75 -45.84 -58.29
C MET F 709 50.34 -44.46 -58.00
N VAL F 710 51.47 -44.16 -58.61
CA VAL F 710 52.14 -42.89 -58.41
C VAL F 710 51.30 -41.72 -58.90
N TYR F 711 50.58 -41.93 -60.00
CA TYR F 711 49.68 -40.92 -60.52
C TYR F 711 48.50 -40.71 -59.58
N VAL F 712 48.00 -41.80 -59.03
CA VAL F 712 46.92 -41.74 -58.07
C VAL F 712 47.38 -41.03 -56.80
N THR F 713 48.66 -41.17 -56.49
CA THR F 713 49.24 -40.54 -55.32
C THR F 713 49.38 -39.04 -55.49
N GLN F 714 50.06 -38.63 -56.56
CA GLN F 714 50.33 -37.21 -56.80
C GLN F 714 49.07 -36.42 -57.12
N SER F 715 47.95 -37.13 -57.25
CA SER F 715 46.67 -36.48 -57.53
C SER F 715 45.72 -36.64 -56.36
N ALA F 716 46.03 -37.58 -55.47
CA ALA F 716 45.18 -37.86 -54.31
C ALA F 716 45.12 -36.67 -53.37
N GLY F 717 46.19 -35.89 -53.34
CA GLY F 717 46.27 -34.74 -52.45
C GLY F 717 45.16 -33.74 -52.68
N ARG F 718 45.10 -33.19 -53.88
CA ARG F 718 44.10 -32.19 -54.22
C ARG F 718 42.70 -32.80 -54.28
N ILE F 719 42.63 -34.10 -54.52
CA ILE F 719 41.36 -34.80 -54.59
C ILE F 719 40.72 -34.93 -53.21
N LEU F 720 41.52 -35.32 -52.23
CA LEU F 720 41.03 -35.53 -50.88
C LEU F 720 40.63 -34.22 -50.21
N ARG F 721 41.47 -33.20 -50.35
CA ARG F 721 41.19 -31.91 -49.75
C ARG F 721 39.95 -31.28 -50.37
N ALA F 722 39.71 -31.57 -51.64
CA ALA F 722 38.53 -31.07 -52.33
C ALA F 722 37.28 -31.63 -51.69
N ILE F 723 37.29 -32.94 -51.43
CA ILE F 723 36.19 -33.60 -50.76
C ILE F 723 36.04 -33.07 -49.33
N PHE F 724 37.17 -32.72 -48.72
CA PHE F 724 37.18 -32.17 -47.37
C PHE F 724 36.37 -30.88 -47.29
N GLU F 725 36.72 -29.92 -48.15
CA GLU F 725 36.02 -28.65 -48.17
C GLU F 725 34.55 -28.82 -48.54
N ILE F 726 34.25 -29.88 -49.28
CA ILE F 726 32.87 -30.17 -49.64
C ILE F 726 32.08 -30.57 -48.41
N CYS F 727 32.73 -31.30 -47.50
CA CYS F 727 32.10 -31.73 -46.26
C CYS F 727 31.81 -30.54 -45.35
N LEU F 728 32.80 -29.66 -45.20
CA LEU F 728 32.66 -28.47 -44.38
C LEU F 728 31.48 -27.62 -44.84
N LYS F 729 31.38 -27.40 -46.14
CA LYS F 729 30.28 -26.62 -46.70
C LYS F 729 28.97 -27.35 -46.47
N LYS F 730 29.01 -28.67 -46.50
CA LYS F 730 27.82 -29.48 -46.24
C LYS F 730 27.52 -29.50 -44.75
N GLY F 731 28.55 -29.25 -43.94
CA GLY F 731 28.39 -29.22 -42.50
C GLY F 731 28.26 -30.60 -41.88
N TRP F 732 29.18 -31.48 -42.21
CA TRP F 732 29.17 -32.85 -41.70
C TRP F 732 30.47 -33.14 -40.94
N ALA F 733 30.37 -33.14 -39.62
CA ALA F 733 31.55 -33.27 -38.76
C ALA F 733 32.29 -34.58 -38.98
N SER F 734 31.55 -35.69 -38.99
CA SER F 734 32.14 -37.01 -39.12
C SER F 734 32.92 -37.17 -40.42
N VAL F 735 32.23 -36.94 -41.53
CA VAL F 735 32.84 -37.10 -42.85
C VAL F 735 33.97 -36.10 -43.08
N ALA F 736 33.85 -34.93 -42.47
CA ALA F 736 34.85 -33.88 -42.62
C ALA F 736 36.17 -34.27 -41.95
N LYS F 737 36.10 -34.65 -40.69
CA LYS F 737 37.29 -35.05 -39.95
C LYS F 737 37.92 -36.29 -40.56
N LEU F 738 37.09 -37.16 -41.11
CA LEU F 738 37.57 -38.38 -41.76
C LEU F 738 38.27 -38.04 -43.06
N ALA F 739 37.73 -37.06 -43.76
CA ALA F 739 38.31 -36.60 -45.02
C ALA F 739 39.65 -35.93 -44.80
N LEU F 740 39.74 -35.14 -43.73
CA LEU F 740 40.96 -34.41 -43.42
C LEU F 740 42.08 -35.36 -43.02
N ASN F 741 41.72 -36.44 -42.31
CA ASN F 741 42.70 -37.45 -41.94
C ASN F 741 43.24 -38.16 -43.18
N MET F 742 42.40 -38.29 -44.20
CA MET F 742 42.83 -38.86 -45.47
C MET F 742 43.77 -37.90 -46.18
N CYS F 743 43.49 -36.61 -46.07
CA CYS F 743 44.36 -35.59 -46.65
C CYS F 743 45.75 -35.69 -46.08
N LYS F 744 45.85 -35.68 -44.76
CA LYS F 744 47.13 -35.80 -44.09
C LYS F 744 47.74 -37.17 -44.34
N MET F 745 46.88 -38.15 -44.60
CA MET F 745 47.33 -39.50 -44.88
C MET F 745 48.21 -39.55 -46.13
N ALA F 746 47.76 -38.88 -47.18
CA ALA F 746 48.48 -38.87 -48.45
C ALA F 746 49.61 -37.85 -48.44
N GLU F 747 49.34 -36.68 -47.87
CA GLU F 747 50.32 -35.59 -47.85
C GLU F 747 51.59 -35.98 -47.11
N LYS F 748 51.45 -36.67 -45.99
CA LYS F 748 52.60 -37.07 -45.20
C LYS F 748 52.91 -38.55 -45.36
N ARG F 749 52.06 -39.24 -46.11
CA ARG F 749 52.23 -40.67 -46.36
C ARG F 749 52.31 -41.47 -45.07
N MET F 750 51.17 -41.64 -44.40
CA MET F 750 51.09 -42.43 -43.19
C MET F 750 49.66 -42.50 -42.68
N TRP F 751 49.30 -43.64 -42.08
CA TRP F 751 48.01 -43.79 -41.45
C TRP F 751 48.03 -43.08 -40.10
N PRO F 752 46.86 -42.59 -39.67
CA PRO F 752 46.70 -41.87 -38.40
C PRO F 752 47.25 -42.63 -37.19
N THR F 753 47.26 -43.95 -37.26
CA THR F 753 47.73 -44.77 -36.15
C THR F 753 49.26 -44.86 -36.11
N MET F 754 49.91 -44.47 -37.21
CA MET F 754 51.36 -44.47 -37.26
C MET F 754 51.94 -43.33 -36.43
N SER F 755 53.17 -43.49 -35.98
CA SER F 755 53.81 -42.48 -35.13
C SER F 755 53.99 -41.16 -35.87
N PRO F 756 53.54 -40.06 -35.26
CA PRO F 756 53.62 -38.71 -35.82
C PRO F 756 55.05 -38.26 -36.08
N LEU F 757 56.03 -38.99 -35.55
CA LEU F 757 57.43 -38.68 -35.76
C LEU F 757 57.83 -38.78 -37.24
N ARG F 758 56.99 -39.46 -38.02
CA ARG F 758 57.23 -39.60 -39.45
C ARG F 758 57.19 -38.24 -40.15
N GLN F 759 56.53 -37.28 -39.50
CA GLN F 759 56.41 -35.94 -40.05
C GLN F 759 57.66 -35.12 -39.81
N TYR F 760 58.69 -35.77 -39.26
CA TYR F 760 59.96 -35.11 -38.99
C TYR F 760 61.08 -35.63 -39.89
N PRO F 761 61.50 -34.81 -40.86
CA PRO F 761 62.62 -35.17 -41.73
C PRO F 761 63.92 -35.34 -40.96
N THR F 762 63.98 -34.74 -39.77
CA THR F 762 65.17 -34.80 -38.93
C THR F 762 65.17 -36.07 -38.09
N CYS F 763 64.04 -36.76 -38.08
CA CYS F 763 63.87 -37.95 -37.26
C CYS F 763 64.41 -39.20 -37.95
N PRO F 764 65.30 -39.94 -37.26
CA PRO F 764 65.84 -41.20 -37.78
C PRO F 764 64.76 -42.28 -37.88
N ALA F 765 64.93 -43.21 -38.80
CA ALA F 765 63.94 -44.24 -39.05
C ALA F 765 63.97 -45.35 -37.99
N GLU F 766 65.15 -45.58 -37.42
CA GLU F 766 65.31 -46.66 -36.46
C GLU F 766 64.52 -46.39 -35.18
N ILE F 767 64.30 -45.11 -34.87
CA ILE F 767 63.52 -44.76 -33.69
C ILE F 767 62.03 -44.73 -34.03
N ILE F 768 61.72 -44.57 -35.31
CA ILE F 768 60.34 -44.60 -35.76
C ILE F 768 59.79 -46.01 -35.71
N LYS F 769 60.59 -46.97 -36.15
CA LYS F 769 60.20 -48.37 -36.11
C LYS F 769 60.07 -48.82 -34.65
N LYS F 770 60.95 -48.31 -33.81
CA LYS F 770 60.92 -48.64 -32.38
C LYS F 770 59.73 -47.98 -31.71
N ALA F 771 59.27 -46.86 -32.26
CA ALA F 771 58.15 -46.11 -31.70
C ALA F 771 56.83 -46.79 -32.00
N GLU F 772 56.65 -47.21 -33.25
CA GLU F 772 55.40 -47.83 -33.67
C GLU F 772 55.29 -49.27 -33.15
N ARG F 773 56.43 -49.86 -32.81
CA ARG F 773 56.46 -51.23 -32.33
C ARG F 773 55.93 -51.35 -30.91
N MET F 774 55.95 -50.24 -30.17
CA MET F 774 55.47 -50.25 -28.80
C MET F 774 54.01 -49.77 -28.71
N ASP F 775 53.33 -50.18 -27.65
CA ASP F 775 51.91 -49.91 -27.49
C ASP F 775 51.67 -48.53 -26.85
N VAL F 776 52.75 -47.80 -26.60
CA VAL F 776 52.65 -46.49 -25.97
C VAL F 776 51.91 -45.49 -26.86
N PRO F 777 50.92 -44.79 -26.29
CA PRO F 777 50.14 -43.77 -27.00
C PRO F 777 50.96 -42.51 -27.28
N TRP F 778 50.50 -41.70 -28.22
CA TRP F 778 51.22 -40.49 -28.61
C TRP F 778 51.11 -39.40 -27.55
N SER F 779 50.03 -39.43 -26.78
CA SER F 779 49.77 -38.41 -25.78
C SER F 779 50.74 -38.48 -24.60
N SER F 780 51.46 -39.58 -24.49
CA SER F 780 52.38 -39.79 -23.37
C SER F 780 53.81 -39.43 -23.73
N TYR F 781 54.00 -38.87 -24.92
CA TYR F 781 55.33 -38.46 -25.38
C TYR F 781 55.69 -37.06 -24.90
N PHE F 782 54.68 -36.31 -24.45
CA PHE F 782 54.86 -34.90 -24.13
C PHE F 782 55.19 -34.66 -22.66
N ASP F 783 55.72 -33.47 -22.38
CA ASP F 783 56.00 -33.03 -21.02
C ASP F 783 56.97 -33.94 -20.29
N LEU F 784 57.83 -34.61 -21.05
CA LEU F 784 58.83 -35.51 -20.46
C LEU F 784 60.23 -34.94 -20.59
N ASP F 785 61.18 -35.58 -19.91
CA ASP F 785 62.57 -35.22 -20.03
C ASP F 785 63.30 -36.28 -20.86
N PRO F 786 64.47 -35.93 -21.40
CA PRO F 786 65.28 -36.83 -22.23
C PRO F 786 65.50 -38.21 -21.61
N PRO F 787 65.88 -38.27 -20.32
CA PRO F 787 66.15 -39.56 -19.67
C PRO F 787 64.95 -40.51 -19.66
N ARG F 788 63.90 -40.15 -18.93
CA ARG F 788 62.75 -41.03 -18.74
C ARG F 788 61.99 -41.29 -20.03
N MET F 789 62.23 -40.48 -21.05
CA MET F 789 61.64 -40.75 -22.36
C MET F 789 62.48 -41.81 -23.07
N GLY F 790 63.77 -41.82 -22.77
CA GLY F 790 64.67 -42.82 -23.30
C GLY F 790 64.35 -44.19 -22.73
N GLU F 791 63.82 -44.20 -21.50
CA GLU F 791 63.41 -45.45 -20.87
C GLU F 791 61.95 -45.74 -21.21
N LEU F 792 61.33 -44.83 -21.95
CA LEU F 792 59.95 -45.00 -22.36
C LEU F 792 59.85 -45.69 -23.70
N LEU F 793 60.80 -45.41 -24.58
CA LEU F 793 60.81 -46.00 -25.92
C LEU F 793 61.96 -46.99 -26.10
N GLY F 794 62.67 -47.26 -25.01
CA GLY F 794 63.73 -48.25 -25.04
C GLY F 794 65.13 -47.65 -25.13
N MET F 795 65.39 -46.94 -26.23
CA MET F 795 66.70 -46.35 -26.46
C MET F 795 66.93 -45.09 -25.62
N PRO F 796 67.99 -45.09 -24.81
CA PRO F 796 68.34 -43.99 -23.91
C PRO F 796 68.91 -42.77 -24.62
N LYS F 797 69.99 -42.97 -25.37
CA LYS F 797 70.69 -41.85 -26.02
C LYS F 797 69.84 -41.14 -27.06
N ALA F 798 68.65 -41.68 -27.33
CA ALA F 798 67.74 -41.06 -28.28
C ALA F 798 66.70 -40.21 -27.55
N GLY F 799 66.84 -40.13 -26.23
CA GLY F 799 65.89 -39.39 -25.40
C GLY F 799 65.88 -37.91 -25.68
N LYS F 800 67.05 -37.27 -25.61
CA LYS F 800 67.16 -35.83 -25.78
C LYS F 800 66.73 -35.40 -27.18
N THR F 801 67.12 -36.17 -28.19
CA THR F 801 66.82 -35.84 -29.57
C THR F 801 65.33 -35.90 -29.86
N VAL F 802 64.68 -36.97 -29.41
CA VAL F 802 63.26 -37.16 -29.63
C VAL F 802 62.43 -36.25 -28.74
N CYS F 803 62.95 -35.96 -27.55
CA CYS F 803 62.25 -35.09 -26.61
C CYS F 803 62.18 -33.66 -27.13
N ALA F 804 63.32 -33.14 -27.57
CA ALA F 804 63.37 -31.81 -28.15
C ALA F 804 62.65 -31.79 -29.49
N LEU F 805 62.44 -32.98 -30.05
CA LEU F 805 61.76 -33.12 -31.33
C LEU F 805 60.25 -33.04 -31.15
N VAL F 806 59.75 -33.70 -30.10
CA VAL F 806 58.32 -33.71 -29.82
C VAL F 806 57.87 -32.37 -29.24
N SER F 807 58.81 -31.62 -28.68
CA SER F 807 58.53 -30.31 -28.13
C SER F 807 58.08 -29.36 -29.23
N LYS F 808 58.58 -29.58 -30.43
CA LYS F 808 58.23 -28.73 -31.56
C LYS F 808 56.89 -29.13 -32.17
N PHE F 809 56.30 -30.21 -31.65
CA PHE F 809 55.02 -30.69 -32.14
C PHE F 809 53.90 -29.73 -31.75
N PRO F 810 53.13 -29.26 -32.74
CA PRO F 810 52.05 -28.29 -32.55
C PRO F 810 51.00 -28.76 -31.55
N ARG F 811 51.10 -28.28 -30.32
CA ARG F 811 50.11 -28.57 -29.29
C ARG F 811 49.32 -27.32 -28.95
N VAL F 812 48.01 -27.46 -28.76
CA VAL F 812 47.15 -26.32 -28.46
C VAL F 812 46.24 -26.58 -27.26
N GLU F 813 46.30 -25.68 -26.29
CA GLU F 813 45.43 -25.75 -25.12
C GLU F 813 44.28 -24.75 -25.27
N ILE F 814 43.06 -25.25 -25.15
CA ILE F 814 41.87 -24.40 -25.35
C ILE F 814 41.00 -24.32 -24.09
N GLN F 815 40.16 -23.30 -24.04
CA GLN F 815 39.26 -23.06 -22.92
C GLN F 815 38.02 -22.32 -23.41
N GLY F 816 36.85 -22.71 -22.90
CA GLY F 816 35.61 -22.15 -23.38
C GLY F 816 34.78 -21.41 -22.34
N ASN F 817 34.16 -20.32 -22.77
CA ASN F 817 33.26 -19.55 -21.92
C ASN F 817 31.93 -19.29 -22.61
N VAL F 818 30.91 -20.04 -22.23
CA VAL F 818 29.61 -19.95 -22.89
C VAL F 818 28.75 -18.83 -22.31
N GLN F 819 28.17 -18.03 -23.20
CA GLN F 819 27.32 -16.92 -22.77
C GLN F 819 26.02 -16.91 -23.57
N PRO F 820 24.93 -17.39 -22.97
CA PRO F 820 23.62 -17.48 -23.63
C PRO F 820 23.10 -16.10 -24.03
N MET F 821 22.84 -15.93 -25.33
CA MET F 821 22.37 -14.67 -25.86
C MET F 821 20.88 -14.72 -26.15
N THR F 822 20.34 -15.93 -26.23
CA THR F 822 18.93 -16.15 -26.50
C THR F 822 18.61 -17.62 -26.25
N ARG F 823 17.33 -17.96 -26.13
CA ARG F 823 16.94 -19.36 -26.00
C ARG F 823 17.35 -20.13 -27.24
N SER F 824 17.54 -19.41 -28.34
CA SER F 824 17.97 -20.02 -29.59
C SER F 824 19.48 -19.96 -29.76
N MET F 825 19.99 -18.77 -30.07
CA MET F 825 21.41 -18.58 -30.33
C MET F 825 22.23 -18.56 -29.04
N LEU F 826 23.51 -18.92 -29.16
CA LEU F 826 24.43 -18.90 -28.03
C LEU F 826 25.75 -18.26 -28.41
N ARG F 827 26.21 -17.30 -27.60
CA ARG F 827 27.53 -16.72 -27.81
C ARG F 827 28.58 -17.53 -27.07
N ILE F 828 29.77 -17.63 -27.65
CA ILE F 828 30.83 -18.43 -27.05
C ILE F 828 32.21 -17.88 -27.37
N GLU F 829 33.01 -17.69 -26.32
CA GLU F 829 34.38 -17.19 -26.48
C GLU F 829 35.37 -18.32 -26.26
N LEU F 830 36.29 -18.48 -27.20
CA LEU F 830 37.27 -19.56 -27.14
C LEU F 830 38.68 -19.00 -26.94
N THR F 831 39.37 -19.49 -25.93
CA THR F 831 40.74 -19.06 -25.65
C THR F 831 41.73 -20.14 -26.09
N ILE F 832 42.55 -19.81 -27.08
CA ILE F 832 43.52 -20.75 -27.62
C ILE F 832 44.95 -20.33 -27.27
N THR F 833 45.65 -21.20 -26.56
CA THR F 833 47.02 -20.90 -26.13
C THR F 833 48.00 -21.97 -26.57
N PRO F 834 49.01 -21.57 -27.36
CA PRO F 834 50.06 -22.48 -27.86
C PRO F 834 50.86 -23.12 -26.74
N ASN F 835 51.39 -24.30 -26.98
CA ASN F 835 52.20 -25.01 -25.99
C ASN F 835 53.28 -25.84 -26.66
N PHE F 836 54.13 -25.18 -27.45
CA PHE F 836 55.18 -25.87 -28.17
C PHE F 836 56.26 -24.90 -28.65
N GLN F 837 57.49 -25.39 -28.72
CA GLN F 837 58.60 -24.60 -29.23
C GLN F 837 58.43 -24.42 -30.74
N TRP F 838 58.82 -23.25 -31.25
CA TRP F 838 58.66 -22.95 -32.66
C TRP F 838 59.93 -23.24 -33.45
N ASP F 839 59.76 -23.79 -34.65
CA ASP F 839 60.88 -24.05 -35.54
C ASP F 839 60.49 -23.67 -36.96
N VAL F 840 61.21 -22.71 -37.52
CA VAL F 840 60.90 -22.17 -38.84
C VAL F 840 60.95 -23.23 -39.94
N GLU F 841 61.75 -24.27 -39.72
CA GLU F 841 61.88 -25.35 -40.69
C GLU F 841 60.86 -26.45 -40.45
N LEU F 842 59.96 -26.22 -39.51
CA LEU F 842 58.92 -27.21 -39.20
C LEU F 842 57.52 -26.59 -39.28
N HIS F 843 57.39 -25.36 -38.81
CA HIS F 843 56.10 -24.67 -38.85
C HIS F 843 56.09 -23.58 -39.90
N GLY F 844 57.28 -23.17 -40.33
CA GLY F 844 57.41 -22.09 -41.28
C GLY F 844 57.28 -20.75 -40.58
N VAL F 845 56.28 -19.97 -40.97
CA VAL F 845 56.02 -18.69 -40.34
C VAL F 845 54.64 -18.68 -39.67
N THR F 846 53.70 -19.39 -40.26
CA THR F 846 52.34 -19.45 -39.73
C THR F 846 51.73 -20.83 -39.90
N GLU F 847 51.15 -21.35 -38.82
CA GLU F 847 50.45 -22.63 -38.85
C GLU F 847 48.95 -22.43 -38.95
N SER F 848 48.32 -23.13 -39.89
CA SER F 848 46.89 -23.01 -40.10
C SER F 848 46.12 -24.02 -39.24
N PHE F 849 45.02 -23.58 -38.66
CA PHE F 849 44.20 -24.44 -37.81
C PHE F 849 42.72 -24.38 -38.17
N TRP F 850 42.03 -25.48 -37.97
CA TRP F 850 40.59 -25.54 -38.19
C TRP F 850 39.84 -25.62 -36.86
N ILE F 851 38.84 -24.76 -36.69
CA ILE F 851 38.01 -24.78 -35.50
C ILE F 851 36.64 -25.36 -35.79
N LEU F 852 36.32 -26.48 -35.14
CA LEU F 852 35.04 -27.14 -35.38
C LEU F 852 34.17 -27.15 -34.12
N VAL F 853 32.90 -26.81 -34.29
CA VAL F 853 31.94 -26.87 -33.20
C VAL F 853 30.77 -27.76 -33.58
N GLU F 854 30.75 -28.96 -33.02
CA GLU F 854 29.76 -29.98 -33.38
C GLU F 854 28.62 -30.04 -32.38
N ASP F 855 27.58 -30.80 -32.70
CA ASP F 855 26.47 -31.01 -31.78
C ASP F 855 26.81 -32.13 -30.80
N CYS F 856 25.79 -32.65 -30.12
CA CYS F 856 26.00 -33.71 -29.13
C CYS F 856 26.39 -35.02 -29.79
N ASP F 857 25.86 -35.27 -30.98
CA ASP F 857 26.13 -36.51 -31.70
C ASP F 857 27.38 -36.41 -32.56
N GLY F 858 27.79 -35.18 -32.85
CA GLY F 858 28.93 -34.95 -33.71
C GLY F 858 28.61 -35.31 -35.15
N GLU F 859 27.36 -35.06 -35.54
CA GLU F 859 26.91 -35.37 -36.89
C GLU F 859 26.85 -34.13 -37.76
N GLU F 860 26.50 -33.00 -37.15
CA GLU F 860 26.38 -31.74 -37.88
C GLU F 860 27.33 -30.68 -37.36
N ILE F 861 28.00 -29.98 -38.29
CA ILE F 861 28.90 -28.90 -37.92
C ILE F 861 28.12 -27.62 -37.64
N LEU F 862 28.15 -27.18 -36.39
CA LEU F 862 27.40 -26.01 -35.97
C LEU F 862 28.18 -24.72 -36.21
N PHE F 863 29.49 -24.85 -36.35
CA PHE F 863 30.36 -23.71 -36.64
C PHE F 863 31.78 -24.15 -36.96
N HIS F 864 32.37 -23.52 -37.97
CA HIS F 864 33.74 -23.83 -38.36
C HIS F 864 34.41 -22.62 -38.99
N ASP F 865 35.70 -22.47 -38.76
CA ASP F 865 36.47 -21.37 -39.34
C ASP F 865 37.97 -21.65 -39.23
N VAL F 866 38.75 -20.90 -39.99
CA VAL F 866 40.20 -21.07 -40.01
C VAL F 866 40.87 -20.22 -38.94
N PHE F 867 41.73 -20.85 -38.14
CA PHE F 867 42.46 -20.15 -37.11
C PHE F 867 43.95 -20.08 -37.45
N ILE F 868 44.41 -18.88 -37.80
CA ILE F 868 45.79 -18.69 -38.20
C ILE F 868 46.68 -18.36 -37.00
N LEU F 869 47.71 -19.17 -36.80
CA LEU F 869 48.66 -18.94 -35.72
C LEU F 869 49.98 -18.45 -36.29
N ARG F 870 50.39 -17.25 -35.89
CA ARG F 870 51.62 -16.65 -36.42
C ARG F 870 52.83 -16.98 -35.55
N LYS F 871 54.02 -16.86 -36.14
CA LYS F 871 55.27 -17.17 -35.46
C LYS F 871 55.49 -16.29 -34.24
N ASP F 872 55.57 -14.99 -34.47
CA ASP F 872 55.81 -14.03 -33.40
C ASP F 872 54.64 -13.96 -32.42
N LEU F 873 53.43 -14.19 -32.93
CA LEU F 873 52.23 -14.13 -32.11
C LEU F 873 52.09 -15.35 -31.20
N ALA F 874 52.91 -16.37 -31.46
CA ALA F 874 52.84 -17.61 -30.68
C ALA F 874 53.93 -17.67 -29.62
N GLU F 875 54.99 -16.88 -29.81
CA GLU F 875 56.12 -16.91 -28.89
C GLU F 875 56.29 -15.58 -28.17
N ALA F 876 55.19 -14.84 -28.02
CA ALA F 876 55.21 -13.58 -27.30
C ALA F 876 55.13 -13.82 -25.80
N GLU F 877 55.40 -12.78 -25.02
CA GLU F 877 55.32 -12.88 -23.56
C GLU F 877 53.92 -13.31 -23.14
N GLU F 878 52.92 -12.74 -23.78
CA GLU F 878 51.53 -13.13 -23.56
C GLU F 878 50.92 -13.57 -24.89
N ASN F 879 50.87 -14.88 -25.11
CA ASN F 879 50.48 -15.42 -26.40
C ASN F 879 49.09 -16.06 -26.43
N GLU F 880 48.17 -15.50 -25.64
CA GLU F 880 46.80 -16.01 -25.62
C GLU F 880 45.97 -15.42 -26.76
N HIS F 881 45.37 -16.29 -27.57
CA HIS F 881 44.49 -15.85 -28.64
C HIS F 881 43.03 -16.03 -28.23
N THR F 882 42.20 -15.06 -28.62
CA THR F 882 40.78 -15.09 -28.27
C THR F 882 39.90 -14.96 -29.50
N VAL F 883 39.13 -16.00 -29.79
CA VAL F 883 38.22 -16.00 -30.92
C VAL F 883 36.78 -16.10 -30.46
N GLU F 884 35.91 -15.28 -31.03
CA GLU F 884 34.51 -15.24 -30.63
C GLU F 884 33.59 -15.65 -31.78
N PHE F 885 32.51 -16.34 -31.44
CA PHE F 885 31.54 -16.78 -32.44
C PHE F 885 30.23 -17.17 -31.78
N THR F 886 29.27 -17.60 -32.59
CA THR F 886 27.95 -17.96 -32.08
C THR F 886 27.46 -19.31 -32.60
N VAL F 887 26.72 -20.01 -31.76
CA VAL F 887 26.12 -21.29 -32.13
C VAL F 887 24.68 -21.36 -31.65
N PRO F 888 23.81 -21.98 -32.45
CA PRO F 888 22.37 -22.04 -32.13
C PRO F 888 22.00 -23.22 -31.26
N ILE F 889 20.90 -23.09 -30.53
CA ILE F 889 20.41 -24.16 -29.65
C ILE F 889 18.98 -24.55 -30.00
N SER F 890 18.72 -25.85 -30.04
CA SER F 890 17.38 -26.35 -30.24
C SER F 890 16.67 -26.45 -28.89
N GLU F 891 15.34 -26.42 -28.91
CA GLU F 891 14.57 -26.47 -27.67
C GLU F 891 14.90 -27.75 -26.88
N PRO F 892 14.91 -28.90 -27.55
CA PRO F 892 15.42 -30.12 -26.92
C PRO F 892 16.85 -29.92 -26.43
N MET F 893 16.99 -29.47 -25.19
CA MET F 893 18.28 -29.10 -24.61
C MET F 893 19.33 -30.20 -24.75
N PRO F 894 20.32 -29.99 -25.62
CA PRO F 894 21.41 -30.94 -25.84
C PRO F 894 22.33 -31.04 -24.62
N PRO F 895 22.79 -32.25 -24.31
CA PRO F 895 23.66 -32.50 -23.15
C PRO F 895 24.96 -31.69 -23.23
N ASN F 896 25.49 -31.52 -24.43
CA ASN F 896 26.75 -30.81 -24.61
C ASN F 896 27.11 -30.63 -26.08
N TYR F 897 27.87 -29.58 -26.37
CA TYR F 897 28.44 -29.38 -27.69
C TYR F 897 29.91 -29.80 -27.67
N PHE F 898 30.53 -29.87 -28.85
CA PHE F 898 31.92 -30.28 -28.93
C PHE F 898 32.76 -29.25 -29.68
N ILE F 899 33.90 -28.90 -29.09
CA ILE F 899 34.84 -27.97 -29.72
C ILE F 899 36.17 -28.67 -30.00
N SER F 900 36.58 -28.63 -31.26
CA SER F 900 37.82 -29.29 -31.67
C SER F 900 38.71 -28.33 -32.45
N VAL F 901 39.99 -28.28 -32.07
CA VAL F 901 40.96 -27.49 -32.80
C VAL F 901 41.97 -28.42 -33.48
N ILE F 902 41.82 -28.60 -34.78
CA ILE F 902 42.64 -29.54 -35.53
C ILE F 902 43.58 -28.81 -36.48
N SER F 903 44.79 -29.33 -36.63
CA SER F 903 45.77 -28.76 -37.55
C SER F 903 45.36 -29.04 -38.99
N ASP F 904 45.70 -28.12 -39.89
CA ASP F 904 45.31 -28.25 -41.29
C ASP F 904 46.29 -29.12 -42.08
N ARG F 905 47.53 -29.22 -41.60
CA ARG F 905 48.54 -29.99 -42.32
C ARG F 905 49.31 -30.93 -41.40
N TRP F 906 49.06 -30.84 -40.10
CA TRP F 906 49.73 -31.72 -39.14
C TRP F 906 48.82 -32.86 -38.70
N MET F 907 49.39 -34.07 -38.63
CA MET F 907 48.64 -35.25 -38.24
C MET F 907 48.72 -35.49 -36.73
N HIS F 908 47.62 -35.99 -36.17
CA HIS F 908 47.57 -36.35 -34.76
C HIS F 908 47.75 -35.14 -33.85
N SER F 909 47.38 -33.97 -34.37
CA SER F 909 47.47 -32.73 -33.61
C SER F 909 46.09 -32.10 -33.42
N GLU F 910 45.36 -32.59 -32.42
CA GLU F 910 44.00 -32.12 -32.17
C GLU F 910 43.83 -31.79 -30.69
N THR F 911 42.79 -31.01 -30.38
CA THR F 911 42.47 -30.66 -29.01
C THR F 911 40.96 -30.54 -28.83
N ARG F 912 40.34 -31.60 -28.31
CA ARG F 912 38.89 -31.61 -28.12
C ARG F 912 38.50 -31.09 -26.75
N MET F 913 37.32 -30.48 -26.67
CA MET F 913 36.79 -29.95 -25.43
C MET F 913 35.28 -30.08 -25.37
N PRO F 914 34.78 -30.87 -24.41
CA PRO F 914 33.34 -31.02 -24.19
C PRO F 914 32.72 -29.72 -23.68
N VAL F 915 31.69 -29.24 -24.35
CA VAL F 915 30.97 -28.05 -23.92
C VAL F 915 29.68 -28.44 -23.22
N SER F 916 29.79 -28.85 -21.95
CA SER F 916 28.65 -29.35 -21.20
C SER F 916 27.63 -28.25 -20.88
N PHE F 917 26.36 -28.56 -21.10
CA PHE F 917 25.27 -27.65 -20.76
C PHE F 917 24.57 -28.14 -19.51
N GLN F 918 25.31 -28.82 -18.64
CA GLN F 918 24.76 -29.42 -17.44
C GLN F 918 24.23 -28.35 -16.47
N LYS F 919 24.89 -27.21 -16.42
CA LYS F 919 24.49 -26.14 -15.52
C LYS F 919 24.20 -24.84 -16.25
N LEU F 920 23.72 -24.95 -17.49
CA LEU F 920 23.41 -23.78 -18.29
C LEU F 920 21.96 -23.35 -18.11
N ILE F 921 21.76 -22.10 -17.68
CA ILE F 921 20.42 -21.56 -17.49
C ILE F 921 20.04 -20.65 -18.65
N LEU F 922 19.18 -21.14 -19.53
CA LEU F 922 18.75 -20.37 -20.68
C LEU F 922 17.79 -19.26 -20.28
N PRO F 923 17.90 -18.10 -20.95
CA PRO F 923 17.03 -16.94 -20.69
C PRO F 923 15.56 -17.23 -20.98
N GLU F 924 14.69 -16.31 -20.58
CA GLU F 924 13.26 -16.45 -20.84
C GLU F 924 12.95 -16.28 -22.32
N ARG F 925 11.86 -16.91 -22.76
CA ARG F 925 11.41 -16.76 -24.14
C ARG F 925 10.98 -15.33 -24.40
N PHE F 926 11.35 -14.81 -25.58
CA PHE F 926 11.06 -13.43 -25.92
C PHE F 926 9.56 -13.18 -26.05
N PRO F 927 9.03 -12.25 -25.24
CA PRO F 927 7.63 -11.84 -25.31
C PRO F 927 7.34 -11.10 -26.62
N PRO F 928 6.13 -11.31 -27.19
CA PRO F 928 5.73 -10.69 -28.46
C PRO F 928 5.90 -9.18 -28.45
N HIS F 929 6.31 -8.63 -29.58
CA HIS F 929 6.46 -7.18 -29.71
C HIS F 929 5.12 -6.48 -29.54
N THR F 930 5.16 -5.22 -29.15
CA THR F 930 3.95 -4.42 -29.01
C THR F 930 3.28 -4.25 -30.37
N GLU F 931 2.06 -4.75 -30.48
CA GLU F 931 1.31 -4.70 -31.74
C GLU F 931 1.18 -3.28 -32.27
N LEU F 932 1.66 -3.06 -33.48
CA LEU F 932 1.53 -1.76 -34.12
C LEU F 932 0.09 -1.52 -34.55
N LEU F 933 -0.66 -0.78 -33.74
CA LEU F 933 -2.05 -0.50 -34.03
C LEU F 933 -2.20 0.29 -35.32
N ASP F 934 -2.86 -0.30 -36.31
CA ASP F 934 -3.16 0.39 -37.56
C ASP F 934 -4.37 1.29 -37.37
N LEU F 935 -4.15 2.47 -36.79
CA LEU F 935 -5.22 3.38 -36.45
C LEU F 935 -5.24 4.63 -37.32
N GLN F 936 -6.27 5.45 -37.13
CA GLN F 936 -6.36 6.74 -37.82
C GLN F 936 -5.28 7.69 -37.31
N PRO F 937 -4.34 8.05 -38.20
CA PRO F 937 -3.21 8.94 -37.87
C PRO F 937 -3.68 10.27 -37.30
N LEU F 938 -3.10 10.68 -36.18
CA LEU F 938 -3.42 11.96 -35.58
C LEU F 938 -2.92 13.11 -36.44
N PRO F 939 -3.81 14.03 -36.80
CA PRO F 939 -3.46 15.20 -37.62
C PRO F 939 -2.58 16.18 -36.85
N VAL F 940 -2.13 17.24 -37.53
CA VAL F 940 -1.31 18.25 -36.89
C VAL F 940 -2.16 19.13 -35.97
N SER F 941 -3.47 18.93 -36.02
CA SER F 941 -4.40 19.71 -35.21
C SER F 941 -4.48 19.16 -33.79
N ALA F 942 -3.90 17.99 -33.57
CA ALA F 942 -3.89 17.38 -32.25
C ALA F 942 -3.16 18.27 -31.25
N LEU F 943 -2.21 19.05 -31.75
CA LEU F 943 -1.49 20.01 -30.92
C LEU F 943 -2.33 21.28 -30.75
N LYS F 944 -2.43 21.75 -29.51
CA LYS F 944 -3.26 22.91 -29.20
C LYS F 944 -2.68 24.20 -29.79
N ALA F 945 -1.34 24.25 -29.88
CA ALA F 945 -0.66 25.46 -30.32
C ALA F 945 -0.46 25.50 -31.83
N LYS F 946 -0.32 26.70 -32.37
CA LYS F 946 -0.08 26.90 -33.79
C LYS F 946 1.40 26.75 -34.11
N ASP F 947 2.24 27.09 -33.13
CA ASP F 947 3.69 26.97 -33.29
C ASP F 947 4.12 25.51 -33.29
N TYR F 948 3.51 24.71 -32.43
CA TYR F 948 3.79 23.29 -32.37
C TYR F 948 3.44 22.63 -33.71
N ALA F 949 2.31 23.03 -34.28
CA ALA F 949 1.91 22.54 -35.59
C ALA F 949 2.83 23.12 -36.67
N ALA F 950 3.33 24.32 -36.41
CA ALA F 950 4.24 24.98 -37.33
C ALA F 950 5.57 24.24 -37.42
N LEU F 951 5.82 23.39 -36.43
CA LEU F 951 7.03 22.58 -36.42
C LEU F 951 7.02 21.56 -37.55
N TYR F 952 5.83 21.31 -38.10
CA TYR F 952 5.66 20.34 -39.17
C TYR F 952 4.81 20.89 -40.30
N PRO F 953 5.36 21.84 -41.07
CA PRO F 953 4.66 22.46 -42.21
C PRO F 953 4.35 21.45 -43.30
N ASN F 954 5.39 20.82 -43.83
CA ASN F 954 5.24 19.85 -44.92
C ASN F 954 4.53 18.57 -44.48
N TRP F 955 4.56 18.31 -43.17
CA TRP F 955 3.89 17.13 -42.63
C TRP F 955 2.43 17.42 -42.31
N GLN F 956 1.53 16.61 -42.85
CA GLN F 956 0.11 16.75 -42.60
C GLN F 956 -0.33 15.86 -41.45
N GLN F 957 0.27 14.68 -41.36
CA GLN F 957 -0.08 13.71 -40.32
C GLN F 957 1.15 12.94 -39.84
N PHE F 958 1.18 12.62 -38.55
CA PHE F 958 2.23 11.78 -38.00
C PHE F 958 1.95 10.33 -38.39
N ASN F 959 3.02 9.55 -38.57
CA ASN F 959 2.87 8.16 -38.99
C ASN F 959 2.23 7.31 -37.90
N LYS F 960 2.07 6.01 -38.18
CA LYS F 960 1.40 5.11 -37.25
C LYS F 960 2.07 5.04 -35.89
N ILE F 961 3.40 4.84 -35.89
CA ILE F 961 4.14 4.68 -34.65
C ILE F 961 4.17 5.96 -33.83
N GLN F 962 4.28 7.09 -34.51
CA GLN F 962 4.31 8.38 -33.83
C GLN F 962 2.98 8.68 -33.14
N THR F 963 1.88 8.38 -33.83
CA THR F 963 0.56 8.66 -33.30
C THR F 963 0.19 7.75 -32.13
N GLN F 964 0.64 6.51 -32.20
CA GLN F 964 0.33 5.53 -31.16
C GLN F 964 1.03 5.86 -29.85
N THR F 965 2.14 6.60 -29.94
CA THR F 965 2.92 6.94 -28.76
C THR F 965 2.62 8.36 -28.28
N PHE F 966 1.79 9.07 -29.03
CA PHE F 966 1.47 10.46 -28.74
C PHE F 966 0.74 10.62 -27.41
N ASN F 967 -0.31 9.83 -27.21
CA ASN F 967 -1.17 9.98 -26.03
C ASN F 967 -0.44 9.70 -24.72
N SER F 968 0.73 9.08 -24.80
CA SER F 968 1.51 8.78 -23.62
C SER F 968 2.67 9.76 -23.44
N LEU F 969 3.02 10.45 -24.52
CA LEU F 969 4.15 11.37 -24.51
C LEU F 969 3.73 12.82 -24.35
N TYR F 970 2.56 13.16 -24.89
CA TYR F 970 2.12 14.55 -24.93
C TYR F 970 1.03 14.84 -23.90
N ASN F 971 0.28 13.83 -23.52
CA ASN F 971 -0.81 14.01 -22.56
C ASN F 971 -0.54 13.33 -21.22
N THR F 972 0.66 12.81 -21.05
CA THR F 972 1.02 12.11 -19.82
C THR F 972 2.48 12.38 -19.42
N ASP F 973 2.71 12.54 -18.14
CA ASP F 973 4.06 12.80 -17.63
C ASP F 973 4.76 11.51 -17.23
N ASN F 974 4.06 10.38 -17.35
CA ASN F 974 4.64 9.09 -17.01
C ASN F 974 5.82 8.74 -17.90
N ASN F 975 6.67 7.84 -17.41
CA ASN F 975 7.83 7.39 -18.17
C ASN F 975 7.42 6.67 -19.44
N VAL F 976 8.07 7.02 -20.55
CA VAL F 976 7.75 6.42 -21.84
C VAL F 976 8.99 5.80 -22.49
N LEU F 977 8.83 4.60 -23.03
CA LEU F 977 9.91 3.91 -23.72
C LEU F 977 9.46 3.40 -25.07
N VAL F 978 10.13 3.85 -26.13
CA VAL F 978 9.79 3.41 -27.48
C VAL F 978 10.93 2.63 -28.11
N ALA F 979 10.60 1.65 -28.94
CA ALA F 979 11.59 0.85 -29.62
C ALA F 979 11.22 0.65 -31.08
N ALA F 980 12.09 1.10 -31.98
CA ALA F 980 11.85 0.98 -33.41
C ALA F 980 13.17 1.00 -34.18
N PRO F 981 13.14 0.51 -35.43
CA PRO F 981 14.34 0.49 -36.28
C PRO F 981 14.85 1.89 -36.56
N THR F 982 16.13 1.99 -36.91
CA THR F 982 16.76 3.29 -37.16
C THR F 982 16.06 4.04 -38.29
N GLY F 983 15.70 5.29 -38.03
CA GLY F 983 15.05 6.13 -39.02
C GLY F 983 13.56 5.87 -39.11
N SER F 984 12.92 5.69 -37.97
CA SER F 984 11.49 5.44 -37.93
C SER F 984 10.72 6.73 -37.62
N GLY F 985 11.42 7.86 -37.69
CA GLY F 985 10.83 9.14 -37.34
C GLY F 985 10.48 9.17 -35.86
N LYS F 986 11.40 8.66 -35.05
CA LYS F 986 11.15 8.50 -33.62
C LYS F 986 11.68 9.67 -32.80
N THR F 987 12.44 10.55 -33.44
CA THR F 987 12.98 11.72 -32.76
C THR F 987 11.87 12.70 -32.42
N VAL F 988 10.77 12.63 -33.17
CA VAL F 988 9.62 13.49 -32.92
C VAL F 988 8.94 13.09 -31.62
N CYS F 989 9.13 11.84 -31.21
CA CYS F 989 8.61 11.38 -29.93
C CYS F 989 9.24 12.16 -28.79
N ALA F 990 10.54 12.42 -28.91
CA ALA F 990 11.24 13.25 -27.95
C ALA F 990 10.69 14.66 -27.99
N GLU F 991 10.25 15.08 -29.18
CA GLU F 991 9.62 16.38 -29.34
C GLU F 991 8.24 16.37 -28.67
N PHE F 992 7.56 15.23 -28.73
CA PHE F 992 6.28 15.06 -28.04
C PHE F 992 6.46 15.25 -26.54
N ALA F 993 7.65 14.97 -26.06
CA ALA F 993 7.96 15.13 -24.64
C ALA F 993 8.29 16.58 -24.31
N LEU F 994 9.13 17.21 -25.13
CA LEU F 994 9.52 18.59 -24.92
C LEU F 994 8.35 19.54 -25.12
N LEU F 995 7.50 19.24 -26.11
CA LEU F 995 6.34 20.06 -26.40
C LEU F 995 5.39 20.11 -25.20
N ARG F 996 5.29 19.00 -24.48
CA ARG F 996 4.50 18.95 -23.26
C ARG F 996 5.26 19.59 -22.11
N HIS F 997 6.56 19.38 -22.08
CA HIS F 997 7.42 19.96 -21.05
C HIS F 997 7.58 21.45 -21.26
N TRP F 998 7.21 21.93 -22.45
CA TRP F 998 7.28 23.35 -22.77
C TRP F 998 5.90 23.91 -23.10
N ALA F 999 4.88 23.38 -22.41
CA ALA F 999 3.52 23.86 -22.61
C ALA F 999 3.02 24.53 -21.34
N LYS F 1000 2.22 23.79 -20.57
CA LYS F 1000 1.78 24.27 -19.27
C LYS F 1000 3.00 24.50 -18.39
N LYS F 1001 3.92 23.54 -18.42
CA LYS F 1001 5.18 23.63 -17.70
C LYS F 1001 5.85 24.99 -17.91
N ASP F 1002 5.34 26.01 -17.23
CA ASP F 1002 5.86 27.37 -17.36
C ASP F 1002 7.32 27.45 -16.96
N ALA F 1003 7.78 26.47 -16.20
CA ALA F 1003 9.18 26.41 -15.78
C ALA F 1003 9.63 24.96 -15.59
N GLY F 1004 10.86 24.68 -15.99
CA GLY F 1004 11.41 23.34 -15.86
C GLY F 1004 12.74 23.22 -16.58
N ARG F 1005 13.51 22.19 -16.25
CA ARG F 1005 14.82 21.98 -16.85
C ARG F 1005 14.89 20.64 -17.57
N ALA F 1006 15.19 20.67 -18.87
CA ALA F 1006 15.22 19.46 -19.66
C ALA F 1006 16.65 19.08 -20.05
N VAL F 1007 16.88 17.78 -20.23
CA VAL F 1007 18.20 17.28 -20.61
C VAL F 1007 18.10 16.14 -21.60
N TYR F 1008 18.88 16.25 -22.68
CA TYR F 1008 18.92 15.22 -23.71
C TYR F 1008 20.32 14.62 -23.80
N ILE F 1009 20.40 13.33 -24.10
CA ILE F 1009 21.68 12.64 -24.17
C ILE F 1009 21.76 11.62 -25.30
N ALA F 1010 22.76 11.78 -26.16
CA ALA F 1010 23.05 10.80 -27.19
C ALA F 1010 24.34 10.08 -26.84
N PRO F 1011 24.45 8.81 -27.24
CA PRO F 1011 25.59 7.95 -26.88
C PRO F 1011 26.94 8.52 -27.30
N PHE F 1012 26.98 9.18 -28.46
CA PHE F 1012 28.24 9.68 -28.99
C PHE F 1012 28.18 11.17 -29.30
N GLN F 1013 29.34 11.80 -29.35
CA GLN F 1013 29.44 13.25 -29.51
C GLN F 1013 28.86 13.74 -30.85
N GLU F 1014 29.18 13.03 -31.93
CA GLU F 1014 28.71 13.43 -33.25
C GLU F 1014 27.19 13.33 -33.34
N LEU F 1015 26.60 12.58 -32.43
CA LEU F 1015 25.16 12.38 -32.42
C LEU F 1015 24.46 13.54 -31.71
N VAL F 1016 25.05 14.01 -30.62
CA VAL F 1016 24.50 15.11 -29.87
C VAL F 1016 24.66 16.42 -30.64
N ASP F 1017 25.72 16.52 -31.42
CA ASP F 1017 25.98 17.71 -32.23
C ASP F 1017 24.94 17.83 -33.34
N LEU F 1018 24.61 16.70 -33.96
CA LEU F 1018 23.62 16.67 -35.03
C LEU F 1018 22.24 17.04 -34.50
N ARG F 1019 21.84 16.42 -33.39
CA ARG F 1019 20.55 16.68 -32.80
C ARG F 1019 20.48 18.13 -32.31
N PHE F 1020 21.60 18.61 -31.78
CA PHE F 1020 21.69 20.00 -31.35
C PHE F 1020 21.54 20.92 -32.56
N GLN F 1021 22.03 20.47 -33.70
CA GLN F 1021 21.89 21.25 -34.93
C GLN F 1021 20.43 21.44 -35.31
N ASP F 1022 19.70 20.34 -35.42
CA ASP F 1022 18.31 20.36 -35.88
C ASP F 1022 17.37 20.99 -34.85
N TRP F 1023 17.33 20.41 -33.66
CA TRP F 1023 16.45 20.88 -32.59
C TRP F 1023 16.63 22.36 -32.34
N GLN F 1024 17.85 22.76 -32.03
CA GLN F 1024 18.16 24.16 -31.78
C GLN F 1024 17.74 25.03 -32.94
N LYS F 1025 17.76 24.46 -34.14
CA LYS F 1025 17.45 25.20 -35.36
C LYS F 1025 15.99 25.62 -35.44
N ARG F 1026 15.08 24.70 -35.08
CA ARG F 1026 13.66 24.96 -35.25
C ARG F 1026 12.87 24.73 -33.97
N LEU F 1027 13.43 25.09 -32.83
CA LEU F 1027 12.74 24.94 -31.55
C LEU F 1027 12.94 26.14 -30.64
N SER F 1028 13.93 26.97 -30.95
CA SER F 1028 14.20 28.16 -30.17
C SER F 1028 13.08 29.19 -30.35
N HIS F 1029 12.33 29.04 -31.42
CA HIS F 1029 11.21 29.94 -31.71
C HIS F 1029 10.08 29.71 -30.72
N LEU F 1030 10.05 28.52 -30.12
CA LEU F 1030 8.94 28.11 -29.26
C LEU F 1030 8.87 28.91 -27.96
N ARG F 1031 7.68 29.40 -27.65
CA ARG F 1031 7.42 30.12 -26.40
C ARG F 1031 8.32 31.33 -26.23
N GLY F 1032 8.86 31.49 -25.03
CA GLY F 1032 9.65 32.67 -24.70
C GLY F 1032 11.12 32.56 -25.10
N GLY F 1033 11.36 32.13 -26.34
CA GLY F 1033 12.70 32.03 -26.86
C GLY F 1033 13.61 31.15 -26.01
N LYS F 1034 13.34 29.85 -26.02
CA LYS F 1034 14.15 28.89 -25.28
C LYS F 1034 15.57 28.86 -25.82
N GLU F 1035 16.55 28.72 -24.92
CA GLU F 1035 17.94 28.64 -25.33
C GLU F 1035 18.50 27.24 -25.09
N ILE F 1036 18.90 26.58 -26.17
CA ILE F 1036 19.45 25.24 -26.10
C ILE F 1036 20.96 25.27 -26.18
N VAL F 1037 21.63 24.53 -25.29
CA VAL F 1037 23.08 24.53 -25.26
C VAL F 1037 23.66 23.12 -25.39
N LYS F 1038 24.89 23.05 -25.86
CA LYS F 1038 25.59 21.77 -26.00
C LYS F 1038 26.83 21.74 -25.11
N LEU F 1039 26.96 20.67 -24.33
CA LEU F 1039 28.03 20.58 -23.34
C LEU F 1039 29.43 20.40 -23.95
N THR F 1040 30.34 21.29 -23.59
CA THR F 1040 31.76 21.12 -23.90
C THR F 1040 32.43 20.47 -22.70
N GLY F 1041 33.15 19.38 -22.95
CA GLY F 1041 33.59 18.48 -21.91
C GLY F 1041 34.51 18.98 -20.79
N GLU F 1042 34.19 20.10 -20.18
CA GLU F 1042 34.89 20.52 -18.96
C GLU F 1042 33.92 21.05 -17.91
N THR F 1043 34.21 20.75 -16.65
CA THR F 1043 33.31 21.02 -15.53
C THR F 1043 32.91 22.49 -15.39
N THR F 1044 33.89 23.38 -15.45
CA THR F 1044 33.67 24.81 -15.23
C THR F 1044 32.59 25.38 -16.15
N THR F 1045 32.87 25.42 -17.45
CA THR F 1045 31.95 26.01 -18.41
C THR F 1045 30.66 25.21 -18.53
N ASP F 1046 30.72 23.92 -18.22
CA ASP F 1046 29.56 23.05 -18.35
C ASP F 1046 28.41 23.46 -17.44
N LEU F 1047 28.65 23.46 -16.14
CA LEU F 1047 27.61 23.78 -15.17
C LEU F 1047 27.07 25.19 -15.36
N LYS F 1048 27.85 26.04 -16.03
CA LYS F 1048 27.37 27.36 -16.39
C LYS F 1048 26.37 27.26 -17.55
N LEU F 1049 26.69 26.40 -18.52
CA LEU F 1049 25.77 26.12 -19.61
C LEU F 1049 24.49 25.50 -19.06
N LEU F 1050 24.63 24.76 -17.97
CA LEU F 1050 23.47 24.18 -17.28
C LEU F 1050 22.64 25.31 -16.69
N GLU F 1051 23.34 26.29 -16.12
CA GLU F 1051 22.70 27.44 -15.48
C GLU F 1051 21.88 28.25 -16.49
N GLN F 1052 22.54 28.68 -17.57
CA GLN F 1052 21.90 29.53 -18.56
C GLN F 1052 21.21 28.70 -19.64
N GLY F 1053 20.98 27.43 -19.35
CA GLY F 1053 20.39 26.53 -20.33
C GLY F 1053 19.02 26.00 -19.94
N ASP F 1054 18.10 26.03 -20.88
CA ASP F 1054 16.77 25.49 -20.67
C ASP F 1054 16.68 24.07 -21.22
N LEU F 1055 17.57 23.76 -22.15
CA LEU F 1055 17.67 22.42 -22.72
C LEU F 1055 19.13 22.07 -22.97
N ILE F 1056 19.63 21.07 -22.25
CA ILE F 1056 21.03 20.70 -22.34
C ILE F 1056 21.23 19.40 -23.11
N LEU F 1057 22.14 19.43 -24.08
CA LEU F 1057 22.48 18.23 -24.85
C LEU F 1057 23.89 17.79 -24.52
N ALA F 1058 24.01 16.68 -23.80
CA ALA F 1058 25.31 16.21 -23.34
C ALA F 1058 25.47 14.71 -23.52
N THR F 1059 26.71 14.26 -23.71
CA THR F 1059 27.01 12.85 -23.85
C THR F 1059 26.94 12.16 -22.49
N PRO F 1060 26.85 10.82 -22.49
CA PRO F 1060 26.78 10.03 -21.26
C PRO F 1060 27.95 10.31 -20.32
N LEU F 1061 29.10 10.68 -20.87
CA LEU F 1061 30.26 10.98 -20.07
C LEU F 1061 30.22 12.42 -19.57
N GLN F 1062 29.73 13.31 -20.42
CA GLN F 1062 29.60 14.72 -20.07
C GLN F 1062 28.61 14.92 -18.93
N TRP F 1063 27.46 14.25 -19.04
CA TRP F 1063 26.44 14.31 -18.00
C TRP F 1063 26.82 13.39 -16.83
N ASP F 1064 27.95 12.72 -16.95
CA ASP F 1064 28.46 11.89 -15.86
C ASP F 1064 29.31 12.71 -14.91
N VAL F 1065 30.35 13.34 -15.45
CA VAL F 1065 31.23 14.20 -14.67
C VAL F 1065 30.43 15.34 -14.04
N LEU F 1066 29.57 15.94 -14.85
CA LEU F 1066 28.58 16.88 -14.33
C LEU F 1066 27.51 16.07 -13.62
N SER F 1067 26.91 16.64 -12.58
CA SER F 1067 25.88 15.96 -11.80
C SER F 1067 26.43 14.75 -11.04
N ARG F 1068 27.76 14.68 -10.91
CA ARG F 1068 28.37 13.73 -10.00
C ARG F 1068 27.89 14.02 -8.60
N GLN F 1069 27.77 15.32 -8.32
CA GLN F 1069 27.31 15.80 -7.02
C GLN F 1069 25.89 16.34 -7.12
N TRP F 1070 24.93 15.45 -7.28
CA TRP F 1070 23.52 15.84 -7.33
C TRP F 1070 23.08 16.40 -5.98
N LYS F 1071 23.83 16.06 -4.94
CA LYS F 1071 23.55 16.56 -3.60
C LYS F 1071 23.99 18.01 -3.46
N ARG F 1072 25.23 18.28 -3.85
CA ARG F 1072 25.77 19.63 -3.76
C ARG F 1072 25.05 20.58 -4.70
N ARG F 1073 25.29 20.41 -6.01
CA ARG F 1073 24.62 21.23 -7.02
C ARG F 1073 23.13 20.90 -7.04
N LYS F 1074 22.29 21.93 -7.06
CA LYS F 1074 20.85 21.72 -7.02
C LYS F 1074 20.22 21.79 -8.41
N ASN F 1075 20.92 22.42 -9.34
CA ASN F 1075 20.42 22.55 -10.71
C ASN F 1075 20.18 21.19 -11.36
N VAL F 1076 20.87 20.18 -10.87
CA VAL F 1076 20.69 18.82 -11.37
C VAL F 1076 19.32 18.29 -11.01
N GLN F 1077 18.92 18.52 -9.76
CA GLN F 1077 17.63 18.03 -9.26
C GLN F 1077 16.46 18.70 -9.95
N THR F 1078 16.66 19.94 -10.38
CA THR F 1078 15.59 20.75 -10.94
C THR F 1078 15.04 20.20 -12.25
N VAL F 1079 15.76 19.26 -12.86
CA VAL F 1079 15.32 18.70 -14.13
C VAL F 1079 14.09 17.83 -13.95
N GLU F 1080 13.14 17.96 -14.86
CA GLU F 1080 11.91 17.18 -14.80
C GLU F 1080 11.81 16.22 -15.98
N LEU F 1081 12.45 16.58 -17.09
CA LEU F 1081 12.43 15.74 -18.28
C LEU F 1081 13.86 15.36 -18.67
N PHE F 1082 14.09 14.07 -18.85
CA PHE F 1082 15.42 13.56 -19.17
C PHE F 1082 15.34 12.48 -20.25
N ILE F 1083 15.56 12.88 -21.50
CA ILE F 1083 15.48 11.95 -22.62
C ILE F 1083 16.80 11.23 -22.85
N ALA F 1084 16.73 9.92 -23.01
CA ALA F 1084 17.92 9.10 -23.30
C ALA F 1084 17.79 8.46 -24.68
N ASP F 1085 18.34 9.12 -25.69
CA ASP F 1085 18.25 8.63 -27.07
C ASP F 1085 19.25 7.51 -27.31
N ASP F 1086 18.81 6.48 -28.01
CA ASP F 1086 19.66 5.34 -28.32
C ASP F 1086 20.18 4.68 -27.05
N LEU F 1087 19.27 4.34 -26.15
CA LEU F 1087 19.63 3.74 -24.87
C LEU F 1087 20.19 2.34 -25.05
N HIS F 1088 19.99 1.76 -26.23
CA HIS F 1088 20.50 0.43 -26.54
C HIS F 1088 22.02 0.43 -26.59
N MET F 1089 22.61 1.62 -26.66
CA MET F 1089 24.06 1.76 -26.72
C MET F 1089 24.69 1.66 -25.34
N LEU F 1090 23.93 1.18 -24.37
CA LEU F 1090 24.44 1.02 -23.02
C LEU F 1090 25.26 -0.27 -22.92
N GLY F 1091 25.35 -0.97 -24.04
CA GLY F 1091 26.13 -2.21 -24.11
C GLY F 1091 27.24 -2.13 -25.14
N GLY F 1092 27.21 -1.07 -25.94
CA GLY F 1092 28.23 -0.87 -26.97
C GLY F 1092 29.17 0.26 -26.62
N GLN F 1093 30.45 0.10 -26.96
CA GLN F 1093 31.46 1.09 -26.64
C GLN F 1093 31.56 1.32 -25.14
N MET F 1094 31.52 2.59 -24.75
CA MET F 1094 31.51 2.95 -23.34
C MET F 1094 30.09 3.01 -22.82
N GLY F 1095 29.34 1.93 -23.06
CA GLY F 1095 27.94 1.87 -22.72
C GLY F 1095 27.65 1.92 -21.23
N TYR F 1096 28.55 1.34 -20.44
CA TYR F 1096 28.34 1.29 -18.99
C TYR F 1096 28.32 2.69 -18.40
N ILE F 1097 29.00 3.62 -19.07
CA ILE F 1097 28.97 5.02 -18.66
C ILE F 1097 27.59 5.61 -18.92
N TYR F 1098 26.89 5.03 -19.89
CA TYR F 1098 25.53 5.45 -20.23
C TYR F 1098 24.55 4.89 -19.22
N GLU F 1099 24.78 3.64 -18.83
CA GLU F 1099 23.91 2.95 -17.88
C GLU F 1099 23.99 3.59 -16.49
N ILE F 1100 25.20 4.00 -16.10
CA ILE F 1100 25.41 4.57 -14.77
C ILE F 1100 24.68 5.90 -14.60
N VAL F 1101 24.72 6.75 -15.62
CA VAL F 1101 24.09 8.06 -15.53
C VAL F 1101 22.56 7.94 -15.58
N VAL F 1102 22.06 7.04 -16.41
CA VAL F 1102 20.62 6.85 -16.53
C VAL F 1102 20.06 6.22 -15.26
N SER F 1103 20.80 5.27 -14.71
CA SER F 1103 20.40 4.62 -13.47
C SER F 1103 20.51 5.59 -12.29
N ARG F 1104 21.50 6.46 -12.36
CA ARG F 1104 21.73 7.44 -11.29
C ARG F 1104 20.62 8.50 -11.30
N MET F 1105 20.03 8.72 -12.47
CA MET F 1105 18.92 9.66 -12.58
C MET F 1105 17.68 9.11 -11.89
N HIS F 1106 17.47 7.80 -12.02
CA HIS F 1106 16.35 7.15 -11.34
C HIS F 1106 16.54 7.22 -9.83
N PHE F 1107 17.79 7.12 -9.40
CA PHE F 1107 18.13 7.21 -7.99
C PHE F 1107 17.95 8.64 -7.49
N ILE F 1108 18.22 9.61 -8.35
CA ILE F 1108 18.10 11.02 -8.00
C ILE F 1108 16.66 11.41 -7.72
N ARG F 1109 15.76 11.05 -8.64
CA ARG F 1109 14.34 11.34 -8.47
C ARG F 1109 13.76 10.52 -7.32
N THR F 1110 14.44 9.42 -6.99
CA THR F 1110 14.01 8.58 -5.88
C THR F 1110 14.26 9.27 -4.55
N GLN F 1111 15.36 10.02 -4.47
CA GLN F 1111 15.74 10.69 -3.24
C GLN F 1111 15.08 12.07 -3.12
N THR F 1112 15.17 12.86 -4.18
CA THR F 1112 14.65 14.22 -4.17
C THR F 1112 13.12 14.25 -4.15
N GLU F 1113 12.50 13.18 -4.65
CA GLU F 1113 11.05 13.09 -4.72
C GLU F 1113 10.45 14.18 -5.60
N LEU F 1114 11.29 14.86 -6.37
CA LEU F 1114 10.84 15.88 -7.30
C LEU F 1114 10.32 15.21 -8.58
N PRO F 1115 9.34 15.84 -9.23
CA PRO F 1115 8.75 15.30 -10.47
C PRO F 1115 9.77 15.24 -11.60
N MET F 1116 10.00 14.04 -12.12
CA MET F 1116 10.95 13.85 -13.21
C MET F 1116 10.58 12.63 -14.06
N ARG F 1117 10.45 12.85 -15.36
CA ARG F 1117 10.13 11.77 -16.29
C ARG F 1117 11.35 11.43 -17.14
N ILE F 1118 11.43 10.18 -17.57
CA ILE F 1118 12.52 9.74 -18.43
C ILE F 1118 11.97 9.08 -19.70
N VAL F 1119 12.33 9.65 -20.85
CA VAL F 1119 11.92 9.08 -22.13
C VAL F 1119 13.08 8.34 -22.78
N GLY F 1120 12.87 7.04 -23.04
CA GLY F 1120 13.91 6.20 -23.60
C GLY F 1120 13.69 5.89 -25.07
N LEU F 1121 14.68 6.22 -25.88
CA LEU F 1121 14.64 5.92 -27.31
C LEU F 1121 15.67 4.85 -27.65
N SER F 1122 15.26 3.87 -28.45
CA SER F 1122 16.14 2.75 -28.79
C SER F 1122 15.57 1.91 -29.93
N VAL F 1123 16.43 1.11 -30.54
CA VAL F 1123 16.00 0.19 -31.58
C VAL F 1123 15.17 -0.94 -30.97
N SER F 1124 14.57 -1.75 -31.82
CA SER F 1124 13.74 -2.86 -31.36
C SER F 1124 14.54 -3.83 -30.48
N LEU F 1125 14.10 -4.00 -29.24
CA LEU F 1125 14.79 -4.88 -28.31
C LEU F 1125 14.02 -6.17 -28.11
N ALA F 1126 14.74 -7.25 -27.81
CA ALA F 1126 14.13 -8.56 -27.61
C ALA F 1126 13.39 -8.61 -26.28
N ASN F 1127 13.68 -7.66 -25.40
CA ASN F 1127 13.06 -7.60 -24.10
C ASN F 1127 13.01 -6.17 -23.56
N ALA F 1128 11.94 -5.45 -23.92
CA ALA F 1128 11.80 -4.06 -23.55
C ALA F 1128 11.34 -3.88 -22.10
N ARG F 1129 10.82 -4.96 -21.50
CA ARG F 1129 10.27 -4.87 -20.16
C ARG F 1129 11.37 -4.74 -19.11
N ASP F 1130 12.59 -5.12 -19.46
CA ASP F 1130 13.70 -5.06 -18.52
C ASP F 1130 14.34 -3.67 -18.48
N ILE F 1131 14.15 -2.90 -19.55
CA ILE F 1131 14.64 -1.53 -19.56
C ILE F 1131 13.48 -0.57 -19.25
N GLY F 1132 12.27 -0.99 -19.58
CA GLY F 1132 11.09 -0.21 -19.26
C GLY F 1132 10.89 -0.15 -17.77
N GLU F 1133 11.03 -1.31 -17.11
CA GLU F 1133 10.97 -1.37 -15.66
C GLU F 1133 12.17 -0.64 -15.05
N TRP F 1134 13.26 -0.57 -15.82
CA TRP F 1134 14.46 0.12 -15.38
C TRP F 1134 14.20 1.62 -15.26
N ILE F 1135 13.38 2.15 -16.17
CA ILE F 1135 13.06 3.57 -16.17
C ILE F 1135 11.78 3.83 -15.38
N ASP F 1136 11.31 2.80 -14.68
CA ASP F 1136 10.10 2.91 -13.88
C ASP F 1136 8.90 3.24 -14.76
N ALA F 1137 8.60 2.34 -15.70
CA ALA F 1137 7.46 2.52 -16.59
C ALA F 1137 6.86 1.17 -16.96
N LYS F 1138 5.54 1.07 -16.87
CA LYS F 1138 4.86 -0.20 -17.13
C LYS F 1138 4.31 -0.28 -18.54
N LYS F 1139 4.06 -1.50 -19.01
CA LYS F 1139 3.69 -1.75 -20.40
C LYS F 1139 2.34 -1.16 -20.77
N HIS F 1140 2.27 0.16 -20.83
CA HIS F 1140 1.13 0.86 -21.39
C HIS F 1140 1.58 2.24 -21.84
N ASP F 1141 2.84 2.56 -21.53
CA ASP F 1141 3.49 3.74 -22.07
C ASP F 1141 4.71 3.31 -22.88
N ILE F 1142 5.20 2.11 -22.59
CA ILE F 1142 6.36 1.58 -23.27
C ILE F 1142 5.97 0.85 -24.54
N TYR F 1143 6.79 0.97 -25.58
CA TYR F 1143 6.51 0.32 -26.85
C TYR F 1143 7.75 -0.35 -27.41
N ASN F 1144 7.57 -1.54 -27.97
CA ASN F 1144 8.68 -2.30 -28.56
C ASN F 1144 8.27 -2.97 -29.86
N PHE F 1145 8.35 -2.22 -30.95
CA PHE F 1145 7.90 -2.71 -32.26
C PHE F 1145 8.93 -3.64 -32.90
N SER F 1146 8.50 -4.39 -33.91
CA SER F 1146 9.38 -5.28 -34.64
C SER F 1146 10.33 -4.48 -35.53
N PRO F 1147 11.45 -5.10 -35.92
CA PRO F 1147 12.43 -4.44 -36.81
C PRO F 1147 11.92 -4.32 -38.24
N HIS F 1148 10.67 -4.71 -38.47
CA HIS F 1148 10.07 -4.64 -39.79
C HIS F 1148 8.97 -3.59 -39.83
N VAL F 1149 8.88 -2.80 -38.77
CA VAL F 1149 7.84 -1.79 -38.66
C VAL F 1149 8.27 -0.48 -39.32
N ARG F 1150 9.47 -0.47 -39.90
CA ARG F 1150 9.99 0.71 -40.55
C ARG F 1150 9.07 1.17 -41.68
N PRO F 1151 8.88 2.49 -41.82
CA PRO F 1151 7.98 3.07 -42.82
C PRO F 1151 8.38 2.70 -44.24
N VAL F 1152 9.68 2.56 -44.49
CA VAL F 1152 10.18 2.17 -45.79
C VAL F 1152 10.82 0.78 -45.73
N PRO F 1153 10.21 -0.19 -46.42
CA PRO F 1153 10.67 -1.58 -46.45
C PRO F 1153 12.12 -1.71 -46.88
N LEU F 1154 12.92 -2.46 -46.13
CA LEU F 1154 14.32 -2.68 -46.46
C LEU F 1154 14.58 -4.14 -46.80
N GLU F 1155 14.40 -4.50 -48.06
CA GLU F 1155 14.65 -5.87 -48.50
C GLU F 1155 16.12 -6.22 -48.28
N LEU F 1156 16.37 -7.26 -47.49
CA LEU F 1156 17.72 -7.63 -47.11
C LEU F 1156 18.39 -8.54 -48.13
N HIS F 1157 19.56 -8.13 -48.59
CA HIS F 1157 20.38 -8.96 -49.46
C HIS F 1157 21.67 -9.34 -48.75
N ILE F 1158 22.01 -10.62 -48.79
CA ILE F 1158 23.22 -11.10 -48.13
C ILE F 1158 24.06 -11.96 -49.05
N GLN F 1159 25.34 -11.61 -49.16
CA GLN F 1159 26.27 -12.36 -50.00
C GLN F 1159 27.39 -12.95 -49.15
N SER F 1160 27.43 -14.28 -49.06
CA SER F 1160 28.43 -14.97 -48.26
C SER F 1160 29.72 -15.18 -49.04
N TYR F 1161 30.84 -14.82 -48.42
CA TYR F 1161 32.16 -14.99 -49.04
C TYR F 1161 32.99 -16.00 -48.26
N THR F 1162 33.96 -16.60 -48.94
CA THR F 1162 34.83 -17.58 -48.30
C THR F 1162 36.30 -17.32 -48.65
N ILE F 1163 36.78 -16.14 -48.29
CA ILE F 1163 38.17 -15.77 -48.53
C ILE F 1163 38.89 -15.49 -47.21
N PRO F 1164 39.84 -16.38 -46.85
CA PRO F 1164 40.55 -16.33 -45.57
C PRO F 1164 41.52 -15.15 -45.45
N HIS F 1165 41.53 -14.27 -46.45
CA HIS F 1165 42.41 -13.10 -46.40
C HIS F 1165 41.58 -11.82 -46.44
N PHE F 1166 41.87 -10.91 -45.50
CA PHE F 1166 41.10 -9.69 -45.37
C PHE F 1166 41.23 -8.78 -46.59
N PRO F 1167 42.47 -8.39 -46.93
CA PRO F 1167 42.69 -7.50 -48.07
C PRO F 1167 42.25 -8.14 -49.38
N SER F 1168 42.41 -9.45 -49.48
CA SER F 1168 41.99 -10.17 -50.68
C SER F 1168 40.47 -10.11 -50.82
N LEU F 1169 39.78 -10.16 -49.69
CA LEU F 1169 38.32 -10.13 -49.66
C LEU F 1169 37.80 -8.74 -50.03
N MET F 1170 38.47 -7.71 -49.52
CA MET F 1170 38.07 -6.34 -49.78
C MET F 1170 38.18 -5.98 -51.25
N LEU F 1171 39.29 -6.39 -51.87
CA LEU F 1171 39.50 -6.14 -53.29
C LEU F 1171 38.52 -6.97 -54.11
N ALA F 1172 38.16 -8.13 -53.58
CA ALA F 1172 37.26 -9.04 -54.28
C ALA F 1172 35.83 -8.52 -54.31
N MET F 1173 35.44 -7.79 -53.26
CA MET F 1173 34.08 -7.29 -53.15
C MET F 1173 33.86 -6.05 -54.01
N ALA F 1174 34.93 -5.57 -54.65
CA ALA F 1174 34.84 -4.37 -55.48
C ALA F 1174 33.85 -4.54 -56.62
N LYS F 1175 34.08 -5.53 -57.47
CA LYS F 1175 33.21 -5.79 -58.61
C LYS F 1175 31.77 -6.07 -58.18
N PRO F 1176 31.58 -6.99 -57.22
CA PRO F 1176 30.23 -7.30 -56.73
C PRO F 1176 29.50 -6.07 -56.21
N THR F 1177 30.25 -5.13 -55.65
CA THR F 1177 29.68 -3.90 -55.13
C THR F 1177 29.20 -2.99 -56.25
N TYR F 1178 30.00 -2.88 -57.30
CA TYR F 1178 29.67 -2.03 -58.43
C TYR F 1178 28.38 -2.48 -59.12
N LEU F 1179 28.35 -3.74 -59.54
CA LEU F 1179 27.18 -4.27 -60.23
C LEU F 1179 25.99 -4.31 -59.27
N ALA F 1180 26.27 -4.34 -57.98
CA ALA F 1180 25.22 -4.32 -56.97
C ALA F 1180 24.52 -2.96 -56.98
N ILE F 1181 25.32 -1.90 -57.09
CA ILE F 1181 24.79 -0.55 -57.15
C ILE F 1181 24.06 -0.30 -58.46
N THR F 1182 24.68 -0.74 -59.55
CA THR F 1182 24.16 -0.50 -60.89
C THR F 1182 22.90 -1.29 -61.19
N GLN F 1183 22.83 -2.52 -60.67
CA GLN F 1183 21.70 -3.40 -60.95
C GLN F 1183 20.56 -3.20 -59.95
N LEU F 1184 20.86 -2.57 -58.83
CA LEU F 1184 19.84 -2.33 -57.81
C LEU F 1184 19.41 -0.87 -57.77
N SER F 1185 20.36 0.04 -57.92
CA SER F 1185 20.06 1.47 -57.86
C SER F 1185 20.75 2.24 -58.98
N PRO F 1186 20.17 2.18 -60.19
CA PRO F 1186 20.74 2.86 -61.36
C PRO F 1186 20.53 4.37 -61.32
N ASP F 1187 19.36 4.81 -60.88
CA ASP F 1187 19.03 6.23 -60.87
C ASP F 1187 18.79 6.76 -59.46
N GLN F 1188 19.43 6.14 -58.47
CA GLN F 1188 19.30 6.56 -57.09
C GLN F 1188 20.62 6.39 -56.33
N PRO F 1189 20.91 7.33 -55.42
CA PRO F 1189 22.15 7.36 -54.63
C PRO F 1189 22.36 6.07 -53.84
N ALA F 1190 23.61 5.81 -53.47
CA ALA F 1190 23.95 4.62 -52.69
C ALA F 1190 25.13 4.87 -51.77
N ILE F 1191 25.13 4.19 -50.63
CA ILE F 1191 26.20 4.35 -49.64
C ILE F 1191 26.91 3.02 -49.39
N VAL F 1192 28.23 3.05 -49.43
CA VAL F 1192 29.03 1.86 -49.19
C VAL F 1192 29.89 2.01 -47.95
N PHE F 1193 29.54 1.27 -46.90
CA PHE F 1193 30.30 1.33 -45.66
C PHE F 1193 31.49 0.39 -45.70
N VAL F 1194 32.63 0.89 -45.23
CA VAL F 1194 33.86 0.10 -45.25
C VAL F 1194 34.51 0.11 -43.86
N PRO F 1195 35.06 -1.05 -43.45
CA PRO F 1195 35.67 -1.27 -42.13
C PRO F 1195 36.72 -0.23 -41.76
N SER F 1196 37.85 -0.24 -42.47
CA SER F 1196 38.98 0.61 -42.10
C SER F 1196 38.85 2.03 -42.61
N ARG F 1197 39.80 2.88 -42.22
CA ARG F 1197 39.85 4.26 -42.66
C ARG F 1197 40.47 4.34 -44.04
N LYS F 1198 41.55 3.58 -44.23
CA LYS F 1198 42.25 3.54 -45.51
C LYS F 1198 41.42 2.80 -46.57
N GLN F 1199 40.71 1.76 -46.13
CA GLN F 1199 39.95 0.91 -47.04
C GLN F 1199 38.83 1.70 -47.73
N THR F 1200 38.54 2.89 -47.21
CA THR F 1200 37.55 3.76 -47.84
C THR F 1200 38.13 4.32 -49.13
N ARG F 1201 39.39 4.71 -49.09
CA ARG F 1201 40.07 5.22 -50.28
C ARG F 1201 40.28 4.10 -51.28
N ALA F 1202 40.79 2.96 -50.79
CA ALA F 1202 41.05 1.81 -51.63
C ALA F 1202 39.77 1.34 -52.34
N THR F 1203 38.69 1.24 -51.58
CA THR F 1203 37.41 0.84 -52.14
C THR F 1203 36.92 1.86 -53.17
N ALA F 1204 37.39 3.09 -53.02
CA ALA F 1204 37.04 4.16 -53.96
C ALA F 1204 37.67 3.91 -55.32
N ARG F 1205 38.98 3.69 -55.34
CA ARG F 1205 39.69 3.41 -56.58
C ARG F 1205 39.35 2.03 -57.12
N ASP F 1206 39.14 1.08 -56.21
CA ASP F 1206 38.75 -0.27 -56.61
C ASP F 1206 37.40 -0.25 -57.32
N LEU F 1207 36.54 0.68 -56.91
CA LEU F 1207 35.23 0.82 -57.53
C LEU F 1207 35.34 1.59 -58.84
N LEU F 1208 36.21 2.58 -58.87
CA LEU F 1208 36.43 3.38 -60.08
C LEU F 1208 37.06 2.54 -61.18
N THR F 1209 38.11 1.79 -60.82
CA THR F 1209 38.75 0.88 -61.76
C THR F 1209 37.77 -0.21 -62.19
N ALA F 1210 36.79 -0.48 -61.32
CA ALA F 1210 35.75 -1.44 -61.63
C ALA F 1210 34.72 -0.83 -62.58
N CYS F 1211 34.72 0.50 -62.66
CA CYS F 1211 33.82 1.20 -63.56
C CYS F 1211 34.34 1.20 -64.99
N LEU F 1212 35.62 1.53 -65.15
CA LEU F 1212 36.24 1.54 -66.46
C LEU F 1212 36.44 0.12 -66.98
N ALA F 1213 36.46 -0.84 -66.06
CA ALA F 1213 36.56 -2.25 -66.43
C ALA F 1213 35.36 -2.66 -67.27
N ASP F 1214 34.23 -2.03 -67.00
CA ASP F 1214 33.03 -2.23 -67.80
C ASP F 1214 32.99 -1.17 -68.89
N ASP F 1215 34.10 -0.45 -69.04
CA ASP F 1215 34.21 0.61 -70.02
C ASP F 1215 33.13 1.67 -69.80
N ASP F 1216 33.06 2.18 -68.59
CA ASP F 1216 32.07 3.19 -68.24
C ASP F 1216 32.50 3.97 -66.99
N GLU F 1217 33.63 4.65 -67.07
CA GLU F 1217 34.07 5.50 -65.97
C GLU F 1217 33.16 6.71 -65.90
N ASP F 1218 33.11 7.35 -64.73
CA ASP F 1218 32.18 8.44 -64.50
C ASP F 1218 30.74 7.94 -64.57
N ARG F 1219 30.58 6.64 -64.33
CA ARG F 1219 29.27 6.00 -64.36
C ARG F 1219 28.35 6.58 -63.29
N PHE F 1220 28.94 7.07 -62.22
CA PHE F 1220 28.18 7.59 -61.09
C PHE F 1220 28.18 9.12 -61.07
N LEU F 1221 28.84 9.72 -62.06
CA LEU F 1221 28.86 11.17 -62.20
C LEU F 1221 27.71 11.63 -63.09
N HIS F 1222 26.62 12.03 -62.45
CA HIS F 1222 25.40 12.39 -63.18
C HIS F 1222 25.40 13.86 -63.60
N VAL F 1223 26.48 14.58 -63.30
CA VAL F 1223 26.61 15.97 -63.70
C VAL F 1223 27.92 16.20 -64.43
N GLU F 1224 27.92 17.14 -65.38
CA GLU F 1224 29.10 17.45 -66.16
C GLU F 1224 30.25 17.91 -65.28
N VAL F 1225 31.46 17.46 -65.61
CA VAL F 1225 32.65 17.76 -64.82
C VAL F 1225 33.01 19.25 -64.89
N ASP F 1226 32.39 19.96 -65.83
CA ASP F 1226 32.63 21.39 -66.00
C ASP F 1226 32.08 22.19 -64.82
N GLN F 1227 31.32 21.52 -63.96
CA GLN F 1227 30.70 22.18 -62.81
C GLN F 1227 31.50 21.96 -61.53
N ILE F 1228 32.31 20.90 -61.52
CA ILE F 1228 33.02 20.50 -60.31
C ILE F 1228 34.50 20.91 -60.35
N ARG F 1229 34.92 21.51 -61.45
CA ARG F 1229 36.30 21.97 -61.60
C ARG F 1229 36.61 23.08 -60.58
N LYS F 1230 35.55 23.66 -60.03
CA LYS F 1230 35.68 24.73 -59.05
C LYS F 1230 36.31 24.23 -57.76
N LEU F 1231 35.97 23.00 -57.37
CA LEU F 1231 36.40 22.46 -56.08
C LEU F 1231 37.55 21.46 -56.24
N LEU F 1232 38.36 21.64 -57.27
CA LEU F 1232 39.48 20.74 -57.52
C LEU F 1232 40.54 20.87 -56.44
N ASP F 1233 41.04 22.08 -56.24
CA ASP F 1233 42.08 22.33 -55.24
C ASP F 1233 41.49 22.47 -53.85
N HIS F 1234 40.18 22.67 -53.79
CA HIS F 1234 39.49 22.86 -52.51
C HIS F 1234 39.52 21.58 -51.67
N VAL F 1235 39.72 20.45 -52.32
CA VAL F 1235 39.85 19.19 -51.62
C VAL F 1235 41.29 18.98 -51.18
N GLN F 1236 41.52 18.97 -49.88
CA GLN F 1236 42.87 18.88 -49.34
C GLN F 1236 43.51 17.50 -49.59
N GLU F 1237 42.68 16.55 -50.03
CA GLU F 1237 43.19 15.22 -50.37
C GLU F 1237 43.03 14.94 -51.85
N GLU F 1238 44.15 14.70 -52.53
CA GLU F 1238 44.15 14.45 -53.96
C GLU F 1238 43.37 13.18 -54.31
N ALA F 1239 43.35 12.23 -53.37
CA ALA F 1239 42.64 10.98 -53.57
C ALA F 1239 41.14 11.21 -53.72
N LEU F 1240 40.59 12.04 -52.85
CA LEU F 1240 39.17 12.35 -52.90
C LEU F 1240 38.82 13.19 -54.11
N ALA F 1241 39.78 13.98 -54.58
CA ALA F 1241 39.58 14.82 -55.76
C ALA F 1241 39.43 13.97 -57.01
N GLU F 1242 40.37 13.05 -57.21
CA GLU F 1242 40.34 12.15 -58.35
C GLU F 1242 39.10 11.27 -58.32
N ALA F 1243 38.70 10.88 -57.12
CA ALA F 1243 37.53 10.03 -56.94
C ALA F 1243 36.25 10.79 -57.29
N LEU F 1244 36.13 12.01 -56.78
CA LEU F 1244 34.96 12.83 -57.03
C LEU F 1244 34.88 13.27 -58.48
N SER F 1245 36.01 13.21 -59.18
CA SER F 1245 36.07 13.62 -60.58
C SER F 1245 35.30 12.63 -61.46
N HIS F 1246 35.05 11.44 -60.93
CA HIS F 1246 34.34 10.42 -61.68
C HIS F 1246 33.01 10.04 -61.01
N GLY F 1247 32.54 10.92 -60.13
CA GLY F 1247 31.27 10.73 -59.47
C GLY F 1247 31.28 9.69 -58.37
N VAL F 1248 32.41 9.57 -57.67
CA VAL F 1248 32.54 8.61 -56.58
C VAL F 1248 33.26 9.23 -55.39
N GLY F 1249 32.50 9.64 -54.38
CA GLY F 1249 33.08 10.24 -53.19
C GLY F 1249 33.09 9.32 -52.00
N TYR F 1250 33.98 9.59 -51.05
CA TYR F 1250 34.05 8.80 -49.82
C TYR F 1250 34.08 9.72 -48.60
N TYR F 1251 33.97 9.12 -47.41
CA TYR F 1251 33.88 9.90 -46.18
C TYR F 1251 34.48 9.14 -45.00
N HIS F 1252 35.49 9.72 -44.37
CA HIS F 1252 36.14 9.10 -43.21
C HIS F 1252 36.37 10.11 -42.10
N GLU F 1253 36.92 9.64 -40.99
CA GLU F 1253 37.08 10.47 -39.80
C GLU F 1253 38.29 11.40 -39.90
N ALA F 1254 39.32 10.96 -40.60
CA ALA F 1254 40.55 11.76 -40.72
C ALA F 1254 40.38 12.91 -41.71
N LEU F 1255 39.24 12.94 -42.38
CA LEU F 1255 38.97 13.97 -43.37
C LEU F 1255 38.61 15.30 -42.71
N SER F 1256 39.08 16.39 -43.30
CA SER F 1256 38.81 17.72 -42.76
C SER F 1256 37.34 18.10 -42.96
N GLN F 1257 36.84 18.97 -42.09
CA GLN F 1257 35.45 19.42 -42.16
C GLN F 1257 35.18 20.17 -43.46
N SER F 1258 36.23 20.76 -44.02
CA SER F 1258 36.10 21.44 -45.30
C SER F 1258 35.69 20.46 -46.39
N ASP F 1259 36.45 19.37 -46.50
CA ASP F 1259 36.15 18.33 -47.48
C ASP F 1259 34.83 17.64 -47.15
N LYS F 1260 34.48 17.62 -45.87
CA LYS F 1260 33.24 16.99 -45.43
C LYS F 1260 32.02 17.71 -46.02
N ARG F 1261 32.02 19.05 -45.91
CA ARG F 1261 30.92 19.83 -46.44
C ARG F 1261 30.91 19.76 -47.98
N ILE F 1262 32.09 19.56 -48.55
CA ILE F 1262 32.22 19.46 -50.01
C ILE F 1262 31.51 18.22 -50.53
N VAL F 1263 31.95 17.05 -50.06
CA VAL F 1263 31.33 15.80 -50.47
C VAL F 1263 29.86 15.77 -50.08
N LYS F 1264 29.54 16.45 -48.98
CA LYS F 1264 28.17 16.56 -48.50
C LYS F 1264 27.33 17.34 -49.52
N HIS F 1265 27.92 18.40 -50.06
CA HIS F 1265 27.23 19.23 -51.04
C HIS F 1265 26.94 18.45 -52.33
N LEU F 1266 27.97 17.86 -52.91
CA LEU F 1266 27.84 17.11 -54.15
C LEU F 1266 26.83 15.98 -54.04
N TYR F 1267 26.89 15.24 -52.94
CA TYR F 1267 26.00 14.09 -52.74
C TYR F 1267 24.54 14.53 -52.61
N ASN F 1268 24.31 15.60 -51.86
CA ASN F 1268 22.96 16.09 -51.62
C ASN F 1268 22.34 16.73 -52.86
N ASN F 1269 23.18 17.29 -53.73
CA ASN F 1269 22.68 17.92 -54.95
C ASN F 1269 22.39 16.88 -56.03
N GLY F 1270 23.08 15.76 -55.97
CA GLY F 1270 22.90 14.71 -56.95
C GLY F 1270 24.12 14.57 -57.85
N ALA F 1271 25.20 15.22 -57.45
CA ALA F 1271 26.45 15.17 -58.22
C ALA F 1271 27.00 13.75 -58.25
N ILE F 1272 27.36 13.23 -57.09
CA ILE F 1272 27.86 11.88 -56.97
C ILE F 1272 26.75 10.92 -56.53
N GLN F 1273 26.72 9.73 -57.12
CA GLN F 1273 25.68 8.76 -56.82
C GLN F 1273 26.13 7.76 -55.77
N VAL F 1274 27.44 7.62 -55.62
CA VAL F 1274 27.99 6.67 -54.67
C VAL F 1274 28.89 7.35 -53.65
N LEU F 1275 28.67 7.05 -52.38
CA LEU F 1275 29.49 7.61 -51.31
C LEU F 1275 29.97 6.51 -50.38
N ILE F 1276 31.28 6.36 -50.28
CA ILE F 1276 31.88 5.29 -49.49
C ILE F 1276 32.35 5.80 -48.13
N ALA F 1277 31.56 5.55 -47.09
CA ALA F 1277 31.88 5.99 -45.74
C ALA F 1277 32.48 4.85 -44.92
N SER F 1278 33.23 5.20 -43.89
CA SER F 1278 33.82 4.20 -43.00
C SER F 1278 32.88 3.88 -41.85
N ARG F 1279 33.15 2.77 -41.16
CA ARG F 1279 32.33 2.36 -40.04
C ARG F 1279 32.50 3.32 -38.87
N ASP F 1280 33.62 4.03 -38.85
CA ASP F 1280 33.92 4.94 -37.75
C ASP F 1280 33.10 6.22 -37.84
N VAL F 1281 32.42 6.40 -38.96
CA VAL F 1281 31.61 7.59 -39.16
C VAL F 1281 30.15 7.24 -39.47
N CYS F 1282 29.73 6.06 -39.01
CA CYS F 1282 28.37 5.60 -39.24
C CYS F 1282 27.37 6.41 -38.42
N TRP F 1283 27.83 6.93 -37.28
CA TRP F 1283 26.99 7.76 -36.43
C TRP F 1283 26.94 9.19 -36.93
N GLU F 1284 28.11 9.73 -37.24
CA GLU F 1284 28.23 11.11 -37.69
C GLU F 1284 27.59 11.35 -39.06
N LEU F 1285 27.45 10.28 -39.84
CA LEU F 1285 26.93 10.38 -41.20
C LEU F 1285 25.50 10.92 -41.20
N ASP F 1286 25.29 12.00 -41.95
CA ASP F 1286 24.00 12.66 -42.00
C ASP F 1286 23.30 12.40 -43.33
N PHE F 1287 23.99 11.69 -44.21
CA PHE F 1287 23.50 11.45 -45.57
C PHE F 1287 22.32 10.48 -45.61
N THR F 1288 21.82 10.23 -46.80
CA THR F 1288 20.71 9.31 -47.01
C THR F 1288 20.77 8.71 -48.41
N ALA F 1289 20.33 7.46 -48.55
CA ALA F 1289 20.40 6.78 -49.83
C ALA F 1289 19.29 5.75 -50.01
N HIS F 1290 19.20 5.20 -51.21
CA HIS F 1290 18.22 4.16 -51.52
C HIS F 1290 18.84 2.80 -51.27
N LEU F 1291 20.11 2.66 -51.60
CA LEU F 1291 20.84 1.42 -51.41
C LEU F 1291 21.99 1.59 -50.43
N VAL F 1292 22.20 0.59 -49.58
CA VAL F 1292 23.28 0.61 -48.62
C VAL F 1292 23.94 -0.76 -48.54
N VAL F 1293 25.25 -0.80 -48.77
CA VAL F 1293 25.98 -2.05 -48.74
C VAL F 1293 27.05 -2.07 -47.66
N VAL F 1294 27.17 -3.20 -46.98
CA VAL F 1294 28.18 -3.37 -45.95
C VAL F 1294 29.21 -4.41 -46.39
N MET F 1295 30.40 -3.95 -46.74
CA MET F 1295 31.44 -4.84 -47.26
C MET F 1295 32.09 -5.67 -46.17
N GLY F 1296 32.55 -5.00 -45.12
CA GLY F 1296 33.37 -5.64 -44.10
C GLY F 1296 32.67 -6.61 -43.16
N THR F 1297 31.90 -6.05 -42.23
CA THR F 1297 31.35 -6.81 -41.11
C THR F 1297 32.49 -7.36 -40.26
N GLN F 1298 33.67 -6.76 -40.41
CA GLN F 1298 34.86 -7.14 -39.66
C GLN F 1298 35.92 -6.05 -39.76
N PHE F 1299 36.54 -5.72 -38.64
CA PHE F 1299 37.62 -4.75 -38.63
C PHE F 1299 38.78 -5.26 -37.77
N PHE F 1300 39.92 -4.59 -37.85
CA PHE F 1300 41.11 -5.05 -37.15
C PHE F 1300 41.37 -4.25 -35.87
N GLU F 1301 41.58 -4.95 -34.77
CA GLU F 1301 41.90 -4.32 -33.50
C GLU F 1301 43.32 -4.71 -33.06
N GLY F 1302 44.17 -3.71 -32.90
CA GLY F 1302 45.57 -3.95 -32.60
C GLY F 1302 45.85 -4.43 -31.19
N LYS F 1303 45.02 -4.04 -30.23
CA LYS F 1303 45.25 -4.37 -28.84
C LYS F 1303 45.23 -5.87 -28.59
N GLU F 1304 44.44 -6.59 -29.37
CA GLU F 1304 44.34 -8.04 -29.23
C GLU F 1304 44.81 -8.76 -30.48
N HIS F 1305 45.19 -8.00 -31.50
CA HIS F 1305 45.65 -8.56 -32.76
C HIS F 1305 44.57 -9.42 -33.40
N ARG F 1306 43.32 -8.98 -33.28
CA ARG F 1306 42.19 -9.75 -33.76
C ARG F 1306 41.41 -9.02 -34.85
N TYR F 1307 40.57 -9.76 -35.56
CA TYR F 1307 39.61 -9.17 -36.49
C TYR F 1307 38.20 -9.30 -35.93
N ILE F 1308 37.83 -8.40 -35.04
CA ILE F 1308 36.54 -8.46 -34.36
C ILE F 1308 35.39 -8.12 -35.29
N ASP F 1309 34.27 -8.83 -35.11
CA ASP F 1309 33.09 -8.62 -35.94
C ASP F 1309 32.37 -7.32 -35.58
N TYR F 1310 31.56 -6.82 -36.51
CA TYR F 1310 30.74 -5.65 -36.26
C TYR F 1310 29.73 -5.93 -35.16
N PRO F 1311 29.65 -5.03 -34.17
CA PRO F 1311 28.54 -5.10 -33.22
C PRO F 1311 27.21 -4.87 -33.95
N LEU F 1312 26.19 -5.66 -33.62
CA LEU F 1312 24.92 -5.60 -34.34
C LEU F 1312 24.30 -4.21 -34.35
N SER F 1313 24.68 -3.39 -33.37
CA SER F 1313 24.13 -2.06 -33.24
C SER F 1313 24.51 -1.16 -34.42
N GLU F 1314 25.81 -1.12 -34.73
CA GLU F 1314 26.29 -0.25 -35.80
C GLU F 1314 25.85 -0.77 -37.16
N VAL F 1315 25.58 -2.06 -37.25
CA VAL F 1315 25.06 -2.65 -38.48
C VAL F 1315 23.65 -2.16 -38.75
N LEU F 1316 22.88 -1.99 -37.67
CA LEU F 1316 21.52 -1.50 -37.77
C LEU F 1316 21.51 -0.01 -38.09
N GLN F 1317 22.51 0.70 -37.60
CA GLN F 1317 22.64 2.13 -37.87
C GLN F 1317 23.02 2.37 -39.32
N MET F 1318 24.02 1.62 -39.79
CA MET F 1318 24.48 1.72 -41.17
C MET F 1318 23.36 1.40 -42.16
N PHE F 1319 22.52 0.43 -41.80
CA PHE F 1319 21.40 0.06 -42.64
C PHE F 1319 20.23 1.01 -42.45
N GLY F 1320 20.39 1.97 -41.55
CA GLY F 1320 19.37 2.95 -41.29
C GLY F 1320 19.52 4.18 -42.16
N LYS F 1321 20.29 4.04 -43.24
CA LYS F 1321 20.52 5.14 -44.16
C LYS F 1321 19.70 4.97 -45.43
N ALA F 1322 19.08 3.81 -45.58
CA ALA F 1322 18.25 3.53 -46.74
C ALA F 1322 16.80 3.92 -46.47
N LEU F 1323 16.40 5.09 -46.96
CA LEU F 1323 15.07 5.63 -46.65
C LEU F 1323 14.31 6.13 -47.87
N GLN F 1324 14.96 6.20 -49.01
CA GLN F 1324 14.34 6.81 -50.18
C GLN F 1324 14.07 5.83 -51.33
N PRO F 1325 12.82 5.37 -51.42
CA PRO F 1325 12.30 4.57 -52.54
C PRO F 1325 11.51 5.44 -53.51
N SER F 1326 11.94 5.50 -54.77
CA SER F 1326 11.35 6.43 -55.73
C SER F 1326 10.43 5.76 -56.74
N LYS F 1327 10.32 4.44 -56.69
CA LYS F 1327 9.49 3.72 -57.65
C LYS F 1327 8.76 2.54 -57.02
N ASP F 1328 9.52 1.49 -56.68
CA ASP F 1328 8.93 0.27 -56.15
C ASP F 1328 8.32 0.49 -54.76
N GLY F 1329 8.85 1.46 -54.03
CA GLY F 1329 8.39 1.74 -52.69
C GLY F 1329 9.23 1.01 -51.65
N ARG F 1330 10.27 0.33 -52.12
CA ARG F 1330 11.19 -0.38 -51.25
C ARG F 1330 12.58 0.24 -51.28
N SER F 1331 13.35 0.01 -50.23
CA SER F 1331 14.74 0.46 -50.19
C SER F 1331 15.68 -0.74 -50.19
N ARG F 1332 16.80 -0.61 -50.89
CA ARG F 1332 17.72 -1.73 -51.07
C ARG F 1332 18.84 -1.73 -50.04
N GLY F 1333 19.32 -2.92 -49.70
CA GLY F 1333 20.43 -3.07 -48.76
C GLY F 1333 21.14 -4.39 -48.92
N VAL F 1334 22.43 -4.33 -49.23
CA VAL F 1334 23.24 -5.52 -49.42
C VAL F 1334 24.23 -5.71 -48.28
N LEU F 1335 24.34 -6.95 -47.79
CA LEU F 1335 25.23 -7.25 -46.68
C LEU F 1335 26.27 -8.30 -47.05
N MET F 1336 27.50 -7.85 -47.29
CA MET F 1336 28.59 -8.76 -47.64
C MET F 1336 29.34 -9.21 -46.37
N LEU F 1337 29.39 -10.52 -46.15
CA LEU F 1337 30.02 -11.05 -44.95
C LEU F 1337 30.55 -12.46 -45.17
N PRO F 1338 31.45 -12.91 -44.26
CA PRO F 1338 31.95 -14.29 -44.28
C PRO F 1338 30.83 -15.29 -44.18
N ALA F 1339 30.98 -16.44 -44.84
CA ALA F 1339 29.94 -17.46 -44.86
C ALA F 1339 29.65 -18.02 -43.46
N VAL F 1340 30.66 -17.98 -42.60
CA VAL F 1340 30.53 -18.50 -41.25
C VAL F 1340 29.77 -17.54 -40.34
N LYS F 1341 29.55 -16.32 -40.84
CA LYS F 1341 28.87 -15.29 -40.06
C LYS F 1341 27.50 -14.95 -40.63
N ARG F 1342 27.12 -15.62 -41.71
CA ARG F 1342 25.90 -15.30 -42.43
C ARG F 1342 24.65 -15.40 -41.55
N GLU F 1343 24.32 -16.62 -41.12
CA GLU F 1343 23.11 -16.87 -40.37
C GLU F 1343 23.04 -16.06 -39.07
N TYR F 1344 24.20 -15.60 -38.61
CA TYR F 1344 24.26 -14.79 -37.39
C TYR F 1344 23.63 -13.41 -37.62
N TYR F 1345 24.09 -12.72 -38.66
CA TYR F 1345 23.58 -11.39 -38.97
C TYR F 1345 22.19 -11.45 -39.57
N LYS F 1346 21.83 -12.58 -40.16
CA LYS F 1346 20.52 -12.74 -40.77
C LYS F 1346 19.44 -12.91 -39.71
N LYS F 1347 19.77 -13.66 -38.67
CA LYS F 1347 18.83 -13.92 -37.58
C LYS F 1347 18.52 -12.63 -36.81
N PHE F 1348 19.57 -11.89 -36.46
CA PHE F 1348 19.41 -10.66 -35.69
C PHE F 1348 19.09 -9.48 -36.60
N LEU F 1349 18.65 -9.76 -37.81
CA LEU F 1349 18.17 -8.72 -38.71
C LEU F 1349 16.71 -8.98 -39.07
N ASN F 1350 16.18 -10.08 -38.53
CA ASN F 1350 14.76 -10.39 -38.65
C ASN F 1350 14.07 -10.36 -37.31
N GLU F 1351 14.86 -10.50 -36.25
CA GLU F 1351 14.35 -10.38 -34.88
C GLU F 1351 15.06 -9.24 -34.17
N ALA F 1352 14.53 -8.84 -33.01
CA ALA F 1352 15.03 -7.67 -32.29
C ALA F 1352 16.45 -7.87 -31.77
N LEU F 1353 17.00 -6.81 -31.20
CA LEU F 1353 18.36 -6.82 -30.68
C LEU F 1353 18.40 -7.15 -29.19
N PRO F 1354 19.27 -8.08 -28.80
CA PRO F 1354 19.48 -8.43 -27.39
C PRO F 1354 20.57 -7.56 -26.76
N VAL F 1355 20.19 -6.75 -25.78
CA VAL F 1355 21.13 -5.83 -25.15
C VAL F 1355 21.49 -6.25 -23.74
N GLU F 1356 22.78 -6.39 -23.48
CA GLU F 1356 23.28 -6.74 -22.15
C GLU F 1356 24.25 -5.67 -21.66
N SER F 1357 24.54 -5.69 -20.37
CA SER F 1357 25.44 -4.70 -19.79
C SER F 1357 26.82 -5.28 -19.50
N HIS F 1358 27.85 -4.51 -19.85
CA HIS F 1358 29.23 -4.91 -19.57
C HIS F 1358 29.74 -4.20 -18.33
N LEU F 1359 28.81 -3.69 -17.53
CA LEU F 1359 29.15 -2.92 -16.33
C LEU F 1359 29.88 -3.77 -15.30
N HIS F 1360 29.60 -5.07 -15.28
CA HIS F 1360 30.24 -5.97 -14.34
C HIS F 1360 31.72 -6.13 -14.65
N ASN F 1361 32.12 -5.73 -15.86
CA ASN F 1361 33.51 -5.82 -16.28
C ASN F 1361 34.23 -4.47 -16.13
N PHE F 1362 33.49 -3.46 -15.70
CA PHE F 1362 34.06 -2.12 -15.54
C PHE F 1362 33.66 -1.48 -14.22
N LEU F 1363 33.47 -2.29 -13.20
CA LEU F 1363 33.13 -1.79 -11.87
C LEU F 1363 34.24 -0.92 -11.26
N PRO F 1364 35.51 -1.35 -11.42
CA PRO F 1364 36.64 -0.55 -10.93
C PRO F 1364 36.58 0.90 -11.38
N ASP F 1365 36.42 1.13 -12.68
CA ASP F 1365 36.29 2.49 -13.20
C ASP F 1365 34.95 3.09 -12.82
N ALA F 1366 33.97 2.23 -12.55
CA ALA F 1366 32.64 2.68 -12.17
C ALA F 1366 32.60 3.07 -10.71
N PHE F 1367 33.36 2.35 -9.88
CA PHE F 1367 33.40 2.60 -8.45
C PHE F 1367 34.31 3.77 -8.10
N VAL F 1368 35.34 3.99 -8.92
CA VAL F 1368 36.33 5.03 -8.64
C VAL F 1368 35.69 6.41 -8.62
N THR F 1369 34.57 6.56 -9.32
CA THR F 1369 33.87 7.84 -9.36
C THR F 1369 32.88 7.96 -8.21
N GLU F 1370 32.30 6.83 -7.80
CA GLU F 1370 31.32 6.83 -6.73
C GLU F 1370 31.98 6.96 -5.37
N ILE F 1371 33.16 6.36 -5.21
CA ILE F 1371 33.92 6.46 -3.97
C ILE F 1371 34.39 7.89 -3.74
N SER F 1372 34.67 8.60 -4.82
CA SER F 1372 35.10 9.99 -4.74
C SER F 1372 33.92 10.89 -4.36
N THR F 1373 32.76 10.60 -4.94
CA THR F 1373 31.55 11.36 -4.67
C THR F 1373 31.05 11.06 -3.26
N LYS F 1374 31.62 10.03 -2.65
CA LYS F 1374 31.22 9.57 -1.32
C LYS F 1374 29.80 9.02 -1.34
N MET F 1375 29.25 8.82 -2.54
CA MET F 1375 27.95 8.19 -2.69
C MET F 1375 28.04 6.72 -2.31
N ILE F 1376 29.25 6.16 -2.44
CA ILE F 1376 29.53 4.81 -2.00
C ILE F 1376 30.73 4.81 -1.06
N GLU F 1377 30.48 4.53 0.21
CA GLU F 1377 31.56 4.49 1.20
C GLU F 1377 31.44 3.25 2.08
N SER F 1378 30.73 2.25 1.57
CA SER F 1378 30.55 1.00 2.28
C SER F 1378 30.12 -0.11 1.32
N GLY F 1379 30.47 -1.35 1.66
CA GLY F 1379 30.09 -2.50 0.86
C GLY F 1379 28.59 -2.59 0.74
N GLU F 1380 27.89 -2.22 1.80
CA GLU F 1380 26.43 -2.18 1.80
C GLU F 1380 25.93 -1.18 0.75
N ASP F 1381 26.56 -0.01 0.74
CA ASP F 1381 26.19 1.04 -0.21
C ASP F 1381 26.50 0.62 -1.63
N ALA F 1382 27.56 -0.16 -1.79
CA ALA F 1382 27.97 -0.65 -3.11
C ALA F 1382 26.90 -1.56 -3.70
N ILE F 1383 26.50 -2.56 -2.93
CA ILE F 1383 25.48 -3.50 -3.38
C ILE F 1383 24.14 -2.78 -3.59
N ASN F 1384 23.86 -1.82 -2.73
CA ASN F 1384 22.63 -1.03 -2.84
C ASN F 1384 22.64 -0.19 -4.11
N TRP F 1385 23.83 0.23 -4.52
CA TRP F 1385 23.99 1.02 -5.74
C TRP F 1385 23.78 0.16 -6.97
N ALA F 1386 24.20 -1.10 -6.88
CA ALA F 1386 24.11 -2.03 -8.01
C ALA F 1386 22.66 -2.38 -8.33
N THR F 1387 21.81 -2.32 -7.32
CA THR F 1387 20.41 -2.73 -7.47
C THR F 1387 19.64 -1.81 -8.41
N PHE F 1388 20.23 -0.66 -8.74
CA PHE F 1388 19.59 0.30 -9.62
C PHE F 1388 20.02 0.11 -11.08
N THR F 1389 21.18 -0.51 -11.27
CA THR F 1389 21.73 -0.67 -12.61
C THR F 1389 20.93 -1.65 -13.45
N TYR F 1390 21.11 -1.58 -14.77
CA TYR F 1390 20.47 -2.51 -15.69
C TYR F 1390 21.15 -3.88 -15.56
N PHE F 1391 22.40 -3.86 -15.11
CA PHE F 1391 23.16 -5.08 -14.88
C PHE F 1391 22.48 -5.97 -13.84
N TYR F 1392 21.79 -5.34 -12.89
CA TYR F 1392 21.08 -6.08 -11.86
C TYR F 1392 19.80 -6.70 -12.40
N ARG F 1393 18.98 -5.88 -13.06
CA ARG F 1393 17.71 -6.32 -13.60
C ARG F 1393 17.93 -7.45 -14.61
N ARG F 1394 19.03 -7.37 -15.34
CA ARG F 1394 19.34 -8.36 -16.36
C ARG F 1394 20.03 -9.57 -15.75
N LEU F 1395 20.62 -9.37 -14.57
CA LEU F 1395 21.28 -10.46 -13.85
C LEU F 1395 20.26 -11.51 -13.44
N LEU F 1396 19.00 -11.09 -13.34
CA LEU F 1396 17.91 -11.98 -12.97
C LEU F 1396 17.40 -12.75 -14.19
N ALA F 1397 17.14 -12.02 -15.26
CA ALA F 1397 16.57 -12.59 -16.48
C ALA F 1397 17.56 -13.49 -17.21
N ASN F 1398 18.85 -13.24 -17.01
CA ASN F 1398 19.88 -14.00 -17.69
C ASN F 1398 21.17 -14.10 -16.89
N PRO F 1399 21.19 -14.97 -15.89
CA PRO F 1399 22.32 -15.14 -14.97
C PRO F 1399 23.53 -15.81 -15.62
N SER F 1400 23.29 -16.71 -16.56
CA SER F 1400 24.37 -17.46 -17.19
C SER F 1400 25.29 -16.56 -18.02
N TYR F 1401 24.75 -15.44 -18.48
CA TYR F 1401 25.52 -14.51 -19.30
C TYR F 1401 26.55 -13.76 -18.46
N TYR F 1402 26.32 -13.70 -17.16
CA TYR F 1402 27.19 -12.96 -16.26
C TYR F 1402 27.93 -13.89 -15.30
N GLY F 1403 27.87 -15.19 -15.56
CA GLY F 1403 28.57 -16.17 -14.75
C GLY F 1403 27.88 -16.48 -13.44
N LEU F 1404 26.57 -16.46 -13.45
CA LEU F 1404 25.78 -16.76 -12.25
C LEU F 1404 25.00 -18.07 -12.44
N GLN F 1405 25.48 -19.13 -11.80
CA GLN F 1405 24.83 -20.44 -11.95
C GLN F 1405 23.83 -20.71 -10.83
N ASP F 1406 23.67 -19.74 -9.94
CA ASP F 1406 22.73 -19.86 -8.83
C ASP F 1406 21.64 -18.81 -8.93
N PRO F 1407 20.57 -19.11 -9.68
CA PRO F 1407 19.44 -18.21 -9.91
C PRO F 1407 18.73 -17.78 -8.63
N THR F 1408 18.98 -18.51 -7.54
CA THR F 1408 18.35 -18.20 -6.26
C THR F 1408 18.81 -16.85 -5.72
N HIS F 1409 18.05 -16.28 -4.81
CA HIS F 1409 18.36 -14.96 -4.25
C HIS F 1409 19.60 -15.01 -3.37
N ASP F 1410 19.65 -15.98 -2.46
CA ASP F 1410 20.81 -16.14 -1.59
C ASP F 1410 22.06 -16.45 -2.39
N GLY F 1411 21.88 -16.97 -3.60
CA GLY F 1411 22.97 -17.22 -4.50
C GLY F 1411 23.32 -15.98 -5.30
N LEU F 1412 22.30 -15.15 -5.55
CA LEU F 1412 22.48 -13.91 -6.29
C LEU F 1412 23.24 -12.88 -5.47
N SER F 1413 22.70 -12.56 -4.30
CA SER F 1413 23.32 -11.58 -3.41
C SER F 1413 24.73 -11.99 -3.02
N GLN F 1414 24.94 -13.29 -2.83
CA GLN F 1414 26.26 -13.81 -2.52
C GLN F 1414 27.21 -13.63 -3.70
N TYR F 1415 26.66 -13.77 -4.91
CA TYR F 1415 27.46 -13.66 -6.13
C TYR F 1415 27.97 -12.24 -6.34
N LEU F 1416 27.08 -11.26 -6.28
CA LEU F 1416 27.46 -9.88 -6.53
C LEU F 1416 28.10 -9.25 -5.30
N SER F 1417 28.04 -9.95 -4.17
CA SER F 1417 28.73 -9.50 -2.96
C SER F 1417 30.21 -9.88 -3.04
N ASP F 1418 30.47 -11.12 -3.40
CA ASP F 1418 31.85 -11.57 -3.63
C ASP F 1418 32.44 -10.84 -4.82
N LEU F 1419 31.57 -10.42 -5.73
CA LEU F 1419 31.99 -9.70 -6.92
C LEU F 1419 32.30 -8.25 -6.59
N VAL F 1420 31.45 -7.61 -5.80
CA VAL F 1420 31.65 -6.22 -5.43
C VAL F 1420 32.82 -6.08 -4.47
N GLU F 1421 33.09 -7.14 -3.70
CA GLU F 1421 34.24 -7.15 -2.81
C GLU F 1421 35.51 -7.47 -3.60
N THR F 1422 35.34 -8.23 -4.68
CA THR F 1422 36.47 -8.58 -5.54
C THR F 1422 36.99 -7.35 -6.28
N THR F 1423 36.06 -6.56 -6.80
CA THR F 1423 36.42 -5.33 -7.51
C THR F 1423 36.99 -4.30 -6.55
N LEU F 1424 36.49 -4.29 -5.31
CA LEU F 1424 36.99 -3.38 -4.30
C LEU F 1424 38.44 -3.72 -3.95
N LYS F 1425 38.72 -5.00 -3.77
CA LYS F 1425 40.08 -5.44 -3.47
C LYS F 1425 41.01 -5.14 -4.64
N GLN F 1426 40.44 -5.07 -5.84
CA GLN F 1426 41.20 -4.72 -7.03
C GLN F 1426 41.65 -3.27 -6.96
N LEU F 1427 40.75 -2.38 -6.53
CA LEU F 1427 41.07 -0.98 -6.38
C LEU F 1427 42.00 -0.74 -5.20
N SER F 1428 41.95 -1.66 -4.22
CA SER F 1428 42.80 -1.56 -3.05
C SER F 1428 44.25 -1.91 -3.40
N ASP F 1429 44.43 -3.06 -4.04
CA ASP F 1429 45.75 -3.50 -4.46
C ASP F 1429 46.33 -2.58 -5.53
N ALA F 1430 45.46 -1.81 -6.17
CA ALA F 1430 45.88 -0.90 -7.23
C ALA F 1430 46.36 0.43 -6.66
N ARG F 1431 46.49 0.49 -5.34
CA ARG F 1431 46.97 1.70 -4.66
C ARG F 1431 46.06 2.88 -4.94
N ILE F 1432 44.78 2.61 -5.18
CA ILE F 1432 43.82 3.66 -5.50
C ILE F 1432 42.97 4.05 -4.30
N ILE F 1433 42.52 3.06 -3.53
CA ILE F 1433 41.66 3.32 -2.38
C ILE F 1433 42.07 2.47 -1.17
N GLU F 1434 41.66 2.92 0.02
CA GLU F 1434 41.94 2.18 1.23
C GLU F 1434 40.65 1.62 1.83
N MET F 1435 40.67 0.35 2.20
CA MET F 1435 39.49 -0.30 2.75
C MET F 1435 39.78 -0.98 4.08
N ASP F 1436 39.04 -0.59 5.12
CA ASP F 1436 39.14 -1.24 6.41
C ASP F 1436 38.38 -2.56 6.37
N GLU F 1437 39.12 -3.66 6.44
CA GLU F 1437 38.53 -5.00 6.32
C GLU F 1437 37.54 -5.27 7.46
N ASP F 1438 37.70 -4.58 8.57
CA ASP F 1438 36.72 -4.64 9.65
C ASP F 1438 35.54 -3.76 9.26
N GLU F 1439 34.33 -4.26 9.51
CA GLU F 1439 33.12 -3.57 9.06
C GLU F 1439 33.11 -3.46 7.54
N GLY F 1440 32.42 -2.45 7.02
CA GLY F 1440 32.35 -2.21 5.59
C GLY F 1440 32.54 -0.75 5.24
N THR F 1441 33.76 -0.38 4.89
CA THR F 1441 34.08 1.02 4.61
C THR F 1441 35.11 1.18 3.50
N VAL F 1442 35.06 2.32 2.81
CA VAL F 1442 35.98 2.60 1.73
C VAL F 1442 36.30 4.09 1.67
N ALA F 1443 37.52 4.41 1.24
CA ALA F 1443 37.94 5.80 1.10
C ALA F 1443 38.54 6.06 -0.28
N PRO F 1444 38.34 7.28 -0.81
CA PRO F 1444 38.81 7.67 -2.15
C PRO F 1444 40.33 7.63 -2.27
N LEU F 1445 41.03 8.10 -1.25
CA LEU F 1445 42.49 8.04 -1.20
C LEU F 1445 43.12 8.88 -2.32
N ASN F 1446 42.63 10.10 -2.50
CA ASN F 1446 43.24 11.07 -3.39
C ASN F 1446 43.33 10.63 -4.85
N ALA F 1447 44.06 9.54 -5.10
CA ALA F 1447 44.30 9.04 -6.45
C ALA F 1447 42.99 8.84 -7.22
N ALA F 1448 41.97 8.35 -6.53
CA ALA F 1448 40.66 8.16 -7.15
C ALA F 1448 40.04 9.50 -7.51
N MET F 1449 40.29 10.50 -6.66
CA MET F 1449 39.78 11.85 -6.90
C MET F 1449 40.35 12.42 -8.20
N ILE F 1450 41.65 12.23 -8.39
CA ILE F 1450 42.32 12.73 -9.59
C ILE F 1450 41.83 11.99 -10.82
N ALA F 1451 41.59 10.69 -10.67
CA ALA F 1451 41.11 9.87 -11.77
C ALA F 1451 39.71 10.29 -12.19
N ALA F 1452 38.84 10.50 -11.20
CA ALA F 1452 37.47 10.90 -11.46
C ALA F 1452 37.40 12.28 -12.09
N TYR F 1453 38.34 13.14 -11.71
CA TYR F 1453 38.39 14.50 -12.23
C TYR F 1453 38.74 14.50 -13.72
N TYR F 1454 39.87 13.88 -14.06
CA TYR F 1454 40.35 13.86 -15.44
C TYR F 1454 39.83 12.65 -16.21
N ASN F 1455 38.93 11.90 -15.58
CA ASN F 1455 38.37 10.70 -16.20
C ASN F 1455 39.44 9.67 -16.56
N ILE F 1456 40.41 9.50 -15.66
CA ILE F 1456 41.49 8.54 -15.88
C ILE F 1456 41.07 7.14 -15.46
N SER F 1457 41.29 6.17 -16.33
CA SER F 1457 40.98 4.78 -16.03
C SER F 1457 41.78 4.30 -14.82
N TYR F 1458 41.23 3.34 -14.09
CA TYR F 1458 41.86 2.84 -12.88
C TYR F 1458 43.18 2.13 -13.21
N MET F 1459 43.31 1.65 -14.43
CA MET F 1459 44.54 0.99 -14.87
C MET F 1459 45.63 2.01 -15.18
N THR F 1460 45.22 3.17 -15.69
CA THR F 1460 46.16 4.24 -15.99
C THR F 1460 46.75 4.81 -14.71
N MET F 1461 45.92 4.88 -13.67
CA MET F 1461 46.37 5.33 -12.36
C MET F 1461 47.23 4.25 -11.69
N GLU F 1462 46.80 3.00 -11.86
CA GLU F 1462 47.56 1.87 -11.35
C GLU F 1462 48.96 1.85 -11.94
N MET F 1463 49.06 2.16 -13.22
CA MET F 1463 50.35 2.17 -13.91
C MET F 1463 51.19 3.35 -13.44
N PHE F 1464 50.54 4.38 -12.93
CA PHE F 1464 51.24 5.56 -12.41
C PHE F 1464 51.85 5.29 -11.04
N LEU F 1465 52.41 4.10 -10.87
CA LEU F 1465 53.09 3.75 -9.63
C LEU F 1465 54.60 3.88 -9.80
N LEU F 1466 55.02 4.10 -11.04
CA LEU F 1466 56.45 4.25 -11.35
C LEU F 1466 56.83 5.72 -11.45
N SER F 1467 55.86 6.57 -11.72
CA SER F 1467 56.10 8.00 -11.89
C SER F 1467 56.43 8.70 -10.58
N LEU F 1468 56.48 7.93 -9.49
CA LEU F 1468 56.62 8.51 -8.16
C LEU F 1468 58.04 8.91 -7.78
N SER F 1469 58.14 10.06 -7.12
CA SER F 1469 59.33 10.47 -6.37
C SER F 1469 60.57 10.74 -7.22
N HIS F 1470 61.69 10.87 -6.52
CA HIS F 1470 62.98 11.23 -7.08
C HIS F 1470 63.35 10.40 -8.31
N LYS F 1471 64.12 11.02 -9.21
CA LYS F 1471 64.51 10.43 -10.49
C LYS F 1471 63.38 10.51 -11.50
N SER F 1472 62.29 11.16 -11.12
CA SER F 1472 61.20 11.43 -12.05
C SER F 1472 61.67 12.45 -13.08
N LYS F 1473 62.62 12.04 -13.92
CA LYS F 1473 63.25 12.94 -14.88
C LYS F 1473 62.24 13.51 -15.86
N LEU F 1474 62.66 14.57 -16.56
CA LEU F 1474 61.78 15.29 -17.48
C LEU F 1474 61.29 14.42 -18.62
N ARG F 1475 62.13 13.48 -19.06
CA ARG F 1475 61.81 12.67 -20.24
C ARG F 1475 61.10 11.37 -19.88
N THR F 1476 61.18 10.96 -18.62
CA THR F 1476 60.54 9.74 -18.17
C THR F 1476 59.02 9.85 -18.27
N ILE F 1477 58.53 11.08 -18.24
CA ILE F 1477 57.09 11.33 -18.34
C ILE F 1477 56.54 10.85 -19.68
N LEU F 1478 57.35 10.98 -20.73
CA LEU F 1478 56.95 10.51 -22.05
C LEU F 1478 56.62 9.02 -22.05
N GLU F 1479 57.54 8.21 -21.53
CA GLU F 1479 57.34 6.77 -21.46
C GLU F 1479 56.13 6.43 -20.61
N ILE F 1480 55.86 7.25 -19.61
CA ILE F 1480 54.77 6.99 -18.67
C ILE F 1480 53.41 7.39 -19.25
N VAL F 1481 53.27 8.65 -19.63
CA VAL F 1481 52.00 9.17 -20.10
C VAL F 1481 51.54 8.49 -21.40
N THR F 1482 52.50 8.18 -22.27
CA THR F 1482 52.17 7.56 -23.54
C THR F 1482 51.77 6.09 -23.36
N ALA F 1483 52.07 5.55 -22.19
CA ALA F 1483 51.75 4.15 -21.89
C ALA F 1483 50.35 4.02 -21.31
N ALA F 1484 49.60 5.12 -21.33
CA ALA F 1484 48.24 5.11 -20.80
C ALA F 1484 47.32 4.24 -21.64
N THR F 1485 46.43 3.51 -20.98
CA THR F 1485 45.52 2.60 -21.67
C THR F 1485 44.54 3.35 -22.55
N GLU F 1486 44.42 4.66 -22.34
CA GLU F 1486 43.53 5.48 -23.15
C GLU F 1486 43.98 5.52 -24.61
N PHE F 1487 45.25 5.17 -24.83
CA PHE F 1487 45.82 5.20 -26.17
C PHE F 1487 45.84 3.81 -26.79
N GLU F 1488 45.55 2.80 -25.99
CA GLU F 1488 45.53 1.42 -26.47
C GLU F 1488 44.39 1.20 -27.47
N SER F 1489 43.37 2.06 -27.40
CA SER F 1489 42.22 1.94 -28.27
C SER F 1489 42.43 2.68 -29.58
N ILE F 1490 43.61 3.28 -29.74
CA ILE F 1490 43.95 3.99 -30.96
C ILE F 1490 44.02 3.02 -32.13
N GLN F 1491 43.50 3.44 -33.28
CA GLN F 1491 43.46 2.60 -34.47
C GLN F 1491 44.84 2.08 -34.87
N THR F 1492 44.89 0.82 -35.26
CA THR F 1492 46.14 0.22 -35.73
C THR F 1492 46.03 -0.23 -37.18
N ARG F 1493 47.06 0.07 -37.96
CA ARG F 1493 47.08 -0.33 -39.37
C ARG F 1493 48.18 -1.36 -39.61
N ARG F 1494 47.84 -2.41 -40.33
CA ARG F 1494 48.74 -3.55 -40.55
C ARG F 1494 50.05 -3.16 -41.24
N HIS F 1495 50.02 -3.12 -42.56
CA HIS F 1495 51.23 -2.91 -43.35
C HIS F 1495 51.76 -1.48 -43.22
N GLU F 1496 52.03 -1.05 -41.99
CA GLU F 1496 52.57 0.28 -41.77
C GLU F 1496 53.78 0.25 -40.85
N GLU F 1497 54.44 -0.91 -40.76
CA GLU F 1497 55.70 -0.99 -40.03
C GLU F 1497 56.78 -0.30 -40.85
N GLY F 1498 57.86 0.08 -40.20
CA GLY F 1498 58.96 0.77 -40.87
C GLY F 1498 58.74 2.26 -40.93
N ILE F 1499 57.55 2.67 -41.33
CA ILE F 1499 57.19 4.09 -41.36
C ILE F 1499 57.27 4.66 -39.94
N LEU F 1500 56.73 3.91 -38.98
CA LEU F 1500 56.87 4.27 -37.58
C LEU F 1500 58.32 4.13 -37.16
N LYS F 1501 59.03 3.20 -37.81
CA LYS F 1501 60.44 2.99 -37.54
C LYS F 1501 61.27 4.13 -38.14
N ARG F 1502 60.85 4.61 -39.31
CA ARG F 1502 61.57 5.68 -39.99
C ARG F 1502 61.25 7.04 -39.37
N ILE F 1503 60.25 7.06 -38.50
CA ILE F 1503 59.92 8.26 -37.74
C ILE F 1503 60.58 8.18 -36.37
N TYR F 1504 60.70 6.96 -35.86
CA TYR F 1504 61.33 6.74 -34.55
C TYR F 1504 62.83 6.98 -34.62
N ASP F 1505 63.42 6.70 -35.78
CA ASP F 1505 64.86 6.95 -35.96
C ASP F 1505 65.08 8.31 -36.61
N HIS F 1506 64.18 9.25 -36.31
CA HIS F 1506 64.32 10.63 -36.76
C HIS F 1506 63.97 11.56 -35.61
N VAL F 1507 63.73 10.99 -34.44
CA VAL F 1507 63.42 11.76 -33.24
C VAL F 1507 64.57 11.68 -32.25
N PRO F 1508 64.65 12.67 -31.35
CA PRO F 1508 65.75 12.77 -30.38
C PRO F 1508 65.71 11.68 -29.31
N VAL F 1509 64.86 11.86 -28.31
CA VAL F 1509 64.80 10.94 -27.18
C VAL F 1509 64.31 9.55 -27.57
N LYS F 1510 65.04 8.54 -27.12
CA LYS F 1510 64.69 7.14 -27.38
C LYS F 1510 64.22 6.46 -26.10
N MET F 1511 63.91 5.16 -26.19
CA MET F 1511 63.46 4.41 -25.03
C MET F 1511 64.07 3.01 -25.00
N ASN F 1512 63.71 2.24 -23.99
CA ASN F 1512 64.14 0.85 -23.88
C ASN F 1512 63.56 0.04 -25.03
N ASN F 1513 64.05 -1.19 -25.22
CA ASN F 1513 63.62 -2.04 -26.32
C ASN F 1513 62.10 -2.15 -26.43
N PRO F 1514 61.52 -1.46 -27.42
CA PRO F 1514 60.07 -1.33 -27.58
C PRO F 1514 59.48 -2.34 -28.55
N VAL F 1515 58.16 -2.46 -28.53
CA VAL F 1515 57.43 -3.26 -29.51
C VAL F 1515 56.80 -2.35 -30.55
N TRP F 1516 57.13 -2.59 -31.81
CA TRP F 1516 56.77 -1.67 -32.90
C TRP F 1516 55.29 -1.71 -33.29
N ASP F 1517 54.51 -2.55 -32.62
CA ASP F 1517 53.10 -2.68 -32.97
C ASP F 1517 52.16 -2.11 -31.91
N SER F 1518 52.67 -1.95 -30.69
CA SER F 1518 51.86 -1.43 -29.59
C SER F 1518 51.55 0.05 -29.79
N ALA F 1519 50.35 0.45 -29.37
CA ALA F 1519 49.94 1.86 -29.46
C ALA F 1519 50.78 2.72 -28.53
N HIS F 1520 51.37 2.08 -27.52
CA HIS F 1520 52.27 2.76 -26.59
C HIS F 1520 53.43 3.40 -27.35
N PHE F 1521 54.12 2.59 -28.14
CA PHE F 1521 55.23 3.06 -28.95
C PHE F 1521 54.77 4.11 -29.95
N LYS F 1522 53.60 3.89 -30.52
CA LYS F 1522 53.05 4.79 -31.52
C LYS F 1522 52.75 6.16 -30.92
N ALA F 1523 52.29 6.17 -29.68
CA ALA F 1523 52.03 7.41 -28.97
C ALA F 1523 53.34 8.08 -28.56
N PHE F 1524 54.32 7.26 -28.22
CA PHE F 1524 55.63 7.75 -27.81
C PHE F 1524 56.34 8.46 -28.96
N VAL F 1525 56.10 7.98 -30.18
CA VAL F 1525 56.76 8.54 -31.36
C VAL F 1525 55.93 9.65 -31.99
N LEU F 1526 54.62 9.59 -31.80
CA LEU F 1526 53.73 10.60 -32.39
C LEU F 1526 53.76 11.90 -31.60
N VAL F 1527 54.03 11.81 -30.30
CA VAL F 1527 54.15 13.00 -29.47
C VAL F 1527 55.43 13.76 -29.86
N GLN F 1528 56.50 13.02 -30.09
CA GLN F 1528 57.75 13.61 -30.53
C GLN F 1528 57.59 14.14 -31.96
N ALA F 1529 56.77 13.45 -32.75
CA ALA F 1529 56.48 13.88 -34.11
C ALA F 1529 55.73 15.20 -34.10
N HIS F 1530 54.92 15.40 -33.06
CA HIS F 1530 54.19 16.65 -32.90
C HIS F 1530 55.13 17.76 -32.45
N PHE F 1531 56.11 17.39 -31.63
CA PHE F 1531 57.10 18.35 -31.13
C PHE F 1531 58.01 18.84 -32.24
N SER F 1532 58.58 17.91 -32.99
CA SER F 1532 59.50 18.25 -34.08
C SER F 1532 58.75 18.81 -35.28
N ARG F 1533 57.42 18.67 -35.26
CA ARG F 1533 56.57 19.18 -36.34
C ARG F 1533 56.93 18.56 -37.68
N MET F 1534 56.89 17.23 -37.73
CA MET F 1534 57.22 16.50 -38.95
C MET F 1534 55.99 16.29 -39.81
N ASN F 1535 56.16 16.38 -41.13
CA ASN F 1535 55.08 16.10 -42.06
C ASN F 1535 54.66 14.64 -42.01
N LEU F 1536 53.61 14.36 -41.25
CA LEU F 1536 53.13 12.99 -41.08
C LEU F 1536 52.03 12.67 -42.08
N PRO F 1537 51.93 11.38 -42.48
CA PRO F 1537 50.86 10.90 -43.35
C PRO F 1537 49.49 11.17 -42.76
N ILE F 1538 48.47 11.25 -43.61
CA ILE F 1538 47.12 11.60 -43.18
C ILE F 1538 46.60 10.69 -42.07
N ASP F 1539 46.77 9.38 -42.24
CA ASP F 1539 46.26 8.41 -41.28
C ASP F 1539 47.04 8.47 -39.96
N LEU F 1540 48.35 8.62 -40.06
CA LEU F 1540 49.17 8.81 -38.86
C LEU F 1540 49.09 10.27 -38.41
N ALA F 1541 48.27 11.04 -39.10
CA ALA F 1541 48.01 12.42 -38.72
C ALA F 1541 46.70 12.50 -37.95
N LYS F 1542 45.76 11.62 -38.28
CA LYS F 1542 44.53 11.50 -37.52
C LYS F 1542 44.89 10.91 -36.15
N ASP F 1543 45.73 9.88 -36.16
CA ASP F 1543 46.46 9.50 -34.96
C ASP F 1543 47.36 10.70 -34.66
N GLN F 1544 47.54 11.02 -33.39
CA GLN F 1544 47.97 12.35 -32.97
C GLN F 1544 46.73 13.23 -33.09
N GLU F 1545 46.41 13.89 -31.99
CA GLU F 1545 45.04 14.19 -31.56
C GLU F 1545 44.83 13.15 -30.48
N VAL F 1546 45.79 12.23 -30.43
CA VAL F 1546 46.07 11.44 -29.26
C VAL F 1546 46.45 12.40 -28.14
N ILE F 1547 46.92 13.58 -28.56
CA ILE F 1547 47.28 14.66 -27.66
C ILE F 1547 46.04 15.31 -27.02
N LEU F 1548 44.87 14.97 -27.53
CA LEU F 1548 43.62 15.50 -26.97
C LEU F 1548 43.43 15.01 -25.54
N GLN F 1549 43.75 13.75 -25.29
CA GLN F 1549 43.72 13.21 -23.93
C GLN F 1549 45.10 13.34 -23.29
N LYS F 1550 46.11 13.59 -24.12
CA LYS F 1550 47.47 13.76 -23.64
C LYS F 1550 47.58 14.94 -22.70
N ILE F 1551 46.78 15.97 -22.97
CA ILE F 1551 46.80 17.19 -22.17
C ILE F 1551 46.23 16.96 -20.77
N LEU F 1552 45.06 16.32 -20.72
CA LEU F 1552 44.40 16.07 -19.44
C LEU F 1552 45.15 15.02 -18.63
N SER F 1553 45.81 14.10 -19.32
CA SER F 1553 46.64 13.10 -18.65
C SER F 1553 47.84 13.76 -17.99
N LEU F 1554 48.39 14.76 -18.67
CA LEU F 1554 49.49 15.52 -18.10
C LEU F 1554 49.04 16.28 -16.86
N LEU F 1555 47.85 16.87 -16.93
CA LEU F 1555 47.28 17.55 -15.78
C LEU F 1555 47.13 16.58 -14.61
N SER F 1556 46.69 15.37 -14.92
CA SER F 1556 46.66 14.30 -13.93
C SER F 1556 48.07 13.94 -13.52
N ALA F 1557 48.97 13.94 -14.50
CA ALA F 1557 50.38 13.67 -14.25
C ALA F 1557 51.06 14.91 -13.66
N ILE F 1558 50.25 15.75 -13.03
CA ILE F 1558 50.72 16.94 -12.34
C ILE F 1558 50.18 16.96 -10.92
N VAL F 1559 48.90 16.60 -10.78
CA VAL F 1559 48.22 16.69 -9.50
C VAL F 1559 48.69 15.64 -8.49
N ASP F 1560 48.99 14.44 -8.96
CA ASP F 1560 49.32 13.33 -8.05
C ASP F 1560 50.74 13.42 -7.50
N ILE F 1561 51.71 13.68 -8.38
CA ILE F 1561 53.09 13.85 -7.94
C ILE F 1561 53.20 15.12 -7.10
N LEU F 1562 52.39 16.13 -7.45
CA LEU F 1562 52.27 17.34 -6.66
C LEU F 1562 51.80 17.01 -5.26
N SER F 1563 50.74 16.21 -5.18
CA SER F 1563 50.13 15.83 -3.92
C SER F 1563 51.14 15.19 -2.97
N SER F 1564 51.85 14.19 -3.46
CA SER F 1564 52.90 13.55 -2.68
C SER F 1564 53.96 14.58 -2.30
N GLU F 1565 54.62 14.37 -1.17
CA GLU F 1565 55.57 15.33 -0.62
C GLU F 1565 56.64 15.73 -1.65
N GLY F 1566 56.63 17.01 -2.01
CA GLY F 1566 57.61 17.52 -2.94
C GLY F 1566 57.47 16.98 -4.34
N HIS F 1567 58.52 16.30 -4.81
CA HIS F 1567 58.57 15.80 -6.17
C HIS F 1567 58.37 16.96 -7.14
N LEU F 1568 59.20 17.99 -6.98
CA LEU F 1568 59.15 19.18 -7.82
C LEU F 1568 59.25 18.82 -9.30
N ASN F 1569 59.75 17.63 -9.57
CA ASN F 1569 59.78 17.08 -10.91
C ASN F 1569 58.38 17.03 -11.52
N ALA F 1570 57.37 17.05 -10.65
CA ALA F 1570 55.98 17.10 -11.09
C ALA F 1570 55.70 18.42 -11.78
N LEU F 1571 56.57 19.40 -11.55
CA LEU F 1571 56.48 20.69 -12.24
C LEU F 1571 56.88 20.51 -13.71
N ASN F 1572 57.68 19.50 -13.98
CA ASN F 1572 58.13 19.22 -15.34
C ASN F 1572 56.96 18.86 -16.26
N ALA F 1573 55.93 18.26 -15.68
CA ALA F 1573 54.74 17.91 -16.45
C ALA F 1573 54.06 19.16 -16.97
N MET F 1574 54.23 20.26 -16.26
CA MET F 1574 53.68 21.55 -16.66
C MET F 1574 54.37 22.04 -17.92
N GLU F 1575 55.69 21.96 -17.94
CA GLU F 1575 56.48 22.39 -19.10
C GLU F 1575 56.13 21.55 -20.33
N MET F 1576 55.94 20.26 -20.12
CA MET F 1576 55.58 19.37 -21.22
C MET F 1576 54.19 19.72 -21.75
N SER F 1577 53.32 20.19 -20.87
CA SER F 1577 52.00 20.64 -21.26
C SER F 1577 52.13 21.87 -22.15
N GLN F 1578 53.13 22.69 -21.87
CA GLN F 1578 53.41 23.87 -22.68
C GLN F 1578 53.78 23.46 -24.10
N MET F 1579 54.55 22.39 -24.21
CA MET F 1579 54.98 21.89 -25.51
C MET F 1579 53.80 21.34 -26.29
N VAL F 1580 52.97 20.57 -25.61
CA VAL F 1580 51.83 19.90 -26.24
C VAL F 1580 50.86 20.90 -26.86
N VAL F 1581 50.66 22.02 -26.19
CA VAL F 1581 49.71 23.02 -26.65
C VAL F 1581 50.30 23.91 -27.74
N GLN F 1582 51.57 24.26 -27.60
CA GLN F 1582 52.22 25.16 -28.54
C GLN F 1582 52.89 24.42 -29.69
N ALA F 1583 52.88 23.08 -29.61
CA ALA F 1583 53.49 22.25 -30.64
C ALA F 1583 54.98 22.56 -30.79
N MET F 1584 55.62 22.90 -29.68
CA MET F 1584 57.04 23.25 -29.68
C MET F 1584 57.86 22.14 -29.03
N TRP F 1585 59.18 22.29 -29.03
CA TRP F 1585 60.04 21.34 -28.36
C TRP F 1585 60.44 21.88 -26.98
N ASP F 1586 61.02 21.01 -26.17
CA ASP F 1586 61.37 21.33 -24.79
C ASP F 1586 62.42 22.43 -24.64
N ARG F 1587 63.33 22.54 -25.60
CA ARG F 1587 64.59 23.23 -25.31
C ARG F 1587 64.99 24.47 -26.13
N ASP F 1588 64.21 24.87 -27.12
CA ASP F 1588 64.70 25.97 -27.96
C ASP F 1588 63.69 27.06 -28.35
N SER F 1589 64.12 28.30 -28.13
CA SER F 1589 63.54 29.53 -28.69
C SER F 1589 62.02 29.63 -28.79
N PRO F 1590 61.42 30.49 -27.96
CA PRO F 1590 59.99 30.82 -28.04
C PRO F 1590 59.60 31.35 -29.41
N LEU F 1591 60.59 31.71 -30.23
CA LEU F 1591 60.34 32.15 -31.60
C LEU F 1591 59.65 31.05 -32.40
N LYS F 1592 59.85 29.80 -31.97
CA LYS F 1592 59.18 28.67 -32.59
C LYS F 1592 57.67 28.80 -32.42
N GLN F 1593 57.27 29.50 -31.35
CA GLN F 1593 55.86 29.75 -31.08
C GLN F 1593 55.33 30.82 -32.02
N ILE F 1594 56.21 31.68 -32.50
CA ILE F 1594 55.84 32.74 -33.42
C ILE F 1594 55.44 32.17 -34.77
N PRO F 1595 54.27 32.58 -35.28
CA PRO F 1595 53.70 32.10 -36.54
C PRO F 1595 54.61 32.35 -37.75
N ASN F 1596 54.55 31.45 -38.72
CA ASN F 1596 55.30 31.60 -39.97
C ASN F 1596 56.81 31.67 -39.74
N PHE F 1597 57.28 31.05 -38.66
CA PHE F 1597 58.70 31.04 -38.33
C PHE F 1597 59.33 29.67 -38.53
N THR F 1598 59.91 29.45 -39.70
CA THR F 1598 60.60 28.20 -40.00
C THR F 1598 61.86 28.07 -39.16
N PRO F 1599 62.39 26.85 -39.03
CA PRO F 1599 63.59 26.58 -38.24
C PRO F 1599 64.81 27.34 -38.73
N GLU F 1600 64.86 27.64 -40.03
CA GLU F 1600 65.96 28.41 -40.59
C GLU F 1600 65.74 29.90 -40.34
N VAL F 1601 64.48 30.31 -40.28
CA VAL F 1601 64.15 31.70 -40.00
C VAL F 1601 64.42 32.03 -38.54
N VAL F 1602 64.26 31.04 -37.67
CA VAL F 1602 64.49 31.23 -36.25
C VAL F 1602 65.97 31.11 -35.91
N LYS F 1603 66.74 30.56 -36.85
CA LYS F 1603 68.17 30.42 -36.66
C LYS F 1603 68.90 31.68 -37.11
N VAL F 1604 68.41 32.29 -38.19
CA VAL F 1604 68.98 33.53 -38.68
C VAL F 1604 68.62 34.67 -37.76
N ALA F 1605 67.41 34.61 -37.19
CA ALA F 1605 66.98 35.57 -36.19
C ALA F 1605 67.74 35.34 -34.90
N ASN F 1606 68.04 34.07 -34.63
CA ASN F 1606 68.83 33.69 -33.46
C ASN F 1606 70.22 34.32 -33.50
N LYS F 1607 70.71 34.55 -34.72
CA LYS F 1607 72.04 35.13 -34.91
C LYS F 1607 72.09 36.58 -34.46
N TYR F 1608 70.96 37.28 -34.55
CA TYR F 1608 70.89 38.69 -34.18
C TYR F 1608 70.59 38.89 -32.70
N GLY F 1609 71.19 38.04 -31.87
CA GLY F 1609 71.02 38.14 -30.43
C GLY F 1609 69.58 37.93 -29.98
N ILE F 1610 68.80 37.28 -30.83
CA ILE F 1610 67.40 37.02 -30.52
C ILE F 1610 67.22 35.65 -29.89
N ASN F 1611 66.98 35.63 -28.58
CA ASN F 1611 66.77 34.39 -27.85
C ASN F 1611 65.31 34.24 -27.43
N ASP F 1612 64.70 35.34 -27.02
CA ASP F 1612 63.29 35.34 -26.62
C ASP F 1612 62.45 36.18 -27.57
N ILE F 1613 61.13 36.01 -27.49
CA ILE F 1613 60.22 36.82 -28.27
C ILE F 1613 60.26 38.27 -27.78
N PHE F 1614 60.61 38.43 -26.52
CA PHE F 1614 60.82 39.76 -25.93
C PHE F 1614 61.94 40.47 -26.67
N ASP F 1615 62.97 39.72 -27.04
CA ASP F 1615 64.07 40.25 -27.83
C ASP F 1615 63.58 40.65 -29.21
N PHE F 1616 62.65 39.88 -29.76
CA PHE F 1616 62.06 40.17 -31.06
C PHE F 1616 61.30 41.49 -30.99
N MET F 1617 60.55 41.68 -29.91
CA MET F 1617 59.80 42.91 -29.72
C MET F 1617 60.68 43.99 -29.09
N GLU F 1618 61.94 43.63 -28.82
CA GLU F 1618 62.92 44.59 -28.32
C GLU F 1618 63.94 44.88 -29.41
N GLN F 1619 63.62 44.48 -30.64
CA GLN F 1619 64.47 44.72 -31.79
C GLN F 1619 63.65 44.73 -33.08
N MET F 1620 62.41 45.17 -32.98
CA MET F 1620 61.50 45.11 -34.13
C MET F 1620 61.24 46.47 -34.77
N ASN F 1621 60.88 47.46 -33.95
CA ASN F 1621 60.56 48.78 -34.48
C ASN F 1621 61.77 49.46 -35.10
N PRO F 1622 61.53 50.50 -35.90
CA PRO F 1622 62.59 51.19 -36.65
C PRO F 1622 63.48 52.08 -35.78
N GLU F 1623 63.65 51.74 -34.50
CA GLU F 1623 64.47 52.56 -33.60
C GLU F 1623 65.24 51.72 -32.58
N GLU F 1624 65.01 50.41 -32.57
CA GLU F 1624 65.69 49.53 -31.62
C GLU F 1624 67.17 49.39 -31.94
N ASN F 1625 67.51 48.35 -32.68
CA ASN F 1625 68.88 48.14 -33.18
C ASN F 1625 69.22 49.20 -34.23
N PRO F 1626 70.25 48.94 -35.06
CA PRO F 1626 70.34 49.79 -36.25
C PRO F 1626 69.27 49.39 -37.27
N ASN F 1627 68.25 48.69 -36.77
CA ASN F 1627 67.12 48.24 -37.55
C ASN F 1627 67.49 47.12 -38.51
N TYR F 1628 68.23 47.46 -39.55
CA TYR F 1628 68.48 46.58 -40.68
C TYR F 1628 67.19 46.38 -41.49
N ALA F 1629 66.06 46.70 -40.86
CA ALA F 1629 64.73 46.51 -41.44
C ALA F 1629 64.42 45.03 -41.61
N SER F 1630 63.38 44.57 -40.92
CA SER F 1630 62.99 43.16 -40.95
C SER F 1630 64.15 42.27 -40.52
N LEU F 1631 65.03 42.83 -39.68
CA LEU F 1631 66.29 42.18 -39.34
C LEU F 1631 67.08 41.93 -40.62
N VAL F 1632 67.28 42.99 -41.40
CA VAL F 1632 67.97 42.97 -42.68
C VAL F 1632 67.07 42.40 -43.79
N LYS F 1633 65.84 42.06 -43.42
CA LYS F 1633 64.84 41.57 -44.36
C LYS F 1633 65.17 40.17 -44.88
N ASP F 1634 66.14 39.51 -44.27
CA ASP F 1634 66.56 38.18 -44.69
C ASP F 1634 65.48 37.14 -44.48
N LEU F 1635 64.65 37.37 -43.48
CA LEU F 1635 63.63 36.40 -43.06
C LEU F 1635 62.64 36.08 -44.18
N GLY F 1636 62.20 37.10 -44.89
CA GLY F 1636 61.35 36.91 -46.05
C GLY F 1636 59.87 36.96 -45.76
N LEU F 1637 59.51 37.13 -44.49
CA LEU F 1637 58.11 37.22 -44.10
C LEU F 1637 57.44 38.42 -44.77
N THR F 1638 56.28 38.17 -45.38
CA THR F 1638 55.55 39.22 -46.07
C THR F 1638 55.11 40.31 -45.10
N GLN F 1639 54.73 41.46 -45.66
CA GLN F 1639 54.27 42.59 -44.85
C GLN F 1639 53.09 42.18 -43.97
N ALA F 1640 52.25 41.29 -44.47
CA ALA F 1640 51.12 40.78 -43.71
C ALA F 1640 51.56 39.68 -42.75
N GLN F 1641 52.56 38.90 -43.17
CA GLN F 1641 53.11 37.85 -42.32
C GLN F 1641 53.84 38.44 -41.13
N LEU F 1642 54.62 39.49 -41.36
CA LEU F 1642 55.30 40.20 -40.29
C LEU F 1642 54.28 40.84 -39.36
N ALA F 1643 53.15 41.24 -39.92
CA ALA F 1643 52.06 41.80 -39.14
C ALA F 1643 51.40 40.74 -38.28
N GLN F 1644 51.27 39.54 -38.85
CA GLN F 1644 50.73 38.40 -38.13
C GLN F 1644 51.61 38.06 -36.94
N ALA F 1645 52.92 38.10 -37.16
CA ALA F 1645 53.88 37.88 -36.08
C ALA F 1645 53.76 38.99 -35.06
N ALA F 1646 53.35 40.17 -35.51
CA ALA F 1646 53.13 41.30 -34.63
C ALA F 1646 51.86 41.09 -33.83
N ASN F 1647 50.89 40.39 -34.42
CA ASN F 1647 49.64 40.10 -33.75
C ASN F 1647 49.84 39.05 -32.65
N PHE F 1648 50.88 38.24 -32.81
CA PHE F 1648 51.25 37.27 -31.79
C PHE F 1648 52.09 37.95 -30.72
N THR F 1649 52.71 39.06 -31.08
CA THR F 1649 53.58 39.79 -30.16
C THR F 1649 52.92 41.06 -29.64
N ASN F 1650 51.64 41.25 -29.96
CA ASN F 1650 50.89 42.39 -29.46
C ASN F 1650 50.44 42.14 -28.02
N ASN F 1651 51.32 41.50 -27.25
CA ASN F 1651 51.02 41.06 -25.89
C ASN F 1651 50.07 39.87 -25.89
N LYS F 1652 49.87 39.27 -27.06
CA LYS F 1652 49.14 38.01 -27.16
C LYS F 1652 49.92 36.97 -26.37
N TYR F 1653 51.23 36.95 -26.58
CA TYR F 1653 52.14 36.28 -25.66
C TYR F 1653 52.09 37.07 -24.37
N PRO F 1654 51.42 36.53 -23.35
CA PRO F 1654 51.15 37.25 -22.10
C PRO F 1654 52.41 37.67 -21.37
N ASP F 1655 52.58 38.98 -21.19
CA ASP F 1655 53.69 39.51 -20.39
C ASP F 1655 53.15 40.14 -19.12
N ILE F 1656 53.58 39.63 -17.98
CA ILE F 1656 53.12 40.12 -16.69
C ILE F 1656 54.26 40.14 -15.68
N THR F 1657 53.91 40.16 -14.40
CA THR F 1657 54.90 40.15 -13.34
C THR F 1657 54.26 39.78 -12.01
N LEU F 1658 55.08 39.44 -11.02
CA LEU F 1658 54.57 39.03 -9.72
C LEU F 1658 55.25 39.80 -8.58
N GLU F 1659 54.44 40.38 -7.72
CA GLU F 1659 54.93 41.03 -6.51
C GLU F 1659 54.39 40.30 -5.29
N PHE F 1660 55.29 39.79 -4.45
CA PHE F 1660 54.86 39.00 -3.31
C PHE F 1660 55.64 39.32 -2.04
N GLU F 1661 54.91 39.45 -0.93
CA GLU F 1661 55.51 39.63 0.37
C GLU F 1661 55.05 38.50 1.29
N VAL F 1662 55.78 38.30 2.40
CA VAL F 1662 55.45 37.24 3.34
C VAL F 1662 54.57 37.75 4.47
N ASP F 1663 53.40 37.12 4.63
CA ASP F 1663 52.53 37.44 5.76
C ASP F 1663 53.01 36.73 7.01
N ASP F 1664 53.19 37.49 8.09
CA ASP F 1664 53.76 36.97 9.33
C ASP F 1664 55.18 36.46 9.09
N PRO F 1665 56.08 37.34 8.60
CA PRO F 1665 57.47 36.96 8.34
C PRO F 1665 58.19 36.51 9.61
N ASP F 1666 57.85 37.14 10.72
CA ASP F 1666 58.44 36.79 12.01
C ASP F 1666 57.50 35.89 12.80
N ASN F 1667 56.21 36.04 12.57
CA ASN F 1667 55.19 35.28 13.29
C ASN F 1667 55.00 33.89 12.68
N ILE F 1668 55.74 33.61 11.61
CA ILE F 1668 55.66 32.32 10.94
C ILE F 1668 56.04 31.18 11.88
N ARG F 1669 55.06 30.37 12.24
CA ARG F 1669 55.25 29.30 13.21
C ARG F 1669 55.93 28.09 12.59
N ALA F 1670 56.49 27.23 13.43
CA ALA F 1670 57.15 26.03 12.97
C ALA F 1670 56.27 24.80 13.19
N GLY F 1671 56.02 24.05 12.11
CA GLY F 1671 55.19 22.87 12.19
C GLY F 1671 53.70 23.20 12.19
N GLU F 1672 53.39 24.47 11.90
CA GLU F 1672 52.01 24.92 11.85
C GLU F 1672 51.77 25.83 10.65
N PRO F 1673 50.50 25.97 10.25
CA PRO F 1673 50.07 26.70 9.05
C PRO F 1673 50.72 28.08 8.87
N ALA F 1674 51.19 28.34 7.65
CA ALA F 1674 51.76 29.64 7.32
C ALA F 1674 51.33 30.03 5.90
N TYR F 1675 51.12 31.34 5.69
CA TYR F 1675 50.58 31.81 4.42
C TYR F 1675 51.54 32.75 3.70
N LEU F 1676 51.20 33.10 2.46
CA LEU F 1676 52.02 34.00 1.65
C LEU F 1676 51.15 34.79 0.68
N LYS F 1677 51.30 36.11 0.71
CA LYS F 1677 50.51 36.99 -0.16
C LYS F 1677 51.19 37.21 -1.51
N ILE F 1678 50.40 37.16 -2.57
CA ILE F 1678 50.92 37.35 -3.92
C ILE F 1678 49.97 38.18 -4.77
N HIS F 1679 50.54 39.04 -5.61
CA HIS F 1679 49.75 39.89 -6.50
C HIS F 1679 50.35 39.94 -7.90
N ILE F 1680 49.59 39.47 -8.87
CA ILE F 1680 50.03 39.51 -10.27
C ILE F 1680 48.94 40.12 -11.15
N GLU F 1681 49.36 40.72 -12.26
CA GLU F 1681 48.42 41.37 -13.16
C GLU F 1681 49.00 41.51 -14.56
N ARG F 1682 48.13 41.61 -15.55
CA ARG F 1682 48.55 41.81 -16.93
C ARG F 1682 48.55 43.29 -17.27
N GLU F 1683 49.66 43.75 -17.86
CA GLU F 1683 49.83 45.17 -18.17
C GLU F 1683 48.77 45.67 -19.14
N ASP F 1687 42.75 49.73 -20.08
CA ASP F 1687 41.60 50.55 -20.45
C ASP F 1687 40.34 49.69 -20.63
N GLU F 1688 40.03 48.89 -19.61
CA GLU F 1688 38.81 48.10 -19.55
C GLU F 1688 38.83 46.88 -20.47
N GLU F 1689 39.77 46.85 -21.40
CA GLU F 1689 39.86 45.72 -22.34
C GLU F 1689 40.55 44.53 -21.68
N PHE F 1690 40.05 43.32 -21.98
CA PHE F 1690 40.51 42.11 -21.32
C PHE F 1690 40.96 41.04 -22.30
N ASP F 1691 41.61 40.00 -21.79
CA ASP F 1691 42.15 38.93 -22.61
C ASP F 1691 41.22 37.72 -22.67
N PRO F 1692 41.23 37.00 -23.80
CA PRO F 1692 40.40 35.83 -24.04
C PRO F 1692 41.14 34.49 -23.88
N THR F 1693 41.27 33.76 -24.97
CA THR F 1693 41.86 32.42 -24.95
C THR F 1693 43.30 32.41 -25.46
N VAL F 1694 43.83 31.21 -25.65
CA VAL F 1694 45.23 31.03 -26.04
C VAL F 1694 45.39 30.91 -27.55
N HIS F 1695 46.58 31.27 -28.04
CA HIS F 1695 46.90 31.16 -29.46
C HIS F 1695 47.86 30.02 -29.72
N ALA F 1696 47.33 28.93 -30.28
CA ALA F 1696 48.14 27.76 -30.62
C ALA F 1696 47.66 27.16 -31.94
N PRO F 1697 48.37 27.47 -33.02
CA PRO F 1697 47.96 27.09 -34.39
C PRO F 1697 48.05 25.60 -34.66
N PHE F 1698 48.79 24.86 -33.85
CA PHE F 1698 48.99 23.44 -34.10
C PHE F 1698 48.30 22.56 -33.06
N TYR F 1699 47.47 23.18 -32.22
CA TYR F 1699 46.67 22.43 -31.27
C TYR F 1699 45.21 22.40 -31.71
N PRO F 1700 44.66 21.19 -31.89
CA PRO F 1700 43.31 20.99 -32.45
C PRO F 1700 42.22 21.64 -31.60
N GLY F 1701 42.08 21.19 -30.35
CA GLY F 1701 41.05 21.71 -29.47
C GLY F 1701 41.27 23.15 -29.07
N LYS F 1702 40.24 23.75 -28.48
CA LYS F 1702 40.34 25.12 -27.99
C LYS F 1702 40.73 25.12 -26.51
N LYS F 1703 41.72 25.95 -26.17
CA LYS F 1703 42.20 26.00 -24.80
C LYS F 1703 42.42 27.44 -24.33
N SER F 1704 42.06 27.70 -23.08
CA SER F 1704 42.26 29.03 -22.50
C SER F 1704 43.44 29.02 -21.55
N GLU F 1705 43.89 30.21 -21.15
CA GLU F 1705 45.08 30.34 -20.31
C GLU F 1705 44.85 29.88 -18.88
N ASN F 1706 45.82 29.12 -18.36
CA ASN F 1706 45.85 28.73 -16.96
C ASN F 1706 47.24 28.95 -16.39
N TRP F 1707 47.34 29.06 -15.07
CA TRP F 1707 48.62 29.31 -14.42
C TRP F 1707 48.76 28.53 -13.12
N TRP F 1708 49.87 27.80 -12.99
CA TRP F 1708 50.17 27.07 -11.76
C TRP F 1708 50.97 27.95 -10.80
N LEU F 1709 50.47 28.08 -9.58
CA LEU F 1709 51.20 28.79 -8.54
C LEU F 1709 51.83 27.79 -7.58
N VAL F 1710 53.14 27.61 -7.69
CA VAL F 1710 53.84 26.60 -6.91
C VAL F 1710 54.92 27.20 -6.01
N VAL F 1711 54.89 26.83 -4.74
CA VAL F 1711 55.94 27.20 -3.80
C VAL F 1711 56.78 25.96 -3.49
N GLY F 1712 57.97 25.89 -4.07
CA GLY F 1712 58.82 24.73 -3.91
C GLY F 1712 60.23 25.06 -3.42
N GLU F 1713 60.91 24.05 -2.91
CA GLU F 1713 62.28 24.19 -2.44
C GLU F 1713 63.22 23.39 -3.33
N GLU F 1714 64.11 24.08 -4.03
CA GLU F 1714 64.98 23.44 -5.01
C GLU F 1714 66.10 22.62 -4.38
N SER F 1715 66.67 23.14 -3.29
CA SER F 1715 67.76 22.45 -2.60
C SER F 1715 67.33 21.03 -2.22
N THR F 1716 66.06 20.88 -1.87
CA THR F 1716 65.49 19.57 -1.61
C THR F 1716 64.68 19.10 -2.80
N LYS F 1717 64.16 17.88 -2.74
CA LYS F 1717 63.30 17.35 -3.80
C LYS F 1717 61.85 17.67 -3.48
N THR F 1718 61.61 18.90 -3.01
CA THR F 1718 60.35 19.20 -2.35
C THR F 1718 59.49 20.27 -3.04
N LEU F 1719 58.22 20.28 -2.66
CA LEU F 1719 57.24 21.25 -3.09
C LEU F 1719 56.28 21.43 -1.91
N LEU F 1720 56.15 22.66 -1.42
CA LEU F 1720 55.41 22.90 -0.19
C LEU F 1720 53.92 23.05 -0.43
N ALA F 1721 53.55 23.66 -1.55
CA ALA F 1721 52.14 23.84 -1.87
C ALA F 1721 51.94 24.35 -3.30
N ILE F 1722 50.76 24.12 -3.85
CA ILE F 1722 50.43 24.59 -5.19
C ILE F 1722 48.94 24.87 -5.33
N LYS F 1723 48.61 25.86 -6.15
CA LYS F 1723 47.22 26.21 -6.39
C LYS F 1723 46.99 26.56 -7.85
N ARG F 1724 46.07 25.85 -8.49
CA ARG F 1724 45.73 26.11 -9.89
C ARG F 1724 44.68 27.19 -9.98
N VAL F 1725 45.04 28.33 -10.57
CA VAL F 1725 44.12 29.46 -10.66
C VAL F 1725 44.20 30.16 -12.01
N THR F 1726 43.07 30.73 -12.43
CA THR F 1726 43.01 31.48 -13.67
C THR F 1726 43.07 32.97 -13.39
N VAL F 1727 43.81 33.70 -14.21
CA VAL F 1727 43.96 35.15 -14.01
C VAL F 1727 43.78 35.91 -15.32
N GLY F 1728 42.86 36.87 -15.31
CA GLY F 1728 42.61 37.70 -16.47
C GLY F 1728 43.36 39.02 -16.38
N LYS F 1729 42.69 40.04 -15.85
CA LYS F 1729 43.31 41.35 -15.68
C LYS F 1729 44.19 41.38 -14.43
N GLU F 1730 43.57 41.18 -13.27
CA GLU F 1730 44.29 41.15 -12.01
C GLU F 1730 43.73 40.07 -11.09
N LEU F 1731 44.50 39.71 -10.07
CA LEU F 1731 44.07 38.70 -9.11
C LEU F 1731 44.97 38.66 -7.89
N ASN F 1732 44.36 38.73 -6.71
CA ASN F 1732 45.10 38.66 -5.46
C ASN F 1732 44.73 37.43 -4.66
N VAL F 1733 45.68 36.53 -4.49
CA VAL F 1733 45.45 35.29 -3.76
C VAL F 1733 46.53 35.07 -2.70
N LYS F 1734 46.21 34.23 -1.71
CA LYS F 1734 47.17 33.92 -0.66
C LYS F 1734 47.42 32.41 -0.59
N LEU F 1735 48.19 31.91 -1.54
CA LEU F 1735 48.48 30.47 -1.60
C LEU F 1735 49.25 30.04 -0.35
N GLU F 1736 48.61 29.19 0.45
CA GLU F 1736 49.20 28.72 1.70
C GLU F 1736 50.17 27.58 1.45
N PHE F 1737 51.44 27.80 1.78
CA PHE F 1737 52.44 26.74 1.69
C PHE F 1737 52.46 25.94 2.99
N VAL F 1738 53.42 25.03 3.09
CA VAL F 1738 53.55 24.20 4.29
C VAL F 1738 54.88 24.46 4.99
N VAL F 1739 54.89 24.30 6.31
CA VAL F 1739 56.11 24.50 7.08
C VAL F 1739 56.98 23.24 7.05
N PRO F 1740 58.15 23.35 6.40
CA PRO F 1740 59.09 22.23 6.24
C PRO F 1740 59.57 21.69 7.58
N SER F 1741 60.57 22.37 8.16
CA SER F 1741 61.15 21.95 9.43
C SER F 1741 61.40 23.16 10.32
N PRO F 1742 61.82 22.92 11.57
CA PRO F 1742 62.13 24.03 12.48
C PRO F 1742 63.32 24.86 12.00
N GLY F 1743 64.05 24.34 11.02
CA GLY F 1743 65.18 25.04 10.45
C GLY F 1743 64.77 26.00 9.34
N LYS F 1744 65.62 26.98 9.07
CA LYS F 1744 65.34 27.98 8.05
C LYS F 1744 66.03 27.61 6.72
N HIS F 1745 65.28 27.70 5.63
CA HIS F 1745 65.80 27.32 4.32
C HIS F 1745 65.38 28.30 3.22
N ASP F 1746 65.99 28.16 2.05
CA ASP F 1746 65.64 29.00 0.91
C ASP F 1746 64.59 28.33 0.03
N LEU F 1747 63.66 29.13 -0.47
CA LEU F 1747 62.61 28.61 -1.34
C LEU F 1747 62.56 29.36 -2.67
N LYS F 1748 61.53 29.09 -3.46
CA LYS F 1748 61.35 29.76 -4.74
C LYS F 1748 59.93 29.52 -5.28
N LEU F 1749 59.18 30.60 -5.43
CA LEU F 1749 57.80 30.51 -5.91
C LEU F 1749 57.75 30.49 -7.43
N PHE F 1750 57.01 29.54 -7.98
CA PHE F 1750 56.92 29.37 -9.43
C PHE F 1750 55.59 29.87 -10.00
N LEU F 1751 55.68 30.60 -11.11
CA LEU F 1751 54.51 31.05 -11.84
C LEU F 1751 54.60 30.59 -13.29
N MET F 1752 53.98 29.45 -13.59
CA MET F 1752 54.13 28.85 -14.91
C MET F 1752 52.80 28.78 -15.65
N SER F 1753 52.86 28.86 -16.97
CA SER F 1753 51.67 28.80 -17.81
C SER F 1753 51.51 27.43 -18.44
N ASP F 1754 50.27 27.00 -18.59
CA ASP F 1754 49.96 25.70 -19.19
C ASP F 1754 49.83 25.81 -20.70
N SER F 1755 49.98 27.02 -21.22
CA SER F 1755 49.75 27.27 -22.63
C SER F 1755 50.98 27.82 -23.34
N TYR F 1756 51.83 28.53 -22.61
CA TYR F 1756 53.02 29.14 -23.20
C TYR F 1756 54.29 28.75 -22.47
N VAL F 1757 55.39 28.70 -23.22
CA VAL F 1757 56.70 28.41 -22.65
C VAL F 1757 57.62 29.61 -22.81
N GLY F 1758 58.35 29.93 -21.74
CA GLY F 1758 59.25 31.07 -21.73
C GLY F 1758 58.78 32.15 -20.79
N VAL F 1759 57.48 32.25 -20.58
CA VAL F 1759 56.91 33.23 -19.68
C VAL F 1759 56.86 32.72 -18.25
N ASP F 1760 57.92 32.03 -17.84
CA ASP F 1760 58.00 31.49 -16.49
C ASP F 1760 58.93 32.33 -15.62
N GLN F 1761 58.44 32.69 -14.43
CA GLN F 1761 59.25 33.46 -13.49
C GLN F 1761 59.44 32.70 -12.18
N ASP F 1762 60.69 32.58 -11.74
CA ASP F 1762 61.02 31.84 -10.54
C ASP F 1762 61.78 32.69 -9.52
N PRO F 1763 61.06 33.61 -8.86
CA PRO F 1763 61.66 34.45 -7.81
C PRO F 1763 62.13 33.64 -6.62
N SER F 1764 63.24 34.04 -6.01
CA SER F 1764 63.79 33.34 -4.86
C SER F 1764 63.45 34.06 -3.55
N PHE F 1765 63.48 33.32 -2.45
CA PHE F 1765 63.18 33.89 -1.14
C PHE F 1765 63.45 32.88 -0.03
N SER F 1766 63.37 33.35 1.21
CA SER F 1766 63.58 32.49 2.38
C SER F 1766 62.58 32.80 3.48
N VAL F 1767 62.61 32.00 4.54
CA VAL F 1767 61.70 32.19 5.67
C VAL F 1767 62.34 31.78 6.99
N ASN F 1768 61.53 31.75 8.04
CA ASN F 1768 62.01 31.37 9.37
C ASN F 1768 61.01 30.48 10.09
N VAL F 1769 61.48 29.77 11.11
CA VAL F 1769 60.64 28.89 11.91
C VAL F 1769 61.32 28.51 13.22
N ALA F 1770 60.51 28.14 14.21
CA ALA F 1770 61.04 27.76 15.51
C ALA F 1770 61.27 26.25 15.59
N LYS G 10 -14.03 -59.72 27.38
CA LYS G 10 -12.82 -59.78 26.55
C LYS G 10 -11.63 -60.25 27.37
N THR G 11 -11.88 -60.64 28.61
CA THR G 11 -10.84 -61.14 29.50
C THR G 11 -10.74 -62.65 29.44
N GLU G 12 -11.38 -63.24 28.43
CA GLU G 12 -11.41 -64.70 28.29
C GLU G 12 -10.04 -65.26 27.97
N TRP G 13 -9.42 -64.75 26.91
CA TRP G 13 -8.15 -65.27 26.42
C TRP G 13 -7.05 -65.18 27.48
N ARG G 14 -7.23 -64.26 28.43
CA ARG G 14 -6.26 -64.10 29.50
C ARG G 14 -6.25 -65.30 30.43
N THR G 15 -7.43 -65.70 30.89
CA THR G 15 -7.55 -66.88 31.74
C THR G 15 -7.23 -68.14 30.95
N ARG G 16 -7.60 -68.14 29.67
CA ARG G 16 -7.37 -69.29 28.80
C ARG G 16 -5.88 -69.45 28.51
N ALA G 17 -5.20 -68.34 28.25
CA ALA G 17 -3.79 -68.36 27.92
C ALA G 17 -2.96 -68.95 29.06
N ILE G 18 -3.36 -68.63 30.28
CA ILE G 18 -2.67 -69.15 31.46
C ILE G 18 -3.02 -70.62 31.67
N ALA G 19 -4.13 -71.05 31.07
CA ALA G 19 -4.57 -72.43 31.19
C ALA G 19 -3.93 -73.30 30.13
N THR G 20 -3.14 -72.69 29.26
CA THR G 20 -2.47 -73.40 28.17
C THR G 20 -1.44 -74.40 28.71
N SER G 21 -0.88 -74.09 29.86
CA SER G 21 0.17 -74.92 30.46
C SER G 21 -0.27 -76.36 30.69
N ASN G 22 -1.55 -76.55 30.97
CA ASN G 22 -2.08 -77.89 31.24
C ASN G 22 -1.95 -78.82 30.04
N LEU G 23 -1.85 -78.24 28.85
CA LEU G 23 -1.73 -79.03 27.63
C LEU G 23 -0.48 -79.90 27.65
N ARG G 24 0.55 -79.43 28.35
CA ARG G 24 1.79 -80.19 28.47
C ARG G 24 1.53 -81.48 29.24
N THR G 25 0.68 -81.40 30.25
CA THR G 25 0.31 -82.57 31.03
C THR G 25 -0.52 -83.52 30.18
N ARG G 26 -1.19 -82.96 29.18
CA ARG G 26 -2.00 -83.76 28.26
C ARG G 26 -1.12 -84.65 27.39
N ALA G 27 -0.04 -84.08 26.88
CA ALA G 27 0.86 -84.77 25.96
C ALA G 27 1.48 -86.00 26.61
N ASN G 28 1.63 -85.97 27.93
CA ASN G 28 2.19 -87.10 28.66
C ASN G 28 1.21 -88.28 28.70
N ASN G 29 -0.07 -87.97 28.78
CA ASN G 29 -1.10 -88.99 28.86
C ASN G 29 -2.03 -88.95 27.65
N MET G 30 -1.70 -89.73 26.63
CA MET G 30 -2.50 -89.78 25.41
C MET G 30 -2.89 -91.21 25.05
N TYR G 31 -4.18 -91.50 25.18
CA TYR G 31 -4.70 -92.83 24.87
C TYR G 31 -5.37 -92.84 23.50
N VAL G 32 -5.47 -94.03 22.91
CA VAL G 32 -6.13 -94.18 21.61
C VAL G 32 -7.31 -95.14 21.74
N ALA G 33 -8.45 -94.72 21.21
CA ALA G 33 -9.66 -95.53 21.26
C ALA G 33 -9.47 -96.84 20.51
N PRO G 34 -9.51 -97.96 21.24
CA PRO G 34 -9.34 -99.30 20.67
C PRO G 34 -10.31 -99.57 19.52
N VAL G 35 -9.94 -100.45 18.61
CA VAL G 35 -10.78 -100.77 17.46
C VAL G 35 -10.40 -102.11 16.84
N ASP G 36 -11.41 -102.95 16.61
CA ASP G 36 -11.20 -104.21 15.91
C ASP G 36 -10.65 -103.93 14.52
N ASN G 37 -9.65 -104.69 14.11
CA ASN G 37 -9.01 -104.44 12.83
C ASN G 37 -8.92 -105.68 11.95
N ASP G 38 -9.90 -105.83 11.05
CA ASP G 38 -9.82 -106.86 10.02
C ASP G 38 -8.69 -106.48 9.08
N VAL G 39 -7.82 -107.44 8.78
CA VAL G 39 -6.69 -107.18 7.89
C VAL G 39 -7.18 -107.05 6.45
N ASP G 40 -8.24 -106.28 6.25
CA ASP G 40 -8.67 -105.90 4.92
C ASP G 40 -7.45 -105.32 4.24
N ASP G 41 -6.82 -104.36 4.92
CA ASP G 41 -5.43 -103.99 4.69
C ASP G 41 -4.99 -102.72 5.44
N ILE G 42 -5.88 -101.75 5.62
CA ILE G 42 -5.44 -100.43 6.04
C ILE G 42 -5.45 -100.16 7.55
N THR G 43 -4.37 -99.55 8.03
CA THR G 43 -4.26 -99.04 9.40
C THR G 43 -3.44 -97.75 9.36
N TYR G 44 -3.50 -96.97 10.45
CA TYR G 44 -2.80 -95.69 10.48
C TYR G 44 -1.90 -95.55 11.70
N VAL G 45 -0.66 -95.14 11.47
CA VAL G 45 0.30 -94.95 12.55
C VAL G 45 0.85 -93.53 12.58
N MET G 46 0.77 -92.89 13.73
CA MET G 46 1.25 -91.52 13.88
C MET G 46 2.33 -91.41 14.95
N PRO G 47 3.38 -90.64 14.66
CA PRO G 47 4.48 -90.41 15.61
C PRO G 47 4.02 -89.57 16.80
N LYS G 48 4.56 -89.86 17.98
CA LYS G 48 4.13 -89.19 19.20
C LYS G 48 4.68 -87.77 19.30
N ASN G 49 5.78 -87.51 18.60
CA ASN G 49 6.42 -86.21 18.67
C ASN G 49 5.54 -85.10 18.10
N ILE G 50 4.83 -85.42 17.02
CA ILE G 50 3.96 -84.44 16.37
C ILE G 50 2.70 -84.18 17.18
N LEU G 51 2.12 -85.25 17.72
CA LEU G 51 0.87 -85.14 18.48
C LEU G 51 1.05 -84.31 19.74
N LYS G 52 2.13 -84.57 20.47
CA LYS G 52 2.43 -83.81 21.68
C LYS G 52 2.57 -82.33 21.36
N LYS G 53 3.16 -82.03 20.22
CA LYS G 53 3.33 -80.65 19.78
C LYS G 53 1.99 -80.04 19.42
N PHE G 54 1.20 -80.79 18.66
CA PHE G 54 -0.12 -80.34 18.22
C PHE G 54 -1.02 -80.04 19.41
N ILE G 55 -1.02 -80.94 20.39
CA ILE G 55 -1.83 -80.77 21.58
C ILE G 55 -1.35 -79.57 22.41
N THR G 56 -0.05 -79.32 22.36
CA THR G 56 0.55 -78.22 23.12
C THR G 56 0.18 -76.86 22.54
N ILE G 57 -0.05 -76.82 21.23
CA ILE G 57 -0.32 -75.58 20.53
C ILE G 57 -1.79 -75.18 20.58
N ALA G 58 -2.67 -76.18 20.71
CA ALA G 58 -4.12 -75.95 20.62
C ALA G 58 -4.65 -75.06 21.74
N ASP G 59 -5.90 -74.66 21.61
CA ASP G 59 -6.59 -73.88 22.64
C ASP G 59 -7.55 -74.78 23.42
N LEU G 60 -7.97 -74.32 24.59
CA LEU G 60 -8.84 -75.12 25.45
C LEU G 60 -10.32 -74.93 25.14
N ARG G 61 -10.67 -73.80 24.53
CA ARG G 61 -12.06 -73.46 24.32
C ARG G 61 -12.45 -73.38 22.84
N VAL G 62 -11.49 -73.57 21.96
CA VAL G 62 -11.77 -73.55 20.53
C VAL G 62 -11.04 -74.68 19.80
N GLN G 63 -11.51 -75.00 18.60
CA GLN G 63 -10.93 -76.07 17.81
C GLN G 63 -9.75 -75.58 16.97
N VAL G 64 -8.74 -76.43 16.83
CA VAL G 64 -7.61 -76.16 15.95
C VAL G 64 -7.41 -77.36 15.04
N ALA G 65 -7.22 -77.10 13.74
CA ALA G 65 -7.13 -78.16 12.76
C ALA G 65 -5.78 -78.19 12.04
N GLY G 66 -5.60 -79.20 11.21
CA GLY G 66 -4.39 -79.35 10.42
C GLY G 66 -4.51 -80.51 9.46
N PHE G 67 -4.09 -80.31 8.22
CA PHE G 67 -4.17 -81.33 7.19
C PHE G 67 -3.14 -82.44 7.43
N LEU G 68 -3.45 -83.63 6.94
CA LEU G 68 -2.59 -84.79 7.15
C LEU G 68 -1.97 -85.30 5.85
N TYR G 69 -0.69 -85.67 5.91
CA TYR G 69 0.00 -86.23 4.76
C TYR G 69 0.87 -87.41 5.19
N GLY G 70 0.71 -88.54 4.49
CA GLY G 70 1.46 -89.74 4.82
C GLY G 70 1.73 -90.62 3.62
N CYS G 71 2.28 -91.80 3.88
CA CYS G 71 2.59 -92.76 2.82
C CYS G 71 2.87 -94.13 3.40
N SER G 72 2.55 -95.17 2.63
CA SER G 72 2.77 -96.55 3.07
C SER G 72 4.24 -96.89 3.13
N PRO G 73 4.65 -97.62 4.19
CA PRO G 73 6.00 -98.16 4.30
C PRO G 73 6.33 -99.08 3.13
N ALA G 74 7.61 -99.35 2.91
CA ALA G 74 8.05 -100.17 1.78
C ALA G 74 7.51 -101.59 1.88
N ASP G 75 7.80 -102.24 3.01
CA ASP G 75 7.43 -103.64 3.20
C ASP G 75 5.92 -103.85 3.24
N ASN G 76 5.20 -102.83 3.70
CA ASN G 76 3.75 -102.95 3.87
C ASN G 76 2.98 -101.85 3.13
N ASP G 77 2.37 -102.22 2.02
CA ASP G 77 1.56 -101.28 1.23
C ASP G 77 0.21 -101.06 1.88
N GLN G 78 -0.02 -101.72 3.01
CA GLN G 78 -1.33 -101.71 3.65
C GLN G 78 -1.40 -100.70 4.79
N VAL G 79 -0.27 -100.47 5.45
CA VAL G 79 -0.20 -99.49 6.53
C VAL G 79 0.11 -98.10 5.99
N LYS G 80 -0.44 -97.08 6.63
CA LYS G 80 -0.23 -95.70 6.20
C LYS G 80 0.33 -94.84 7.33
N GLU G 81 1.65 -94.70 7.36
CA GLU G 81 2.30 -93.87 8.37
C GLU G 81 2.05 -92.38 8.12
N ILE G 82 1.62 -91.68 9.16
CA ILE G 82 1.44 -90.23 9.06
C ILE G 82 2.78 -89.55 9.30
N ARG G 83 3.26 -88.79 8.32
CA ARG G 83 4.61 -88.25 8.36
C ARG G 83 4.63 -86.74 8.63
N CYS G 84 3.51 -86.07 8.41
CA CYS G 84 3.48 -84.62 8.53
C CYS G 84 2.12 -84.05 8.85
N ILE G 85 2.10 -83.04 9.72
CA ILE G 85 0.90 -82.28 10.02
C ILE G 85 1.07 -80.85 9.52
N VAL G 86 0.14 -80.40 8.69
CA VAL G 86 0.25 -79.07 8.09
C VAL G 86 -0.72 -78.08 8.75
N MET G 87 -0.16 -77.19 9.58
CA MET G 87 -0.96 -76.16 10.22
C MET G 87 -1.25 -75.03 9.23
N VAL G 88 -2.50 -74.94 8.79
CA VAL G 88 -2.88 -73.95 7.80
C VAL G 88 -3.61 -72.77 8.44
N PRO G 89 -3.65 -71.63 7.74
CA PRO G 89 -4.39 -70.44 8.20
C PRO G 89 -5.83 -70.76 8.52
N GLN G 90 -6.27 -70.43 9.73
CA GLN G 90 -7.60 -70.80 10.19
C GLN G 90 -8.14 -69.86 11.25
N ILE G 91 -9.45 -69.89 11.45
CA ILE G 91 -10.10 -69.15 12.53
C ILE G 91 -10.83 -70.10 13.45
N GLY G 92 -10.30 -70.27 14.65
CA GLY G 92 -10.84 -71.22 15.62
C GLY G 92 -12.29 -71.00 15.98
N GLY G 93 -13.07 -72.07 15.94
CA GLY G 93 -14.47 -72.03 16.32
C GLY G 93 -14.71 -72.83 17.58
N ASN G 94 -15.92 -72.74 18.11
CA ASN G 94 -16.25 -73.44 19.35
C ASN G 94 -16.57 -74.91 19.11
N ARG G 95 -17.11 -75.22 17.93
CA ARG G 95 -17.43 -76.59 17.57
C ARG G 95 -17.11 -76.88 16.11
N SER G 96 -16.39 -75.97 15.48
CA SER G 96 -15.99 -76.12 14.08
C SER G 96 -14.73 -75.30 13.78
N VAL G 97 -14.21 -75.45 12.57
CA VAL G 97 -13.03 -74.71 12.16
C VAL G 97 -13.21 -74.12 10.76
N GLN G 98 -12.83 -72.85 10.62
CA GLN G 98 -12.98 -72.16 9.35
C GLN G 98 -11.72 -72.29 8.51
N LEU G 99 -11.62 -73.39 7.75
CA LEU G 99 -10.45 -73.69 6.96
C LEU G 99 -10.38 -72.82 5.70
N PRO G 100 -9.18 -72.73 5.10
CA PRO G 100 -8.92 -71.91 3.91
C PRO G 100 -9.40 -72.55 2.61
N GLN G 101 -9.63 -73.87 2.62
CA GLN G 101 -10.09 -74.58 1.44
C GLN G 101 -9.07 -74.50 0.30
N HIS G 102 -7.79 -74.56 0.65
CA HIS G 102 -6.72 -74.54 -0.34
C HIS G 102 -5.56 -75.42 0.11
N LEU G 103 -5.37 -76.54 -0.57
CA LEU G 103 -4.33 -77.49 -0.19
C LEU G 103 -2.93 -76.89 -0.32
N PRO G 104 -2.09 -77.11 0.70
CA PRO G 104 -0.71 -76.62 0.75
C PRO G 104 0.26 -77.50 -0.01
N GLN G 105 1.19 -76.88 -0.75
CA GLN G 105 2.23 -77.63 -1.44
C GLN G 105 3.61 -77.29 -0.91
N HIS G 106 4.51 -78.28 -0.94
CA HIS G 106 5.88 -78.08 -0.48
C HIS G 106 6.74 -79.27 -0.91
N GLU G 107 8.05 -79.05 -0.96
CA GLU G 107 8.98 -80.09 -1.40
C GLU G 107 9.04 -81.24 -0.42
N MET G 108 8.52 -81.01 0.79
CA MET G 108 8.50 -82.05 1.82
C MET G 108 7.29 -82.96 1.67
N LEU G 109 6.42 -82.63 0.73
CA LEU G 109 5.23 -83.43 0.49
C LEU G 109 5.42 -84.39 -0.67
N LYS G 110 6.67 -84.57 -1.09
CA LYS G 110 7.00 -85.51 -2.15
C LYS G 110 6.73 -86.94 -1.68
N GLY G 111 6.07 -87.72 -2.53
CA GLY G 111 5.78 -89.11 -2.22
C GLY G 111 4.79 -89.26 -1.08
N LEU G 112 4.15 -88.16 -0.71
CA LEU G 112 3.15 -88.17 0.35
C LEU G 112 1.76 -87.87 -0.21
N GLU G 113 0.76 -88.53 0.35
CA GLU G 113 -0.62 -88.34 -0.09
C GLU G 113 -1.46 -87.75 1.04
N PRO G 114 -2.49 -86.96 0.67
CA PRO G 114 -3.41 -86.36 1.64
C PRO G 114 -4.14 -87.41 2.48
N LEU G 115 -4.04 -87.29 3.80
CA LEU G 115 -4.71 -88.22 4.70
C LEU G 115 -5.75 -87.53 5.58
N GLY G 116 -6.50 -86.62 4.99
CA GLY G 116 -7.55 -85.91 5.71
C GLY G 116 -7.01 -84.80 6.58
N LEU G 117 -7.55 -84.69 7.79
CA LEU G 117 -7.13 -83.64 8.71
C LEU G 117 -7.32 -84.05 10.17
N ILE G 118 -6.61 -83.36 11.06
CA ILE G 118 -6.80 -83.53 12.50
C ILE G 118 -7.35 -82.25 13.08
N HIS G 119 -8.23 -82.38 14.06
CA HIS G 119 -8.76 -81.20 14.76
C HIS G 119 -8.97 -81.49 16.23
N THR G 120 -8.54 -80.57 17.08
CA THR G 120 -8.76 -80.68 18.51
C THR G 120 -10.25 -80.52 18.81
N MET G 121 -10.74 -81.33 19.74
CA MET G 121 -12.15 -81.32 20.08
C MET G 121 -12.36 -80.84 21.51
N ALA G 122 -13.16 -79.78 21.66
CA ALA G 122 -13.53 -79.31 22.99
C ALA G 122 -14.18 -80.45 23.76
N GLY G 123 -13.34 -81.36 24.25
CA GLY G 123 -13.74 -82.63 24.81
C GLY G 123 -15.06 -82.70 25.57
N ASN G 124 -15.98 -83.50 25.04
CA ASN G 124 -17.25 -83.75 25.72
C ASN G 124 -17.69 -85.22 25.57
N GLU G 125 -18.13 -85.59 24.38
CA GLU G 125 -18.63 -86.93 24.14
C GLU G 125 -18.13 -87.48 22.81
N LEU G 126 -17.84 -88.78 22.77
CA LEU G 126 -17.41 -89.43 21.53
C LEU G 126 -18.27 -90.66 21.24
N PRO G 127 -19.50 -90.42 20.74
CA PRO G 127 -20.43 -91.50 20.39
C PRO G 127 -20.17 -92.08 19.00
N TYR G 128 -19.99 -91.20 18.02
CA TYR G 128 -19.78 -91.60 16.64
C TYR G 128 -19.21 -90.42 15.84
N MET G 129 -19.07 -90.59 14.54
CA MET G 129 -18.61 -89.49 13.70
C MET G 129 -19.62 -88.35 13.73
N SER G 130 -19.22 -87.24 14.35
CA SER G 130 -20.08 -86.08 14.49
C SER G 130 -20.59 -85.58 13.15
N PRO G 131 -21.82 -85.06 13.12
CA PRO G 131 -22.42 -84.49 11.91
C PRO G 131 -21.55 -83.39 11.30
N ALA G 132 -20.89 -82.62 12.15
CA ALA G 132 -20.00 -81.56 11.70
C ALA G 132 -18.78 -82.17 11.02
N ASP G 133 -18.27 -83.25 11.59
CA ASP G 133 -17.12 -83.94 11.04
C ASP G 133 -17.45 -84.54 9.68
N VAL G 134 -18.66 -85.08 9.55
CA VAL G 134 -19.12 -85.68 8.31
C VAL G 134 -19.24 -84.63 7.22
N THR G 135 -19.74 -83.45 7.59
CA THR G 135 -19.92 -82.36 6.63
C THR G 135 -18.58 -81.79 6.18
N THR G 136 -17.74 -81.41 7.13
CA THR G 136 -16.45 -80.82 6.82
C THR G 136 -15.57 -81.77 6.02
N HIS G 137 -15.58 -83.05 6.40
CA HIS G 137 -14.79 -84.06 5.71
C HIS G 137 -15.30 -84.25 4.29
N ALA G 138 -16.61 -84.38 4.14
CA ALA G 138 -17.23 -84.61 2.85
C ALA G 138 -17.01 -83.42 1.90
N LYS G 139 -17.22 -82.22 2.41
CA LYS G 139 -17.10 -81.02 1.60
C LYS G 139 -15.65 -80.76 1.19
N LEU G 140 -14.72 -81.19 2.04
CA LEU G 140 -13.30 -81.05 1.72
C LEU G 140 -12.88 -82.02 0.62
N VAL G 141 -13.39 -83.24 0.70
CA VAL G 141 -13.10 -84.26 -0.30
C VAL G 141 -13.69 -83.88 -1.65
N ASP G 142 -14.89 -83.31 -1.63
CA ASP G 142 -15.56 -82.89 -2.85
C ASP G 142 -14.82 -81.75 -3.52
N ALA G 143 -14.35 -80.79 -2.72
CA ALA G 143 -13.67 -79.62 -3.25
C ALA G 143 -12.27 -79.95 -3.77
N HIS G 144 -11.58 -80.83 -3.06
CA HIS G 144 -10.20 -81.18 -3.40
C HIS G 144 -10.08 -82.61 -3.88
N PRO G 145 -10.06 -82.80 -5.22
CA PRO G 145 -9.84 -84.12 -5.81
C PRO G 145 -8.43 -84.63 -5.55
N SER G 146 -7.55 -83.73 -5.11
CA SER G 146 -6.15 -84.07 -4.85
C SER G 146 -6.01 -85.18 -3.83
N TRP G 147 -7.02 -85.33 -2.97
CA TRP G 147 -7.00 -86.36 -1.95
C TRP G 147 -7.08 -87.74 -2.58
N LYS G 148 -6.20 -88.65 -2.17
CA LYS G 148 -6.26 -90.04 -2.61
C LYS G 148 -7.55 -90.66 -2.07
N ASN G 149 -8.64 -90.43 -2.78
CA ASN G 149 -9.98 -90.75 -2.30
C ASN G 149 -10.24 -92.25 -2.11
N GLN G 150 -9.23 -92.98 -1.66
CA GLN G 150 -9.40 -94.38 -1.32
C GLN G 150 -9.23 -94.57 0.18
N ASN G 151 -8.51 -93.65 0.80
CA ASN G 151 -8.30 -93.66 2.24
C ASN G 151 -7.97 -92.29 2.81
N THR G 152 -8.93 -91.69 3.50
CA THR G 152 -8.73 -90.39 4.15
C THR G 152 -9.51 -90.35 5.46
N LEU G 153 -8.91 -89.77 6.48
CA LEU G 153 -9.48 -89.81 7.81
C LEU G 153 -9.81 -88.43 8.38
N THR G 154 -10.57 -88.42 9.47
CA THR G 154 -10.84 -87.22 10.23
C THR G 154 -10.55 -87.49 11.71
N VAL G 155 -9.28 -87.45 12.06
CA VAL G 155 -8.85 -87.80 13.41
C VAL G 155 -9.24 -86.74 14.43
N THR G 156 -9.91 -87.16 15.49
CA THR G 156 -10.33 -86.25 16.54
C THR G 156 -9.47 -86.40 17.79
N VAL G 157 -8.99 -85.27 18.31
CA VAL G 157 -8.20 -85.27 19.52
C VAL G 157 -9.07 -84.86 20.70
N ALA G 158 -9.78 -85.83 21.27
CA ALA G 158 -10.71 -85.57 22.37
C ALA G 158 -9.97 -85.07 23.61
N PHE G 159 -10.43 -83.96 24.16
CA PHE G 159 -9.83 -83.39 25.37
C PHE G 159 -10.42 -84.00 26.62
N THR G 160 -10.15 -85.28 26.86
CA THR G 160 -10.57 -85.93 28.09
C THR G 160 -9.83 -85.33 29.27
N PRO G 161 -10.40 -85.45 30.47
CA PRO G 161 -9.80 -84.85 31.68
C PRO G 161 -8.43 -85.43 32.00
N GLY G 162 -7.41 -84.58 31.94
CA GLY G 162 -6.05 -84.98 32.30
C GLY G 162 -5.38 -85.88 31.27
N SER G 163 -5.96 -85.95 30.08
CA SER G 163 -5.41 -86.78 29.02
C SER G 163 -5.99 -86.43 27.65
N VAL G 164 -5.85 -87.36 26.71
CA VAL G 164 -6.36 -87.16 25.36
C VAL G 164 -6.78 -88.49 24.72
N SER G 165 -7.97 -88.50 24.13
CA SER G 165 -8.47 -89.69 23.46
C SER G 165 -8.53 -89.50 21.95
N LEU G 166 -7.79 -90.33 21.23
CA LEU G 166 -7.75 -90.24 19.77
C LEU G 166 -8.71 -91.23 19.12
N SER G 167 -9.40 -90.77 18.09
CA SER G 167 -10.33 -91.60 17.35
C SER G 167 -10.36 -91.19 15.88
N ALA G 168 -9.86 -92.07 15.02
CA ALA G 168 -9.84 -91.81 13.58
C ALA G 168 -11.08 -92.36 12.91
N TRP G 169 -11.77 -91.51 12.16
CA TRP G 169 -13.01 -91.91 11.51
C TRP G 169 -12.91 -91.77 9.98
N ALA G 170 -13.22 -92.84 9.28
CA ALA G 170 -13.25 -92.82 7.82
C ALA G 170 -14.67 -92.56 7.31
N LEU G 171 -14.79 -91.78 6.25
CA LEU G 171 -16.10 -91.39 5.73
C LEU G 171 -16.64 -92.40 4.73
N THR G 172 -17.92 -92.72 4.85
CA THR G 172 -18.58 -93.66 3.94
C THR G 172 -19.28 -92.90 2.81
N PRO G 173 -19.49 -93.59 1.68
CA PRO G 173 -20.08 -92.99 0.47
C PRO G 173 -21.42 -92.31 0.73
N LEU G 174 -22.24 -92.90 1.59
CA LEU G 174 -23.53 -92.31 1.95
C LEU G 174 -23.30 -90.98 2.68
N GLY G 175 -22.28 -90.95 3.53
CA GLY G 175 -21.94 -89.74 4.25
C GLY G 175 -21.42 -88.66 3.32
N TYR G 176 -20.96 -89.07 2.15
CA TYR G 176 -20.43 -88.14 1.17
C TYR G 176 -21.56 -87.41 0.43
N LYS G 177 -22.39 -88.18 -0.28
CA LYS G 177 -23.53 -87.61 -1.00
C LYS G 177 -24.43 -86.82 -0.07
N TRP G 178 -24.51 -87.25 1.18
CA TRP G 178 -25.30 -86.56 2.19
C TRP G 178 -24.60 -85.31 2.69
N GLY G 179 -23.46 -85.52 3.34
CA GLY G 179 -22.69 -84.42 3.94
C GLY G 179 -22.31 -83.33 2.96
N VAL G 180 -22.01 -83.72 1.72
CA VAL G 180 -21.63 -82.76 0.69
C VAL G 180 -22.75 -81.76 0.41
N GLU G 181 -23.90 -82.29 -0.01
CA GLU G 181 -25.03 -81.43 -0.37
C GLU G 181 -25.78 -81.00 0.88
N ASN G 182 -25.47 -81.61 2.02
CA ASN G 182 -25.99 -81.14 3.29
C ASN G 182 -25.37 -79.79 3.61
N LYS G 183 -25.93 -78.73 3.04
CA LYS G 183 -25.38 -77.41 3.21
C LYS G 183 -25.83 -76.78 4.52
N ASP G 184 -27.11 -76.94 4.85
CA ASP G 184 -27.66 -76.29 6.04
C ASP G 184 -27.94 -77.27 7.19
N PRO G 185 -29.21 -77.37 7.63
CA PRO G 185 -29.57 -77.74 9.00
C PRO G 185 -28.39 -77.82 9.97
N ASN G 186 -27.76 -76.67 10.25
CA ASN G 186 -26.68 -76.61 11.22
C ASN G 186 -27.17 -76.92 12.62
N VAL G 187 -27.60 -78.17 12.81
CA VAL G 187 -28.18 -78.60 14.07
C VAL G 187 -27.45 -79.84 14.56
N ASP G 188 -27.67 -80.22 15.82
CA ASP G 188 -27.08 -81.42 16.38
C ASP G 188 -27.51 -82.66 15.60
N ASN G 189 -28.73 -82.65 15.10
CA ASN G 189 -29.26 -83.76 14.33
C ASN G 189 -29.89 -83.30 13.01
N PRO G 190 -29.06 -82.85 12.07
CA PRO G 190 -29.52 -82.40 10.75
C PRO G 190 -30.36 -83.47 10.05
N GLN G 191 -31.34 -83.05 9.26
CA GLN G 191 -32.25 -83.98 8.60
C GLN G 191 -31.50 -84.90 7.63
N GLY G 192 -31.60 -86.19 7.87
CA GLY G 192 -30.96 -87.17 7.00
C GLY G 192 -29.65 -87.70 7.57
N PHE G 193 -29.32 -87.27 8.78
CA PHE G 193 -28.09 -87.73 9.43
C PHE G 193 -28.26 -89.13 10.00
N THR G 194 -27.27 -89.98 9.76
CA THR G 194 -27.29 -91.33 10.27
C THR G 194 -26.04 -91.60 11.12
N THR G 195 -26.17 -92.49 12.10
CA THR G 195 -25.05 -92.82 12.97
C THR G 195 -24.03 -93.69 12.26
N THR G 196 -24.33 -94.06 11.02
CA THR G 196 -23.44 -94.91 10.24
C THR G 196 -22.78 -94.16 9.09
N MET G 197 -22.73 -92.83 9.22
CA MET G 197 -22.14 -91.99 8.18
C MET G 197 -20.62 -92.16 8.11
N GLY G 198 -20.03 -92.60 9.22
CA GLY G 198 -18.59 -92.76 9.29
C GLY G 198 -18.15 -94.12 9.79
N GLU G 199 -17.11 -94.67 9.16
CA GLU G 199 -16.56 -95.96 9.55
C GLU G 199 -15.25 -95.77 10.30
N ARG G 200 -15.12 -96.42 11.44
CA ARG G 200 -13.91 -96.30 12.25
C ARG G 200 -12.72 -97.01 11.63
N ARG G 201 -11.52 -96.49 11.90
CA ARG G 201 -10.29 -97.10 11.44
C ARG G 201 -9.27 -97.10 12.57
N GLN G 202 -8.37 -98.09 12.55
CA GLN G 202 -7.38 -98.23 13.61
C GLN G 202 -6.30 -97.16 13.50
N LEU G 203 -5.92 -96.58 14.64
CA LEU G 203 -4.87 -95.59 14.69
C LEU G 203 -3.90 -95.89 15.83
N LEU G 204 -2.61 -95.81 15.54
CA LEU G 204 -1.59 -96.16 16.53
C LEU G 204 -0.60 -95.03 16.77
N LEU G 205 0.13 -95.11 17.88
CA LEU G 205 1.17 -94.16 18.22
C LEU G 205 2.50 -94.87 18.34
N SER G 206 3.50 -94.42 17.59
CA SER G 206 4.80 -95.07 17.58
C SER G 206 5.93 -94.17 18.04
N ASP G 207 6.90 -94.75 18.73
CA ASP G 207 8.12 -94.06 19.10
C ASP G 207 9.28 -94.54 18.24
N LYS G 208 8.94 -95.32 17.21
CA LYS G 208 9.93 -95.91 16.33
C LYS G 208 10.44 -94.91 15.30
N PHE G 209 9.54 -94.07 14.80
CA PHE G 209 9.92 -93.04 13.84
C PHE G 209 9.39 -91.68 14.28
N LYS G 210 9.76 -90.63 13.54
CA LYS G 210 9.36 -89.28 13.89
C LYS G 210 8.84 -88.51 12.67
N GLY G 211 7.97 -87.54 12.93
CA GLY G 211 7.39 -86.74 11.87
C GLY G 211 7.75 -85.27 11.97
N PHE G 212 7.36 -84.50 10.97
CA PHE G 212 7.69 -83.08 10.93
C PHE G 212 6.45 -82.21 10.76
N PHE G 213 6.61 -80.93 11.04
CA PHE G 213 5.51 -79.97 10.92
C PHE G 213 5.69 -79.06 9.70
N LEU G 214 4.57 -78.60 9.15
CA LEU G 214 4.61 -77.60 8.10
C LEU G 214 3.67 -76.44 8.45
N VAL G 215 4.18 -75.22 8.33
CA VAL G 215 3.40 -74.04 8.70
C VAL G 215 3.50 -72.96 7.64
N PRO G 216 2.56 -72.00 7.68
CA PRO G 216 2.52 -70.88 6.72
C PRO G 216 3.84 -70.11 6.71
N ASP G 217 4.13 -69.46 5.59
CA ASP G 217 5.39 -68.75 5.41
C ASP G 217 5.55 -67.64 6.45
N THR G 218 4.44 -67.04 6.84
CA THR G 218 4.46 -65.95 7.80
C THR G 218 4.51 -66.47 9.23
N GLY G 219 4.38 -67.78 9.39
CA GLY G 219 4.40 -68.41 10.70
C GLY G 219 3.06 -68.34 11.39
N LYS G 220 2.21 -67.43 10.93
CA LYS G 220 0.89 -67.24 11.51
C LYS G 220 -0.11 -68.23 10.90
N TRP G 221 -0.77 -69.01 11.75
CA TRP G 221 -1.78 -69.94 11.31
C TRP G 221 -3.12 -69.67 11.99
N ASN G 222 -3.05 -69.07 13.17
CA ASN G 222 -4.26 -68.69 13.90
C ASN G 222 -4.70 -67.27 13.58
N TYR G 223 -5.92 -67.13 13.11
CA TYR G 223 -6.46 -65.83 12.75
C TYR G 223 -7.71 -65.49 13.54
N SER G 224 -7.84 -66.08 14.73
CA SER G 224 -8.98 -65.80 15.60
C SER G 224 -8.92 -64.37 16.11
N PHE G 225 -7.70 -63.85 16.26
CA PHE G 225 -7.49 -62.47 16.67
C PHE G 225 -7.34 -61.56 15.47
N MET G 226 -6.96 -62.16 14.34
CA MET G 226 -6.72 -61.40 13.11
C MET G 226 -7.79 -61.71 12.08
N GLY G 227 -9.04 -61.80 12.53
CA GLY G 227 -10.15 -62.18 11.68
C GLY G 227 -10.38 -61.29 10.49
N SER G 228 -10.09 -60.00 10.65
CA SER G 228 -10.31 -59.03 9.58
C SER G 228 -9.41 -59.30 8.38
N SER G 229 -8.24 -59.89 8.63
CA SER G 229 -7.27 -60.15 7.57
C SER G 229 -7.23 -61.63 7.19
N PHE G 230 -8.30 -62.35 7.50
CA PHE G 230 -8.39 -63.77 7.18
C PHE G 230 -9.01 -63.99 5.80
N SER G 231 -9.93 -63.11 5.42
CA SER G 231 -10.59 -63.21 4.13
C SER G 231 -9.60 -63.04 2.98
N GLY G 232 -8.56 -62.25 3.22
CA GLY G 232 -7.54 -62.00 2.21
C GLY G 232 -6.52 -63.11 2.13
N ILE G 233 -6.70 -64.13 2.97
CA ILE G 233 -5.79 -65.26 3.00
C ILE G 233 -6.51 -66.55 2.63
N GLU G 234 -7.76 -66.67 3.06
CA GLU G 234 -8.57 -67.86 2.82
C GLU G 234 -8.85 -68.07 1.34
N LYS G 235 -9.14 -66.99 0.63
CA LYS G 235 -9.57 -67.07 -0.77
C LYS G 235 -8.42 -67.42 -1.71
N LYS G 236 -7.19 -67.17 -1.26
CA LYS G 236 -6.03 -67.35 -2.13
C LYS G 236 -5.06 -68.40 -1.60
N PRO G 237 -4.22 -68.95 -2.48
CA PRO G 237 -3.20 -69.93 -2.12
C PRO G 237 -2.18 -69.37 -1.14
N TYR G 238 -1.67 -70.21 -0.25
CA TYR G 238 -0.70 -69.78 0.74
C TYR G 238 0.55 -70.66 0.70
N HIS G 239 1.71 -70.04 0.87
CA HIS G 239 2.97 -70.76 0.86
C HIS G 239 3.32 -71.28 2.24
N VAL G 240 3.77 -72.53 2.30
CA VAL G 240 4.11 -73.18 3.57
C VAL G 240 5.60 -73.45 3.65
N LYS G 241 6.16 -73.32 4.86
CA LYS G 241 7.58 -73.59 5.06
C LYS G 241 7.78 -74.62 6.17
N LEU G 242 8.97 -75.24 6.19
CA LEU G 242 9.30 -76.22 7.20
C LEU G 242 9.85 -75.55 8.45
N ASP G 243 9.01 -75.43 9.47
CA ASP G 243 9.39 -74.76 10.71
C ASP G 243 8.63 -75.34 11.89
N THR G 244 8.78 -74.73 13.06
CA THR G 244 8.07 -75.17 14.25
C THR G 244 6.81 -74.34 14.47
N PRO G 245 5.68 -75.01 14.73
CA PRO G 245 4.38 -74.35 14.90
C PRO G 245 4.31 -73.49 16.15
N LEU G 246 3.86 -72.26 15.99
CA LEU G 246 3.72 -71.34 17.12
C LEU G 246 2.46 -71.64 17.92
N PRO G 247 2.54 -71.49 19.25
CA PRO G 247 1.41 -71.71 20.15
C PRO G 247 0.20 -70.85 19.79
N PHE G 248 -0.99 -71.26 20.23
CA PHE G 248 -2.22 -70.55 19.92
C PHE G 248 -2.19 -69.11 20.43
N TYR G 249 -1.76 -68.94 21.68
CA TYR G 249 -1.70 -67.62 22.29
C TYR G 249 -0.31 -67.01 22.19
N SER G 250 0.42 -67.37 21.14
CA SER G 250 1.73 -66.81 20.90
C SER G 250 1.63 -65.33 20.55
N GLU G 251 2.71 -64.59 20.75
CA GLU G 251 2.74 -63.17 20.46
C GLU G 251 2.45 -62.89 18.98
N GLN G 252 2.87 -63.80 18.12
CA GLN G 252 2.75 -63.62 16.69
C GLN G 252 1.29 -63.76 16.22
N HIS G 253 0.49 -64.47 17.00
CA HIS G 253 -0.90 -64.71 16.64
C HIS G 253 -1.83 -63.63 17.18
N ARG G 254 -1.32 -62.79 18.07
CA ARG G 254 -2.11 -61.70 18.62
C ARG G 254 -1.28 -60.41 18.72
N PRO G 255 -0.85 -59.89 17.57
CA PRO G 255 0.04 -58.73 17.49
C PRO G 255 -0.63 -57.43 17.94
N ILE G 256 -1.96 -57.36 17.84
CA ILE G 256 -2.67 -56.14 18.18
C ILE G 256 -2.59 -55.85 19.67
N HIS G 257 -2.34 -56.88 20.46
CA HIS G 257 -2.22 -56.73 21.91
C HIS G 257 -0.89 -56.08 22.30
N PHE G 258 0.07 -56.12 21.38
CA PHE G 258 1.42 -55.64 21.67
C PHE G 258 1.68 -54.26 21.08
N THR G 259 0.63 -53.61 20.57
CA THR G 259 0.77 -52.25 20.05
C THR G 259 0.91 -51.27 21.21
N SER G 260 1.60 -50.16 20.96
CA SER G 260 1.85 -49.17 22.00
C SER G 260 0.64 -48.27 22.21
N PHE G 261 0.19 -48.17 23.46
CA PHE G 261 -0.94 -47.32 23.81
C PHE G 261 -0.58 -45.85 23.68
N ASN G 262 0.71 -45.57 23.62
CA ASN G 262 1.22 -44.21 23.49
C ASN G 262 0.83 -43.34 24.69
N GLU G 263 0.76 -43.95 25.86
CA GLU G 263 0.43 -43.23 27.09
C GLU G 263 1.52 -42.22 27.44
N LEU G 264 2.66 -42.73 27.89
CA LEU G 264 3.81 -41.90 28.20
C LEU G 264 5.07 -42.48 27.57
N GLU G 265 5.78 -41.66 26.82
CA GLU G 265 6.97 -42.13 26.10
C GLU G 265 8.21 -42.08 26.99
N ASP G 266 8.55 -40.89 27.49
CA ASP G 266 9.71 -40.73 28.33
C ASP G 266 9.37 -40.87 29.82
N ILE G 267 10.38 -41.10 30.64
CA ILE G 267 10.20 -41.23 32.07
C ILE G 267 10.67 -39.96 32.78
N TRP G 268 10.00 -39.62 33.87
CA TRP G 268 10.30 -38.39 34.60
C TRP G 268 10.93 -38.66 35.97
N VAL G 269 11.39 -39.88 36.17
CA VAL G 269 12.09 -40.24 37.40
C VAL G 269 13.57 -40.47 37.12
N ASP G 270 14.42 -39.61 37.67
CA ASP G 270 15.85 -39.68 37.41
C ASP G 270 16.54 -40.80 38.19
N ARG G 271 17.24 -41.66 37.47
CA ARG G 271 18.04 -42.71 38.09
C ARG G 271 19.13 -43.18 37.12
N ALA G 272 20.28 -43.52 37.68
CA ALA G 272 21.40 -44.01 36.86
C ALA G 272 21.81 -45.40 37.30
N ASP G 273 21.81 -46.34 36.37
CA ASP G 273 22.19 -47.72 36.66
C ASP G 273 23.70 -47.88 36.62
N ASN G 274 24.38 -46.95 35.96
CA ASN G 274 25.84 -46.95 35.87
C ASN G 274 26.39 -48.06 34.98
N PHE G 275 25.55 -49.06 34.71
CA PHE G 275 25.94 -50.13 33.78
C PHE G 275 25.64 -49.71 32.35
N ALA G 276 26.47 -48.81 31.82
CA ALA G 276 26.28 -48.29 30.47
C ALA G 276 26.45 -49.37 29.42
N LEU H 27 54.02 -65.75 56.45
CA LEU H 27 53.48 -65.49 57.78
C LEU H 27 52.02 -65.95 57.89
N VAL H 28 51.65 -66.89 57.03
CA VAL H 28 50.30 -67.46 57.03
C VAL H 28 50.35 -68.95 56.73
N GLY H 29 49.39 -69.69 57.24
CA GLY H 29 49.34 -71.13 57.03
C GLY H 29 47.95 -71.62 56.65
N GLY H 30 47.89 -72.80 56.07
CA GLY H 30 46.61 -73.40 55.69
C GLY H 30 45.77 -73.71 56.92
N LEU H 31 44.68 -72.96 57.07
CA LEU H 31 43.81 -73.10 58.24
C LEU H 31 42.47 -73.73 57.90
N GLN H 32 41.78 -74.22 58.92
CA GLN H 32 40.45 -74.77 58.77
C GLN H 32 39.43 -73.93 59.52
N PRO H 33 38.16 -73.97 59.07
CA PRO H 33 37.09 -73.20 59.72
C PRO H 33 36.83 -73.67 61.15
N LYS H 34 36.83 -72.74 62.08
CA LYS H 34 36.60 -73.07 63.49
C LYS H 34 35.22 -72.63 63.93
N LYS H 35 34.94 -71.33 63.79
CA LYS H 35 33.63 -70.79 64.15
C LYS H 35 32.85 -70.36 62.92
N LEU H 36 31.74 -71.04 62.65
CA LEU H 36 30.88 -70.69 61.54
C LEU H 36 30.15 -69.39 61.82
N VAL H 37 30.01 -68.56 60.80
CA VAL H 37 29.40 -67.24 60.98
C VAL H 37 28.37 -66.94 59.89
N ASN H 38 27.33 -66.20 60.27
CA ASN H 38 26.30 -65.77 59.34
C ASN H 38 26.63 -64.38 58.81
N LEU H 39 26.85 -64.27 57.51
CA LEU H 39 27.23 -63.00 56.90
C LEU H 39 26.07 -62.01 56.84
N GLU H 40 24.86 -62.51 57.04
CA GLU H 40 23.66 -61.68 56.95
C GLU H 40 23.56 -60.68 58.10
N ASN H 41 23.61 -61.18 59.33
CA ASN H 41 23.44 -60.32 60.50
C ASN H 41 24.70 -59.54 60.85
N LEU H 42 25.75 -59.69 60.04
CA LEU H 42 26.99 -58.97 60.25
C LEU H 42 27.07 -57.76 59.33
N VAL H 43 26.11 -57.67 58.41
CA VAL H 43 26.06 -56.57 57.45
C VAL H 43 25.72 -55.26 58.15
N PHE H 44 26.00 -54.14 57.49
CA PHE H 44 25.70 -52.83 58.05
C PHE H 44 24.33 -52.33 57.62
N ASP H 45 23.35 -52.47 58.50
CA ASP H 45 22.06 -51.81 58.29
C ASP H 45 22.28 -50.32 58.44
N GLN H 46 21.38 -49.51 57.89
CA GLN H 46 21.55 -48.06 57.91
C GLN H 46 22.81 -47.72 57.11
N GLY H 47 23.04 -48.49 56.05
CA GLY H 47 24.28 -48.45 55.29
C GLY H 47 24.79 -47.08 54.88
N ASN H 48 24.23 -46.54 53.80
CA ASN H 48 24.69 -45.27 53.24
C ASN H 48 24.53 -44.12 54.24
N HIS H 49 23.67 -44.31 55.22
CA HIS H 49 23.40 -43.29 56.23
C HIS H 49 23.84 -43.81 57.60
N LEU H 50 25.10 -44.18 57.71
CA LEU H 50 25.62 -44.80 58.93
C LEU H 50 26.64 -43.91 59.63
N MET H 51 26.42 -43.68 60.93
CA MET H 51 27.35 -42.89 61.73
C MET H 51 28.12 -43.78 62.71
N THR H 52 29.44 -43.76 62.60
CA THR H 52 30.28 -44.51 63.53
C THR H 52 30.95 -43.57 64.53
N ASN H 53 30.72 -42.27 64.36
CA ASN H 53 31.29 -41.27 65.25
C ASN H 53 30.36 -40.97 66.42
N PRO H 54 30.82 -41.23 67.64
CA PRO H 54 30.05 -40.97 68.86
C PRO H 54 29.81 -39.48 69.07
N ARG H 55 30.87 -38.70 69.02
CA ARG H 55 30.79 -37.26 69.25
C ARG H 55 30.70 -36.51 67.93
N VAL H 56 30.33 -35.24 68.02
CA VAL H 56 30.28 -34.37 66.84
C VAL H 56 30.77 -32.98 67.21
N ARG H 57 32.08 -32.77 67.11
CA ARG H 57 32.69 -31.51 67.53
C ARG H 57 32.32 -30.35 66.62
N MET H 58 31.93 -29.24 67.22
CA MET H 58 31.56 -28.04 66.46
C MET H 58 32.54 -26.92 66.76
N PRO H 59 32.83 -26.09 65.73
CA PRO H 59 33.70 -24.91 65.90
C PRO H 59 33.14 -23.94 66.94
N GLU H 60 33.97 -23.00 67.37
CA GLU H 60 33.63 -22.15 68.50
C GLU H 60 32.43 -21.23 68.31
N GLY H 61 32.11 -20.92 67.05
CA GLY H 61 31.09 -19.93 66.77
C GLY H 61 29.68 -20.46 66.54
N THR H 62 29.47 -21.75 66.82
CA THR H 62 28.18 -22.38 66.55
C THR H 62 27.08 -21.89 67.49
N THR H 63 26.03 -21.31 66.91
CA THR H 63 24.88 -20.85 67.68
C THR H 63 23.63 -21.63 67.30
N LYS H 64 22.56 -21.46 68.07
CA LYS H 64 21.31 -22.15 67.80
C LYS H 64 20.11 -21.27 68.11
N ARG H 65 19.11 -21.29 67.23
CA ARG H 65 17.91 -20.49 67.40
C ARG H 65 16.66 -21.34 67.26
N VAL H 66 15.82 -21.33 68.30
CA VAL H 66 14.60 -22.12 68.29
C VAL H 66 13.42 -21.31 67.75
N PHE H 67 12.69 -21.91 66.82
CA PHE H 67 11.51 -21.27 66.25
C PHE H 67 10.31 -22.20 66.34
N LYS H 68 9.12 -21.65 66.12
CA LYS H 68 7.89 -22.44 66.22
C LYS H 68 7.76 -23.41 65.06
N GLY H 69 8.22 -24.63 65.26
CA GLY H 69 8.11 -25.68 64.25
C GLY H 69 9.43 -26.27 63.83
N TYR H 70 10.53 -25.61 64.19
CA TYR H 70 11.84 -26.08 63.78
C TYR H 70 12.96 -25.48 64.63
N GLU H 71 14.20 -25.83 64.29
CA GLU H 71 15.37 -25.34 65.01
C GLU H 71 16.54 -25.13 64.05
N GLU H 72 17.21 -24.00 64.16
CA GLU H 72 18.33 -23.67 63.29
C GLU H 72 19.66 -23.65 64.05
N ILE H 73 20.67 -24.30 63.49
CA ILE H 73 22.00 -24.28 64.07
C ILE H 73 23.00 -23.68 63.09
N HIS H 74 23.42 -22.45 63.36
CA HIS H 74 24.34 -21.74 62.47
C HIS H 74 25.79 -22.06 62.80
N VAL H 75 26.62 -22.19 61.77
CA VAL H 75 28.03 -22.46 61.94
C VAL H 75 28.88 -21.55 61.05
N PRO H 76 29.64 -20.65 61.68
CA PRO H 76 30.53 -19.71 60.98
C PRO H 76 31.57 -20.42 60.13
N PRO H 77 32.01 -19.78 59.03
CA PRO H 77 32.97 -20.35 58.10
C PRO H 77 34.43 -20.11 58.51
N PRO H 78 35.29 -21.13 58.32
CA PRO H 78 36.73 -21.03 58.57
C PRO H 78 37.39 -19.95 57.71
N LYS H 79 38.57 -19.49 58.09
CA LYS H 79 39.23 -18.41 57.36
C LYS H 79 40.70 -18.72 57.06
N LYS H 80 40.90 -19.58 56.06
CA LYS H 80 42.21 -20.00 55.56
C LYS H 80 43.17 -18.88 55.17
N ARG H 81 43.60 -18.05 56.11
CA ARG H 81 44.41 -16.90 55.74
C ARG H 81 45.83 -17.27 55.30
N SER H 82 46.47 -18.20 56.01
CA SER H 82 47.86 -18.55 55.69
C SER H 82 48.20 -20.01 55.97
N ASP H 83 49.16 -20.54 55.21
CA ASP H 83 49.65 -21.90 55.39
C ASP H 83 51.13 -22.00 55.06
N PRO H 84 51.96 -21.19 55.76
CA PRO H 84 53.39 -20.93 55.55
C PRO H 84 54.07 -21.81 54.51
N THR H 85 53.48 -21.87 53.32
CA THR H 85 54.04 -22.61 52.20
C THR H 85 53.73 -21.83 50.92
N ASP H 86 54.66 -20.95 50.55
CA ASP H 86 54.48 -20.03 49.43
C ASP H 86 53.92 -20.73 48.19
N GLN H 87 54.75 -21.58 47.59
CA GLN H 87 54.36 -22.37 46.43
C GLN H 87 53.63 -21.53 45.36
N ASN H 88 52.40 -21.94 45.05
CA ASN H 88 51.69 -21.35 43.93
C ASN H 88 52.57 -21.45 42.69
N ILE H 89 53.18 -22.62 42.54
CA ILE H 89 54.23 -22.87 41.55
C ILE H 89 53.91 -22.31 40.17
N PRO H 90 54.81 -21.47 39.64
CA PRO H 90 54.69 -20.87 38.31
C PRO H 90 54.45 -21.92 37.23
N VAL H 91 53.68 -21.57 36.22
CA VAL H 91 53.35 -22.51 35.15
C VAL H 91 54.60 -22.94 34.38
N THR H 92 55.69 -22.21 34.55
CA THR H 92 56.98 -22.61 34.01
C THR H 92 57.36 -23.95 34.59
N GLU H 93 57.59 -23.98 35.90
CA GLU H 93 57.71 -25.23 36.64
C GLU H 93 58.88 -26.10 36.17
N LEU H 94 58.53 -27.20 35.51
CA LEU H 94 59.49 -28.21 35.10
C LEU H 94 59.25 -28.53 33.61
N PRO H 95 59.84 -29.63 33.07
CA PRO H 95 59.79 -29.99 31.65
C PRO H 95 58.66 -29.36 30.82
N GLU H 96 59.06 -28.60 29.81
CA GLU H 96 58.13 -27.80 29.00
C GLU H 96 57.17 -28.64 28.18
N TRP H 97 57.56 -29.87 27.87
CA TRP H 97 56.75 -30.73 27.01
C TRP H 97 55.40 -31.07 27.65
N ALA H 98 55.32 -30.89 28.97
CA ALA H 98 54.08 -31.18 29.69
C ALA H 98 53.40 -29.91 30.16
N ARG H 99 53.86 -28.77 29.66
CA ARG H 99 53.33 -27.47 30.05
C ARG H 99 52.08 -27.11 29.27
N ILE H 100 51.72 -27.96 28.31
CA ILE H 100 50.61 -27.69 27.41
C ILE H 100 49.24 -27.70 28.10
N PRO H 101 48.90 -28.83 28.74
CA PRO H 101 47.55 -29.00 29.31
C PRO H 101 47.23 -28.03 30.44
N PHE H 102 48.21 -27.24 30.87
CA PHE H 102 48.00 -26.27 31.94
C PHE H 102 47.92 -24.86 31.37
N ASN H 103 47.39 -24.74 30.15
CA ASN H 103 47.17 -23.44 29.52
C ASN H 103 46.03 -22.69 30.20
N THR H 104 45.91 -21.40 29.90
CA THR H 104 44.89 -20.55 30.49
C THR H 104 45.08 -20.44 32.00
N THR H 105 46.28 -20.77 32.46
CA THR H 105 46.64 -20.64 33.87
C THR H 105 48.03 -20.03 33.97
N LYS H 106 48.20 -19.10 34.91
CA LYS H 106 49.46 -18.40 35.06
C LYS H 106 50.28 -18.96 36.22
N THR H 107 49.66 -19.85 36.99
CA THR H 107 50.33 -20.45 38.14
C THR H 107 49.62 -21.70 38.64
N LEU H 108 50.40 -22.73 38.94
CA LEU H 108 49.86 -23.96 39.51
C LEU H 108 49.31 -23.67 40.90
N ASN H 109 48.05 -24.03 41.11
CA ASN H 109 47.35 -23.69 42.35
C ASN H 109 48.00 -24.30 43.58
N LYS H 110 47.59 -23.82 44.76
CA LYS H 110 48.21 -24.20 46.01
C LYS H 110 48.13 -25.70 46.32
N ILE H 111 46.99 -26.30 46.00
CA ILE H 111 46.75 -27.69 46.37
C ILE H 111 47.56 -28.67 45.52
N GLN H 112 47.88 -28.25 44.29
CA GLN H 112 48.65 -29.09 43.38
C GLN H 112 50.13 -29.05 43.74
N SER H 113 50.55 -27.95 44.37
CA SER H 113 51.95 -27.74 44.71
C SER H 113 52.46 -28.79 45.69
N LYS H 114 51.67 -29.05 46.73
CA LYS H 114 52.08 -29.98 47.77
C LYS H 114 52.13 -31.41 47.27
N CYS H 115 51.29 -31.72 46.28
CA CYS H 115 51.19 -33.08 45.75
C CYS H 115 52.05 -33.27 44.51
N PHE H 116 52.62 -32.18 44.01
CA PHE H 116 53.44 -32.23 42.79
C PHE H 116 54.64 -33.17 42.91
N PRO H 117 55.48 -32.98 43.93
CA PRO H 117 56.69 -33.78 44.10
C PRO H 117 56.43 -35.28 44.13
N THR H 118 55.22 -35.67 44.50
CA THR H 118 54.89 -37.09 44.60
C THR H 118 54.09 -37.57 43.39
N ALA H 119 53.33 -36.66 42.79
CA ALA H 119 52.47 -37.02 41.67
C ALA H 119 53.22 -36.99 40.34
N PHE H 120 54.39 -36.36 40.32
CA PHE H 120 55.15 -36.18 39.09
C PHE H 120 56.57 -36.73 39.20
N LEU H 121 56.98 -37.08 40.41
CA LEU H 121 58.33 -37.58 40.64
C LEU H 121 58.35 -38.84 41.49
N ASP H 122 57.32 -39.66 41.37
CA ASP H 122 57.25 -40.92 42.12
C ASP H 122 56.17 -41.83 41.56
N ASP H 123 56.44 -43.13 41.57
CA ASP H 123 55.52 -44.11 40.99
C ASP H 123 54.62 -44.75 42.04
N GLY H 124 54.84 -44.41 43.30
CA GLY H 124 54.05 -44.97 44.39
C GLY H 124 52.62 -44.49 44.38
N ASN H 125 51.74 -45.26 45.02
CA ASN H 125 50.33 -44.89 45.13
C ASN H 125 50.15 -43.69 46.03
N MET H 126 48.97 -43.07 45.97
CA MET H 126 48.69 -41.91 46.79
C MET H 126 47.19 -41.68 46.99
N LEU H 127 46.86 -40.74 47.88
CA LEU H 127 45.48 -40.41 48.19
C LEU H 127 45.36 -39.00 48.75
N VAL H 128 44.74 -38.10 47.99
CA VAL H 128 44.56 -36.73 48.43
C VAL H 128 43.14 -36.48 48.93
N CYS H 129 43.00 -35.56 49.87
CA CYS H 129 41.71 -35.21 50.43
C CYS H 129 41.53 -33.70 50.47
N ALA H 130 40.59 -33.20 49.68
CA ALA H 130 40.31 -31.77 49.63
C ALA H 130 38.85 -31.51 49.32
N PRO H 131 38.35 -30.32 49.70
CA PRO H 131 36.98 -29.90 49.43
C PRO H 131 36.66 -29.91 47.95
N THR H 132 35.41 -30.19 47.60
CA THR H 132 34.99 -30.25 46.20
C THR H 132 35.15 -28.88 45.53
N GLY H 133 35.96 -28.83 44.49
CA GLY H 133 36.19 -27.61 43.75
C GLY H 133 37.45 -26.89 44.19
N SER H 134 38.49 -27.66 44.48
CA SER H 134 39.77 -27.10 44.93
C SER H 134 40.88 -27.40 43.94
N GLY H 135 40.51 -27.84 42.74
CA GLY H 135 41.48 -28.14 41.70
C GLY H 135 42.09 -29.52 41.87
N LYS H 136 41.34 -30.43 42.47
CA LYS H 136 41.80 -31.80 42.68
C LYS H 136 42.06 -32.51 41.36
N THR H 137 41.41 -32.02 40.30
CA THR H 137 41.55 -32.62 38.97
C THR H 137 42.96 -32.44 38.41
N ASN H 138 43.56 -31.30 38.70
CA ASN H 138 44.91 -31.00 38.20
C ASN H 138 45.94 -31.98 38.73
N VAL H 139 45.75 -32.44 39.97
CA VAL H 139 46.64 -33.41 40.57
C VAL H 139 46.61 -34.73 39.81
N ALA H 140 45.42 -35.12 39.38
CA ALA H 140 45.25 -36.32 38.59
C ALA H 140 45.90 -36.15 37.22
N MET H 141 45.87 -34.91 36.71
CA MET H 141 46.51 -34.59 35.45
C MET H 141 48.02 -34.76 35.56
N LEU H 142 48.56 -34.48 36.73
CA LEU H 142 49.99 -34.64 36.98
C LEU H 142 50.38 -36.11 36.96
N THR H 143 49.54 -36.95 37.58
CA THR H 143 49.78 -38.39 37.61
C THR H 143 49.71 -38.96 36.19
N MET H 144 48.81 -38.41 35.38
CA MET H 144 48.67 -38.84 33.99
C MET H 144 49.90 -38.48 33.19
N LEU H 145 50.35 -37.23 33.32
CA LEU H 145 51.57 -36.79 32.64
C LEU H 145 52.79 -37.47 33.24
N ARG H 146 52.63 -38.02 34.44
CA ARG H 146 53.70 -38.79 35.07
C ARG H 146 53.89 -40.11 34.34
N GLU H 147 52.78 -40.79 34.04
CA GLU H 147 52.80 -42.02 33.28
C GLU H 147 53.13 -41.75 31.82
N ILE H 148 52.79 -40.53 31.37
CA ILE H 148 53.10 -40.12 30.01
C ILE H 148 54.58 -39.76 29.88
N GLY H 149 55.12 -39.15 30.93
CA GLY H 149 56.52 -38.79 30.96
C GLY H 149 57.40 -40.02 30.80
N LYS H 150 56.92 -41.14 31.32
CA LYS H 150 57.62 -42.41 31.20
C LYS H 150 57.56 -42.92 29.76
N ASN H 151 56.52 -42.53 29.04
CA ASN H 151 56.28 -43.11 27.72
C ASN H 151 56.32 -42.12 26.56
N ARG H 152 57.54 -41.87 26.10
CA ARG H 152 57.78 -41.28 24.78
C ARG H 152 59.01 -41.97 24.22
N ASN H 153 59.80 -41.27 23.43
CA ASN H 153 61.04 -41.85 22.91
C ASN H 153 62.25 -41.18 23.54
N GLU H 154 63.28 -40.96 22.72
CA GLU H 154 64.49 -40.29 23.19
C GLU H 154 64.47 -38.83 22.78
N LYS H 155 63.73 -38.03 23.54
CA LYS H 155 63.47 -36.64 23.17
C LYS H 155 62.64 -36.61 21.89
N GLY H 156 62.01 -37.75 21.60
CA GLY H 156 61.20 -37.91 20.40
C GLY H 156 59.75 -37.58 20.67
N GLU H 157 58.89 -38.59 20.67
CA GLU H 157 57.47 -38.38 20.89
C GLU H 157 56.78 -39.60 21.51
N ILE H 158 55.51 -39.42 21.85
CA ILE H 158 54.74 -40.43 22.58
C ILE H 158 54.51 -41.73 21.83
N ASP H 159 54.24 -42.79 22.59
CA ASP H 159 53.86 -44.09 22.02
C ASP H 159 52.49 -44.48 22.56
N LEU H 160 51.48 -44.38 21.70
CA LEU H 160 50.09 -44.54 22.13
C LEU H 160 49.72 -45.96 22.54
N ASP H 161 50.21 -46.94 21.79
CA ASP H 161 49.83 -48.34 22.03
C ASP H 161 50.67 -48.99 23.12
N ALA H 162 51.34 -48.18 23.93
CA ALA H 162 52.25 -48.69 24.94
C ALA H 162 51.65 -48.64 26.34
N PHE H 163 50.75 -47.70 26.58
CA PHE H 163 50.18 -47.52 27.91
C PHE H 163 48.69 -47.20 27.87
N LYS H 164 48.02 -47.45 28.98
CA LYS H 164 46.61 -47.12 29.14
C LYS H 164 46.33 -46.56 30.52
N ILE H 165 45.40 -45.62 30.59
CA ILE H 165 45.03 -45.01 31.87
C ILE H 165 43.53 -45.17 32.13
N VAL H 166 43.16 -45.27 33.39
CA VAL H 166 41.77 -45.46 33.76
C VAL H 166 41.30 -44.42 34.78
N TYR H 167 40.23 -43.71 34.44
CA TYR H 167 39.66 -42.71 35.34
C TYR H 167 38.26 -43.13 35.78
N ILE H 168 38.12 -43.43 37.06
CA ILE H 168 36.86 -43.94 37.57
C ILE H 168 36.05 -42.87 38.31
N ALA H 169 34.95 -42.45 37.69
CA ALA H 169 34.05 -41.47 38.30
C ALA H 169 32.75 -42.14 38.73
N PRO H 170 32.06 -41.55 39.72
CA PRO H 170 30.83 -42.12 40.30
C PRO H 170 29.60 -41.95 39.42
N LEU H 171 29.59 -40.95 38.55
CA LEU H 171 28.43 -40.72 37.69
C LEU H 171 28.81 -40.47 36.23
N LYS H 172 27.93 -40.89 35.33
CA LYS H 172 28.15 -40.71 33.90
C LYS H 172 28.15 -39.24 33.52
N ALA H 173 27.40 -38.44 34.28
CA ALA H 173 27.36 -37.01 34.04
C ALA H 173 28.70 -36.37 34.37
N LEU H 174 29.52 -37.09 35.12
CA LEU H 174 30.83 -36.60 35.53
C LEU H 174 31.92 -37.13 34.61
N VAL H 175 31.77 -38.37 34.17
CA VAL H 175 32.75 -38.99 33.29
C VAL H 175 32.78 -38.28 31.94
N GLN H 176 31.60 -37.86 31.47
CA GLN H 176 31.51 -37.13 30.21
C GLN H 176 32.20 -35.78 30.33
N GLU H 177 32.10 -35.17 31.51
CA GLU H 177 32.74 -33.88 31.76
C GLU H 177 34.26 -34.00 31.68
N GLN H 178 34.80 -35.03 32.30
CA GLN H 178 36.24 -35.24 32.31
C GLN H 178 36.72 -35.74 30.95
N VAL H 179 35.85 -36.42 30.23
CA VAL H 179 36.17 -36.89 28.89
C VAL H 179 36.25 -35.71 27.93
N GLY H 180 35.29 -34.80 28.03
CA GLY H 180 35.28 -33.61 27.21
C GLY H 180 36.35 -32.63 27.65
N ASN H 181 36.83 -32.80 28.88
CA ASN H 181 37.87 -31.95 29.41
C ASN H 181 39.26 -32.46 29.04
N PHE H 182 39.53 -33.72 29.36
CA PHE H 182 40.82 -34.33 29.03
C PHE H 182 41.00 -34.46 27.52
N GLY H 183 39.89 -34.42 26.79
CA GLY H 183 39.93 -34.51 25.35
C GLY H 183 40.66 -33.35 24.72
N LYS H 184 40.27 -32.13 25.10
CA LYS H 184 40.93 -30.93 24.61
C LYS H 184 42.25 -30.70 25.33
N ARG H 185 42.35 -31.22 26.55
CA ARG H 185 43.57 -31.10 27.34
C ARG H 185 44.72 -31.85 26.69
N LEU H 186 44.49 -33.12 26.37
CA LEU H 186 45.53 -33.96 25.80
C LEU H 186 45.38 -34.13 24.29
N GLU H 187 44.72 -33.17 23.65
CA GLU H 187 44.57 -33.19 22.20
C GLU H 187 45.91 -33.07 21.50
N PRO H 188 46.76 -32.12 21.93
CA PRO H 188 48.11 -31.98 21.37
C PRO H 188 48.92 -33.27 21.44
N TYR H 189 48.72 -34.05 22.50
CA TYR H 189 49.43 -35.32 22.67
C TYR H 189 48.94 -36.37 21.68
N GLY H 190 47.81 -36.08 21.03
CA GLY H 190 47.27 -36.98 20.03
C GLY H 190 46.67 -38.25 20.63
N ILE H 191 46.43 -38.23 21.93
CA ILE H 191 45.81 -39.38 22.60
C ILE H 191 44.30 -39.24 22.57
N LYS H 192 43.60 -40.37 22.58
CA LYS H 192 42.15 -40.37 22.50
C LYS H 192 41.50 -40.71 23.84
N VAL H 193 40.83 -39.73 24.43
CA VAL H 193 40.10 -39.94 25.68
C VAL H 193 38.66 -40.32 25.38
N SER H 194 38.20 -41.42 25.96
CA SER H 194 36.87 -41.93 25.66
C SER H 194 36.06 -42.28 26.90
N GLU H 195 34.90 -42.90 26.68
CA GLU H 195 33.99 -43.26 27.75
C GLU H 195 33.42 -44.66 27.54
N LEU H 196 33.66 -45.55 28.49
CA LEU H 196 33.14 -46.91 28.40
C LEU H 196 31.61 -46.91 28.49
N THR H 197 30.98 -47.54 27.51
CA THR H 197 29.52 -47.60 27.47
C THR H 197 29.06 -48.55 26.37
N GLY H 198 27.76 -48.82 26.33
CA GLY H 198 27.19 -49.70 25.32
C GLY H 198 27.43 -51.16 25.62
N ASP H 199 27.18 -52.01 24.62
CA ASP H 199 27.33 -53.45 24.78
C ASP H 199 28.80 -53.87 24.78
N ARG H 200 29.03 -55.18 24.81
CA ARG H 200 30.38 -55.73 24.91
C ARG H 200 31.28 -55.30 23.74
N GLN H 201 30.76 -55.42 22.52
CA GLN H 201 31.54 -55.06 21.34
C GLN H 201 31.88 -53.57 21.32
N LEU H 202 30.90 -52.73 21.63
CA LEU H 202 31.09 -51.29 21.63
C LEU H 202 32.08 -50.85 22.71
N THR H 203 32.30 -51.73 23.68
CA THR H 203 33.27 -51.45 24.74
C THR H 203 34.66 -51.92 24.32
N LYS H 204 34.70 -53.06 23.64
CA LYS H 204 35.96 -53.63 23.17
C LYS H 204 36.68 -52.68 22.22
N GLN H 205 35.91 -51.98 21.39
CA GLN H 205 36.49 -51.08 20.40
C GLN H 205 37.08 -49.84 21.04
N GLN H 206 36.35 -49.24 21.97
CA GLN H 206 36.78 -48.00 22.61
C GLN H 206 37.95 -48.20 23.56
N ILE H 207 38.09 -49.42 24.08
CA ILE H 207 39.19 -49.72 24.99
C ILE H 207 40.44 -50.14 24.22
N SER H 208 40.26 -50.53 22.97
CA SER H 208 41.36 -51.03 22.15
C SER H 208 41.99 -49.91 21.32
N GLU H 209 41.31 -48.78 21.21
CA GLU H 209 41.79 -47.69 20.37
C GLU H 209 41.99 -46.39 21.15
N THR H 210 41.87 -46.45 22.47
CA THR H 210 41.95 -45.24 23.28
C THR H 210 42.76 -45.43 24.56
N GLN H 211 43.37 -44.35 25.02
CA GLN H 211 44.08 -44.33 26.29
C GLN H 211 43.31 -43.47 27.28
N VAL H 212 43.78 -43.44 28.53
CA VAL H 212 43.15 -42.70 29.62
C VAL H 212 41.63 -42.79 29.56
N ILE H 213 41.12 -44.01 29.60
CA ILE H 213 39.69 -44.25 29.48
C ILE H 213 38.95 -43.84 30.75
N VAL H 214 37.81 -43.17 30.56
CA VAL H 214 36.97 -42.76 31.68
C VAL H 214 35.77 -43.67 31.81
N THR H 215 35.34 -43.94 33.03
CA THR H 215 34.25 -44.87 33.27
C THR H 215 33.71 -44.81 34.69
N THR H 216 32.73 -45.65 34.97
CA THR H 216 32.18 -45.77 36.32
C THR H 216 32.58 -47.09 36.94
N PRO H 217 32.58 -47.16 38.28
CA PRO H 217 33.01 -48.34 39.05
C PRO H 217 32.36 -49.64 38.57
N GLU H 218 31.07 -49.59 38.26
CA GLU H 218 30.36 -50.78 37.80
C GLU H 218 30.83 -51.20 36.42
N LYS H 219 31.06 -50.21 35.56
CA LYS H 219 31.41 -50.50 34.17
C LYS H 219 32.79 -51.13 34.06
N TRP H 220 33.74 -50.66 34.86
CA TRP H 220 35.09 -51.21 34.84
C TRP H 220 35.13 -52.57 35.54
N ASP H 221 34.26 -52.75 36.52
CA ASP H 221 34.17 -54.00 37.25
C ASP H 221 33.62 -55.10 36.34
N VAL H 222 32.52 -54.79 35.65
CA VAL H 222 31.88 -55.76 34.77
C VAL H 222 32.77 -56.09 33.58
N ILE H 223 33.51 -55.09 33.10
CA ILE H 223 34.44 -55.30 32.00
C ILE H 223 35.55 -56.26 32.40
N THR H 224 36.04 -56.11 33.63
CA THR H 224 37.09 -56.96 34.15
C THR H 224 36.58 -58.36 34.45
N ARG H 225 35.33 -58.45 34.89
CA ARG H 225 34.74 -59.74 35.23
C ARG H 225 34.59 -60.61 33.99
N LYS H 226 34.09 -60.04 32.90
CA LYS H 226 33.95 -60.77 31.65
C LYS H 226 35.34 -61.17 31.14
N ALA H 227 36.32 -60.31 31.38
CA ALA H 227 37.71 -60.61 31.05
C ALA H 227 37.88 -60.90 29.55
N THR H 228 37.27 -60.08 28.72
CA THR H 228 37.36 -60.27 27.28
C THR H 228 38.41 -59.35 26.67
N ASP H 229 38.69 -58.25 27.35
CA ASP H 229 39.64 -57.26 26.85
C ASP H 229 40.92 -57.27 27.67
N ILE H 230 41.30 -58.44 28.16
CA ILE H 230 42.48 -58.58 29.01
C ILE H 230 43.76 -58.13 28.32
N SER H 231 43.79 -58.23 27.00
CA SER H 231 44.98 -57.86 26.23
C SER H 231 45.29 -56.37 26.36
N TYR H 232 44.24 -55.55 26.32
CA TYR H 232 44.41 -54.10 26.38
C TYR H 232 44.39 -53.59 27.82
N THR H 233 43.70 -54.31 28.69
CA THR H 233 43.60 -53.91 30.10
C THR H 233 44.93 -54.14 30.82
N ASN H 234 45.77 -55.01 30.28
CA ASN H 234 47.09 -55.25 30.85
C ASN H 234 48.04 -54.11 30.53
N LEU H 235 47.62 -53.23 29.62
CA LEU H 235 48.44 -52.09 29.22
C LEU H 235 48.23 -50.90 30.14
N VAL H 236 47.34 -51.06 31.11
CA VAL H 236 47.07 -49.98 32.06
C VAL H 236 48.16 -49.94 33.13
N ARG H 237 48.67 -48.74 33.39
CA ARG H 237 49.73 -48.57 34.37
C ARG H 237 49.31 -47.55 35.43
N LEU H 238 48.16 -46.91 35.20
CA LEU H 238 47.66 -45.90 36.11
C LEU H 238 46.13 -45.89 36.16
N ILE H 239 45.59 -45.92 37.38
CA ILE H 239 44.15 -45.85 37.57
C ILE H 239 43.78 -44.82 38.63
N ILE H 240 42.88 -43.90 38.27
CA ILE H 240 42.49 -42.83 39.18
C ILE H 240 41.06 -42.99 39.66
N ILE H 241 40.85 -42.86 40.97
CA ILE H 241 39.53 -43.01 41.55
C ILE H 241 39.04 -41.70 42.16
N ASP H 242 38.11 -41.04 41.47
CA ASP H 242 37.54 -39.79 41.96
C ASP H 242 36.37 -40.08 42.88
N GLU H 243 36.24 -39.28 43.94
CA GLU H 243 35.18 -39.47 44.92
C GLU H 243 35.30 -40.85 45.56
N ILE H 244 36.47 -41.14 46.13
CA ILE H 244 36.73 -42.46 46.69
C ILE H 244 36.06 -42.66 48.04
N HIS H 245 35.46 -41.60 48.58
CA HIS H 245 34.70 -41.71 49.82
C HIS H 245 33.35 -42.35 49.54
N LEU H 246 33.14 -42.76 48.29
CA LEU H 246 31.93 -43.46 47.90
C LEU H 246 31.93 -44.88 48.45
N LEU H 247 33.04 -45.27 49.07
CA LEU H 247 33.16 -46.57 49.70
C LEU H 247 32.11 -46.75 50.79
N HIS H 248 31.63 -45.62 51.31
CA HIS H 248 30.63 -45.63 52.37
C HIS H 248 29.26 -45.98 51.81
N ASP H 249 29.08 -45.74 50.51
CA ASP H 249 27.80 -46.01 49.85
C ASP H 249 27.61 -47.50 49.61
N ASP H 250 26.45 -47.87 49.09
CA ASP H 250 26.14 -49.27 48.80
C ASP H 250 26.98 -49.80 47.64
N ARG H 251 27.42 -48.88 46.78
CA ARG H 251 28.24 -49.24 45.63
C ARG H 251 29.72 -49.13 45.96
N GLY H 252 30.01 -48.97 47.25
CA GLY H 252 31.39 -48.94 47.72
C GLY H 252 32.16 -50.21 47.44
N PRO H 253 31.56 -51.37 47.77
CA PRO H 253 32.18 -52.68 47.52
C PRO H 253 32.69 -52.85 46.09
N VAL H 254 32.10 -52.10 45.16
CA VAL H 254 32.54 -52.14 43.77
C VAL H 254 33.95 -51.59 43.65
N LEU H 255 34.19 -50.45 44.27
CA LEU H 255 35.53 -49.84 44.28
C LEU H 255 36.51 -50.73 45.03
N GLU H 256 36.03 -51.36 46.09
CA GLU H 256 36.87 -52.26 46.87
C GLU H 256 37.18 -53.52 46.08
N SER H 257 36.22 -53.94 45.26
CA SER H 257 36.38 -55.14 44.46
C SER H 257 37.41 -54.93 43.36
N ILE H 258 37.54 -53.70 42.89
CA ILE H 258 38.47 -53.36 41.82
C ILE H 258 39.88 -53.11 42.36
N VAL H 259 39.97 -52.26 43.37
CA VAL H 259 41.26 -51.89 43.95
C VAL H 259 41.95 -53.10 44.59
N SER H 260 41.15 -54.02 45.13
CA SER H 260 41.70 -55.20 45.80
C SER H 260 42.46 -56.09 44.82
N ARG H 261 41.87 -56.34 43.65
CA ARG H 261 42.49 -57.23 42.67
C ARG H 261 43.62 -56.55 41.93
N THR H 262 43.46 -55.27 41.63
CA THR H 262 44.47 -54.52 40.88
C THR H 262 45.70 -54.25 41.72
N ILE H 263 45.63 -54.57 43.01
CA ILE H 263 46.79 -54.41 43.90
C ILE H 263 47.36 -55.76 44.29
N ARG H 264 46.48 -56.73 44.50
CA ARG H 264 46.91 -58.09 44.82
C ARG H 264 47.74 -58.67 43.69
N ARG H 265 47.24 -58.54 42.46
CA ARG H 265 47.97 -58.98 41.29
C ARG H 265 49.23 -58.16 41.08
N THR H 266 49.12 -56.86 41.36
CA THR H 266 50.22 -55.93 41.15
C THR H 266 51.47 -56.30 41.96
N GLU H 267 51.25 -56.79 43.18
CA GLU H 267 52.37 -57.12 44.05
C GLU H 267 52.69 -58.61 44.01
N GLN H 268 51.77 -59.40 43.44
CA GLN H 268 52.00 -60.83 43.28
C GLN H 268 52.80 -61.10 42.00
N THR H 269 52.38 -60.49 40.90
CA THR H 269 53.07 -60.66 39.63
C THR H 269 54.25 -59.71 39.53
N GLY H 270 54.17 -58.60 40.27
CA GLY H 270 55.25 -57.63 40.28
C GLY H 270 54.99 -56.46 39.34
N GLU H 271 53.98 -56.59 38.49
CA GLU H 271 53.66 -55.54 37.53
C GLU H 271 53.06 -54.33 38.23
N PRO H 272 53.81 -53.22 38.27
CA PRO H 272 53.40 -52.01 38.99
C PRO H 272 52.25 -51.27 38.31
N VAL H 273 51.14 -51.14 39.01
CA VAL H 273 50.00 -50.37 38.52
C VAL H 273 49.61 -49.32 39.55
N ARG H 274 49.95 -48.06 39.28
CA ARG H 274 49.74 -46.98 40.22
C ARG H 274 48.27 -46.66 40.43
N ILE H 275 47.90 -46.39 41.68
CA ILE H 275 46.53 -46.00 42.01
C ILE H 275 46.50 -44.61 42.63
N ILE H 276 45.69 -43.73 42.06
CA ILE H 276 45.54 -42.37 42.57
C ILE H 276 44.13 -42.15 43.07
N GLY H 277 43.98 -41.99 44.39
CA GLY H 277 42.68 -41.82 45.00
C GLY H 277 42.37 -40.38 45.37
N LEU H 278 41.24 -39.88 44.89
CA LEU H 278 40.78 -38.55 45.24
C LEU H 278 39.54 -38.63 46.11
N SER H 279 39.56 -37.93 47.25
CA SER H 279 38.46 -38.00 48.20
C SER H 279 38.15 -36.67 48.85
N ALA H 280 36.95 -36.57 49.41
CA ALA H 280 36.56 -35.40 50.18
C ALA H 280 37.04 -35.55 51.62
N THR H 281 37.28 -34.43 52.29
CA THR H 281 37.81 -34.45 53.65
C THR H 281 36.87 -35.14 54.62
N LEU H 282 37.17 -36.40 54.93
CA LEU H 282 36.37 -37.17 55.88
C LEU H 282 37.25 -38.10 56.72
N PRO H 283 36.77 -38.46 57.91
CA PRO H 283 37.49 -39.35 58.84
C PRO H 283 37.81 -40.72 58.23
N ASN H 284 38.67 -41.47 58.90
CA ASN H 284 39.08 -42.79 58.44
C ASN H 284 39.82 -42.74 57.11
N TYR H 285 40.50 -41.63 56.86
CA TYR H 285 41.25 -41.46 55.61
C TYR H 285 42.56 -42.22 55.65
N ARG H 286 43.15 -42.33 56.84
CA ARG H 286 44.39 -43.08 57.01
C ARG H 286 44.17 -44.56 56.70
N ASP H 287 43.02 -45.08 57.10
CA ASP H 287 42.67 -46.47 56.80
C ASP H 287 42.50 -46.66 55.30
N VAL H 288 42.03 -45.61 54.64
CA VAL H 288 41.88 -45.63 53.18
C VAL H 288 43.25 -45.57 52.52
N ALA H 289 44.17 -44.85 53.15
CA ALA H 289 45.53 -44.73 52.64
C ALA H 289 46.26 -46.07 52.70
N SER H 290 46.20 -46.70 53.87
CA SER H 290 46.81 -48.02 54.05
C SER H 290 46.12 -49.04 53.16
N PHE H 291 44.84 -48.79 52.88
CA PHE H 291 44.07 -49.66 52.00
C PHE H 291 44.60 -49.60 50.57
N LEU H 292 45.03 -48.41 50.16
CA LEU H 292 45.58 -48.22 48.82
C LEU H 292 47.08 -48.49 48.79
N ARG H 293 47.61 -49.01 49.89
CA ARG H 293 49.04 -49.31 50.00
C ARG H 293 49.86 -48.06 49.74
N VAL H 294 49.42 -46.94 50.29
CA VAL H 294 50.09 -45.66 50.08
C VAL H 294 51.11 -45.36 51.17
N ASP H 295 52.25 -44.80 50.78
CA ASP H 295 53.25 -44.38 51.75
C ASP H 295 52.78 -43.10 52.43
N PHE H 296 52.46 -43.22 53.72
CA PHE H 296 51.88 -42.11 54.47
C PHE H 296 52.76 -40.86 54.47
N GLU H 297 54.07 -41.06 54.55
CA GLU H 297 55.00 -39.94 54.59
C GLU H 297 55.44 -39.51 53.19
N LYS H 298 54.70 -39.97 52.18
CA LYS H 298 55.06 -39.67 50.80
C LYS H 298 53.86 -39.20 49.99
N GLY H 299 52.85 -40.04 49.87
CA GLY H 299 51.70 -39.74 49.03
C GLY H 299 50.38 -39.63 49.75
N LEU H 300 50.40 -39.04 50.95
CA LEU H 300 49.17 -38.80 51.70
C LEU H 300 48.98 -37.31 51.92
N PHE H 301 47.88 -36.77 51.43
CA PHE H 301 47.64 -35.33 51.50
C PHE H 301 46.22 -35.01 51.94
N TYR H 302 46.09 -34.63 53.21
CA TYR H 302 44.79 -34.25 53.77
C TYR H 302 44.74 -32.73 53.97
N PHE H 303 43.89 -32.07 53.20
CA PHE H 303 43.74 -30.63 53.30
C PHE H 303 42.37 -30.26 53.86
N ASP H 304 42.36 -29.68 55.06
CA ASP H 304 41.13 -29.40 55.79
C ASP H 304 40.19 -28.45 55.05
N GLY H 305 39.01 -28.24 55.63
CA GLY H 305 37.97 -27.43 55.01
C GLY H 305 38.38 -26.01 54.71
N SER H 306 39.50 -25.57 55.27
CA SER H 306 40.01 -24.24 55.00
C SER H 306 40.38 -24.12 53.52
N TYR H 307 40.95 -25.17 52.95
CA TYR H 307 41.38 -25.14 51.56
C TYR H 307 40.21 -25.07 50.58
N ARG H 308 39.05 -24.64 51.07
CA ARG H 308 37.90 -24.38 50.22
C ARG H 308 38.12 -23.12 49.38
N PRO H 309 37.65 -23.12 48.14
CA PRO H 309 37.76 -21.96 47.26
C PRO H 309 36.92 -20.80 47.75
N CYS H 310 36.09 -21.05 48.76
CA CYS H 310 35.24 -20.02 49.35
C CYS H 310 34.70 -20.48 50.69
N PRO H 311 34.90 -19.66 51.74
CA PRO H 311 34.44 -19.95 53.10
C PRO H 311 32.95 -20.30 53.13
N LEU H 312 32.63 -21.49 53.63
CA LEU H 312 31.26 -21.98 53.61
C LEU H 312 30.57 -21.81 54.95
N ARG H 313 29.80 -20.73 55.10
CA ARG H 313 29.00 -20.54 56.30
C ARG H 313 27.78 -21.45 56.27
N GLN H 314 27.68 -22.31 57.27
CA GLN H 314 26.63 -23.32 57.29
C GLN H 314 25.57 -23.06 58.35
N GLU H 315 24.34 -23.45 58.06
CA GLU H 315 23.27 -23.42 59.04
C GLU H 315 22.30 -24.58 58.77
N PHE H 316 22.13 -25.43 59.78
CA PHE H 316 21.33 -26.64 59.63
C PHE H 316 19.96 -26.50 60.30
N ILE H 317 18.91 -26.59 59.49
CA ILE H 317 17.55 -26.44 60.00
C ILE H 317 16.86 -27.79 60.17
N GLY H 318 16.31 -28.02 61.37
CA GLY H 318 15.62 -29.26 61.65
C GLY H 318 14.18 -29.02 62.07
N VAL H 319 13.24 -29.61 61.32
CA VAL H 319 11.83 -29.46 61.61
C VAL H 319 11.44 -30.33 62.81
N THR H 320 10.77 -29.74 63.78
CA THR H 320 10.42 -30.44 65.01
C THR H 320 8.98 -30.93 64.99
N ASP H 321 8.36 -30.94 63.82
CA ASP H 321 7.00 -31.43 63.69
C ASP H 321 6.96 -32.94 63.48
N LYS H 322 5.84 -33.55 63.85
CA LYS H 322 5.69 -35.00 63.75
C LYS H 322 4.92 -35.42 62.51
N LYS H 323 3.76 -34.78 62.29
CA LYS H 323 2.95 -35.07 61.12
C LYS H 323 3.68 -34.71 59.83
N ALA H 324 3.62 -35.61 58.86
CA ALA H 324 4.33 -35.42 57.60
C ALA H 324 3.81 -34.22 56.82
N ILE H 325 2.49 -34.06 56.79
CA ILE H 325 1.87 -32.96 56.06
C ILE H 325 2.28 -31.62 56.66
N LYS H 326 2.10 -31.47 57.96
CA LYS H 326 2.50 -30.26 58.67
C LYS H 326 4.00 -30.05 58.55
N GLN H 327 4.73 -31.15 58.44
CA GLN H 327 6.18 -31.11 58.27
C GLN H 327 6.56 -30.51 56.92
N LEU H 328 5.80 -30.88 55.89
CA LEU H 328 6.05 -30.36 54.55
C LEU H 328 5.69 -28.88 54.48
N LYS H 329 4.55 -28.54 55.06
CA LYS H 329 4.08 -27.15 55.09
C LYS H 329 5.09 -26.25 55.79
N THR H 330 5.59 -26.71 56.93
CA THR H 330 6.57 -25.97 57.70
C THR H 330 7.87 -25.82 56.90
N MET H 331 8.25 -26.89 56.20
CA MET H 331 9.47 -26.89 55.43
C MET H 331 9.39 -25.96 54.22
N ASN H 332 8.21 -25.89 53.61
CA ASN H 332 8.01 -24.98 52.49
C ASN H 332 8.00 -23.54 52.95
N ASP H 333 7.41 -23.29 54.11
CA ASP H 333 7.34 -21.94 54.67
C ASP H 333 8.72 -21.47 55.12
N ILE H 334 9.52 -22.38 55.65
CA ILE H 334 10.90 -22.07 56.03
C ILE H 334 11.70 -21.66 54.80
N THR H 335 11.44 -22.35 53.69
CA THR H 335 12.11 -22.05 52.43
C THR H 335 11.69 -20.68 51.94
N TYR H 336 10.45 -20.30 52.23
CA TYR H 336 9.93 -18.99 51.86
C TYR H 336 10.56 -17.89 52.71
N GLN H 337 10.80 -18.19 53.99
CA GLN H 337 11.42 -17.23 54.88
C GLN H 337 12.88 -17.04 54.52
N LYS H 338 13.54 -18.12 54.13
CA LYS H 338 14.95 -18.06 53.77
C LYS H 338 15.18 -17.36 52.44
N VAL H 339 14.30 -17.61 51.48
CA VAL H 339 14.40 -16.96 50.18
C VAL H 339 14.11 -15.47 50.33
N LEU H 340 13.29 -15.13 51.33
CA LEU H 340 12.95 -13.73 51.58
C LEU H 340 14.09 -13.01 52.28
N GLU H 341 14.99 -13.78 52.89
CA GLU H 341 16.10 -13.22 53.64
C GLU H 341 17.36 -13.10 52.78
N HIS H 342 17.53 -14.03 51.83
CA HIS H 342 18.71 -14.04 50.99
C HIS H 342 18.52 -13.18 49.73
N VAL H 343 17.28 -13.07 49.29
CA VAL H 343 16.95 -12.12 48.23
C VAL H 343 15.87 -11.17 48.74
N GLY H 344 15.97 -9.91 48.36
CA GLY H 344 15.10 -8.88 48.90
C GLY H 344 15.77 -8.21 50.08
N GLN H 345 16.01 -8.98 51.14
CA GLN H 345 16.79 -8.52 52.26
C GLN H 345 18.23 -8.30 51.81
N ASN H 346 18.83 -9.34 51.24
CA ASN H 346 20.13 -9.23 50.60
C ASN H 346 19.97 -9.34 49.08
N ARG H 347 20.94 -8.81 48.34
CA ARG H 347 20.88 -8.87 46.89
C ARG H 347 21.63 -10.10 46.36
N ASN H 348 21.64 -11.16 47.16
CA ASN H 348 22.31 -12.40 46.77
C ASN H 348 21.43 -13.26 45.87
N GLN H 349 22.07 -14.20 45.16
CA GLN H 349 21.36 -15.11 44.29
C GLN H 349 21.41 -16.52 44.86
N MET H 350 20.26 -17.18 44.91
CA MET H 350 20.16 -18.49 45.57
C MET H 350 19.51 -19.55 44.70
N LEU H 351 19.96 -20.79 44.87
CA LEU H 351 19.36 -21.92 44.17
C LEU H 351 18.93 -22.99 45.17
N ILE H 352 17.86 -23.70 44.85
CA ILE H 352 17.31 -24.70 45.76
C ILE H 352 17.46 -26.10 45.18
N PHE H 353 17.55 -27.09 46.06
CA PHE H 353 17.72 -28.48 45.67
C PHE H 353 16.57 -29.35 46.15
N VAL H 354 15.76 -29.85 45.22
CA VAL H 354 14.69 -30.78 45.55
C VAL H 354 15.04 -32.16 45.02
N HIS H 355 14.18 -33.14 45.29
CA HIS H 355 14.48 -34.52 44.92
C HIS H 355 13.38 -35.13 44.05
N SER H 356 12.84 -34.31 43.16
CA SER H 356 11.79 -34.76 42.24
C SER H 356 11.69 -33.81 41.05
N ARG H 357 11.37 -34.36 39.89
CA ARG H 357 11.29 -33.56 38.68
C ARG H 357 10.08 -32.65 38.71
N LYS H 358 9.12 -32.97 39.57
CA LYS H 358 7.89 -32.19 39.66
C LYS H 358 7.90 -31.27 40.88
N GLU H 359 8.53 -31.72 41.97
CA GLU H 359 8.59 -30.95 43.19
C GLU H 359 9.37 -29.66 43.01
N THR H 360 10.17 -29.60 41.95
CA THR H 360 10.93 -28.39 41.63
C THR H 360 10.00 -27.25 41.26
N ALA H 361 9.00 -27.56 40.44
CA ALA H 361 8.00 -26.57 40.05
C ALA H 361 7.05 -26.29 41.19
N LYS H 362 6.71 -27.33 41.94
CA LYS H 362 5.80 -27.19 43.07
C LYS H 362 6.37 -26.25 44.12
N THR H 363 7.67 -26.39 44.38
CA THR H 363 8.34 -25.55 45.37
C THR H 363 8.47 -24.11 44.89
N ALA H 364 8.88 -23.94 43.64
CA ALA H 364 9.04 -22.61 43.06
C ALA H 364 7.70 -21.91 42.94
N LYS H 365 6.67 -22.66 42.55
CA LYS H 365 5.32 -22.11 42.43
C LYS H 365 4.79 -21.67 43.80
N TYR H 366 5.08 -22.47 44.82
CA TYR H 366 4.61 -22.17 46.17
C TYR H 366 5.28 -20.92 46.72
N ILE H 367 6.56 -20.74 46.40
CA ILE H 367 7.29 -19.56 46.84
C ILE H 367 6.75 -18.32 46.15
N ARG H 368 6.41 -18.45 44.88
CA ARG H 368 5.87 -17.33 44.11
C ARG H 368 4.51 -16.89 44.65
N ASP H 369 3.62 -17.86 44.81
CA ASP H 369 2.26 -17.57 45.28
C ASP H 369 2.26 -17.01 46.70
N LYS H 370 3.04 -17.62 47.57
CA LYS H 370 3.15 -17.14 48.95
C LYS H 370 3.87 -15.80 48.98
N ALA H 371 4.56 -15.48 47.89
CA ALA H 371 5.23 -14.20 47.75
C ALA H 371 4.26 -13.14 47.23
N LEU H 372 3.04 -13.58 46.92
CA LEU H 372 1.98 -12.66 46.56
C LEU H 372 1.01 -12.50 47.72
N GLU H 373 1.08 -13.44 48.67
CA GLU H 373 0.36 -13.31 49.92
C GLU H 373 0.81 -12.02 50.61
N MET H 374 2.13 -11.88 50.73
CA MET H 374 2.74 -10.60 51.09
C MET H 374 3.72 -10.24 49.99
N ASP H 375 3.53 -9.06 49.41
CA ASP H 375 4.20 -8.64 48.16
C ASP H 375 5.65 -9.07 47.99
N THR H 376 5.98 -9.46 46.76
CA THR H 376 7.33 -9.89 46.41
C THR H 376 8.09 -8.77 45.72
N ILE H 377 7.76 -7.53 46.08
CA ILE H 377 8.37 -6.36 45.47
C ILE H 377 9.88 -6.30 45.72
N ASN H 378 10.29 -6.69 46.92
CA ASN H 378 11.70 -6.66 47.29
C ASN H 378 12.49 -7.81 46.66
N GLN H 379 11.80 -8.90 46.37
CA GLN H 379 12.44 -10.08 45.80
C GLN H 379 12.67 -9.92 44.29
N ILE H 380 11.62 -9.56 43.57
CA ILE H 380 11.69 -9.44 42.12
C ILE H 380 12.70 -8.37 41.72
N LEU H 381 13.41 -8.62 40.63
CA LEU H 381 14.53 -7.77 40.21
C LEU H 381 14.08 -6.59 39.35
N LYS H 382 12.83 -6.61 38.91
CA LYS H 382 12.32 -5.57 38.01
C LYS H 382 12.30 -4.21 38.70
N HIS H 383 12.18 -4.20 40.01
CA HIS H 383 12.21 -2.96 40.79
C HIS H 383 13.65 -2.49 41.00
N ASP H 384 14.53 -3.44 41.31
CA ASP H 384 15.93 -3.13 41.56
C ASP H 384 16.62 -2.58 40.31
N ALA H 385 16.16 -3.05 39.14
CA ALA H 385 16.76 -2.61 37.89
C ALA H 385 15.80 -2.85 36.72
N GLY H 386 15.48 -1.77 36.01
CA GLY H 386 14.64 -1.88 34.82
C GLY H 386 15.39 -2.57 33.70
N THR H 387 14.66 -2.88 32.62
CA THR H 387 15.24 -3.55 31.46
C THR H 387 15.73 -4.96 31.81
N ARG H 388 15.39 -5.42 33.01
CA ARG H 388 15.64 -6.80 33.37
C ARG H 388 14.47 -7.64 32.88
N GLU H 389 13.30 -7.03 32.85
CA GLU H 389 12.08 -7.68 32.37
C GLU H 389 12.14 -7.92 30.86
N VAL H 390 12.92 -7.10 30.16
CA VAL H 390 13.02 -7.22 28.71
C VAL H 390 13.72 -8.50 28.30
N LEU H 391 14.66 -8.95 29.12
CA LEU H 391 15.34 -10.23 28.87
C LEU H 391 14.58 -11.37 29.54
N GLN H 392 13.88 -11.05 30.63
CA GLN H 392 13.03 -12.03 31.28
C GLN H 392 11.88 -12.42 30.37
N GLU H 393 11.45 -11.48 29.54
CA GLU H 393 10.39 -11.72 28.57
C GLU H 393 10.96 -12.25 27.27
N ALA H 394 12.16 -11.78 26.91
CA ALA H 394 12.82 -12.23 25.69
C ALA H 394 13.20 -13.70 25.80
N ALA H 395 13.30 -14.20 27.02
CA ALA H 395 13.61 -15.59 27.26
C ALA H 395 12.35 -16.41 27.53
N SER H 396 11.40 -15.78 28.22
CA SER H 396 10.14 -16.44 28.55
C SER H 396 9.30 -16.67 27.30
N SER H 397 9.66 -15.99 26.21
CA SER H 397 8.97 -16.17 24.95
C SER H 397 9.56 -17.34 24.18
N VAL H 398 10.86 -17.53 24.31
CA VAL H 398 11.56 -18.62 23.63
C VAL H 398 11.68 -19.84 24.54
N ASN H 399 10.59 -20.18 25.21
CA ASN H 399 10.58 -21.31 26.13
C ASN H 399 9.86 -22.52 25.55
N ASN H 400 10.26 -23.71 25.98
CA ASN H 400 9.62 -24.95 25.53
C ASN H 400 8.77 -25.55 26.65
N THR H 401 9.35 -25.62 27.85
CA THR H 401 8.65 -26.16 29.00
C THR H 401 7.48 -25.28 29.43
N ASP H 402 6.41 -25.92 29.86
CA ASP H 402 5.19 -25.21 30.25
C ASP H 402 5.39 -24.39 31.53
N LEU H 403 6.27 -24.87 32.40
CA LEU H 403 6.50 -24.24 33.68
C LEU H 403 7.53 -23.12 33.59
N LYS H 404 7.77 -22.63 32.38
CA LYS H 404 8.78 -21.59 32.17
C LYS H 404 8.19 -20.19 32.27
N ASP H 405 6.88 -20.11 32.46
CA ASP H 405 6.22 -18.82 32.68
C ASP H 405 6.56 -18.30 34.07
N LEU H 406 7.08 -19.20 34.90
CA LEU H 406 7.49 -18.85 36.25
C LEU H 406 8.85 -18.14 36.24
N LEU H 407 9.54 -18.25 35.12
CA LEU H 407 10.90 -17.71 34.99
C LEU H 407 10.96 -16.18 35.01
N PRO H 408 10.08 -15.51 34.25
CA PRO H 408 10.11 -14.04 34.18
C PRO H 408 9.92 -13.37 35.55
N TYR H 409 9.44 -14.11 36.53
CA TYR H 409 9.30 -13.58 37.89
C TYR H 409 10.64 -13.51 38.60
N GLY H 410 11.54 -14.42 38.25
CA GLY H 410 12.84 -14.48 38.89
C GLY H 410 13.15 -15.87 39.40
N PHE H 411 12.15 -16.75 39.32
CA PHE H 411 12.31 -18.13 39.74
C PHE H 411 12.72 -19.01 38.56
N GLY H 412 13.35 -20.14 38.85
CA GLY H 412 13.83 -21.01 37.80
C GLY H 412 13.63 -22.49 38.07
N ILE H 413 13.41 -23.25 37.01
CA ILE H 413 13.29 -24.70 37.09
C ILE H 413 14.38 -25.36 36.26
N HIS H 414 15.00 -26.41 36.80
CA HIS H 414 16.10 -27.06 36.11
C HIS H 414 16.16 -28.55 36.40
N HIS H 415 15.42 -29.34 35.61
CA HIS H 415 15.46 -30.79 35.74
C HIS H 415 15.78 -31.43 34.40
N ALA H 416 16.16 -32.70 34.45
CA ALA H 416 16.57 -33.43 33.25
C ALA H 416 15.44 -33.54 32.22
N GLY H 417 14.21 -33.38 32.69
CA GLY H 417 13.05 -33.46 31.80
C GLY H 417 13.06 -32.38 30.73
N MET H 418 13.31 -31.15 31.14
CA MET H 418 13.35 -30.02 30.21
C MET H 418 14.65 -30.03 29.40
N SER H 419 14.52 -29.89 28.08
CA SER H 419 15.65 -30.04 27.17
C SER H 419 16.69 -28.94 27.33
N ARG H 420 17.79 -29.07 26.59
CA ARG H 420 18.95 -28.19 26.74
C ARG H 420 18.66 -26.78 26.23
N ALA H 421 17.73 -26.67 25.28
CA ALA H 421 17.32 -25.38 24.76
C ALA H 421 16.83 -24.49 25.89
N ASP H 422 15.96 -25.03 26.72
CA ASP H 422 15.49 -24.34 27.92
C ASP H 422 16.56 -24.45 29.00
N ARG H 423 17.27 -25.56 28.99
CA ARG H 423 18.28 -25.84 30.01
C ARG H 423 19.47 -24.89 29.89
N THR H 424 19.99 -24.75 28.68
CA THR H 424 21.11 -23.84 28.44
C THR H 424 20.71 -22.39 28.66
N ASP H 425 19.48 -22.05 28.29
CA ASP H 425 18.97 -20.70 28.50
C ASP H 425 18.91 -20.36 29.98
N VAL H 426 18.49 -21.31 30.79
CA VAL H 426 18.42 -21.09 32.23
C VAL H 426 19.82 -20.98 32.84
N GLU H 427 20.77 -21.69 32.24
CA GLU H 427 22.14 -21.67 32.72
C GLU H 427 22.80 -20.31 32.52
N ASP H 428 22.90 -19.88 31.27
CA ASP H 428 23.56 -18.62 30.95
C ASP H 428 22.73 -17.41 31.40
N LEU H 429 21.49 -17.67 31.81
CA LEU H 429 20.66 -16.63 32.42
C LEU H 429 20.95 -16.54 33.91
N PHE H 430 21.17 -17.68 34.53
CA PHE H 430 21.50 -17.75 35.95
C PHE H 430 22.84 -17.08 36.20
N ALA H 431 23.72 -17.15 35.21
CA ALA H 431 25.04 -16.53 35.32
C ALA H 431 24.97 -15.04 35.00
N SER H 432 23.96 -14.66 34.23
CA SER H 432 23.79 -13.27 33.83
C SER H 432 23.12 -12.46 34.94
N GLY H 433 22.75 -13.15 36.02
CA GLY H 433 22.13 -12.50 37.17
C GLY H 433 20.72 -12.03 36.90
N HIS H 434 20.14 -12.53 35.81
CA HIS H 434 18.76 -12.17 35.46
C HIS H 434 17.76 -12.99 36.25
N ILE H 435 18.22 -14.11 36.79
CA ILE H 435 17.37 -14.98 37.60
C ILE H 435 17.83 -14.93 39.06
N GLN H 436 16.89 -14.96 39.98
CA GLN H 436 17.20 -14.85 41.40
C GLN H 436 17.21 -16.22 42.09
N VAL H 437 16.09 -16.94 41.96
CA VAL H 437 15.98 -18.26 42.56
C VAL H 437 15.94 -19.35 41.50
N LEU H 438 16.65 -20.44 41.76
CA LEU H 438 16.73 -21.54 40.81
C LEU H 438 16.52 -22.90 41.48
N VAL H 439 15.28 -23.39 41.42
CA VAL H 439 14.95 -24.69 41.98
C VAL H 439 15.30 -25.80 41.00
N CYS H 440 16.13 -26.74 41.44
CA CYS H 440 16.59 -27.81 40.57
C CYS H 440 16.78 -29.12 41.32
N THR H 441 17.39 -30.10 40.64
CA THR H 441 17.60 -31.42 41.21
C THR H 441 19.07 -31.78 41.27
N ALA H 442 19.35 -33.07 41.41
CA ALA H 442 20.73 -33.56 41.48
C ALA H 442 21.40 -33.49 40.11
N THR H 443 20.60 -33.26 39.07
CA THR H 443 21.12 -33.17 37.72
C THR H 443 22.09 -32.00 37.58
N LEU H 444 21.67 -30.84 38.06
CA LEU H 444 22.50 -29.64 37.99
C LEU H 444 23.60 -29.68 39.05
N ALA H 445 23.44 -30.57 40.01
CA ALA H 445 24.39 -30.70 41.12
C ALA H 445 25.62 -31.52 40.73
N TRP H 446 25.45 -32.39 39.74
CA TRP H 446 26.55 -33.24 39.30
C TRP H 446 27.05 -32.86 37.91
N GLY H 447 26.14 -32.36 37.08
CA GLY H 447 26.47 -32.03 35.70
C GLY H 447 27.23 -30.73 35.55
N VAL H 448 26.50 -29.66 35.27
CA VAL H 448 27.11 -28.36 35.02
C VAL H 448 27.69 -27.73 36.28
N ASN H 449 28.31 -26.57 36.12
CA ASN H 449 28.93 -25.86 37.23
C ASN H 449 28.35 -24.46 37.40
N LEU H 450 27.25 -24.35 38.14
CA LEU H 450 26.65 -23.06 38.44
C LEU H 450 26.78 -22.72 39.92
N PRO H 451 27.89 -22.07 40.28
CA PRO H 451 28.13 -21.65 41.67
C PRO H 451 27.12 -20.60 42.13
N ALA H 452 26.73 -20.64 43.39
CA ALA H 452 25.77 -19.69 43.92
C ALA H 452 26.14 -19.24 45.33
N HIS H 453 25.69 -18.04 45.70
CA HIS H 453 25.94 -17.49 47.03
C HIS H 453 25.26 -18.35 48.08
N THR H 454 24.00 -18.69 47.84
CA THR H 454 23.23 -19.49 48.79
C THR H 454 22.68 -20.75 48.17
N VAL H 455 22.97 -21.88 48.80
CA VAL H 455 22.48 -23.17 48.33
C VAL H 455 21.62 -23.85 49.38
N ILE H 456 20.37 -24.11 49.05
CA ILE H 456 19.45 -24.72 50.00
C ILE H 456 19.06 -26.13 49.56
N ILE H 457 18.88 -27.01 50.54
CA ILE H 457 18.44 -28.38 50.28
C ILE H 457 17.12 -28.66 50.99
N LYS H 458 16.01 -28.39 50.30
CA LYS H 458 14.69 -28.56 50.91
C LYS H 458 14.33 -30.02 51.06
N GLY H 459 14.47 -30.54 52.27
CA GLY H 459 14.14 -31.93 52.54
C GLY H 459 15.33 -32.85 52.31
N THR H 460 15.26 -34.06 52.82
CA THR H 460 16.33 -35.04 52.65
C THR H 460 15.78 -36.43 52.40
N GLN H 461 14.46 -36.58 52.51
CA GLN H 461 13.82 -37.86 52.22
C GLN H 461 13.82 -38.15 50.73
N VAL H 462 14.33 -39.32 50.36
CA VAL H 462 14.37 -39.73 48.96
C VAL H 462 13.92 -41.17 48.81
N TYR H 463 13.08 -41.45 47.83
CA TYR H 463 12.57 -42.79 47.61
C TYR H 463 13.63 -43.68 46.96
N SER H 464 13.87 -44.83 47.57
CA SER H 464 14.84 -45.78 47.05
C SER H 464 14.15 -47.04 46.54
N PRO H 465 13.97 -47.12 45.21
CA PRO H 465 13.34 -48.27 44.55
C PRO H 465 13.99 -49.59 44.94
N GLU H 466 15.30 -49.56 45.17
CA GLU H 466 16.03 -50.75 45.60
C GLU H 466 15.56 -51.18 46.99
N LYS H 467 15.40 -50.21 47.88
CA LYS H 467 14.99 -50.46 49.25
C LYS H 467 13.49 -50.66 49.36
N GLY H 468 12.76 -50.23 48.34
CA GLY H 468 11.31 -50.33 48.34
C GLY H 468 10.69 -49.48 49.43
N SER H 469 11.32 -48.35 49.73
CA SER H 469 10.83 -47.46 50.77
C SER H 469 11.55 -46.11 50.70
N TRP H 470 11.31 -45.27 51.69
CA TRP H 470 11.94 -43.95 51.74
C TRP H 470 13.17 -43.96 52.63
N VAL H 471 14.28 -43.48 52.09
CA VAL H 471 15.52 -43.40 52.84
C VAL H 471 16.11 -42.00 52.74
N GLU H 472 17.03 -41.67 53.64
CA GLU H 472 17.62 -40.34 53.67
C GLU H 472 18.56 -40.13 52.48
N LEU H 473 18.94 -38.88 52.25
CA LEU H 473 19.83 -38.53 51.15
C LEU H 473 21.20 -39.17 51.31
N SER H 474 21.93 -39.29 50.20
CA SER H 474 23.28 -39.84 50.23
C SER H 474 24.29 -38.74 50.56
N PRO H 475 25.37 -39.11 51.25
CA PRO H 475 26.40 -38.16 51.67
C PRO H 475 27.09 -37.47 50.49
N GLN H 476 27.36 -38.20 49.42
CA GLN H 476 28.05 -37.63 48.27
C GLN H 476 27.19 -36.55 47.60
N ASP H 477 25.88 -36.79 47.55
CA ASP H 477 24.97 -35.82 46.96
C ASP H 477 24.97 -34.51 47.76
N VAL H 478 24.92 -34.64 49.07
CA VAL H 478 24.91 -33.48 49.95
C VAL H 478 26.21 -32.70 49.86
N LEU H 479 27.33 -33.42 49.86
CA LEU H 479 28.64 -32.79 49.75
C LEU H 479 28.77 -32.00 48.45
N GLN H 480 28.26 -32.57 47.37
CA GLN H 480 28.37 -31.95 46.06
C GLN H 480 27.42 -30.76 45.94
N MET H 481 26.26 -30.86 46.58
CA MET H 481 25.27 -29.79 46.53
C MET H 481 25.77 -28.52 47.22
N LEU H 482 26.14 -28.63 48.49
CA LEU H 482 26.70 -27.49 49.22
C LEU H 482 28.06 -27.11 48.65
N GLY H 483 28.69 -28.05 47.95
CA GLY H 483 29.95 -27.79 47.29
C GLY H 483 29.76 -26.78 46.15
N ARG H 484 28.52 -26.64 45.71
CA ARG H 484 28.19 -25.68 44.67
C ARG H 484 27.75 -24.35 45.27
N ALA H 485 28.33 -24.02 46.42
CA ALA H 485 27.98 -22.77 47.11
C ALA H 485 29.22 -21.91 47.33
N GLY H 486 29.20 -20.70 46.78
CA GLY H 486 30.31 -19.78 46.94
C GLY H 486 30.98 -19.41 45.62
N ARG H 487 30.77 -18.17 45.19
CA ARG H 487 31.42 -17.66 43.98
C ARG H 487 32.76 -17.02 44.34
N PRO H 488 33.86 -17.75 44.10
CA PRO H 488 35.21 -17.32 44.48
C PRO H 488 35.61 -15.98 43.86
N GLN H 489 35.01 -15.65 42.72
CA GLN H 489 35.34 -14.41 42.03
C GLN H 489 34.46 -13.25 42.51
N TYR H 490 33.24 -13.58 42.91
CA TYR H 490 32.27 -12.57 43.33
C TYR H 490 32.00 -12.58 44.83
N ASP H 491 32.03 -13.77 45.41
CA ASP H 491 31.61 -13.95 46.80
C ASP H 491 32.76 -13.93 47.80
N THR H 492 32.46 -13.47 49.01
CA THR H 492 33.43 -13.48 50.10
C THR H 492 33.27 -14.74 50.95
N TYR H 493 32.05 -15.29 50.94
CA TYR H 493 31.77 -16.54 51.63
C TYR H 493 30.40 -17.07 51.23
N GLY H 494 30.31 -18.38 51.05
CA GLY H 494 29.07 -19.02 50.64
C GLY H 494 28.21 -19.43 51.82
N GLU H 495 26.90 -19.49 51.60
CA GLU H 495 25.96 -19.88 52.64
C GLU H 495 25.27 -21.20 52.31
N GLY H 496 25.57 -22.23 53.09
CA GLY H 496 24.99 -23.54 52.87
C GLY H 496 23.85 -23.85 53.82
N ILE H 497 22.67 -24.06 53.26
CA ILE H 497 21.49 -24.35 54.06
C ILE H 497 20.90 -25.70 53.72
N ILE H 498 20.72 -26.55 54.71
CA ILE H 498 20.10 -27.85 54.54
C ILE H 498 18.91 -28.01 55.47
N ILE H 499 17.79 -28.46 54.92
CA ILE H 499 16.56 -28.61 55.70
C ILE H 499 16.13 -30.07 55.82
N THR H 500 16.23 -30.61 57.02
CA THR H 500 15.82 -32.00 57.27
C THR H 500 15.12 -32.10 58.62
N THR H 501 14.74 -33.31 58.99
CA THR H 501 14.10 -33.54 60.28
C THR H 501 15.11 -33.35 61.40
N GLN H 502 14.62 -33.02 62.60
CA GLN H 502 15.48 -32.75 63.74
C GLN H 502 16.36 -33.94 64.10
N GLY H 503 15.76 -35.12 64.18
CA GLY H 503 16.43 -36.30 64.65
C GLY H 503 17.59 -36.78 63.82
N GLU H 504 17.86 -36.10 62.70
CA GLU H 504 18.95 -36.51 61.82
C GLU H 504 19.86 -35.35 61.44
N ILE H 505 19.89 -34.34 62.29
CA ILE H 505 20.82 -33.22 62.10
C ILE H 505 22.25 -33.58 62.49
N PRO H 506 22.43 -34.49 63.46
CA PRO H 506 23.81 -34.89 63.79
C PRO H 506 24.52 -35.54 62.60
N TYR H 507 23.78 -36.23 61.76
CA TYR H 507 24.36 -36.88 60.59
C TYR H 507 24.93 -35.83 59.62
N TYR H 508 24.12 -34.84 59.29
CA TYR H 508 24.53 -33.80 58.36
C TYR H 508 25.42 -32.76 59.04
N LEU H 509 25.61 -32.92 60.34
CA LEU H 509 26.56 -32.09 61.08
C LEU H 509 27.95 -32.72 61.00
N SER H 510 27.99 -34.04 60.99
CA SER H 510 29.25 -34.77 60.89
C SER H 510 29.75 -34.80 59.46
N LEU H 511 28.81 -34.84 58.51
CA LEU H 511 29.15 -34.91 57.09
C LEU H 511 29.75 -33.61 56.59
N LEU H 512 29.03 -32.51 56.80
CA LEU H 512 29.46 -31.21 56.31
C LEU H 512 30.52 -30.57 57.20
N ASN H 513 31.02 -31.33 58.17
CA ASN H 513 32.06 -30.84 59.06
C ASN H 513 33.20 -31.83 59.21
N GLN H 514 33.39 -32.66 58.18
CA GLN H 514 34.51 -33.60 58.14
C GLN H 514 34.54 -34.55 59.34
N GLN H 515 33.39 -35.12 59.67
CA GLN H 515 33.32 -36.03 60.80
C GLN H 515 32.38 -37.21 60.56
N LEU H 516 32.08 -37.48 59.30
CA LEU H 516 31.29 -38.66 58.94
C LEU H 516 32.21 -39.74 58.39
N PRO H 517 32.67 -40.64 59.27
CA PRO H 517 33.67 -41.67 58.97
C PRO H 517 33.29 -42.54 57.76
N ILE H 518 34.26 -42.75 56.87
CA ILE H 518 34.05 -43.60 55.71
C ILE H 518 34.20 -45.07 56.10
N GLU H 519 33.14 -45.84 55.91
CA GLU H 519 33.14 -47.24 56.31
C GLU H 519 33.07 -48.17 55.11
N SER H 520 33.24 -49.47 55.36
CA SER H 520 33.22 -50.47 54.31
C SER H 520 31.92 -51.26 54.30
N GLN H 521 31.23 -51.25 53.16
CA GLN H 521 29.97 -51.97 53.02
C GLN H 521 30.17 -53.27 52.27
N LEU H 522 31.41 -53.75 52.25
CA LEU H 522 31.77 -54.94 51.47
C LEU H 522 30.97 -56.18 51.87
N VAL H 523 30.60 -56.25 53.15
CA VAL H 523 29.91 -57.42 53.67
C VAL H 523 28.57 -57.64 52.97
N SER H 524 27.99 -56.55 52.48
CA SER H 524 26.71 -56.62 51.80
C SER H 524 26.82 -57.38 50.48
N LYS H 525 27.98 -57.25 49.83
CA LYS H 525 28.21 -57.89 48.55
C LYS H 525 29.48 -58.73 48.59
N LEU H 526 29.72 -59.39 49.72
CA LEU H 526 30.91 -60.21 49.90
C LEU H 526 30.80 -61.51 49.12
N VAL H 527 29.60 -62.10 49.12
CA VAL H 527 29.37 -63.36 48.43
C VAL H 527 29.53 -63.20 46.91
N ASP H 528 28.88 -62.19 46.36
CA ASP H 528 28.94 -61.92 44.93
C ASP H 528 30.36 -61.55 44.50
N SER H 529 31.05 -60.81 45.35
CA SER H 529 32.42 -60.38 45.05
C SER H 529 33.37 -61.57 45.01
N LEU H 530 33.25 -62.46 45.97
CA LEU H 530 34.09 -63.65 46.03
C LEU H 530 33.82 -64.55 44.82
N ASN H 531 32.55 -64.64 44.44
CA ASN H 531 32.16 -65.45 43.28
C ASN H 531 32.82 -64.95 42.01
N ALA H 532 32.82 -63.63 41.82
CA ALA H 532 33.43 -63.03 40.65
C ALA H 532 34.93 -63.25 40.64
N GLU H 533 35.54 -63.15 41.83
CA GLU H 533 36.98 -63.33 41.95
C GLU H 533 37.37 -64.77 41.64
N ILE H 534 36.48 -65.71 41.97
CA ILE H 534 36.72 -67.12 41.69
C ILE H 534 36.53 -67.42 40.21
N VAL H 535 35.58 -66.73 39.58
CA VAL H 535 35.30 -66.93 38.17
C VAL H 535 36.48 -66.51 37.31
N LEU H 536 37.11 -65.39 37.68
CA LEU H 536 38.28 -64.90 36.95
C LEU H 536 39.50 -65.78 37.21
N GLY H 537 39.41 -66.62 38.23
CA GLY H 537 40.45 -67.60 38.49
C GLY H 537 41.60 -67.10 39.34
N ASN H 538 41.52 -65.85 39.78
CA ASN H 538 42.58 -65.29 40.61
C ASN H 538 42.46 -65.73 42.06
N VAL H 539 41.55 -66.66 42.30
CA VAL H 539 41.36 -67.24 43.64
C VAL H 539 40.57 -68.54 43.54
N ARG H 540 41.27 -69.67 43.61
CA ARG H 540 40.63 -70.96 43.44
C ARG H 540 40.78 -71.84 44.69
N ASN H 541 41.13 -71.21 45.80
CA ASN H 541 41.21 -71.90 47.08
C ASN H 541 40.95 -70.96 48.25
N ARG H 542 40.63 -71.52 49.40
CA ARG H 542 40.28 -70.73 50.58
C ARG H 542 41.45 -69.89 51.07
N ASP H 543 42.66 -70.41 50.90
CA ASP H 543 43.86 -69.68 51.33
C ASP H 543 44.07 -68.44 50.46
N GLU H 544 43.90 -68.58 49.16
CA GLU H 544 44.03 -67.45 48.24
C GLU H 544 42.85 -66.50 48.42
N GLY H 545 41.72 -67.05 48.85
CA GLY H 545 40.55 -66.24 49.13
C GLY H 545 40.81 -65.32 50.30
N VAL H 546 41.50 -65.84 51.30
CA VAL H 546 41.87 -65.06 52.47
C VAL H 546 42.86 -63.96 52.10
N GLU H 547 43.78 -64.29 51.20
CA GLU H 547 44.76 -63.32 50.74
C GLU H 547 44.08 -62.15 50.04
N TRP H 548 43.15 -62.47 49.13
CA TRP H 548 42.39 -61.45 48.42
C TRP H 548 41.60 -60.57 49.38
N LEU H 549 41.03 -61.20 50.41
CA LEU H 549 40.24 -60.49 51.40
C LEU H 549 41.12 -59.54 52.23
N GLY H 550 42.43 -59.77 52.19
CA GLY H 550 43.36 -58.96 52.94
C GLY H 550 43.68 -57.63 52.28
N TYR H 551 43.18 -57.45 51.05
CA TYR H 551 43.45 -56.23 50.30
C TYR H 551 42.21 -55.36 50.20
N THR H 552 41.13 -55.75 50.86
CA THR H 552 39.89 -55.01 50.80
C THR H 552 39.85 -53.91 51.87
N TYR H 553 39.00 -52.91 51.63
CA TYR H 553 38.84 -51.81 52.57
C TYR H 553 38.12 -52.28 53.83
N LEU H 554 37.49 -53.45 53.73
CA LEU H 554 36.81 -54.04 54.87
C LEU H 554 37.82 -54.62 55.86
N PHE H 555 38.92 -55.13 55.34
CA PHE H 555 39.92 -55.78 56.18
C PHE H 555 40.70 -54.78 57.01
N VAL H 556 41.04 -53.64 56.40
CA VAL H 556 41.78 -52.60 57.11
C VAL H 556 40.97 -52.03 58.27
N ARG H 557 39.65 -51.97 58.09
CA ARG H 557 38.76 -51.47 59.12
C ARG H 557 38.58 -52.50 60.23
N MET H 558 38.57 -53.77 59.85
CA MET H 558 38.46 -54.85 60.83
C MET H 558 39.70 -54.92 61.71
N LEU H 559 40.76 -54.27 61.27
CA LEU H 559 41.99 -54.20 62.05
C LEU H 559 41.99 -52.95 62.92
N ARG H 560 41.52 -51.84 62.36
CA ARG H 560 41.49 -50.57 63.07
C ARG H 560 40.40 -50.54 64.13
N SER H 561 39.22 -51.07 63.78
CA SER H 561 38.09 -51.05 64.69
C SER H 561 37.40 -52.41 64.75
N PRO H 562 38.06 -53.39 65.39
CA PRO H 562 37.56 -54.76 65.51
C PRO H 562 36.18 -54.83 66.16
N GLY H 563 36.00 -54.13 67.27
CA GLY H 563 34.74 -54.15 67.99
C GLY H 563 33.59 -53.53 67.23
N LEU H 564 33.91 -52.65 66.27
CA LEU H 564 32.89 -51.96 65.50
C LEU H 564 32.28 -52.90 64.46
N TYR H 565 33.13 -53.61 63.73
CA TYR H 565 32.67 -54.53 62.70
C TYR H 565 32.28 -55.87 63.30
N SER H 566 32.26 -55.93 64.63
CA SER H 566 31.83 -57.12 65.35
C SER H 566 32.69 -58.33 65.03
N VAL H 567 34.00 -58.15 65.05
CA VAL H 567 34.92 -59.27 64.91
C VAL H 567 34.61 -60.28 66.02
N GLY H 568 34.66 -59.80 67.26
CA GLY H 568 34.19 -60.54 68.41
C GLY H 568 34.78 -61.93 68.59
N ALA H 569 34.18 -62.70 69.49
CA ALA H 569 34.61 -64.07 69.78
C ALA H 569 36.07 -64.12 70.20
N GLU H 570 36.64 -62.95 70.48
CA GLU H 570 38.06 -62.81 70.78
C GLU H 570 38.91 -63.44 69.69
N TYR H 571 38.48 -63.26 68.43
CA TYR H 571 39.30 -63.65 67.29
C TYR H 571 40.63 -62.92 67.37
N GLU H 572 40.60 -61.70 67.88
CA GLU H 572 41.80 -60.90 68.06
C GLU H 572 42.77 -61.62 68.99
N ASP H 573 44.05 -61.48 68.69
CA ASP H 573 45.17 -62.29 69.20
C ASP H 573 45.57 -63.18 68.04
N ASP H 574 44.72 -63.15 67.00
CA ASP H 574 45.03 -63.76 65.71
C ASP H 574 46.13 -62.93 65.05
N VAL H 575 47.03 -63.60 64.34
CA VAL H 575 48.18 -62.94 63.72
C VAL H 575 47.75 -61.82 62.78
N ALA H 576 46.68 -62.05 62.03
CA ALA H 576 46.16 -61.05 61.11
C ALA H 576 44.69 -61.33 60.78
N LEU H 577 43.95 -61.78 61.79
CA LEU H 577 42.56 -62.18 61.61
C LEU H 577 42.47 -63.27 60.57
N GLU H 578 43.52 -64.09 60.50
CA GLU H 578 43.61 -65.17 59.52
C GLU H 578 42.49 -66.17 59.70
N GLN H 579 42.20 -66.51 60.95
CA GLN H 579 41.09 -67.42 61.26
C GLN H 579 39.76 -66.76 60.91
N LYS H 580 39.72 -65.44 61.06
CA LYS H 580 38.51 -64.67 60.77
C LYS H 580 38.25 -64.65 59.26
N ARG H 581 39.28 -64.36 58.48
CA ARG H 581 39.17 -64.32 57.04
C ARG H 581 38.81 -65.69 56.48
N VAL H 582 39.37 -66.73 57.09
CA VAL H 582 39.08 -68.10 56.69
C VAL H 582 37.61 -68.44 56.92
N ASP H 583 37.07 -67.96 58.04
CA ASP H 583 35.67 -68.23 58.38
C ASP H 583 34.72 -67.42 57.50
N LEU H 584 35.09 -66.18 57.20
CA LEU H 584 34.29 -65.34 56.33
C LEU H 584 34.24 -65.93 54.92
N ILE H 585 35.40 -66.28 54.39
CA ILE H 585 35.48 -66.89 53.07
C ILE H 585 34.76 -68.23 53.05
N HIS H 586 34.79 -68.94 54.17
CA HIS H 586 34.14 -70.24 54.27
C HIS H 586 32.63 -70.11 54.10
N SER H 587 32.03 -69.22 54.89
CA SER H 587 30.59 -69.00 54.82
C SER H 587 30.19 -68.49 53.45
N ALA H 588 31.08 -67.69 52.84
CA ALA H 588 30.83 -67.16 51.50
C ALA H 588 30.81 -68.29 50.48
N ALA H 589 31.72 -69.26 50.66
CA ALA H 589 31.79 -70.40 49.75
C ALA H 589 30.60 -71.33 49.97
N MET H 590 30.14 -71.42 51.21
CA MET H 590 29.03 -72.29 51.55
C MET H 590 27.74 -71.81 50.91
N VAL H 591 27.51 -70.50 50.94
CA VAL H 591 26.34 -69.92 50.29
C VAL H 591 26.52 -69.90 48.78
N LEU H 592 27.78 -69.99 48.35
CA LEU H 592 28.10 -70.11 46.93
C LEU H 592 28.07 -71.58 46.50
N LYS H 593 27.92 -72.47 47.48
CA LYS H 593 27.90 -73.89 47.20
C LYS H 593 26.47 -74.43 47.19
N LYS H 594 25.70 -74.11 48.23
CA LYS H 594 24.31 -74.52 48.30
C LYS H 594 23.54 -73.97 47.10
N SER H 595 23.81 -72.70 46.78
CA SER H 595 23.36 -72.13 45.51
C SER H 595 24.38 -72.51 44.47
N ASN H 596 24.03 -73.47 43.61
CA ASN H 596 24.98 -74.05 42.67
C ASN H 596 25.63 -73.05 41.74
N LEU H 597 26.60 -72.30 42.26
CA LEU H 597 27.37 -71.37 41.46
C LEU H 597 28.83 -71.82 41.36
N ILE H 598 29.32 -72.44 42.42
CA ILE H 598 30.71 -72.91 42.44
C ILE H 598 30.85 -74.23 43.18
N LYS H 599 31.87 -75.00 42.82
CA LYS H 599 32.19 -76.24 43.52
C LYS H 599 33.23 -75.97 44.60
N TYR H 600 32.92 -76.35 45.83
CA TYR H 600 33.77 -76.02 46.97
C TYR H 600 33.99 -77.21 47.88
N ASP H 601 35.24 -77.68 47.94
CA ASP H 601 35.62 -78.77 48.82
C ASP H 601 35.92 -78.23 50.21
N GLU H 602 35.11 -78.63 51.19
CA GLU H 602 35.20 -78.09 52.54
C GLU H 602 36.51 -78.46 53.24
N LYS H 603 36.94 -79.70 53.08
CA LYS H 603 38.12 -80.19 53.78
C LYS H 603 39.40 -79.59 53.22
N THR H 604 39.67 -79.86 51.94
CA THR H 604 40.89 -79.39 51.30
C THR H 604 40.89 -77.87 51.11
N GLY H 605 39.75 -77.33 50.69
CA GLY H 605 39.61 -75.91 50.48
C GLY H 605 39.72 -75.52 49.02
N LYS H 606 39.51 -76.49 48.14
CA LYS H 606 39.56 -76.25 46.69
C LYS H 606 38.27 -75.59 46.22
N MET H 607 38.39 -74.64 45.29
CA MET H 607 37.24 -73.95 44.75
C MET H 607 37.29 -73.89 43.22
N GLN H 608 36.12 -73.87 42.60
CA GLN H 608 36.03 -73.80 41.14
C GLN H 608 34.67 -73.27 40.72
N ALA H 609 34.66 -72.22 39.91
CA ALA H 609 33.42 -71.61 39.45
C ALA H 609 32.76 -72.46 38.38
N THR H 610 31.43 -72.45 38.36
CA THR H 610 30.67 -73.19 37.36
C THR H 610 30.11 -72.25 36.30
N GLU H 611 29.34 -72.81 35.38
CA GLU H 611 28.71 -71.99 34.33
C GLU H 611 27.74 -70.99 34.93
N LEU H 612 26.96 -71.44 35.92
CA LEU H 612 25.99 -70.58 36.56
C LEU H 612 26.69 -69.46 37.32
N GLY H 613 27.76 -69.80 38.03
CA GLY H 613 28.54 -68.82 38.75
C GLY H 613 29.15 -67.79 37.82
N ARG H 614 29.55 -68.25 36.64
CA ARG H 614 30.11 -67.36 35.62
C ARG H 614 29.08 -66.33 35.16
N ILE H 615 27.86 -66.80 34.90
CA ILE H 615 26.79 -65.95 34.41
C ILE H 615 26.46 -64.87 35.43
N ALA H 616 26.43 -65.24 36.71
CA ALA H 616 26.09 -64.32 37.77
C ALA H 616 27.12 -63.21 37.89
N SER H 617 28.38 -63.55 37.61
CA SER H 617 29.46 -62.58 37.71
C SER H 617 29.48 -61.62 36.52
N HIS H 618 29.28 -62.17 35.33
CA HIS H 618 29.32 -61.37 34.11
C HIS H 618 28.17 -60.38 34.00
N TYR H 619 27.08 -60.64 34.72
CA TYR H 619 25.89 -59.81 34.63
C TYR H 619 25.48 -59.22 35.98
N TYR H 620 26.35 -59.38 36.97
CA TYR H 620 26.14 -58.77 38.28
C TYR H 620 24.84 -59.21 38.94
N ILE H 621 24.52 -60.49 38.82
CA ILE H 621 23.32 -61.03 39.45
C ILE H 621 23.65 -61.66 40.79
N SER H 622 22.77 -61.47 41.77
CA SER H 622 22.97 -62.02 43.10
C SER H 622 22.83 -63.54 43.09
N HIS H 623 23.48 -64.21 44.04
CA HIS H 623 23.44 -65.66 44.12
C HIS H 623 22.03 -66.16 44.38
N GLU H 624 21.20 -65.33 44.99
CA GLU H 624 19.83 -65.71 45.30
C GLU H 624 18.97 -65.75 44.04
N SER H 625 19.12 -64.74 43.19
CA SER H 625 18.38 -64.69 41.94
C SER H 625 18.76 -65.86 41.04
N MET H 626 20.07 -66.10 40.91
CA MET H 626 20.59 -67.18 40.09
C MET H 626 20.06 -68.52 40.59
N ASP H 627 19.88 -68.64 41.90
CA ASP H 627 19.40 -69.88 42.50
C ASP H 627 17.96 -70.16 42.10
N THR H 628 17.13 -69.14 42.16
CA THR H 628 15.72 -69.28 41.79
C THR H 628 15.57 -69.52 40.29
N TYR H 629 16.50 -68.98 39.52
CA TYR H 629 16.50 -69.19 38.07
C TYR H 629 16.78 -70.65 37.75
N ASN H 630 17.84 -71.18 38.32
CA ASN H 630 18.27 -72.56 38.05
C ASN H 630 17.23 -73.57 38.47
N LYS H 631 16.42 -73.23 39.47
CA LYS H 631 15.44 -74.17 40.01
C LYS H 631 14.11 -74.15 39.27
N LEU H 632 13.65 -72.94 38.91
CA LEU H 632 12.32 -72.79 38.32
C LEU H 632 12.30 -73.03 36.82
N ILE H 633 13.32 -72.55 36.11
CA ILE H 633 13.35 -72.64 34.65
C ILE H 633 13.36 -74.08 34.16
N HIS H 634 12.47 -74.38 33.23
CA HIS H 634 12.38 -75.71 32.63
C HIS H 634 12.24 -75.62 31.11
N PRO H 635 12.55 -76.73 30.42
CA PRO H 635 12.60 -76.79 28.95
C PRO H 635 11.32 -76.32 28.26
N ALA H 636 10.16 -76.67 28.81
CA ALA H 636 8.89 -76.36 28.16
C ALA H 636 8.21 -75.14 28.78
N MET H 637 9.00 -74.13 29.11
CA MET H 637 8.46 -72.91 29.72
C MET H 637 8.06 -71.88 28.66
N ASN H 638 6.91 -71.26 28.85
CA ASN H 638 6.39 -70.29 27.90
C ASN H 638 6.76 -68.85 28.28
N ASP H 639 6.05 -67.89 27.69
CA ASP H 639 6.32 -66.49 27.94
C ASP H 639 5.76 -66.02 29.28
N VAL H 640 4.53 -66.43 29.58
CA VAL H 640 3.88 -66.06 30.83
C VAL H 640 4.68 -66.55 32.04
N GLU H 641 5.11 -67.80 31.99
CA GLU H 641 5.87 -68.39 33.08
C GLU H 641 7.27 -67.79 33.18
N LEU H 642 7.75 -67.25 32.06
CA LEU H 642 9.09 -66.67 32.03
C LEU H 642 9.11 -65.29 32.68
N PHE H 643 8.09 -64.50 32.39
CA PHE H 643 7.92 -63.21 33.04
C PHE H 643 7.75 -63.40 34.54
N ARG H 644 7.08 -64.48 34.91
CA ARG H 644 6.86 -64.84 36.30
C ARG H 644 8.19 -65.09 37.00
N VAL H 645 9.10 -65.75 36.30
CA VAL H 645 10.43 -66.04 36.83
C VAL H 645 11.24 -64.76 36.99
N PHE H 646 11.06 -63.84 36.05
CA PHE H 646 11.73 -62.56 36.09
C PHE H 646 11.32 -61.75 37.32
N ALA H 647 10.03 -61.83 37.65
CA ALA H 647 9.48 -61.05 38.76
C ALA H 647 9.96 -61.57 40.11
N GLN H 648 10.39 -62.82 40.16
CA GLN H 648 10.82 -63.43 41.40
C GLN H 648 12.30 -63.15 41.69
N SER H 649 12.88 -62.21 40.95
CA SER H 649 14.28 -61.86 41.14
C SER H 649 14.49 -61.20 42.51
N GLY H 650 15.59 -61.55 43.16
CA GLY H 650 15.90 -61.01 44.47
C GLY H 650 16.15 -59.50 44.44
N GLU H 651 16.43 -58.97 43.26
CA GLU H 651 16.71 -57.55 43.10
C GLU H 651 15.46 -56.71 43.38
N PHE H 652 14.29 -57.31 43.20
CA PHE H 652 13.04 -56.61 43.43
C PHE H 652 12.37 -57.10 44.71
N LYS H 653 13.16 -57.62 45.62
CA LYS H 653 12.65 -58.24 46.85
C LYS H 653 11.93 -57.25 47.74
N TYR H 654 12.45 -56.04 47.82
CA TYR H 654 11.94 -55.05 48.78
C TYR H 654 10.85 -54.16 48.19
N ILE H 655 10.57 -54.30 46.89
CA ILE H 655 9.52 -53.53 46.27
C ILE H 655 8.15 -54.03 46.71
N PRO H 656 7.44 -53.20 47.50
CA PRO H 656 6.16 -53.57 48.09
C PRO H 656 4.96 -53.22 47.22
N VAL H 657 3.86 -53.95 47.38
CA VAL H 657 2.62 -53.63 46.72
C VAL H 657 1.79 -52.71 47.62
N ARG H 658 1.57 -51.49 47.18
CA ARG H 658 0.91 -50.48 48.00
C ARG H 658 -0.56 -50.33 47.64
N GLN H 659 -1.40 -50.18 48.66
CA GLN H 659 -2.84 -50.00 48.46
C GLN H 659 -3.14 -48.78 47.58
N GLU H 660 -2.24 -47.81 47.62
CA GLU H 660 -2.41 -46.60 46.82
C GLU H 660 -2.05 -46.83 45.35
N GLU H 661 -1.81 -48.10 45.01
CA GLU H 661 -1.42 -48.45 43.65
C GLU H 661 -2.23 -49.63 43.11
N LYS H 662 -2.93 -50.34 44.00
CA LYS H 662 -3.62 -51.56 43.63
C LYS H 662 -4.68 -51.34 42.55
N LEU H 663 -5.31 -50.17 42.54
CA LEU H 663 -6.33 -49.88 41.54
C LEU H 663 -5.72 -49.62 40.18
N GLU H 664 -4.64 -48.84 40.16
CA GLU H 664 -3.96 -48.51 38.92
C GLU H 664 -3.32 -49.76 38.31
N LEU H 665 -2.80 -50.62 39.17
CA LEU H 665 -2.22 -51.88 38.72
C LEU H 665 -3.29 -52.83 38.22
N ALA H 666 -4.43 -52.83 38.91
CA ALA H 666 -5.54 -53.70 38.55
C ALA H 666 -6.05 -53.39 37.14
N LYS H 667 -5.93 -52.15 36.73
CA LYS H 667 -6.32 -51.74 35.39
C LYS H 667 -5.22 -52.02 34.39
N LEU H 668 -3.98 -51.81 34.81
CA LEU H 668 -2.83 -52.11 33.96
C LEU H 668 -2.65 -53.62 33.82
N LEU H 669 -3.01 -54.36 34.85
CA LEU H 669 -2.87 -55.80 34.85
C LEU H 669 -3.84 -56.45 33.87
N ALA H 670 -4.80 -55.68 33.38
CA ALA H 670 -5.79 -56.18 32.45
C ALA H 670 -5.61 -55.58 31.06
N ARG H 671 -4.47 -54.94 30.83
CA ARG H 671 -4.18 -54.36 29.53
C ARG H 671 -2.79 -54.72 29.03
N VAL H 672 -1.95 -55.25 29.92
CA VAL H 672 -0.61 -55.68 29.54
C VAL H 672 -0.68 -56.88 28.60
N PRO H 673 0.17 -56.88 27.56
CA PRO H 673 0.22 -57.93 26.54
C PRO H 673 0.36 -59.33 27.12
N ILE H 674 1.44 -59.58 27.85
CA ILE H 674 1.66 -60.89 28.44
C ILE H 674 0.85 -61.07 29.72
N PRO H 675 0.01 -62.10 29.76
CA PRO H 675 -0.83 -62.41 30.92
C PRO H 675 -0.01 -62.66 32.17
N VAL H 676 -0.43 -62.08 33.29
CA VAL H 676 0.26 -62.26 34.56
C VAL H 676 -0.75 -62.61 35.65
N LYS H 677 -1.96 -62.96 35.24
CA LYS H 677 -3.05 -63.21 36.17
C LYS H 677 -2.85 -64.48 36.99
N GLU H 678 -1.72 -65.15 36.79
CA GLU H 678 -1.35 -66.25 37.67
C GLU H 678 -1.19 -65.68 39.08
N SER H 679 -0.47 -64.57 39.16
CA SER H 679 -0.41 -63.78 40.38
C SER H 679 -1.50 -62.73 40.34
N ILE H 680 -1.91 -62.21 41.50
CA ILE H 680 -3.01 -61.26 41.55
C ILE H 680 -2.55 -59.89 42.05
N GLU H 681 -2.40 -59.74 43.36
CA GLU H 681 -1.98 -58.47 43.94
C GLU H 681 -0.80 -58.65 44.88
N GLU H 682 0.14 -59.49 44.47
CA GLU H 682 1.39 -59.68 45.20
C GLU H 682 2.51 -58.95 44.48
N PRO H 683 3.65 -58.77 45.16
CA PRO H 683 4.78 -58.01 44.59
C PRO H 683 5.26 -58.57 43.25
N THR H 684 5.07 -59.86 43.03
CA THR H 684 5.47 -60.49 41.79
C THR H 684 4.69 -59.93 40.60
N ALA H 685 3.38 -59.80 40.78
CA ALA H 685 2.54 -59.29 39.71
C ALA H 685 2.82 -57.82 39.42
N LYS H 686 3.22 -57.08 40.45
CA LYS H 686 3.52 -55.67 40.30
C LYS H 686 4.76 -55.48 39.44
N ILE H 687 5.82 -56.22 39.76
CA ILE H 687 7.06 -56.16 39.00
C ILE H 687 6.83 -56.59 37.56
N ASN H 688 6.02 -57.63 37.38
CA ASN H 688 5.70 -58.15 36.06
C ASN H 688 4.98 -57.12 35.21
N VAL H 689 3.90 -56.57 35.75
CA VAL H 689 3.12 -55.56 35.04
C VAL H 689 3.95 -54.31 34.79
N LEU H 690 4.81 -53.97 35.74
CA LEU H 690 5.60 -52.76 35.67
C LEU H 690 6.64 -52.86 34.55
N LEU H 691 7.05 -54.08 34.22
CA LEU H 691 8.01 -54.30 33.15
C LEU H 691 7.36 -54.22 31.78
N GLN H 692 6.09 -54.62 31.71
CA GLN H 692 5.36 -54.62 30.45
C GLN H 692 4.88 -53.22 30.09
N ALA H 693 4.60 -52.41 31.11
CA ALA H 693 4.10 -51.06 30.89
C ALA H 693 5.15 -50.17 30.23
N TYR H 694 6.42 -50.40 30.57
CA TYR H 694 7.51 -49.63 30.00
C TYR H 694 7.67 -49.93 28.50
N ILE H 695 7.49 -51.19 28.14
CA ILE H 695 7.59 -51.60 26.74
C ILE H 695 6.36 -51.17 25.95
N SER H 696 5.18 -51.52 26.48
CA SER H 696 3.93 -51.15 25.83
C SER H 696 3.65 -49.66 25.97
N ARG H 697 4.45 -49.00 26.80
CA ARG H 697 4.31 -47.56 27.03
C ARG H 697 2.95 -47.21 27.61
N LEU H 698 2.58 -47.92 28.68
CA LEU H 698 1.33 -47.66 29.38
C LEU H 698 1.47 -46.47 30.33
N LYS H 699 0.39 -46.16 31.03
CA LYS H 699 0.34 -44.98 31.89
C LYS H 699 0.74 -45.29 33.32
N LEU H 700 1.41 -44.32 33.95
CA LEU H 700 1.78 -44.43 35.36
C LEU H 700 1.71 -43.05 36.02
N GLU H 701 1.03 -42.98 37.16
CA GLU H 701 0.84 -41.70 37.84
C GLU H 701 1.56 -41.64 39.19
N GLY H 702 1.76 -42.79 39.81
CA GLY H 702 2.42 -42.86 41.10
C GLY H 702 3.82 -42.30 41.09
N LEU H 703 4.10 -41.37 41.99
CA LEU H 703 5.43 -40.76 42.09
C LEU H 703 6.48 -41.81 42.42
N ALA H 704 6.09 -42.80 43.21
CA ALA H 704 7.01 -43.87 43.60
C ALA H 704 6.90 -45.04 42.63
N LEU H 705 5.72 -45.20 42.02
CA LEU H 705 5.49 -46.27 41.07
C LEU H 705 6.41 -46.13 39.85
N MET H 706 6.55 -44.90 39.38
CA MET H 706 7.40 -44.62 38.23
C MET H 706 8.85 -44.97 38.56
N ALA H 707 9.27 -44.65 39.78
CA ALA H 707 10.62 -44.95 40.22
C ALA H 707 10.86 -46.45 40.28
N ASP H 708 9.85 -47.18 40.75
CA ASP H 708 9.94 -48.63 40.81
C ASP H 708 10.06 -49.23 39.42
N MET H 709 9.32 -48.65 38.48
CA MET H 709 9.35 -49.12 37.11
C MET H 709 10.73 -48.88 36.49
N VAL H 710 11.35 -47.76 36.86
CA VAL H 710 12.66 -47.41 36.36
C VAL H 710 13.72 -48.40 36.87
N TYR H 711 13.56 -48.81 38.12
CA TYR H 711 14.49 -49.77 38.73
C TYR H 711 14.34 -51.13 38.08
N VAL H 712 13.10 -51.52 37.82
CA VAL H 712 12.82 -52.80 37.16
C VAL H 712 13.31 -52.76 35.72
N THR H 713 13.19 -51.59 35.10
CA THR H 713 13.62 -51.41 33.72
C THR H 713 15.14 -51.45 33.57
N GLN H 714 15.82 -50.62 34.35
CA GLN H 714 17.27 -50.52 34.27
C GLN H 714 17.99 -51.75 34.81
N SER H 715 17.21 -52.74 35.25
CA SER H 715 17.77 -53.99 35.73
C SER H 715 17.33 -55.15 34.87
N ALA H 716 16.40 -54.88 33.95
CA ALA H 716 15.87 -55.91 33.07
C ALA H 716 16.95 -56.48 32.16
N GLY H 717 17.84 -55.62 31.69
CA GLY H 717 18.90 -56.01 30.78
C GLY H 717 19.77 -57.13 31.34
N ARG H 718 20.44 -56.84 32.45
CA ARG H 718 21.36 -57.81 33.05
C ARG H 718 20.64 -59.03 33.59
N ILE H 719 19.38 -58.86 33.97
CA ILE H 719 18.59 -59.97 34.49
C ILE H 719 18.22 -60.94 33.38
N LEU H 720 17.66 -60.40 32.30
CA LEU H 720 17.20 -61.22 31.19
C LEU H 720 18.35 -61.93 30.47
N ARG H 721 19.45 -61.22 30.26
CA ARG H 721 20.60 -61.80 29.61
C ARG H 721 21.23 -62.89 30.47
N ALA H 722 21.03 -62.79 31.79
CA ALA H 722 21.50 -63.80 32.71
C ALA H 722 20.70 -65.08 32.52
N ILE H 723 19.38 -64.93 32.47
CA ILE H 723 18.49 -66.05 32.22
C ILE H 723 18.75 -66.62 30.83
N PHE H 724 19.12 -65.75 29.90
CA PHE H 724 19.39 -66.15 28.53
C PHE H 724 20.53 -67.15 28.44
N GLU H 725 21.68 -66.80 29.02
CA GLU H 725 22.84 -67.68 28.99
C GLU H 725 22.59 -68.95 29.79
N ILE H 726 21.67 -68.89 30.74
CA ILE H 726 21.31 -70.07 31.53
C ILE H 726 20.53 -71.06 30.67
N CYS H 727 19.55 -70.56 29.93
CA CYS H 727 18.75 -71.40 29.05
C CYS H 727 19.58 -71.90 27.88
N LEU H 728 20.59 -71.11 27.50
CA LEU H 728 21.46 -71.46 26.38
C LEU H 728 22.44 -72.57 26.77
N LYS H 729 23.04 -72.42 27.94
CA LYS H 729 24.02 -73.39 28.42
C LYS H 729 23.35 -74.69 28.86
N LYS H 730 22.03 -74.68 28.96
CA LYS H 730 21.29 -75.88 29.35
C LYS H 730 20.72 -76.59 28.13
N GLY H 731 20.89 -75.96 26.96
CA GLY H 731 20.48 -76.57 25.70
C GLY H 731 18.97 -76.64 25.51
N TRP H 732 18.30 -75.53 25.75
CA TRP H 732 16.86 -75.46 25.56
C TRP H 732 16.54 -74.41 24.49
N ALA H 733 16.20 -74.88 23.29
CA ALA H 733 16.01 -74.01 22.15
C ALA H 733 14.91 -72.99 22.36
N SER H 734 13.71 -73.47 22.69
CA SER H 734 12.54 -72.60 22.83
C SER H 734 12.75 -71.51 23.87
N VAL H 735 13.09 -71.92 25.09
CA VAL H 735 13.26 -70.98 26.19
C VAL H 735 14.40 -70.00 25.93
N ALA H 736 15.43 -70.46 25.22
CA ALA H 736 16.57 -69.61 24.89
C ALA H 736 16.17 -68.52 23.91
N LYS H 737 15.38 -68.89 22.91
CA LYS H 737 14.91 -67.94 21.91
C LYS H 737 14.05 -66.87 22.55
N LEU H 738 13.16 -67.28 23.44
CA LEU H 738 12.30 -66.34 24.16
C LEU H 738 13.13 -65.41 25.03
N ALA H 739 14.09 -65.98 25.75
CA ALA H 739 14.94 -65.22 26.64
C ALA H 739 15.68 -64.11 25.89
N LEU H 740 16.19 -64.45 24.70
CA LEU H 740 16.92 -63.48 23.89
C LEU H 740 15.99 -62.37 23.42
N ASN H 741 14.78 -62.74 23.03
CA ASN H 741 13.80 -61.76 22.57
C ASN H 741 13.41 -60.80 23.68
N MET H 742 13.39 -61.30 24.91
CA MET H 742 13.09 -60.46 26.06
C MET H 742 14.23 -59.49 26.33
N CYS H 743 15.46 -59.97 26.12
CA CYS H 743 16.63 -59.12 26.29
C CYS H 743 16.58 -57.94 25.34
N LYS H 744 16.31 -58.23 24.07
CA LYS H 744 16.20 -57.18 23.06
C LYS H 744 15.00 -56.30 23.33
N MET H 745 13.98 -56.88 23.97
CA MET H 745 12.79 -56.13 24.34
C MET H 745 13.11 -55.04 25.36
N ALA H 746 13.98 -55.37 26.30
CA ALA H 746 14.34 -54.44 27.37
C ALA H 746 15.42 -53.47 26.91
N GLU H 747 16.35 -53.96 26.09
CA GLU H 747 17.46 -53.15 25.64
C GLU H 747 17.03 -52.10 24.60
N LYS H 748 16.14 -52.50 23.70
CA LYS H 748 15.67 -51.60 22.67
C LYS H 748 14.30 -51.02 23.00
N ARG H 749 13.68 -51.56 24.05
CA ARG H 749 12.36 -51.13 24.47
C ARG H 749 11.32 -51.29 23.37
N MET H 750 10.95 -52.54 23.10
CA MET H 750 9.93 -52.83 22.09
C MET H 750 9.62 -54.32 22.04
N TRP H 751 8.36 -54.65 21.77
CA TRP H 751 7.97 -56.04 21.60
C TRP H 751 8.41 -56.53 20.23
N PRO H 752 8.76 -57.82 20.13
CA PRO H 752 9.23 -58.45 18.88
C PRO H 752 8.30 -58.20 17.70
N THR H 753 7.02 -57.98 17.97
CA THR H 753 6.04 -57.75 16.91
C THR H 753 6.08 -56.31 16.42
N MET H 754 6.71 -55.43 17.21
CA MET H 754 6.80 -54.03 16.83
C MET H 754 7.77 -53.82 15.68
N SER H 755 7.67 -52.66 15.03
CA SER H 755 8.55 -52.35 13.90
C SER H 755 9.98 -52.16 14.35
N PRO H 756 10.91 -52.93 13.77
CA PRO H 756 12.34 -52.87 14.09
C PRO H 756 12.96 -51.50 13.77
N LEU H 757 12.20 -50.64 13.12
CA LEU H 757 12.69 -49.31 12.76
C LEU H 757 13.01 -48.46 13.99
N ARG H 758 12.51 -48.88 15.15
CA ARG H 758 12.77 -48.16 16.39
C ARG H 758 14.25 -48.21 16.74
N GLN H 759 14.94 -49.23 16.25
CA GLN H 759 16.35 -49.43 16.54
C GLN H 759 17.23 -48.42 15.81
N TYR H 760 16.63 -47.68 14.87
CA TYR H 760 17.34 -46.64 14.15
C TYR H 760 17.08 -45.27 14.76
N PRO H 761 18.06 -44.75 15.52
CA PRO H 761 17.94 -43.45 16.19
C PRO H 761 17.66 -42.32 15.21
N THR H 762 18.17 -42.44 14.00
CA THR H 762 17.98 -41.42 12.97
C THR H 762 16.53 -41.41 12.48
N CYS H 763 15.87 -42.56 12.59
CA CYS H 763 14.50 -42.70 12.10
C CYS H 763 13.52 -41.82 12.86
N PRO H 764 12.72 -41.03 12.13
CA PRO H 764 11.69 -40.17 12.71
C PRO H 764 10.56 -40.97 13.34
N ALA H 765 9.83 -40.33 14.25
CA ALA H 765 8.78 -41.01 15.01
C ALA H 765 7.56 -41.34 14.16
N GLU H 766 7.19 -40.42 13.27
CA GLU H 766 5.98 -40.58 12.47
C GLU H 766 6.04 -41.79 11.55
N ILE H 767 7.18 -41.97 10.87
CA ILE H 767 7.33 -43.08 9.95
C ILE H 767 7.45 -44.40 10.71
N ILE H 768 7.60 -44.31 12.02
CA ILE H 768 7.60 -45.50 12.87
C ILE H 768 6.18 -45.86 13.27
N LYS H 769 5.40 -44.85 13.62
CA LYS H 769 4.01 -45.05 13.99
C LYS H 769 3.23 -45.69 12.85
N LYS H 770 3.43 -45.15 11.65
CA LYS H 770 2.80 -45.71 10.46
C LYS H 770 3.28 -47.13 10.23
N ALA H 771 4.60 -47.29 10.16
CA ALA H 771 5.22 -48.60 9.93
C ALA H 771 4.64 -49.68 10.85
N GLU H 772 4.34 -49.30 12.08
CA GLU H 772 3.70 -50.23 13.02
C GLU H 772 2.20 -50.30 12.74
N ARG H 773 1.64 -49.19 12.28
CA ARG H 773 0.23 -49.15 11.93
C ARG H 773 -0.04 -50.02 10.71
N MET H 774 0.92 -50.03 9.78
CA MET H 774 0.81 -50.89 8.60
C MET H 774 1.02 -52.34 8.99
N ASP H 775 -0.07 -53.11 9.01
CA ASP H 775 0.04 -54.54 9.31
C ASP H 775 0.87 -55.22 8.24
N VAL H 776 2.17 -54.95 8.24
CA VAL H 776 3.07 -55.45 7.22
C VAL H 776 4.25 -56.21 7.83
N PRO H 777 4.51 -57.42 7.31
CA PRO H 777 5.67 -58.23 7.74
C PRO H 777 6.99 -57.50 7.51
N TRP H 778 8.01 -57.90 8.24
CA TRP H 778 9.32 -57.25 8.12
C TRP H 778 10.03 -57.69 6.84
N SER H 779 9.67 -58.87 6.35
CA SER H 779 10.31 -59.42 5.15
C SER H 779 9.93 -58.64 3.90
N SER H 780 8.82 -57.92 3.96
CA SER H 780 8.32 -57.19 2.81
C SER H 780 9.00 -55.84 2.66
N TYR H 781 10.04 -55.61 3.45
CA TYR H 781 10.78 -54.35 3.38
C TYR H 781 12.13 -54.52 2.69
N PHE H 782 12.69 -55.72 2.76
CA PHE H 782 14.00 -56.00 2.19
C PHE H 782 13.99 -55.98 0.67
N ASP H 783 15.08 -55.51 0.08
CA ASP H 783 15.24 -55.49 -1.38
C ASP H 783 14.11 -54.75 -2.07
N LEU H 784 13.86 -53.52 -1.64
CA LEU H 784 12.80 -52.70 -2.23
C LEU H 784 13.34 -51.36 -2.71
N ASP H 785 12.65 -50.78 -3.68
CA ASP H 785 13.03 -49.47 -4.21
C ASP H 785 12.23 -48.36 -3.56
N PRO H 786 12.73 -47.11 -3.66
CA PRO H 786 12.07 -45.93 -3.12
C PRO H 786 10.59 -45.81 -3.51
N PRO H 787 10.27 -46.03 -4.80
CA PRO H 787 8.88 -45.96 -5.25
C PRO H 787 7.95 -46.91 -4.49
N ARG H 788 8.22 -48.20 -4.56
CA ARG H 788 7.36 -49.20 -3.91
C ARG H 788 7.33 -48.99 -2.40
N MET H 789 8.47 -48.66 -1.81
CA MET H 789 8.55 -48.40 -0.38
C MET H 789 7.72 -47.19 0.02
N GLY H 790 7.54 -46.28 -0.94
CA GLY H 790 6.80 -45.05 -0.70
C GLY H 790 5.35 -45.28 -0.35
N GLU H 791 4.58 -45.80 -1.31
CA GLU H 791 3.15 -46.03 -1.12
C GLU H 791 2.90 -47.33 -0.36
N LEU H 792 3.97 -47.96 0.11
CA LEU H 792 3.85 -49.12 0.98
C LEU H 792 3.65 -48.64 2.41
N LEU H 793 4.15 -47.44 2.69
CA LEU H 793 3.99 -46.83 4.00
C LEU H 793 3.08 -45.61 3.94
N GLY H 794 2.51 -45.36 2.77
CA GLY H 794 1.56 -44.28 2.58
C GLY H 794 2.20 -42.91 2.42
N MET H 795 3.52 -42.87 2.34
CA MET H 795 4.23 -41.61 2.16
C MET H 795 5.50 -41.80 1.32
N PRO H 796 5.49 -41.25 0.10
CA PRO H 796 6.61 -41.35 -0.85
C PRO H 796 7.88 -40.66 -0.36
N LYS H 797 7.74 -39.60 0.43
CA LYS H 797 8.88 -38.81 0.87
C LYS H 797 9.68 -39.51 1.97
N ALA H 798 9.33 -40.76 2.25
CA ALA H 798 10.04 -41.53 3.27
C ALA H 798 10.73 -42.75 2.67
N GLY H 799 10.41 -43.05 1.41
CA GLY H 799 10.95 -44.20 0.73
C GLY H 799 12.47 -44.22 0.68
N LYS H 800 13.05 -43.13 0.18
CA LYS H 800 14.49 -43.03 0.05
C LYS H 800 15.17 -43.03 1.43
N THR H 801 14.42 -42.64 2.44
CA THR H 801 14.95 -42.55 3.80
C THR H 801 14.74 -43.84 4.58
N VAL H 802 13.78 -44.65 4.15
CA VAL H 802 13.49 -45.91 4.80
C VAL H 802 14.30 -47.05 4.20
N CYS H 803 14.45 -47.02 2.88
CA CYS H 803 15.24 -48.04 2.18
C CYS H 803 16.70 -47.98 2.61
N ALA H 804 17.21 -46.76 2.76
CA ALA H 804 18.58 -46.56 3.21
C ALA H 804 18.75 -47.09 4.63
N LEU H 805 17.66 -47.07 5.39
CA LEU H 805 17.66 -47.58 6.76
C LEU H 805 17.54 -49.10 6.79
N VAL H 806 16.57 -49.61 6.05
CA VAL H 806 16.33 -51.05 6.01
C VAL H 806 17.48 -51.78 5.35
N SER H 807 18.19 -51.08 4.46
CA SER H 807 19.34 -51.67 3.78
C SER H 807 20.51 -51.85 4.73
N LYS H 808 20.47 -51.16 5.86
CA LYS H 808 21.52 -51.27 6.87
C LYS H 808 21.15 -52.28 7.94
N PHE H 809 19.99 -52.93 7.77
CA PHE H 809 19.55 -53.94 8.72
C PHE H 809 20.36 -55.21 8.56
N PRO H 810 20.94 -55.70 9.67
CA PRO H 810 21.77 -56.91 9.69
C PRO H 810 21.06 -58.13 9.10
N ARG H 811 21.17 -58.30 7.79
CA ARG H 811 20.63 -59.47 7.13
C ARG H 811 21.74 -60.49 6.87
N VAL H 812 21.39 -61.76 6.85
CA VAL H 812 22.38 -62.82 6.61
C VAL H 812 21.80 -63.95 5.77
N GLU H 813 22.47 -64.26 4.67
CA GLU H 813 22.08 -65.36 3.81
C GLU H 813 23.01 -66.55 4.04
N ILE H 814 22.46 -67.67 4.47
CA ILE H 814 23.26 -68.83 4.80
C ILE H 814 22.90 -70.06 3.98
N GLN H 815 23.83 -71.02 3.93
CA GLN H 815 23.58 -72.31 3.30
C GLN H 815 24.50 -73.35 3.94
N GLY H 816 24.00 -74.56 4.10
CA GLY H 816 24.76 -75.61 4.76
C GLY H 816 24.74 -76.93 4.02
N ASN H 817 25.88 -77.62 4.05
CA ASN H 817 25.99 -78.95 3.45
C ASN H 817 26.29 -79.99 4.51
N VAL H 818 25.70 -81.17 4.34
CA VAL H 818 25.82 -82.24 5.34
C VAL H 818 26.79 -83.32 4.91
N GLN H 819 27.68 -83.70 5.83
CA GLN H 819 28.62 -84.79 5.58
C GLN H 819 28.64 -85.74 6.77
N PRO H 820 28.02 -86.92 6.60
CA PRO H 820 27.89 -87.91 7.69
C PRO H 820 29.22 -88.56 8.05
N MET H 821 29.83 -88.12 9.13
CA MET H 821 31.06 -88.71 9.62
C MET H 821 30.82 -90.14 10.08
N THR H 822 29.93 -90.30 11.06
CA THR H 822 29.60 -91.61 11.60
C THR H 822 28.10 -91.85 11.58
N ARG H 823 27.68 -93.04 11.95
CA ARG H 823 26.27 -93.37 12.07
C ARG H 823 25.63 -92.55 13.18
N SER H 824 26.45 -92.04 14.09
CA SER H 824 25.96 -91.33 15.26
C SER H 824 26.43 -89.88 15.31
N MET H 825 26.95 -89.37 14.20
CA MET H 825 27.42 -88.00 14.16
C MET H 825 27.53 -87.47 12.72
N LEU H 826 27.20 -86.20 12.54
CA LEU H 826 27.21 -85.58 11.23
C LEU H 826 28.09 -84.34 11.18
N ARG H 827 29.05 -84.32 10.27
CA ARG H 827 29.85 -83.14 10.02
C ARG H 827 29.08 -82.17 9.14
N ILE H 828 28.95 -80.93 9.60
CA ILE H 828 28.16 -79.94 8.87
C ILE H 828 28.96 -78.66 8.63
N GLU H 829 29.08 -78.27 7.38
CA GLU H 829 29.79 -77.06 7.00
C GLU H 829 28.81 -75.94 6.70
N LEU H 830 28.93 -74.83 7.43
CA LEU H 830 28.01 -73.71 7.29
C LEU H 830 28.64 -72.53 6.57
N THR H 831 27.96 -72.04 5.56
CA THR H 831 28.42 -70.87 4.81
C THR H 831 27.55 -69.66 5.11
N ILE H 832 28.14 -68.66 5.75
CA ILE H 832 27.40 -67.45 6.13
C ILE H 832 27.80 -66.26 5.27
N THR H 833 26.83 -65.71 4.54
CA THR H 833 27.07 -64.60 3.64
C THR H 833 26.33 -63.35 4.09
N PRO H 834 27.09 -62.26 4.38
CA PRO H 834 26.51 -60.97 4.74
C PRO H 834 25.67 -60.38 3.61
N ASN H 835 24.74 -59.51 3.95
CA ASN H 835 23.89 -58.87 2.95
C ASN H 835 23.24 -57.60 3.49
N PHE H 836 24.07 -56.58 3.71
CA PHE H 836 23.59 -55.30 4.20
C PHE H 836 24.70 -54.25 4.18
N GLN H 837 24.36 -53.03 3.81
CA GLN H 837 25.33 -51.94 3.82
C GLN H 837 25.76 -51.65 5.25
N TRP H 838 27.03 -51.33 5.43
CA TRP H 838 27.58 -51.16 6.78
C TRP H 838 27.51 -49.72 7.23
N ASP H 839 27.34 -49.53 8.54
CA ASP H 839 27.38 -48.22 9.15
C ASP H 839 28.15 -48.31 10.47
N VAL H 840 28.93 -47.28 10.77
CA VAL H 840 29.83 -47.32 11.92
C VAL H 840 29.14 -47.03 13.25
N GLU H 841 28.02 -46.30 13.20
CA GLU H 841 27.31 -45.94 14.42
C GLU H 841 26.13 -46.88 14.68
N LEU H 842 25.74 -47.64 13.66
CA LEU H 842 24.65 -48.58 13.81
C LEU H 842 25.17 -49.97 14.14
N HIS H 843 26.24 -50.38 13.48
CA HIS H 843 26.79 -51.71 13.65
C HIS H 843 28.13 -51.67 14.37
N GLY H 844 28.76 -50.51 14.39
CA GLY H 844 30.07 -50.35 15.00
C GLY H 844 31.15 -50.93 14.12
N VAL H 845 32.01 -51.77 14.70
CA VAL H 845 33.05 -52.43 13.94
C VAL H 845 32.87 -53.95 13.97
N THR H 846 32.01 -54.41 14.87
CA THR H 846 31.74 -55.84 15.01
C THR H 846 30.30 -56.11 15.42
N GLU H 847 29.58 -56.85 14.59
CA GLU H 847 28.22 -57.28 14.90
C GLU H 847 28.20 -58.77 15.23
N SER H 848 27.82 -59.09 16.47
CA SER H 848 27.80 -60.46 16.93
C SER H 848 26.53 -61.19 16.55
N PHE H 849 26.60 -62.52 16.47
CA PHE H 849 25.46 -63.35 16.14
C PHE H 849 25.47 -64.64 16.94
N TRP H 850 24.34 -65.35 16.95
CA TRP H 850 24.26 -66.64 17.62
C TRP H 850 23.88 -67.74 16.64
N ILE H 851 24.72 -68.77 16.58
CA ILE H 851 24.43 -69.93 15.75
C ILE H 851 23.80 -71.04 16.59
N LEU H 852 22.61 -71.47 16.20
CA LEU H 852 21.88 -72.48 16.95
C LEU H 852 21.42 -73.63 16.05
N VAL H 853 21.66 -74.86 16.52
CA VAL H 853 21.21 -76.04 15.80
C VAL H 853 20.21 -76.84 16.63
N GLU H 854 18.94 -76.81 16.22
CA GLU H 854 17.87 -77.45 16.96
C GLU H 854 17.48 -78.78 16.33
N ASP H 855 16.88 -79.66 17.12
CA ASP H 855 16.40 -80.94 16.60
C ASP H 855 15.10 -80.76 15.83
N CYS H 856 14.48 -81.87 15.44
CA CYS H 856 13.26 -81.83 14.64
C CYS H 856 12.12 -81.14 15.39
N ASP H 857 12.07 -81.33 16.70
CA ASP H 857 11.02 -80.74 17.52
C ASP H 857 11.32 -79.28 17.84
N GLY H 858 12.59 -78.91 17.77
CA GLY H 858 13.01 -77.56 18.10
C GLY H 858 13.00 -77.33 19.59
N GLU H 859 13.46 -78.34 20.34
CA GLU H 859 13.49 -78.26 21.80
C GLU H 859 14.92 -78.25 22.33
N GLU H 860 15.70 -79.25 21.94
CA GLU H 860 17.07 -79.38 22.42
C GLU H 860 18.07 -78.68 21.51
N ILE H 861 19.11 -78.11 22.11
CA ILE H 861 20.16 -77.44 21.36
C ILE H 861 21.34 -78.37 21.13
N LEU H 862 21.42 -78.93 19.93
CA LEU H 862 22.51 -79.85 19.60
C LEU H 862 23.85 -79.14 19.55
N PHE H 863 23.84 -77.92 19.01
CA PHE H 863 25.06 -77.13 18.90
C PHE H 863 24.75 -75.64 18.91
N HIS H 864 25.61 -74.86 19.55
CA HIS H 864 25.45 -73.41 19.61
C HIS H 864 26.79 -72.72 19.83
N ASP H 865 26.98 -71.57 19.19
CA ASP H 865 28.22 -70.82 19.35
C ASP H 865 28.07 -69.41 18.78
N VAL H 866 28.96 -68.52 19.19
CA VAL H 866 28.93 -67.13 18.74
C VAL H 866 29.55 -66.99 17.36
N PHE H 867 29.21 -65.89 16.68
CA PHE H 867 29.76 -65.61 15.36
C PHE H 867 29.91 -64.11 15.17
N ILE H 868 31.13 -63.62 15.31
CA ILE H 868 31.41 -62.19 15.17
C ILE H 868 31.64 -61.82 13.71
N LEU H 869 30.94 -60.78 13.27
CA LEU H 869 31.07 -60.30 11.89
C LEU H 869 31.75 -58.93 11.86
N ARG H 870 33.02 -58.92 11.47
CA ARG H 870 33.78 -57.67 11.43
C ARG H 870 33.46 -56.84 10.19
N LYS H 871 33.69 -55.54 10.29
CA LYS H 871 33.40 -54.61 9.20
C LYS H 871 34.19 -54.92 7.94
N ASP H 872 35.52 -54.90 8.05
CA ASP H 872 36.40 -55.09 6.91
C ASP H 872 36.17 -56.45 6.23
N LEU H 873 36.03 -57.50 7.04
CA LEU H 873 35.79 -58.83 6.51
C LEU H 873 34.42 -58.93 5.84
N ALA H 874 33.50 -58.07 6.26
CA ALA H 874 32.14 -58.08 5.72
C ALA H 874 32.01 -57.12 4.55
N GLU H 875 33.11 -56.51 4.15
CA GLU H 875 33.10 -55.55 3.04
C GLU H 875 34.05 -55.97 1.92
N ALA H 876 34.77 -57.06 2.12
CA ALA H 876 35.69 -57.57 1.11
C ALA H 876 34.92 -58.05 -0.12
N GLU H 877 35.65 -58.24 -1.22
CA GLU H 877 35.05 -58.74 -2.45
C GLU H 877 34.43 -60.11 -2.19
N GLU H 878 35.22 -61.01 -1.61
CA GLU H 878 34.73 -62.31 -1.19
C GLU H 878 34.54 -62.32 0.32
N ASN H 879 33.30 -62.10 0.76
CA ASN H 879 33.01 -61.92 2.17
C ASN H 879 32.29 -63.11 2.80
N GLU H 880 32.23 -64.23 2.09
CA GLU H 880 31.54 -65.40 2.60
C GLU H 880 32.33 -66.07 3.73
N HIS H 881 31.79 -66.00 4.93
CA HIS H 881 32.40 -66.65 6.09
C HIS H 881 32.00 -68.11 6.16
N THR H 882 32.89 -68.94 6.66
CA THR H 882 32.60 -70.37 6.81
C THR H 882 32.85 -70.83 8.25
N VAL H 883 32.02 -71.75 8.70
CA VAL H 883 32.15 -72.29 10.05
C VAL H 883 31.69 -73.74 10.08
N GLU H 884 32.55 -74.63 10.57
CA GLU H 884 32.26 -76.06 10.57
C GLU H 884 32.08 -76.59 11.99
N PHE H 885 31.17 -77.54 12.15
CA PHE H 885 30.90 -78.15 13.44
C PHE H 885 30.22 -79.51 13.27
N THR H 886 29.86 -80.14 14.38
CA THR H 886 29.27 -81.47 14.35
C THR H 886 27.98 -81.55 15.16
N VAL H 887 27.10 -82.45 14.76
CA VAL H 887 25.84 -82.66 15.47
C VAL H 887 25.46 -84.14 15.47
N PRO H 888 25.21 -84.70 16.66
CA PRO H 888 24.86 -86.11 16.84
C PRO H 888 23.57 -86.50 16.12
N ILE H 889 23.42 -87.78 15.83
CA ILE H 889 22.22 -88.29 15.18
C ILE H 889 21.73 -89.56 15.85
N SER H 890 20.45 -89.59 16.20
CA SER H 890 19.84 -90.78 16.78
C SER H 890 19.46 -91.75 15.67
N GLU H 891 19.53 -93.05 15.97
CA GLU H 891 19.21 -94.08 14.99
C GLU H 891 17.81 -93.89 14.40
N PRO H 892 16.83 -93.60 15.26
CA PRO H 892 15.53 -93.14 14.73
C PRO H 892 15.70 -91.82 14.00
N MET H 893 16.26 -91.87 12.80
CA MET H 893 16.65 -90.68 12.05
C MET H 893 15.50 -89.70 11.90
N PRO H 894 15.60 -88.54 12.57
CA PRO H 894 14.60 -87.47 12.52
C PRO H 894 14.47 -86.87 11.13
N PRO H 895 13.31 -86.26 10.84
CA PRO H 895 13.03 -85.66 9.53
C PRO H 895 14.04 -84.59 9.13
N ASN H 896 14.42 -83.74 10.07
CA ASN H 896 15.35 -82.66 9.78
C ASN H 896 15.82 -81.94 11.03
N TYR H 897 16.87 -81.13 10.88
CA TYR H 897 17.35 -80.27 11.95
C TYR H 897 17.08 -78.82 11.60
N PHE H 898 17.49 -77.91 12.47
CA PHE H 898 17.28 -76.48 12.25
C PHE H 898 18.51 -75.66 12.54
N ILE H 899 18.93 -74.84 11.57
CA ILE H 899 20.02 -73.92 11.76
C ILE H 899 19.50 -72.49 11.81
N SER H 900 19.96 -71.72 12.79
CA SER H 900 19.50 -70.35 12.95
C SER H 900 20.65 -69.39 13.25
N VAL H 901 20.80 -68.38 12.40
CA VAL H 901 21.77 -67.32 12.61
C VAL H 901 21.06 -66.08 13.15
N ILE H 902 21.05 -65.94 14.47
CA ILE H 902 20.32 -64.87 15.12
C ILE H 902 21.24 -63.74 15.55
N SER H 903 20.73 -62.51 15.48
CA SER H 903 21.47 -61.35 15.94
C SER H 903 21.49 -61.27 17.46
N ASP H 904 22.65 -60.95 18.02
CA ASP H 904 22.79 -60.83 19.47
C ASP H 904 22.32 -59.47 19.93
N ARG H 905 22.25 -58.52 19.01
CA ARG H 905 21.96 -57.14 19.36
C ARG H 905 20.65 -56.65 18.74
N TRP H 906 20.40 -57.03 17.50
CA TRP H 906 19.26 -56.53 16.76
C TRP H 906 18.02 -57.40 16.93
N MET H 907 16.85 -56.77 16.87
CA MET H 907 15.58 -57.47 17.00
C MET H 907 15.03 -57.85 15.63
N HIS H 908 14.37 -59.00 15.56
CA HIS H 908 13.77 -59.49 14.32
C HIS H 908 14.83 -59.71 13.24
N SER H 909 16.04 -60.03 13.68
CA SER H 909 17.14 -60.32 12.77
C SER H 909 17.56 -61.78 12.91
N GLU H 910 16.93 -62.64 12.12
CA GLU H 910 17.17 -64.08 12.23
C GLU H 910 17.04 -64.78 10.88
N THR H 911 17.81 -65.84 10.69
CA THR H 911 17.76 -66.63 9.48
C THR H 911 17.69 -68.12 9.82
N ARG H 912 16.51 -68.72 9.62
CA ARG H 912 16.34 -70.14 9.91
C ARG H 912 16.44 -70.97 8.64
N MET H 913 17.34 -71.95 8.66
CA MET H 913 17.49 -72.87 7.54
C MET H 913 17.23 -74.31 7.97
N PRO H 914 16.11 -74.88 7.51
CA PRO H 914 15.78 -76.28 7.77
C PRO H 914 16.75 -77.24 7.09
N VAL H 915 17.46 -78.04 7.86
CA VAL H 915 18.40 -79.01 7.31
C VAL H 915 17.74 -80.38 7.17
N SER H 916 17.14 -80.61 6.01
CA SER H 916 16.40 -81.84 5.76
C SER H 916 17.33 -83.03 5.56
N PHE H 917 16.87 -84.20 6.00
CA PHE H 917 17.63 -85.44 5.84
C PHE H 917 16.87 -86.43 4.98
N GLN H 918 15.99 -85.91 4.13
CA GLN H 918 15.16 -86.73 3.25
C GLN H 918 16.02 -87.57 2.30
N LYS H 919 17.11 -86.99 1.83
CA LYS H 919 17.99 -87.66 0.89
C LYS H 919 19.36 -87.95 1.51
N LEU H 920 19.38 -88.06 2.84
CA LEU H 920 20.62 -88.33 3.56
C LEU H 920 20.90 -89.83 3.63
N ILE H 921 22.14 -90.21 3.40
CA ILE H 921 22.55 -91.61 3.46
C ILE H 921 23.57 -91.84 4.56
N LEU H 922 23.14 -92.53 5.61
CA LEU H 922 24.02 -92.82 6.74
C LEU H 922 25.11 -93.80 6.36
N PRO H 923 26.29 -93.66 6.98
CA PRO H 923 27.42 -94.59 6.78
C PRO H 923 27.09 -95.97 7.31
N GLU H 924 27.87 -96.97 6.93
CA GLU H 924 27.67 -98.33 7.41
C GLU H 924 27.90 -98.39 8.92
N ARG H 925 27.40 -99.46 9.55
CA ARG H 925 27.52 -99.61 10.99
C ARG H 925 28.96 -99.82 11.42
N PHE H 926 29.20 -99.75 12.72
CA PHE H 926 30.55 -99.90 13.26
C PHE H 926 30.94 -101.36 13.41
N PRO H 927 31.94 -101.81 12.64
CA PRO H 927 32.51 -103.15 12.80
C PRO H 927 33.35 -103.23 14.08
N PRO H 928 32.96 -104.12 15.00
CA PRO H 928 33.62 -104.27 16.31
C PRO H 928 35.13 -104.41 16.20
N HIS H 929 35.85 -103.74 17.09
CA HIS H 929 37.31 -103.80 17.10
C HIS H 929 37.78 -105.20 17.40
N THR H 930 38.97 -105.55 16.90
CA THR H 930 39.58 -106.83 17.20
C THR H 930 39.80 -106.95 18.70
N GLU H 931 39.57 -108.14 19.25
CA GLU H 931 39.66 -108.35 20.68
C GLU H 931 41.10 -108.16 21.18
N LEU H 932 41.31 -108.32 22.48
CA LEU H 932 42.62 -108.11 23.08
C LEU H 932 43.46 -109.39 23.03
N LEU H 933 42.77 -110.53 22.91
CA LEU H 933 43.39 -111.86 22.93
C LEU H 933 44.61 -111.97 23.84
N ASP H 934 44.43 -111.56 25.09
CA ASP H 934 45.51 -111.57 26.08
C ASP H 934 46.17 -112.95 26.20
N LEU H 935 47.47 -112.99 25.93
CA LEU H 935 48.22 -114.24 25.97
C LEU H 935 49.35 -114.18 26.99
N GLN H 936 50.05 -115.30 27.14
CA GLN H 936 51.20 -115.38 28.03
C GLN H 936 52.34 -114.52 27.49
N PRO H 937 53.14 -113.93 28.39
CA PRO H 937 54.29 -113.10 27.99
C PRO H 937 55.26 -113.85 27.08
N LEU H 938 55.59 -113.24 25.95
CA LEU H 938 56.45 -113.88 24.96
C LEU H 938 57.90 -113.41 25.10
N PRO H 939 58.81 -114.35 25.40
CA PRO H 939 60.23 -114.05 25.61
C PRO H 939 60.93 -113.65 24.30
N VAL H 940 62.00 -112.86 24.42
CA VAL H 940 62.72 -112.38 23.25
C VAL H 940 63.54 -113.49 22.60
N SER H 941 63.38 -114.72 23.11
CA SER H 941 64.02 -115.89 22.52
C SER H 941 63.36 -116.23 21.19
N ALA H 942 62.33 -115.47 20.84
CA ALA H 942 61.57 -115.69 19.61
C ALA H 942 62.43 -115.57 18.36
N LEU H 943 61.85 -115.90 17.21
CA LEU H 943 62.56 -115.96 15.94
C LEU H 943 63.60 -117.08 15.97
N LYS H 944 64.74 -116.83 16.60
CA LYS H 944 65.78 -117.86 16.71
C LYS H 944 66.98 -117.38 17.52
N ALA H 945 66.72 -116.70 18.64
CA ALA H 945 67.80 -116.21 19.51
C ALA H 945 68.85 -115.46 18.73
N LYS H 946 70.09 -115.96 18.76
CA LYS H 946 71.18 -115.42 17.97
C LYS H 946 71.38 -113.92 18.17
N ASP H 947 71.23 -113.48 19.42
CA ASP H 947 71.45 -112.08 19.78
C ASP H 947 70.45 -111.15 19.10
N TYR H 948 69.33 -111.69 18.65
CA TYR H 948 68.23 -110.86 18.16
C TYR H 948 67.62 -110.13 19.35
N ALA H 949 67.79 -110.73 20.52
CA ALA H 949 67.35 -110.12 21.77
C ALA H 949 68.33 -109.06 22.24
N ALA H 950 69.47 -108.97 21.55
CA ALA H 950 70.44 -107.92 21.83
C ALA H 950 69.88 -106.58 21.41
N LEU H 951 68.90 -106.63 20.51
CA LEU H 951 68.17 -105.43 20.09
C LEU H 951 67.27 -104.96 21.22
N TYR H 952 66.79 -105.91 22.02
CA TYR H 952 65.98 -105.61 23.18
C TYR H 952 66.66 -106.12 24.44
N PRO H 953 67.87 -105.60 24.73
CA PRO H 953 68.71 -106.13 25.81
C PRO H 953 68.20 -105.77 27.21
N ASN H 954 67.54 -104.64 27.34
CA ASN H 954 67.08 -104.16 28.64
C ASN H 954 66.12 -105.14 29.32
N TRP H 955 65.00 -105.44 28.66
CA TRP H 955 64.04 -106.40 29.20
C TRP H 955 64.09 -107.72 28.45
N GLN H 956 63.34 -108.70 28.93
CA GLN H 956 63.47 -110.07 28.43
C GLN H 956 62.18 -110.61 27.83
N GLN H 957 61.10 -109.85 27.92
CA GLN H 957 59.81 -110.31 27.40
C GLN H 957 59.12 -109.25 26.55
N PHE H 958 58.05 -109.66 25.87
CA PHE H 958 57.26 -108.75 25.04
C PHE H 958 56.04 -108.22 25.78
N ASN H 959 55.23 -107.44 25.07
CA ASN H 959 54.00 -106.90 25.63
C ASN H 959 52.81 -107.77 25.24
N LYS H 960 51.62 -107.41 25.72
CA LYS H 960 50.43 -108.23 25.49
C LYS H 960 49.94 -108.19 24.06
N ILE H 961 50.43 -107.24 23.26
CA ILE H 961 49.97 -107.11 21.89
C ILE H 961 50.97 -107.68 20.89
N GLN H 962 52.26 -107.65 21.23
CA GLN H 962 53.28 -108.21 20.36
C GLN H 962 53.13 -109.71 20.22
N THR H 963 52.53 -110.34 21.23
CA THR H 963 52.35 -111.79 21.23
C THR H 963 51.44 -112.23 20.07
N GLN H 964 50.42 -111.42 19.79
CA GLN H 964 49.51 -111.72 18.69
C GLN H 964 50.10 -111.27 17.37
N THR H 965 50.82 -110.17 17.40
CA THR H 965 51.47 -109.63 16.20
C THR H 965 52.68 -110.48 15.83
N PHE H 966 53.01 -111.46 16.67
CA PHE H 966 54.17 -112.29 16.45
C PHE H 966 54.01 -113.20 15.23
N ASN H 967 53.26 -114.28 15.39
CA ASN H 967 53.08 -115.25 14.32
C ASN H 967 52.35 -114.65 13.12
N SER H 968 51.61 -113.58 13.36
CA SER H 968 50.92 -112.87 12.28
C SER H 968 51.94 -112.13 11.41
N LEU H 969 52.84 -111.41 12.06
CA LEU H 969 53.93 -110.74 11.35
C LEU H 969 55.06 -111.71 11.09
N TYR H 970 54.71 -112.94 10.69
CA TYR H 970 55.69 -113.98 10.42
C TYR H 970 56.60 -113.57 9.26
N ASN H 971 57.75 -114.24 9.18
CA ASN H 971 58.82 -113.90 8.24
C ASN H 971 58.36 -113.71 6.79
N THR H 972 57.93 -114.80 6.15
CA THR H 972 57.57 -114.77 4.73
C THR H 972 56.43 -113.80 4.44
N ASP H 973 56.17 -113.58 3.16
CA ASP H 973 55.21 -112.57 2.71
C ASP H 973 53.82 -112.68 3.35
N ASN H 974 53.39 -111.58 3.95
CA ASN H 974 52.03 -111.47 4.49
C ASN H 974 51.77 -110.04 4.96
N ASN H 975 51.31 -109.19 4.05
CA ASN H 975 51.03 -107.79 4.37
C ASN H 975 50.03 -107.66 5.50
N VAL H 976 50.35 -106.83 6.49
CA VAL H 976 49.52 -106.67 7.67
C VAL H 976 49.09 -105.22 7.86
N LEU H 977 48.04 -105.03 8.65
CA LEU H 977 47.56 -103.70 9.00
C LEU H 977 47.27 -103.63 10.49
N VAL H 978 48.23 -103.11 11.24
CA VAL H 978 48.10 -103.04 12.70
C VAL H 978 47.73 -101.64 13.16
N ALA H 979 46.48 -101.48 13.57
CA ALA H 979 45.98 -100.20 14.06
C ALA H 979 45.96 -100.17 15.58
N ALA H 980 46.90 -99.44 16.18
CA ALA H 980 47.01 -99.36 17.62
C ALA H 980 47.27 -97.93 18.09
N PRO H 981 46.94 -97.65 19.36
CA PRO H 981 47.11 -96.31 19.95
C PRO H 981 48.58 -95.88 19.96
N THR H 982 48.82 -94.60 19.70
CA THR H 982 50.18 -94.07 19.64
C THR H 982 50.90 -94.20 20.99
N GLY H 983 52.02 -94.90 20.98
CA GLY H 983 52.82 -95.06 22.18
C GLY H 983 52.73 -96.45 22.78
N SER H 984 52.13 -97.37 22.05
CA SER H 984 51.97 -98.75 22.52
C SER H 984 53.04 -99.66 21.94
N GLY H 985 54.15 -99.07 21.52
CA GLY H 985 55.24 -99.82 20.93
C GLY H 985 54.86 -100.40 19.59
N LYS H 986 54.10 -99.64 18.81
CA LYS H 986 53.65 -100.07 17.50
C LYS H 986 54.78 -100.05 16.48
N THR H 987 55.94 -99.56 16.90
CA THR H 987 57.09 -99.44 16.01
C THR H 987 57.83 -100.76 15.89
N VAL H 988 57.86 -101.53 16.97
CA VAL H 988 58.56 -102.81 16.99
C VAL H 988 57.90 -103.81 16.03
N CYS H 989 56.59 -103.68 15.85
CA CYS H 989 55.87 -104.51 14.91
C CYS H 989 56.37 -104.25 13.49
N ALA H 990 56.66 -102.99 13.20
CA ALA H 990 57.25 -102.61 11.93
C ALA H 990 58.70 -103.07 11.89
N GLU H 991 59.31 -103.17 13.06
CA GLU H 991 60.68 -103.66 13.18
C GLU H 991 60.72 -105.18 13.04
N PHE H 992 59.55 -105.79 12.87
CA PHE H 992 59.46 -107.22 12.63
C PHE H 992 59.52 -107.51 11.13
N ALA H 993 58.55 -106.98 10.39
CA ALA H 993 58.40 -107.26 8.97
C ALA H 993 59.68 -107.09 8.16
N LEU H 994 60.59 -106.26 8.64
CA LEU H 994 61.83 -105.98 7.91
C LEU H 994 62.85 -107.10 8.05
N LEU H 995 63.15 -107.50 9.28
CA LEU H 995 64.09 -108.60 9.51
C LEU H 995 63.46 -109.96 9.23
N ARG H 996 62.13 -109.98 9.10
CA ARG H 996 61.40 -111.14 8.57
C ARG H 996 61.90 -111.30 7.14
N HIS H 997 61.53 -110.25 6.40
CA HIS H 997 61.75 -109.98 5.00
C HIS H 997 63.19 -110.27 4.59
N TRP H 998 64.14 -109.53 5.14
CA TRP H 998 65.53 -109.71 4.72
C TRP H 998 66.19 -110.90 5.41
N ALA H 999 66.08 -112.06 4.79
CA ALA H 999 66.73 -113.27 5.28
C ALA H 999 67.24 -114.09 4.10
N LYS H 1000 68.55 -114.04 3.87
CA LYS H 1000 69.21 -114.66 2.73
C LYS H 1000 68.45 -114.50 1.41
N LYS H 1001 68.69 -113.38 0.73
CA LYS H 1001 68.11 -113.13 -0.58
C LYS H 1001 68.93 -112.09 -1.36
N ASP H 1002 69.01 -112.27 -2.67
CA ASP H 1002 69.79 -111.39 -3.53
C ASP H 1002 69.11 -110.05 -3.77
N ALA H 1003 67.94 -110.08 -4.37
CA ALA H 1003 67.25 -108.85 -4.77
C ALA H 1003 66.38 -108.30 -3.63
N GLY H 1004 66.96 -107.49 -2.74
CA GLY H 1004 66.29 -107.12 -1.49
C GLY H 1004 66.25 -105.66 -1.09
N ARG H 1005 65.12 -105.01 -1.28
CA ARG H 1005 65.02 -103.60 -0.91
C ARG H 1005 63.68 -103.20 -0.28
N ALA H 1006 63.77 -102.35 0.74
CA ALA H 1006 62.61 -101.94 1.51
C ALA H 1006 62.47 -100.43 1.54
N VAL H 1007 61.23 -99.95 1.48
CA VAL H 1007 60.96 -98.53 1.49
C VAL H 1007 60.05 -98.14 2.64
N TYR H 1008 60.62 -97.47 3.64
CA TYR H 1008 59.85 -96.97 4.76
C TYR H 1008 59.32 -95.57 4.46
N ILE H 1009 58.04 -95.35 4.73
CA ILE H 1009 57.43 -94.05 4.46
C ILE H 1009 56.66 -93.51 5.66
N ALA H 1010 57.03 -92.31 6.08
CA ALA H 1010 56.31 -91.60 7.13
C ALA H 1010 55.62 -90.37 6.54
N PRO H 1011 54.47 -89.99 7.10
CA PRO H 1011 53.67 -88.89 6.57
C PRO H 1011 54.42 -87.56 6.57
N PHE H 1012 55.20 -87.31 7.61
CA PHE H 1012 55.94 -86.06 7.74
C PHE H 1012 57.44 -86.31 7.75
N GLN H 1013 58.19 -85.36 7.18
CA GLN H 1013 59.65 -85.46 7.15
C GLN H 1013 60.23 -85.55 8.55
N GLU H 1014 59.50 -84.99 9.51
CA GLU H 1014 59.93 -84.99 10.90
C GLU H 1014 60.04 -86.40 11.45
N LEU H 1015 59.23 -87.31 10.92
CA LEU H 1015 59.23 -88.70 11.38
C LEU H 1015 60.27 -89.52 10.62
N VAL H 1016 60.45 -89.20 9.34
CA VAL H 1016 61.34 -89.99 8.49
C VAL H 1016 62.80 -89.86 8.93
N ASP H 1017 63.15 -88.71 9.50
CA ASP H 1017 64.52 -88.48 9.96
C ASP H 1017 64.64 -88.68 11.47
N LEU H 1018 63.50 -88.87 12.13
CA LEU H 1018 63.49 -89.13 13.56
C LEU H 1018 63.54 -90.64 13.81
N ARG H 1019 63.06 -91.40 12.84
CA ARG H 1019 63.08 -92.86 12.92
C ARG H 1019 64.27 -93.41 12.15
N PHE H 1020 64.99 -92.52 11.48
CA PHE H 1020 66.17 -92.91 10.71
C PHE H 1020 67.40 -92.97 11.61
N GLN H 1021 67.46 -92.06 12.58
CA GLN H 1021 68.60 -91.98 13.49
C GLN H 1021 68.76 -93.23 14.35
N ASP H 1022 67.70 -93.60 15.05
CA ASP H 1022 67.75 -94.74 15.96
C ASP H 1022 67.87 -96.06 15.20
N TRP H 1023 67.36 -96.10 13.98
CA TRP H 1023 67.42 -97.31 13.16
C TRP H 1023 68.82 -97.55 12.61
N GLN H 1024 69.57 -96.48 12.38
CA GLN H 1024 70.94 -96.60 11.89
C GLN H 1024 71.88 -96.95 13.03
N LYS H 1025 71.39 -96.80 14.26
CA LYS H 1025 72.18 -97.08 15.45
C LYS H 1025 71.90 -98.49 15.97
N ARG H 1026 70.68 -98.97 15.73
CA ARG H 1026 70.26 -100.28 16.22
C ARG H 1026 70.23 -101.31 15.10
N LEU H 1027 69.93 -100.87 13.88
CA LEU H 1027 69.76 -101.76 12.75
C LEU H 1027 70.80 -101.52 11.66
N SER H 1028 72.05 -101.30 12.08
CA SER H 1028 73.14 -101.11 11.12
C SER H 1028 73.76 -102.46 10.76
N HIS H 1029 73.73 -103.39 11.70
CA HIS H 1029 74.31 -104.72 11.49
C HIS H 1029 73.29 -105.82 11.74
N LEU H 1030 72.95 -106.55 10.67
CA LEU H 1030 72.05 -107.70 10.76
C LEU H 1030 72.22 -108.56 9.52
N ARG H 1031 72.10 -109.88 9.72
CA ARG H 1031 72.25 -110.91 8.68
C ARG H 1031 72.60 -110.39 7.28
N GLY H 1032 73.90 -110.21 7.06
CA GLY H 1032 74.39 -109.57 5.85
C GLY H 1032 74.91 -108.18 6.17
N GLY H 1033 74.99 -107.34 5.15
CA GLY H 1033 75.42 -105.97 5.34
C GLY H 1033 74.47 -104.99 4.68
N LYS H 1034 73.83 -104.15 5.49
CA LYS H 1034 72.83 -103.22 4.95
C LYS H 1034 73.03 -101.80 5.43
N GLU H 1035 72.62 -100.86 4.58
CA GLU H 1035 72.81 -99.44 4.83
C GLU H 1035 71.47 -98.69 4.82
N ILE H 1036 70.94 -98.42 6.00
CA ILE H 1036 69.71 -97.65 6.12
C ILE H 1036 69.97 -96.21 5.70
N VAL H 1037 69.22 -95.73 4.72
CA VAL H 1037 69.43 -94.39 4.17
C VAL H 1037 68.20 -93.50 4.33
N LYS H 1038 68.41 -92.20 4.15
CA LYS H 1038 67.33 -91.22 4.25
C LYS H 1038 67.17 -90.46 2.94
N LEU H 1039 66.04 -90.63 2.28
CA LEU H 1039 65.77 -89.96 1.02
C LEU H 1039 65.76 -88.45 1.20
N THR H 1040 66.61 -87.76 0.45
CA THR H 1040 66.76 -86.31 0.61
C THR H 1040 65.59 -85.53 0.03
N GLY H 1041 65.47 -85.51 -1.30
CA GLY H 1041 64.39 -84.78 -1.95
C GLY H 1041 64.60 -84.60 -3.44
N GLU H 1042 65.85 -84.46 -3.85
CA GLU H 1042 66.17 -84.28 -5.28
C GLU H 1042 66.27 -85.62 -5.99
N THR H 1043 65.43 -85.80 -7.01
CA THR H 1043 65.35 -87.07 -7.73
C THR H 1043 66.67 -87.50 -8.37
N THR H 1044 67.46 -86.52 -8.79
CA THR H 1044 68.73 -86.79 -9.45
C THR H 1044 69.68 -87.58 -8.56
N THR H 1045 69.63 -87.32 -7.26
CA THR H 1045 70.48 -88.02 -6.30
C THR H 1045 69.68 -89.09 -5.56
N ASP H 1046 68.37 -88.96 -5.57
CA ASP H 1046 67.50 -89.94 -4.92
C ASP H 1046 67.56 -91.28 -5.63
N LEU H 1047 67.61 -91.24 -6.96
CA LEU H 1047 67.72 -92.46 -7.75
C LEU H 1047 69.05 -93.14 -7.47
N LYS H 1048 70.02 -92.37 -7.00
CA LYS H 1048 71.30 -92.92 -6.59
C LYS H 1048 71.21 -93.52 -5.18
N LEU H 1049 70.38 -92.90 -4.35
CA LEU H 1049 70.12 -93.44 -3.01
C LEU H 1049 69.38 -94.76 -3.11
N LEU H 1050 68.52 -94.87 -4.12
CA LEU H 1050 67.79 -96.11 -4.36
C LEU H 1050 68.74 -97.19 -4.90
N GLU H 1051 69.73 -96.75 -5.66
CA GLU H 1051 70.73 -97.67 -6.21
C GLU H 1051 71.65 -98.19 -5.10
N GLN H 1052 72.00 -97.29 -4.17
CA GLN H 1052 72.88 -97.66 -3.07
C GLN H 1052 72.12 -98.41 -1.99
N GLY H 1053 71.52 -97.66 -1.06
CA GLY H 1053 70.78 -98.24 0.04
C GLY H 1053 69.57 -99.03 -0.42
N ASP H 1054 69.23 -100.08 0.33
CA ASP H 1054 68.07 -100.91 0.01
C ASP H 1054 66.92 -100.63 0.96
N LEU H 1055 67.25 -100.04 2.11
CA LEU H 1055 66.23 -99.62 3.07
C LEU H 1055 66.17 -98.10 3.15
N ILE H 1056 65.20 -97.51 2.46
CA ILE H 1056 65.10 -96.05 2.38
C ILE H 1056 63.95 -95.51 3.21
N LEU H 1057 64.22 -94.44 3.95
CA LEU H 1057 63.17 -93.73 4.68
C LEU H 1057 62.84 -92.43 3.96
N ALA H 1058 61.63 -92.35 3.42
CA ALA H 1058 61.23 -91.19 2.63
C ALA H 1058 59.85 -90.69 3.02
N THR H 1059 59.43 -89.59 2.40
CA THR H 1059 58.11 -89.02 2.64
C THR H 1059 57.20 -89.28 1.45
N PRO H 1060 55.88 -89.13 1.66
CA PRO H 1060 54.87 -89.37 0.63
C PRO H 1060 55.09 -88.54 -0.62
N LEU H 1061 55.44 -87.26 -0.44
CA LEU H 1061 55.66 -86.37 -1.56
C LEU H 1061 56.90 -86.77 -2.36
N GLN H 1062 57.87 -87.35 -1.67
CA GLN H 1062 59.11 -87.78 -2.31
C GLN H 1062 58.86 -88.97 -3.23
N TRP H 1063 57.78 -89.71 -2.95
CA TRP H 1063 57.44 -90.89 -3.75
C TRP H 1063 56.39 -90.56 -4.81
N ASP H 1064 56.33 -89.29 -5.21
CA ASP H 1064 55.45 -88.88 -6.31
C ASP H 1064 56.26 -88.68 -7.58
N VAL H 1065 57.10 -87.66 -7.57
CA VAL H 1065 58.02 -87.42 -8.68
C VAL H 1065 58.91 -88.64 -8.86
N LEU H 1066 59.32 -89.22 -7.74
CA LEU H 1066 60.01 -90.50 -7.75
C LEU H 1066 58.98 -91.62 -7.74
N SER H 1067 59.35 -92.77 -8.30
CA SER H 1067 58.44 -93.90 -8.39
C SER H 1067 57.23 -93.56 -9.26
N ARG H 1068 57.39 -92.57 -10.12
CA ARG H 1068 56.34 -92.18 -11.06
C ARG H 1068 56.08 -93.30 -12.05
N GLN H 1069 57.16 -93.85 -12.60
CA GLN H 1069 57.09 -94.97 -13.52
C GLN H 1069 57.96 -96.10 -12.98
N TRP H 1070 57.43 -97.32 -13.01
CA TRP H 1070 58.13 -98.45 -12.41
C TRP H 1070 59.11 -99.12 -13.38
N LYS H 1071 58.75 -99.18 -14.66
CA LYS H 1071 59.58 -99.89 -15.63
C LYS H 1071 60.77 -99.05 -16.09
N ARG H 1072 60.82 -97.81 -15.64
CA ARG H 1072 61.94 -96.93 -15.98
C ARG H 1072 63.21 -97.39 -15.28
N ARG H 1073 63.05 -98.08 -14.16
CA ARG H 1073 64.17 -98.71 -13.48
C ARG H 1073 63.68 -99.86 -12.60
N LYS H 1074 64.29 -101.02 -12.76
CA LYS H 1074 63.81 -102.24 -12.11
C LYS H 1074 64.17 -102.25 -10.63
N ASN H 1075 64.72 -101.12 -10.15
CA ASN H 1075 64.96 -100.93 -8.73
C ASN H 1075 63.67 -100.75 -7.94
N VAL H 1076 62.77 -99.89 -8.42
CA VAL H 1076 61.45 -99.76 -7.79
C VAL H 1076 60.73 -101.09 -7.96
N GLN H 1077 61.28 -102.01 -8.76
CA GLN H 1077 60.78 -103.39 -8.69
C GLN H 1077 61.58 -104.26 -7.69
N THR H 1078 62.78 -103.84 -7.28
CA THR H 1078 63.51 -104.59 -6.24
C THR H 1078 62.92 -104.50 -4.83
N VAL H 1079 62.05 -103.51 -4.62
CA VAL H 1079 61.46 -103.32 -3.30
C VAL H 1079 60.55 -104.51 -2.95
N GLU H 1080 61.12 -105.52 -2.29
CA GLU H 1080 60.28 -106.65 -1.83
C GLU H 1080 59.32 -106.39 -0.66
N LEU H 1081 59.58 -105.35 0.15
CA LEU H 1081 58.64 -104.84 1.20
C LEU H 1081 58.29 -103.31 1.18
N PHE H 1082 57.09 -102.96 1.68
CA PHE H 1082 56.65 -101.55 1.82
C PHE H 1082 55.90 -101.22 3.12
N ILE H 1083 56.63 -100.71 4.12
CA ILE H 1083 56.05 -100.34 5.40
C ILE H 1083 55.55 -98.90 5.41
N ALA H 1084 54.28 -98.71 5.73
CA ALA H 1084 53.67 -97.38 5.76
C ALA H 1084 53.25 -97.01 7.18
N ASP H 1085 54.17 -96.41 7.93
CA ASP H 1085 53.91 -96.02 9.31
C ASP H 1085 52.97 -94.81 9.37
N ASP H 1086 52.01 -94.88 10.28
CA ASP H 1086 51.01 -93.82 10.43
C ASP H 1086 50.29 -93.53 9.11
N LEU H 1087 49.51 -94.50 8.65
CA LEU H 1087 48.82 -94.39 7.37
C LEU H 1087 47.55 -93.55 7.48
N HIS H 1088 47.05 -93.40 8.70
CA HIS H 1088 45.81 -92.66 8.94
C HIS H 1088 45.97 -91.18 8.61
N MET H 1089 47.22 -90.72 8.55
CA MET H 1089 47.50 -89.32 8.25
C MET H 1089 47.23 -88.98 6.80
N LEU H 1090 46.70 -89.95 6.05
CA LEU H 1090 46.32 -89.70 4.67
C LEU H 1090 45.09 -88.79 4.64
N GLY H 1091 44.45 -88.65 5.80
CA GLY H 1091 43.32 -87.76 5.95
C GLY H 1091 43.68 -86.53 6.77
N GLY H 1092 44.97 -86.24 6.85
CA GLY H 1092 45.46 -85.08 7.57
C GLY H 1092 46.55 -84.37 6.80
N GLN H 1093 46.44 -83.05 6.70
CA GLN H 1093 47.41 -82.27 5.93
C GLN H 1093 47.43 -82.73 4.48
N MET H 1094 48.61 -82.70 3.87
CA MET H 1094 48.79 -83.21 2.51
C MET H 1094 48.82 -84.73 2.53
N GLY H 1095 47.71 -85.33 2.96
CA GLY H 1095 47.63 -86.77 3.11
C GLY H 1095 47.13 -87.47 1.87
N TYR H 1096 46.62 -86.70 0.91
CA TYR H 1096 46.10 -87.28 -0.33
C TYR H 1096 47.24 -87.83 -1.19
N ILE H 1097 48.43 -87.29 -1.00
CA ILE H 1097 49.60 -87.81 -1.70
C ILE H 1097 50.05 -89.12 -1.07
N TYR H 1098 49.81 -89.24 0.23
CA TYR H 1098 50.12 -90.48 0.94
C TYR H 1098 49.17 -91.58 0.48
N GLU H 1099 48.07 -91.18 -0.14
CA GLU H 1099 47.09 -92.11 -0.67
C GLU H 1099 47.44 -92.53 -2.10
N ILE H 1100 47.96 -91.56 -2.88
CA ILE H 1100 48.34 -91.82 -4.25
C ILE H 1100 49.55 -92.74 -4.34
N VAL H 1101 50.48 -92.57 -3.39
CA VAL H 1101 51.66 -93.42 -3.32
C VAL H 1101 51.26 -94.87 -3.05
N VAL H 1102 50.29 -95.04 -2.16
CA VAL H 1102 49.75 -96.37 -1.88
C VAL H 1102 48.87 -96.81 -3.05
N SER H 1103 48.36 -95.84 -3.78
CA SER H 1103 47.53 -96.12 -4.96
C SER H 1103 48.34 -96.74 -6.08
N ARG H 1104 49.67 -96.59 -6.01
CA ARG H 1104 50.54 -97.16 -7.02
C ARG H 1104 51.41 -98.28 -6.45
N MET H 1105 51.37 -98.44 -5.14
CA MET H 1105 52.09 -99.54 -4.50
C MET H 1105 51.39 -100.87 -4.75
N HIS H 1106 50.13 -100.79 -5.18
CA HIS H 1106 49.35 -101.98 -5.49
C HIS H 1106 49.07 -102.05 -6.99
N PHE H 1107 49.12 -100.89 -7.65
CA PHE H 1107 48.92 -100.83 -9.10
C PHE H 1107 50.12 -101.46 -9.81
N ILE H 1108 51.23 -101.55 -9.10
CA ILE H 1108 52.42 -102.23 -9.62
C ILE H 1108 52.22 -103.74 -9.55
N ARG H 1109 51.55 -104.20 -8.49
CA ARG H 1109 51.25 -105.61 -8.30
C ARG H 1109 50.55 -106.18 -9.53
N THR H 1110 49.72 -105.36 -10.17
CA THR H 1110 49.02 -105.76 -11.38
C THR H 1110 49.96 -105.80 -12.57
N GLN H 1111 51.06 -105.06 -12.47
CA GLN H 1111 52.01 -104.96 -13.56
C GLN H 1111 53.29 -105.75 -13.28
N THR H 1112 53.79 -105.66 -12.06
CA THR H 1112 54.96 -106.44 -11.66
C THR H 1112 54.51 -107.70 -10.92
N GLU H 1113 55.07 -108.84 -11.32
CA GLU H 1113 54.64 -110.13 -10.76
C GLU H 1113 55.31 -110.43 -9.43
N LEU H 1114 56.48 -109.83 -9.20
CA LEU H 1114 57.21 -110.05 -7.96
C LEU H 1114 56.37 -109.64 -6.75
N PRO H 1115 56.21 -110.56 -5.79
CA PRO H 1115 55.38 -110.35 -4.60
C PRO H 1115 55.94 -109.27 -3.69
N MET H 1116 55.05 -108.54 -3.02
CA MET H 1116 55.46 -107.47 -2.11
C MET H 1116 54.61 -107.49 -0.85
N ARG H 1117 55.14 -106.94 0.23
CA ARG H 1117 54.43 -106.92 1.51
C ARG H 1117 54.22 -105.48 1.99
N ILE H 1118 52.98 -105.00 1.86
CA ILE H 1118 52.64 -103.65 2.29
C ILE H 1118 52.09 -103.66 3.72
N VAL H 1119 52.96 -103.40 4.69
CA VAL H 1119 52.55 -103.33 6.08
C VAL H 1119 52.31 -101.88 6.49
N GLY H 1120 51.16 -101.62 7.11
CA GLY H 1120 50.80 -100.28 7.51
C GLY H 1120 50.48 -100.14 8.97
N LEU H 1121 50.96 -99.06 9.59
CA LEU H 1121 50.70 -98.80 11.00
C LEU H 1121 49.77 -97.59 11.16
N SER H 1122 48.99 -97.59 12.23
CA SER H 1122 48.05 -96.50 12.49
C SER H 1122 47.39 -96.66 13.85
N VAL H 1123 46.59 -95.67 14.23
CA VAL H 1123 45.85 -95.72 15.50
C VAL H 1123 44.53 -96.45 15.31
N SER H 1124 43.65 -96.33 16.31
CA SER H 1124 42.37 -97.03 16.27
C SER H 1124 41.40 -96.38 15.28
N LEU H 1125 41.00 -97.14 14.28
CA LEU H 1125 40.00 -96.68 13.32
C LEU H 1125 38.64 -97.30 13.60
N ALA H 1126 37.58 -96.51 13.41
CA ALA H 1126 36.23 -97.01 13.62
C ALA H 1126 35.77 -97.86 12.43
N ASN H 1127 36.58 -97.88 11.39
CA ASN H 1127 36.29 -98.67 10.20
C ASN H 1127 37.57 -99.16 9.54
N ALA H 1128 38.08 -100.28 10.03
CA ALA H 1128 39.36 -100.81 9.55
C ALA H 1128 39.17 -101.76 8.37
N ARG H 1129 37.94 -101.86 7.87
CA ARG H 1129 37.66 -102.72 6.73
C ARG H 1129 38.15 -102.10 5.43
N ASP H 1130 37.86 -100.82 5.25
CA ASP H 1130 38.21 -100.12 4.01
C ASP H 1130 39.72 -99.88 3.89
N ILE H 1131 40.45 -100.24 4.95
CA ILE H 1131 41.90 -100.11 4.93
C ILE H 1131 42.56 -101.49 4.92
N GLY H 1132 41.95 -102.44 5.63
CA GLY H 1132 42.43 -103.80 5.64
C GLY H 1132 42.34 -104.41 4.26
N GLU H 1133 41.16 -104.30 3.65
CA GLU H 1133 40.95 -104.75 2.28
C GLU H 1133 41.70 -103.84 1.32
N TRP H 1134 42.02 -102.63 1.79
CA TRP H 1134 42.79 -101.67 1.02
C TRP H 1134 44.22 -102.15 0.80
N ILE H 1135 44.68 -103.05 1.67
CA ILE H 1135 46.03 -103.59 1.57
C ILE H 1135 46.00 -105.01 1.00
N ASP H 1136 44.89 -105.35 0.36
CA ASP H 1136 44.72 -106.67 -0.26
C ASP H 1136 44.81 -107.77 0.79
N ALA H 1137 44.42 -107.44 2.02
CA ALA H 1137 44.44 -108.41 3.11
C ALA H 1137 43.04 -108.62 3.68
N LYS H 1138 42.66 -109.88 3.83
CA LYS H 1138 41.34 -110.21 4.36
C LYS H 1138 41.26 -109.92 5.85
N LYS H 1139 40.12 -110.22 6.47
CA LYS H 1139 39.89 -109.91 7.87
C LYS H 1139 40.74 -110.76 8.82
N HIS H 1140 41.49 -111.70 8.26
CA HIS H 1140 42.32 -112.59 9.08
C HIS H 1140 43.61 -111.92 9.52
N ASP H 1141 44.21 -111.12 8.65
CA ASP H 1141 45.50 -110.50 8.94
C ASP H 1141 45.41 -108.98 9.10
N ILE H 1142 44.20 -108.49 9.39
CA ILE H 1142 44.02 -107.07 9.68
C ILE H 1142 43.65 -106.88 11.14
N TYR H 1143 44.04 -105.75 11.72
CA TYR H 1143 43.84 -105.54 13.15
C TYR H 1143 43.32 -104.15 13.49
N ASN H 1144 42.50 -104.07 14.53
CA ASN H 1144 41.97 -102.81 15.02
C ASN H 1144 41.69 -102.89 16.52
N PHE H 1145 42.51 -102.22 17.31
CA PHE H 1145 42.40 -102.28 18.77
C PHE H 1145 41.73 -101.04 19.33
N SER H 1146 41.22 -101.16 20.56
CA SER H 1146 40.60 -100.04 21.25
C SER H 1146 41.65 -99.00 21.63
N PRO H 1147 41.21 -97.75 21.81
CA PRO H 1147 42.11 -96.65 22.19
C PRO H 1147 42.56 -96.76 23.65
N HIS H 1148 42.07 -97.76 24.36
CA HIS H 1148 42.42 -97.94 25.77
C HIS H 1148 43.37 -99.12 25.95
N VAL H 1149 43.78 -99.72 24.84
CA VAL H 1149 44.63 -100.91 24.86
C VAL H 1149 46.07 -100.56 25.22
N ARG H 1150 46.39 -99.27 25.22
CA ARG H 1150 47.75 -98.82 25.51
C ARG H 1150 48.26 -99.38 26.83
N PRO H 1151 49.51 -99.86 26.83
CA PRO H 1151 50.13 -100.51 28.00
C PRO H 1151 50.11 -99.63 29.25
N VAL H 1152 50.10 -98.31 29.04
CA VAL H 1152 49.98 -97.38 30.15
C VAL H 1152 48.66 -96.63 30.06
N PRO H 1153 47.69 -97.01 30.89
CA PRO H 1153 46.36 -96.39 30.92
C PRO H 1153 46.45 -94.87 31.08
N LEU H 1154 45.65 -94.14 30.32
CA LEU H 1154 45.71 -92.69 30.32
C LEU H 1154 44.54 -92.06 31.07
N GLU H 1155 44.79 -91.63 32.30
CA GLU H 1155 43.79 -90.93 33.09
C GLU H 1155 43.48 -89.58 32.46
N LEU H 1156 42.45 -89.54 31.62
CA LEU H 1156 42.14 -88.37 30.82
C LEU H 1156 41.25 -87.37 31.55
N HIS H 1157 41.55 -86.09 31.35
CA HIS H 1157 40.75 -85.01 31.92
C HIS H 1157 40.32 -84.02 30.84
N ILE H 1158 39.09 -83.54 30.93
CA ILE H 1158 38.57 -82.57 29.97
C ILE H 1158 38.03 -81.33 30.67
N GLN H 1159 38.76 -80.23 30.56
CA GLN H 1159 38.32 -78.97 31.16
C GLN H 1159 37.59 -78.11 30.13
N SER H 1160 36.34 -77.78 30.42
CA SER H 1160 35.52 -76.98 29.52
C SER H 1160 35.70 -75.49 29.78
N TYR H 1161 35.91 -74.73 28.72
CA TYR H 1161 36.08 -73.29 28.84
C TYR H 1161 35.01 -72.54 28.05
N THR H 1162 34.72 -71.31 28.46
CA THR H 1162 33.74 -70.49 27.78
C THR H 1162 34.25 -69.07 27.59
N ILE H 1163 35.19 -68.91 26.66
CA ILE H 1163 35.77 -67.61 26.39
C ILE H 1163 35.76 -67.30 24.90
N PRO H 1164 35.02 -66.25 24.51
CA PRO H 1164 34.87 -65.85 23.10
C PRO H 1164 36.10 -65.12 22.55
N HIS H 1165 37.13 -64.97 23.39
CA HIS H 1165 38.35 -64.30 22.98
C HIS H 1165 39.53 -65.24 23.10
N PHE H 1166 40.16 -65.55 21.96
CA PHE H 1166 41.24 -66.53 21.93
C PHE H 1166 42.40 -66.15 22.85
N PRO H 1167 42.95 -64.92 22.66
CA PRO H 1167 44.04 -64.46 23.52
C PRO H 1167 43.65 -64.49 24.99
N SER H 1168 42.39 -64.20 25.29
CA SER H 1168 41.88 -64.26 26.65
C SER H 1168 41.79 -65.70 27.12
N LEU H 1169 41.41 -66.59 26.20
CA LEU H 1169 41.28 -68.01 26.52
C LEU H 1169 42.63 -68.62 26.84
N MET H 1170 43.64 -68.29 26.04
CA MET H 1170 44.98 -68.80 26.24
C MET H 1170 45.53 -68.36 27.59
N LEU H 1171 45.34 -67.09 27.91
CA LEU H 1171 45.82 -66.53 29.17
C LEU H 1171 45.03 -67.12 30.34
N ALA H 1172 43.78 -67.50 30.08
CA ALA H 1172 42.92 -68.05 31.11
C ALA H 1172 43.32 -69.47 31.46
N MET H 1173 43.89 -70.20 30.50
CA MET H 1173 44.29 -71.57 30.71
C MET H 1173 45.66 -71.66 31.39
N ALA H 1174 46.22 -70.51 31.72
CA ALA H 1174 47.55 -70.45 32.33
C ALA H 1174 47.58 -71.15 33.69
N LYS H 1175 46.90 -70.57 34.67
CA LYS H 1175 46.86 -71.14 36.01
C LYS H 1175 46.32 -72.57 36.06
N PRO H 1176 45.25 -72.86 35.29
CA PRO H 1176 44.72 -74.22 35.24
C PRO H 1176 45.77 -75.26 34.88
N THR H 1177 46.74 -74.88 34.06
CA THR H 1177 47.84 -75.76 33.69
C THR H 1177 48.83 -75.91 34.84
N TYR H 1178 49.07 -74.81 35.54
CA TYR H 1178 49.93 -74.83 36.72
C TYR H 1178 49.34 -75.72 37.81
N LEU H 1179 48.05 -75.55 38.07
CA LEU H 1179 47.36 -76.35 39.06
C LEU H 1179 47.31 -77.82 38.64
N ALA H 1180 47.06 -78.05 37.36
CA ALA H 1180 46.99 -79.40 36.82
C ALA H 1180 48.32 -80.13 36.97
N ILE H 1181 49.41 -79.40 36.73
CA ILE H 1181 50.74 -79.97 36.83
C ILE H 1181 51.14 -80.21 38.28
N THR H 1182 50.97 -79.19 39.12
CA THR H 1182 51.36 -79.26 40.52
C THR H 1182 50.60 -80.34 41.29
N GLN H 1183 49.32 -80.49 40.97
CA GLN H 1183 48.47 -81.43 41.69
C GLN H 1183 48.59 -82.85 41.15
N LEU H 1184 48.74 -82.98 39.84
CA LEU H 1184 48.80 -84.29 39.20
C LEU H 1184 50.23 -84.82 39.12
N SER H 1185 51.14 -84.01 38.59
CA SER H 1185 52.52 -84.43 38.40
C SER H 1185 53.51 -83.47 39.05
N PRO H 1186 53.49 -83.39 40.39
CA PRO H 1186 54.41 -82.51 41.12
C PRO H 1186 55.84 -83.01 41.05
N ASP H 1187 56.02 -84.33 41.08
CA ASP H 1187 57.35 -84.92 41.01
C ASP H 1187 57.56 -85.61 39.67
N GLN H 1188 56.71 -85.29 38.71
CA GLN H 1188 56.78 -85.93 37.39
C GLN H 1188 56.81 -84.88 36.27
N PRO H 1189 57.65 -85.12 35.26
CA PRO H 1189 57.75 -84.24 34.08
C PRO H 1189 56.43 -84.12 33.34
N ALA H 1190 56.28 -83.06 32.55
CA ALA H 1190 55.04 -82.85 31.81
C ALA H 1190 55.29 -81.99 30.56
N ILE H 1191 54.39 -82.10 29.60
CA ILE H 1191 54.49 -81.35 28.35
C ILE H 1191 53.19 -80.62 28.03
N VAL H 1192 53.32 -79.33 27.73
CA VAL H 1192 52.16 -78.51 27.37
C VAL H 1192 52.19 -78.14 25.90
N PHE H 1193 51.02 -78.12 25.27
CA PHE H 1193 50.93 -77.80 23.85
C PHE H 1193 50.08 -76.55 23.60
N VAL H 1194 50.53 -75.71 22.68
CA VAL H 1194 49.81 -74.50 22.32
C VAL H 1194 49.68 -74.39 20.81
N PRO H 1195 48.69 -73.62 20.34
CA PRO H 1195 48.39 -73.44 18.90
C PRO H 1195 49.58 -72.89 18.11
N SER H 1196 49.93 -71.64 18.35
CA SER H 1196 51.01 -70.99 17.60
C SER H 1196 52.35 -71.11 18.32
N ARG H 1197 53.43 -71.00 17.56
CA ARG H 1197 54.77 -71.01 18.14
C ARG H 1197 54.98 -69.76 18.97
N LYS H 1198 54.29 -68.69 18.59
CA LYS H 1198 54.33 -67.44 19.34
C LYS H 1198 53.72 -67.65 20.73
N GLN H 1199 52.66 -68.44 20.79
CA GLN H 1199 51.99 -68.72 22.05
C GLN H 1199 52.83 -69.62 22.95
N THR H 1200 53.87 -70.22 22.38
CA THR H 1200 54.78 -71.03 23.16
C THR H 1200 55.58 -70.14 24.10
N ARG H 1201 55.94 -68.96 23.61
CA ARG H 1201 56.66 -67.98 24.41
C ARG H 1201 55.73 -67.38 25.45
N ALA H 1202 54.55 -66.95 25.00
CA ALA H 1202 53.57 -66.32 25.87
C ALA H 1202 53.13 -67.26 26.99
N THR H 1203 52.68 -68.45 26.61
CA THR H 1203 52.23 -69.44 27.59
C THR H 1203 53.34 -69.79 28.55
N ALA H 1204 54.58 -69.77 28.07
CA ALA H 1204 55.74 -70.03 28.92
C ALA H 1204 55.91 -68.91 29.94
N ARG H 1205 55.70 -67.68 29.48
CA ARG H 1205 55.81 -66.52 30.36
C ARG H 1205 54.61 -66.45 31.29
N ASP H 1206 53.46 -66.92 30.82
CA ASP H 1206 52.25 -66.96 31.63
C ASP H 1206 52.38 -67.97 32.76
N LEU H 1207 52.98 -69.12 32.45
CA LEU H 1207 53.13 -70.20 33.42
C LEU H 1207 54.10 -69.80 34.53
N LEU H 1208 55.23 -69.21 34.15
CA LEU H 1208 56.23 -68.80 35.12
C LEU H 1208 55.71 -67.68 36.02
N THR H 1209 54.85 -66.83 35.46
CA THR H 1209 54.22 -65.77 36.24
C THR H 1209 53.20 -66.36 37.20
N ALA H 1210 52.60 -67.48 36.79
CA ALA H 1210 51.64 -68.18 37.65
C ALA H 1210 52.35 -68.80 38.84
N CYS H 1211 53.57 -69.26 38.61
CA CYS H 1211 54.37 -69.86 39.67
C CYS H 1211 54.82 -68.81 40.68
N LEU H 1212 55.15 -67.62 40.17
CA LEU H 1212 55.58 -66.51 41.02
C LEU H 1212 54.43 -66.03 41.89
N ALA H 1213 53.21 -66.11 41.35
CA ALA H 1213 52.02 -65.69 42.09
C ALA H 1213 51.80 -66.55 43.31
N ASP H 1214 52.10 -67.84 43.19
CA ASP H 1214 51.95 -68.77 44.29
C ASP H 1214 52.99 -68.47 45.37
N ASP H 1215 53.98 -67.67 45.01
CA ASP H 1215 55.05 -67.27 45.93
C ASP H 1215 55.96 -68.45 46.26
N ASP H 1216 55.75 -69.58 45.58
CA ASP H 1216 56.65 -70.72 45.71
C ASP H 1216 57.96 -70.44 45.00
N GLU H 1217 58.01 -69.31 44.31
CA GLU H 1217 59.20 -68.87 43.57
C GLU H 1217 59.43 -69.75 42.36
N ASP H 1218 58.35 -70.20 41.73
CA ASP H 1218 58.42 -70.97 40.49
C ASP H 1218 59.13 -72.31 40.68
N ARG H 1219 58.68 -73.07 41.68
CA ARG H 1219 59.29 -74.37 41.98
C ARG H 1219 59.20 -75.32 40.79
N PHE H 1220 60.08 -75.13 39.81
CA PHE H 1220 60.11 -75.97 38.62
C PHE H 1220 61.53 -76.37 38.26
N LEU H 1221 62.50 -75.77 38.95
CA LEU H 1221 63.91 -76.07 38.70
C LEU H 1221 64.52 -76.83 39.88
N HIS H 1222 65.25 -77.90 39.58
CA HIS H 1222 65.82 -78.75 40.62
C HIS H 1222 67.35 -78.68 40.62
N VAL H 1223 67.87 -77.49 40.33
CA VAL H 1223 69.31 -77.25 40.34
C VAL H 1223 69.58 -75.74 40.24
N GLU H 1224 70.50 -75.26 41.09
CA GLU H 1224 70.78 -73.83 41.17
C GLU H 1224 71.23 -73.25 39.84
N VAL H 1225 70.71 -72.07 39.52
CA VAL H 1225 70.96 -71.41 38.24
C VAL H 1225 72.44 -71.13 38.01
N ASP H 1226 73.21 -71.09 39.08
CA ASP H 1226 74.64 -70.82 38.99
C ASP H 1226 75.38 -71.91 38.21
N GLN H 1227 74.75 -73.06 38.05
CA GLN H 1227 75.36 -74.18 37.35
C GLN H 1227 74.64 -74.50 36.05
N ILE H 1228 73.85 -73.54 35.56
CA ILE H 1228 73.16 -73.70 34.29
C ILE H 1228 73.42 -72.51 33.37
N ARG H 1229 73.78 -71.38 33.98
CA ARG H 1229 74.05 -70.15 33.23
C ARG H 1229 75.20 -70.31 32.26
N LYS H 1230 75.89 -71.45 32.35
CA LYS H 1230 76.96 -71.79 31.40
C LYS H 1230 76.41 -71.76 29.98
N LEU H 1231 75.12 -72.05 29.85
CA LEU H 1231 74.44 -71.97 28.57
C LEU H 1231 73.50 -70.76 28.56
N LEU H 1232 74.08 -69.58 28.75
CA LEU H 1232 73.29 -68.35 28.85
C LEU H 1232 73.01 -67.74 27.48
N ASP H 1233 74.05 -67.69 26.64
CA ASP H 1233 73.92 -67.09 25.31
C ASP H 1233 73.87 -68.17 24.24
N HIS H 1234 74.11 -69.41 24.66
CA HIS H 1234 74.07 -70.54 23.75
C HIS H 1234 72.68 -70.72 23.16
N VAL H 1235 71.68 -70.16 23.85
CA VAL H 1235 70.32 -70.11 23.32
C VAL H 1235 70.11 -68.78 22.60
N GLN H 1236 69.98 -68.83 21.29
CA GLN H 1236 69.88 -67.63 20.47
C GLN H 1236 68.63 -66.82 20.81
N GLU H 1237 67.58 -67.50 21.27
CA GLU H 1237 66.37 -66.81 21.72
C GLU H 1237 66.45 -66.58 23.23
N GLU H 1238 66.71 -65.33 23.60
CA GLU H 1238 66.91 -64.98 25.01
C GLU H 1238 65.61 -65.15 25.79
N ALA H 1239 64.50 -65.27 25.08
CA ALA H 1239 63.21 -65.54 25.71
C ALA H 1239 63.23 -66.91 26.35
N LEU H 1240 63.87 -67.86 25.67
CA LEU H 1240 64.05 -69.20 26.20
C LEU H 1240 65.11 -69.21 27.30
N ALA H 1241 65.96 -68.19 27.29
CA ALA H 1241 67.01 -68.07 28.28
C ALA H 1241 66.43 -67.79 29.66
N GLU H 1242 65.71 -66.68 29.79
CA GLU H 1242 65.07 -66.33 31.04
C GLU H 1242 64.01 -67.36 31.42
N ALA H 1243 63.50 -68.06 30.41
CA ALA H 1243 62.53 -69.13 30.64
C ALA H 1243 63.22 -70.31 31.32
N LEU H 1244 64.30 -70.79 30.71
CA LEU H 1244 65.06 -71.91 31.25
C LEU H 1244 65.70 -71.55 32.58
N SER H 1245 65.69 -70.26 32.91
CA SER H 1245 66.30 -69.77 34.14
C SER H 1245 65.52 -70.23 35.37
N HIS H 1246 64.24 -70.55 35.19
CA HIS H 1246 63.40 -70.95 36.31
C HIS H 1246 62.70 -72.29 36.10
N GLY H 1247 63.25 -73.11 35.21
CA GLY H 1247 62.78 -74.48 35.06
C GLY H 1247 61.76 -74.74 33.97
N VAL H 1248 61.23 -73.67 33.38
CA VAL H 1248 60.24 -73.83 32.32
C VAL H 1248 60.84 -73.55 30.94
N GLY H 1249 60.84 -74.56 30.09
CA GLY H 1249 61.39 -74.42 28.75
C GLY H 1249 60.37 -74.70 27.67
N TYR H 1250 60.53 -74.05 26.52
CA TYR H 1250 59.62 -74.26 25.39
C TYR H 1250 60.37 -74.65 24.12
N TYR H 1251 59.66 -75.33 23.23
CA TYR H 1251 60.25 -75.86 22.00
C TYR H 1251 59.29 -75.65 20.83
N HIS H 1252 59.68 -74.80 19.88
CA HIS H 1252 58.83 -74.52 18.74
C HIS H 1252 59.57 -74.69 17.41
N GLU H 1253 58.97 -74.19 16.34
CA GLU H 1253 59.47 -74.42 14.99
C GLU H 1253 60.61 -73.48 14.60
N ALA H 1254 60.48 -72.20 14.98
CA ALA H 1254 61.48 -71.21 14.63
C ALA H 1254 62.75 -71.36 15.45
N LEU H 1255 62.75 -72.31 16.38
CA LEU H 1255 63.89 -72.55 17.25
C LEU H 1255 65.04 -73.19 16.47
N SER H 1256 66.26 -72.75 16.76
CA SER H 1256 67.43 -73.27 16.06
C SER H 1256 67.70 -74.73 16.42
N GLN H 1257 68.42 -75.43 15.55
CA GLN H 1257 68.75 -76.83 15.77
C GLN H 1257 69.62 -77.01 17.01
N SER H 1258 70.26 -75.92 17.43
CA SER H 1258 71.09 -75.95 18.63
C SER H 1258 70.23 -75.91 19.89
N ASP H 1259 69.34 -74.93 19.96
CA ASP H 1259 68.47 -74.76 21.11
C ASP H 1259 67.55 -75.97 21.30
N LYS H 1260 67.24 -76.64 20.20
CA LYS H 1260 66.35 -77.81 20.24
C LYS H 1260 66.95 -78.94 21.06
N ARG H 1261 68.24 -79.20 20.85
CA ARG H 1261 68.91 -80.28 21.58
C ARG H 1261 69.37 -79.79 22.94
N ILE H 1262 69.34 -78.48 23.15
CA ILE H 1262 69.66 -77.91 24.45
C ILE H 1262 68.53 -78.21 25.44
N VAL H 1263 67.32 -77.82 25.07
CA VAL H 1263 66.15 -78.11 25.90
C VAL H 1263 65.92 -79.62 25.97
N LYS H 1264 66.32 -80.32 24.92
CA LYS H 1264 66.25 -81.77 24.89
C LYS H 1264 67.10 -82.37 26.00
N HIS H 1265 68.24 -81.74 26.25
CA HIS H 1265 69.13 -82.16 27.31
C HIS H 1265 68.60 -81.78 28.67
N LEU H 1266 68.19 -80.52 28.82
CA LEU H 1266 67.69 -80.01 30.09
C LEU H 1266 66.44 -80.74 30.55
N TYR H 1267 65.69 -81.29 29.60
CA TYR H 1267 64.45 -82.00 29.93
C TYR H 1267 64.72 -83.48 30.20
N ASN H 1268 65.47 -84.12 29.31
CA ASN H 1268 65.77 -85.53 29.45
C ASN H 1268 66.72 -85.81 30.61
N ASN H 1269 67.32 -84.75 31.15
CA ASN H 1269 68.26 -84.90 32.25
C ASN H 1269 67.58 -84.77 33.61
N GLY H 1270 66.56 -83.92 33.68
CA GLY H 1270 65.80 -83.76 34.90
C GLY H 1270 65.93 -82.39 35.54
N ALA H 1271 66.63 -81.48 34.87
CA ALA H 1271 66.79 -80.12 35.36
C ALA H 1271 65.47 -79.39 35.37
N ILE H 1272 64.88 -79.21 34.19
CA ILE H 1272 63.56 -78.61 34.07
C ILE H 1272 62.49 -79.66 34.35
N GLN H 1273 61.25 -79.21 34.48
CA GLN H 1273 60.16 -80.13 34.82
C GLN H 1273 59.03 -80.10 33.80
N VAL H 1274 58.91 -78.99 33.07
CA VAL H 1274 57.83 -78.84 32.09
C VAL H 1274 58.29 -78.18 30.80
N LEU H 1275 57.79 -78.70 29.68
CA LEU H 1275 58.09 -78.15 28.36
C LEU H 1275 56.84 -77.58 27.73
N ILE H 1276 57.02 -76.59 26.86
CA ILE H 1276 55.91 -75.97 26.15
C ILE H 1276 56.18 -75.96 24.65
N ALA H 1277 55.50 -76.83 23.92
CA ALA H 1277 55.76 -76.98 22.49
C ALA H 1277 54.59 -76.51 21.64
N SER H 1278 54.89 -76.22 20.37
CA SER H 1278 53.87 -75.82 19.41
C SER H 1278 53.13 -77.04 18.86
N ARG H 1279 52.02 -76.81 18.18
CA ARG H 1279 51.26 -77.89 17.57
C ARG H 1279 51.96 -78.36 16.31
N ASP H 1280 52.83 -77.51 15.76
CA ASP H 1280 53.55 -77.82 14.54
C ASP H 1280 54.73 -78.75 14.83
N VAL H 1281 55.04 -78.93 16.10
CA VAL H 1281 56.17 -79.76 16.51
C VAL H 1281 55.72 -80.93 17.38
N CYS H 1282 54.51 -81.41 17.16
CA CYS H 1282 53.98 -82.55 17.90
C CYS H 1282 54.52 -83.85 17.33
N TRP H 1283 54.90 -83.83 16.05
CA TRP H 1283 55.52 -84.97 15.40
C TRP H 1283 57.03 -84.89 15.54
N GLU H 1284 57.57 -83.69 15.37
CA GLU H 1284 59.00 -83.45 15.47
C GLU H 1284 59.51 -83.69 16.88
N LEU H 1285 58.58 -83.64 17.85
CA LEU H 1285 58.94 -83.85 19.25
C LEU H 1285 59.33 -85.31 19.50
N ASP H 1286 60.32 -85.51 20.36
CA ASP H 1286 60.83 -86.85 20.65
C ASP H 1286 60.64 -87.20 22.12
N PHE H 1287 60.26 -86.20 22.91
CA PHE H 1287 60.19 -86.34 24.36
C PHE H 1287 58.92 -87.04 24.82
N THR H 1288 59.03 -87.80 25.90
CA THR H 1288 57.88 -88.40 26.56
C THR H 1288 57.72 -87.79 27.94
N ALA H 1289 56.53 -87.89 28.51
CA ALA H 1289 56.27 -87.30 29.82
C ALA H 1289 55.16 -88.04 30.57
N HIS H 1290 54.91 -87.59 31.80
CA HIS H 1290 53.83 -88.16 32.61
C HIS H 1290 52.52 -87.45 32.32
N LEU H 1291 52.55 -86.12 32.38
CA LEU H 1291 51.36 -85.32 32.14
C LEU H 1291 51.47 -84.56 30.82
N VAL H 1292 50.39 -84.59 30.04
CA VAL H 1292 50.36 -83.87 28.77
C VAL H 1292 49.08 -83.04 28.65
N VAL H 1293 49.22 -81.73 28.76
CA VAL H 1293 48.06 -80.84 28.68
C VAL H 1293 48.02 -80.08 27.36
N VAL H 1294 46.92 -80.25 26.63
CA VAL H 1294 46.74 -79.56 25.36
C VAL H 1294 45.99 -78.26 25.55
N MET H 1295 46.72 -77.19 25.83
CA MET H 1295 46.11 -75.89 26.07
C MET H 1295 45.46 -75.32 24.81
N GLY H 1296 44.15 -75.49 24.72
CA GLY H 1296 43.41 -75.01 23.57
C GLY H 1296 43.36 -76.04 22.46
N THR H 1297 42.33 -75.98 21.63
CA THR H 1297 42.17 -76.94 20.54
C THR H 1297 41.89 -76.22 19.23
N GLN H 1298 42.32 -74.97 19.14
CA GLN H 1298 42.10 -74.17 17.94
C GLN H 1298 43.32 -73.32 17.59
N PHE H 1299 43.40 -72.91 16.33
CA PHE H 1299 44.45 -72.00 15.88
C PHE H 1299 43.91 -71.13 14.75
N PHE H 1300 44.61 -70.04 14.47
CA PHE H 1300 44.14 -69.07 13.48
C PHE H 1300 44.71 -69.34 12.10
N GLU H 1301 43.84 -69.51 11.12
CA GLU H 1301 44.25 -69.73 9.74
C GLU H 1301 43.91 -68.50 8.91
N GLY H 1302 44.95 -67.76 8.51
CA GLY H 1302 44.77 -66.48 7.85
C GLY H 1302 44.14 -66.52 6.47
N LYS H 1303 44.30 -67.62 5.75
CA LYS H 1303 43.80 -67.73 4.38
C LYS H 1303 42.29 -67.53 4.33
N GLU H 1304 41.59 -68.04 5.33
CA GLU H 1304 40.13 -67.91 5.40
C GLU H 1304 39.73 -66.98 6.54
N HIS H 1305 40.71 -66.56 7.33
CA HIS H 1305 40.48 -65.66 8.46
C HIS H 1305 39.55 -66.29 9.48
N ARG H 1306 39.93 -67.44 10.02
CA ARG H 1306 39.11 -68.15 10.99
C ARG H 1306 39.94 -68.83 12.06
N TYR H 1307 39.26 -69.37 13.06
CA TYR H 1307 39.88 -70.21 14.07
C TYR H 1307 39.40 -71.64 13.91
N ILE H 1308 40.22 -72.48 13.28
CA ILE H 1308 39.84 -73.86 13.02
C ILE H 1308 40.34 -74.79 14.12
N ASP H 1309 39.58 -75.86 14.38
CA ASP H 1309 39.91 -76.79 15.46
C ASP H 1309 41.03 -77.73 15.08
N TYR H 1310 41.67 -78.32 16.08
CA TYR H 1310 42.69 -79.33 15.84
C TYR H 1310 42.11 -80.55 15.12
N PRO H 1311 42.88 -81.12 14.19
CA PRO H 1311 42.49 -82.42 13.63
C PRO H 1311 42.60 -83.49 14.70
N LEU H 1312 41.71 -84.49 14.66
CA LEU H 1312 41.71 -85.54 15.67
C LEU H 1312 43.06 -86.26 15.74
N SER H 1313 43.57 -86.66 14.58
CA SER H 1313 44.85 -87.37 14.50
C SER H 1313 45.97 -86.60 15.18
N GLU H 1314 45.90 -85.26 15.10
CA GLU H 1314 46.89 -84.41 15.72
C GLU H 1314 46.82 -84.51 17.24
N VAL H 1315 45.61 -84.64 17.77
CA VAL H 1315 45.41 -84.72 19.21
C VAL H 1315 45.91 -86.05 19.76
N LEU H 1316 45.69 -87.13 19.02
CA LEU H 1316 46.17 -88.44 19.43
C LEU H 1316 47.69 -88.44 19.53
N GLN H 1317 48.34 -87.75 18.59
CA GLN H 1317 49.79 -87.65 18.58
C GLN H 1317 50.30 -86.91 19.81
N MET H 1318 49.58 -85.86 20.20
CA MET H 1318 49.95 -85.06 21.36
C MET H 1318 49.85 -85.87 22.64
N PHE H 1319 48.75 -86.60 22.79
CA PHE H 1319 48.55 -87.45 23.95
C PHE H 1319 49.36 -88.73 23.86
N GLY H 1320 50.10 -88.87 22.76
CA GLY H 1320 50.97 -90.02 22.57
C GLY H 1320 52.34 -89.75 23.16
N LYS H 1321 52.41 -88.77 24.06
CA LYS H 1321 53.66 -88.40 24.70
C LYS H 1321 53.64 -88.71 26.20
N ALA H 1322 52.43 -88.78 26.75
CA ALA H 1322 52.26 -89.10 28.16
C ALA H 1322 52.44 -90.59 28.40
N LEU H 1323 53.68 -91.06 28.33
CA LEU H 1323 53.98 -92.48 28.47
C LEU H 1323 54.86 -92.76 29.68
N GLN H 1324 54.97 -91.79 30.57
CA GLN H 1324 55.74 -91.96 31.79
C GLN H 1324 54.81 -92.12 32.99
N PRO H 1325 54.51 -93.38 33.34
CA PRO H 1325 53.56 -93.70 34.42
C PRO H 1325 54.06 -93.27 35.79
N SER H 1326 53.12 -93.00 36.69
CA SER H 1326 53.46 -92.66 38.07
C SER H 1326 53.60 -93.93 38.90
N LYS H 1327 53.39 -93.83 40.21
CA LYS H 1327 53.48 -95.00 41.07
C LYS H 1327 52.35 -95.98 40.74
N ASP H 1328 51.24 -95.44 40.24
CA ASP H 1328 50.16 -96.28 39.74
C ASP H 1328 50.39 -96.57 38.26
N GLY H 1329 49.79 -97.65 37.78
CA GLY H 1329 50.02 -98.11 36.41
C GLY H 1329 49.52 -97.16 35.33
N ARG H 1330 48.86 -96.08 35.75
CA ARG H 1330 48.26 -95.15 34.79
C ARG H 1330 49.05 -93.85 34.67
N SER H 1331 49.04 -93.28 33.48
CA SER H 1331 49.57 -91.94 33.25
C SER H 1331 48.43 -90.94 33.27
N ARG H 1332 48.71 -89.69 32.96
CA ARG H 1332 47.69 -88.65 33.03
C ARG H 1332 47.82 -87.62 31.92
N GLY H 1333 46.71 -86.97 31.60
CA GLY H 1333 46.68 -85.96 30.55
C GLY H 1333 45.40 -85.14 30.59
N VAL H 1334 45.54 -83.82 30.57
CA VAL H 1334 44.40 -82.92 30.61
C VAL H 1334 44.17 -82.24 29.27
N LEU H 1335 42.91 -82.09 28.89
CA LEU H 1335 42.57 -81.46 27.62
C LEU H 1335 41.71 -80.21 27.84
N MET H 1336 42.31 -79.04 27.64
CA MET H 1336 41.60 -77.78 27.81
C MET H 1336 41.05 -77.27 26.49
N LEU H 1337 39.73 -77.31 26.35
CA LEU H 1337 39.09 -76.89 25.11
C LEU H 1337 37.77 -76.17 25.39
N PRO H 1338 37.30 -75.38 24.41
CA PRO H 1338 36.02 -74.68 24.50
C PRO H 1338 34.87 -75.64 24.76
N ALA H 1339 33.99 -75.28 25.70
CA ALA H 1339 32.89 -76.15 26.09
C ALA H 1339 32.00 -76.52 24.92
N VAL H 1340 31.98 -75.66 23.90
CA VAL H 1340 31.15 -75.90 22.72
C VAL H 1340 31.64 -77.12 21.95
N LYS H 1341 32.92 -77.42 22.08
CA LYS H 1341 33.52 -78.55 21.37
C LYS H 1341 33.88 -79.69 22.33
N ARG H 1342 33.13 -79.80 23.42
CA ARG H 1342 33.41 -80.80 24.44
C ARG H 1342 33.01 -82.21 24.00
N GLU H 1343 31.72 -82.39 23.74
CA GLU H 1343 31.18 -83.71 23.43
C GLU H 1343 31.75 -84.26 22.13
N TYR H 1344 32.36 -83.39 21.33
CA TYR H 1344 33.01 -83.81 20.09
C TYR H 1344 34.26 -84.65 20.39
N TYR H 1345 35.24 -84.03 21.05
CA TYR H 1345 36.47 -84.72 21.39
C TYR H 1345 36.22 -85.82 22.42
N LYS H 1346 35.25 -85.59 23.30
CA LYS H 1346 34.89 -86.56 24.33
C LYS H 1346 34.52 -87.91 23.73
N LYS H 1347 33.98 -87.87 22.51
CA LYS H 1347 33.55 -89.09 21.82
C LYS H 1347 34.72 -89.78 21.13
N PHE H 1348 35.49 -89.01 20.35
CA PHE H 1348 36.58 -89.58 19.58
C PHE H 1348 37.86 -89.74 20.39
N LEU H 1349 37.77 -89.55 21.70
CA LEU H 1349 38.88 -89.84 22.59
C LEU H 1349 38.56 -91.04 23.46
N ASN H 1350 37.35 -91.58 23.28
CA ASN H 1350 36.95 -92.80 23.96
C ASN H 1350 36.82 -93.96 22.97
N GLU H 1351 36.48 -93.62 21.73
CA GLU H 1351 36.37 -94.63 20.67
C GLU H 1351 37.49 -94.45 19.65
N ALA H 1352 37.25 -94.93 18.44
CA ALA H 1352 38.28 -94.92 17.40
C ALA H 1352 38.24 -93.63 16.57
N LEU H 1353 39.03 -93.61 15.50
CA LEU H 1353 39.13 -92.43 14.64
C LEU H 1353 38.77 -92.77 13.20
N PRO H 1354 37.80 -92.03 12.63
CA PRO H 1354 37.39 -92.20 11.23
C PRO H 1354 38.36 -91.54 10.26
N VAL H 1355 38.32 -91.94 9.00
CA VAL H 1355 39.20 -91.37 7.99
C VAL H 1355 38.51 -91.27 6.63
N GLU H 1356 38.47 -90.05 6.09
CA GLU H 1356 37.89 -89.81 4.77
C GLU H 1356 38.92 -89.14 3.88
N SER H 1357 39.03 -89.61 2.64
CA SER H 1357 40.07 -89.14 1.72
C SER H 1357 39.91 -87.67 1.34
N HIS H 1358 40.92 -87.13 0.69
CA HIS H 1358 40.93 -85.73 0.26
C HIS H 1358 40.91 -85.62 -1.26
N LEU H 1359 41.21 -86.72 -1.94
CA LEU H 1359 41.40 -86.73 -3.39
C LEU H 1359 40.25 -86.10 -4.18
N HIS H 1360 39.06 -86.11 -3.59
CA HIS H 1360 37.87 -85.60 -4.27
C HIS H 1360 37.96 -84.10 -4.56
N ASN H 1361 38.84 -83.40 -3.85
CA ASN H 1361 39.00 -81.96 -4.04
C ASN H 1361 40.28 -81.62 -4.79
N PHE H 1362 41.28 -82.48 -4.68
CA PHE H 1362 42.60 -82.20 -5.25
C PHE H 1362 42.91 -83.08 -6.44
N LEU H 1363 41.89 -83.44 -7.20
CA LEU H 1363 42.07 -84.27 -8.39
C LEU H 1363 42.92 -83.59 -9.45
N PRO H 1364 42.67 -82.30 -9.73
CA PRO H 1364 43.50 -81.55 -10.67
C PRO H 1364 44.99 -81.63 -10.33
N ASP H 1365 45.30 -81.72 -9.03
CA ASP H 1365 46.66 -81.91 -8.59
C ASP H 1365 47.13 -83.33 -8.85
N ALA H 1366 46.27 -84.30 -8.54
CA ALA H 1366 46.61 -85.70 -8.72
C ALA H 1366 46.72 -86.07 -10.20
N PHE H 1367 45.87 -85.45 -11.02
CA PHE H 1367 45.87 -85.74 -12.45
C PHE H 1367 47.13 -85.22 -13.14
N VAL H 1368 47.47 -83.96 -12.90
CA VAL H 1368 48.62 -83.33 -13.54
C VAL H 1368 49.90 -84.15 -13.40
N THR H 1369 50.09 -84.74 -12.23
CA THR H 1369 51.26 -85.59 -11.99
C THR H 1369 51.08 -86.94 -12.69
N GLU H 1370 49.83 -87.32 -12.94
CA GLU H 1370 49.53 -88.58 -13.59
C GLU H 1370 49.45 -88.43 -15.10
N ILE H 1371 49.07 -87.24 -15.56
CA ILE H 1371 48.99 -86.97 -16.99
C ILE H 1371 50.39 -86.85 -17.58
N SER H 1372 51.33 -86.39 -16.77
CA SER H 1372 52.71 -86.25 -17.21
C SER H 1372 53.45 -87.58 -17.19
N THR H 1373 53.10 -88.43 -16.22
CA THR H 1373 53.72 -89.74 -16.10
C THR H 1373 53.24 -90.68 -17.21
N LYS H 1374 52.18 -90.26 -17.90
CA LYS H 1374 51.62 -91.02 -19.03
C LYS H 1374 50.95 -92.31 -18.56
N MET H 1375 50.98 -92.56 -17.25
CA MET H 1375 50.34 -93.74 -16.69
C MET H 1375 48.84 -93.58 -16.66
N ILE H 1376 48.38 -92.33 -16.61
CA ILE H 1376 46.95 -92.03 -16.62
C ILE H 1376 46.59 -91.19 -17.84
N GLU H 1377 46.09 -91.86 -18.88
CA GLU H 1377 45.76 -91.17 -20.12
C GLU H 1377 44.56 -91.78 -20.83
N SER H 1378 43.37 -91.53 -20.29
CA SER H 1378 42.12 -91.92 -20.94
C SER H 1378 40.92 -91.37 -20.18
N GLY H 1379 41.15 -90.91 -18.95
CA GLY H 1379 40.08 -90.46 -18.10
C GLY H 1379 39.44 -91.64 -17.39
N GLU H 1380 39.16 -92.68 -18.16
CA GLU H 1380 38.64 -93.92 -17.63
C GLU H 1380 39.78 -94.70 -16.98
N ASP H 1381 41.00 -94.43 -17.43
CA ASP H 1381 42.18 -95.02 -16.81
C ASP H 1381 42.31 -94.45 -15.40
N ALA H 1382 41.92 -93.20 -15.24
CA ALA H 1382 41.86 -92.57 -13.92
C ALA H 1382 40.75 -93.23 -13.11
N ILE H 1383 39.74 -93.72 -13.81
CA ILE H 1383 38.65 -94.46 -13.18
C ILE H 1383 39.16 -95.83 -12.73
N ASN H 1384 39.87 -96.51 -13.61
CA ASN H 1384 40.51 -97.78 -13.27
C ASN H 1384 41.62 -97.56 -12.25
N TRP H 1385 42.20 -96.38 -12.28
CA TRP H 1385 43.18 -95.99 -11.27
C TRP H 1385 42.46 -95.62 -9.97
N ALA H 1386 41.24 -95.11 -10.11
CA ALA H 1386 40.40 -94.80 -8.96
C ALA H 1386 39.83 -96.08 -8.38
N THR H 1387 39.94 -97.18 -9.14
CA THR H 1387 39.48 -98.48 -8.67
C THR H 1387 40.22 -98.86 -7.40
N PHE H 1388 41.50 -98.52 -7.33
CA PHE H 1388 42.28 -98.72 -6.12
C PHE H 1388 42.62 -97.38 -5.49
N THR H 1389 41.60 -96.71 -4.97
CA THR H 1389 41.78 -95.45 -4.27
C THR H 1389 40.82 -95.39 -3.10
N TYR H 1390 41.32 -95.00 -1.93
CA TYR H 1390 40.50 -94.96 -0.71
C TYR H 1390 39.30 -94.04 -0.89
N PHE H 1391 39.42 -93.11 -1.84
CA PHE H 1391 38.31 -92.24 -2.21
C PHE H 1391 37.15 -93.07 -2.77
N TYR H 1392 37.49 -94.20 -3.39
CA TYR H 1392 36.49 -95.08 -4.00
C TYR H 1392 36.00 -96.14 -3.03
N ARG H 1393 36.93 -96.79 -2.34
CA ARG H 1393 36.59 -97.87 -1.42
C ARG H 1393 35.90 -97.35 -0.16
N ARG H 1394 35.86 -96.03 -0.02
CA ARG H 1394 35.13 -95.40 1.07
C ARG H 1394 33.88 -94.73 0.52
N LEU H 1395 33.76 -94.73 -0.81
CA LEU H 1395 32.66 -94.07 -1.49
C LEU H 1395 31.38 -94.91 -1.43
N LEU H 1396 31.51 -96.13 -0.92
CA LEU H 1396 30.35 -97.01 -0.76
C LEU H 1396 29.92 -97.11 0.69
N ALA H 1397 30.89 -97.06 1.60
CA ALA H 1397 30.61 -97.15 3.03
C ALA H 1397 30.14 -95.81 3.58
N ASN H 1398 30.09 -94.81 2.73
CA ASN H 1398 29.67 -93.46 3.13
C ASN H 1398 29.55 -92.54 1.92
N PRO H 1399 28.49 -92.74 1.11
CA PRO H 1399 28.29 -92.03 -0.15
C PRO H 1399 27.85 -90.58 0.02
N SER H 1400 27.35 -90.22 1.20
CA SER H 1400 26.85 -88.88 1.45
C SER H 1400 27.98 -87.89 1.73
N TYR H 1401 29.07 -88.40 2.30
CA TYR H 1401 30.20 -87.56 2.65
C TYR H 1401 30.81 -86.89 1.42
N TYR H 1402 30.68 -87.56 0.27
CA TYR H 1402 31.29 -87.07 -0.96
C TYR H 1402 30.24 -86.53 -1.93
N GLY H 1403 28.99 -86.52 -1.49
CA GLY H 1403 27.91 -85.94 -2.26
C GLY H 1403 27.45 -86.75 -3.46
N LEU H 1404 26.78 -87.86 -3.19
CA LEU H 1404 26.18 -88.67 -4.26
C LEU H 1404 24.82 -89.19 -3.82
N GLN H 1405 23.92 -89.36 -4.78
CA GLN H 1405 22.55 -89.75 -4.49
C GLN H 1405 22.13 -91.01 -5.24
N ASP H 1406 23.06 -91.95 -5.39
CA ASP H 1406 22.79 -93.19 -6.09
C ASP H 1406 23.93 -94.18 -5.88
N PRO H 1407 23.91 -94.89 -4.74
CA PRO H 1407 24.94 -95.86 -4.35
C PRO H 1407 25.06 -97.06 -5.30
N THR H 1408 24.05 -97.25 -6.15
CA THR H 1408 24.06 -98.38 -7.08
C THR H 1408 25.21 -98.27 -8.08
N HIS H 1409 25.58 -99.41 -8.66
CA HIS H 1409 26.72 -99.48 -9.57
C HIS H 1409 26.46 -98.69 -10.85
N ASP H 1410 25.25 -98.79 -11.38
CA ASP H 1410 24.88 -98.08 -12.61
C ASP H 1410 24.93 -96.57 -12.41
N GLY H 1411 24.62 -96.13 -11.19
CA GLY H 1411 24.64 -94.71 -10.87
C GLY H 1411 26.00 -94.27 -10.38
N LEU H 1412 26.75 -95.19 -9.79
CA LEU H 1412 28.08 -94.88 -9.27
C LEU H 1412 29.05 -94.60 -10.41
N SER H 1413 29.01 -95.43 -11.45
CA SER H 1413 29.87 -95.27 -12.60
C SER H 1413 29.61 -93.96 -13.33
N GLN H 1414 28.35 -93.54 -13.32
CA GLN H 1414 27.95 -92.29 -13.95
C GLN H 1414 28.46 -91.10 -13.13
N TYR H 1415 28.52 -91.30 -11.81
CA TYR H 1415 29.00 -90.25 -10.90
C TYR H 1415 30.49 -89.98 -11.07
N LEU H 1416 31.28 -91.05 -11.12
CA LEU H 1416 32.72 -90.91 -11.30
C LEU H 1416 33.05 -90.31 -12.67
N SER H 1417 32.29 -90.72 -13.68
CA SER H 1417 32.50 -90.22 -15.04
C SER H 1417 32.23 -88.73 -15.11
N ASP H 1418 31.17 -88.29 -14.45
CA ASP H 1418 30.83 -86.87 -14.39
C ASP H 1418 31.85 -86.11 -13.54
N LEU H 1419 32.43 -86.81 -12.57
CA LEU H 1419 33.42 -86.21 -11.68
C LEU H 1419 34.73 -85.94 -12.42
N VAL H 1420 35.23 -86.96 -13.14
CA VAL H 1420 36.48 -86.83 -13.87
C VAL H 1420 36.33 -85.88 -15.05
N GLU H 1421 35.13 -85.81 -15.61
CA GLU H 1421 34.86 -84.95 -16.75
C GLU H 1421 34.77 -83.49 -16.32
N THR H 1422 34.26 -83.26 -15.12
CA THR H 1422 34.09 -81.91 -14.60
C THR H 1422 35.42 -81.33 -14.11
N THR H 1423 36.29 -82.20 -13.62
CA THR H 1423 37.59 -81.77 -13.12
C THR H 1423 38.59 -81.57 -14.25
N LEU H 1424 38.47 -82.39 -15.29
CA LEU H 1424 39.36 -82.31 -16.45
C LEU H 1424 38.95 -81.17 -17.38
N LYS H 1425 37.66 -80.89 -17.45
CA LYS H 1425 37.14 -79.88 -18.36
C LYS H 1425 37.66 -78.49 -18.00
N GLN H 1426 37.82 -78.25 -16.70
CA GLN H 1426 38.31 -76.96 -16.23
C GLN H 1426 39.82 -77.00 -16.02
N LEU H 1427 40.36 -78.21 -15.93
CA LEU H 1427 41.80 -78.40 -15.86
C LEU H 1427 42.40 -78.14 -17.23
N SER H 1428 41.54 -78.11 -18.25
CA SER H 1428 41.96 -77.84 -19.62
C SER H 1428 41.71 -76.38 -19.98
N ASP H 1429 40.69 -75.79 -19.37
CA ASP H 1429 40.34 -74.39 -19.61
C ASP H 1429 41.44 -73.47 -19.12
N ALA H 1430 42.27 -73.98 -18.22
CA ALA H 1430 43.38 -73.21 -17.66
C ALA H 1430 44.63 -73.28 -18.53
N ARG H 1431 44.45 -73.78 -19.75
CA ARG H 1431 45.55 -73.91 -20.70
C ARG H 1431 46.63 -74.85 -20.19
N ILE H 1432 46.26 -75.73 -19.26
CA ILE H 1432 47.20 -76.67 -18.68
C ILE H 1432 47.14 -78.03 -19.38
N ILE H 1433 45.93 -78.51 -19.61
CA ILE H 1433 45.73 -79.81 -20.26
C ILE H 1433 44.96 -79.64 -21.56
N GLU H 1434 45.20 -80.52 -22.52
CA GLU H 1434 44.52 -80.47 -23.81
C GLU H 1434 43.68 -81.73 -24.01
N MET H 1435 42.38 -81.60 -23.80
CA MET H 1435 41.48 -82.75 -23.89
C MET H 1435 41.19 -83.17 -25.32
N ASP H 1436 41.22 -82.21 -26.24
CA ASP H 1436 40.78 -82.44 -27.62
C ASP H 1436 39.31 -82.85 -27.60
N GLU H 1437 38.50 -82.09 -26.87
CA GLU H 1437 37.09 -82.42 -26.66
C GLU H 1437 36.32 -82.54 -27.96
N ASP H 1438 35.80 -83.75 -28.19
CA ASP H 1438 35.07 -84.19 -29.39
C ASP H 1438 35.58 -85.60 -29.67
N GLU H 1439 36.60 -85.98 -28.92
CA GLU H 1439 37.31 -87.24 -29.08
C GLU H 1439 38.51 -87.24 -28.14
N GLY H 1440 39.45 -88.15 -28.36
CA GLY H 1440 40.69 -88.19 -27.62
C GLY H 1440 40.56 -88.08 -26.10
N THR H 1441 41.42 -87.25 -25.51
CA THR H 1441 41.50 -86.95 -24.07
C THR H 1441 42.98 -87.04 -23.63
N VAL H 1442 43.27 -86.54 -22.43
CA VAL H 1442 44.54 -86.72 -21.72
C VAL H 1442 45.81 -86.34 -22.51
N ALA H 1443 45.93 -85.06 -22.85
CA ALA H 1443 47.15 -84.55 -23.46
C ALA H 1443 47.77 -83.44 -22.59
N PRO H 1444 48.83 -83.80 -21.85
CA PRO H 1444 49.51 -82.87 -20.94
C PRO H 1444 50.40 -81.88 -21.69
N LEU H 1445 50.14 -80.59 -21.52
CA LEU H 1445 50.93 -79.55 -22.16
C LEU H 1445 52.22 -79.26 -21.38
N ASN H 1446 52.84 -78.13 -21.69
CA ASN H 1446 54.09 -77.74 -21.06
C ASN H 1446 53.93 -77.43 -19.58
N ALA H 1447 52.82 -76.79 -19.23
CA ALA H 1447 52.57 -76.40 -17.85
C ALA H 1447 52.47 -77.61 -16.92
N ALA H 1448 51.86 -78.68 -17.43
CA ALA H 1448 51.69 -79.90 -16.65
C ALA H 1448 53.04 -80.54 -16.35
N MET H 1449 53.91 -80.59 -17.36
CA MET H 1449 55.23 -81.18 -17.20
C MET H 1449 56.06 -80.39 -16.21
N ILE H 1450 55.91 -79.07 -16.23
CA ILE H 1450 56.63 -78.20 -15.30
C ILE H 1450 56.17 -78.46 -13.87
N ALA H 1451 54.87 -78.64 -13.69
CA ALA H 1451 54.30 -78.92 -12.38
C ALA H 1451 54.67 -80.34 -11.93
N ALA H 1452 55.10 -81.16 -12.89
CA ALA H 1452 55.52 -82.52 -12.60
C ALA H 1452 56.94 -82.54 -12.05
N TYR H 1453 57.83 -81.80 -12.69
CA TYR H 1453 59.21 -81.69 -12.24
C TYR H 1453 59.27 -81.06 -10.85
N TYR H 1454 58.69 -79.88 -10.73
CA TYR H 1454 58.60 -79.19 -9.44
C TYR H 1454 57.16 -79.08 -8.97
N ASN H 1455 56.92 -79.47 -7.73
CA ASN H 1455 55.57 -79.51 -7.17
C ASN H 1455 54.91 -78.14 -7.11
N ILE H 1456 54.45 -77.65 -8.26
CA ILE H 1456 53.71 -76.41 -8.32
C ILE H 1456 52.20 -76.69 -8.36
N SER H 1457 51.48 -76.11 -7.42
CA SER H 1457 50.02 -76.27 -7.38
C SER H 1457 49.40 -75.78 -8.69
N TYR H 1458 48.47 -76.55 -9.23
CA TYR H 1458 47.85 -76.22 -10.51
C TYR H 1458 47.16 -74.87 -10.47
N MET H 1459 46.89 -74.39 -9.26
CA MET H 1459 46.34 -73.05 -9.08
C MET H 1459 47.48 -72.04 -9.12
N THR H 1460 48.65 -72.44 -8.64
CA THR H 1460 49.85 -71.62 -8.74
C THR H 1460 50.32 -71.61 -10.18
N MET H 1461 50.25 -72.76 -10.83
CA MET H 1461 50.53 -72.87 -12.26
C MET H 1461 49.41 -72.18 -13.04
N GLU H 1462 48.23 -72.12 -12.42
CA GLU H 1462 47.14 -71.32 -12.95
C GLU H 1462 47.54 -69.86 -12.91
N MET H 1463 48.23 -69.49 -11.82
CA MET H 1463 48.85 -68.17 -11.73
C MET H 1463 50.01 -68.13 -12.71
N PHE H 1464 50.64 -66.97 -12.85
CA PHE H 1464 51.69 -66.76 -13.83
C PHE H 1464 51.10 -66.77 -15.24
N LEU H 1465 49.78 -66.83 -15.34
CA LEU H 1465 49.11 -66.79 -16.62
C LEU H 1465 49.15 -65.36 -17.15
N LEU H 1466 49.44 -64.42 -16.26
CA LEU H 1466 49.67 -63.04 -16.65
C LEU H 1466 51.16 -62.72 -16.59
N SER H 1467 51.98 -63.76 -16.40
CA SER H 1467 53.42 -63.59 -16.39
C SER H 1467 53.90 -63.19 -17.78
N LEU H 1468 53.09 -63.51 -18.79
CA LEU H 1468 53.36 -63.10 -20.17
C LEU H 1468 53.33 -61.58 -20.26
N SER H 1469 52.17 -61.01 -19.92
CA SER H 1469 51.98 -59.57 -19.90
C SER H 1469 52.29 -58.92 -21.24
N HIS H 1470 51.72 -59.50 -22.31
CA HIS H 1470 51.81 -58.99 -23.67
C HIS H 1470 53.17 -58.38 -24.04
N LYS H 1471 54.24 -59.11 -23.77
CA LYS H 1471 55.59 -58.68 -24.11
C LYS H 1471 55.96 -57.38 -23.41
N SER H 1472 55.62 -57.29 -22.13
CA SER H 1472 55.91 -56.10 -21.34
C SER H 1472 56.28 -56.45 -19.91
N LYS H 1473 56.56 -57.74 -19.69
CA LYS H 1473 56.95 -58.23 -18.37
C LYS H 1473 58.23 -57.58 -17.87
N LEU H 1474 58.08 -56.66 -16.92
CA LEU H 1474 59.24 -55.99 -16.32
C LEU H 1474 59.86 -56.89 -15.26
N ARG H 1475 60.51 -56.28 -14.28
CA ARG H 1475 61.09 -57.04 -13.16
C ARG H 1475 60.01 -57.30 -12.11
N THR H 1476 58.76 -57.13 -12.51
CA THR H 1476 57.63 -57.36 -11.61
C THR H 1476 57.31 -58.84 -11.46
N ILE H 1477 58.35 -59.67 -11.53
CA ILE H 1477 58.20 -61.10 -11.35
C ILE H 1477 57.95 -61.45 -9.89
N LEU H 1478 58.61 -60.73 -8.99
CA LEU H 1478 58.52 -61.00 -7.56
C LEU H 1478 57.15 -60.68 -6.99
N GLU H 1479 56.35 -59.92 -7.74
CA GLU H 1479 55.00 -59.61 -7.31
C GLU H 1479 54.03 -60.67 -7.79
N ILE H 1480 54.45 -61.45 -8.78
CA ILE H 1480 53.63 -62.52 -9.31
C ILE H 1480 54.04 -63.87 -8.72
N VAL H 1481 55.33 -64.03 -8.48
CA VAL H 1481 55.86 -65.28 -7.92
C VAL H 1481 55.45 -65.41 -6.45
N THR H 1482 55.33 -64.27 -5.77
CA THR H 1482 54.91 -64.28 -4.38
C THR H 1482 53.41 -64.53 -4.26
N ALA H 1483 52.71 -64.44 -5.39
CA ALA H 1483 51.28 -64.69 -5.42
C ALA H 1483 50.98 -66.19 -5.47
N ALA H 1484 52.02 -67.00 -5.25
CA ALA H 1484 51.88 -68.44 -5.25
C ALA H 1484 51.01 -68.91 -4.10
N THR H 1485 50.21 -69.94 -4.34
CA THR H 1485 49.32 -70.48 -3.32
C THR H 1485 50.10 -71.26 -2.26
N GLU H 1486 51.36 -71.55 -2.55
CA GLU H 1486 52.21 -72.26 -1.61
C GLU H 1486 52.62 -71.34 -0.47
N PHE H 1487 52.47 -70.03 -0.69
CA PHE H 1487 52.84 -69.04 0.31
C PHE H 1487 51.66 -68.68 1.20
N GLU H 1488 50.45 -69.04 0.76
CA GLU H 1488 49.25 -68.80 1.55
C GLU H 1488 49.20 -69.74 2.75
N SER H 1489 50.01 -70.80 2.70
CA SER H 1489 50.08 -71.78 3.78
C SER H 1489 50.99 -71.28 4.90
N ILE H 1490 51.40 -70.01 4.81
CA ILE H 1490 52.28 -69.41 5.80
C ILE H 1490 51.50 -68.90 7.01
N GLN H 1491 52.01 -69.20 8.19
CA GLN H 1491 51.39 -68.76 9.44
C GLN H 1491 51.26 -67.24 9.50
N THR H 1492 50.13 -66.77 10.03
CA THR H 1492 49.90 -65.34 10.17
C THR H 1492 49.51 -64.98 11.59
N ARG H 1493 50.27 -64.06 12.18
CA ARG H 1493 50.00 -63.56 13.52
C ARG H 1493 49.15 -62.30 13.41
N ARG H 1494 47.92 -62.36 13.93
CA ARG H 1494 46.93 -61.31 13.70
C ARG H 1494 47.26 -59.99 14.40
N HIS H 1495 48.44 -59.91 15.01
CA HIS H 1495 48.88 -58.67 15.64
C HIS H 1495 50.28 -58.27 15.16
N GLU H 1496 50.57 -58.58 13.90
CA GLU H 1496 51.89 -58.26 13.34
C GLU H 1496 51.78 -57.13 12.31
N GLU H 1497 50.57 -56.88 11.82
CA GLU H 1497 50.37 -55.83 10.84
C GLU H 1497 50.80 -54.49 11.41
N GLY H 1498 51.34 -53.64 10.54
CA GLY H 1498 51.93 -52.38 10.97
C GLY H 1498 53.44 -52.52 11.01
N ILE H 1499 53.90 -53.63 11.59
CA ILE H 1499 55.32 -53.95 11.57
C ILE H 1499 55.76 -54.24 10.15
N LEU H 1500 54.94 -55.00 9.42
CA LEU H 1500 55.18 -55.24 8.02
C LEU H 1500 55.06 -53.94 7.24
N LYS H 1501 54.28 -53.01 7.77
CA LYS H 1501 54.13 -51.69 7.17
C LYS H 1501 55.44 -50.92 7.28
N ARG H 1502 56.18 -51.13 8.36
CA ARG H 1502 57.47 -50.48 8.54
C ARG H 1502 58.48 -51.04 7.54
N ILE H 1503 58.56 -52.36 7.47
CA ILE H 1503 59.46 -53.02 6.53
C ILE H 1503 59.07 -52.71 5.09
N TYR H 1504 57.76 -52.62 4.84
CA TYR H 1504 57.26 -52.31 3.50
C TYR H 1504 57.60 -50.89 3.11
N ASP H 1505 57.77 -50.01 4.10
CA ASP H 1505 58.14 -48.63 3.83
C ASP H 1505 59.64 -48.49 3.59
N HIS H 1506 60.40 -49.48 4.03
CA HIS H 1506 61.85 -49.45 3.88
C HIS H 1506 62.33 -50.30 2.71
N VAL H 1507 61.40 -50.81 1.91
CA VAL H 1507 61.74 -51.56 0.71
C VAL H 1507 61.52 -50.72 -0.53
N PRO H 1508 62.36 -50.92 -1.55
CA PRO H 1508 62.38 -50.10 -2.77
C PRO H 1508 61.15 -50.26 -3.66
N VAL H 1509 60.61 -51.47 -3.75
CA VAL H 1509 59.49 -51.73 -4.65
C VAL H 1509 58.16 -51.81 -3.91
N LYS H 1510 57.08 -51.40 -4.59
CA LYS H 1510 55.75 -51.43 -4.01
C LYS H 1510 54.77 -52.21 -4.88
N MET H 1511 53.52 -52.27 -4.44
CA MET H 1511 52.46 -52.96 -5.19
C MET H 1511 51.13 -52.24 -5.05
N ASN H 1512 50.41 -52.11 -6.17
CA ASN H 1512 49.10 -51.47 -6.15
C ASN H 1512 48.05 -52.34 -5.49
N ASN H 1513 47.11 -51.71 -4.79
CA ASN H 1513 46.10 -52.41 -4.01
C ASN H 1513 46.75 -53.36 -3.00
N PRO H 1514 47.53 -52.81 -2.06
CA PRO H 1514 48.24 -53.60 -1.06
C PRO H 1514 47.33 -54.03 0.09
N VAL H 1515 46.95 -55.31 0.11
CA VAL H 1515 46.18 -55.86 1.22
C VAL H 1515 47.14 -56.38 2.29
N TRP H 1516 47.02 -55.84 3.50
CA TRP H 1516 48.01 -56.09 4.54
C TRP H 1516 48.01 -57.53 5.04
N ASP H 1517 46.85 -58.03 5.46
CA ASP H 1517 46.77 -59.36 6.06
C ASP H 1517 47.02 -60.48 5.05
N SER H 1518 47.10 -60.12 3.78
CA SER H 1518 47.31 -61.10 2.72
C SER H 1518 48.69 -61.75 2.81
N ALA H 1519 48.75 -63.04 2.52
CA ALA H 1519 50.01 -63.77 2.54
C ALA H 1519 50.90 -63.34 1.37
N HIS H 1520 50.25 -62.90 0.29
CA HIS H 1520 50.96 -62.41 -0.88
C HIS H 1520 51.77 -61.16 -0.54
N PHE H 1521 51.23 -60.35 0.38
CA PHE H 1521 51.90 -59.14 0.80
C PHE H 1521 53.12 -59.45 1.66
N LYS H 1522 52.97 -60.42 2.57
CA LYS H 1522 54.06 -60.78 3.47
C LYS H 1522 55.24 -61.36 2.70
N ALA H 1523 54.96 -62.27 1.78
CA ALA H 1523 56.00 -62.87 0.96
C ALA H 1523 56.62 -61.82 0.05
N PHE H 1524 55.80 -60.87 -0.37
CA PHE H 1524 56.26 -59.79 -1.24
C PHE H 1524 57.26 -58.88 -0.53
N VAL H 1525 57.10 -58.74 0.78
CA VAL H 1525 57.94 -57.84 1.55
C VAL H 1525 59.11 -58.59 2.19
N LEU H 1526 58.90 -59.86 2.50
CA LEU H 1526 59.95 -60.67 3.11
C LEU H 1526 61.03 -61.02 2.09
N VAL H 1527 60.64 -61.12 0.82
CA VAL H 1527 61.59 -61.38 -0.24
C VAL H 1527 62.50 -60.17 -0.43
N GLN H 1528 61.96 -58.99 -0.17
CA GLN H 1528 62.75 -57.76 -0.21
C GLN H 1528 63.62 -57.65 1.03
N ALA H 1529 63.08 -58.05 2.17
CA ALA H 1529 63.83 -58.09 3.41
C ALA H 1529 65.05 -58.99 3.26
N HIS H 1530 64.91 -59.99 2.40
CA HIS H 1530 66.02 -60.86 2.06
C HIS H 1530 67.00 -60.11 1.18
N PHE H 1531 66.50 -59.55 0.08
CA PHE H 1531 67.33 -58.86 -0.89
C PHE H 1531 67.99 -57.60 -0.36
N SER H 1532 67.72 -57.26 0.91
CA SER H 1532 68.25 -56.02 1.48
C SER H 1532 69.06 -56.27 2.75
N ARG H 1533 69.35 -57.54 3.03
CA ARG H 1533 70.13 -57.90 4.21
C ARG H 1533 69.47 -57.37 5.49
N MET H 1534 68.16 -57.21 5.43
CA MET H 1534 67.41 -56.56 6.51
C MET H 1534 67.18 -57.49 7.69
N ASN H 1535 67.25 -56.93 8.90
CA ASN H 1535 67.04 -57.70 10.11
C ASN H 1535 65.55 -57.84 10.41
N LEU H 1536 65.14 -59.06 10.76
CA LEU H 1536 63.74 -59.33 11.06
C LEU H 1536 63.58 -60.04 12.40
N PRO H 1537 62.40 -59.91 13.01
CA PRO H 1537 62.05 -60.58 14.26
C PRO H 1537 62.13 -62.10 14.12
N ILE H 1538 62.20 -62.80 15.25
CA ILE H 1538 62.36 -64.25 15.24
C ILE H 1538 61.22 -64.94 14.50
N ASP H 1539 59.98 -64.54 14.81
CA ASP H 1539 58.80 -65.15 14.20
C ASP H 1539 58.73 -64.85 12.70
N LEU H 1540 59.26 -63.70 12.30
CA LEU H 1540 59.32 -63.35 10.89
C LEU H 1540 60.54 -63.97 10.23
N ALA H 1541 61.45 -64.48 11.05
CA ALA H 1541 62.65 -65.12 10.55
C ALA H 1541 62.37 -66.54 10.10
N LYS H 1542 61.36 -67.17 10.70
CA LYS H 1542 60.96 -68.51 10.32
C LYS H 1542 60.11 -68.45 9.05
N ASP H 1543 59.33 -67.39 8.92
CA ASP H 1543 58.60 -67.13 7.69
C ASP H 1543 59.56 -66.71 6.59
N GLN H 1544 60.75 -66.28 7.01
CA GLN H 1544 61.80 -65.90 6.06
C GLN H 1544 62.21 -67.10 5.23
N GLU H 1545 61.97 -68.30 5.76
CA GLU H 1545 62.25 -69.53 5.02
C GLU H 1545 61.16 -69.78 3.97
N VAL H 1546 60.46 -68.72 3.60
CA VAL H 1546 59.56 -68.77 2.45
C VAL H 1546 60.40 -68.93 1.20
N ILE H 1547 61.62 -68.41 1.25
CA ILE H 1547 62.56 -68.54 0.15
C ILE H 1547 63.05 -69.98 0.02
N LEU H 1548 62.84 -70.76 1.09
CA LEU H 1548 63.19 -72.18 1.07
C LEU H 1548 62.35 -72.92 0.04
N GLN H 1549 61.22 -72.32 -0.32
CA GLN H 1549 60.34 -72.87 -1.35
C GLN H 1549 60.35 -71.97 -2.58
N LYS H 1550 61.12 -70.89 -2.51
CA LYS H 1550 61.10 -69.85 -3.51
C LYS H 1550 61.87 -70.20 -4.77
N ILE H 1551 63.02 -70.85 -4.61
CA ILE H 1551 63.89 -71.17 -5.73
C ILE H 1551 63.21 -72.09 -6.74
N LEU H 1552 62.30 -72.92 -6.25
CA LEU H 1552 61.57 -73.84 -7.13
C LEU H 1552 60.59 -73.07 -8.01
N SER H 1553 59.84 -72.16 -7.42
CA SER H 1553 58.84 -71.39 -8.15
C SER H 1553 59.49 -70.43 -9.15
N LEU H 1554 60.75 -70.09 -8.91
CA LEU H 1554 61.47 -69.17 -9.78
C LEU H 1554 62.01 -69.84 -11.03
N LEU H 1555 62.74 -70.94 -10.83
CA LEU H 1555 63.35 -71.65 -11.95
C LEU H 1555 62.28 -72.20 -12.89
N SER H 1556 61.13 -72.55 -12.32
CA SER H 1556 60.01 -73.03 -13.11
C SER H 1556 59.22 -71.85 -13.68
N ALA H 1557 59.46 -70.66 -13.14
CA ALA H 1557 58.82 -69.45 -13.62
C ALA H 1557 59.47 -69.00 -14.93
N ILE H 1558 60.71 -69.44 -15.15
CA ILE H 1558 61.42 -69.10 -16.38
C ILE H 1558 61.30 -70.22 -17.40
N VAL H 1559 61.20 -71.46 -16.91
CA VAL H 1559 60.93 -72.60 -17.77
C VAL H 1559 59.56 -72.41 -18.40
N ASP H 1560 58.68 -71.75 -17.65
CA ASP H 1560 57.40 -71.31 -18.18
C ASP H 1560 57.64 -70.30 -19.30
N ILE H 1561 58.72 -69.52 -19.15
CA ILE H 1561 59.06 -68.49 -20.11
C ILE H 1561 59.92 -69.03 -21.26
N LEU H 1562 60.77 -70.01 -20.96
CA LEU H 1562 61.63 -70.61 -21.98
C LEU H 1562 60.79 -71.12 -23.15
N SER H 1563 59.56 -71.52 -22.83
CA SER H 1563 58.58 -71.87 -23.85
C SER H 1563 58.11 -70.60 -24.55
N SER H 1564 58.97 -70.08 -25.43
CA SER H 1564 58.76 -68.85 -26.20
C SER H 1564 57.55 -68.00 -25.83
N GLU H 1565 57.66 -67.30 -24.71
CA GLU H 1565 56.64 -66.32 -24.33
C GLU H 1565 56.96 -64.98 -24.97
N GLY H 1566 57.96 -64.98 -25.84
CA GLY H 1566 58.40 -63.77 -26.50
C GLY H 1566 58.92 -62.75 -25.52
N HIS H 1567 59.78 -63.21 -24.61
CA HIS H 1567 60.26 -62.35 -23.52
C HIS H 1567 61.73 -62.53 -23.19
N LEU H 1568 62.36 -61.42 -22.83
CA LEU H 1568 63.72 -61.43 -22.30
C LEU H 1568 63.66 -61.52 -20.78
N ASN H 1569 62.44 -61.60 -20.25
CA ASN H 1569 62.24 -61.69 -18.80
C ASN H 1569 62.82 -62.97 -18.24
N ALA H 1570 63.07 -63.95 -19.11
CA ALA H 1570 63.75 -65.17 -18.73
C ALA H 1570 65.14 -64.83 -18.20
N LEU H 1571 65.70 -63.73 -18.72
CA LEU H 1571 66.96 -63.21 -18.22
C LEU H 1571 66.71 -62.40 -16.95
N ASN H 1572 65.50 -61.88 -16.82
CA ASN H 1572 65.11 -61.17 -15.60
C ASN H 1572 64.94 -62.15 -14.45
N ALA H 1573 64.24 -63.26 -14.71
CA ALA H 1573 64.11 -64.33 -13.74
C ALA H 1573 65.48 -64.95 -13.49
N MET H 1574 66.35 -64.82 -14.49
CA MET H 1574 67.73 -65.27 -14.38
C MET H 1574 68.45 -64.46 -13.31
N GLU H 1575 68.10 -63.17 -13.24
CA GLU H 1575 68.69 -62.27 -12.26
C GLU H 1575 68.17 -62.57 -10.86
N MET H 1576 66.84 -62.69 -10.73
CA MET H 1576 66.21 -62.95 -9.44
C MET H 1576 66.70 -64.23 -8.80
N SER H 1577 66.78 -65.29 -9.60
CA SER H 1577 67.26 -66.58 -9.11
C SER H 1577 68.67 -66.46 -8.56
N GLN H 1578 69.45 -65.55 -9.15
CA GLN H 1578 70.78 -65.26 -8.65
C GLN H 1578 70.72 -64.46 -7.37
N MET H 1579 69.69 -63.61 -7.25
CA MET H 1579 69.52 -62.76 -6.09
C MET H 1579 69.20 -63.57 -4.84
N VAL H 1580 68.40 -64.62 -5.01
CA VAL H 1580 67.91 -65.40 -3.88
C VAL H 1580 69.01 -66.22 -3.22
N VAL H 1581 70.07 -66.51 -3.97
CA VAL H 1581 71.19 -67.27 -3.44
C VAL H 1581 71.88 -66.47 -2.34
N GLN H 1582 72.75 -65.55 -2.74
CA GLN H 1582 73.29 -64.57 -1.80
C GLN H 1582 72.43 -63.32 -1.86
N ALA H 1583 71.84 -62.97 -0.72
CA ALA H 1583 70.79 -61.96 -0.66
C ALA H 1583 71.25 -60.55 -1.01
N MET H 1584 70.72 -60.01 -2.09
CA MET H 1584 70.90 -58.60 -2.48
C MET H 1584 70.28 -58.34 -3.85
N TRP H 1585 69.98 -57.08 -4.13
CA TRP H 1585 69.35 -56.71 -5.39
C TRP H 1585 70.33 -56.79 -6.56
N ASP H 1586 69.93 -56.23 -7.70
CA ASP H 1586 70.75 -56.29 -8.91
C ASP H 1586 71.61 -55.04 -9.09
N ARG H 1587 70.95 -53.88 -9.17
CA ARG H 1587 71.65 -52.63 -9.42
C ARG H 1587 72.28 -52.05 -8.16
N ASP H 1588 72.20 -52.78 -7.05
CA ASP H 1588 72.70 -52.28 -5.77
C ASP H 1588 74.18 -52.53 -5.58
N SER H 1589 74.60 -53.78 -5.70
CA SER H 1589 76.01 -54.12 -5.46
C SER H 1589 76.41 -55.49 -5.99
N PRO H 1590 77.58 -55.57 -6.63
CA PRO H 1590 78.18 -56.82 -7.12
C PRO H 1590 79.20 -57.39 -6.13
N LEU H 1591 79.48 -56.66 -5.06
CA LEU H 1591 80.48 -57.07 -4.09
C LEU H 1591 79.86 -57.78 -2.89
N LYS H 1592 78.58 -58.11 -3.01
CA LYS H 1592 77.83 -58.73 -1.92
C LYS H 1592 78.35 -60.12 -1.56
N GLN H 1593 78.95 -60.79 -2.52
CA GLN H 1593 79.39 -62.17 -2.34
C GLN H 1593 80.47 -62.33 -1.28
N ILE H 1594 81.26 -61.29 -1.07
CA ILE H 1594 82.35 -61.34 -0.09
C ILE H 1594 81.82 -61.46 1.33
N PRO H 1595 82.39 -62.38 2.12
CA PRO H 1595 81.99 -62.62 3.52
C PRO H 1595 82.42 -61.49 4.43
N ASN H 1596 81.59 -61.18 5.43
CA ASN H 1596 81.88 -60.10 6.37
C ASN H 1596 82.07 -58.76 5.64
N PHE H 1597 81.38 -58.59 4.52
CA PHE H 1597 81.52 -57.40 3.71
C PHE H 1597 80.32 -56.48 3.90
N THR H 1598 80.36 -55.65 4.94
CA THR H 1598 79.28 -54.74 5.26
C THR H 1598 79.10 -53.68 4.18
N PRO H 1599 77.92 -53.05 4.14
CA PRO H 1599 77.57 -52.00 3.17
C PRO H 1599 78.49 -50.79 3.23
N GLU H 1600 79.32 -50.71 4.27
CA GLU H 1600 80.28 -49.61 4.38
C GLU H 1600 81.58 -49.93 3.64
N VAL H 1601 81.93 -51.21 3.60
CA VAL H 1601 83.12 -51.65 2.90
C VAL H 1601 82.97 -51.45 1.40
N VAL H 1602 81.73 -51.48 0.93
CA VAL H 1602 81.44 -51.31 -0.49
C VAL H 1602 81.58 -49.84 -0.90
N LYS H 1603 81.46 -48.94 0.08
CA LYS H 1603 81.59 -47.52 -0.18
C LYS H 1603 83.01 -47.15 -0.57
N VAL H 1604 83.97 -47.53 0.27
CA VAL H 1604 85.37 -47.29 -0.03
C VAL H 1604 85.79 -48.18 -1.20
N ALA H 1605 85.03 -49.23 -1.43
CA ALA H 1605 85.24 -50.10 -2.58
C ALA H 1605 85.07 -49.28 -3.86
N ASN H 1606 83.97 -48.53 -3.93
CA ASN H 1606 83.75 -47.61 -5.04
C ASN H 1606 84.68 -46.41 -4.93
N LYS H 1607 85.12 -46.11 -3.71
CA LYS H 1607 86.09 -45.04 -3.49
C LYS H 1607 87.38 -45.36 -4.23
N TYR H 1608 87.84 -46.59 -4.08
CA TYR H 1608 88.97 -47.09 -4.86
C TYR H 1608 88.46 -47.57 -6.22
N GLY H 1609 89.37 -48.02 -7.07
CA GLY H 1609 89.02 -48.38 -8.44
C GLY H 1609 88.19 -49.64 -8.58
N ILE H 1610 88.23 -50.52 -7.58
CA ILE H 1610 87.58 -51.82 -7.68
C ILE H 1610 86.06 -51.72 -7.74
N ASN H 1611 85.47 -52.47 -8.67
CA ASN H 1611 84.02 -52.56 -8.79
C ASN H 1611 83.58 -54.02 -8.86
N ASP H 1612 84.33 -54.81 -9.62
CA ASP H 1612 84.06 -56.24 -9.75
C ASP H 1612 84.86 -57.01 -8.70
N ILE H 1613 84.35 -58.19 -8.33
CA ILE H 1613 85.04 -59.03 -7.36
C ILE H 1613 86.32 -59.58 -7.93
N PHE H 1614 86.25 -60.12 -9.15
CA PHE H 1614 87.44 -60.62 -9.83
C PHE H 1614 88.36 -59.47 -10.19
N ASP H 1615 87.77 -58.32 -10.49
CA ASP H 1615 88.52 -57.10 -10.72
C ASP H 1615 89.18 -56.66 -9.43
N PHE H 1616 88.56 -57.02 -8.31
CA PHE H 1616 89.11 -56.75 -6.99
C PHE H 1616 90.01 -57.90 -6.55
N MET H 1617 89.81 -59.07 -7.14
CA MET H 1617 90.61 -60.25 -6.81
C MET H 1617 92.09 -60.00 -7.09
N GLU H 1618 92.39 -59.53 -8.30
CA GLU H 1618 93.76 -59.17 -8.64
C GLU H 1618 94.19 -57.96 -7.84
N GLN H 1619 93.20 -57.21 -7.35
CA GLN H 1619 93.45 -56.04 -6.52
C GLN H 1619 93.54 -56.45 -5.06
N MET H 1620 94.48 -57.33 -4.74
CA MET H 1620 94.64 -57.81 -3.37
C MET H 1620 96.10 -58.18 -3.08
N ASN H 1621 96.84 -58.48 -4.15
CA ASN H 1621 98.26 -58.80 -4.03
C ASN H 1621 99.09 -57.57 -3.67
N PRO H 1622 100.41 -57.73 -3.55
CA PRO H 1622 101.30 -56.57 -3.34
C PRO H 1622 101.11 -55.49 -4.40
N GLU H 1623 100.57 -55.86 -5.56
CA GLU H 1623 100.22 -54.90 -6.59
C GLU H 1623 98.94 -54.16 -6.21
N GLU H 1624 98.26 -53.60 -7.21
CA GLU H 1624 97.14 -52.68 -6.99
C GLU H 1624 97.70 -51.39 -6.38
N ASN H 1625 98.98 -51.16 -6.66
CA ASN H 1625 99.81 -50.17 -5.96
C ASN H 1625 100.30 -50.81 -4.66
N PRO H 1626 101.25 -50.17 -3.97
CA PRO H 1626 101.85 -50.77 -2.77
C PRO H 1626 100.81 -51.14 -1.71
N ASN H 1627 99.89 -52.03 -2.07
CA ASN H 1627 98.72 -52.33 -1.23
C ASN H 1627 97.97 -51.03 -0.95
N TYR H 1628 98.23 -50.04 -1.80
CA TYR H 1628 97.89 -48.64 -1.54
C TYR H 1628 98.05 -48.29 -0.07
N ALA H 1629 96.94 -47.97 0.59
CA ALA H 1629 96.98 -47.62 2.00
C ALA H 1629 96.78 -48.86 2.88
N SER H 1630 97.51 -49.92 2.56
CA SER H 1630 97.39 -51.19 3.29
C SER H 1630 95.95 -51.67 3.25
N LEU H 1631 95.52 -52.12 2.08
CA LEU H 1631 94.12 -52.48 1.81
C LEU H 1631 93.16 -51.44 2.38
N VAL H 1632 93.30 -50.21 1.87
CA VAL H 1632 92.47 -49.06 2.23
C VAL H 1632 92.13 -48.94 3.71
N LYS H 1633 93.04 -48.31 4.46
CA LYS H 1633 92.83 -48.04 5.88
C LYS H 1633 92.42 -49.31 6.63
N ASP H 1634 93.07 -50.42 6.29
CA ASP H 1634 92.67 -51.74 6.74
C ASP H 1634 91.16 -51.88 6.80
N LEU H 1635 90.50 -51.65 5.67
CA LEU H 1635 89.05 -51.63 5.57
C LEU H 1635 88.41 -52.86 6.19
N GLY H 1636 88.90 -54.04 5.81
CA GLY H 1636 88.44 -55.27 6.42
C GLY H 1636 88.73 -55.26 7.90
N LEU H 1637 87.75 -55.71 8.70
CA LEU H 1637 87.88 -55.69 10.15
C LEU H 1637 89.15 -56.39 10.61
N THR H 1638 89.47 -57.52 10.00
CA THR H 1638 90.68 -58.26 10.31
C THR H 1638 91.21 -58.97 9.07
N GLN H 1639 92.48 -59.35 9.12
CA GLN H 1639 93.10 -60.08 8.02
C GLN H 1639 92.55 -61.50 7.92
N ALA H 1640 91.96 -61.96 9.02
CA ALA H 1640 91.36 -63.29 9.05
C ALA H 1640 90.08 -63.31 8.22
N GLN H 1641 89.39 -62.18 8.18
CA GLN H 1641 88.16 -62.06 7.40
C GLN H 1641 88.46 -62.09 5.91
N LEU H 1642 89.52 -61.40 5.51
CA LEU H 1642 89.94 -61.41 4.12
C LEU H 1642 90.54 -62.77 3.78
N ALA H 1643 90.89 -63.53 4.82
CA ALA H 1643 91.34 -64.91 4.65
C ALA H 1643 90.13 -65.81 4.41
N GLN H 1644 89.02 -65.46 5.04
CA GLN H 1644 87.76 -66.16 4.78
C GLN H 1644 87.31 -65.86 3.36
N ALA H 1645 87.44 -64.59 2.97
CA ALA H 1645 87.17 -64.17 1.60
C ALA H 1645 88.19 -64.80 0.66
N ALA H 1646 89.37 -65.10 1.20
CA ALA H 1646 90.42 -65.73 0.43
C ALA H 1646 89.97 -67.10 -0.08
N ASN H 1647 89.31 -67.85 0.80
CA ASN H 1647 88.72 -69.12 0.42
C ASN H 1647 87.60 -68.91 -0.59
N PHE H 1648 86.99 -67.73 -0.54
CA PHE H 1648 86.01 -67.33 -1.54
C PHE H 1648 86.72 -66.80 -2.78
N THR H 1649 87.75 -65.99 -2.57
CA THR H 1649 88.52 -65.45 -3.69
C THR H 1649 89.47 -66.51 -4.24
N ASN H 1650 89.40 -67.72 -3.70
CA ASN H 1650 89.98 -68.88 -4.37
C ASN H 1650 89.40 -68.87 -5.79
N ASN H 1651 88.07 -68.82 -5.83
CA ASN H 1651 87.26 -68.43 -6.99
C ASN H 1651 85.89 -69.10 -6.89
N LYS H 1652 85.43 -69.30 -5.66
CA LYS H 1652 84.09 -69.82 -5.41
C LYS H 1652 83.05 -69.03 -6.19
N TYR H 1653 83.38 -67.76 -6.43
CA TYR H 1653 82.58 -66.87 -7.26
C TYR H 1653 82.22 -67.51 -8.59
N PHE H 1660 82.80 -70.73 -27.28
CA PHE H 1660 81.91 -71.62 -28.02
C PHE H 1660 82.41 -71.83 -29.45
N GLU H 1661 82.08 -72.99 -30.02
CA GLU H 1661 82.52 -73.32 -31.37
C GLU H 1661 81.34 -73.65 -32.28
N VAL H 1662 81.16 -72.84 -33.32
CA VAL H 1662 80.05 -73.03 -34.26
C VAL H 1662 80.29 -74.24 -35.16
N ASP H 1663 79.25 -74.70 -35.83
CA ASP H 1663 79.34 -75.86 -36.70
C ASP H 1663 78.46 -75.73 -37.94
N ASP H 1664 79.11 -75.56 -39.09
CA ASP H 1664 78.41 -75.52 -40.37
C ASP H 1664 77.33 -74.43 -40.41
N PRO H 1665 77.76 -73.16 -40.34
CA PRO H 1665 76.83 -72.02 -40.36
C PRO H 1665 76.34 -71.68 -41.76
N ASP H 1666 77.23 -71.74 -42.74
CA ASP H 1666 76.91 -71.34 -44.11
C ASP H 1666 75.91 -72.27 -44.77
N ASN H 1667 75.92 -73.54 -44.36
CA ASN H 1667 75.04 -74.54 -44.97
C ASN H 1667 73.66 -74.59 -44.30
N ILE H 1668 73.63 -74.40 -43.00
CA ILE H 1668 72.37 -74.45 -42.25
C ILE H 1668 71.54 -73.19 -42.49
N ARG H 1669 70.23 -73.36 -42.52
CA ARG H 1669 69.31 -72.25 -42.75
C ARG H 1669 68.17 -72.28 -41.73
N ALA H 1670 67.21 -71.38 -41.89
CA ALA H 1670 66.10 -71.29 -40.96
C ALA H 1670 65.10 -72.43 -41.15
N GLY H 1671 64.28 -72.68 -40.14
CA GLY H 1671 63.26 -73.71 -40.20
C GLY H 1671 63.80 -75.09 -39.89
N GLU H 1672 65.13 -75.21 -39.82
CA GLU H 1672 65.77 -76.49 -39.55
C GLU H 1672 66.68 -76.41 -38.33
N PRO H 1673 66.59 -77.42 -37.46
CA PRO H 1673 67.38 -77.48 -36.22
C PRO H 1673 68.87 -77.70 -36.45
N ALA H 1674 69.67 -76.66 -36.20
CA ALA H 1674 71.12 -76.78 -36.20
C ALA H 1674 71.61 -76.72 -34.76
N TYR H 1675 72.75 -77.35 -34.48
CA TYR H 1675 73.27 -77.40 -33.11
C TYR H 1675 74.63 -76.73 -32.98
N LEU H 1676 74.91 -76.22 -31.79
CA LEU H 1676 76.13 -75.45 -31.53
C LEU H 1676 76.91 -76.04 -30.35
N LYS H 1677 78.21 -76.23 -30.54
CA LYS H 1677 79.07 -76.76 -29.49
C LYS H 1677 79.71 -75.63 -28.68
N ILE H 1678 79.74 -75.79 -27.37
CA ILE H 1678 80.35 -74.80 -26.49
C ILE H 1678 81.18 -75.47 -25.40
N HIS H 1679 82.48 -75.26 -25.45
CA HIS H 1679 83.39 -75.83 -24.47
C HIS H 1679 83.68 -74.86 -23.34
N ILE H 1680 83.09 -75.11 -22.17
CA ILE H 1680 83.36 -74.30 -20.99
C ILE H 1680 84.53 -74.89 -20.21
N GLU H 1681 85.50 -74.05 -19.87
CA GLU H 1681 86.68 -74.50 -19.16
C GLU H 1681 86.50 -74.41 -17.65
N ARG H 1682 87.58 -74.68 -16.92
CA ARG H 1682 87.58 -74.62 -15.47
C ARG H 1682 89.01 -74.55 -14.95
N GLU H 1683 89.22 -73.75 -13.90
CA GLU H 1683 90.53 -73.66 -13.28
C GLU H 1683 90.78 -74.86 -12.38
N LEU H 1684 91.51 -75.84 -12.90
CA LEU H 1684 91.76 -77.08 -12.17
C LEU H 1684 92.52 -76.85 -10.87
N GLU H 1685 92.13 -77.58 -9.84
CA GLU H 1685 92.87 -77.61 -8.59
C GLU H 1685 93.94 -78.69 -8.67
N GLU H 1686 94.58 -78.76 -9.84
CA GLU H 1686 95.58 -79.78 -10.17
C GLU H 1686 95.20 -81.17 -9.66
N PRO H 1692 83.97 -78.41 -4.39
CA PRO H 1692 82.75 -78.95 -4.97
C PRO H 1692 81.55 -78.82 -4.04
N THR H 1693 81.19 -77.58 -3.70
CA THR H 1693 80.05 -77.30 -2.85
C THR H 1693 79.84 -75.79 -2.75
N VAL H 1694 78.90 -75.27 -3.54
CA VAL H 1694 78.68 -73.83 -3.65
C VAL H 1694 78.50 -73.14 -2.31
N HIS H 1695 78.90 -71.87 -2.24
CA HIS H 1695 78.86 -71.11 -1.01
C HIS H 1695 77.84 -69.98 -1.06
N ALA H 1696 76.86 -70.04 -0.16
CA ALA H 1696 75.86 -69.00 -0.03
C ALA H 1696 75.29 -69.04 1.39
N PRO H 1697 76.00 -68.40 2.33
CA PRO H 1697 75.72 -68.48 3.77
C PRO H 1697 74.34 -67.96 4.18
N PHE H 1698 73.71 -67.19 3.31
CA PHE H 1698 72.42 -66.61 3.63
C PHE H 1698 71.26 -67.52 3.23
N TYR H 1699 71.54 -68.46 2.34
CA TYR H 1699 70.53 -69.42 1.90
C TYR H 1699 70.52 -70.64 2.82
N PRO H 1700 69.34 -70.99 3.36
CA PRO H 1700 69.17 -72.10 4.30
C PRO H 1700 69.64 -73.45 3.75
N GLY H 1701 68.83 -74.08 2.90
CA GLY H 1701 69.17 -75.38 2.35
C GLY H 1701 70.20 -75.31 1.25
N LYS H 1702 71.04 -76.34 1.16
CA LYS H 1702 72.11 -76.35 0.16
C LYS H 1702 71.60 -76.64 -1.25
N LYS H 1703 71.60 -75.62 -2.09
CA LYS H 1703 71.32 -75.77 -3.51
C LYS H 1703 72.51 -75.23 -4.29
N SER H 1704 73.53 -76.07 -4.46
CA SER H 1704 74.86 -75.60 -4.82
C SER H 1704 75.35 -75.98 -6.21
N GLU H 1705 76.29 -75.19 -6.71
CA GLU H 1705 77.02 -75.47 -7.94
C GLU H 1705 76.14 -75.85 -9.12
N ASN H 1706 75.20 -74.98 -9.47
CA ASN H 1706 74.41 -75.21 -10.67
C ASN H 1706 74.66 -74.10 -11.69
N TRP H 1707 74.84 -74.48 -12.95
CA TRP H 1707 75.11 -73.52 -14.02
C TRP H 1707 74.02 -73.54 -15.09
N GLU H 1714 68.02 -61.54 -28.34
CA GLU H 1714 68.63 -60.43 -29.06
C GLU H 1714 67.68 -59.24 -29.12
N SER H 1715 68.15 -58.10 -28.63
CA SER H 1715 67.44 -56.80 -28.70
C SER H 1715 65.91 -56.88 -28.76
N THR H 1716 65.39 -57.30 -29.90
CA THR H 1716 63.95 -57.32 -30.12
C THR H 1716 63.40 -58.75 -30.22
N LYS H 1717 62.18 -58.95 -29.73
CA LYS H 1717 61.56 -60.27 -29.68
C LYS H 1717 62.21 -61.13 -28.61
N THR H 1718 63.52 -61.30 -28.70
CA THR H 1718 64.31 -62.02 -27.70
C THR H 1718 63.85 -63.47 -27.54
N LEU H 1719 63.22 -64.01 -28.57
CA LEU H 1719 62.82 -65.42 -28.57
C LEU H 1719 64.05 -66.30 -28.44
N LEU H 1720 63.94 -67.37 -27.67
CA LEU H 1720 65.10 -68.19 -27.37
C LEU H 1720 64.82 -69.69 -27.37
N ALA H 1721 65.84 -70.46 -27.73
CA ALA H 1721 65.80 -71.91 -27.61
C ALA H 1721 66.92 -72.34 -26.67
N ILE H 1722 66.58 -72.52 -25.39
CA ILE H 1722 67.58 -72.70 -24.35
C ILE H 1722 67.41 -73.99 -23.55
N LYS H 1723 68.53 -74.59 -23.18
CA LYS H 1723 68.52 -75.78 -22.34
C LYS H 1723 69.38 -75.57 -21.10
N ARG H 1724 68.84 -75.92 -19.93
CA ARG H 1724 69.57 -75.81 -18.69
C ARG H 1724 70.69 -76.84 -18.63
N VAL H 1725 71.94 -76.37 -18.68
CA VAL H 1725 73.08 -77.26 -18.65
C VAL H 1725 73.93 -77.05 -17.40
N GLU H 1730 85.03 -78.62 -16.92
CA GLU H 1730 85.38 -78.44 -18.33
C GLU H 1730 84.50 -79.29 -19.23
N LEU H 1731 83.20 -78.97 -19.27
CA LEU H 1731 82.24 -79.75 -20.03
C LEU H 1731 82.20 -79.37 -21.50
N ASN H 1732 81.97 -80.37 -22.35
CA ASN H 1732 81.81 -80.14 -23.79
C ASN H 1732 80.44 -80.60 -24.24
N VAL H 1733 79.64 -79.67 -24.78
CA VAL H 1733 78.29 -80.01 -25.21
C VAL H 1733 77.92 -79.26 -26.49
N LYS H 1734 76.99 -79.82 -27.26
CA LYS H 1734 76.56 -79.21 -28.51
C LYS H 1734 75.04 -79.10 -28.59
N LEU H 1735 74.54 -77.87 -28.43
CA LEU H 1735 73.12 -77.59 -28.51
C LEU H 1735 72.91 -76.18 -29.04
N GLU H 1736 71.88 -75.98 -29.85
CA GLU H 1736 71.66 -74.68 -30.48
C GLU H 1736 70.18 -74.33 -30.64
N PHE H 1737 69.91 -73.32 -31.44
CA PHE H 1737 68.59 -72.73 -31.59
C PHE H 1737 67.92 -73.11 -32.91
N VAL H 1738 66.95 -72.29 -33.31
CA VAL H 1738 66.25 -72.48 -34.58
C VAL H 1738 65.92 -71.12 -35.20
N ASP H 1746 75.35 -61.49 -37.56
CA ASP H 1746 76.07 -61.68 -36.30
C ASP H 1746 75.19 -61.34 -35.11
N LEU H 1747 74.89 -62.33 -34.29
CA LEU H 1747 73.95 -62.16 -33.18
C LEU H 1747 74.59 -62.43 -31.82
N LYS H 1748 74.00 -61.88 -30.77
CA LYS H 1748 74.57 -61.92 -29.42
C LYS H 1748 74.47 -63.29 -28.75
N LEU H 1749 74.87 -63.33 -27.48
CA LEU H 1749 74.89 -64.57 -26.69
C LEU H 1749 75.58 -64.35 -25.34
N PHE H 1750 74.82 -64.44 -24.25
CA PHE H 1750 75.41 -64.43 -22.92
C PHE H 1750 74.90 -65.57 -22.05
N LEU H 1751 75.79 -66.12 -21.22
CA LEU H 1751 75.44 -67.19 -20.30
C LEU H 1751 75.71 -66.77 -18.85
N MET H 1752 74.70 -66.90 -18.00
CA MET H 1752 74.81 -66.49 -16.61
C MET H 1752 74.48 -67.65 -15.68
N SER H 1753 75.01 -67.61 -14.46
CA SER H 1753 74.75 -68.65 -13.48
C SER H 1753 73.41 -68.41 -12.80
N ASP H 1754 73.01 -69.36 -11.94
CA ASP H 1754 71.77 -69.21 -11.19
C ASP H 1754 72.06 -69.18 -9.69
N SER H 1755 73.33 -69.30 -9.33
CA SER H 1755 73.74 -69.31 -7.93
C SER H 1755 74.73 -68.20 -7.62
N TYR H 1756 75.06 -67.40 -8.62
CA TYR H 1756 75.97 -66.28 -8.44
C TYR H 1756 75.62 -65.10 -9.34
N VAL H 1757 76.03 -63.90 -8.93
CA VAL H 1757 75.74 -62.70 -9.68
C VAL H 1757 77.01 -62.02 -10.16
N GLY H 1758 77.04 -61.66 -11.44
CA GLY H 1758 78.18 -60.96 -12.01
C GLY H 1758 79.04 -61.85 -12.89
N VAL H 1759 78.40 -62.62 -13.75
CA VAL H 1759 79.10 -63.47 -14.71
C VAL H 1759 78.44 -63.36 -16.08
N ASP H 1760 78.20 -62.13 -16.51
CA ASP H 1760 77.45 -61.87 -17.74
C ASP H 1760 78.35 -61.45 -18.89
N GLN H 1761 78.17 -62.09 -20.04
CA GLN H 1761 78.94 -61.76 -21.25
C GLN H 1761 78.02 -61.71 -22.46
N ASP H 1762 77.34 -60.58 -22.63
CA ASP H 1762 76.27 -60.45 -23.62
C ASP H 1762 76.68 -60.55 -25.09
N PRO H 1763 77.74 -59.83 -25.50
CA PRO H 1763 78.02 -59.70 -26.94
C PRO H 1763 78.36 -61.02 -27.62
N SER H 1764 78.13 -61.07 -28.94
CA SER H 1764 78.49 -62.24 -29.75
C SER H 1764 78.29 -61.94 -31.23
C ACT I . -33.02 85.63 50.21
O ACT I . -32.66 86.16 51.29
OXT ACT I . -32.14 85.50 49.34
CH3 ACT I . -34.44 85.19 49.98
H1 ACT I . -35.03 85.41 50.87
H2 ACT I . -34.45 84.12 49.78
H3 ACT I . -34.85 85.73 49.13
C ACT J . -63.20 29.40 16.08
O ACT J . -62.27 30.06 15.56
OXT ACT J . -63.02 28.18 16.14
CH3 ACT J . -64.44 30.06 16.61
H1 ACT J . -65.10 29.30 17.03
H2 ACT J . -64.95 30.59 15.81
H3 ACT J . -64.17 30.77 17.40
C ACT K . 68.93 -21.42 -73.85
O ACT K . 69.02 -21.36 -72.61
OXT ACT K . 69.90 -20.99 -74.49
CH3 ACT K . 67.71 -21.97 -74.52
H1 ACT K . 67.83 -21.93 -75.60
H2 ACT K . 67.56 -23.02 -74.22
H3 ACT K . 66.83 -21.38 -74.24
C ACT L . 38.09 -30.70 42.33
O ACT L . 38.64 -30.27 43.36
OXT ACT L . 37.30 -31.66 42.49
CH3 ACT L . 38.35 -30.11 40.98
H1 ACT L . 37.76 -30.64 40.22
H2 ACT L . 39.41 -30.20 40.74
H3 ACT L . 38.07 -29.05 40.98
#